data_6CNC
#
_entry.id   6CNC
#
loop_
_entity.id
_entity.type
_entity.pdbx_description
1 polymer 'DNA-directed RNA polymerase III subunit RPC1'
2 polymer 'DNA-directed RNA polymerase III subunit RPC2'
3 polymer 'DNA-directed RNA polymerases I and III subunit RPAC1'
4 polymer 'DNA-directed RNA polymerase III subunit RPC9'
5 polymer 'DNA-directed RNA polymerases I, II, and III subunit RPABC1'
6 polymer 'DNA-directed RNA polymerases I, II, and III subunit RPABC2'
7 polymer 'DNA-directed RNA polymerase III subunit RPC8'
8 polymer 'DNA-directed RNA polymerases I, II, and III subunit RPABC3'
9 polymer 'DNA-directed RNA polymerase III subunit RPC10'
10 polymer 'DNA-directed RNA polymerases I, II, and III subunit RPABC5'
11 polymer 'DNA-directed RNA polymerases I and III subunit RPAC2'
12 polymer 'DNA-directed RNA polymerases I, II, and III subunit RPABC4'
13 polymer 'DNA-directed RNA polymerase III subunit RPC5'
14 polymer 'DNA-directed RNA polymerase III subunit RPC4'
15 polymer 'DNA-directed RNA polymerase III subunit RPC3'
16 polymer 'DNA-directed RNA polymerase III subunit RPC6'
17 polymer 'DNA-directed RNA polymerase III subunit RPC7,DNA-directed RNA polymerase III subunit RPC7,DNA-directed RNA polymerase III subunit RPC7,DNA-directed RNA polymerase III subunit RPC7,DNA-directed RNA polymerase III subunit RPC7'
18 polymer 'Transcription factor IIIB 70 kDa subunit,TATA-box-binding protein,Transcription factor IIIB 70 kDa subunit'
19 polymer "Transcription factor TFIIIB component B'',Transcription factor TFIIIB component B'',Transcription factor TFIIIB component B'',Transcription factor TFIIIB component B'',Transcription factor TFIIIB component B''"
20 polymer 'DNA (71-MER)'
21 polymer 'DNA (71-MER)'
22 non-polymer 'ZINC ION'
#
loop_
_entity_poly.entity_id
_entity_poly.type
_entity_poly.pdbx_seq_one_letter_code
_entity_poly.pdbx_strand_id
1 'polypeptide(L)'
;MKEVVVSETPKRIKGLEFSALSAADIVAQSEVEVSTRDLFDLEKDRAPKANGALDPKMGVSSSSLECATCHGNLASCHGH
FGHLKLALPVFHIGYFKATIQILQGICKNCSAILLSETDKRQFLHELRRPGVDNLRRMGILKKILDQCKKQRRCLHCGAL
NGVVKKAAAGAGSAALKIIHDTFRWVGKKSAPEKDIWVGEWKEVLAHNPELERYVKRCMDDLNPLKTLNLFKQIKSADCE
LLGIDATVPSGRPETYIWRYLPAPPVCIRPSVMMQDSPASNEDDLTVKLTEIVWTSSLIKAGLDKGISINNMMEHWDYLQ
LTVAMYINSDSVNPAMLPGSSNGGGKVKPIRGFCQRLKGKQGRFRGNLSGKRVDFSGRTVISPDPNLSIDEVAVPDRVAK
VLTYPEKVTRYNRHKLQELIVNGPNVHPGANYLLKRNEDARRNLRYGDRMKLAKNLQIGDVVERHLEDGDVVLFNRQPSL
HRLSILSHYAKIRPWRTFRLNECVCTPYNADFDGDEMNLHVPQTEEARAEAINLMGVKNNLLTPKSGEPIIAATQDFITG
SYLISHKDSFYDRATLTQLLSMMSDGIEHFDIPPPAIMKPYYLWTGKQVFSLLIKPNHNSPVVINLDAKNKVFVPPKSKS
LPNEMSQNDGFVIIRGSQILSGVMDKSVLGDGKKHSVFYTILRDYGPQEAANAMNRMAKLCARFLGNRGFSIGINDVTPA
DDLKQKKEELVEIAYHKCDELITLFNKGELETQPGCNEEQTLEAKIGGLLSKVREEVGDVCINELDNWNAPLIMATCGSK
GSTLNVSQMVAVVGQQIISGNRVPDGFQDRSLPHFPKNSKTPQSKGFVRNSFFSGLSPPEFLFHAISGREGLVDTAVKTA
ETGYMSRRLMKSLEDLSCQYDNTVRTSANGIVQFTYGGDGLDPLEMEGNAQPVNFNRSWDHAYNITFNNQDKGLLPYAIM
ETANEILGPLEERLVRYDNSGCLVKREDLNKAEYVDQYDAERDFYHSLREYINGKATALANLRKSRGMLGLLEPPAKELQ
GIDPDETVPDNVKTSVSQLYRISEKSVRKFLEIALFKYRKARLEPGTAIGAIGAQSIGEPGTQMTLKTFHFAGVASMNVT
LGVPRIKEIINASKVISTPIINAVLVNDNDERAARVVKGRVEKTLLSDVAFYVQDVYKDNLSFIQVRIDLGTIDKLQLEL
TIEDIAVAITRASKLKIQASDVNIIGKDRIAINVFPEGYKAKSISTSAKEPSENDVFYRMQQLRRALPDVVVKGLPDISR
AVINIRDDGKRELLVEGYGLRDVMCTDGVIGSRTTTNHVLEVFSVLGIEAARYSIIREINYTMSNHGMSVDPRHIQLLGD
VMTYKGEVLGITRFGLSKMRDSVLQLASFEKTTDHLFDAAFYMKKDAVEGVSECIILGQTMSIGTGSFKVVKGTNISEKD
LVPKRCLFESLSNEAALKAN
;
A
2 'polypeptide(L)'
;MVAATKRRKTHIHKHVKDEAFDDLLKPVYKGKKLTDEINTAQDKWHLLPAFLKVKGLVKQHLDSFNYFVDTDLKKIIKAN
QLILSDVDPEFYLKYVDIRVGKKSSSSTKDYLTPPHECRLRDMTYSAPIYVDIEYTRGRNIIMHKDVEIGRMPIMLRSNK
CILYDADESKMAKLNECPLDPGGYFIVNGTEKVILVQEQLSKNRIIVEADEKKGIVQASVTSSTHERKSKTYVITKNGKI
YLKHNSIAEEIPIAIVLKACGILSDLEIMQLVCGNDSSYQDIFAVNLEESSKLDIYTQQQALEYIGAKVKTMRRQKLTIL
QEGIEAIATTVIAHLTVEALDFREKALYIAMMTRRVVMAMYNPKMIDDRDYVGNKRLELAGQLISLLFEDLFKKFNNDFK
LSIDKVLKKPNRAMEYDALLSINVHSNNITSGLNRAISTGNWSLKRFKMERAGVTHVLSRLSYISALGMMTRISSQFEKS
RKVSGPRALQPSQFGMLCTADTPEGEACGLVKNLALMTHITTDDEEEPIKKLCYVLGVEDITLIDSASLHLNYGVYLNGT
LIGSIRFPTKFVTQFRHLRRTGKVSEFISIYSNSHQMAVHIATDGGRICRPLIIVSDGQSRVKDIHLRKLLDGELDFDDF
LKLGLVEYLDVNEENDSYIALYEKDIVPSMTHLEIEPFTILGAVAGLIPYPHHNQSPRNTYQCAMGKQAIGAIAYNQFKR
IDTLLYLMTYPQQPMVKTKTIELIDYDKLPAGQNATVAVMSYSGYDIEDALVLNKSSIDRGFGRCETRRKTTTVLKRYAN
HTQDIIGGMRVDENGDPIWQHQSLGPDGLGEVGMKVQSGQIYINKSVPTNSADAPNPNNVNVQTQYREAPVIYRGPEPSH
IDQVMMSVSDNDQALIKVLLRQNRRPELGDKFSSRHGQKGVCGIIVKQEDMPFNDQGIVPDIIMNPHGFPSRMTVGKMIE
LISGKAGVLNGTLEYGTCFGGSKLEDMSKILVDQGFNYSGKDMLYSGITGECLQAYIFFGPIYYQKLKHMVLDKMHARAR
GPRAVLTRQPTEGRSRDGGLRLGEMERDCVIAYGASQLLLERLMISSDAFEVDVCDKCGLMGYSGWCTTCKSAENIIKMT
IPYAAKLLFQELLSMNIAPRLRLEDIFQQ
;
B
3 'polypeptide(L)'
;MSNIVGIEYNRVTNTTSTDFPGFSKDAENEWNVEKFKKDFEVNISSLDAREANFDLINIDTSIANAFRRIMISEVPSVAA
EYVYFFNNTSVIQDEVLAHRIGLVPLKVDPDMLTWVDSNLPDDEKFTDENTIVLSLNVKCTRNPDAPKGSTDPKELYNNA
HVYARDLKFEPQGRQSTTFADCPVVPADPDILLAKLRPGQEISLKAHCILGIGGDHAKFSPVSTASYRLLPQINILQPIK
GESARRFQKCFPPGVIGIDEGSDEAYVKDARKDTVSREVLRYEEFADKVKLGRVRNHFIFNVESAGAMTPEEIFFKSVRI
LKNKAEYLKNCPITQ
;
C
4 'polypeptide(L)'
;MKVLEERNAFLSDYEVLKFLTDLEKKHLWDQKSLAALKKSRSKGKQNRPYNHPELQGITRNVVNYLSINKNFINQEDEGE
ERESSGAKDAEKSGISKMSDESFAELMTKLNSFKLFKAEKLQIVNQLPANMVHLYSIVEECDARFDEKTIEEMLEIISGY
A
;
D
5 'polypeptide(L)'
;MDQENERNISRLWRAFRTVKEMVKDRGYFITQEEVELPLEDFKAKYCDSMGRPQRKMMSFQANPTEESISKFPDMGSLWV
EFCDEPSVGVKTMKTFVIHIQEKNFQTGIFVYQNNITPSAMKLVPSIPPATIETFNEAALVVNITHHELVPKHIRLSSDE
KRELLKRYRLKESQLPRIQRADPVALYLGLKRGEVVKIIRKSETSGRYASYRICM
;
E
6 'polypeptide(L)'
;MSDYEEAFNDGNENFEDFDVEHFSDEETYEEKPQFKDGETTDANGKTIVTGGNGPEDFQQHEQIRRKTLKEKAIPKDQRA
TTPYMTKYERARILGTRALQISMNAPVFVDLEGETDPLRIAMKELAEKKIPLVIRRYLPDGSFEDWSVEELIVDL
;
F
7 'polypeptide(L)'
;MFILSKIADLVRIPPDQFHRDTISAITHQLNNKFANKIIPNVGLCITIYDLLTVEEGQLKPGDGSSYINVTFRAVVFKPF
LGEIVTGWISKCTAEGIKVSLLGIFDDIFIPQNMLFEGCYYTPEESAWIWPMDEETKLYFDVNEKIRFRIEREVFVDVKP
KSPKERELEERAQLENEIEGKNEETPQNEKPPAYALLGSCQTDGMGLVSWWE
;
G
8 'polypeptide(L)'
;MSNTLFDDIFQVSEVDPGRYNKVCRIEAASTTQDQCKLTLDINVELFPVAAQDSLTVTIASSLNLEDTPANDSSATRSWR
PPQAGDRSLADDYDYVMYGTAYKFEEVSKDLIAVYYSFGGLLMRLEGNYRNLNNLKQENAYLLIRR
;
H
9 'polypeptide(L)'
;MLSFCPSCNNMLLITSGDSGVYTLACRSCPYEFPIEGIEIYDRKKLPRKEVDDVLGGGWDNVDQTKTQCPNYDTCGGESA
YFFQLQIRSADEPMTTFYKCVNCGHRWKEN
;
I
10 'polypeptide(L)' MIVPVRCFSCGKVVGDKWESYLNLLQEDELDEGTALSRLGLKRYCCRRMILTHVDLIEKFLRYNPLEKRD J
11 'polypeptide(L)'
;MTEDIEQKKTATEVTPQEPKHIQEEEEQDVDMTGDEEQEEEPDREKIKLLTQATSEDGTSASFQIVEEDHTLGNALRYVI
MKNPDVEFCGYSIPHPSENLLNIRIQTYGETTAVDALQKGLKDLMDLCDVVESKFTEKIKSM
;
K
12 'polypeptide(L)' MSREGFQIPTNLDAAAAGTSQARTATLKYICAECSSKLSLSRTDAVRCKDCGHRILLKARTKRLVQFEAR L
13 'polypeptide(L)'
;MSIDNKLFVTEEDEEDRTQDRADVEDESNDIDMIADENGTNSAIANEQEEKSEEVKAEDDTGEEEEDDPVIEEFPLKISG
EEESLHVFQYANRPRLVGRKPAEHPFISAARYKPKSHLWEIDIPLDEQAFYNKDKAESEWNGVNVQTLKGVGVENNGQYA
AFVKDMQVYLVPIERVAQLKPFFKYIDDANVTRKQEDARRNPNPSSQRAQVVTMSVKSVNDPSQNRLTGSLLAHKVADEE
ANIELTWAEGTFEQFKDTIVKEAEDKTLVALEKQEDYIDNLV
;
M
14 'polypeptide(L)'
;MSSNKGNGRLPSLKDSSSNGGGSAKPSLKFKPKAVARKSKEEREAAASKVKLEEESKRGNDKKHFNNKNKRVTGAGGQQR
RMAKYLNNTHVISSGPLAAGNFVSEKGDLRRGFIKSEGSGSSLVQKGLETIDNGAESSENEAEDDDNEGVASKSKKKFNM
GKEFEARNLIEDEDDGESEKSSDVDMDDEEWRSKRIEQLFPVRPVRVRHEDVETVKREIQEALSEKPTREPTPSVKTEPV
GTGLQSYLEERERQVNEKLADLGLEKEFQSVDGKEAAAELELLNADHQHILRKLKKMNNKPERFMVFQLPTRLPAFERPA
VKEEKEDMETQASDPSKKKKNIKKKDTKDALSTRELAGKVGSIRVHKSGKLSVKIGNVVMDIGKGAETTFLQDVIALSIA
DDASSAELLGRVDGKIVVTPQI
;
N
15 'polypeptide(L)'
;MDELLGEALSAENQTGESTVESEKLVTPEDVMTISSLEQRTLNPDLFLYKELVKAHLGERAASVIGMLVALGRLSVRELV
EKIDGMDVDSVKTTLVSLTQLRCVKYLQETAISGKKTTYYYYNEEGIHILLYSGLIIDEIITQMRVNDEEEHKQLVAEIV
QNVISLGSLTVEDYLSSVTSDSMKYTISSLFVQLCEMGYLIQISKLHYTPIEDLWQFLYEKHYKNIPRNSPLSDLKKRSQ
AKMNAKTDFAKIINKPNELSQILTVDPKTSLRIVKPTVSLTINLDRFMKGRRSKQLINLAKTRVGSVTAQVYKIALRLTE
QKSPKIRDPLTQTGLLQDLEEAKSFQDEAELVEEKTPGLTFNAIDLARHLPAELDLRGSLLSRKPSDNKKRSGSNAAASL
PSKKLKTEDGFVIPALPAAVSKSLQESGDTQEEDEEEEDLDADTEDPHSASLINSHLKILASSNFPFLNETKPGVYYVPY
SKLMPVLKSSVYEYVIASTLGPSAMRLSRCIRDNKLVSEKIINSTALMKEKDIRSTLASLIRYNSVEIQEVPRTADRSAS
RAVFLFRCKETHSYNFMRQNLEWNMANLLFKKEKLKQENSTLLKKANRDDVKGRENELLLPSELNQLKMVNERELNVFAR
LSRLLSLWEVFQMA
;
O
16 'polypeptide(L)'
;MSGMIENGLQLSDNAKTLHSQMMSKGIGALFTQQELQKQMGIGSLTDLMSIVQELLDKNLIKLVKQNDELKFQGVLESEA
QKKATMSAEEALVYSYIEASGREGIWSKTIKARTNLHQHVVLKCLKSLESQRYVKSVKSVKFPTRKIYMLYSLQPSVDIT
GGPWFTDGELDIEFINSLLTIVWRFISENTFPNGFKNFENGPKKNVFYAPNVKNYSTTQEILEFITAAQVANVELTPSNI
RSLCEVLVYDDKLEKVTHDCYRVTLESILQMNQGEGEPEAGNKALEDEEEFSIFNYFKMFPASKHDKEVVYFDEWTI
;
P
17 'polypeptide(L)'
;MSSYRGGSRGGGSNYMSNLPFGLGYGDVGKNHITEFPSIPLPINGPITNKERSLAVKYINFGKTVKDGPF(UNK)(UNK)
(UNK)(UNK)(UNK)(UNK)(UNK)(UNK)(UNK)(UNK)(UNK)(UNK)(UNK)(UNK)(UNK)(UNK)(UNK)(UNK)
(UNK)RKPNIILDEDDTNDGIERYSDKYLKKRKIGISIDDHPYNLNLFPNELYNVMGINKKKLLAISKFNNADDVFTGTG
LQDENIGLSMLAKLKELAEDVDDASTGDGAAKGSKTGEGEDDDLADDDFEEDEDEEDDDDYNAEKYFNNGDDDDYGDEED
PNEEAAF
;
Q
18 'polypeptide(L)'
;MPVCKNCHGTEFERDLSNANNDLVCKACGVVSEDNPIVSEVTFGETSAGAAVVQGSFIGAGQSHAAFGGSSALESREATL
NNARRKLRAVSYALHIPEYITDAAFQWYKLALANNFVQGRRSQNVIASCLYVACRKEKTHHMLIDFSSRLQVSVYSIGAT
FLKMVKKLHITELPLADPSLFIQHFAEKLDLADKKIKVVKDAVKLAQRMSKDWMFEGRRPAGIAGACILLACRMNNLRRT
HTEIVAVSHVAEETLQQRLNEFKNTKAAKLSVQKFRENDVEDGEARPPSFVKNRKKERKIKDSLDKEEMFQTSEEALNKN
PILTQVLGEQELSSKEVLFYLKQFSERRARVVERIKATNGIDGENIYHEGSENETRKRKLSEAMPWSGIVPTLQNIVATV
TLGCRLDLKTVALHARNAEYNPKRFAAVIMRIREPKTTALIFASGKMVVTGAKSEDDSKLASRKYARIIQKIGFAAKFTD
FKIQNIVGSCDVKFPIRLEGLAFSHGTFSSYEPELFPGLIYRMVKPKIVLLIFVSGKIVLTGAKQREEIYQAFEAIYPVL
SEFRKMGSGSGSGSGSGSPRNLHLLPTTDTYLSKVSDDPDNLEDVDDEELNAHLLNEEASKLKERIWIGLNADFLLEQES
KRLKQEADIATGNTSVKKKRTRRRNNTRSDEPTKTVDAAAAIGLMSDLQDKSGLHAALKAAEESGDFTTADSVKNMLQKA
SFSKKINYDAIDGLFR
;
R
19 'polypeptide(L)'
;MSSIVNKSGTRFAPKVRQRRAATGGTPTPKPRTPQLFIPESKEIEEDNSDNDKGVDENETAIVEKPSLVGERSLEGFTLT
GTNGHDNEIGDEGPIDASTQNPKADVIEDNVTLKPAPLQTHRDQKVPRSSRLASLSKDNESRPSFKPSFLDSSSNSNGTA
RRLSTISNKLPKKIRLGSITENDMNLKTFKRHRVLGKPSSAKKPAGAHRISIVSKISPPTAMTDSLDRNEFSSETSTSRE
ADENENYVISKVKDIPKKVRDGESAKYFIDEENFTMAELCKPNFPIGQISENFEKSKMAKKAKLEKRRHLRELRMR
(UNK)(UNK)(UNK)(UNK)(UNK)(UNK)(UNK)(UNK)(UNK)(UNK)(UNK)(UNK)(UNK)(UNK)(UNK)(UNK)
(UNK)(UNK)(UNK)(UNK)(UNK)(UNK)(UNK)(UNK)(UNK)(UNK)(UNK)(UNK)(UNK)(UNK)(UNK)(UNK)
(UNK)(UNK)(UNK)(UNK)(UNK)(UNK)(UNK)(UNK)(UNK)(UNK)(UNK)TAIQLKLNPDGTMAIDEETMVVDRH
KNASIENEYKEKVDENPFANLYNYGSYGRGSYTDPWTVEEMIKFYKALSMWGTDFNLISQLYPYRSRKQVKAKFVNEEKK
RPILIELALRSKLPPNFDEYCCEIKKNIGTVADFNEKLIELQNEHKHHMKEIEEAKNTAKEEDQTAQRLNDANLNKKGSG
GIMTNDLKVYRKTEVVLGTIDDLKRKKLKERNNDDNEDNEGSEEEPEIDQ
;
S
20 'polydeoxyribonucleotide'
;(DT)(DT)(DT)(DT)(DC)(DA)(DA)(DC)(DA)(DT)(DA)(DT)(DA)(DT)(DT)(DA)(DG)(DT)(DA)(DA)
(DT)(DA)(DC)(DT)(DT)(DT)(DT)(DT)(DC)(DT)(DG)(DT)(DA)(DT)(DT)(DT)(DT)(DT)(DT)(DT)
(DT)(DT)(DT)(DA)(DA)(DG)(DA)(DT)(DA)(DA)(DA)(DA)(DT)(DG)(DA)(DC)(DT)(DC)(DC)(DA)
(DT)(DG)(DG)(DC)(DC)(DA)(DA)(DG)(DT)(DT)(DG)
;
X
21 'polydeoxyribonucleotide'
;(DC)(DA)(DA)(DC)(DT)(DT)(DG)(DG)(DC)(DC)(DA)(DT)(DG)(DG)(DA)(DG)(DT)(DC)(DA)(DT)
(DT)(DT)(DT)(DA)(DT)(DC)(DT)(DT)(DG)(DT)(DG)(DT)(DC)(DA)(DC)(DT)(DT)(DT)(DT)(DA)
(DC)(DA)(DG)(DA)(DA)(DA)(DA)(DA)(DG)(DT)(DA)(DT)(DT)(DA)(DC)(DT)(DA)(DA)(DT)(DA)
(DT)(DA)(DT)(DG)(DT)(DT)(DG)(DA)(DA)(DA)(DA)
;
Y
#
# COMPACT_ATOMS: atom_id res chain seq x y z
N LYS A 2 49.65 26.10 -21.27
CA LYS A 2 49.06 25.74 -19.99
C LYS A 2 48.25 24.45 -20.13
N GLU A 3 47.09 24.41 -19.47
CA GLU A 3 46.15 23.31 -19.66
C GLU A 3 46.72 21.93 -19.34
N VAL A 4 46.85 21.62 -18.05
CA VAL A 4 47.23 20.27 -17.64
C VAL A 4 46.29 19.25 -18.30
N VAL A 5 46.86 18.11 -18.68
CA VAL A 5 46.16 17.11 -19.48
C VAL A 5 44.94 16.61 -18.73
N VAL A 6 43.85 16.35 -19.46
CA VAL A 6 42.63 15.78 -18.90
C VAL A 6 42.60 14.31 -19.30
N SER A 7 42.75 13.43 -18.31
CA SER A 7 42.69 11.99 -18.53
C SER A 7 41.45 11.45 -17.84
N GLU A 8 40.50 10.97 -18.63
CA GLU A 8 39.33 10.27 -18.11
C GLU A 8 39.21 8.93 -18.81
N THR A 9 38.69 7.95 -18.07
CA THR A 9 38.60 6.60 -18.56
C THR A 9 37.14 6.18 -18.45
N PRO A 10 36.61 5.46 -19.43
CA PRO A 10 35.28 4.88 -19.26
C PRO A 10 35.35 3.83 -18.16
N LYS A 11 34.39 3.90 -17.24
CA LYS A 11 34.39 3.07 -16.05
C LYS A 11 33.04 2.42 -15.89
N ARG A 12 33.02 1.24 -15.28
CA ARG A 12 31.77 0.60 -14.94
C ARG A 12 31.88 0.01 -13.54
N ILE A 13 30.73 -0.34 -12.97
CA ILE A 13 30.69 -0.78 -11.59
C ILE A 13 31.20 -2.20 -11.48
N LYS A 14 31.98 -2.46 -10.44
CA LYS A 14 32.28 -3.83 -9.99
C LYS A 14 31.92 -3.85 -8.52
N GLY A 15 30.86 -4.57 -8.17
CA GLY A 15 30.55 -4.78 -6.77
C GLY A 15 29.99 -3.58 -6.06
N LEU A 16 29.33 -3.83 -4.93
CA LEU A 16 28.88 -2.77 -4.03
C LEU A 16 29.38 -3.10 -2.64
N GLU A 17 30.28 -2.29 -2.09
CA GLU A 17 30.66 -2.50 -0.71
C GLU A 17 29.55 -1.92 0.15
N PHE A 18 28.84 -2.79 0.86
CA PHE A 18 27.89 -2.35 1.88
C PHE A 18 28.65 -2.08 3.16
N SER A 19 28.09 -1.21 3.99
CA SER A 19 28.70 -0.83 5.24
C SER A 19 27.78 0.13 5.95
N ALA A 20 27.99 0.30 7.24
CA ALA A 20 27.35 1.36 7.99
C ALA A 20 28.23 2.59 7.92
N LEU A 21 27.63 3.74 7.65
CA LEU A 21 28.37 4.99 7.79
C LEU A 21 28.90 5.10 9.20
N SER A 22 30.06 5.70 9.36
CA SER A 22 30.57 5.86 10.70
C SER A 22 29.82 6.99 11.41
N ALA A 23 30.13 7.16 12.69
CA ALA A 23 29.65 8.35 13.37
C ALA A 23 30.15 9.61 12.69
N ALA A 24 31.46 9.84 12.70
CA ALA A 24 32.04 11.04 12.14
C ALA A 24 31.77 11.23 10.65
N ASP A 25 31.78 10.16 9.86
CA ASP A 25 31.70 10.32 8.41
C ASP A 25 30.49 11.13 7.97
N ILE A 26 29.37 11.02 8.69
CA ILE A 26 28.17 11.74 8.27
C ILE A 26 28.42 13.23 8.20
N VAL A 27 28.72 13.86 9.34
CA VAL A 27 28.99 15.29 9.30
C VAL A 27 30.16 15.59 8.38
N ALA A 28 31.09 14.65 8.24
CA ALA A 28 32.15 14.83 7.26
C ALA A 28 31.56 15.00 5.86
N GLN A 29 30.34 14.52 5.64
CA GLN A 29 29.58 14.86 4.45
C GLN A 29 28.78 16.13 4.59
N SER A 30 27.78 16.13 5.48
CA SER A 30 26.70 17.10 5.48
C SER A 30 27.22 18.52 5.44
N GLU A 31 26.49 19.37 4.72
CA GLU A 31 26.83 20.77 4.64
C GLU A 31 26.51 21.50 5.94
N VAL A 32 25.30 21.33 6.46
CA VAL A 32 24.85 22.11 7.59
C VAL A 32 24.08 21.24 8.56
N GLU A 33 24.32 21.47 9.85
CA GLU A 33 23.51 20.93 10.92
C GLU A 33 22.06 21.29 10.66
N VAL A 34 21.19 20.31 10.75
CA VAL A 34 19.79 20.67 10.83
C VAL A 34 19.64 21.43 12.14
N SER A 35 19.93 20.78 13.25
CA SER A 35 19.98 21.37 14.59
C SER A 35 18.79 22.29 14.75
N THR A 36 19.02 23.48 15.31
CA THR A 36 18.09 24.61 15.27
C THR A 36 16.69 24.11 15.60
N ARG A 37 15.68 24.40 14.80
CA ARG A 37 14.33 23.94 15.06
C ARG A 37 13.54 24.16 13.77
N ASP A 38 12.25 23.88 13.81
CA ASP A 38 11.52 23.83 12.56
C ASP A 38 11.03 25.17 12.06
N LEU A 39 9.83 25.56 12.48
CA LEU A 39 9.24 26.89 12.34
C LEU A 39 9.17 27.41 10.90
N PHE A 40 10.11 26.98 10.06
CA PHE A 40 10.20 27.40 8.66
C PHE A 40 9.96 28.90 8.51
N ASP A 41 10.36 29.66 9.54
CA ASP A 41 10.28 31.12 9.67
C ASP A 41 9.06 31.71 8.98
N LEU A 42 7.87 31.48 9.53
CA LEU A 42 6.71 31.99 8.82
C LEU A 42 6.69 33.49 9.01
N GLU A 43 7.05 34.19 7.95
CA GLU A 43 7.40 35.60 7.92
C GLU A 43 8.01 35.83 6.56
N LYS A 44 8.06 37.10 6.13
CA LYS A 44 8.59 37.47 4.81
C LYS A 44 8.05 36.55 3.72
N ASP A 45 8.93 35.82 3.05
CA ASP A 45 8.60 34.87 2.00
C ASP A 45 7.78 33.71 2.57
N ARG A 46 7.11 32.98 1.67
CA ARG A 46 6.45 31.76 2.10
C ARG A 46 7.51 30.74 2.47
N ALA A 47 7.49 30.28 3.72
CA ALA A 47 8.42 29.31 4.29
C ALA A 47 9.83 29.40 3.71
N PRO A 48 10.48 30.57 3.74
CA PRO A 48 11.86 30.66 3.25
C PRO A 48 12.81 29.78 4.03
N LYS A 49 12.39 29.26 5.18
CA LYS A 49 12.96 28.07 5.82
C LYS A 49 14.45 28.25 6.09
N ALA A 50 14.74 29.09 7.09
CA ALA A 50 16.13 29.42 7.42
C ALA A 50 16.73 28.30 8.26
N ASN A 51 17.85 27.75 7.79
CA ASN A 51 18.56 26.65 8.45
C ASN A 51 17.54 25.53 8.69
N GLY A 52 17.44 25.04 9.93
CA GLY A 52 16.34 24.15 10.27
C GLY A 52 16.29 22.88 9.43
N ALA A 53 15.11 22.26 9.39
CA ALA A 53 14.90 21.07 8.58
C ALA A 53 15.26 21.34 7.13
N LEU A 54 14.45 22.16 6.47
CA LEU A 54 14.71 22.50 5.08
C LEU A 54 15.60 23.73 5.00
N ASP A 55 16.79 23.55 4.45
CA ASP A 55 17.73 24.64 4.25
C ASP A 55 18.14 24.61 2.78
N PRO A 56 18.21 25.77 2.11
CA PRO A 56 18.64 25.76 0.71
C PRO A 56 19.97 25.05 0.48
N LYS A 57 20.91 25.17 1.39
CA LYS A 57 22.18 24.49 1.18
C LYS A 57 22.14 23.03 1.55
N MET A 58 20.99 22.53 2.01
CA MET A 58 20.72 21.11 1.98
C MET A 58 20.18 20.65 0.64
N GLY A 59 19.36 21.47 0.00
CA GLY A 59 18.77 21.12 -1.28
C GLY A 59 17.68 22.11 -1.59
N VAL A 60 16.90 21.80 -2.63
CA VAL A 60 15.73 22.59 -3.00
C VAL A 60 14.58 21.64 -3.27
N SER A 61 13.42 22.22 -3.57
CA SER A 61 12.22 21.42 -3.76
C SER A 61 11.52 21.71 -5.08
N SER A 62 10.94 22.90 -5.22
CA SER A 62 10.29 23.30 -6.45
C SER A 62 11.33 23.75 -7.47
N SER A 63 10.86 24.33 -8.57
CA SER A 63 11.74 25.21 -9.32
C SER A 63 11.39 26.64 -8.93
N SER A 64 12.13 27.10 -7.93
CA SER A 64 11.85 28.37 -7.28
C SER A 64 13.15 29.11 -7.03
N LEU A 65 13.95 28.55 -6.12
CA LEU A 65 15.17 29.18 -5.70
C LEU A 65 16.32 28.21 -5.86
N GLU A 66 17.53 28.74 -5.82
CA GLU A 66 18.70 27.96 -6.16
C GLU A 66 19.19 27.19 -4.93
N CYS A 67 20.20 26.37 -5.14
CA CYS A 67 20.55 25.31 -4.21
C CYS A 67 21.63 25.71 -3.22
N ALA A 68 22.03 27.00 -3.20
CA ALA A 68 23.17 27.37 -2.40
C ALA A 68 24.36 26.54 -2.87
N THR A 69 24.75 25.51 -2.11
CA THR A 69 26.02 24.81 -2.28
C THR A 69 26.40 24.68 -3.74
N CYS A 70 25.67 23.89 -4.52
CA CYS A 70 25.72 24.09 -5.97
C CYS A 70 24.33 24.50 -6.47
N HIS A 71 24.23 25.76 -6.84
CA HIS A 71 22.96 26.26 -7.35
C HIS A 71 22.70 25.71 -8.74
N GLY A 72 21.62 26.16 -9.38
CA GLY A 72 21.16 25.54 -10.60
C GLY A 72 19.91 24.72 -10.43
N ASN A 73 19.21 24.94 -9.32
CA ASN A 73 17.86 24.44 -9.01
C ASN A 73 17.73 22.94 -9.14
N LEU A 74 16.56 22.48 -9.58
CA LEU A 74 16.24 21.07 -9.67
C LEU A 74 17.14 20.30 -10.62
N ALA A 75 17.00 20.53 -11.94
CA ALA A 75 17.60 19.67 -12.96
C ALA A 75 19.07 19.43 -12.74
N SER A 76 19.82 20.43 -12.27
CA SER A 76 21.26 20.31 -12.19
C SER A 76 21.81 19.94 -10.81
N CYS A 77 20.97 19.83 -9.79
CA CYS A 77 21.50 19.54 -8.47
C CYS A 77 20.88 18.26 -7.91
N HIS A 78 21.71 17.47 -7.25
CA HIS A 78 21.35 16.12 -6.83
C HIS A 78 20.88 16.05 -5.39
N GLY A 79 20.91 17.15 -4.67
CA GLY A 79 20.64 17.11 -3.26
C GLY A 79 21.91 16.89 -2.47
N HIS A 80 21.86 17.18 -1.19
CA HIS A 80 23.02 17.02 -0.31
C HIS A 80 22.49 16.64 1.06
N PHE A 81 23.24 15.82 1.78
CA PHE A 81 22.73 15.35 3.04
C PHE A 81 22.70 16.46 4.08
N GLY A 82 22.25 16.10 5.28
CA GLY A 82 22.31 16.96 6.42
C GLY A 82 22.51 16.11 7.65
N HIS A 83 23.06 16.68 8.72
CA HIS A 83 23.36 15.87 9.89
C HIS A 83 22.74 16.50 11.12
N LEU A 84 22.48 15.69 12.12
CA LEU A 84 21.67 16.08 13.26
C LEU A 84 22.40 15.77 14.56
N LYS A 85 22.79 16.81 15.28
CA LYS A 85 23.28 16.62 16.65
C LYS A 85 22.15 16.04 17.47
N LEU A 86 22.41 14.89 18.07
CA LEU A 86 21.35 14.16 18.74
C LEU A 86 21.81 13.80 20.14
N ALA A 87 21.17 14.39 21.15
CA ALA A 87 21.64 14.23 22.52
C ALA A 87 21.23 12.88 23.08
N LEU A 88 22.21 12.16 23.62
CA LEU A 88 22.15 10.77 24.01
C LEU A 88 22.03 9.90 22.77
N PRO A 89 22.56 8.70 22.79
CA PRO A 89 22.41 7.82 21.64
C PRO A 89 21.17 6.97 21.73
N VAL A 90 20.92 6.17 20.71
CA VAL A 90 19.70 5.37 20.67
C VAL A 90 19.86 4.22 19.71
N PHE A 91 19.06 3.16 19.91
CA PHE A 91 19.12 1.97 19.07
C PHE A 91 18.64 2.26 17.65
N HIS A 92 19.02 1.39 16.74
CA HIS A 92 18.73 1.51 15.33
C HIS A 92 17.95 0.30 14.86
N ILE A 93 16.68 0.52 14.51
CA ILE A 93 15.74 -0.59 14.42
C ILE A 93 16.19 -1.61 13.39
N GLY A 94 16.91 -1.19 12.36
CA GLY A 94 17.44 -2.14 11.41
C GLY A 94 18.55 -2.98 12.02
N TYR A 95 19.47 -2.32 12.71
CA TYR A 95 20.57 -3.02 13.36
C TYR A 95 20.20 -3.56 14.72
N PHE A 96 18.94 -3.39 15.10
CA PHE A 96 18.54 -3.81 16.43
C PHE A 96 18.84 -5.28 16.67
N LYS A 97 18.11 -6.17 16.00
CA LYS A 97 18.32 -7.60 16.23
C LYS A 97 19.77 -7.98 16.04
N ALA A 98 20.44 -7.37 15.06
CA ALA A 98 21.89 -7.40 15.05
C ALA A 98 22.45 -7.04 16.41
N THR A 99 22.15 -5.84 16.92
CA THR A 99 22.69 -5.42 18.20
C THR A 99 22.42 -6.44 19.31
N ILE A 100 21.33 -7.19 19.20
CA ILE A 100 21.11 -8.26 20.16
C ILE A 100 22.07 -9.41 19.91
N GLN A 101 22.50 -9.59 18.66
CA GLN A 101 23.56 -10.57 18.46
C GLN A 101 24.89 -10.06 18.98
N ILE A 102 25.29 -8.86 18.58
CA ILE A 102 26.59 -8.34 18.97
C ILE A 102 26.73 -8.21 20.49
N LEU A 103 25.65 -7.83 21.17
CA LEU A 103 25.64 -7.78 22.62
C LEU A 103 25.37 -9.15 23.21
N GLN A 104 24.79 -10.05 22.42
CA GLN A 104 24.49 -11.40 22.89
C GLN A 104 25.77 -12.13 23.24
N GLY A 105 26.81 -11.93 22.44
CA GLY A 105 27.97 -12.79 22.48
C GLY A 105 29.15 -12.23 23.24
N ILE A 106 28.91 -11.29 24.16
CA ILE A 106 30.00 -10.72 24.92
C ILE A 106 29.59 -10.54 26.36
N CYS A 107 30.49 -10.88 27.27
CA CYS A 107 30.24 -10.73 28.70
C CYS A 107 30.15 -9.23 28.86
N LYS A 108 29.02 -8.76 29.36
CA LYS A 108 28.76 -7.32 29.53
C LYS A 108 29.56 -6.61 30.61
N ASN A 109 30.29 -7.37 31.43
CA ASN A 109 31.08 -6.77 32.49
C ASN A 109 32.32 -6.06 31.95
N CYS A 110 33.39 -6.84 31.79
CA CYS A 110 34.66 -6.34 31.28
C CYS A 110 34.64 -6.15 29.78
N SER A 111 33.57 -6.55 29.11
CA SER A 111 33.33 -6.23 27.70
C SER A 111 34.46 -6.74 26.79
N ALA A 112 34.73 -8.03 26.92
CA ALA A 112 35.61 -8.74 26.00
C ALA A 112 34.87 -9.94 25.45
N ILE A 113 35.25 -10.39 24.26
CA ILE A 113 34.61 -11.55 23.67
C ILE A 113 34.73 -12.73 24.62
N LEU A 114 33.60 -13.40 24.86
CA LEU A 114 33.55 -14.38 25.94
C LEU A 114 34.11 -15.74 25.57
N LEU A 115 34.07 -16.13 24.30
CA LEU A 115 34.65 -17.40 23.91
C LEU A 115 36.17 -17.29 24.00
N SER A 116 36.84 -18.40 24.28
CA SER A 116 38.21 -18.26 24.74
C SER A 116 39.23 -19.17 24.05
N GLU A 117 40.48 -19.02 24.49
CA GLU A 117 41.66 -19.80 24.13
C GLU A 117 41.85 -19.99 22.63
N THR A 118 42.36 -21.16 22.25
CA THR A 118 42.44 -21.57 20.86
C THR A 118 41.09 -21.63 20.19
N ASP A 119 40.03 -21.99 20.93
CA ASP A 119 38.72 -22.13 20.32
C ASP A 119 38.30 -20.85 19.62
N LYS A 120 38.76 -19.70 20.12
CA LYS A 120 38.67 -18.47 19.33
C LYS A 120 39.38 -18.65 17.99
N ARG A 121 40.70 -18.88 18.04
CA ARG A 121 41.48 -19.16 16.83
C ARG A 121 40.84 -20.23 15.98
N GLN A 122 40.18 -21.21 16.60
CA GLN A 122 39.57 -22.29 15.84
C GLN A 122 38.60 -21.76 14.80
N PHE A 123 37.53 -21.11 15.25
CA PHE A 123 36.60 -20.46 14.34
C PHE A 123 37.32 -19.46 13.44
N LEU A 124 38.17 -18.61 14.02
CA LEU A 124 38.87 -17.59 13.24
C LEU A 124 39.51 -18.19 12.00
N HIS A 125 40.25 -19.29 12.15
CA HIS A 125 40.81 -19.99 11.00
C HIS A 125 39.74 -20.36 9.99
N GLU A 126 38.62 -20.92 10.45
CA GLU A 126 37.61 -21.40 9.52
C GLU A 126 37.02 -20.27 8.69
N LEU A 127 36.84 -19.09 9.30
CA LEU A 127 36.26 -18.00 8.52
C LEU A 127 37.16 -17.57 7.37
N ARG A 128 38.46 -17.74 7.50
CA ARG A 128 39.41 -17.21 6.53
C ARG A 128 39.72 -18.19 5.41
N ARG A 129 39.08 -19.37 5.39
CA ARG A 129 39.44 -20.21 4.27
C ARG A 129 38.85 -19.64 2.97
N PRO A 130 39.66 -19.53 1.93
CA PRO A 130 39.27 -18.67 0.78
C PRO A 130 37.94 -19.02 0.14
N GLY A 131 37.58 -20.30 0.09
CA GLY A 131 36.38 -20.68 -0.66
C GLY A 131 35.07 -20.39 0.03
N VAL A 132 35.13 -19.81 1.22
CA VAL A 132 33.96 -19.63 2.09
C VAL A 132 32.94 -18.75 1.40
N ASP A 133 31.71 -19.22 1.33
CA ASP A 133 30.58 -18.49 0.78
C ASP A 133 30.08 -17.47 1.80
N ASN A 134 29.11 -16.67 1.39
CA ASN A 134 28.39 -15.83 2.34
C ASN A 134 27.48 -16.68 3.20
N LEU A 135 26.93 -17.76 2.64
CA LEU A 135 26.16 -18.70 3.44
C LEU A 135 27.00 -19.29 4.57
N ARG A 136 28.23 -19.71 4.28
CA ARG A 136 29.09 -20.22 5.33
C ARG A 136 29.42 -19.14 6.35
N ARG A 137 29.62 -17.90 5.90
CA ARG A 137 29.69 -16.79 6.82
C ARG A 137 28.53 -16.81 7.81
N MET A 138 27.30 -16.69 7.30
CA MET A 138 26.14 -16.62 8.18
C MET A 138 26.03 -17.82 9.09
N GLY A 139 26.07 -19.04 8.56
CA GLY A 139 25.93 -20.23 9.36
C GLY A 139 27.00 -20.37 10.41
N ILE A 140 28.26 -20.29 10.00
CA ILE A 140 29.36 -20.33 10.96
C ILE A 140 29.19 -19.26 12.02
N LEU A 141 28.62 -18.11 11.65
CA LEU A 141 28.32 -17.13 12.66
C LEU A 141 27.22 -17.59 13.60
N LYS A 142 26.24 -18.33 13.10
CA LYS A 142 25.27 -18.92 14.02
C LYS A 142 25.93 -19.91 14.96
N LYS A 143 26.94 -20.64 14.50
CA LYS A 143 27.60 -21.59 15.38
C LYS A 143 28.51 -20.88 16.38
N ILE A 144 29.15 -19.78 15.98
CA ILE A 144 30.02 -19.07 16.90
C ILE A 144 29.24 -18.28 17.92
N LEU A 145 28.12 -17.68 17.54
CA LEU A 145 27.32 -16.91 18.49
C LEU A 145 26.86 -17.80 19.63
N ASP A 146 25.93 -18.71 19.37
CA ASP A 146 25.25 -19.45 20.44
C ASP A 146 26.21 -20.11 21.41
N GLN A 147 27.46 -20.35 21.01
CA GLN A 147 28.47 -20.76 21.97
C GLN A 147 28.52 -19.79 23.14
N CYS A 148 28.19 -18.52 22.89
CA CYS A 148 28.07 -17.56 23.98
C CYS A 148 27.09 -18.02 25.04
N LYS A 149 25.82 -18.15 24.66
CA LYS A 149 24.78 -18.48 25.63
C LYS A 149 25.18 -19.66 26.50
N LYS A 150 25.83 -20.66 25.90
CA LYS A 150 26.29 -21.81 26.68
C LYS A 150 27.64 -21.58 27.34
N GLN A 151 28.23 -20.40 27.21
CA GLN A 151 29.38 -20.03 28.01
C GLN A 151 28.83 -19.35 29.25
N ARG A 152 28.91 -20.04 30.39
CA ARG A 152 28.05 -19.74 31.51
C ARG A 152 28.64 -18.67 32.41
N ARG A 153 29.81 -18.15 32.07
CA ARG A 153 30.45 -17.09 32.81
C ARG A 153 31.56 -16.55 31.92
N CYS A 154 32.21 -15.46 32.34
CA CYS A 154 33.21 -14.87 31.47
C CYS A 154 34.51 -15.66 31.53
N LEU A 155 35.55 -15.13 30.90
CA LEU A 155 36.87 -15.73 31.09
C LEU A 155 37.80 -14.91 31.97
N HIS A 156 38.17 -13.68 31.62
CA HIS A 156 39.09 -12.92 32.46
C HIS A 156 38.36 -11.88 33.32
N CYS A 157 37.05 -11.72 33.15
CA CYS A 157 36.41 -10.73 34.01
C CYS A 157 36.09 -11.37 35.36
N GLY A 158 35.62 -12.60 35.33
CA GLY A 158 35.20 -13.29 36.54
C GLY A 158 33.70 -13.19 36.76
N ALA A 159 33.07 -12.18 36.19
CA ALA A 159 31.63 -12.05 36.29
C ALA A 159 30.95 -13.02 35.34
N LEU A 160 29.63 -13.03 35.37
CA LEU A 160 28.88 -13.99 34.58
C LEU A 160 27.79 -13.28 33.78
N ASN A 161 27.06 -14.02 32.97
CA ASN A 161 26.00 -13.45 32.16
C ASN A 161 24.96 -14.51 31.86
N GLY A 162 23.72 -14.06 31.74
CA GLY A 162 22.60 -14.87 31.32
C GLY A 162 22.25 -14.67 29.86
N VAL A 163 20.95 -14.68 29.55
CA VAL A 163 20.46 -14.46 28.21
C VAL A 163 19.83 -13.06 28.12
N VAL A 164 19.89 -12.44 26.95
CA VAL A 164 19.28 -11.13 26.75
C VAL A 164 18.08 -11.26 25.83
N LYS A 165 16.89 -10.96 26.34
CA LYS A 165 15.64 -11.42 25.75
C LYS A 165 14.89 -10.40 24.89
N LYS A 166 15.36 -9.16 24.75
CA LYS A 166 14.58 -8.19 23.97
C LYS A 166 13.18 -8.03 24.55
N ALA A 167 13.05 -7.27 25.64
CA ALA A 167 11.86 -7.36 26.49
C ALA A 167 10.56 -7.20 25.70
N ALA A 168 9.53 -7.90 26.18
CA ALA A 168 8.24 -8.10 25.53
C ALA A 168 8.39 -8.60 24.10
N ALA A 169 7.46 -8.23 23.21
CA ALA A 169 7.62 -8.54 21.78
C ALA A 169 6.76 -7.57 20.98
N GLY A 170 7.25 -7.17 19.81
CA GLY A 170 6.43 -6.67 18.72
C GLY A 170 5.66 -5.39 19.00
N ALA A 171 5.74 -4.86 20.21
CA ALA A 171 4.90 -3.73 20.59
C ALA A 171 5.49 -2.42 20.07
N GLY A 172 6.67 -2.09 20.57
CA GLY A 172 7.26 -0.80 20.30
C GLY A 172 7.06 0.12 21.48
N SER A 173 6.34 -0.37 22.48
CA SER A 173 6.22 0.40 23.70
C SER A 173 7.51 0.36 24.51
N ALA A 174 7.80 -0.78 25.14
CA ALA A 174 9.13 -1.00 25.68
C ALA A 174 9.96 -1.90 24.79
N ALA A 175 9.39 -2.41 23.68
CA ALA A 175 9.99 -3.52 22.96
C ALA A 175 11.42 -3.26 22.52
N LEU A 176 11.83 -2.01 22.45
CA LEU A 176 13.19 -1.69 22.04
C LEU A 176 14.15 -1.62 23.22
N LYS A 177 13.65 -1.66 24.44
CA LYS A 177 14.48 -1.83 25.63
C LYS A 177 14.93 -3.28 25.69
N ILE A 178 16.20 -3.50 26.03
CA ILE A 178 16.73 -4.86 26.03
C ILE A 178 17.24 -5.18 27.44
N ILE A 179 16.90 -6.39 27.90
CA ILE A 179 17.06 -6.77 29.29
C ILE A 179 17.87 -8.06 29.39
N HIS A 180 18.95 -8.03 30.16
CA HIS A 180 19.79 -9.21 30.35
C HIS A 180 20.59 -9.10 31.65
N ASP A 181 20.45 -10.10 32.53
CA ASP A 181 21.16 -10.04 33.81
C ASP A 181 21.49 -11.35 34.54
N THR A 182 20.47 -12.14 34.88
CA THR A 182 20.70 -13.34 35.65
C THR A 182 19.67 -14.39 35.31
N PHE A 183 20.10 -15.40 34.58
CA PHE A 183 19.40 -16.66 34.45
C PHE A 183 19.96 -17.54 35.55
N ARG A 184 19.52 -18.80 35.60
CA ARG A 184 20.18 -19.85 36.38
C ARG A 184 20.60 -19.44 37.80
N TRP A 185 19.68 -18.89 38.61
CA TRP A 185 19.91 -18.89 40.05
C TRP A 185 20.33 -20.26 40.54
N VAL A 186 19.72 -21.30 39.97
CA VAL A 186 20.02 -22.72 40.17
C VAL A 186 20.21 -23.02 41.66
N GLY A 187 19.31 -22.48 42.49
CA GLY A 187 19.19 -22.96 43.84
C GLY A 187 20.45 -22.83 44.68
N LYS A 188 20.94 -23.98 45.14
CA LYS A 188 22.04 -24.06 46.10
C LYS A 188 23.29 -23.30 45.66
N LYS A 189 23.39 -22.94 44.38
CA LYS A 189 24.45 -22.04 43.94
C LYS A 189 24.41 -20.78 44.80
N SER A 190 25.55 -20.43 45.38
CA SER A 190 25.71 -19.12 46.00
C SER A 190 26.30 -18.22 44.93
N ALA A 191 25.51 -17.35 44.50
CA ALA A 191 26.16 -16.48 43.53
C ALA A 191 26.68 -15.23 44.21
N PRO A 192 28.00 -15.04 44.23
CA PRO A 192 28.53 -13.79 44.79
C PRO A 192 27.89 -12.58 44.16
N GLU A 193 27.59 -12.66 42.86
CA GLU A 193 26.73 -11.66 42.24
C GLU A 193 25.41 -11.51 42.97
N LYS A 194 24.57 -12.53 42.90
CA LYS A 194 23.29 -12.51 43.57
C LYS A 194 23.48 -12.01 45.00
N ASP A 195 24.45 -12.58 45.70
CA ASP A 195 24.74 -12.17 47.06
C ASP A 195 24.78 -10.65 47.14
N ILE A 196 25.70 -10.03 46.40
CA ILE A 196 25.82 -8.58 46.38
C ILE A 196 24.52 -7.97 45.87
N TRP A 197 23.77 -8.76 45.10
CA TRP A 197 22.51 -8.32 44.53
C TRP A 197 21.46 -8.19 45.63
N VAL A 198 21.17 -9.30 46.30
CA VAL A 198 20.20 -9.31 47.39
C VAL A 198 20.61 -8.28 48.43
N GLY A 199 21.91 -8.05 48.55
CA GLY A 199 22.45 -7.09 49.49
C GLY A 199 22.21 -5.65 49.10
N GLU A 200 22.00 -5.39 47.81
CA GLU A 200 21.85 -4.01 47.36
C GLU A 200 20.44 -3.51 47.66
N TRP A 201 19.44 -4.32 47.35
CA TRP A 201 18.05 -3.99 47.63
C TRP A 201 17.74 -3.96 49.12
N LYS A 202 18.62 -4.51 49.95
CA LYS A 202 18.48 -4.38 51.38
C LYS A 202 18.40 -2.91 51.80
N GLU A 203 19.06 -2.03 51.04
CA GLU A 203 19.08 -0.61 51.35
C GLU A 203 17.89 0.14 50.76
N VAL A 204 16.97 -0.55 50.10
CA VAL A 204 15.79 0.07 49.52
C VAL A 204 14.51 -0.54 50.09
N LEU A 205 14.32 -1.85 49.91
CA LEU A 205 13.22 -2.54 50.56
C LEU A 205 13.10 -2.13 52.03
N ALA A 206 14.13 -2.39 52.83
CA ALA A 206 14.15 -1.94 54.21
C ALA A 206 14.10 -0.42 54.33
N HIS A 207 14.29 0.31 53.23
CA HIS A 207 14.17 1.76 53.25
C HIS A 207 12.84 2.26 52.71
N ASN A 208 12.53 1.96 51.45
CA ASN A 208 11.29 2.37 50.80
C ASN A 208 10.52 1.10 50.45
N PRO A 209 9.81 0.53 51.42
CA PRO A 209 9.26 -0.82 51.25
C PRO A 209 8.16 -0.94 50.22
N GLU A 210 7.56 0.17 49.77
CA GLU A 210 6.40 0.09 48.88
C GLU A 210 6.67 -0.81 47.68
N LEU A 211 7.91 -0.82 47.20
CA LEU A 211 8.26 -1.71 46.08
C LEU A 211 8.36 -3.15 46.56
N GLU A 212 9.34 -3.43 47.42
CA GLU A 212 9.53 -4.73 48.05
C GLU A 212 9.61 -5.82 46.98
N ARG A 213 8.94 -6.95 47.19
CA ARG A 213 8.94 -8.04 46.24
C ARG A 213 7.80 -7.94 45.25
N TYR A 214 6.95 -6.93 45.38
CA TYR A 214 5.90 -6.70 44.39
C TYR A 214 6.50 -6.48 42.99
N VAL A 215 7.28 -5.42 42.81
CA VAL A 215 7.83 -5.07 41.50
C VAL A 215 9.17 -5.76 41.27
N LYS A 216 9.52 -6.68 42.16
CA LYS A 216 10.84 -7.27 42.16
C LYS A 216 11.01 -8.14 40.91
N ARG A 217 12.18 -8.75 40.75
CA ARG A 217 12.49 -9.62 39.62
C ARG A 217 12.36 -8.87 38.30
N CYS A 218 13.05 -7.74 38.24
CA CYS A 218 13.17 -6.95 37.02
C CYS A 218 14.44 -7.22 36.24
N MET A 219 15.33 -8.08 36.73
CA MET A 219 16.68 -8.21 36.15
C MET A 219 17.31 -6.82 36.19
N ASP A 220 18.01 -6.43 35.13
CA ASP A 220 18.34 -5.05 34.84
C ASP A 220 18.28 -4.89 33.34
N ASP A 221 18.54 -3.68 32.85
CA ASP A 221 18.50 -3.43 31.43
C ASP A 221 19.85 -2.96 30.95
N LEU A 222 20.05 -3.00 29.64
CA LEU A 222 21.16 -2.28 29.06
C LEU A 222 20.58 -1.07 28.35
N ASN A 223 20.79 0.09 28.96
CA ASN A 223 20.47 1.34 28.33
C ASN A 223 21.28 1.49 27.05
N PRO A 224 20.67 1.97 25.98
CA PRO A 224 21.46 2.30 24.79
C PRO A 224 22.67 3.16 25.11
N LEU A 225 22.50 4.21 25.92
CA LEU A 225 23.67 4.93 26.38
C LEU A 225 24.67 3.99 27.07
N LYS A 226 24.19 3.14 27.96
CA LYS A 226 25.03 2.10 28.53
C LYS A 226 25.69 1.27 27.43
N THR A 227 24.92 0.83 26.44
CA THR A 227 25.50 -0.11 25.48
C THR A 227 26.53 0.55 24.58
N LEU A 228 26.53 1.87 24.47
CA LEU A 228 27.63 2.51 23.75
C LEU A 228 28.93 2.40 24.54
N ASN A 229 28.94 2.89 25.77
CA ASN A 229 30.13 2.77 26.61
C ASN A 229 30.46 1.33 26.92
N LEU A 230 29.58 0.40 26.57
CA LEU A 230 29.97 -1.00 26.51
C LEU A 230 30.69 -1.33 25.21
N PHE A 231 30.04 -1.14 24.06
CA PHE A 231 30.66 -1.43 22.77
C PHE A 231 32.04 -0.85 22.61
N LYS A 232 32.28 0.38 23.07
CA LYS A 232 33.56 1.01 22.78
C LYS A 232 34.76 0.26 23.35
N GLN A 233 34.56 -0.72 24.21
CA GLN A 233 35.64 -1.64 24.55
C GLN A 233 35.58 -2.93 23.76
N ILE A 234 34.59 -3.13 22.89
CA ILE A 234 34.60 -4.30 22.05
C ILE A 234 35.20 -3.85 20.74
N LYS A 235 36.48 -4.13 20.53
CA LYS A 235 37.20 -3.57 19.41
C LYS A 235 38.46 -4.38 19.17
N SER A 236 39.00 -4.33 17.96
CA SER A 236 40.18 -5.13 17.67
C SER A 236 39.93 -6.55 18.16
N ALA A 237 40.99 -7.36 18.20
CA ALA A 237 40.90 -8.76 18.64
C ALA A 237 39.77 -9.51 17.94
N ASP A 238 38.68 -9.77 18.67
CA ASP A 238 37.53 -10.45 18.07
C ASP A 238 37.10 -9.75 16.76
N CYS A 239 36.39 -8.64 16.95
CA CYS A 239 36.02 -7.73 15.86
C CYS A 239 35.22 -8.42 14.76
N GLU A 240 35.92 -9.11 13.88
CA GLU A 240 35.28 -9.82 12.78
C GLU A 240 34.77 -11.19 13.19
N LEU A 241 35.28 -11.75 14.29
CA LEU A 241 34.68 -12.95 14.86
C LEU A 241 33.20 -12.76 15.14
N LEU A 242 32.78 -11.53 15.36
CA LEU A 242 31.37 -11.20 15.47
C LEU A 242 30.76 -10.82 14.13
N GLY A 243 31.52 -10.91 13.05
CA GLY A 243 30.96 -10.74 11.72
C GLY A 243 31.30 -9.45 11.01
N ILE A 244 32.13 -8.60 11.62
CA ILE A 244 32.44 -7.31 11.01
C ILE A 244 33.91 -7.23 10.64
N ASP A 245 34.22 -7.31 9.36
CA ASP A 245 35.61 -7.18 8.93
C ASP A 245 36.04 -5.83 9.48
N ALA A 246 37.20 -5.81 10.13
CA ALA A 246 37.75 -4.60 10.69
C ALA A 246 38.76 -4.03 9.73
N THR A 247 38.34 -3.22 8.77
CA THR A 247 39.34 -2.68 7.83
C THR A 247 39.92 -1.36 8.33
N VAL A 248 39.45 -0.95 9.51
CA VAL A 248 39.78 0.29 10.23
C VAL A 248 39.25 1.55 9.50
N PRO A 249 38.00 1.51 9.01
CA PRO A 249 37.46 2.64 8.31
C PRO A 249 36.09 2.83 8.92
N SER A 250 35.49 1.69 9.29
CA SER A 250 34.14 1.74 9.85
C SER A 250 34.13 1.63 11.35
N GLY A 251 35.30 1.52 11.97
CA GLY A 251 35.42 1.75 13.39
C GLY A 251 34.75 0.76 14.31
N ARG A 252 34.37 -0.42 13.80
CA ARG A 252 34.06 -1.53 14.68
C ARG A 252 32.72 -1.30 15.36
N PRO A 253 32.13 -2.28 16.07
CA PRO A 253 30.71 -2.15 16.45
C PRO A 253 30.40 -0.99 17.38
N GLU A 254 30.64 0.22 16.87
CA GLU A 254 30.12 1.44 17.46
C GLU A 254 29.01 2.06 16.64
N THR A 255 29.24 2.35 15.37
CA THR A 255 28.32 3.04 14.47
C THR A 255 26.90 2.49 14.53
N TYR A 256 26.73 1.20 14.81
CA TYR A 256 25.43 0.55 14.68
C TYR A 256 24.37 1.13 15.60
N ILE A 257 24.73 2.00 16.51
CA ILE A 257 23.73 2.72 17.29
C ILE A 257 23.74 4.17 16.86
N TRP A 258 22.56 4.77 16.79
CA TRP A 258 22.45 6.11 16.25
C TRP A 258 23.22 7.09 17.10
N ARG A 259 24.02 7.92 16.47
CA ARG A 259 24.55 9.10 17.11
C ARG A 259 24.31 10.36 16.32
N TYR A 260 24.84 10.45 15.11
CA TYR A 260 24.50 11.54 14.20
C TYR A 260 23.54 11.01 13.16
N LEU A 261 22.29 11.44 13.23
CA LEU A 261 21.28 10.97 12.30
C LEU A 261 21.30 11.84 11.06
N PRO A 262 21.68 11.31 9.90
CA PRO A 262 21.79 12.16 8.72
C PRO A 262 20.44 12.52 8.13
N ALA A 263 20.30 13.76 7.69
CA ALA A 263 19.03 14.21 7.14
C ALA A 263 19.06 14.06 5.62
N PRO A 264 18.10 13.32 5.04
CA PRO A 264 18.17 13.09 3.61
C PRO A 264 17.93 14.38 2.85
N PRO A 265 18.46 14.49 1.63
CA PRO A 265 18.34 15.74 0.88
C PRO A 265 16.88 16.08 0.61
N VAL A 266 16.65 17.35 0.30
CA VAL A 266 15.31 17.79 0.03
C VAL A 266 14.77 17.13 -1.23
N CYS A 267 15.66 16.72 -2.13
CA CYS A 267 15.19 16.02 -3.32
C CYS A 267 14.64 14.64 -2.98
N ILE A 268 14.98 14.10 -1.82
CA ILE A 268 14.30 12.91 -1.34
C ILE A 268 12.99 13.28 -0.68
N ARG A 269 12.87 14.56 -0.32
CA ARG A 269 11.80 15.05 0.54
C ARG A 269 11.12 16.20 -0.17
N PRO A 270 10.57 15.96 -1.34
CA PRO A 270 10.07 17.08 -2.16
C PRO A 270 8.98 17.81 -1.43
N SER A 271 9.15 19.12 -1.30
CA SER A 271 8.10 19.91 -0.70
C SER A 271 6.93 19.96 -1.65
N VAL A 272 5.77 19.50 -1.18
CA VAL A 272 4.62 19.38 -2.06
C VAL A 272 4.27 20.76 -2.59
N MET A 273 3.68 20.78 -3.79
CA MET A 273 3.37 22.04 -4.45
C MET A 273 2.57 22.94 -3.53
N MET A 274 2.78 24.25 -3.68
CA MET A 274 2.06 25.23 -2.88
C MET A 274 0.57 24.93 -2.87
N GLN A 275 0.04 24.46 -3.99
CA GLN A 275 -1.38 24.13 -4.16
C GLN A 275 -2.28 25.21 -3.56
N ASP A 276 -2.35 26.35 -4.26
CA ASP A 276 -3.40 27.32 -4.00
C ASP A 276 -3.36 27.91 -2.60
N SER A 277 -2.57 28.99 -2.42
CA SER A 277 -2.32 29.80 -1.23
C SER A 277 -1.14 29.34 -0.38
N PRO A 278 -0.58 30.22 0.46
CA PRO A 278 0.73 29.93 1.08
C PRO A 278 0.76 28.70 1.95
N ALA A 279 -0.38 28.16 2.36
CA ALA A 279 -0.38 26.84 2.98
C ALA A 279 0.25 25.90 1.96
N SER A 280 1.34 25.27 2.35
CA SER A 280 2.11 24.45 1.43
C SER A 280 2.30 23.06 2.00
N ASN A 281 1.73 22.08 1.32
CA ASN A 281 1.61 20.75 1.88
C ASN A 281 2.97 20.17 2.25
N GLU A 282 3.04 19.58 3.44
CA GLU A 282 4.26 18.99 3.94
C GLU A 282 4.55 17.69 3.21
N ASP A 283 5.65 17.06 3.58
CA ASP A 283 5.81 15.63 3.39
C ASP A 283 6.14 15.04 4.76
N ASP A 284 5.92 13.74 4.92
CA ASP A 284 5.80 13.18 6.27
C ASP A 284 7.14 13.05 6.99
N LEU A 285 8.17 12.53 6.33
CA LEU A 285 9.45 12.38 7.03
C LEU A 285 9.96 13.70 7.58
N THR A 286 10.06 14.72 6.74
CA THR A 286 10.46 16.05 7.19
C THR A 286 9.68 16.48 8.42
N VAL A 287 8.40 16.08 8.51
CA VAL A 287 7.68 16.29 9.76
C VAL A 287 8.29 15.43 10.87
N LYS A 288 8.62 14.18 10.57
CA LYS A 288 9.24 13.34 11.59
C LYS A 288 10.53 13.96 12.11
N LEU A 289 11.57 14.04 11.27
CA LEU A 289 12.85 14.52 11.78
C LEU A 289 12.73 15.95 12.30
N THR A 290 11.89 16.78 11.67
CA THR A 290 11.70 18.11 12.21
C THR A 290 11.08 18.05 13.60
N GLU A 291 10.43 16.94 13.94
CA GLU A 291 10.10 16.69 15.34
C GLU A 291 11.30 16.15 16.10
N ILE A 292 12.13 15.31 15.48
CA ILE A 292 13.30 14.77 16.16
C ILE A 292 14.20 15.88 16.65
N VAL A 293 14.37 16.93 15.85
CA VAL A 293 15.07 18.11 16.33
C VAL A 293 14.42 18.60 17.61
N TRP A 294 13.09 18.74 17.62
CA TRP A 294 12.41 19.22 18.80
C TRP A 294 12.71 18.34 20.01
N THR A 295 12.20 17.11 20.00
CA THR A 295 12.36 16.23 21.15
C THR A 295 13.81 15.97 21.49
N SER A 296 14.73 16.30 20.58
CA SER A 296 16.14 16.27 20.96
C SER A 296 16.50 17.52 21.75
N SER A 297 16.45 18.68 21.12
CA SER A 297 16.87 19.93 21.76
C SER A 297 16.11 20.16 23.07
N LEU A 298 14.94 19.56 23.23
CA LEU A 298 14.35 19.46 24.55
C LEU A 298 15.35 18.85 25.52
N ILE A 299 15.76 17.61 25.26
CA ILE A 299 16.70 16.91 26.14
C ILE A 299 18.05 17.61 26.16
N LYS A 300 18.37 18.37 25.12
CA LYS A 300 19.64 19.09 25.09
C LYS A 300 19.61 20.27 26.05
N ALA A 301 18.60 21.13 25.94
CA ALA A 301 18.40 22.15 26.96
C ALA A 301 18.07 21.52 28.30
N GLY A 302 17.28 20.46 28.27
CA GLY A 302 17.13 19.59 29.43
C GLY A 302 18.47 18.94 29.69
N LEU A 303 18.55 18.26 30.84
CA LEU A 303 19.74 17.51 31.21
C LEU A 303 20.92 18.46 31.44
N ASP A 304 20.81 19.69 30.94
CA ASP A 304 21.79 20.72 31.29
C ASP A 304 21.47 21.35 32.62
N LYS A 305 20.21 21.73 32.85
CA LYS A 305 19.84 22.37 34.09
C LYS A 305 18.63 21.70 34.73
N GLY A 306 17.50 21.70 34.01
CA GLY A 306 16.21 21.41 34.58
C GLY A 306 15.81 19.94 34.48
N ILE A 307 14.50 19.77 34.24
CA ILE A 307 13.76 18.52 34.12
C ILE A 307 14.05 17.60 35.29
N SER A 308 14.14 16.30 35.04
CA SER A 308 14.27 15.32 36.11
C SER A 308 14.47 13.94 35.52
N ILE A 309 14.92 13.02 36.36
CA ILE A 309 15.26 11.69 35.88
C ILE A 309 14.01 10.97 35.39
N ASN A 310 12.88 11.15 36.07
CA ASN A 310 11.69 10.42 35.65
C ASN A 310 11.02 11.11 34.46
N ASN A 311 11.17 12.43 34.35
CA ASN A 311 10.64 13.17 33.21
C ASN A 311 11.67 13.28 32.10
N MET A 312 12.79 12.59 32.23
CA MET A 312 13.75 12.46 31.15
C MET A 312 13.52 11.21 30.31
N MET A 313 13.69 10.02 30.89
CA MET A 313 13.80 8.82 30.08
C MET A 313 12.54 8.55 29.27
N GLU A 314 11.41 9.18 29.62
CA GLU A 314 10.26 8.99 28.75
C GLU A 314 10.39 9.85 27.50
N HIS A 315 10.96 11.05 27.62
CA HIS A 315 11.34 11.78 26.42
C HIS A 315 12.28 10.98 25.57
N TRP A 316 13.50 10.78 26.04
CA TRP A 316 14.52 10.04 25.30
C TRP A 316 14.01 8.73 24.75
N ASP A 317 13.18 8.03 25.51
CA ASP A 317 12.38 6.95 24.93
C ASP A 317 11.62 7.43 23.70
N TYR A 318 10.74 8.40 23.86
CA TYR A 318 9.96 8.91 22.74
C TYR A 318 10.84 9.26 21.55
N LEU A 319 12.03 9.77 21.81
CA LEU A 319 13.01 9.92 20.74
C LEU A 319 13.28 8.59 20.07
N GLN A 320 13.61 7.56 20.86
CA GLN A 320 13.80 6.24 20.33
C GLN A 320 12.62 5.78 19.49
N LEU A 321 11.40 6.11 19.89
CA LEU A 321 10.24 5.63 19.15
C LEU A 321 10.06 6.40 17.86
N THR A 322 10.46 7.67 17.82
CA THR A 322 10.39 8.38 16.56
C THR A 322 11.46 7.90 15.59
N VAL A 323 12.72 7.85 16.02
CA VAL A 323 13.80 7.52 15.11
C VAL A 323 13.63 6.12 14.54
N ALA A 324 13.15 5.16 15.33
CA ALA A 324 12.84 3.86 14.76
C ALA A 324 11.54 3.90 13.97
N MET A 325 10.51 4.55 14.52
CA MET A 325 9.31 4.86 13.77
C MET A 325 9.65 5.45 12.41
N TYR A 326 10.69 6.28 12.39
CA TYR A 326 11.14 6.96 11.18
C TYR A 326 11.51 6.00 10.07
N ILE A 327 12.34 5.00 10.33
CA ILE A 327 12.88 4.16 9.27
C ILE A 327 12.16 2.82 9.11
N ASN A 328 11.13 2.54 9.89
CA ASN A 328 10.43 1.27 9.73
C ASN A 328 9.03 1.35 10.33
N SER A 329 8.26 0.26 10.20
CA SER A 329 6.87 0.26 10.60
C SER A 329 6.78 -0.14 12.06
N ASP A 330 6.90 -1.43 12.41
CA ASP A 330 6.89 -1.93 13.77
C ASP A 330 5.83 -1.23 14.62
N SER A 331 6.24 -0.57 15.69
CA SER A 331 5.36 0.09 16.64
C SER A 331 4.41 1.03 15.92
N VAL A 332 3.14 0.95 16.27
CA VAL A 332 2.12 1.89 15.81
C VAL A 332 1.57 2.73 16.96
N ASN A 333 0.72 2.15 17.81
CA ASN A 333 0.30 2.84 19.01
C ASN A 333 0.08 1.86 20.16
N PRO A 334 1.08 1.40 20.75
CA PRO A 334 0.90 0.65 22.02
C PRO A 334 0.58 1.59 23.17
N ALA A 335 -0.47 2.39 22.99
CA ALA A 335 -0.91 3.40 23.96
C ALA A 335 0.21 4.38 24.31
N MET A 336 1.11 4.63 23.35
CA MET A 336 2.18 5.61 23.52
C MET A 336 1.73 7.05 23.31
N LEU A 337 0.80 7.28 22.38
CA LEU A 337 0.19 8.58 22.06
C LEU A 337 1.19 9.51 21.38
N PRO A 338 0.71 10.43 20.53
CA PRO A 338 1.64 11.16 19.66
C PRO A 338 2.16 12.48 20.20
N GLY A 339 3.06 13.09 19.42
CA GLY A 339 3.68 14.37 19.69
C GLY A 339 3.13 15.54 18.90
N SER A 340 4.03 16.44 18.51
CA SER A 340 3.68 17.64 17.76
C SER A 340 2.86 17.33 16.52
N SER A 341 1.92 18.21 16.22
CA SER A 341 1.07 18.12 15.02
C SER A 341 0.28 16.82 14.97
N ASN A 342 -0.50 16.53 16.01
CA ASN A 342 -1.35 15.33 15.99
C ASN A 342 -2.81 15.68 15.77
N GLY A 343 -3.45 16.34 16.72
CA GLY A 343 -4.87 16.57 16.69
C GLY A 343 -5.65 15.44 17.36
N GLY A 344 -5.02 14.28 17.49
CA GLY A 344 -5.66 13.12 18.10
C GLY A 344 -6.82 12.56 17.31
N GLY A 345 -6.57 12.24 16.03
CA GLY A 345 -7.62 11.73 15.18
C GLY A 345 -7.53 10.25 14.85
N LYS A 346 -6.50 9.57 15.38
CA LYS A 346 -6.24 8.16 15.09
C LYS A 346 -6.02 7.95 13.58
N VAL A 347 -4.90 8.48 13.11
CA VAL A 347 -4.49 8.35 11.71
C VAL A 347 -3.50 7.21 11.58
N LYS A 348 -3.91 6.12 10.93
CA LYS A 348 -3.05 4.94 10.79
C LYS A 348 -1.87 5.11 9.85
N PRO A 349 -2.00 5.73 8.65
CA PRO A 349 -0.85 5.78 7.74
C PRO A 349 0.19 6.80 8.17
N ILE A 350 1.08 6.43 9.09
CA ILE A 350 1.93 7.43 9.71
C ILE A 350 3.29 7.52 9.02
N ARG A 351 3.55 6.65 8.05
CA ARG A 351 4.92 6.56 7.54
C ARG A 351 5.00 6.71 6.03
N GLY A 352 6.13 7.27 5.61
CA GLY A 352 6.46 7.45 4.20
C GLY A 352 7.93 7.08 4.12
N PHE A 353 8.31 6.01 4.82
CA PHE A 353 9.70 5.58 4.86
C PHE A 353 10.00 4.15 4.39
N CYS A 354 10.20 3.24 5.33
CA CYS A 354 10.56 1.86 4.99
C CYS A 354 9.62 1.31 3.95
N GLN A 355 8.35 1.70 4.02
CA GLN A 355 7.35 1.34 3.04
C GLN A 355 7.66 1.88 1.65
N ARG A 356 8.17 3.11 1.53
CA ARG A 356 8.46 3.64 0.20
C ARG A 356 9.54 2.81 -0.47
N LEU A 357 10.40 2.17 0.30
CA LEU A 357 11.44 1.32 -0.26
C LEU A 357 11.03 -0.15 -0.34
N LYS A 358 9.89 -0.53 0.23
CA LYS A 358 9.67 -1.93 0.55
C LYS A 358 8.77 -2.69 -0.41
N GLY A 359 7.46 -2.52 -0.25
CA GLY A 359 6.52 -3.42 -0.87
C GLY A 359 5.67 -2.82 -1.96
N LYS A 360 4.58 -3.50 -2.29
CA LYS A 360 3.53 -3.01 -3.20
C LYS A 360 4.27 -2.53 -4.46
N GLN A 361 3.87 -1.40 -5.04
CA GLN A 361 4.89 -0.66 -5.76
C GLN A 361 5.11 0.64 -5.03
N GLY A 362 6.05 0.68 -4.09
CA GLY A 362 6.54 1.96 -3.64
C GLY A 362 7.68 2.49 -4.48
N ARG A 363 8.73 1.68 -4.64
CA ARG A 363 9.91 1.92 -5.38
C ARG A 363 10.85 0.78 -5.88
N PHE A 364 11.37 0.08 -4.89
CA PHE A 364 12.22 -1.09 -5.12
C PHE A 364 11.66 -2.03 -6.19
N ARG A 365 10.44 -2.53 -5.98
CA ARG A 365 9.83 -3.46 -6.93
C ARG A 365 9.29 -2.75 -8.15
N GLY A 366 8.35 -1.84 -7.98
CA GLY A 366 7.73 -1.14 -9.09
C GLY A 366 8.47 0.01 -9.76
N ASN A 367 9.10 0.89 -9.00
CA ASN A 367 9.65 2.13 -9.57
C ASN A 367 11.12 2.01 -9.94
N LEU A 368 11.70 0.82 -9.83
CA LEU A 368 13.11 0.69 -10.14
C LEU A 368 13.36 -0.47 -11.09
N SER A 369 13.01 -1.68 -10.68
CA SER A 369 12.98 -2.79 -11.62
C SER A 369 11.86 -2.65 -12.62
N GLY A 370 10.78 -1.99 -12.24
CA GLY A 370 9.56 -1.87 -13.03
C GLY A 370 9.35 -0.54 -13.72
N LYS A 371 10.43 0.15 -14.05
CA LYS A 371 10.39 1.56 -14.39
C LYS A 371 9.32 1.87 -15.43
N ARG A 372 8.51 2.87 -15.13
CA ARG A 372 7.62 3.43 -16.13
C ARG A 372 8.46 4.03 -17.23
N VAL A 373 7.93 4.04 -18.45
CA VAL A 373 8.74 4.15 -19.65
C VAL A 373 8.39 5.43 -20.38
N ASP A 374 9.05 5.69 -21.49
CA ASP A 374 8.94 6.89 -22.29
C ASP A 374 9.00 6.52 -23.77
N PHE A 375 8.58 7.45 -24.62
CA PHE A 375 8.33 7.15 -26.02
C PHE A 375 7.41 5.94 -26.15
N SER A 376 6.16 6.06 -25.72
CA SER A 376 5.28 4.91 -25.73
C SER A 376 3.94 5.31 -26.34
N GLY A 377 2.99 4.38 -26.25
CA GLY A 377 1.64 4.65 -26.72
C GLY A 377 0.73 3.51 -26.36
N ARG A 378 -0.55 3.81 -26.30
CA ARG A 378 -1.55 2.83 -25.89
C ARG A 378 -2.80 3.13 -26.72
N THR A 379 -3.63 2.13 -26.99
CA THR A 379 -4.79 2.32 -27.85
C THR A 379 -5.58 1.02 -27.89
N VAL A 380 -6.82 1.08 -28.36
CA VAL A 380 -7.59 -0.13 -28.60
C VAL A 380 -7.03 -0.76 -29.87
N ILE A 381 -7.64 -1.84 -30.33
CA ILE A 381 -7.10 -2.63 -31.43
C ILE A 381 -8.19 -2.87 -32.46
N SER A 382 -7.78 -3.03 -33.71
CA SER A 382 -8.72 -3.60 -34.67
C SER A 382 -7.94 -4.41 -35.70
N PRO A 383 -8.51 -5.49 -36.22
CA PRO A 383 -7.78 -6.32 -37.17
C PRO A 383 -7.47 -5.58 -38.44
N ASP A 384 -6.39 -5.98 -39.09
CA ASP A 384 -6.11 -5.51 -40.44
C ASP A 384 -5.45 -6.61 -41.26
N PRO A 385 -6.20 -7.62 -41.69
CA PRO A 385 -5.57 -8.76 -42.35
C PRO A 385 -4.92 -8.44 -43.66
N ASN A 386 -5.39 -7.42 -44.38
CA ASN A 386 -4.71 -7.03 -45.62
C ASN A 386 -3.29 -6.56 -45.34
N LEU A 387 -2.94 -6.41 -44.07
CA LEU A 387 -1.59 -6.05 -43.68
C LEU A 387 -0.81 -7.32 -43.40
N SER A 388 0.48 -7.29 -43.71
CA SER A 388 1.28 -8.50 -43.60
C SER A 388 1.50 -8.90 -42.15
N ILE A 389 2.15 -10.05 -41.96
CA ILE A 389 2.67 -10.32 -40.62
C ILE A 389 3.88 -9.43 -40.40
N ASP A 390 4.19 -9.20 -39.12
CA ASP A 390 5.31 -8.41 -38.62
C ASP A 390 5.20 -6.94 -38.99
N GLU A 391 3.97 -6.44 -39.14
CA GLU A 391 3.74 -5.01 -39.10
C GLU A 391 2.69 -4.68 -38.07
N VAL A 392 2.63 -3.41 -37.69
CA VAL A 392 1.57 -2.87 -36.86
C VAL A 392 1.11 -1.58 -37.51
N ALA A 393 -0.15 -1.54 -37.92
CA ALA A 393 -0.65 -0.28 -38.43
C ALA A 393 -0.70 0.66 -37.25
N VAL A 394 0.01 1.76 -37.36
CA VAL A 394 0.07 2.73 -36.26
C VAL A 394 -0.67 3.99 -36.70
N PRO A 395 -1.68 4.42 -35.97
CA PRO A 395 -2.41 5.61 -36.40
C PRO A 395 -1.48 6.80 -36.46
N ASP A 396 -1.48 7.46 -37.61
CA ASP A 396 -0.52 8.53 -37.82
C ASP A 396 -0.67 9.62 -36.79
N ARG A 397 -1.86 9.79 -36.23
CA ARG A 397 -2.08 10.88 -35.29
C ARG A 397 -1.28 10.65 -34.01
N VAL A 398 -0.94 9.40 -33.70
CA VAL A 398 0.07 9.18 -32.67
C VAL A 398 1.43 8.92 -33.29
N ALA A 399 1.55 8.90 -34.61
CA ALA A 399 2.88 8.88 -35.18
C ALA A 399 3.52 10.25 -35.17
N LYS A 400 2.72 11.31 -35.30
CA LYS A 400 3.28 12.64 -35.33
C LYS A 400 4.06 12.96 -34.06
N VAL A 401 3.61 12.51 -32.90
CA VAL A 401 4.24 12.88 -31.65
C VAL A 401 5.19 11.80 -31.12
N LEU A 402 5.33 10.67 -31.80
CA LEU A 402 6.14 9.58 -31.28
C LEU A 402 7.31 9.41 -32.25
N THR A 403 8.49 9.83 -31.82
CA THR A 403 9.55 10.18 -32.74
C THR A 403 10.76 9.28 -32.57
N TYR A 404 11.55 9.19 -33.64
CA TYR A 404 12.74 8.40 -33.49
C TYR A 404 13.93 9.25 -33.90
N PRO A 405 15.03 9.23 -33.15
CA PRO A 405 16.15 10.11 -33.48
C PRO A 405 17.00 9.53 -34.59
N GLU A 406 17.59 10.41 -35.37
CA GLU A 406 18.42 10.06 -36.51
C GLU A 406 19.62 10.99 -36.49
N LYS A 407 20.82 10.42 -36.60
CA LYS A 407 22.00 11.26 -36.71
C LYS A 407 22.28 11.48 -38.18
N VAL A 408 22.04 12.70 -38.65
CA VAL A 408 22.06 12.91 -40.09
C VAL A 408 23.49 12.74 -40.59
N THR A 409 23.67 11.78 -41.48
CA THR A 409 24.98 11.42 -41.95
C THR A 409 24.94 11.14 -43.45
N ARG A 410 25.65 11.96 -44.21
CA ARG A 410 26.00 11.59 -45.58
C ARG A 410 24.74 11.17 -46.31
N TYR A 411 24.59 9.85 -46.45
CA TYR A 411 23.46 9.23 -47.13
C TYR A 411 22.12 9.87 -46.76
N ASN A 412 21.99 10.34 -45.53
CA ASN A 412 20.70 10.75 -44.99
C ASN A 412 20.25 12.14 -45.41
N ARG A 413 21.15 12.95 -45.98
CA ARG A 413 20.83 14.35 -46.19
C ARG A 413 19.60 14.54 -47.07
N HIS A 414 19.67 14.14 -48.34
CA HIS A 414 18.63 14.50 -49.30
C HIS A 414 17.22 14.17 -48.85
N LYS A 415 17.05 13.16 -48.00
CA LYS A 415 15.82 13.06 -47.24
C LYS A 415 15.71 14.13 -46.17
N LEU A 416 16.69 14.24 -45.29
CA LEU A 416 16.50 15.02 -44.08
C LEU A 416 16.58 16.52 -44.33
N GLN A 417 17.53 17.01 -45.13
CA GLN A 417 17.53 18.44 -45.40
C GLN A 417 16.29 18.84 -46.19
N GLU A 418 15.60 17.88 -46.79
CA GLU A 418 14.21 18.05 -47.14
C GLU A 418 13.29 17.82 -45.96
N LEU A 419 13.49 16.75 -45.19
CA LEU A 419 12.47 16.30 -44.25
C LEU A 419 12.08 17.39 -43.26
N ILE A 420 12.97 18.33 -42.96
CA ILE A 420 12.62 19.44 -42.09
C ILE A 420 11.58 20.33 -42.74
N VAL A 421 11.76 20.63 -44.04
CA VAL A 421 10.94 21.66 -44.66
C VAL A 421 9.47 21.29 -44.62
N ASN A 422 9.15 20.02 -44.42
CA ASN A 422 7.76 19.67 -44.17
C ASN A 422 7.26 20.34 -42.90
N GLY A 423 7.97 20.17 -41.80
CA GLY A 423 7.49 20.62 -40.52
C GLY A 423 6.53 19.61 -39.95
N PRO A 424 6.46 19.54 -38.64
CA PRO A 424 5.66 18.50 -38.01
C PRO A 424 4.22 18.89 -37.78
N ASN A 425 3.55 19.50 -38.74
CA ASN A 425 2.10 19.33 -38.83
C ASN A 425 1.66 18.47 -40.01
N VAL A 426 2.58 18.05 -40.88
CA VAL A 426 2.25 17.02 -41.85
C VAL A 426 2.90 15.72 -41.40
N HIS A 427 2.59 14.60 -42.06
CA HIS A 427 3.11 13.35 -41.51
C HIS A 427 4.59 13.08 -41.74
N PRO A 428 5.07 13.01 -42.98
CA PRO A 428 6.45 12.54 -43.17
C PRO A 428 7.43 13.67 -42.99
N GLY A 429 7.73 14.01 -41.74
CA GLY A 429 8.57 15.13 -41.43
C GLY A 429 9.27 14.89 -40.12
N ALA A 430 9.96 15.91 -39.63
CA ALA A 430 10.56 15.84 -38.32
C ALA A 430 9.94 16.91 -37.44
N ASN A 431 10.35 16.94 -36.17
CA ASN A 431 9.98 18.06 -35.33
C ASN A 431 11.21 18.65 -34.64
N TYR A 432 11.80 17.94 -33.68
CA TYR A 432 12.95 18.49 -33.00
C TYR A 432 14.21 18.40 -33.86
N LEU A 433 15.17 19.28 -33.57
CA LEU A 433 16.46 19.24 -34.22
C LEU A 433 17.51 19.61 -33.19
N LEU A 434 18.60 18.87 -33.18
CA LEU A 434 19.71 19.10 -32.28
C LEU A 434 20.98 19.25 -33.10
N LYS A 435 21.55 20.44 -33.11
CA LYS A 435 22.71 20.70 -33.95
C LYS A 435 23.93 19.96 -33.38
N ARG A 436 25.07 20.07 -34.07
CA ARG A 436 26.28 19.36 -33.70
C ARG A 436 26.88 19.85 -32.40
N ASN A 437 26.60 21.08 -32.02
CA ASN A 437 27.26 21.79 -30.95
C ASN A 437 26.63 21.53 -29.62
N GLU A 438 25.73 20.56 -29.60
CA GLU A 438 25.11 20.01 -28.39
C GLU A 438 24.53 21.11 -27.52
N ASP A 439 23.70 21.95 -28.12
CA ASP A 439 23.25 23.13 -27.39
C ASP A 439 22.09 22.74 -26.49
N ALA A 440 20.88 22.70 -27.03
CA ALA A 440 19.78 22.05 -26.34
C ALA A 440 18.97 21.22 -27.32
N ARG A 441 18.18 21.92 -28.14
CA ARG A 441 17.39 21.38 -29.24
C ARG A 441 16.47 22.48 -29.74
N ARG A 442 15.83 22.23 -30.87
CA ARG A 442 14.89 23.17 -31.46
C ARG A 442 13.62 22.44 -31.88
N ASN A 443 12.67 23.18 -32.46
CA ASN A 443 11.46 22.55 -32.98
C ASN A 443 10.74 23.42 -34.01
N LEU A 444 9.49 23.07 -34.32
CA LEU A 444 8.70 23.76 -35.31
C LEU A 444 8.32 25.18 -34.91
N ARG A 445 8.02 25.43 -33.63
CA ARG A 445 7.42 26.67 -33.17
C ARG A 445 8.28 27.87 -33.50
N TYR A 446 9.52 27.63 -33.95
CA TYR A 446 10.44 28.72 -34.20
C TYR A 446 10.28 29.29 -35.60
N GLY A 447 9.52 28.63 -36.44
CA GLY A 447 9.47 29.07 -37.81
C GLY A 447 10.84 28.89 -38.45
N ASP A 448 11.20 29.73 -39.42
CA ASP A 448 12.43 29.49 -40.16
C ASP A 448 12.41 28.12 -40.80
N ARG A 449 13.22 27.20 -40.28
CA ARG A 449 13.52 25.93 -40.95
C ARG A 449 14.15 26.32 -42.28
N MET A 450 13.83 25.60 -43.36
CA MET A 450 14.25 26.02 -44.69
C MET A 450 15.75 26.34 -44.68
N LYS A 451 16.06 27.63 -44.76
CA LYS A 451 17.44 28.08 -44.59
C LYS A 451 18.14 27.38 -43.43
N LEU A 452 17.42 27.16 -42.32
CA LEU A 452 17.96 26.30 -41.27
C LEU A 452 18.26 24.91 -41.80
N ALA A 453 17.28 24.27 -42.45
CA ALA A 453 17.49 22.93 -42.98
C ALA A 453 18.50 22.92 -44.11
N LYS A 454 18.93 24.09 -44.59
CA LYS A 454 19.95 24.11 -45.63
C LYS A 454 21.34 24.03 -45.03
N ASN A 455 21.45 23.94 -43.71
CA ASN A 455 22.75 23.80 -43.09
C ASN A 455 22.98 22.35 -42.69
N LEU A 456 22.38 21.93 -41.59
CA LEU A 456 22.27 20.52 -41.23
C LEU A 456 23.61 19.80 -41.32
N GLN A 457 24.49 20.01 -40.36
CA GLN A 457 25.83 19.43 -40.45
C GLN A 457 25.79 17.91 -40.30
N ILE A 458 26.96 17.30 -40.37
CA ILE A 458 27.03 15.84 -40.49
C ILE A 458 26.90 15.18 -39.13
N GLY A 459 26.98 15.95 -38.07
CA GLY A 459 26.85 15.36 -36.75
C GLY A 459 25.50 15.63 -36.12
N ASP A 460 24.67 16.42 -36.80
CA ASP A 460 23.41 16.88 -36.26
C ASP A 460 22.46 15.71 -36.03
N VAL A 461 21.53 15.91 -35.10
CA VAL A 461 20.51 14.92 -34.80
C VAL A 461 19.16 15.53 -35.11
N VAL A 462 18.37 14.84 -35.91
CA VAL A 462 17.00 15.23 -36.20
C VAL A 462 16.12 14.17 -35.57
N GLU A 463 14.88 14.51 -35.28
CA GLU A 463 13.95 13.50 -34.77
C GLU A 463 12.84 13.32 -35.79
N ARG A 464 12.89 12.20 -36.48
CA ARG A 464 11.89 11.86 -37.46
C ARG A 464 10.56 11.58 -36.78
N HIS A 465 9.48 11.78 -37.53
CA HIS A 465 8.23 11.15 -37.15
C HIS A 465 8.43 9.66 -37.35
N LEU A 466 7.44 8.86 -37.08
CA LEU A 466 7.63 7.43 -37.20
C LEU A 466 7.27 7.08 -38.64
N GLU A 467 8.27 6.77 -39.45
CA GLU A 467 8.05 6.57 -40.87
C GLU A 467 7.49 5.18 -41.10
N ASP A 468 7.46 4.80 -42.37
CA ASP A 468 6.96 3.49 -42.74
C ASP A 468 8.15 2.54 -42.73
N GLY A 469 8.18 1.64 -41.75
CA GLY A 469 9.25 0.67 -41.64
C GLY A 469 10.25 0.89 -40.52
N ASP A 470 10.07 1.83 -39.60
CA ASP A 470 10.92 1.76 -38.42
C ASP A 470 10.51 0.58 -37.56
N VAL A 471 11.20 0.40 -36.45
CA VAL A 471 11.10 -0.80 -35.65
C VAL A 471 10.27 -0.51 -34.43
N VAL A 472 9.08 -1.08 -34.37
CA VAL A 472 8.23 -0.85 -33.21
C VAL A 472 8.12 -2.14 -32.43
N LEU A 473 8.43 -2.09 -31.14
CA LEU A 473 8.11 -3.27 -30.35
C LEU A 473 6.77 -3.06 -29.65
N PHE A 474 6.04 -4.15 -29.52
CA PHE A 474 4.59 -4.15 -29.42
C PHE A 474 4.21 -5.13 -28.33
N ASN A 475 3.35 -4.69 -27.41
CA ASN A 475 3.05 -5.43 -26.18
C ASN A 475 1.56 -5.42 -25.87
N ARG A 476 1.11 -6.36 -25.05
CA ARG A 476 -0.32 -6.65 -24.95
C ARG A 476 -0.82 -6.24 -23.57
N GLN A 477 -0.50 -7.00 -22.54
CA GLN A 477 -1.35 -6.96 -21.36
C GLN A 477 -0.46 -7.54 -20.28
N PRO A 478 -0.96 -7.90 -19.09
CA PRO A 478 -0.11 -8.74 -18.25
C PRO A 478 0.50 -9.89 -19.05
N SER A 479 1.83 -9.93 -19.07
CA SER A 479 2.49 -10.67 -20.14
C SER A 479 2.93 -12.05 -19.65
N LEU A 480 2.26 -13.06 -20.19
CA LEU A 480 2.38 -14.40 -19.65
C LEU A 480 3.73 -15.03 -19.85
N HIS A 481 4.39 -14.82 -20.99
CA HIS A 481 5.55 -15.64 -21.29
C HIS A 481 6.49 -14.89 -22.23
N ARG A 482 7.48 -15.60 -22.78
CA ARG A 482 8.45 -15.03 -23.70
C ARG A 482 7.79 -14.35 -24.88
N LEU A 483 6.58 -14.77 -25.27
CA LEU A 483 5.90 -14.06 -26.35
C LEU A 483 4.85 -13.14 -25.75
N SER A 484 5.23 -11.88 -25.61
CA SER A 484 4.31 -10.77 -25.63
C SER A 484 5.00 -9.69 -26.43
N ILE A 485 6.10 -9.19 -25.87
CA ILE A 485 6.91 -8.21 -26.55
C ILE A 485 7.30 -8.84 -27.89
N LEU A 486 6.94 -8.22 -28.99
CA LEU A 486 7.46 -8.59 -30.30
C LEU A 486 7.89 -7.34 -31.02
N SER A 487 8.60 -7.49 -32.13
CA SER A 487 8.77 -6.31 -32.93
C SER A 487 7.83 -6.39 -34.13
N HIS A 488 7.80 -5.31 -34.88
CA HIS A 488 7.10 -5.24 -36.14
C HIS A 488 7.75 -4.11 -36.92
N TYR A 489 7.81 -4.25 -38.23
CA TYR A 489 8.07 -3.07 -39.04
C TYR A 489 6.80 -2.23 -39.04
N ALA A 490 6.88 -1.01 -38.54
CA ALA A 490 5.68 -0.21 -38.40
C ALA A 490 5.25 0.28 -39.76
N LYS A 491 3.94 0.28 -40.00
CA LYS A 491 3.39 0.86 -41.21
C LYS A 491 2.30 1.86 -40.84
N ILE A 492 2.43 3.07 -41.37
CA ILE A 492 1.60 4.20 -40.96
C ILE A 492 0.36 4.25 -41.83
N ARG A 493 -0.80 4.15 -41.20
CA ARG A 493 -2.09 4.20 -41.87
C ARG A 493 -2.95 5.28 -41.22
N PRO A 494 -4.12 5.55 -41.77
CA PRO A 494 -5.08 6.43 -41.11
C PRO A 494 -5.96 5.76 -40.08
N TRP A 495 -7.05 6.45 -39.76
CA TRP A 495 -7.98 6.28 -38.65
C TRP A 495 -7.19 6.40 -37.35
N ARG A 496 -7.64 5.76 -36.28
CA ARG A 496 -6.84 5.76 -35.08
C ARG A 496 -7.04 4.46 -34.32
N THR A 497 -6.02 3.62 -34.31
CA THR A 497 -5.95 2.42 -33.50
C THR A 497 -4.72 1.63 -33.93
N PHE A 498 -4.28 0.73 -33.06
CA PHE A 498 -3.19 -0.17 -33.40
C PHE A 498 -3.80 -1.35 -34.15
N ARG A 499 -3.41 -1.53 -35.39
CA ARG A 499 -3.94 -2.59 -36.21
C ARG A 499 -2.85 -3.59 -36.53
N LEU A 500 -2.97 -4.78 -35.95
CA LEU A 500 -2.03 -5.85 -36.18
C LEU A 500 -2.64 -6.83 -37.16
N ASN A 501 -1.87 -7.83 -37.53
CA ASN A 501 -2.38 -8.89 -38.40
C ASN A 501 -2.83 -10.05 -37.54
N GLU A 502 -3.92 -10.65 -37.92
CA GLU A 502 -4.61 -11.54 -36.99
C GLU A 502 -3.89 -12.76 -36.70
N CYS A 503 -3.06 -13.26 -37.60
CA CYS A 503 -2.33 -14.48 -37.32
C CYS A 503 -1.53 -14.42 -36.03
N VAL A 504 -1.24 -13.22 -35.53
CA VAL A 504 -0.51 -13.07 -34.29
C VAL A 504 -1.46 -12.86 -33.11
N CYS A 505 -2.76 -13.02 -33.30
CA CYS A 505 -3.66 -12.97 -32.16
C CYS A 505 -3.26 -13.91 -31.05
N THR A 506 -2.86 -15.14 -31.37
CA THR A 506 -2.70 -16.14 -30.32
C THR A 506 -1.58 -15.86 -29.33
N PRO A 507 -0.38 -15.41 -29.74
CA PRO A 507 0.65 -15.16 -28.73
C PRO A 507 0.23 -14.16 -27.68
N TYR A 508 -0.37 -13.07 -28.09
CA TYR A 508 -0.97 -12.11 -27.18
C TYR A 508 -2.22 -12.65 -26.51
N ASN A 509 -2.88 -13.61 -27.16
CA ASN A 509 -4.26 -14.01 -26.93
C ASN A 509 -5.12 -12.75 -26.80
N ALA A 510 -4.73 -11.69 -27.50
CA ALA A 510 -5.55 -10.52 -27.64
C ALA A 510 -6.78 -10.90 -28.46
N ASP A 511 -7.96 -10.63 -27.93
CA ASP A 511 -9.21 -11.03 -28.54
C ASP A 511 -9.74 -9.99 -29.50
N PHE A 512 -8.92 -8.96 -29.79
CA PHE A 512 -9.44 -7.70 -30.29
C PHE A 512 -10.46 -7.21 -29.29
N ASP A 513 -11.73 -7.15 -29.67
CA ASP A 513 -12.72 -6.81 -28.65
C ASP A 513 -12.38 -5.40 -28.18
N GLY A 514 -12.26 -5.17 -26.89
CA GLY A 514 -11.88 -3.84 -26.45
C GLY A 514 -10.48 -3.71 -25.89
N ASP A 515 -9.62 -4.70 -26.10
CA ASP A 515 -8.36 -4.73 -25.36
C ASP A 515 -7.42 -3.63 -25.85
N GLU A 516 -6.27 -3.53 -25.19
CA GLU A 516 -5.37 -2.40 -25.38
C GLU A 516 -3.92 -2.88 -25.45
N MET A 517 -3.18 -2.32 -26.38
CA MET A 517 -1.77 -2.65 -26.61
C MET A 517 -0.86 -1.56 -26.08
N ASN A 518 0.43 -1.73 -26.29
CA ASN A 518 1.44 -0.72 -25.95
C ASN A 518 2.44 -0.65 -27.10
N LEU A 519 2.69 0.53 -27.63
CA LEU A 519 3.80 0.72 -28.55
C LEU A 519 5.00 1.26 -27.81
N HIS A 520 6.16 0.68 -28.08
CA HIS A 520 7.43 1.19 -27.63
C HIS A 520 8.35 1.27 -28.83
N VAL A 521 8.77 2.48 -29.19
CA VAL A 521 9.85 2.60 -30.16
C VAL A 521 11.16 2.48 -29.38
N PRO A 522 12.19 1.89 -29.94
CA PRO A 522 13.50 2.02 -29.32
C PRO A 522 14.06 3.39 -29.64
N GLN A 523 15.25 3.72 -29.15
CA GLN A 523 15.83 5.01 -29.48
C GLN A 523 17.22 4.83 -30.06
N THR A 524 18.15 4.28 -29.28
CA THR A 524 19.52 4.18 -29.78
C THR A 524 19.54 3.34 -31.05
N GLU A 525 20.41 3.73 -31.98
CA GLU A 525 20.38 3.20 -33.33
C GLU A 525 20.52 1.69 -33.39
N GLU A 526 21.13 1.07 -32.39
CA GLU A 526 21.22 -0.38 -32.39
C GLU A 526 19.99 -1.07 -31.85
N ALA A 527 19.35 -0.52 -30.82
CA ALA A 527 18.24 -1.24 -30.19
C ALA A 527 17.19 -1.65 -31.22
N ARG A 528 17.00 -0.85 -32.27
CA ARG A 528 16.26 -1.33 -33.43
C ARG A 528 16.77 -2.70 -33.85
N ALA A 529 18.03 -2.79 -34.24
CA ALA A 529 18.60 -4.06 -34.64
C ALA A 529 18.60 -5.08 -33.52
N GLU A 530 18.33 -4.68 -32.29
CA GLU A 530 18.19 -5.62 -31.20
C GLU A 530 16.75 -6.07 -31.02
N ALA A 531 15.81 -5.43 -31.70
CA ALA A 531 14.42 -5.88 -31.69
C ALA A 531 14.06 -6.60 -32.99
N ILE A 532 13.97 -5.87 -34.10
CA ILE A 532 13.57 -6.45 -35.36
C ILE A 532 14.43 -7.63 -35.76
N ASN A 533 15.73 -7.60 -35.49
CA ASN A 533 16.60 -8.62 -36.01
C ASN A 533 16.71 -9.83 -35.09
N LEU A 534 16.19 -9.73 -33.87
CA LEU A 534 16.35 -10.78 -32.87
C LEU A 534 15.00 -11.19 -32.32
N MET A 535 14.31 -10.24 -31.70
CA MET A 535 13.08 -10.42 -30.98
C MET A 535 11.88 -10.35 -31.91
N GLY A 536 12.13 -10.23 -33.20
CA GLY A 536 11.09 -10.02 -34.18
C GLY A 536 10.15 -11.20 -34.32
N VAL A 537 9.10 -10.97 -35.10
CA VAL A 537 8.07 -11.97 -35.33
C VAL A 537 8.64 -13.24 -35.93
N LYS A 538 9.11 -13.16 -37.16
CA LYS A 538 9.47 -14.35 -37.93
C LYS A 538 10.46 -15.22 -37.18
N ASN A 539 11.35 -14.63 -36.38
CA ASN A 539 12.27 -15.45 -35.64
C ASN A 539 11.63 -16.07 -34.41
N ASN A 540 10.62 -15.43 -33.85
CA ASN A 540 9.84 -15.97 -32.75
C ASN A 540 8.60 -16.66 -33.26
N LEU A 541 8.55 -16.93 -34.56
CA LEU A 541 7.41 -17.62 -35.13
C LEU A 541 7.02 -18.84 -34.30
N LEU A 542 7.98 -19.65 -33.87
CA LEU A 542 7.68 -20.72 -32.92
C LEU A 542 7.57 -20.17 -31.51
N THR A 543 7.26 -21.04 -30.56
CA THR A 543 7.19 -20.66 -29.18
C THR A 543 8.31 -21.37 -28.43
N PRO A 544 8.81 -20.78 -27.34
CA PRO A 544 9.95 -21.38 -26.63
C PRO A 544 9.62 -22.64 -25.86
N LYS A 545 8.40 -22.85 -25.40
CA LYS A 545 8.15 -23.97 -24.51
C LYS A 545 8.13 -25.32 -25.19
N SER A 546 7.21 -25.55 -26.13
CA SER A 546 7.13 -26.85 -26.77
C SER A 546 7.86 -26.89 -28.09
N GLY A 547 8.42 -25.77 -28.53
CA GLY A 547 9.05 -25.79 -29.84
C GLY A 547 8.00 -26.01 -30.89
N GLU A 548 7.02 -25.13 -30.93
CA GLU A 548 5.74 -25.33 -31.56
C GLU A 548 5.33 -24.07 -32.29
N PRO A 549 4.69 -24.16 -33.45
CA PRO A 549 4.25 -22.92 -34.10
C PRO A 549 3.23 -22.22 -33.23
N ILE A 550 3.46 -20.97 -32.87
CA ILE A 550 2.47 -20.28 -32.04
C ILE A 550 1.65 -19.31 -32.87
N ILE A 551 1.99 -19.08 -34.12
CA ILE A 551 1.27 -18.15 -34.97
C ILE A 551 0.78 -18.88 -36.20
N ALA A 552 -0.53 -18.87 -36.40
CA ALA A 552 -1.14 -19.55 -37.53
C ALA A 552 -2.57 -19.06 -37.69
N ALA A 553 -3.28 -19.59 -38.68
CA ALA A 553 -4.65 -19.22 -38.91
C ALA A 553 -5.50 -19.58 -37.68
N THR A 554 -6.43 -18.69 -37.34
CA THR A 554 -7.38 -18.91 -36.26
C THR A 554 -8.73 -18.37 -36.66
N GLN A 555 -9.79 -19.10 -36.32
CA GLN A 555 -11.14 -18.78 -36.73
C GLN A 555 -11.21 -18.56 -38.24
N ASP A 556 -11.61 -17.37 -38.70
CA ASP A 556 -11.91 -17.23 -40.14
C ASP A 556 -10.83 -17.84 -41.02
N PHE A 557 -9.58 -17.40 -40.84
CA PHE A 557 -8.51 -17.95 -41.64
C PHE A 557 -8.40 -19.46 -41.77
N ILE A 558 -8.60 -20.20 -40.70
CA ILE A 558 -8.81 -21.63 -40.83
C ILE A 558 -10.03 -21.92 -41.68
N THR A 559 -11.23 -21.62 -41.17
CA THR A 559 -12.44 -22.11 -41.81
C THR A 559 -12.56 -21.64 -43.25
N GLY A 560 -12.16 -20.41 -43.54
CA GLY A 560 -12.17 -19.96 -44.92
C GLY A 560 -11.37 -20.89 -45.81
N SER A 561 -10.11 -21.13 -45.43
CA SER A 561 -9.31 -22.12 -46.14
C SER A 561 -10.08 -23.42 -46.31
N TYR A 562 -10.76 -23.88 -45.26
CA TYR A 562 -11.48 -25.15 -45.37
C TYR A 562 -12.46 -25.12 -46.52
N LEU A 563 -13.19 -24.03 -46.68
CA LEU A 563 -14.20 -24.00 -47.73
C LEU A 563 -13.56 -24.03 -49.10
N ILE A 564 -12.35 -23.51 -49.24
CA ILE A 564 -11.60 -23.69 -50.47
C ILE A 564 -10.90 -25.04 -50.47
N SER A 565 -10.61 -25.57 -49.29
CA SER A 565 -9.93 -26.84 -49.16
C SER A 565 -10.84 -28.01 -49.42
N HIS A 566 -12.13 -27.75 -49.63
CA HIS A 566 -13.14 -28.79 -49.55
C HIS A 566 -13.19 -29.60 -50.83
N LYS A 567 -13.13 -30.93 -50.68
CA LYS A 567 -13.11 -31.80 -51.85
C LYS A 567 -14.28 -31.52 -52.79
N ASP A 568 -15.41 -31.08 -52.24
CA ASP A 568 -16.58 -30.87 -53.05
C ASP A 568 -16.42 -29.72 -54.03
N SER A 569 -15.71 -28.67 -53.64
CA SER A 569 -15.69 -27.45 -54.42
C SER A 569 -14.99 -27.66 -55.75
N PHE A 570 -15.27 -26.77 -56.69
CA PHE A 570 -14.45 -26.63 -57.88
C PHE A 570 -14.33 -25.17 -58.23
N TYR A 571 -13.56 -24.89 -59.26
CA TYR A 571 -13.36 -23.51 -59.68
C TYR A 571 -13.12 -23.47 -61.17
N ASP A 572 -13.38 -22.31 -61.75
CA ASP A 572 -13.15 -22.14 -63.16
C ASP A 572 -12.07 -21.08 -63.35
N ARG A 573 -11.44 -21.12 -64.53
CA ARG A 573 -10.25 -20.32 -64.75
C ARG A 573 -10.49 -18.85 -64.47
N ALA A 574 -11.70 -18.37 -64.72
CA ALA A 574 -12.07 -17.05 -64.23
C ALA A 574 -11.96 -16.97 -62.73
N THR A 575 -12.84 -17.68 -62.01
CA THR A 575 -12.86 -17.58 -60.55
C THR A 575 -11.52 -17.97 -59.96
N LEU A 576 -10.92 -19.07 -60.42
CA LEU A 576 -9.59 -19.41 -59.96
C LEU A 576 -8.63 -18.26 -60.19
N THR A 577 -8.44 -17.88 -61.45
CA THR A 577 -7.51 -16.82 -61.78
C THR A 577 -7.67 -15.62 -60.87
N GLN A 578 -8.91 -15.18 -60.66
CA GLN A 578 -9.11 -14.03 -59.80
C GLN A 578 -8.74 -14.35 -58.35
N LEU A 579 -9.11 -15.52 -57.85
CA LEU A 579 -8.64 -15.88 -56.52
C LEU A 579 -7.13 -15.79 -56.43
N LEU A 580 -6.44 -16.60 -57.23
CA LEU A 580 -4.99 -16.63 -57.23
C LEU A 580 -4.39 -15.24 -57.36
N SER A 581 -5.11 -14.32 -57.98
CA SER A 581 -4.72 -12.92 -57.96
C SER A 581 -4.97 -12.26 -56.62
N MET A 582 -6.14 -12.45 -56.04
CA MET A 582 -6.49 -11.94 -54.73
C MET A 582 -5.58 -12.46 -53.64
N MET A 583 -4.85 -13.54 -53.92
CA MET A 583 -4.11 -14.23 -52.88
C MET A 583 -2.83 -13.49 -52.55
N SER A 584 -2.21 -12.89 -53.54
CA SER A 584 -1.21 -11.86 -53.33
C SER A 584 -1.62 -10.71 -54.24
N ASP A 585 -1.82 -9.54 -53.66
CA ASP A 585 -2.72 -8.54 -54.23
C ASP A 585 -2.36 -8.19 -55.67
N GLY A 586 -1.24 -8.66 -56.16
CA GLY A 586 -0.75 -8.34 -57.47
C GLY A 586 0.65 -8.87 -57.48
N ILE A 587 1.54 -8.25 -58.25
CA ILE A 587 2.96 -8.28 -57.93
C ILE A 587 3.61 -9.61 -58.26
N GLU A 588 2.81 -10.67 -58.45
CA GLU A 588 3.43 -11.98 -58.52
C GLU A 588 3.09 -12.72 -59.81
N HIS A 589 3.92 -13.71 -60.11
CA HIS A 589 3.89 -14.42 -61.38
C HIS A 589 3.47 -15.86 -61.14
N PHE A 590 2.27 -16.20 -61.56
CA PHE A 590 1.73 -17.54 -61.33
C PHE A 590 1.81 -18.34 -62.61
N ASP A 591 2.18 -19.60 -62.48
CA ASP A 591 2.09 -20.56 -63.57
C ASP A 591 0.96 -21.52 -63.24
N ILE A 592 -0.14 -21.41 -63.98
CA ILE A 592 -1.31 -22.22 -63.68
C ILE A 592 -1.00 -23.66 -64.00
N PRO A 593 -1.06 -24.55 -63.01
CA PRO A 593 -0.87 -25.96 -63.27
C PRO A 593 -1.96 -26.47 -64.17
N PRO A 594 -1.74 -27.56 -64.89
CA PRO A 594 -2.78 -28.09 -65.75
C PRO A 594 -4.03 -28.37 -64.93
N PRO A 595 -5.20 -28.11 -65.50
CA PRO A 595 -6.44 -28.21 -64.72
C PRO A 595 -6.69 -29.61 -64.21
N ALA A 596 -7.04 -29.69 -62.93
CA ALA A 596 -7.25 -30.98 -62.28
C ALA A 596 -8.21 -31.86 -63.06
N ILE A 597 -9.33 -31.33 -63.51
CA ILE A 597 -10.23 -32.10 -64.36
C ILE A 597 -10.49 -31.30 -65.62
N MET A 598 -10.66 -32.02 -66.72
CA MET A 598 -10.71 -31.41 -68.05
C MET A 598 -11.92 -31.97 -68.79
N LYS A 599 -12.07 -31.63 -70.07
CA LYS A 599 -13.05 -32.15 -71.04
C LYS A 599 -14.49 -31.74 -70.75
N PRO A 600 -15.25 -32.28 -69.75
CA PRO A 600 -16.48 -31.58 -69.39
C PRO A 600 -16.15 -30.21 -68.84
N TYR A 601 -16.18 -29.21 -69.70
CA TYR A 601 -15.64 -27.89 -69.41
C TYR A 601 -14.18 -28.04 -69.01
N TYR A 602 -13.74 -27.25 -68.05
CA TYR A 602 -12.49 -27.42 -67.33
C TYR A 602 -12.81 -27.01 -65.91
N LEU A 603 -12.09 -27.55 -64.94
CA LEU A 603 -12.23 -27.12 -63.55
C LEU A 603 -10.90 -27.32 -62.86
N TRP A 604 -10.62 -26.46 -61.89
CA TRP A 604 -9.51 -26.69 -60.97
C TRP A 604 -10.07 -26.95 -59.59
N THR A 605 -9.56 -27.97 -58.93
CA THR A 605 -10.08 -28.31 -57.63
C THR A 605 -9.43 -27.45 -56.55
N GLY A 606 -10.25 -27.09 -55.58
CA GLY A 606 -9.81 -26.25 -54.49
C GLY A 606 -8.52 -26.68 -53.86
N LYS A 607 -8.23 -27.98 -53.84
CA LYS A 607 -6.91 -28.44 -53.44
C LYS A 607 -5.83 -27.73 -54.21
N GLN A 608 -5.87 -27.79 -55.54
CA GLN A 608 -4.88 -27.10 -56.33
C GLN A 608 -4.81 -25.61 -56.02
N VAL A 609 -5.93 -24.89 -56.10
CA VAL A 609 -5.87 -23.44 -55.93
C VAL A 609 -5.30 -23.10 -54.58
N PHE A 610 -5.32 -24.04 -53.64
CA PHE A 610 -4.55 -23.86 -52.42
C PHE A 610 -3.09 -24.26 -52.57
N SER A 611 -2.78 -25.23 -53.43
CA SER A 611 -1.38 -25.59 -53.64
C SER A 611 -0.59 -24.39 -54.12
N LEU A 612 -1.14 -23.65 -55.07
CA LEU A 612 -0.46 -22.48 -55.59
C LEU A 612 -0.12 -21.47 -54.51
N LEU A 613 -0.88 -21.44 -53.41
CA LEU A 613 -0.55 -20.58 -52.29
C LEU A 613 0.87 -20.82 -51.81
N ILE A 614 1.27 -22.07 -51.71
CA ILE A 614 2.61 -22.37 -51.21
C ILE A 614 3.66 -22.07 -52.27
N LYS A 615 3.48 -22.61 -53.47
CA LYS A 615 4.49 -22.57 -54.52
C LYS A 615 3.92 -21.80 -55.71
N PRO A 616 3.79 -20.49 -55.61
CA PRO A 616 3.15 -19.72 -56.69
C PRO A 616 3.78 -19.78 -58.06
N ASN A 617 5.06 -19.51 -58.17
CA ASN A 617 5.76 -19.56 -59.44
C ASN A 617 6.30 -20.95 -59.63
N HIS A 618 7.19 -21.12 -60.61
CA HIS A 618 8.17 -22.18 -60.50
C HIS A 618 9.50 -21.83 -59.87
N ASN A 619 9.74 -20.55 -59.61
CA ASN A 619 11.02 -20.08 -59.11
C ASN A 619 11.04 -19.85 -57.61
N SER A 620 9.95 -20.08 -56.91
CA SER A 620 9.99 -19.94 -55.47
C SER A 620 10.57 -21.20 -54.86
N PRO A 621 11.51 -21.09 -53.95
CA PRO A 621 12.21 -22.30 -53.49
C PRO A 621 11.44 -23.00 -52.39
N VAL A 622 10.16 -23.23 -52.59
CA VAL A 622 9.41 -24.05 -51.65
C VAL A 622 9.09 -25.38 -52.30
N VAL A 623 9.78 -26.42 -51.86
CA VAL A 623 9.45 -27.78 -52.25
C VAL A 623 9.25 -28.53 -50.96
N ILE A 624 8.03 -28.99 -50.71
CA ILE A 624 7.63 -29.49 -49.41
C ILE A 624 7.12 -30.91 -49.60
N ASN A 625 6.82 -31.57 -48.49
CA ASN A 625 6.03 -32.79 -48.44
C ASN A 625 5.86 -33.16 -46.98
N LEU A 626 4.84 -33.96 -46.70
CA LEU A 626 4.29 -33.99 -45.36
C LEU A 626 3.28 -35.11 -45.27
N ASP A 627 2.61 -35.21 -44.13
CA ASP A 627 1.38 -35.97 -43.97
C ASP A 627 0.89 -35.73 -42.55
N ALA A 628 -0.40 -35.96 -42.30
CA ALA A 628 -0.97 -35.57 -41.03
C ALA A 628 -2.36 -36.13 -40.84
N LYS A 629 -2.94 -35.92 -39.67
CA LYS A 629 -4.35 -36.16 -39.45
C LYS A 629 -4.98 -34.87 -38.97
N ASN A 630 -5.78 -34.24 -39.82
CA ASN A 630 -6.60 -33.16 -39.32
C ASN A 630 -7.71 -33.75 -38.47
N LYS A 631 -8.24 -32.94 -37.56
CA LYS A 631 -9.12 -33.54 -36.57
C LYS A 631 -10.43 -33.96 -37.22
N VAL A 632 -11.30 -34.58 -36.42
CA VAL A 632 -12.37 -35.45 -36.86
C VAL A 632 -11.87 -36.29 -38.03
N PHE A 633 -10.90 -37.14 -37.76
CA PHE A 633 -10.46 -38.11 -38.75
C PHE A 633 -11.23 -39.41 -38.57
N VAL A 634 -12.10 -39.72 -39.51
CA VAL A 634 -12.76 -41.02 -39.56
C VAL A 634 -11.71 -42.04 -40.00
N PRO A 635 -11.73 -43.26 -39.46
CA PRO A 635 -10.85 -44.29 -39.99
C PRO A 635 -11.38 -44.81 -41.31
N PRO A 636 -10.50 -45.19 -42.22
CA PRO A 636 -10.95 -46.01 -43.35
C PRO A 636 -11.28 -47.40 -42.86
N LYS A 637 -11.56 -48.32 -43.78
CA LYS A 637 -11.51 -49.72 -43.41
C LYS A 637 -10.04 -50.16 -43.35
N SER A 638 -9.72 -51.05 -42.41
CA SER A 638 -8.38 -51.62 -42.40
C SER A 638 -8.06 -52.32 -43.71
N LYS A 639 -9.09 -52.60 -44.51
CA LYS A 639 -8.93 -52.84 -45.94
C LYS A 639 -7.97 -51.84 -46.56
N SER A 640 -8.34 -50.55 -46.56
CA SER A 640 -7.44 -49.52 -47.07
C SER A 640 -6.12 -49.57 -46.33
N LEU A 641 -5.04 -49.76 -47.07
CA LEU A 641 -3.72 -49.85 -46.43
C LEU A 641 -3.30 -48.49 -45.88
N PRO A 642 -3.36 -47.40 -46.65
CA PRO A 642 -3.18 -46.09 -46.02
C PRO A 642 -4.45 -45.66 -45.30
N ASN A 643 -4.30 -44.66 -44.43
CA ASN A 643 -5.44 -43.98 -43.85
C ASN A 643 -5.88 -42.96 -44.90
N GLU A 644 -5.25 -42.98 -46.07
CA GLU A 644 -5.58 -42.01 -47.10
C GLU A 644 -7.09 -41.91 -47.42
N MET A 645 -7.72 -43.08 -47.59
CA MET A 645 -9.08 -43.18 -48.08
C MET A 645 -10.25 -43.13 -47.12
N SER A 646 -9.99 -42.65 -45.91
CA SER A 646 -11.04 -42.34 -44.97
C SER A 646 -12.10 -41.47 -45.64
N GLN A 647 -13.35 -41.69 -45.25
CA GLN A 647 -14.47 -41.15 -46.00
C GLN A 647 -14.48 -39.64 -46.10
N ASN A 648 -14.34 -38.92 -44.98
CA ASN A 648 -14.32 -37.47 -45.08
C ASN A 648 -12.87 -37.02 -45.04
N ASP A 649 -12.31 -36.81 -46.22
CA ASP A 649 -10.88 -36.55 -46.39
C ASP A 649 -10.10 -37.47 -45.46
N GLY A 650 -9.14 -36.96 -44.70
CA GLY A 650 -8.21 -37.90 -44.10
C GLY A 650 -6.86 -37.27 -43.89
N PHE A 651 -5.82 -38.07 -44.07
CA PHE A 651 -4.49 -37.53 -44.21
C PHE A 651 -4.50 -36.33 -45.13
N VAL A 652 -3.88 -35.25 -44.67
CA VAL A 652 -3.47 -34.21 -45.59
C VAL A 652 -2.09 -34.63 -46.02
N ILE A 653 -1.95 -35.07 -47.26
CA ILE A 653 -0.67 -35.56 -47.71
C ILE A 653 -0.20 -34.71 -48.86
N ILE A 654 0.89 -33.98 -48.64
CA ILE A 654 1.42 -33.06 -49.62
C ILE A 654 2.67 -33.69 -50.20
N ARG A 655 2.76 -33.72 -51.53
CA ARG A 655 3.95 -34.21 -52.21
C ARG A 655 4.22 -33.26 -53.36
N GLY A 656 5.49 -33.06 -53.69
CA GLY A 656 5.82 -32.15 -54.77
C GLY A 656 5.27 -30.77 -54.55
N SER A 657 4.92 -30.45 -53.30
CA SER A 657 4.32 -29.18 -52.95
C SER A 657 3.02 -28.94 -53.71
N GLN A 658 2.30 -30.02 -54.00
CA GLN A 658 0.88 -29.92 -54.30
C GLN A 658 0.16 -30.63 -53.17
N ILE A 659 -1.03 -30.15 -52.84
CA ILE A 659 -1.91 -30.91 -51.97
C ILE A 659 -2.45 -32.07 -52.79
N LEU A 660 -2.37 -33.28 -52.22
CA LEU A 660 -2.86 -34.48 -52.85
C LEU A 660 -4.23 -34.85 -52.31
N SER A 661 -4.32 -35.07 -50.99
CA SER A 661 -5.61 -35.37 -50.39
C SER A 661 -5.83 -34.52 -49.15
N GLY A 662 -7.10 -34.32 -48.84
CA GLY A 662 -7.56 -33.83 -47.56
C GLY A 662 -7.95 -32.37 -47.43
N VAL A 663 -8.98 -32.11 -46.62
CA VAL A 663 -9.23 -30.77 -46.14
C VAL A 663 -8.21 -30.44 -45.07
N MET A 664 -7.98 -29.15 -44.88
CA MET A 664 -6.87 -28.75 -44.04
C MET A 664 -7.31 -28.47 -42.62
N ASP A 665 -7.98 -27.36 -42.37
CA ASP A 665 -8.72 -27.23 -41.12
C ASP A 665 -7.87 -27.39 -39.86
N LYS A 666 -7.20 -26.32 -39.46
CA LYS A 666 -6.31 -26.35 -38.31
C LYS A 666 -5.28 -27.43 -38.62
N SER A 667 -4.84 -28.20 -37.63
CA SER A 667 -3.90 -29.27 -37.93
C SER A 667 -2.77 -28.74 -38.79
N VAL A 668 -2.77 -29.16 -40.06
CA VAL A 668 -1.76 -28.77 -41.04
C VAL A 668 -1.48 -27.29 -41.14
N LEU A 669 -2.52 -26.46 -41.06
CA LEU A 669 -2.36 -25.01 -41.15
C LEU A 669 -2.80 -24.33 -39.85
N GLY A 670 -3.19 -25.14 -38.87
CA GLY A 670 -3.64 -24.62 -37.59
C GLY A 670 -2.52 -24.83 -36.59
N ASP A 671 -1.93 -23.72 -36.14
CA ASP A 671 -0.84 -23.81 -35.17
C ASP A 671 -1.32 -24.54 -33.92
N GLY A 672 -0.67 -25.65 -33.61
CA GLY A 672 -1.06 -26.48 -32.48
C GLY A 672 -0.11 -27.65 -32.47
N LYS A 673 -0.12 -28.45 -33.54
CA LYS A 673 0.74 -29.60 -33.65
C LYS A 673 2.04 -29.26 -34.38
N LYS A 674 2.98 -30.20 -34.40
CA LYS A 674 4.25 -29.99 -35.06
C LYS A 674 4.09 -29.99 -36.58
N HIS A 675 3.63 -31.12 -37.12
CA HIS A 675 3.42 -31.25 -38.56
C HIS A 675 2.42 -30.22 -39.07
N SER A 676 2.92 -29.07 -39.50
CA SER A 676 2.07 -28.01 -40.01
C SER A 676 2.69 -27.46 -41.28
N VAL A 677 1.83 -27.11 -42.24
CA VAL A 677 2.30 -26.45 -43.45
C VAL A 677 3.15 -25.25 -43.10
N PHE A 678 2.65 -24.39 -42.22
CA PHE A 678 3.45 -23.27 -41.78
C PHE A 678 4.66 -23.70 -40.98
N TYR A 679 4.51 -24.69 -40.10
CA TYR A 679 5.70 -25.15 -39.40
C TYR A 679 6.68 -25.83 -40.33
N THR A 680 6.21 -26.70 -41.22
CA THR A 680 7.16 -27.39 -42.09
C THR A 680 7.89 -26.40 -42.99
N ILE A 681 7.14 -25.54 -43.67
CA ILE A 681 7.78 -24.51 -44.50
C ILE A 681 8.78 -23.72 -43.68
N LEU A 682 8.41 -23.32 -42.46
CA LEU A 682 9.35 -22.58 -41.63
C LEU A 682 10.60 -23.40 -41.33
N ARG A 683 10.45 -24.49 -40.56
CA ARG A 683 11.59 -25.26 -40.10
C ARG A 683 12.48 -25.70 -41.26
N ASP A 684 11.92 -25.76 -42.45
CA ASP A 684 12.74 -26.20 -43.57
C ASP A 684 13.38 -25.03 -44.29
N TYR A 685 12.58 -24.13 -44.86
CA TYR A 685 13.06 -23.09 -45.77
C TYR A 685 13.30 -21.76 -45.10
N GLY A 686 13.10 -21.66 -43.80
CA GLY A 686 13.50 -20.48 -43.07
C GLY A 686 12.40 -19.46 -42.92
N PRO A 687 12.60 -18.51 -41.99
CA PRO A 687 11.53 -17.58 -41.63
C PRO A 687 11.03 -16.70 -42.74
N GLN A 688 11.93 -16.03 -43.48
CA GLN A 688 11.51 -14.94 -44.33
C GLN A 688 10.39 -15.34 -45.27
N GLU A 689 10.38 -16.60 -45.69
CA GLU A 689 9.32 -17.06 -46.56
C GLU A 689 8.17 -17.74 -45.82
N ALA A 690 8.36 -18.09 -44.55
CA ALA A 690 7.24 -18.65 -43.80
C ALA A 690 6.13 -17.62 -43.66
N ALA A 691 6.46 -16.45 -43.16
CA ALA A 691 5.47 -15.37 -43.08
C ALA A 691 5.05 -14.89 -44.45
N ASN A 692 5.85 -15.16 -45.47
CA ASN A 692 5.38 -14.88 -46.82
C ASN A 692 4.18 -15.75 -47.16
N ALA A 693 4.29 -17.06 -46.92
CA ALA A 693 3.13 -17.93 -47.10
C ALA A 693 1.93 -17.40 -46.33
N MET A 694 2.01 -17.37 -45.00
CA MET A 694 0.89 -16.93 -44.18
C MET A 694 0.31 -15.61 -44.63
N ASN A 695 1.15 -14.64 -45.00
CA ASN A 695 0.60 -13.40 -45.53
C ASN A 695 -0.26 -13.67 -46.74
N ARG A 696 0.21 -14.51 -47.65
CA ARG A 696 -0.64 -14.87 -48.78
C ARG A 696 -1.94 -15.53 -48.31
N MET A 697 -1.88 -16.39 -47.30
CA MET A 697 -3.10 -16.92 -46.71
C MET A 697 -4.07 -15.82 -46.35
N ALA A 698 -3.71 -15.01 -45.36
CA ALA A 698 -4.58 -13.93 -44.90
C ALA A 698 -5.12 -13.09 -46.04
N LYS A 699 -4.30 -12.77 -47.03
CA LYS A 699 -4.83 -12.02 -48.15
C LYS A 699 -5.68 -12.86 -49.08
N LEU A 700 -5.74 -14.19 -48.87
CA LEU A 700 -6.72 -15.00 -49.60
C LEU A 700 -8.01 -15.15 -48.82
N CYS A 701 -7.95 -15.80 -47.66
CA CYS A 701 -9.15 -16.07 -46.88
C CYS A 701 -10.00 -14.82 -46.69
N ALA A 702 -9.36 -13.70 -46.38
CA ALA A 702 -10.08 -12.45 -46.21
C ALA A 702 -10.89 -12.09 -47.45
N ARG A 703 -10.20 -11.73 -48.52
CA ARG A 703 -10.88 -11.23 -49.70
C ARG A 703 -11.85 -12.23 -50.29
N PHE A 704 -11.62 -13.52 -50.09
CA PHE A 704 -12.51 -14.56 -50.57
C PHE A 704 -13.82 -14.74 -49.82
N LEU A 705 -13.74 -15.21 -48.58
CA LEU A 705 -14.89 -15.78 -47.88
C LEU A 705 -16.10 -14.85 -47.83
N GLY A 706 -15.86 -13.55 -47.84
CA GLY A 706 -16.97 -12.64 -48.01
C GLY A 706 -17.55 -12.77 -49.39
N ASN A 707 -16.71 -12.73 -50.42
CA ASN A 707 -17.16 -12.87 -51.80
C ASN A 707 -17.82 -14.21 -52.05
N ARG A 708 -17.55 -15.23 -51.23
CA ARG A 708 -18.30 -16.47 -51.26
C ARG A 708 -19.48 -16.45 -50.29
N GLY A 709 -19.18 -16.28 -49.02
CA GLY A 709 -20.18 -16.11 -47.99
C GLY A 709 -20.35 -17.35 -47.13
N PHE A 710 -20.70 -17.12 -45.87
CA PHE A 710 -20.90 -18.17 -44.91
C PHE A 710 -21.75 -17.59 -43.80
N SER A 711 -22.48 -18.41 -43.04
CA SER A 711 -23.40 -17.88 -42.04
C SER A 711 -24.04 -19.02 -41.26
N ILE A 712 -24.71 -18.67 -40.17
CA ILE A 712 -25.21 -19.68 -39.26
C ILE A 712 -26.73 -19.82 -39.36
N GLY A 713 -27.47 -18.92 -38.73
CA GLY A 713 -28.92 -18.99 -38.77
C GLY A 713 -29.54 -20.04 -37.85
N ILE A 714 -30.81 -19.84 -37.48
CA ILE A 714 -31.53 -20.78 -36.63
C ILE A 714 -31.57 -22.17 -37.26
N ASN A 715 -32.22 -22.30 -38.41
CA ASN A 715 -32.59 -23.62 -38.94
C ASN A 715 -31.41 -24.58 -38.93
N ASP A 716 -30.21 -24.04 -39.02
CA ASP A 716 -29.01 -24.80 -38.73
C ASP A 716 -29.09 -25.46 -37.35
N VAL A 717 -29.31 -24.68 -36.31
CA VAL A 717 -29.13 -25.19 -34.95
C VAL A 717 -30.38 -25.92 -34.48
N THR A 718 -31.40 -26.00 -35.32
CA THR A 718 -32.65 -26.64 -34.91
C THR A 718 -32.75 -28.05 -35.47
N PRO A 719 -32.94 -29.07 -34.63
CA PRO A 719 -33.21 -30.41 -35.16
C PRO A 719 -34.63 -30.50 -35.69
N ALA A 720 -34.88 -31.52 -36.51
CA ALA A 720 -36.23 -31.75 -37.03
C ALA A 720 -36.61 -33.21 -36.76
N ASP A 721 -37.56 -33.38 -35.85
CA ASP A 721 -37.99 -34.68 -35.32
C ASP A 721 -36.71 -35.47 -35.02
N ASP A 722 -36.59 -36.73 -35.42
CA ASP A 722 -35.30 -37.40 -35.51
C ASP A 722 -34.54 -37.26 -34.20
N LEU A 723 -33.45 -36.48 -34.22
CA LEU A 723 -32.66 -36.24 -33.03
C LEU A 723 -33.51 -35.79 -31.85
N LYS A 724 -34.66 -35.16 -32.10
CA LYS A 724 -35.64 -34.99 -31.01
C LYS A 724 -36.44 -36.27 -30.79
N GLN A 725 -36.97 -36.86 -31.85
CA GLN A 725 -37.71 -38.12 -31.71
C GLN A 725 -36.82 -39.19 -31.10
N LYS A 726 -35.53 -39.18 -31.45
CA LYS A 726 -34.56 -39.90 -30.63
C LYS A 726 -34.52 -39.35 -29.22
N LYS A 727 -34.26 -38.05 -29.07
CA LYS A 727 -33.90 -37.46 -27.78
C LYS A 727 -34.89 -37.80 -26.67
N GLU A 728 -36.17 -37.51 -26.87
CA GLU A 728 -37.17 -37.73 -25.83
C GLU A 728 -37.14 -39.17 -25.33
N GLU A 729 -36.84 -40.13 -26.21
CA GLU A 729 -36.64 -41.52 -25.83
C GLU A 729 -35.25 -41.80 -25.26
N LEU A 730 -34.26 -41.00 -25.64
CA LEU A 730 -32.88 -41.27 -25.25
C LEU A 730 -32.66 -41.02 -23.78
N VAL A 731 -32.99 -39.81 -23.31
CA VAL A 731 -32.66 -39.44 -21.94
C VAL A 731 -33.49 -40.23 -20.95
N GLU A 732 -34.70 -40.65 -21.34
CA GLU A 732 -35.52 -41.47 -20.46
C GLU A 732 -34.85 -42.75 -20.02
N ILE A 733 -33.90 -43.28 -20.80
CA ILE A 733 -33.19 -44.47 -20.37
C ILE A 733 -32.49 -44.22 -19.03
N ALA A 734 -31.90 -43.04 -18.85
CA ALA A 734 -31.24 -42.68 -17.61
C ALA A 734 -32.21 -42.23 -16.52
N TYR A 735 -33.40 -41.76 -16.89
CA TYR A 735 -34.40 -41.46 -15.88
C TYR A 735 -34.89 -42.73 -15.19
N HIS A 736 -35.01 -43.83 -15.92
CA HIS A 736 -35.36 -45.08 -15.26
C HIS A 736 -34.14 -45.93 -14.93
N LYS A 737 -32.93 -45.49 -15.31
CA LYS A 737 -31.74 -46.00 -14.66
C LYS A 737 -31.61 -45.42 -13.26
N CYS A 738 -31.92 -44.13 -13.11
CA CYS A 738 -32.04 -43.55 -11.78
C CYS A 738 -33.21 -44.17 -11.04
N ASP A 739 -34.37 -44.29 -11.70
CA ASP A 739 -35.49 -45.00 -11.10
C ASP A 739 -35.11 -46.43 -10.75
N GLU A 740 -34.13 -46.99 -11.46
CA GLU A 740 -33.61 -48.30 -11.10
C GLU A 740 -32.75 -48.25 -9.84
N LEU A 741 -31.93 -47.20 -9.69
CA LEU A 741 -31.05 -47.07 -8.53
C LEU A 741 -31.76 -46.66 -7.25
N ILE A 742 -32.53 -45.57 -7.27
CA ILE A 742 -32.98 -44.93 -6.05
C ILE A 742 -34.18 -45.61 -5.41
N THR A 743 -35.21 -45.99 -6.18
CA THR A 743 -36.41 -46.52 -5.55
C THR A 743 -36.15 -47.87 -4.89
N LEU A 744 -35.12 -48.60 -5.31
CA LEU A 744 -34.65 -49.77 -4.59
C LEU A 744 -33.70 -49.41 -3.46
N PHE A 745 -33.20 -48.18 -3.43
CA PHE A 745 -32.28 -47.75 -2.39
C PHE A 745 -32.98 -47.30 -1.11
N ASN A 746 -34.26 -46.93 -1.18
CA ASN A 746 -34.95 -46.52 0.04
C ASN A 746 -35.40 -47.71 0.88
N LYS A 747 -35.90 -48.77 0.26
CA LYS A 747 -36.30 -49.98 0.96
C LYS A 747 -35.17 -51.00 1.06
N GLY A 748 -33.97 -50.65 0.62
CA GLY A 748 -32.89 -51.60 0.58
C GLY A 748 -31.56 -50.92 0.34
N GLU A 749 -30.57 -51.71 -0.07
CA GLU A 749 -29.23 -51.20 -0.32
C GLU A 749 -28.78 -51.65 -1.70
N LEU A 750 -27.58 -51.22 -2.10
CA LEU A 750 -27.11 -51.43 -3.46
C LEU A 750 -25.69 -51.99 -3.43
N GLU A 751 -25.15 -52.24 -4.63
CA GLU A 751 -23.80 -52.76 -4.77
C GLU A 751 -22.81 -51.62 -4.65
N THR A 752 -21.88 -51.74 -3.72
CA THR A 752 -20.97 -50.65 -3.37
C THR A 752 -19.56 -50.99 -3.84
N GLN A 753 -19.03 -50.18 -4.76
CA GLN A 753 -17.60 -50.20 -5.03
C GLN A 753 -16.86 -49.63 -3.83
N PRO A 754 -15.54 -49.77 -3.77
CA PRO A 754 -14.78 -49.12 -2.71
C PRO A 754 -14.87 -47.60 -2.80
N GLY A 755 -16.07 -47.08 -2.56
CA GLY A 755 -16.35 -45.66 -2.66
C GLY A 755 -16.45 -44.96 -1.33
N CYS A 756 -15.80 -45.55 -0.31
CA CYS A 756 -15.82 -45.04 1.06
C CYS A 756 -17.26 -45.07 1.56
N ASN A 757 -17.85 -43.93 1.94
CA ASN A 757 -19.17 -43.92 2.54
C ASN A 757 -20.23 -44.27 1.49
N GLU A 758 -21.48 -44.34 1.94
CA GLU A 758 -22.52 -44.95 1.13
C GLU A 758 -23.40 -43.90 0.46
N GLU A 759 -24.26 -44.35 -0.45
CA GLU A 759 -25.18 -43.53 -1.24
C GLU A 759 -24.43 -42.62 -2.22
N GLN A 760 -23.13 -42.42 -2.01
CA GLN A 760 -22.34 -41.80 -3.07
C GLN A 760 -21.89 -42.83 -4.09
N THR A 761 -22.00 -44.12 -3.75
CA THR A 761 -21.85 -45.14 -4.76
C THR A 761 -22.83 -44.92 -5.90
N LEU A 762 -24.13 -44.88 -5.59
CA LEU A 762 -25.11 -44.60 -6.62
C LEU A 762 -24.97 -43.18 -7.15
N GLU A 763 -24.59 -42.23 -6.30
CA GLU A 763 -24.52 -40.84 -6.74
C GLU A 763 -23.45 -40.66 -7.80
N ALA A 764 -22.30 -41.33 -7.65
CA ALA A 764 -21.29 -41.33 -8.68
C ALA A 764 -21.65 -42.22 -9.86
N LYS A 765 -22.32 -43.35 -9.62
CA LYS A 765 -22.82 -44.17 -10.72
C LYS A 765 -23.67 -43.34 -11.66
N ILE A 766 -24.81 -42.84 -11.18
CA ILE A 766 -25.63 -41.95 -12.00
C ILE A 766 -24.81 -40.76 -12.47
N GLY A 767 -23.84 -40.32 -11.65
CA GLY A 767 -22.91 -39.29 -12.09
C GLY A 767 -22.23 -39.61 -13.40
N GLY A 768 -21.98 -40.88 -13.67
CA GLY A 768 -21.46 -41.29 -14.97
C GLY A 768 -22.58 -41.61 -15.94
N LEU A 769 -23.75 -41.94 -15.41
CA LEU A 769 -24.87 -42.31 -16.27
C LEU A 769 -25.41 -41.12 -17.05
N LEU A 770 -25.56 -39.97 -16.40
CA LEU A 770 -26.15 -38.83 -17.09
C LEU A 770 -25.21 -38.23 -18.11
N SER A 771 -23.92 -38.12 -17.80
CA SER A 771 -22.95 -37.73 -18.82
C SER A 771 -22.85 -38.80 -19.90
N LYS A 772 -23.05 -40.06 -19.53
CA LYS A 772 -23.02 -41.15 -20.50
C LYS A 772 -24.13 -41.01 -21.53
N VAL A 773 -25.38 -40.82 -21.08
CA VAL A 773 -26.49 -40.68 -22.01
C VAL A 773 -26.41 -39.33 -22.72
N ARG A 774 -25.92 -38.30 -22.03
CA ARG A 774 -25.69 -37.02 -22.69
C ARG A 774 -24.79 -37.16 -23.91
N GLU A 775 -23.55 -37.59 -23.69
CA GLU A 775 -22.64 -37.84 -24.81
C GLU A 775 -23.22 -38.83 -25.80
N GLU A 776 -24.04 -39.77 -25.32
CA GLU A 776 -24.76 -40.66 -26.23
C GLU A 776 -25.62 -39.88 -27.20
N VAL A 777 -26.32 -38.85 -26.73
CA VAL A 777 -27.16 -38.06 -27.63
C VAL A 777 -26.29 -37.32 -28.63
N GLY A 778 -25.01 -37.14 -28.32
CA GLY A 778 -24.07 -36.60 -29.29
C GLY A 778 -23.83 -37.50 -30.48
N ASP A 779 -23.97 -38.82 -30.28
CA ASP A 779 -23.85 -39.75 -31.41
C ASP A 779 -24.85 -39.41 -32.50
N VAL A 780 -26.15 -39.59 -32.22
CA VAL A 780 -27.20 -39.24 -33.18
C VAL A 780 -27.30 -37.73 -33.39
N CYS A 781 -26.61 -36.92 -32.59
CA CYS A 781 -26.64 -35.48 -32.78
C CYS A 781 -25.92 -35.04 -34.04
N ILE A 782 -24.65 -35.41 -34.18
CA ILE A 782 -23.85 -35.00 -35.32
C ILE A 782 -24.10 -35.89 -36.54
N ASN A 783 -24.31 -37.18 -36.32
CA ASN A 783 -24.35 -38.12 -37.44
C ASN A 783 -25.58 -37.89 -38.31
N GLU A 784 -26.76 -37.87 -37.70
CA GLU A 784 -28.01 -37.82 -38.45
C GLU A 784 -28.34 -36.39 -38.87
N LEU A 785 -27.49 -35.46 -38.48
CA LEU A 785 -27.71 -34.03 -38.67
C LEU A 785 -27.45 -33.64 -40.11
N ASP A 786 -28.03 -32.50 -40.50
CA ASP A 786 -27.88 -31.98 -41.85
C ASP A 786 -26.42 -31.61 -42.13
N ASN A 787 -26.09 -31.54 -43.41
CA ASN A 787 -24.78 -31.08 -43.84
C ASN A 787 -24.79 -29.56 -44.03
N TRP A 788 -23.61 -29.00 -44.32
CA TRP A 788 -23.45 -27.58 -44.58
C TRP A 788 -24.11 -26.71 -43.51
N ASN A 789 -24.06 -27.14 -42.26
CA ASN A 789 -24.62 -26.33 -41.20
C ASN A 789 -23.51 -25.87 -40.26
N ALA A 790 -23.60 -24.61 -39.86
CA ALA A 790 -22.42 -23.88 -39.41
C ALA A 790 -21.70 -24.50 -38.22
N PRO A 791 -22.36 -25.10 -37.23
CA PRO A 791 -21.58 -25.76 -36.18
C PRO A 791 -20.85 -26.99 -36.67
N LEU A 792 -21.29 -27.59 -37.77
CA LEU A 792 -20.47 -28.65 -38.33
C LEU A 792 -19.24 -28.08 -39.02
N ILE A 793 -19.42 -27.39 -40.15
CA ILE A 793 -18.29 -26.85 -40.89
C ILE A 793 -17.44 -25.89 -40.06
N MET A 794 -17.90 -25.51 -38.86
CA MET A 794 -17.03 -24.88 -37.89
C MET A 794 -16.44 -25.88 -36.89
N ALA A 795 -17.28 -26.58 -36.13
CA ALA A 795 -16.73 -27.44 -35.08
C ALA A 795 -16.21 -28.77 -35.63
N THR A 796 -16.83 -29.32 -36.68
CA THR A 796 -16.14 -30.37 -37.42
C THR A 796 -14.81 -29.87 -37.93
N CYS A 797 -14.74 -28.60 -38.25
CA CYS A 797 -13.46 -27.96 -38.49
C CYS A 797 -12.81 -27.54 -37.18
N GLY A 798 -11.72 -26.80 -37.26
CA GLY A 798 -11.00 -26.41 -36.07
C GLY A 798 -11.24 -24.98 -35.64
N SER A 799 -12.31 -24.36 -36.13
CA SER A 799 -12.50 -22.94 -35.87
C SER A 799 -12.87 -22.71 -34.42
N LYS A 800 -14.07 -23.14 -34.02
CA LYS A 800 -14.55 -22.92 -32.65
C LYS A 800 -15.16 -24.21 -32.11
N GLY A 801 -14.70 -24.63 -30.94
CA GLY A 801 -15.35 -25.67 -30.17
C GLY A 801 -15.42 -27.01 -30.88
N SER A 802 -16.28 -27.87 -30.34
CA SER A 802 -16.53 -29.18 -30.93
C SER A 802 -17.91 -29.71 -30.57
N THR A 803 -18.17 -30.98 -30.89
CA THR A 803 -19.48 -31.57 -30.66
C THR A 803 -19.91 -31.53 -29.20
N LEU A 804 -18.96 -31.49 -28.26
CA LEU A 804 -19.30 -31.26 -26.87
C LEU A 804 -20.04 -29.96 -26.69
N ASN A 805 -19.70 -28.96 -27.49
CA ASN A 805 -20.32 -27.65 -27.36
C ASN A 805 -21.66 -27.61 -28.09
N VAL A 806 -21.65 -27.75 -29.42
CA VAL A 806 -22.87 -27.68 -30.19
C VAL A 806 -23.91 -28.68 -29.71
N SER A 807 -23.46 -29.85 -29.22
CA SER A 807 -24.41 -30.82 -28.72
C SER A 807 -25.26 -30.25 -27.59
N GLN A 808 -24.77 -29.18 -26.95
CA GLN A 808 -25.58 -28.45 -25.98
C GLN A 808 -26.59 -27.52 -26.64
N MET A 809 -26.22 -26.80 -27.70
CA MET A 809 -27.18 -26.03 -28.47
C MET A 809 -28.34 -26.89 -28.98
N VAL A 810 -28.02 -28.02 -29.60
CA VAL A 810 -29.02 -28.78 -30.33
C VAL A 810 -29.58 -29.92 -29.50
N ALA A 811 -28.73 -30.87 -29.13
CA ALA A 811 -29.25 -32.12 -28.57
C ALA A 811 -29.72 -31.95 -27.13
N VAL A 812 -28.79 -31.87 -26.19
CA VAL A 812 -29.15 -31.72 -24.78
C VAL A 812 -27.93 -31.25 -24.02
N VAL A 813 -28.15 -30.74 -22.82
CA VAL A 813 -27.09 -30.48 -21.87
C VAL A 813 -27.30 -31.43 -20.70
N GLY A 814 -26.36 -31.43 -19.75
CA GLY A 814 -26.62 -32.16 -18.53
C GLY A 814 -25.60 -31.98 -17.43
N GLN A 815 -26.04 -32.17 -16.19
CA GLN A 815 -25.19 -32.20 -15.01
C GLN A 815 -24.11 -31.12 -14.98
N GLN A 816 -24.50 -29.87 -14.74
CA GLN A 816 -23.53 -28.83 -14.45
C GLN A 816 -22.73 -29.35 -13.26
N ILE A 817 -21.41 -29.42 -13.42
CA ILE A 817 -20.56 -29.86 -12.32
C ILE A 817 -20.02 -28.63 -11.61
N ILE A 818 -20.47 -28.43 -10.38
CA ILE A 818 -20.15 -27.22 -9.63
C ILE A 818 -19.58 -27.63 -8.28
N SER A 819 -18.53 -26.92 -7.87
CA SER A 819 -17.71 -27.30 -6.72
C SER A 819 -17.10 -28.69 -6.92
N GLY A 820 -16.66 -28.98 -8.14
CA GLY A 820 -16.04 -30.25 -8.46
C GLY A 820 -16.99 -31.43 -8.53
N ASN A 821 -18.28 -31.22 -8.34
CA ASN A 821 -19.25 -32.31 -8.32
C ASN A 821 -20.64 -31.78 -8.69
N ARG A 822 -21.68 -32.58 -8.43
CA ARG A 822 -23.04 -32.16 -8.76
C ARG A 822 -23.46 -31.01 -7.84
N VAL A 823 -24.66 -30.48 -8.04
CA VAL A 823 -25.10 -29.30 -7.32
C VAL A 823 -25.14 -29.59 -5.82
N PRO A 824 -24.82 -28.62 -4.97
CA PRO A 824 -24.98 -28.79 -3.54
C PRO A 824 -26.45 -28.74 -3.17
N ASP A 825 -26.75 -29.19 -1.95
CA ASP A 825 -28.10 -28.97 -1.46
C ASP A 825 -28.11 -27.64 -0.72
N GLY A 826 -28.73 -26.63 -1.32
CA GLY A 826 -28.70 -25.30 -0.74
C GLY A 826 -29.60 -25.16 0.47
N PHE A 827 -30.82 -25.69 0.39
CA PHE A 827 -31.69 -25.80 1.54
C PHE A 827 -31.47 -27.12 2.26
N GLN A 828 -32.39 -27.46 3.16
CA GLN A 828 -32.32 -28.73 3.88
C GLN A 828 -32.89 -29.81 2.98
N ASP A 829 -32.10 -30.87 2.75
CA ASP A 829 -32.48 -32.01 1.91
C ASP A 829 -33.27 -31.70 0.62
N ARG A 830 -33.06 -30.52 0.05
CA ARG A 830 -33.73 -30.14 -1.19
C ARG A 830 -32.84 -29.09 -1.81
N SER A 831 -32.83 -29.05 -3.14
CA SER A 831 -32.01 -28.08 -3.85
C SER A 831 -32.65 -26.70 -3.83
N LEU A 832 -33.81 -26.58 -4.45
CA LEU A 832 -34.60 -25.37 -4.61
C LEU A 832 -35.96 -25.51 -3.94
N PRO A 833 -36.64 -24.41 -3.66
CA PRO A 833 -37.99 -24.51 -3.11
C PRO A 833 -38.97 -25.24 -4.03
N HIS A 834 -38.63 -25.41 -5.30
CA HIS A 834 -39.58 -25.89 -6.30
C HIS A 834 -39.61 -27.40 -6.42
N PHE A 835 -38.88 -28.10 -5.56
CA PHE A 835 -38.78 -29.54 -5.60
C PHE A 835 -39.21 -30.15 -4.28
N PRO A 836 -39.75 -31.36 -4.27
CA PRO A 836 -40.15 -31.98 -3.01
C PRO A 836 -38.95 -32.20 -2.11
N LYS A 837 -39.18 -32.03 -0.80
CA LYS A 837 -38.19 -32.47 0.15
C LYS A 837 -38.00 -33.97 0.01
N ASN A 838 -36.78 -34.44 0.30
CA ASN A 838 -36.40 -35.84 0.08
C ASN A 838 -36.46 -36.19 -1.41
N SER A 839 -35.89 -35.34 -2.25
CA SER A 839 -35.87 -35.62 -3.68
C SER A 839 -34.44 -35.86 -4.14
N LYS A 840 -34.11 -37.12 -4.45
CA LYS A 840 -32.83 -37.47 -5.05
C LYS A 840 -32.90 -37.63 -6.56
N THR A 841 -34.07 -37.50 -7.16
CA THR A 841 -34.22 -37.65 -8.60
C THR A 841 -33.38 -36.60 -9.34
N PRO A 842 -32.96 -36.89 -10.59
CA PRO A 842 -32.31 -35.85 -11.38
C PRO A 842 -33.32 -34.80 -11.76
N GLN A 843 -32.85 -33.72 -12.38
CA GLN A 843 -33.65 -32.54 -12.70
C GLN A 843 -34.08 -31.87 -11.39
N SER A 844 -33.95 -32.60 -10.27
CA SER A 844 -33.90 -31.99 -8.95
C SER A 844 -32.49 -31.75 -8.50
N LYS A 845 -31.51 -32.31 -9.21
CA LYS A 845 -30.13 -31.88 -9.04
C LYS A 845 -29.53 -31.54 -10.39
N GLY A 846 -29.32 -30.26 -10.65
CA GLY A 846 -28.40 -29.80 -11.66
C GLY A 846 -28.39 -30.51 -13.00
N PHE A 847 -29.54 -30.96 -13.50
CA PHE A 847 -29.55 -31.61 -14.79
C PHE A 847 -30.52 -30.83 -15.69
N VAL A 848 -29.97 -30.13 -16.67
CA VAL A 848 -30.79 -29.38 -17.61
C VAL A 848 -31.04 -30.25 -18.84
N ARG A 849 -32.28 -30.71 -18.99
CA ARG A 849 -32.63 -31.62 -20.07
C ARG A 849 -33.11 -30.90 -21.33
N ASN A 850 -33.18 -29.58 -21.32
CA ASN A 850 -33.66 -28.82 -22.46
C ASN A 850 -32.50 -28.10 -23.12
N SER A 851 -32.39 -28.22 -24.44
CA SER A 851 -31.31 -27.57 -25.14
C SER A 851 -31.48 -26.06 -25.08
N PHE A 852 -30.36 -25.35 -25.25
CA PHE A 852 -30.41 -23.90 -25.33
C PHE A 852 -31.38 -23.44 -26.40
N PHE A 853 -31.61 -24.25 -27.43
CA PHE A 853 -32.69 -23.94 -28.35
C PHE A 853 -34.05 -24.26 -27.74
N SER A 854 -34.14 -25.36 -27.00
CA SER A 854 -35.42 -25.77 -26.44
C SER A 854 -35.98 -24.78 -25.44
N GLY A 855 -35.18 -23.81 -24.99
CA GLY A 855 -35.60 -22.94 -23.91
C GLY A 855 -35.34 -23.59 -22.58
N LEU A 856 -35.15 -22.80 -21.53
CA LEU A 856 -34.85 -23.33 -20.21
C LEU A 856 -35.97 -23.03 -19.24
N SER A 857 -36.22 -23.97 -18.34
CA SER A 857 -37.15 -23.75 -17.25
C SER A 857 -36.40 -23.14 -16.06
N PRO A 858 -37.11 -22.48 -15.16
CA PRO A 858 -36.45 -21.83 -14.02
C PRO A 858 -35.60 -22.78 -13.18
N PRO A 859 -36.12 -23.96 -12.81
CA PRO A 859 -35.33 -24.81 -11.90
C PRO A 859 -33.97 -25.18 -12.47
N GLU A 860 -33.92 -25.52 -13.74
CA GLU A 860 -32.65 -25.77 -14.40
C GLU A 860 -31.91 -24.48 -14.70
N PHE A 861 -32.62 -23.36 -14.79
CA PHE A 861 -31.96 -22.10 -15.13
C PHE A 861 -31.10 -21.59 -13.99
N LEU A 862 -31.63 -21.62 -12.76
CA LEU A 862 -30.80 -21.25 -11.62
C LEU A 862 -29.55 -22.11 -11.58
N PHE A 863 -29.70 -23.41 -11.83
CA PHE A 863 -28.54 -24.29 -11.93
C PHE A 863 -27.55 -23.81 -12.97
N HIS A 864 -27.97 -23.75 -14.24
CA HIS A 864 -27.03 -23.38 -15.29
C HIS A 864 -26.48 -21.98 -15.10
N ALA A 865 -27.08 -21.18 -14.23
CA ALA A 865 -26.52 -19.89 -13.86
C ALA A 865 -25.48 -20.03 -12.75
N ILE A 866 -25.22 -21.25 -12.29
CA ILE A 866 -24.14 -21.51 -11.36
C ILE A 866 -22.86 -21.92 -12.06
N SER A 867 -22.88 -22.99 -12.84
CA SER A 867 -21.66 -23.58 -13.42
C SER A 867 -20.72 -22.51 -13.96
N GLY A 868 -21.15 -21.76 -14.97
CA GLY A 868 -20.33 -20.69 -15.50
C GLY A 868 -19.76 -19.75 -14.45
N ARG A 869 -20.48 -19.51 -13.36
CA ARG A 869 -20.00 -18.64 -12.30
C ARG A 869 -18.97 -19.30 -11.40
N GLU A 870 -19.23 -20.52 -10.94
CA GLU A 870 -18.25 -21.24 -10.14
C GLU A 870 -16.94 -21.41 -10.90
N GLY A 871 -17.02 -21.83 -12.16
CA GLY A 871 -15.83 -21.87 -13.00
C GLY A 871 -15.16 -20.53 -13.16
N LEU A 872 -15.94 -19.49 -13.42
CA LEU A 872 -15.37 -18.14 -13.56
C LEU A 872 -14.59 -17.73 -12.32
N VAL A 873 -15.16 -17.94 -11.14
CA VAL A 873 -14.50 -17.45 -9.93
C VAL A 873 -13.35 -18.34 -9.50
N ASP A 874 -13.45 -19.65 -9.65
CA ASP A 874 -12.30 -20.49 -9.37
C ASP A 874 -11.17 -20.26 -10.35
N THR A 875 -11.49 -19.80 -11.56
CA THR A 875 -10.49 -19.45 -12.57
C THR A 875 -9.82 -18.12 -12.31
N ALA A 876 -10.58 -17.02 -12.27
CA ALA A 876 -9.99 -15.69 -12.31
C ALA A 876 -8.95 -15.33 -11.25
N VAL A 877 -9.23 -15.61 -9.98
CA VAL A 877 -8.34 -15.13 -8.93
C VAL A 877 -7.11 -16.04 -8.67
N LYS A 878 -7.21 -17.28 -9.14
CA LYS A 878 -6.12 -18.24 -8.93
C LYS A 878 -4.96 -17.68 -9.75
N THR A 879 -5.23 -16.76 -10.66
CA THR A 879 -4.14 -16.06 -11.34
C THR A 879 -3.30 -15.25 -10.37
N ALA A 880 -3.84 -14.93 -9.19
CA ALA A 880 -3.01 -14.29 -8.17
C ALA A 880 -1.80 -15.16 -7.82
N GLU A 881 -2.04 -16.30 -7.18
CA GLU A 881 -0.99 -17.24 -6.89
C GLU A 881 -0.23 -17.67 -8.14
N THR A 882 -0.86 -17.64 -9.32
CA THR A 882 -0.16 -18.06 -10.52
C THR A 882 0.90 -17.05 -10.94
N GLY A 883 0.48 -15.84 -11.29
CA GLY A 883 1.45 -14.79 -11.57
C GLY A 883 2.51 -14.66 -10.50
N TYR A 884 2.12 -14.80 -9.23
CA TYR A 884 3.12 -14.92 -8.18
C TYR A 884 4.10 -16.04 -8.48
N MET A 885 3.60 -17.22 -8.87
CA MET A 885 4.46 -18.35 -9.16
C MET A 885 5.47 -18.02 -10.25
N SER A 886 5.01 -17.49 -11.38
CA SER A 886 5.96 -17.15 -12.43
C SER A 886 6.96 -16.09 -12.00
N ARG A 887 6.52 -15.09 -11.25
CA ARG A 887 7.43 -14.05 -10.78
C ARG A 887 8.55 -14.63 -9.93
N ARG A 888 8.19 -15.31 -8.84
CA ARG A 888 9.24 -15.83 -7.98
C ARG A 888 10.08 -16.88 -8.70
N LEU A 889 9.44 -17.74 -9.48
CA LEU A 889 10.19 -18.75 -10.19
C LEU A 889 11.24 -18.13 -11.09
N MET A 890 10.88 -17.05 -11.78
CA MET A 890 11.90 -16.21 -12.42
C MET A 890 12.96 -15.84 -11.40
N LYS A 891 12.57 -15.11 -10.35
CA LYS A 891 13.57 -14.46 -9.51
C LYS A 891 14.67 -15.40 -9.04
N SER A 892 14.34 -16.65 -8.80
CA SER A 892 15.37 -17.64 -8.58
C SER A 892 16.06 -18.16 -9.82
N LEU A 893 15.32 -18.37 -10.90
CA LEU A 893 15.88 -19.01 -12.07
C LEU A 893 16.35 -18.01 -13.11
N GLU A 894 16.28 -16.72 -12.78
CA GLU A 894 16.36 -15.63 -13.74
C GLU A 894 17.72 -15.46 -14.42
N ASP A 895 18.81 -15.70 -13.70
CA ASP A 895 20.11 -15.72 -14.36
C ASP A 895 20.57 -17.16 -14.37
N LEU A 896 20.38 -17.81 -15.50
CA LEU A 896 21.07 -19.06 -15.77
C LEU A 896 21.30 -19.07 -17.28
N SER A 897 22.56 -19.12 -17.70
CA SER A 897 22.87 -18.91 -19.10
C SER A 897 23.98 -19.84 -19.56
N CYS A 898 23.74 -20.56 -20.65
CA CYS A 898 24.69 -21.52 -21.14
C CYS A 898 25.84 -20.80 -21.83
N GLN A 899 27.05 -20.99 -21.31
CA GLN A 899 28.24 -20.34 -21.82
C GLN A 899 28.83 -21.20 -22.93
N TYR A 900 29.94 -20.76 -23.51
CA TYR A 900 30.47 -21.40 -24.70
C TYR A 900 31.10 -22.76 -24.44
N ASP A 901 31.18 -23.19 -23.20
CA ASP A 901 31.57 -24.56 -22.93
C ASP A 901 30.42 -25.52 -23.12
N ASN A 902 29.25 -25.01 -23.50
CA ASN A 902 28.01 -25.78 -23.47
C ASN A 902 27.71 -26.25 -22.06
N THR A 903 28.25 -25.56 -21.07
CA THR A 903 28.00 -25.85 -19.66
C THR A 903 27.24 -24.67 -19.07
N VAL A 904 25.96 -24.86 -18.83
CA VAL A 904 25.13 -23.76 -18.36
C VAL A 904 25.53 -23.43 -16.94
N ARG A 905 25.70 -22.15 -16.65
CA ARG A 905 26.29 -21.74 -15.40
C ARG A 905 25.52 -20.57 -14.82
N THR A 906 25.67 -20.39 -13.52
CA THR A 906 24.92 -19.36 -12.82
C THR A 906 25.59 -18.01 -12.95
N SER A 907 25.11 -17.04 -12.18
CA SER A 907 25.75 -15.73 -12.08
C SER A 907 27.20 -15.88 -11.61
N ALA A 908 27.38 -16.42 -10.42
CA ALA A 908 28.66 -16.52 -9.72
C ALA A 908 29.66 -17.39 -10.46
N ASN A 909 29.23 -17.96 -11.58
CA ASN A 909 30.02 -18.93 -12.34
C ASN A 909 30.18 -20.22 -11.54
N GLY A 910 29.10 -20.61 -10.88
CA GLY A 910 28.94 -22.00 -10.46
C GLY A 910 28.40 -22.76 -11.65
N ILE A 911 28.26 -24.08 -11.56
CA ILE A 911 27.83 -24.84 -12.71
C ILE A 911 26.68 -25.75 -12.34
N VAL A 912 25.54 -25.55 -12.98
CA VAL A 912 24.38 -26.38 -12.71
C VAL A 912 24.40 -27.68 -13.49
N GLN A 913 24.29 -27.64 -14.81
CA GLN A 913 24.11 -28.84 -15.59
C GLN A 913 25.22 -28.89 -16.64
N PHE A 914 26.13 -29.86 -16.51
CA PHE A 914 27.34 -29.84 -17.33
C PHE A 914 27.03 -29.80 -18.81
N THR A 915 26.57 -30.90 -19.38
CA THR A 915 25.90 -30.87 -20.68
C THR A 915 24.46 -30.47 -20.41
N TYR A 916 23.81 -29.90 -21.42
CA TYR A 916 22.45 -29.44 -21.16
C TYR A 916 21.45 -30.57 -21.37
N GLY A 917 20.63 -30.84 -20.36
CA GLY A 917 19.65 -31.89 -20.45
C GLY A 917 20.19 -33.23 -20.88
N GLY A 918 21.47 -33.49 -20.62
CA GLY A 918 22.10 -34.67 -21.18
C GLY A 918 22.10 -34.68 -22.69
N ASP A 919 21.80 -33.53 -23.28
CA ASP A 919 21.56 -33.44 -24.71
C ASP A 919 22.40 -32.31 -25.28
N GLY A 920 22.13 -31.10 -24.82
CA GLY A 920 22.77 -29.94 -25.38
C GLY A 920 21.97 -29.32 -26.50
N LEU A 921 20.67 -29.55 -26.52
CA LEU A 921 19.80 -29.15 -27.60
C LEU A 921 18.66 -28.29 -27.09
N ASP A 922 18.56 -27.08 -27.64
CA ASP A 922 17.46 -26.18 -27.32
C ASP A 922 16.13 -26.83 -27.69
N PRO A 923 15.21 -27.03 -26.75
CA PRO A 923 13.90 -27.56 -27.12
C PRO A 923 13.18 -26.71 -28.13
N LEU A 924 13.56 -25.44 -28.26
CA LEU A 924 12.83 -24.55 -29.15
C LEU A 924 12.86 -25.03 -30.59
N GLU A 925 14.02 -25.42 -31.09
CA GLU A 925 14.17 -25.85 -32.47
C GLU A 925 14.13 -27.36 -32.62
N MET A 926 13.99 -28.08 -31.51
CA MET A 926 13.87 -29.53 -31.55
C MET A 926 12.54 -29.87 -32.20
N GLU A 927 12.58 -30.69 -33.25
CA GLU A 927 11.47 -30.72 -34.18
C GLU A 927 10.26 -31.50 -33.66
N GLY A 928 10.39 -32.78 -33.37
CA GLY A 928 9.24 -33.57 -32.98
C GLY A 928 9.54 -34.69 -32.01
N ASN A 929 8.51 -35.06 -31.26
CA ASN A 929 8.58 -36.12 -30.24
C ASN A 929 9.77 -35.93 -29.31
N ALA A 930 10.16 -34.68 -29.11
CA ALA A 930 11.35 -34.32 -28.33
C ALA A 930 12.61 -34.97 -28.90
N GLN A 931 12.56 -35.35 -30.18
CA GLN A 931 13.73 -35.84 -30.90
C GLN A 931 14.03 -34.94 -32.08
N PRO A 932 15.18 -34.32 -32.13
CA PRO A 932 15.39 -33.19 -33.04
C PRO A 932 15.65 -33.61 -34.46
N VAL A 933 14.86 -34.54 -35.01
CA VAL A 933 14.94 -34.86 -36.42
C VAL A 933 13.56 -34.97 -37.02
N ASN A 934 12.76 -35.91 -36.47
CA ASN A 934 11.59 -36.45 -37.14
C ASN A 934 12.05 -37.16 -38.41
N PHE A 935 12.73 -38.28 -38.21
CA PHE A 935 13.24 -39.10 -39.32
C PHE A 935 12.20 -39.30 -40.40
N ASN A 936 11.07 -39.90 -40.04
CA ASN A 936 10.10 -40.37 -41.03
C ASN A 936 9.86 -39.32 -42.10
N ARG A 937 9.33 -38.14 -41.71
CA ARG A 937 9.08 -37.12 -42.71
C ARG A 937 10.34 -36.70 -43.46
N SER A 938 11.48 -36.62 -42.78
CA SER A 938 12.69 -36.18 -43.47
C SER A 938 13.14 -37.20 -44.49
N TRP A 939 12.79 -38.46 -44.28
CA TRP A 939 13.06 -39.44 -45.34
C TRP A 939 12.28 -39.10 -46.60
N ASP A 940 11.00 -38.74 -46.45
CA ASP A 940 10.25 -38.27 -47.60
C ASP A 940 10.84 -37.01 -48.19
N HIS A 941 11.01 -35.95 -47.40
CA HIS A 941 11.50 -34.68 -47.95
C HIS A 941 12.87 -34.85 -48.57
N ALA A 942 13.60 -35.88 -48.15
CA ALA A 942 14.74 -36.33 -48.94
C ALA A 942 14.29 -36.87 -50.28
N TYR A 943 13.25 -37.69 -50.28
CA TYR A 943 12.90 -38.52 -51.42
C TYR A 943 12.31 -37.73 -52.57
N ASN A 944 11.12 -37.12 -52.40
CA ASN A 944 10.46 -36.48 -53.54
C ASN A 944 11.26 -35.31 -54.08
N ILE A 945 12.33 -34.89 -53.40
CA ILE A 945 13.28 -33.98 -54.01
C ILE A 945 14.32 -34.76 -54.80
N THR A 946 15.10 -35.59 -54.10
CA THR A 946 16.07 -36.43 -54.75
C THR A 946 15.43 -37.37 -55.75
N PHE A 947 14.12 -37.53 -55.70
CA PHE A 947 13.43 -38.37 -56.67
C PHE A 947 13.77 -37.88 -58.06
N ASN A 948 14.30 -38.77 -58.87
CA ASN A 948 14.41 -38.57 -60.30
C ASN A 948 14.09 -39.91 -60.93
N ASN A 949 13.13 -39.92 -61.84
CA ASN A 949 12.82 -41.16 -62.53
C ASN A 949 14.03 -41.56 -63.36
N GLN A 950 14.08 -42.84 -63.73
CA GLN A 950 15.17 -43.40 -64.51
C GLN A 950 16.57 -43.08 -63.94
N ASP A 951 16.90 -43.67 -62.80
CA ASP A 951 18.21 -43.44 -62.16
C ASP A 951 18.63 -44.51 -61.14
N LYS A 952 18.87 -45.73 -61.62
CA LYS A 952 19.31 -46.85 -60.76
C LYS A 952 18.44 -47.01 -59.51
N GLY A 953 19.06 -47.26 -58.37
CA GLY A 953 18.29 -47.39 -57.15
C GLY A 953 18.37 -48.71 -56.42
N LEU A 954 18.74 -49.79 -57.09
CA LEU A 954 18.69 -51.08 -56.43
C LEU A 954 20.06 -51.36 -55.83
N LEU A 955 20.15 -51.14 -54.53
CA LEU A 955 21.38 -51.44 -53.79
C LEU A 955 21.05 -51.76 -52.34
N PRO A 956 20.32 -52.84 -52.06
CA PRO A 956 19.82 -53.06 -50.69
C PRO A 956 20.92 -53.16 -49.65
N TYR A 957 22.05 -53.76 -49.98
CA TYR A 957 23.18 -53.80 -49.05
C TYR A 957 23.98 -52.51 -49.04
N ALA A 958 24.24 -51.93 -50.22
CA ALA A 958 25.11 -50.77 -50.30
C ALA A 958 24.55 -49.56 -49.58
N ILE A 959 23.24 -49.55 -49.32
CA ILE A 959 22.67 -48.53 -48.46
C ILE A 959 23.44 -48.47 -47.15
N MET A 960 23.86 -49.62 -46.64
CA MET A 960 24.71 -49.61 -45.45
C MET A 960 26.10 -49.06 -45.75
N GLU A 961 26.62 -49.33 -46.95
CA GLU A 961 27.91 -48.74 -47.32
C GLU A 961 27.86 -47.23 -47.28
N THR A 962 27.08 -46.61 -48.19
CA THR A 962 26.92 -45.17 -48.19
C THR A 962 26.50 -44.62 -46.84
N ALA A 963 25.67 -45.34 -46.10
CA ALA A 963 25.36 -44.95 -44.75
C ALA A 963 26.61 -44.80 -43.90
N ASN A 964 27.28 -45.92 -43.60
CA ASN A 964 28.53 -45.88 -42.87
C ASN A 964 29.56 -44.97 -43.50
N GLU A 965 29.46 -44.73 -44.81
CA GLU A 965 30.40 -43.86 -45.48
C GLU A 965 30.46 -42.47 -44.87
N ILE A 966 29.31 -41.81 -44.70
CA ILE A 966 29.31 -40.52 -44.03
C ILE A 966 29.42 -40.67 -42.53
N LEU A 967 28.78 -41.69 -41.95
CA LEU A 967 28.74 -41.84 -40.51
C LEU A 967 30.09 -42.22 -39.91
N GLY A 968 30.94 -42.93 -40.65
CA GLY A 968 32.20 -43.36 -40.12
C GLY A 968 33.03 -42.21 -39.60
N PRO A 969 33.35 -41.26 -40.47
CA PRO A 969 34.11 -40.10 -39.99
C PRO A 969 33.25 -39.14 -39.20
N LEU A 970 32.46 -39.69 -38.27
CA LEU A 970 31.84 -38.93 -37.20
C LEU A 970 32.08 -39.70 -35.92
N GLU A 971 31.53 -40.91 -35.88
CA GLU A 971 31.76 -41.84 -34.77
C GLU A 971 33.24 -41.89 -34.42
N GLU A 972 34.06 -42.37 -35.36
CA GLU A 972 35.50 -42.51 -35.08
C GLU A 972 36.22 -41.16 -35.05
N ARG A 973 35.59 -40.08 -35.49
CA ARG A 973 36.13 -38.77 -35.13
C ARG A 973 36.00 -38.36 -33.67
N LEU A 974 34.97 -38.82 -32.99
CA LEU A 974 34.76 -38.43 -31.62
C LEU A 974 35.59 -39.17 -30.56
N VAL A 975 36.13 -40.33 -30.97
CA VAL A 975 36.95 -41.22 -30.13
C VAL A 975 36.28 -41.39 -28.78
N ARG A 976 37.08 -41.55 -27.72
CA ARG A 976 36.58 -41.71 -26.36
C ARG A 976 37.75 -41.64 -25.38
N TYR A 977 37.67 -40.76 -24.37
CA TYR A 977 38.76 -40.66 -23.42
C TYR A 977 38.27 -41.24 -22.11
N ASP A 978 39.06 -42.12 -21.51
CA ASP A 978 38.64 -42.77 -20.27
C ASP A 978 39.11 -41.94 -19.09
N ASN A 979 38.18 -41.23 -18.46
CA ASN A 979 38.44 -40.55 -17.19
C ASN A 979 39.74 -39.77 -17.33
N SER A 980 40.77 -40.19 -16.62
CA SER A 980 42.07 -39.52 -16.72
C SER A 980 42.77 -39.99 -18.00
N GLY A 981 42.98 -39.03 -18.91
CA GLY A 981 44.08 -39.06 -19.85
C GLY A 981 44.36 -40.39 -20.53
N CYS A 982 43.35 -41.17 -20.86
CA CYS A 982 43.56 -42.46 -21.50
C CYS A 982 42.42 -42.76 -22.44
N LEU A 983 42.72 -43.56 -23.46
CA LEU A 983 41.75 -43.92 -24.49
C LEU A 983 41.30 -45.35 -24.26
N VAL A 984 40.06 -45.52 -23.82
CA VAL A 984 39.49 -46.85 -23.70
C VAL A 984 39.44 -47.49 -25.09
N LYS A 985 39.81 -48.76 -25.18
CA LYS A 985 39.81 -49.47 -26.45
C LYS A 985 39.06 -50.79 -26.31
N ARG A 986 37.87 -50.85 -26.93
CA ARG A 986 37.13 -52.09 -27.13
C ARG A 986 37.06 -52.95 -25.88
N GLU A 987 36.97 -52.28 -24.74
CA GLU A 987 36.81 -52.96 -23.46
C GLU A 987 35.54 -52.48 -22.77
N ASP A 988 35.61 -51.29 -22.23
CA ASP A 988 34.55 -50.68 -21.44
C ASP A 988 33.65 -49.78 -22.28
N LEU A 989 33.87 -49.78 -23.60
CA LEU A 989 33.05 -48.95 -24.49
C LEU A 989 31.58 -49.07 -24.14
N ASN A 990 31.04 -50.27 -24.28
CA ASN A 990 29.65 -50.51 -23.91
C ASN A 990 29.44 -50.45 -22.39
N LYS A 991 30.51 -50.65 -21.60
CA LYS A 991 30.37 -50.71 -20.15
C LYS A 991 29.68 -49.49 -19.57
N ALA A 992 29.70 -48.36 -20.30
CA ALA A 992 28.86 -47.20 -20.01
C ALA A 992 29.15 -46.64 -18.61
N GLU A 993 30.33 -47.00 -18.13
CA GLU A 993 30.89 -46.32 -16.99
C GLU A 993 31.60 -45.04 -17.36
N TYR A 994 32.22 -44.97 -18.54
CA TYR A 994 33.04 -43.82 -18.86
C TYR A 994 32.30 -42.69 -19.56
N VAL A 995 31.14 -42.96 -20.19
CA VAL A 995 30.18 -41.93 -20.60
C VAL A 995 30.90 -40.72 -21.19
N ASP A 996 30.95 -39.62 -20.44
CA ASP A 996 31.62 -38.39 -20.86
C ASP A 996 30.91 -37.77 -22.06
N GLN A 997 29.69 -37.29 -21.82
CA GLN A 997 28.81 -36.67 -22.80
C GLN A 997 28.81 -37.50 -24.06
N TYR A 998 28.67 -36.86 -25.21
CA TYR A 998 28.93 -37.46 -26.52
C TYR A 998 28.08 -38.70 -26.78
N ASP A 999 27.49 -39.29 -25.74
CA ASP A 999 26.68 -40.48 -25.95
C ASP A 999 25.27 -40.11 -26.36
N ALA A 1000 24.86 -38.88 -26.08
CA ALA A 1000 23.68 -38.38 -26.78
C ALA A 1000 23.95 -38.33 -28.28
N GLU A 1001 25.17 -37.98 -28.67
CA GLU A 1001 25.47 -37.90 -30.10
C GLU A 1001 25.69 -39.29 -30.68
N ARG A 1002 26.40 -40.17 -29.99
CA ARG A 1002 26.55 -41.53 -30.50
C ARG A 1002 25.19 -42.22 -30.57
N ASP A 1003 24.36 -42.05 -29.55
CA ASP A 1003 23.01 -42.63 -29.63
C ASP A 1003 22.22 -41.98 -30.75
N PHE A 1004 22.47 -40.70 -31.04
CA PHE A 1004 21.85 -40.11 -32.22
C PHE A 1004 22.28 -40.82 -33.48
N TYR A 1005 23.55 -40.66 -33.88
CA TYR A 1005 24.04 -41.26 -35.12
C TYR A 1005 23.70 -42.72 -35.21
N HIS A 1006 24.09 -43.48 -34.18
CA HIS A 1006 23.77 -44.89 -34.08
C HIS A 1006 22.28 -45.13 -34.33
N SER A 1007 21.42 -44.33 -33.72
CA SER A 1007 20.00 -44.47 -33.96
C SER A 1007 19.66 -44.22 -35.42
N LEU A 1008 20.34 -43.26 -36.05
CA LEU A 1008 20.07 -42.94 -37.43
C LEU A 1008 20.42 -44.10 -38.35
N ARG A 1009 21.65 -44.59 -38.23
CA ARG A 1009 22.04 -45.77 -39.00
C ARG A 1009 21.06 -46.91 -38.76
N GLU A 1010 20.68 -47.14 -37.50
CA GLU A 1010 19.76 -48.24 -37.22
C GLU A 1010 18.41 -47.99 -37.87
N TYR A 1011 18.04 -46.73 -38.07
CA TYR A 1011 16.82 -46.44 -38.80
C TYR A 1011 16.97 -46.75 -40.28
N ILE A 1012 18.06 -46.28 -40.89
CA ILE A 1012 18.25 -46.57 -42.31
C ILE A 1012 18.29 -48.07 -42.55
N ASN A 1013 19.07 -48.78 -41.75
CA ASN A 1013 19.06 -50.24 -41.82
C ASN A 1013 17.65 -50.77 -41.66
N GLY A 1014 16.90 -50.21 -40.72
CA GLY A 1014 15.51 -50.60 -40.55
C GLY A 1014 14.66 -50.42 -41.79
N LYS A 1015 14.98 -49.43 -42.62
CA LYS A 1015 14.25 -49.28 -43.86
C LYS A 1015 14.78 -50.22 -44.95
N ALA A 1016 16.09 -50.28 -45.14
CA ALA A 1016 16.64 -51.08 -46.21
C ALA A 1016 16.31 -52.56 -46.05
N THR A 1017 16.29 -53.05 -44.82
CA THR A 1017 15.93 -54.44 -44.60
C THR A 1017 14.55 -54.77 -45.16
N ALA A 1018 13.65 -53.78 -45.23
CA ALA A 1018 12.37 -54.01 -45.87
C ALA A 1018 12.53 -54.23 -47.37
N LEU A 1019 13.21 -53.31 -48.05
CA LEU A 1019 13.48 -53.51 -49.47
C LEU A 1019 14.13 -54.86 -49.73
N ALA A 1020 15.02 -55.30 -48.84
CA ALA A 1020 15.55 -56.65 -48.96
C ALA A 1020 14.45 -57.69 -48.82
N ASN A 1021 13.55 -57.49 -47.86
CA ASN A 1021 12.47 -58.45 -47.66
C ASN A 1021 11.62 -58.61 -48.91
N LEU A 1022 11.08 -57.51 -49.43
CA LEU A 1022 10.28 -57.65 -50.64
C LEU A 1022 11.13 -58.09 -51.82
N ARG A 1023 12.42 -57.83 -51.79
CA ARG A 1023 13.28 -58.31 -52.86
C ARG A 1023 13.33 -59.83 -52.85
N LYS A 1024 13.62 -60.44 -51.70
CA LYS A 1024 13.53 -61.89 -51.63
C LYS A 1024 12.09 -62.38 -51.74
N SER A 1025 11.12 -61.56 -51.35
CA SER A 1025 9.72 -61.97 -51.41
C SER A 1025 9.21 -62.11 -52.84
N ARG A 1026 9.70 -61.29 -53.76
CA ARG A 1026 9.25 -61.33 -55.15
C ARG A 1026 10.01 -62.36 -55.98
N GLY A 1027 10.88 -63.16 -55.36
CA GLY A 1027 11.62 -64.17 -56.05
C GLY A 1027 13.11 -63.92 -56.19
N MET A 1028 13.59 -62.75 -55.77
CA MET A 1028 15.03 -62.50 -55.80
C MET A 1028 15.67 -63.15 -54.58
N LEU A 1029 16.98 -63.01 -54.45
CA LEU A 1029 17.70 -63.45 -53.26
C LEU A 1029 17.77 -62.29 -52.28
N GLY A 1030 17.62 -62.61 -50.99
CA GLY A 1030 17.71 -61.55 -50.01
C GLY A 1030 19.12 -61.00 -50.00
N LEU A 1031 19.26 -59.73 -50.35
CA LEU A 1031 20.59 -59.17 -50.57
C LEU A 1031 21.02 -58.26 -49.42
N LEU A 1032 20.23 -58.17 -48.34
CA LEU A 1032 20.54 -57.27 -47.23
C LEU A 1032 21.97 -57.45 -46.74
N GLU A 1033 22.48 -58.65 -46.79
CA GLU A 1033 23.85 -59.09 -46.59
C GLU A 1033 24.79 -58.27 -47.46
N PRO A 1034 26.00 -57.96 -46.99
CA PRO A 1034 26.98 -57.31 -47.85
C PRO A 1034 27.21 -58.14 -49.11
N PRO A 1035 27.75 -57.56 -50.17
CA PRO A 1035 27.64 -58.18 -51.49
C PRO A 1035 28.30 -59.55 -51.54
N ALA A 1036 28.22 -60.17 -52.72
CA ALA A 1036 28.55 -61.58 -52.81
C ALA A 1036 30.04 -61.80 -52.62
N LYS A 1037 30.45 -63.06 -52.63
CA LYS A 1037 31.85 -63.40 -52.38
C LYS A 1037 32.76 -62.80 -53.44
N GLU A 1038 32.44 -63.01 -54.71
CA GLU A 1038 33.21 -62.46 -55.81
C GLU A 1038 33.01 -60.95 -55.90
N LEU A 1039 33.94 -60.29 -56.58
CA LEU A 1039 33.94 -58.84 -56.68
C LEU A 1039 32.72 -58.36 -57.47
N GLN A 1040 32.42 -57.07 -57.32
CA GLN A 1040 31.35 -56.44 -58.06
C GLN A 1040 31.61 -56.53 -59.56
N GLY A 1041 30.55 -56.43 -60.35
CA GLY A 1041 30.63 -56.70 -61.77
C GLY A 1041 29.89 -57.97 -62.14
N ILE A 1042 29.51 -58.74 -61.13
CA ILE A 1042 28.60 -59.86 -61.36
C ILE A 1042 27.23 -59.34 -61.77
N ASP A 1043 26.77 -58.25 -61.15
CA ASP A 1043 25.47 -57.64 -61.42
C ASP A 1043 24.39 -58.69 -61.18
N PRO A 1044 24.14 -59.06 -59.92
CA PRO A 1044 23.37 -60.28 -59.63
C PRO A 1044 21.98 -60.33 -60.24
N ASP A 1045 21.41 -59.20 -60.64
CA ASP A 1045 20.05 -59.13 -61.17
C ASP A 1045 19.95 -59.72 -62.58
N GLU A 1046 21.09 -60.16 -63.12
CA GLU A 1046 21.17 -60.69 -64.47
C GLU A 1046 20.14 -61.75 -64.80
N THR A 1047 19.87 -62.69 -63.90
CA THR A 1047 19.02 -63.83 -64.19
C THR A 1047 17.53 -63.54 -63.97
N VAL A 1048 17.16 -62.31 -63.63
CA VAL A 1048 15.76 -61.98 -63.39
C VAL A 1048 14.96 -62.20 -64.67
N PRO A 1049 13.72 -62.69 -64.59
CA PRO A 1049 12.85 -62.67 -65.77
C PRO A 1049 12.35 -61.27 -66.06
N ASP A 1050 13.26 -60.31 -66.18
CA ASP A 1050 12.95 -58.94 -66.56
C ASP A 1050 11.93 -58.31 -65.62
N ASN A 1051 10.72 -58.07 -66.13
CA ASN A 1051 9.74 -57.14 -65.57
C ASN A 1051 9.57 -57.25 -64.06
N VAL A 1052 9.76 -58.43 -63.47
CA VAL A 1052 9.76 -58.54 -62.02
C VAL A 1052 10.66 -57.47 -61.42
N LYS A 1053 11.83 -57.23 -62.03
CA LYS A 1053 12.59 -56.03 -61.70
C LYS A 1053 11.70 -54.80 -61.71
N THR A 1054 11.14 -54.44 -62.88
CA THR A 1054 10.34 -53.23 -63.00
C THR A 1054 9.26 -53.18 -61.92
N SER A 1055 8.65 -54.31 -61.60
CA SER A 1055 7.77 -54.37 -60.44
C SER A 1055 8.47 -53.86 -59.20
N VAL A 1056 9.68 -54.35 -58.92
CA VAL A 1056 10.41 -53.83 -57.78
C VAL A 1056 10.66 -52.34 -57.91
N SER A 1057 11.27 -51.92 -59.02
CA SER A 1057 11.61 -50.52 -59.25
C SER A 1057 10.44 -49.58 -59.02
N GLN A 1058 9.23 -49.97 -59.38
CA GLN A 1058 8.10 -49.12 -59.05
C GLN A 1058 7.67 -49.27 -57.60
N LEU A 1059 7.82 -50.44 -57.01
CA LEU A 1059 7.29 -50.61 -55.67
C LEU A 1059 8.20 -49.99 -54.62
N TYR A 1060 9.51 -50.23 -54.72
CA TYR A 1060 10.51 -49.47 -53.96
C TYR A 1060 11.60 -49.03 -54.91
N ARG A 1061 12.16 -47.86 -54.67
CA ARG A 1061 13.48 -47.55 -55.21
C ARG A 1061 14.12 -46.56 -54.26
N ILE A 1062 15.41 -46.75 -53.98
CA ILE A 1062 16.18 -45.84 -53.14
C ILE A 1062 17.51 -45.60 -53.85
N SER A 1063 17.72 -44.39 -54.35
CA SER A 1063 18.88 -44.14 -55.21
C SER A 1063 19.82 -43.14 -54.58
N GLU A 1064 20.97 -43.62 -54.08
CA GLU A 1064 22.14 -42.77 -53.87
C GLU A 1064 21.75 -41.51 -53.13
N LYS A 1065 21.72 -40.38 -53.86
CA LYS A 1065 21.30 -39.10 -53.30
C LYS A 1065 20.02 -39.23 -52.50
N SER A 1066 19.21 -40.26 -52.77
CA SER A 1066 18.15 -40.62 -51.85
C SER A 1066 18.67 -40.65 -50.42
N VAL A 1067 19.78 -41.32 -50.18
CA VAL A 1067 20.39 -41.32 -48.86
C VAL A 1067 21.14 -40.02 -48.59
N ARG A 1068 21.98 -39.58 -49.52
CA ARG A 1068 22.89 -38.47 -49.21
C ARG A 1068 22.13 -37.20 -48.85
N LYS A 1069 21.09 -36.86 -49.61
CA LYS A 1069 20.24 -35.75 -49.20
C LYS A 1069 19.66 -36.03 -47.82
N PHE A 1070 19.24 -37.27 -47.56
CA PHE A 1070 18.68 -37.58 -46.25
C PHE A 1070 19.68 -37.30 -45.14
N LEU A 1071 20.75 -38.08 -45.05
CA LEU A 1071 21.76 -37.86 -44.02
C LEU A 1071 22.15 -36.39 -43.93
N GLU A 1072 22.34 -35.76 -45.09
CA GLU A 1072 22.65 -34.34 -45.09
C GLU A 1072 21.63 -33.54 -44.30
N ILE A 1073 20.34 -33.83 -44.52
CA ILE A 1073 19.31 -33.11 -43.78
C ILE A 1073 19.32 -33.51 -42.32
N ALA A 1074 19.42 -34.80 -42.02
CA ALA A 1074 19.40 -35.24 -40.63
C ALA A 1074 20.46 -34.52 -39.83
N LEU A 1075 21.73 -34.78 -40.13
CA LEU A 1075 22.75 -34.15 -39.33
C LEU A 1075 22.80 -32.65 -39.52
N PHE A 1076 22.29 -32.13 -40.64
CA PHE A 1076 22.17 -30.68 -40.76
C PHE A 1076 21.25 -30.13 -39.69
N LYS A 1077 19.95 -30.47 -39.74
CA LYS A 1077 19.02 -30.01 -38.74
C LYS A 1077 19.51 -30.31 -37.34
N TYR A 1078 20.22 -31.42 -37.17
CA TYR A 1078 20.85 -31.67 -35.89
C TYR A 1078 21.79 -30.55 -35.51
N ARG A 1079 22.86 -30.36 -36.28
CA ARG A 1079 23.86 -29.36 -35.91
C ARG A 1079 23.28 -27.96 -35.84
N LYS A 1080 22.14 -27.72 -36.50
CA LYS A 1080 21.41 -26.49 -36.23
C LYS A 1080 20.65 -26.58 -34.92
N ALA A 1081 20.21 -27.77 -34.53
CA ALA A 1081 19.45 -27.86 -33.28
C ALA A 1081 20.44 -28.19 -32.18
N ARG A 1082 20.76 -27.17 -31.39
CA ARG A 1082 21.67 -27.30 -30.27
C ARG A 1082 21.48 -26.06 -29.43
N LEU A 1083 21.89 -26.10 -28.17
CA LEU A 1083 21.98 -24.81 -27.51
C LEU A 1083 22.89 -23.91 -28.30
N GLU A 1084 22.40 -22.73 -28.60
CA GLU A 1084 23.23 -21.72 -29.22
C GLU A 1084 23.81 -20.84 -28.13
N PRO A 1085 25.10 -20.96 -27.84
CA PRO A 1085 25.63 -20.47 -26.57
C PRO A 1085 25.36 -19.00 -26.37
N GLY A 1086 25.11 -18.63 -25.11
CA GLY A 1086 24.78 -17.28 -24.75
C GLY A 1086 23.30 -17.03 -24.53
N THR A 1087 22.43 -17.86 -25.09
CA THR A 1087 21.01 -17.78 -24.80
C THR A 1087 20.75 -18.12 -23.35
N ALA A 1088 19.75 -17.49 -22.74
CA ALA A 1088 19.49 -17.78 -21.35
C ALA A 1088 18.48 -18.90 -21.25
N ILE A 1089 18.94 -20.10 -20.88
CA ILE A 1089 18.02 -21.21 -20.81
C ILE A 1089 17.34 -21.22 -19.47
N GLY A 1090 17.88 -20.49 -18.51
CA GLY A 1090 17.18 -20.28 -17.27
C GLY A 1090 15.93 -19.45 -17.46
N ALA A 1091 16.07 -18.30 -18.11
CA ALA A 1091 14.91 -17.42 -18.31
C ALA A 1091 13.81 -18.13 -19.07
N ILE A 1092 14.13 -18.77 -20.18
CA ILE A 1092 13.11 -19.55 -20.88
C ILE A 1092 12.61 -20.66 -19.97
N GLY A 1093 13.49 -21.21 -19.13
CA GLY A 1093 13.08 -22.23 -18.19
C GLY A 1093 11.94 -21.78 -17.30
N ALA A 1094 12.01 -20.55 -16.78
CA ALA A 1094 10.94 -20.07 -15.92
C ALA A 1094 9.66 -19.85 -16.70
N GLN A 1095 9.74 -19.16 -17.83
CA GLN A 1095 8.54 -18.89 -18.62
C GLN A 1095 7.83 -20.16 -19.05
N SER A 1096 8.56 -21.15 -19.53
CA SER A 1096 7.95 -22.37 -20.05
C SER A 1096 7.20 -23.17 -19.01
N ILE A 1097 7.29 -22.81 -17.74
CA ILE A 1097 6.54 -23.52 -16.71
C ILE A 1097 5.28 -22.73 -16.36
N GLY A 1098 5.46 -21.51 -15.91
CA GLY A 1098 4.43 -20.77 -15.21
C GLY A 1098 3.02 -20.74 -15.78
N GLU A 1099 2.86 -20.45 -17.06
CA GLU A 1099 1.51 -20.24 -17.58
C GLU A 1099 0.81 -21.58 -17.75
N PRO A 1100 -0.53 -21.60 -17.63
CA PRO A 1100 -1.40 -20.46 -17.35
C PRO A 1100 -1.54 -20.17 -15.86
N MET A 1117 -6.12 -42.63 -2.31
CA MET A 1117 -6.36 -42.38 -3.72
C MET A 1117 -6.47 -40.88 -3.98
N ASN A 1118 -6.99 -40.16 -2.99
CA ASN A 1118 -7.17 -38.72 -3.12
C ASN A 1118 -5.82 -38.04 -3.31
N VAL A 1119 -5.74 -37.12 -4.26
CA VAL A 1119 -4.48 -36.45 -4.59
C VAL A 1119 -4.81 -35.12 -5.25
N THR A 1120 -3.87 -34.17 -5.16
CA THR A 1120 -4.06 -32.88 -5.78
C THR A 1120 -3.10 -32.69 -6.95
N LEU A 1121 -3.67 -32.67 -8.15
CA LEU A 1121 -2.88 -32.51 -9.37
C LEU A 1121 -2.78 -31.09 -9.88
N GLY A 1122 -3.42 -30.11 -9.24
CA GLY A 1122 -3.45 -28.76 -9.75
C GLY A 1122 -2.16 -28.01 -9.58
N VAL A 1123 -2.21 -26.70 -9.83
CA VAL A 1123 -1.08 -25.82 -9.59
C VAL A 1123 -0.62 -25.86 -8.13
N PRO A 1124 -1.48 -25.99 -7.12
CA PRO A 1124 -0.95 -26.00 -5.76
C PRO A 1124 0.03 -27.13 -5.53
N ARG A 1125 -0.10 -28.25 -6.24
CA ARG A 1125 0.91 -29.28 -6.11
C ARG A 1125 2.26 -28.78 -6.62
N ILE A 1126 2.26 -28.07 -7.75
CA ILE A 1126 3.51 -27.50 -8.22
C ILE A 1126 4.03 -26.49 -7.22
N LYS A 1127 3.14 -25.83 -6.48
CA LYS A 1127 3.60 -24.99 -5.37
C LYS A 1127 4.31 -25.83 -4.33
N GLU A 1128 3.82 -27.04 -4.09
CA GLU A 1128 4.34 -27.83 -3.00
C GLU A 1128 5.64 -28.53 -3.38
N ILE A 1129 5.77 -28.95 -4.63
CA ILE A 1129 7.01 -29.58 -5.06
C ILE A 1129 8.09 -28.55 -5.32
N ILE A 1130 7.79 -27.50 -6.06
CA ILE A 1130 8.77 -26.43 -6.21
C ILE A 1130 9.11 -25.82 -4.86
N ASN A 1131 8.13 -25.24 -4.18
CA ASN A 1131 8.38 -24.57 -2.92
C ASN A 1131 9.04 -25.53 -1.94
N ALA A 1132 8.78 -26.84 -2.09
CA ALA A 1132 9.46 -27.89 -1.34
C ALA A 1132 9.27 -27.71 0.16
N SER A 1133 8.03 -27.88 0.60
CA SER A 1133 7.68 -27.73 2.00
C SER A 1133 8.03 -28.99 2.77
N LYS A 1134 7.83 -28.93 4.09
CA LYS A 1134 7.97 -30.12 4.91
C LYS A 1134 6.71 -30.96 4.84
N VAL A 1135 5.64 -30.49 5.48
CA VAL A 1135 4.37 -31.18 5.47
C VAL A 1135 3.64 -30.85 4.17
N ILE A 1136 2.82 -31.79 3.71
CA ILE A 1136 2.13 -31.66 2.45
C ILE A 1136 0.84 -32.46 2.52
N SER A 1137 -0.18 -31.97 1.83
CA SER A 1137 -1.41 -32.73 1.72
C SER A 1137 -1.20 -33.94 0.83
N THR A 1138 -2.08 -34.93 0.99
CA THR A 1138 -2.12 -36.19 0.25
C THR A 1138 -0.75 -36.77 -0.09
N PRO A 1139 0.13 -36.95 0.88
CA PRO A 1139 1.46 -37.52 0.55
C PRO A 1139 1.43 -39.02 0.39
N ILE A 1140 1.07 -39.49 -0.80
CA ILE A 1140 0.88 -40.92 -1.02
C ILE A 1140 2.23 -41.60 -1.22
N ILE A 1141 2.32 -42.85 -0.76
CA ILE A 1141 3.48 -43.70 -0.96
C ILE A 1141 3.07 -44.84 -1.88
N ASN A 1142 3.75 -44.95 -3.01
CA ASN A 1142 3.57 -46.08 -3.90
C ASN A 1142 4.63 -47.13 -3.53
N ALA A 1143 4.19 -48.35 -3.27
CA ALA A 1143 5.10 -49.44 -2.97
C ALA A 1143 4.65 -50.69 -3.71
N VAL A 1144 5.49 -51.18 -4.60
CA VAL A 1144 5.23 -52.50 -5.15
C VAL A 1144 5.69 -53.56 -4.16
N LEU A 1145 4.86 -54.59 -4.04
CA LEU A 1145 5.11 -55.59 -3.03
C LEU A 1145 6.05 -56.67 -3.46
N VAL A 1146 5.49 -57.86 -3.63
CA VAL A 1146 6.28 -59.03 -4.01
C VAL A 1146 5.67 -59.57 -5.28
N ASN A 1147 4.42 -60.03 -5.15
CA ASN A 1147 3.69 -60.82 -6.12
C ASN A 1147 2.24 -60.36 -6.15
N ASP A 1148 1.37 -61.10 -6.83
CA ASP A 1148 -0.07 -60.83 -6.74
C ASP A 1148 -0.74 -62.01 -6.04
N ASN A 1149 -1.07 -61.83 -4.76
CA ASN A 1149 -2.03 -62.66 -4.05
C ASN A 1149 -2.90 -61.73 -3.23
N ASP A 1150 -4.19 -61.65 -3.58
CA ASP A 1150 -5.06 -60.67 -2.92
C ASP A 1150 -5.30 -61.05 -1.47
N GLU A 1151 -5.77 -62.27 -1.24
CA GLU A 1151 -5.75 -62.84 0.09
C GLU A 1151 -4.30 -63.06 0.51
N ARG A 1152 -4.10 -63.17 1.82
CA ARG A 1152 -2.77 -63.35 2.37
C ARG A 1152 -1.84 -62.21 1.98
N ALA A 1153 -0.80 -62.53 1.21
CA ALA A 1153 0.40 -61.69 1.14
C ALA A 1153 0.08 -60.22 1.01
N ALA A 1154 -0.82 -59.86 0.09
CA ALA A 1154 -1.30 -58.49 0.06
C ALA A 1154 -1.90 -58.06 1.39
N ARG A 1155 -3.05 -58.62 1.76
CA ARG A 1155 -3.67 -58.28 3.02
C ARG A 1155 -2.78 -58.59 4.22
N VAL A 1156 -1.88 -59.57 4.09
CA VAL A 1156 -0.85 -59.74 5.11
C VAL A 1156 -0.07 -58.45 5.29
N VAL A 1157 0.63 -58.01 4.24
CA VAL A 1157 1.43 -56.80 4.38
C VAL A 1157 0.55 -55.56 4.45
N LYS A 1158 -0.66 -55.62 3.90
CA LYS A 1158 -1.59 -54.51 4.12
C LYS A 1158 -1.82 -54.29 5.60
N GLY A 1159 -2.05 -55.38 6.34
CA GLY A 1159 -2.12 -55.28 7.78
C GLY A 1159 -0.81 -55.02 8.46
N ARG A 1160 0.31 -55.43 7.84
CA ARG A 1160 1.61 -55.22 8.47
C ARG A 1160 1.87 -53.74 8.70
N VAL A 1161 1.34 -52.87 7.87
CA VAL A 1161 1.31 -51.44 8.17
C VAL A 1161 -0.11 -50.96 7.94
N GLU A 1162 -0.85 -50.72 9.02
CA GLU A 1162 -1.90 -49.71 9.01
C GLU A 1162 -2.04 -49.10 10.40
N LYS A 1163 -1.63 -47.84 10.57
CA LYS A 1163 -1.99 -47.02 11.72
C LYS A 1163 -1.98 -47.85 13.00
N THR A 1164 -3.09 -47.78 13.75
CA THR A 1164 -3.43 -48.75 14.77
C THR A 1164 -4.71 -49.43 14.30
N LEU A 1165 -4.87 -50.69 14.64
CA LEU A 1165 -6.18 -51.28 14.49
C LEU A 1165 -7.00 -51.47 15.76
N LEU A 1166 -6.39 -51.19 16.91
CA LEU A 1166 -7.05 -51.32 18.20
C LEU A 1166 -8.43 -50.67 18.19
N SER A 1167 -8.67 -49.85 17.19
CA SER A 1167 -9.95 -49.17 17.05
C SER A 1167 -10.95 -50.07 16.31
N ASP A 1168 -10.43 -51.12 15.69
CA ASP A 1168 -11.26 -52.06 14.94
C ASP A 1168 -11.16 -53.48 15.51
N VAL A 1169 -10.21 -53.70 16.42
CA VAL A 1169 -10.05 -55.03 16.99
C VAL A 1169 -10.83 -55.22 18.29
N ALA A 1170 -10.27 -54.75 19.39
CA ALA A 1170 -10.92 -54.85 20.69
C ALA A 1170 -12.40 -54.50 20.56
N PHE A 1171 -13.26 -55.50 20.72
CA PHE A 1171 -14.70 -55.30 20.62
C PHE A 1171 -15.19 -54.16 21.51
N TYR A 1172 -15.02 -54.33 22.82
CA TYR A 1172 -15.45 -53.32 23.79
C TYR A 1172 -14.46 -53.22 24.94
N VAL A 1173 -14.56 -52.11 25.67
CA VAL A 1173 -13.73 -51.80 26.83
C VAL A 1173 -14.60 -51.89 28.08
N GLN A 1174 -14.00 -52.27 29.19
CA GLN A 1174 -14.75 -52.50 30.42
C GLN A 1174 -13.90 -52.17 31.63
N ASP A 1175 -14.52 -51.59 32.66
CA ASP A 1175 -13.88 -51.35 33.95
C ASP A 1175 -14.75 -51.95 35.04
N VAL A 1176 -14.11 -52.61 36.00
CA VAL A 1176 -14.79 -53.23 37.13
C VAL A 1176 -14.00 -52.92 38.39
N TYR A 1177 -14.70 -52.72 39.50
CA TYR A 1177 -14.10 -52.49 40.80
C TYR A 1177 -14.55 -53.57 41.76
N LYS A 1178 -13.61 -54.37 42.25
CA LYS A 1178 -13.89 -55.27 43.38
C LYS A 1178 -13.28 -54.60 44.59
N ASP A 1179 -14.12 -53.99 45.43
CA ASP A 1179 -13.72 -53.42 46.71
C ASP A 1179 -12.47 -52.56 46.46
N ASN A 1180 -11.31 -52.91 47.01
CA ASN A 1180 -10.06 -52.19 46.81
C ASN A 1180 -9.34 -52.59 45.53
N LEU A 1181 -9.93 -53.44 44.70
CA LEU A 1181 -9.29 -53.90 43.46
C LEU A 1181 -9.73 -52.99 42.33
N SER A 1182 -8.79 -52.61 41.47
CA SER A 1182 -9.08 -51.82 40.28
C SER A 1182 -8.80 -52.68 39.05
N PHE A 1183 -9.86 -53.08 38.35
CA PHE A 1183 -9.74 -53.96 37.20
C PHE A 1183 -10.11 -53.22 35.92
N ILE A 1184 -9.22 -53.28 34.94
CA ILE A 1184 -9.47 -52.74 33.62
C ILE A 1184 -9.38 -53.92 32.67
N GLN A 1185 -10.51 -54.31 32.09
CA GLN A 1185 -10.58 -55.48 31.21
C GLN A 1185 -11.15 -55.06 29.86
N VAL A 1186 -10.44 -55.41 28.80
CA VAL A 1186 -10.98 -55.28 27.45
C VAL A 1186 -10.92 -56.64 26.78
N ARG A 1187 -11.82 -56.85 25.85
CA ARG A 1187 -11.86 -58.08 25.06
C ARG A 1187 -11.65 -57.72 23.61
N ILE A 1188 -11.30 -58.73 22.81
CA ILE A 1188 -10.97 -58.56 21.40
C ILE A 1188 -11.46 -59.80 20.67
N ASP A 1189 -11.83 -59.65 19.40
CA ASP A 1189 -12.17 -60.79 18.58
C ASP A 1189 -10.96 -61.25 17.78
N LEU A 1190 -10.42 -62.42 18.13
CA LEU A 1190 -9.37 -63.02 17.31
C LEU A 1190 -9.86 -63.36 15.92
N GLY A 1191 -11.13 -63.73 15.79
CA GLY A 1191 -11.70 -63.98 14.48
C GLY A 1191 -11.66 -62.76 13.58
N THR A 1192 -11.48 -61.57 14.15
CA THR A 1192 -11.25 -60.39 13.34
C THR A 1192 -9.81 -60.33 12.86
N ILE A 1193 -8.87 -60.77 13.71
CA ILE A 1193 -7.49 -60.94 13.26
C ILE A 1193 -7.43 -62.00 12.17
N ASP A 1194 -8.45 -62.87 12.11
CA ASP A 1194 -8.63 -63.65 10.88
C ASP A 1194 -9.24 -62.80 9.78
N LYS A 1195 -10.28 -62.03 10.09
CA LYS A 1195 -10.90 -61.16 9.08
C LYS A 1195 -9.88 -60.18 8.52
N LEU A 1196 -9.18 -59.47 9.39
CA LEU A 1196 -8.01 -58.69 8.99
C LEU A 1196 -6.78 -59.47 9.40
N GLN A 1197 -6.09 -60.05 8.43
CA GLN A 1197 -4.96 -60.93 8.75
C GLN A 1197 -3.79 -60.09 9.21
N LEU A 1198 -3.32 -60.33 10.43
CA LEU A 1198 -2.24 -59.58 11.04
C LEU A 1198 -1.31 -60.55 11.76
N GLU A 1199 -0.13 -60.08 12.11
CA GLU A 1199 0.76 -60.84 12.99
C GLU A 1199 0.69 -60.21 14.38
N LEU A 1200 -0.05 -60.89 15.25
CA LEU A 1200 -0.12 -60.59 16.68
C LEU A 1200 -0.73 -61.81 17.35
N THR A 1201 -0.57 -61.92 18.66
CA THR A 1201 -1.28 -62.94 19.40
C THR A 1201 -2.18 -62.30 20.46
N ILE A 1202 -1.66 -62.02 21.65
CA ILE A 1202 -2.16 -60.96 22.51
C ILE A 1202 -0.94 -60.31 23.13
N GLU A 1203 -0.10 -61.12 23.78
CA GLU A 1203 1.09 -60.63 24.45
C GLU A 1203 1.81 -59.60 23.60
N ASP A 1204 1.85 -59.81 22.28
CA ASP A 1204 2.20 -58.73 21.37
C ASP A 1204 1.43 -57.46 21.67
N ILE A 1205 0.12 -57.45 21.45
CA ILE A 1205 -0.67 -56.25 21.73
C ILE A 1205 -0.64 -55.93 23.22
N ALA A 1206 -0.57 -56.95 24.08
CA ALA A 1206 -0.39 -56.70 25.51
C ALA A 1206 0.86 -55.89 25.77
N VAL A 1207 2.04 -56.44 25.44
CA VAL A 1207 3.26 -55.68 25.63
C VAL A 1207 3.24 -54.43 24.76
N ALA A 1208 2.42 -54.41 23.71
CA ALA A 1208 2.27 -53.18 22.94
C ALA A 1208 1.53 -52.15 23.79
N ILE A 1209 0.72 -52.60 24.75
CA ILE A 1209 0.17 -51.66 25.72
C ILE A 1209 1.28 -50.98 26.49
N THR A 1210 2.36 -51.72 26.77
CA THR A 1210 3.53 -51.10 27.37
C THR A 1210 4.32 -50.25 26.40
N ARG A 1211 4.36 -50.64 25.12
CA ARG A 1211 5.06 -49.85 24.13
C ARG A 1211 4.44 -48.46 24.01
N ALA A 1212 3.15 -48.40 23.74
CA ALA A 1212 2.44 -47.13 23.77
C ALA A 1212 2.32 -46.42 25.11
N SER A 1213 2.49 -47.13 26.21
CA SER A 1213 2.56 -46.46 27.52
C SER A 1213 3.89 -45.73 27.74
N LYS A 1214 4.70 -45.69 26.69
CA LYS A 1214 5.87 -44.82 26.70
C LYS A 1214 5.35 -43.46 26.27
N LEU A 1215 4.04 -43.38 25.96
CA LEU A 1215 3.33 -42.14 25.74
C LEU A 1215 2.63 -41.63 26.99
N LYS A 1216 1.66 -42.39 27.52
CA LYS A 1216 0.83 -41.89 28.60
C LYS A 1216 0.99 -42.70 29.89
N ILE A 1217 0.66 -43.98 29.83
CA ILE A 1217 0.55 -44.83 31.03
C ILE A 1217 1.94 -45.06 31.59
N GLN A 1218 2.05 -45.79 32.69
CA GLN A 1218 3.32 -46.32 33.15
C GLN A 1218 3.25 -47.84 33.08
N ALA A 1219 4.39 -48.44 32.72
CA ALA A 1219 4.44 -49.89 32.59
C ALA A 1219 4.25 -50.55 33.95
N SER A 1220 3.27 -51.45 34.03
CA SER A 1220 3.02 -52.13 35.29
C SER A 1220 2.94 -53.64 35.09
N ASP A 1221 1.85 -54.10 34.47
CA ASP A 1221 1.60 -55.53 34.34
C ASP A 1221 0.31 -55.73 33.54
N VAL A 1222 0.16 -56.93 33.02
CA VAL A 1222 -1.06 -57.33 32.32
C VAL A 1222 -1.13 -58.85 32.34
N ASN A 1223 -2.33 -59.40 32.20
CA ASN A 1223 -2.49 -60.83 32.08
C ASN A 1223 -3.74 -61.15 31.28
N ILE A 1224 -3.69 -62.27 30.56
CA ILE A 1224 -4.83 -62.79 29.82
C ILE A 1224 -5.14 -64.19 30.34
N ILE A 1225 -6.43 -64.47 30.53
CA ILE A 1225 -6.89 -65.84 30.73
C ILE A 1225 -7.00 -66.60 29.42
N GLY A 1226 -7.36 -65.93 28.33
CA GLY A 1226 -7.57 -66.51 27.02
C GLY A 1226 -8.58 -65.59 26.37
N LYS A 1227 -8.88 -65.81 25.09
CA LYS A 1227 -9.94 -65.08 24.40
C LYS A 1227 -9.80 -63.56 24.61
N ASP A 1228 -8.56 -63.08 24.55
CA ASP A 1228 -8.26 -61.65 24.54
C ASP A 1228 -8.70 -60.92 25.81
N ARG A 1229 -8.01 -61.15 26.92
CA ARG A 1229 -8.25 -60.45 28.17
C ARG A 1229 -7.02 -59.63 28.53
N ILE A 1230 -7.22 -58.55 29.28
CA ILE A 1230 -6.12 -57.75 29.79
C ILE A 1230 -6.26 -57.61 31.30
N ALA A 1231 -5.19 -57.16 31.94
CA ALA A 1231 -5.23 -56.83 33.36
C ALA A 1231 -4.49 -55.52 33.57
N ILE A 1232 -5.19 -54.49 34.05
CA ILE A 1232 -4.58 -53.21 34.38
C ILE A 1232 -4.99 -52.84 35.79
N ASN A 1233 -4.03 -52.81 36.70
CA ASN A 1233 -4.23 -52.39 38.07
C ASN A 1233 -3.62 -51.01 38.24
N VAL A 1234 -4.37 -50.09 38.84
CA VAL A 1234 -3.91 -48.73 39.04
C VAL A 1234 -4.15 -48.33 40.49
N PHE A 1235 -3.44 -47.28 40.91
CA PHE A 1235 -3.39 -46.80 42.28
C PHE A 1235 -2.47 -45.60 42.29
N PRO A 1236 -2.41 -44.81 43.37
CA PRO A 1236 -1.53 -43.64 43.27
C PRO A 1236 -0.05 -44.01 43.22
N SER A 1252 -5.20 -33.08 47.21
CA SER A 1252 -5.16 -33.46 45.79
C SER A 1252 -5.40 -34.96 45.63
N GLU A 1253 -6.25 -35.51 46.48
CA GLU A 1253 -6.50 -36.94 46.47
C GLU A 1253 -7.57 -37.27 45.42
N ASN A 1254 -8.01 -38.53 45.41
CA ASN A 1254 -8.93 -39.06 44.40
C ASN A 1254 -8.35 -38.93 42.99
N ASP A 1255 -7.02 -38.84 42.91
CA ASP A 1255 -6.34 -38.86 41.62
C ASP A 1255 -6.50 -40.19 40.91
N VAL A 1256 -6.73 -41.27 41.67
CA VAL A 1256 -7.00 -42.57 41.06
C VAL A 1256 -8.18 -42.48 40.12
N PHE A 1257 -9.17 -41.64 40.45
CA PHE A 1257 -10.33 -41.52 39.59
C PHE A 1257 -10.01 -40.78 38.30
N TYR A 1258 -9.25 -39.68 38.39
CA TYR A 1258 -8.93 -38.94 37.18
C TYR A 1258 -8.01 -39.73 36.27
N ARG A 1259 -6.97 -40.35 36.83
CA ARG A 1259 -6.18 -41.29 36.04
C ARG A 1259 -7.08 -42.34 35.40
N MET A 1260 -7.96 -42.94 36.20
CA MET A 1260 -8.91 -43.92 35.68
C MET A 1260 -9.65 -43.40 34.47
N GLN A 1261 -10.12 -42.15 34.53
CA GLN A 1261 -10.84 -41.58 33.41
C GLN A 1261 -9.99 -41.56 32.15
N GLN A 1262 -8.88 -40.82 32.16
CA GLN A 1262 -8.02 -40.75 30.99
C GLN A 1262 -7.66 -42.12 30.46
N LEU A 1263 -7.46 -43.08 31.35
CA LEU A 1263 -7.20 -44.44 30.89
C LEU A 1263 -8.40 -45.02 30.17
N ARG A 1264 -9.59 -44.84 30.71
CA ARG A 1264 -10.81 -45.30 30.06
C ARG A 1264 -11.04 -44.58 28.74
N ARG A 1265 -10.44 -43.42 28.54
CA ARG A 1265 -10.65 -42.61 27.35
C ARG A 1265 -9.64 -42.86 26.25
N ALA A 1266 -8.36 -42.62 26.50
CA ALA A 1266 -7.33 -42.71 25.47
C ALA A 1266 -6.89 -44.13 25.17
N LEU A 1267 -7.08 -45.08 26.10
CA LEU A 1267 -6.65 -46.44 25.83
C LEU A 1267 -7.30 -47.03 24.59
N PRO A 1268 -8.60 -46.86 24.33
CA PRO A 1268 -9.17 -47.34 23.07
C PRO A 1268 -8.83 -46.35 21.97
N ASP A 1269 -7.63 -45.77 22.05
CA ASP A 1269 -6.99 -44.92 21.11
C ASP A 1269 -5.76 -45.56 20.42
N VAL A 1270 -4.71 -45.67 21.24
CA VAL A 1270 -3.33 -45.81 20.82
C VAL A 1270 -2.84 -46.94 19.92
N VAL A 1271 -1.67 -46.73 19.32
CA VAL A 1271 -1.10 -47.65 18.35
C VAL A 1271 -0.99 -49.06 18.94
N VAL A 1272 -1.22 -50.05 18.09
CA VAL A 1272 -1.01 -51.45 18.44
C VAL A 1272 0.01 -52.10 17.50
N LYS A 1273 -0.32 -52.21 16.22
CA LYS A 1273 0.63 -52.72 15.23
C LYS A 1273 0.52 -51.84 13.99
N GLY A 1274 1.64 -51.31 13.55
CA GLY A 1274 1.66 -50.45 12.39
C GLY A 1274 2.80 -49.46 12.49
N LEU A 1275 2.87 -48.59 11.50
CA LEU A 1275 3.87 -47.56 11.43
C LEU A 1275 3.27 -46.27 11.92
N PRO A 1276 3.60 -45.81 13.13
CA PRO A 1276 2.74 -44.83 13.81
C PRO A 1276 2.81 -43.44 13.22
N ASP A 1277 2.71 -43.36 11.90
CA ASP A 1277 2.57 -42.12 11.17
C ASP A 1277 1.42 -42.27 10.18
N ILE A 1278 1.57 -43.27 9.32
CA ILE A 1278 0.65 -43.55 8.23
C ILE A 1278 -0.78 -43.57 8.72
N SER A 1279 -1.66 -42.86 8.02
CA SER A 1279 -3.08 -42.89 8.35
C SER A 1279 -3.72 -44.19 7.86
N ARG A 1280 -3.73 -44.40 6.54
CA ARG A 1280 -4.43 -45.54 5.99
C ARG A 1280 -3.67 -46.09 4.80
N ALA A 1281 -3.92 -47.36 4.51
CA ALA A 1281 -3.27 -48.08 3.42
C ALA A 1281 -4.33 -48.75 2.57
N VAL A 1282 -4.26 -48.53 1.26
CA VAL A 1282 -5.19 -49.11 0.30
C VAL A 1282 -4.42 -50.08 -0.57
N ILE A 1283 -5.09 -51.12 -1.03
CA ILE A 1283 -4.55 -51.94 -2.11
C ILE A 1283 -5.20 -51.52 -3.42
N ASN A 1284 -4.38 -51.39 -4.47
CA ASN A 1284 -4.84 -50.96 -5.78
C ASN A 1284 -4.53 -52.05 -6.79
N ILE A 1285 -5.18 -51.98 -7.93
CA ILE A 1285 -4.99 -52.94 -9.01
C ILE A 1285 -4.09 -52.30 -10.06
N ARG A 1286 -2.93 -52.90 -10.30
CA ARG A 1286 -1.99 -52.39 -11.27
C ARG A 1286 -2.50 -52.71 -12.67
N ASP A 1287 -2.75 -51.68 -13.47
CA ASP A 1287 -3.27 -51.88 -14.82
C ASP A 1287 -4.49 -52.78 -14.75
N ASP A 1288 -4.38 -53.95 -15.34
CA ASP A 1288 -5.41 -54.96 -15.19
C ASP A 1288 -5.00 -56.12 -14.29
N GLY A 1289 -3.98 -56.88 -14.67
CA GLY A 1289 -3.61 -58.07 -13.92
C GLY A 1289 -3.02 -57.87 -12.55
N LYS A 1290 -1.91 -57.13 -12.46
CA LYS A 1290 -1.19 -57.01 -11.21
C LYS A 1290 -1.92 -56.08 -10.24
N ARG A 1291 -1.55 -56.18 -8.96
CA ARG A 1291 -2.08 -55.32 -7.92
C ARG A 1291 -0.94 -54.90 -7.01
N GLU A 1292 -0.93 -53.63 -6.60
CA GLU A 1292 0.05 -53.10 -5.66
C GLU A 1292 -0.61 -52.12 -4.71
N LEU A 1293 -0.15 -52.11 -3.47
CA LEU A 1293 -0.70 -51.23 -2.45
C LEU A 1293 -0.11 -49.83 -2.56
N LEU A 1294 -0.85 -48.86 -2.04
CA LEU A 1294 -0.37 -47.51 -1.83
C LEU A 1294 -0.87 -47.01 -0.49
N VAL A 1295 -0.31 -45.91 -0.01
CA VAL A 1295 -0.32 -45.57 1.41
C VAL A 1295 -0.48 -44.05 1.54
N GLU A 1296 -1.00 -43.60 2.68
CA GLU A 1296 -0.89 -42.20 3.08
C GLU A 1296 -0.03 -42.10 4.33
N GLY A 1297 1.18 -41.58 4.18
CA GLY A 1297 2.08 -41.46 5.31
C GLY A 1297 3.44 -40.98 4.86
N TYR A 1298 4.25 -40.59 5.83
CA TYR A 1298 5.55 -39.98 5.55
C TYR A 1298 6.73 -40.92 5.64
N GLY A 1299 6.55 -42.18 6.02
CA GLY A 1299 7.71 -42.93 6.45
C GLY A 1299 8.80 -43.16 5.43
N LEU A 1300 8.49 -43.89 4.36
CA LEU A 1300 9.36 -44.09 3.20
C LEU A 1300 10.67 -44.80 3.57
N ARG A 1301 10.97 -44.88 4.86
CA ARG A 1301 12.12 -45.66 5.32
C ARG A 1301 11.65 -46.95 5.95
N ASP A 1302 10.88 -46.83 7.02
CA ASP A 1302 10.18 -47.96 7.62
C ASP A 1302 9.43 -48.79 6.59
N VAL A 1303 8.45 -48.18 5.89
CA VAL A 1303 7.68 -48.95 4.92
C VAL A 1303 8.58 -49.62 3.89
N MET A 1304 9.68 -48.97 3.51
CA MET A 1304 10.65 -49.65 2.65
C MET A 1304 11.24 -50.86 3.36
N CYS A 1305 11.57 -50.69 4.64
CA CYS A 1305 12.09 -51.75 5.49
C CYS A 1305 11.06 -52.82 5.78
N THR A 1306 9.78 -52.50 5.67
CA THR A 1306 8.74 -53.48 5.96
C THR A 1306 8.89 -54.69 5.06
N ASP A 1307 8.71 -55.87 5.65
CA ASP A 1307 8.77 -57.10 4.89
C ASP A 1307 7.60 -57.17 3.91
N GLY A 1308 7.75 -57.99 2.88
CA GLY A 1308 6.65 -58.24 1.97
C GLY A 1308 6.50 -57.20 0.88
N VAL A 1309 7.16 -56.06 1.04
CA VAL A 1309 7.23 -55.06 -0.01
C VAL A 1309 8.68 -54.92 -0.43
N ILE A 1310 8.90 -54.85 -1.72
CA ILE A 1310 10.25 -54.89 -2.26
C ILE A 1310 10.82 -53.49 -2.27
N GLY A 1311 11.85 -53.29 -1.46
CA GLY A 1311 12.41 -51.97 -1.28
C GLY A 1311 13.21 -51.52 -2.47
N SER A 1312 13.32 -52.39 -3.48
CA SER A 1312 14.00 -52.03 -4.71
C SER A 1312 13.36 -50.78 -5.30
N ARG A 1313 12.14 -50.91 -5.80
CA ARG A 1313 11.43 -49.75 -6.33
C ARG A 1313 10.22 -49.49 -5.44
N THR A 1314 10.29 -48.41 -4.67
CA THR A 1314 9.13 -47.84 -3.99
C THR A 1314 9.20 -46.34 -4.21
N THR A 1315 8.25 -45.82 -4.97
CA THR A 1315 8.27 -44.41 -5.33
C THR A 1315 7.50 -43.64 -4.26
N THR A 1316 7.45 -42.32 -4.40
CA THR A 1316 6.81 -41.46 -3.44
C THR A 1316 6.71 -40.05 -3.99
N ASN A 1317 6.25 -39.15 -3.15
CA ASN A 1317 6.01 -37.77 -3.49
C ASN A 1317 6.68 -36.88 -2.44
N HIS A 1318 6.37 -35.58 -2.49
CA HIS A 1318 6.94 -34.56 -1.60
C HIS A 1318 8.45 -34.73 -1.50
N VAL A 1319 9.15 -34.32 -2.55
CA VAL A 1319 10.56 -34.62 -2.74
C VAL A 1319 11.36 -34.46 -1.47
N LEU A 1320 11.05 -33.43 -0.66
CA LEU A 1320 11.89 -33.09 0.48
C LEU A 1320 12.15 -34.29 1.37
N GLU A 1321 11.12 -35.07 1.68
CA GLU A 1321 11.33 -36.23 2.53
C GLU A 1321 11.97 -37.38 1.78
N VAL A 1322 11.79 -37.46 0.46
CA VAL A 1322 12.52 -38.45 -0.32
C VAL A 1322 14.00 -38.22 -0.18
N PHE A 1323 14.41 -36.96 -0.11
CA PHE A 1323 15.81 -36.60 0.03
C PHE A 1323 16.43 -37.19 1.30
N SER A 1324 15.63 -37.39 2.34
CA SER A 1324 16.19 -37.80 3.62
C SER A 1324 16.62 -39.26 3.65
N VAL A 1325 16.32 -40.05 2.62
CA VAL A 1325 16.63 -41.47 2.65
C VAL A 1325 17.44 -41.86 1.43
N LEU A 1326 16.90 -41.63 0.24
CA LEU A 1326 17.67 -41.90 -0.96
C LEU A 1326 18.63 -40.74 -1.19
N GLY A 1327 18.10 -39.57 -1.48
CA GLY A 1327 18.83 -38.32 -1.32
C GLY A 1327 19.50 -37.72 -2.54
N ILE A 1328 19.46 -36.39 -2.61
CA ILE A 1328 20.08 -35.60 -3.66
C ILE A 1328 19.71 -36.21 -4.99
N GLU A 1329 20.71 -36.74 -5.70
CA GLU A 1329 20.53 -37.14 -7.09
C GLU A 1329 19.27 -37.97 -7.25
N ALA A 1330 19.00 -38.85 -6.28
CA ALA A 1330 17.71 -39.52 -6.24
C ALA A 1330 16.57 -38.52 -6.19
N ALA A 1331 16.52 -37.71 -5.12
CA ALA A 1331 15.43 -36.75 -4.96
C ALA A 1331 15.21 -35.93 -6.22
N ARG A 1332 16.29 -35.49 -6.87
CA ARG A 1332 16.12 -34.74 -8.10
C ARG A 1332 15.51 -35.61 -9.19
N TYR A 1333 16.08 -36.77 -9.47
CA TYR A 1333 15.45 -37.58 -10.51
C TYR A 1333 14.01 -37.94 -10.16
N SER A 1334 13.62 -37.77 -8.89
CA SER A 1334 12.22 -37.94 -8.53
C SER A 1334 11.39 -36.72 -8.84
N ILE A 1335 11.89 -35.51 -8.56
CA ILE A 1335 11.09 -34.33 -8.87
C ILE A 1335 10.78 -34.28 -10.35
N ILE A 1336 11.79 -34.12 -11.20
CA ILE A 1336 11.52 -33.90 -12.62
C ILE A 1336 10.71 -34.96 -13.34
N ARG A 1337 10.59 -36.15 -12.77
CA ARG A 1337 9.50 -37.02 -13.20
C ARG A 1337 8.08 -36.68 -12.77
N GLU A 1338 7.95 -36.17 -11.55
CA GLU A 1338 6.62 -35.97 -11.00
C GLU A 1338 6.07 -34.58 -11.40
N ILE A 1339 6.97 -33.60 -11.51
CA ILE A 1339 6.58 -32.34 -12.13
C ILE A 1339 6.11 -32.73 -13.52
N ASN A 1340 6.94 -33.45 -14.25
CA ASN A 1340 6.53 -33.88 -15.58
C ASN A 1340 5.25 -34.69 -15.54
N TYR A 1341 5.08 -35.56 -14.55
CA TYR A 1341 3.84 -36.27 -14.32
C TYR A 1341 2.66 -35.34 -14.15
N THR A 1342 2.60 -34.62 -13.03
CA THR A 1342 1.45 -33.80 -12.69
C THR A 1342 1.11 -32.77 -13.74
N MET A 1343 2.08 -32.32 -14.52
CA MET A 1343 1.83 -31.28 -15.50
C MET A 1343 1.51 -31.84 -16.87
N SER A 1344 1.63 -33.15 -17.04
CA SER A 1344 1.08 -33.79 -18.23
C SER A 1344 -0.42 -34.03 -18.11
N ASN A 1345 -0.91 -34.31 -16.90
CA ASN A 1345 -2.32 -34.65 -16.75
C ASN A 1345 -3.22 -33.43 -16.79
N HIS A 1346 -2.63 -32.24 -16.72
CA HIS A 1346 -3.40 -31.07 -17.12
C HIS A 1346 -3.33 -30.82 -18.62
N GLY A 1347 -2.65 -31.68 -19.36
CA GLY A 1347 -2.48 -31.46 -20.78
C GLY A 1347 -1.18 -30.76 -21.12
N MET A 1348 -1.19 -30.10 -22.29
CA MET A 1348 -0.07 -29.40 -22.92
C MET A 1348 1.22 -30.22 -22.95
N SER A 1349 2.37 -29.54 -23.00
CA SER A 1349 3.67 -30.17 -22.80
C SER A 1349 4.67 -29.07 -22.51
N VAL A 1350 5.61 -29.33 -21.62
CA VAL A 1350 6.71 -28.41 -21.39
C VAL A 1350 8.04 -28.90 -21.98
N ASP A 1351 8.10 -30.11 -22.49
CA ASP A 1351 9.34 -30.84 -22.83
C ASP A 1351 10.10 -31.18 -21.57
N PRO A 1352 10.87 -32.27 -21.57
CA PRO A 1352 11.62 -32.62 -20.35
C PRO A 1352 12.80 -31.71 -20.07
N ARG A 1353 13.30 -30.96 -21.05
CA ARG A 1353 14.47 -30.13 -20.81
C ARG A 1353 14.27 -29.18 -19.65
N HIS A 1354 13.42 -28.18 -19.84
CA HIS A 1354 13.13 -27.17 -18.84
C HIS A 1354 12.82 -27.76 -17.48
N ILE A 1355 12.07 -28.85 -17.43
CA ILE A 1355 11.80 -29.46 -16.14
C ILE A 1355 13.08 -30.00 -15.54
N GLN A 1356 13.89 -30.73 -16.31
CA GLN A 1356 15.18 -31.15 -15.80
C GLN A 1356 15.95 -29.99 -15.20
N LEU A 1357 16.03 -28.88 -15.93
CA LEU A 1357 16.80 -27.76 -15.42
C LEU A 1357 16.21 -27.24 -14.13
N LEU A 1358 14.88 -27.11 -14.04
CA LEU A 1358 14.27 -26.71 -12.79
C LEU A 1358 14.68 -27.66 -11.67
N GLY A 1359 14.67 -28.95 -11.94
CA GLY A 1359 15.14 -29.88 -10.93
C GLY A 1359 16.58 -29.68 -10.57
N ASP A 1360 17.38 -29.19 -11.50
CA ASP A 1360 18.79 -29.00 -11.20
C ASP A 1360 19.03 -27.76 -10.35
N VAL A 1361 18.36 -26.65 -10.66
CA VAL A 1361 18.52 -25.50 -9.80
C VAL A 1361 17.85 -25.74 -8.47
N MET A 1362 16.93 -26.69 -8.40
CA MET A 1362 16.41 -27.03 -7.09
C MET A 1362 17.45 -27.80 -6.28
N THR A 1363 17.96 -28.90 -6.83
CA THR A 1363 19.05 -29.61 -6.15
C THR A 1363 20.38 -29.28 -6.82
N TYR A 1364 21.09 -28.40 -6.15
CA TYR A 1364 22.29 -27.79 -6.69
C TYR A 1364 23.40 -27.77 -5.68
N LYS A 1365 23.21 -27.04 -4.60
CA LYS A 1365 23.85 -27.34 -3.31
C LYS A 1365 23.23 -28.63 -2.80
N GLY A 1366 23.88 -29.39 -1.93
CA GLY A 1366 23.39 -30.70 -1.56
C GLY A 1366 21.96 -30.71 -1.07
N GLU A 1367 21.64 -29.83 -0.13
CA GLU A 1367 20.31 -29.75 0.42
C GLU A 1367 19.30 -29.36 -0.66
N VAL A 1368 18.09 -29.91 -0.55
CA VAL A 1368 17.03 -29.58 -1.50
C VAL A 1368 16.22 -28.40 -0.99
N LEU A 1369 16.31 -27.25 -1.67
CA LEU A 1369 15.58 -26.06 -1.23
C LEU A 1369 15.21 -25.07 -2.33
N GLY A 1370 15.01 -23.82 -1.93
CA GLY A 1370 14.63 -22.73 -2.81
C GLY A 1370 13.20 -22.23 -2.95
N ILE A 1371 12.91 -21.63 -4.09
CA ILE A 1371 11.58 -21.05 -4.31
C ILE A 1371 10.80 -20.90 -3.00
N THR A 1372 10.94 -19.71 -2.41
CA THR A 1372 10.40 -19.34 -1.10
C THR A 1372 11.27 -18.12 -0.77
N ARG A 1373 10.83 -17.29 0.19
CA ARG A 1373 11.61 -16.12 0.59
C ARG A 1373 12.95 -16.65 1.06
N PHE A 1374 12.85 -17.76 1.77
CA PHE A 1374 13.97 -18.55 2.27
C PHE A 1374 14.71 -19.24 1.14
N GLY A 1375 14.02 -19.51 0.03
CA GLY A 1375 14.63 -20.22 -1.07
C GLY A 1375 15.77 -19.48 -1.71
N LEU A 1376 15.54 -18.27 -2.20
CA LEU A 1376 16.61 -17.56 -2.90
C LEU A 1376 17.77 -17.23 -1.99
N SER A 1377 17.63 -17.44 -0.68
CA SER A 1377 18.74 -17.27 0.26
C SER A 1377 19.57 -18.55 0.33
N LYS A 1378 19.16 -19.53 -0.48
CA LYS A 1378 19.95 -20.73 -0.72
C LYS A 1378 21.40 -20.44 -1.03
N MET A 1379 21.67 -19.82 -2.17
CA MET A 1379 23.00 -19.59 -2.70
C MET A 1379 23.23 -18.11 -2.86
N ARG A 1380 22.37 -17.47 -3.66
CA ARG A 1380 22.72 -16.25 -4.35
C ARG A 1380 23.35 -15.24 -3.40
N ASP A 1381 24.54 -14.77 -3.79
CA ASP A 1381 25.26 -13.81 -2.98
C ASP A 1381 24.69 -12.41 -3.17
N SER A 1382 24.06 -12.15 -4.32
CA SER A 1382 23.59 -10.81 -4.64
C SER A 1382 22.57 -10.39 -3.59
N VAL A 1383 22.84 -9.29 -2.90
CA VAL A 1383 21.89 -8.81 -1.91
C VAL A 1383 21.00 -7.70 -2.45
N LEU A 1384 21.24 -7.22 -3.67
CA LEU A 1384 20.23 -6.37 -4.29
C LEU A 1384 19.08 -7.21 -4.82
N GLN A 1385 19.35 -8.35 -5.46
CA GLN A 1385 18.20 -9.14 -5.89
C GLN A 1385 17.52 -9.79 -4.71
N LEU A 1386 18.27 -10.39 -3.79
CA LEU A 1386 17.66 -10.82 -2.54
C LEU A 1386 17.00 -9.67 -1.81
N ALA A 1387 17.43 -8.44 -2.09
CA ALA A 1387 16.65 -7.29 -1.68
C ALA A 1387 15.52 -7.00 -2.67
N SER A 1388 15.75 -7.20 -3.97
CA SER A 1388 14.76 -6.91 -5.00
C SER A 1388 13.61 -7.89 -5.01
N PHE A 1389 13.69 -8.96 -4.24
CA PHE A 1389 12.71 -10.02 -4.37
C PHE A 1389 11.64 -9.95 -3.29
N GLU A 1390 11.98 -10.33 -2.07
CA GLU A 1390 10.96 -10.46 -1.03
C GLU A 1390 11.20 -9.61 0.19
N LYS A 1391 12.07 -10.01 1.10
CA LYS A 1391 12.38 -9.21 2.29
C LYS A 1391 13.34 -8.16 1.79
N THR A 1392 12.94 -6.90 1.88
CA THR A 1392 13.70 -5.82 1.26
C THR A 1392 14.55 -5.11 2.29
N THR A 1393 13.89 -4.53 3.30
CA THR A 1393 14.59 -3.81 4.35
C THR A 1393 15.70 -4.65 4.98
N ASP A 1394 15.36 -5.83 5.48
CA ASP A 1394 16.34 -6.49 6.34
C ASP A 1394 17.34 -7.34 5.58
N HIS A 1395 17.16 -7.58 4.29
CA HIS A 1395 18.31 -8.01 3.50
C HIS A 1395 19.36 -6.91 3.42
N LEU A 1396 18.94 -5.65 3.31
CA LEU A 1396 19.91 -4.58 3.30
C LEU A 1396 20.56 -4.38 4.66
N PHE A 1397 19.76 -4.26 5.72
CA PHE A 1397 20.40 -4.08 7.02
C PHE A 1397 21.31 -5.23 7.39
N ASP A 1398 20.77 -6.46 7.41
CA ASP A 1398 21.62 -7.62 7.63
C ASP A 1398 22.85 -7.56 6.73
N ALA A 1399 22.66 -7.23 5.46
CA ALA A 1399 23.78 -7.20 4.53
C ALA A 1399 24.87 -6.24 4.99
N ALA A 1400 24.50 -5.09 5.54
CA ALA A 1400 25.54 -4.15 5.96
C ALA A 1400 26.16 -4.53 7.28
N PHE A 1401 25.36 -5.05 8.21
CA PHE A 1401 25.88 -5.36 9.54
C PHE A 1401 27.02 -6.36 9.47
N TYR A 1402 26.94 -7.30 8.54
CA TYR A 1402 28.03 -8.24 8.30
C TYR A 1402 28.95 -7.79 7.18
N MET A 1403 28.70 -6.62 6.59
CA MET A 1403 29.61 -5.99 5.63
C MET A 1403 29.82 -6.89 4.41
N LYS A 1404 28.70 -7.36 3.87
CA LYS A 1404 28.71 -8.24 2.73
C LYS A 1404 29.30 -7.54 1.51
N LYS A 1405 30.10 -8.26 0.74
CA LYS A 1405 30.84 -7.63 -0.35
C LYS A 1405 29.98 -7.46 -1.60
N ASP A 1406 29.20 -8.47 -1.93
CA ASP A 1406 28.22 -8.39 -3.02
C ASP A 1406 28.77 -7.83 -4.33
N ALA A 1407 29.55 -8.62 -5.06
CA ALA A 1407 29.95 -8.23 -6.41
C ALA A 1407 28.70 -8.10 -7.26
N VAL A 1408 28.66 -7.10 -8.14
CA VAL A 1408 27.53 -6.93 -9.05
C VAL A 1408 27.70 -7.94 -10.19
N GLU A 1409 26.75 -8.84 -10.33
CA GLU A 1409 26.92 -9.92 -11.29
C GLU A 1409 25.71 -10.20 -12.17
N GLY A 1410 24.59 -10.66 -11.61
CA GLY A 1410 23.53 -11.21 -12.42
C GLY A 1410 22.74 -10.15 -13.16
N VAL A 1411 21.60 -10.57 -13.71
CA VAL A 1411 20.83 -9.66 -14.53
C VAL A 1411 19.97 -8.73 -13.68
N SER A 1412 19.03 -9.28 -12.90
CA SER A 1412 18.19 -8.47 -12.04
C SER A 1412 19.02 -7.60 -11.12
N GLU A 1413 20.30 -7.92 -10.97
CA GLU A 1413 21.25 -7.02 -10.36
C GLU A 1413 21.63 -5.86 -11.26
N CYS A 1414 22.22 -6.14 -12.42
CA CYS A 1414 22.71 -5.07 -13.29
C CYS A 1414 21.63 -4.11 -13.76
N ILE A 1415 20.41 -4.60 -14.01
CA ILE A 1415 19.38 -3.68 -14.51
C ILE A 1415 19.11 -2.58 -13.50
N ILE A 1416 19.49 -2.79 -12.23
CA ILE A 1416 19.34 -1.74 -11.23
C ILE A 1416 20.37 -0.66 -11.45
N LEU A 1417 21.64 -1.00 -11.32
CA LEU A 1417 22.69 -0.09 -11.73
C LEU A 1417 22.60 0.31 -13.18
N GLY A 1418 21.79 -0.38 -13.97
CA GLY A 1418 21.58 0.01 -15.34
C GLY A 1418 22.78 -0.16 -16.24
N GLN A 1419 23.80 -0.89 -15.80
CA GLN A 1419 24.89 -1.22 -16.69
C GLN A 1419 24.45 -2.36 -17.60
N THR A 1420 25.33 -2.82 -18.48
CA THR A 1420 24.93 -3.81 -19.46
C THR A 1420 24.69 -5.15 -18.79
N MET A 1421 24.34 -6.13 -19.61
CA MET A 1421 23.92 -7.43 -19.11
C MET A 1421 25.01 -8.45 -19.40
N SER A 1422 25.24 -9.33 -18.45
CA SER A 1422 26.25 -10.35 -18.65
C SER A 1422 25.84 -11.43 -19.63
N ILE A 1423 24.54 -11.75 -19.71
CA ILE A 1423 24.08 -12.92 -20.45
C ILE A 1423 23.13 -12.46 -21.56
N GLY A 1424 23.08 -13.25 -22.62
CA GLY A 1424 22.41 -12.80 -23.83
C GLY A 1424 23.38 -12.11 -24.74
N THR A 1425 22.89 -11.14 -25.51
CA THR A 1425 23.76 -10.35 -26.39
C THR A 1425 24.96 -9.80 -25.65
N GLY A 1426 24.83 -9.57 -24.35
CA GLY A 1426 25.91 -9.02 -23.58
C GLY A 1426 26.95 -10.05 -23.20
N SER A 1427 26.93 -11.20 -23.85
CA SER A 1427 27.81 -12.29 -23.51
C SER A 1427 29.21 -12.16 -24.11
N PHE A 1428 29.39 -11.37 -25.16
CA PHE A 1428 30.69 -11.30 -25.80
C PHE A 1428 31.01 -9.86 -26.18
N LYS A 1429 32.18 -9.40 -25.75
CA LYS A 1429 32.68 -8.12 -26.20
C LYS A 1429 32.95 -8.21 -27.69
N VAL A 1430 32.70 -7.13 -28.41
CA VAL A 1430 32.93 -7.10 -29.86
C VAL A 1430 34.02 -6.09 -30.15
N VAL A 1431 34.85 -6.41 -31.13
CA VAL A 1431 36.12 -5.74 -31.36
C VAL A 1431 36.34 -5.59 -32.85
N LYS A 1432 37.02 -4.52 -33.26
CA LYS A 1432 37.45 -4.39 -34.64
C LYS A 1432 38.95 -4.57 -34.73
N GLY A 1433 39.38 -5.19 -35.83
CA GLY A 1433 40.79 -5.39 -36.08
C GLY A 1433 41.46 -4.10 -36.49
N THR A 1434 42.67 -3.86 -36.00
CA THR A 1434 43.31 -2.59 -36.30
C THR A 1434 43.97 -2.58 -37.67
N ASN A 1435 44.24 -3.76 -38.23
CA ASN A 1435 44.96 -3.88 -39.50
C ASN A 1435 46.25 -3.07 -39.47
N ILE A 1436 47.14 -3.51 -38.59
CA ILE A 1436 48.38 -2.79 -38.30
C ILE A 1436 49.56 -3.58 -38.85
N SER A 1437 50.61 -2.86 -39.25
CA SER A 1437 51.87 -3.47 -39.65
C SER A 1437 52.93 -3.11 -38.62
N GLU A 1438 53.35 -4.10 -37.83
CA GLU A 1438 54.36 -3.85 -36.81
C GLU A 1438 55.70 -3.45 -37.38
N LYS A 1439 55.90 -3.60 -38.70
CA LYS A 1439 57.09 -3.04 -39.33
C LYS A 1439 57.10 -1.52 -39.24
N ASP A 1440 55.93 -0.91 -39.03
CA ASP A 1440 55.82 0.51 -38.77
C ASP A 1440 55.98 0.84 -37.30
N LEU A 1441 56.10 -0.16 -36.44
CA LEU A 1441 56.18 0.05 -35.00
C LEU A 1441 57.60 0.10 -34.47
N VAL A 1442 58.61 -0.10 -35.32
CA VAL A 1442 59.99 0.01 -34.88
C VAL A 1442 60.27 1.48 -34.57
N PRO A 1443 60.93 1.78 -33.45
CA PRO A 1443 61.25 3.19 -33.15
C PRO A 1443 62.25 3.75 -34.14
N LYS A 1444 62.54 5.03 -33.97
CA LYS A 1444 63.59 5.67 -34.77
C LYS A 1444 64.30 6.72 -33.92
N ARG A 1445 65.63 6.70 -33.98
CA ARG A 1445 66.45 7.78 -33.45
C ARG A 1445 67.82 7.69 -34.11
N CYS A 1446 68.57 8.78 -34.06
CA CYS A 1446 69.95 8.79 -34.58
C CYS A 1446 70.92 8.40 -33.47
N LEU A 1447 70.33 7.95 -32.36
CA LEU A 1447 71.07 7.51 -31.18
C LEU A 1447 71.84 8.65 -30.52
N PHE A 1448 71.15 9.76 -30.25
CA PHE A 1448 71.68 10.79 -29.36
C PHE A 1448 72.27 10.21 -28.09
N GLU A 1449 71.62 9.19 -27.50
CA GLU A 1449 72.14 8.47 -26.35
C GLU A 1449 73.51 7.86 -26.61
N SER A 1450 73.63 7.03 -27.64
CA SER A 1450 74.83 6.24 -27.89
C SER A 1450 76.10 7.06 -28.01
N LEU A 1451 76.04 8.23 -28.65
CA LEU A 1451 77.24 9.05 -28.81
C LEU A 1451 77.75 9.60 -27.49
N SER A 1452 76.87 10.25 -26.71
CA SER A 1452 77.24 10.85 -25.44
C SER A 1452 77.47 9.81 -24.35
N ASN A 1453 77.14 8.55 -24.60
CA ASN A 1453 77.36 7.49 -23.61
C ASN A 1453 78.83 7.40 -23.23
N GLU A 1454 79.73 7.48 -24.21
CA GLU A 1454 81.13 7.19 -23.97
C GLU A 1454 81.84 8.28 -23.18
N ALA A 1455 81.18 9.41 -22.93
CA ALA A 1455 81.75 10.40 -22.01
C ALA A 1455 81.59 9.98 -20.55
N ALA A 1456 80.64 9.09 -20.26
CA ALA A 1456 80.40 8.61 -18.91
C ALA A 1456 81.08 7.27 -18.64
N LEU A 1457 81.78 6.70 -19.63
CA LEU A 1457 82.37 5.37 -19.47
C LEU A 1457 83.70 5.40 -18.75
N LYS A 1458 84.36 6.55 -18.66
CA LYS A 1458 85.67 6.63 -18.03
C LYS A 1458 85.58 7.28 -16.66
N ALA A 1459 86.74 7.36 -16.00
CA ALA A 1459 86.88 7.91 -14.66
C ALA A 1459 85.96 7.22 -13.65
N ASN A 1460 85.72 5.93 -13.83
CA ASN A 1460 84.80 5.20 -12.97
C ASN A 1460 85.03 3.69 -13.00
N ASP B 36 -64.95 -11.87 -22.73
CA ASP B 36 -63.60 -12.40 -22.70
C ASP B 36 -63.23 -12.88 -21.30
N GLU B 37 -63.24 -14.20 -21.11
CA GLU B 37 -62.78 -14.74 -19.83
C GLU B 37 -61.27 -14.60 -19.70
N ILE B 38 -60.85 -14.09 -18.56
CA ILE B 38 -59.44 -13.78 -18.34
C ILE B 38 -58.71 -15.09 -18.05
N ASN B 39 -57.52 -15.24 -18.61
CA ASN B 39 -56.88 -16.55 -18.73
C ASN B 39 -55.99 -16.80 -17.52
N THR B 40 -56.41 -17.76 -16.68
CA THR B 40 -55.75 -18.01 -15.40
C THR B 40 -54.26 -18.26 -15.55
N ALA B 41 -53.85 -18.94 -16.62
CA ALA B 41 -52.44 -19.17 -16.89
C ALA B 41 -51.67 -17.88 -17.10
N GLN B 42 -52.12 -17.03 -18.03
CA GLN B 42 -51.44 -15.77 -18.32
C GLN B 42 -51.71 -14.67 -17.31
N ASP B 43 -52.97 -14.42 -16.94
CA ASP B 43 -53.34 -13.21 -16.20
C ASP B 43 -52.68 -13.10 -14.83
N LYS B 44 -52.04 -14.15 -14.32
CA LYS B 44 -51.12 -13.97 -13.20
C LYS B 44 -50.21 -12.79 -13.42
N TRP B 45 -49.77 -12.60 -14.66
CA TRP B 45 -48.85 -11.52 -14.99
C TRP B 45 -49.37 -10.17 -14.55
N HIS B 46 -50.69 -9.94 -14.58
CA HIS B 46 -51.20 -8.62 -14.28
C HIS B 46 -51.07 -8.26 -12.81
N LEU B 47 -50.60 -9.17 -11.97
CA LEU B 47 -50.29 -8.83 -10.60
C LEU B 47 -49.14 -7.85 -10.47
N LEU B 48 -48.02 -8.13 -11.11
CA LEU B 48 -46.76 -7.51 -10.74
C LEU B 48 -46.80 -6.00 -10.95
N PRO B 49 -47.28 -5.50 -12.10
CA PRO B 49 -47.32 -4.04 -12.25
C PRO B 49 -48.12 -3.35 -11.18
N ALA B 50 -49.33 -3.84 -10.87
CA ALA B 50 -50.07 -3.26 -9.76
C ALA B 50 -49.28 -3.33 -8.47
N PHE B 51 -48.65 -4.48 -8.20
CA PHE B 51 -47.70 -4.56 -7.10
C PHE B 51 -46.65 -3.46 -7.20
N LEU B 52 -46.03 -3.30 -8.36
CA LEU B 52 -44.95 -2.36 -8.48
C LEU B 52 -45.45 -0.93 -8.70
N LYS B 53 -46.68 -0.77 -9.16
CA LYS B 53 -47.24 0.58 -9.31
C LYS B 53 -47.51 1.21 -7.94
N VAL B 54 -48.07 0.44 -7.01
CA VAL B 54 -48.39 0.96 -5.70
C VAL B 54 -47.09 1.16 -4.94
N LYS B 55 -46.39 0.07 -4.70
CA LYS B 55 -45.13 0.11 -3.98
C LYS B 55 -44.00 0.21 -5.00
N GLY B 56 -43.32 1.36 -5.00
CA GLY B 56 -42.42 1.69 -6.10
C GLY B 56 -41.27 0.72 -6.24
N LEU B 57 -40.54 0.87 -7.35
CA LEU B 57 -39.40 -0.01 -7.61
C LEU B 57 -38.37 0.10 -6.51
N VAL B 58 -37.95 1.33 -6.18
CA VAL B 58 -37.11 1.53 -5.01
C VAL B 58 -38.01 2.11 -3.93
N LYS B 59 -38.46 1.23 -3.04
CA LYS B 59 -38.83 1.58 -1.69
C LYS B 59 -37.63 1.50 -0.77
N GLN B 60 -36.68 0.62 -1.09
CA GLN B 60 -35.58 0.27 -0.21
C GLN B 60 -34.88 1.49 0.33
N HIS B 61 -34.45 2.39 -0.54
CA HIS B 61 -33.93 3.67 -0.09
C HIS B 61 -35.02 4.64 0.32
N LEU B 62 -36.20 4.55 -0.28
CA LEU B 62 -37.27 5.48 0.10
C LEU B 62 -37.84 5.14 1.46
N ASP B 63 -38.53 4.00 1.56
CA ASP B 63 -39.29 3.73 2.77
C ASP B 63 -38.43 3.72 4.03
N SER B 64 -37.22 3.17 3.99
CA SER B 64 -36.40 3.22 5.18
C SER B 64 -36.04 4.65 5.55
N PHE B 65 -35.83 5.50 4.55
CA PHE B 65 -35.54 6.90 4.87
C PHE B 65 -36.77 7.59 5.43
N ASN B 66 -37.96 7.22 4.97
CA ASN B 66 -39.17 7.78 5.54
C ASN B 66 -39.35 7.34 6.98
N TYR B 67 -39.34 6.03 7.20
CA TYR B 67 -39.44 5.48 8.55
C TYR B 67 -38.41 6.10 9.48
N PHE B 68 -37.23 6.41 8.96
CA PHE B 68 -36.28 7.19 9.74
C PHE B 68 -36.86 8.56 10.12
N VAL B 69 -37.09 9.42 9.13
CA VAL B 69 -37.35 10.83 9.39
C VAL B 69 -38.63 10.99 10.20
N ASP B 70 -39.47 9.97 10.22
CA ASP B 70 -40.70 10.03 10.98
C ASP B 70 -40.51 9.42 12.35
N THR B 71 -40.16 8.14 12.40
CA THR B 71 -40.08 7.42 13.67
C THR B 71 -38.78 7.66 14.43
N ASP B 72 -37.65 7.18 13.94
CA ASP B 72 -36.44 7.11 14.76
C ASP B 72 -36.03 8.47 15.32
N LEU B 73 -36.09 9.52 14.49
CA LEU B 73 -35.79 10.85 15.01
C LEU B 73 -36.58 11.14 16.27
N LYS B 74 -37.87 10.85 16.27
CA LYS B 74 -38.64 10.95 17.50
C LYS B 74 -38.09 10.07 18.60
N LYS B 75 -37.57 8.89 18.28
CA LYS B 75 -37.04 8.02 19.31
C LYS B 75 -35.67 8.46 19.83
N ILE B 76 -34.82 9.02 18.98
CA ILE B 76 -33.47 9.34 19.41
C ILE B 76 -33.48 10.36 20.55
N ILE B 77 -34.23 11.44 20.36
CA ILE B 77 -34.36 12.39 21.46
C ILE B 77 -35.17 11.82 22.59
N LYS B 78 -36.07 10.88 22.29
CA LYS B 78 -36.80 10.22 23.37
C LYS B 78 -35.85 9.40 24.23
N ALA B 79 -34.69 9.05 23.68
CA ALA B 79 -33.62 8.44 24.47
C ALA B 79 -32.86 9.47 25.30
N ASN B 80 -32.38 10.55 24.69
CA ASN B 80 -31.81 11.64 25.49
C ASN B 80 -32.69 12.86 25.27
N GLN B 81 -33.60 13.11 26.21
CA GLN B 81 -34.27 14.39 26.26
C GLN B 81 -33.77 15.30 27.37
N LEU B 82 -32.87 14.83 28.23
CA LEU B 82 -32.45 15.57 29.40
C LEU B 82 -30.93 15.72 29.37
N ILE B 83 -30.47 16.96 29.42
CA ILE B 83 -29.06 17.26 29.66
C ILE B 83 -28.98 18.29 30.77
N LEU B 84 -28.25 17.94 31.82
CA LEU B 84 -27.88 18.91 32.84
C LEU B 84 -26.46 18.62 33.29
N SER B 85 -25.58 19.61 33.16
CA SER B 85 -24.26 19.45 33.72
C SER B 85 -24.36 19.59 35.23
N ASP B 86 -23.24 19.37 35.93
CA ASP B 86 -23.35 19.33 37.38
C ASP B 86 -22.91 20.67 37.96
N VAL B 87 -23.93 21.47 38.27
CA VAL B 87 -23.82 22.77 38.91
C VAL B 87 -25.23 23.35 38.84
N ASP B 88 -25.51 24.33 39.71
CA ASP B 88 -26.82 24.96 39.75
C ASP B 88 -27.90 23.90 39.68
N PRO B 89 -28.15 23.16 40.77
CA PRO B 89 -29.06 22.01 40.68
C PRO B 89 -30.37 22.33 40.02
N GLU B 90 -30.77 23.60 39.99
CA GLU B 90 -31.95 23.96 39.22
C GLU B 90 -31.49 24.49 37.87
N PHE B 91 -31.47 23.57 36.91
CA PHE B 91 -31.42 23.83 35.49
C PHE B 91 -31.83 22.54 34.80
N TYR B 92 -32.54 22.64 33.67
CA TYR B 92 -32.56 21.48 32.78
C TYR B 92 -33.01 21.92 31.40
N LEU B 93 -32.68 21.08 30.43
CA LEU B 93 -32.98 21.32 29.02
C LEU B 93 -33.68 20.06 28.56
N LYS B 94 -34.96 20.15 28.23
CA LYS B 94 -35.73 18.97 27.87
C LYS B 94 -36.16 19.03 26.41
N TYR B 95 -35.57 18.17 25.59
CA TYR B 95 -36.05 17.91 24.25
C TYR B 95 -37.44 17.31 24.31
N VAL B 96 -38.30 17.72 23.40
CA VAL B 96 -39.63 17.12 23.35
C VAL B 96 -39.96 16.64 21.94
N ASP B 97 -39.97 17.54 20.97
CA ASP B 97 -40.41 17.19 19.63
C ASP B 97 -39.26 17.30 18.63
N ILE B 98 -39.31 16.48 17.59
CA ILE B 98 -38.44 16.58 16.43
C ILE B 98 -39.31 16.65 15.18
N ARG B 99 -39.00 17.58 14.29
CA ARG B 99 -39.65 17.66 13.00
C ARG B 99 -38.64 18.07 11.95
N VAL B 100 -38.89 17.67 10.70
CA VAL B 100 -38.09 18.14 9.59
C VAL B 100 -38.97 18.95 8.64
N GLY B 101 -38.70 20.26 8.57
CA GLY B 101 -39.38 21.11 7.63
C GLY B 101 -40.82 21.46 7.95
N LYS B 102 -41.25 21.35 9.20
CA LYS B 102 -42.56 21.90 9.57
C LYS B 102 -42.40 22.65 10.88
N LYS B 103 -42.56 23.97 10.82
CA LYS B 103 -42.47 24.84 11.99
C LYS B 103 -43.84 25.13 12.59
N SER B 104 -44.82 24.33 12.17
CA SER B 104 -46.23 24.50 12.51
C SER B 104 -46.82 25.74 11.83
N SER B 105 -46.51 25.86 10.54
CA SER B 105 -47.14 26.85 9.68
C SER B 105 -48.02 26.17 8.64
N SER B 106 -47.40 25.52 7.66
CA SER B 106 -48.11 24.85 6.58
C SER B 106 -47.91 23.35 6.72
N SER B 107 -48.54 22.58 5.82
CA SER B 107 -48.46 21.13 5.90
C SER B 107 -47.04 20.63 5.65
N THR B 108 -46.50 20.96 4.49
CA THR B 108 -45.10 20.73 4.20
C THR B 108 -44.33 22.02 4.52
N LYS B 109 -43.07 22.08 4.11
CA LYS B 109 -42.21 23.19 4.47
C LYS B 109 -42.75 24.51 3.91
N ASP B 110 -42.50 25.58 4.65
CA ASP B 110 -42.94 26.91 4.23
C ASP B 110 -41.95 27.49 3.22
N TYR B 111 -40.76 26.90 3.16
CA TYR B 111 -39.72 27.33 2.23
C TYR B 111 -38.66 26.24 2.03
N LEU B 112 -38.20 26.12 0.79
CA LEU B 112 -37.18 25.13 0.44
C LEU B 112 -36.54 25.51 -0.89
N THR B 113 -35.54 24.74 -1.32
CA THR B 113 -34.88 25.05 -2.58
C THR B 113 -35.08 23.91 -3.59
N PRO B 114 -35.43 24.22 -4.83
CA PRO B 114 -35.69 23.16 -5.80
C PRO B 114 -34.48 22.28 -5.99
N PRO B 115 -34.65 20.96 -6.01
CA PRO B 115 -33.48 20.08 -6.01
C PRO B 115 -32.61 20.24 -7.24
N HIS B 116 -33.19 20.21 -8.44
CA HIS B 116 -32.35 20.33 -9.63
C HIS B 116 -31.59 21.64 -9.65
N GLU B 117 -32.27 22.73 -9.33
CA GLU B 117 -31.57 23.99 -9.17
C GLU B 117 -30.44 23.85 -8.16
N CYS B 118 -30.66 23.09 -7.09
CA CYS B 118 -29.60 22.86 -6.12
C CYS B 118 -28.46 22.06 -6.71
N ARG B 119 -28.73 21.30 -7.76
CA ARG B 119 -27.70 20.48 -8.37
C ARG B 119 -26.74 21.31 -9.20
N LEU B 120 -27.19 22.49 -9.66
CA LEU B 120 -26.34 23.37 -10.44
C LEU B 120 -25.40 24.22 -9.60
N ARG B 121 -25.86 24.71 -8.45
CA ARG B 121 -25.09 25.64 -7.64
C ARG B 121 -24.06 24.96 -6.76
N ASP B 122 -23.95 23.63 -6.85
CA ASP B 122 -23.05 22.88 -5.98
C ASP B 122 -23.48 23.00 -4.53
N MET B 123 -24.76 23.33 -4.31
CA MET B 123 -25.29 23.41 -2.97
C MET B 123 -25.58 22.03 -2.43
N THR B 124 -26.18 21.95 -1.25
CA THR B 124 -26.69 20.70 -0.74
C THR B 124 -28.20 20.81 -0.61
N TYR B 125 -28.91 19.76 -1.00
CA TYR B 125 -30.36 19.79 -0.95
C TYR B 125 -30.79 19.39 0.45
N SER B 126 -31.44 20.30 1.16
CA SER B 126 -31.63 20.13 2.58
C SER B 126 -32.96 20.69 3.02
N ALA B 127 -33.51 20.08 4.06
CA ALA B 127 -34.60 20.64 4.81
C ALA B 127 -34.07 20.80 6.22
N PRO B 128 -34.45 21.88 6.91
CA PRO B 128 -33.88 22.13 8.23
C PRO B 128 -34.52 21.26 9.28
N ILE B 129 -33.74 20.98 10.32
CA ILE B 129 -34.23 20.29 11.52
C ILE B 129 -34.96 21.31 12.38
N TYR B 130 -36.05 20.90 12.99
CA TYR B 130 -36.74 21.70 13.99
C TYR B 130 -36.83 20.89 15.27
N VAL B 131 -36.68 21.56 16.40
CA VAL B 131 -36.81 20.93 17.70
C VAL B 131 -37.70 21.80 18.57
N ASP B 132 -38.01 21.30 19.76
CA ASP B 132 -38.73 22.02 20.79
C ASP B 132 -38.10 21.62 22.12
N ILE B 133 -37.78 22.59 22.97
CA ILE B 133 -37.16 22.29 24.25
C ILE B 133 -37.87 23.03 25.35
N GLU B 134 -38.54 22.29 26.23
CA GLU B 134 -38.85 22.84 27.55
C GLU B 134 -37.51 22.89 28.29
N TYR B 135 -37.21 24.06 28.81
CA TYR B 135 -35.94 24.28 29.48
C TYR B 135 -36.14 25.11 30.73
N THR B 136 -35.04 25.53 31.32
CA THR B 136 -35.07 26.34 32.52
C THR B 136 -34.05 27.47 32.41
N ARG B 137 -34.54 28.70 32.49
CA ARG B 137 -33.64 29.84 32.49
C ARG B 137 -33.66 30.55 33.83
N GLY B 138 -34.69 31.37 34.08
CA GLY B 138 -34.73 32.18 35.28
C GLY B 138 -35.67 31.68 36.35
N ARG B 139 -36.20 32.61 37.13
CA ARG B 139 -37.14 32.30 38.20
C ARG B 139 -38.46 31.84 37.60
N ASN B 140 -38.94 30.67 38.02
CA ASN B 140 -40.28 30.17 37.74
C ASN B 140 -40.68 30.43 36.29
N ILE B 141 -39.98 29.81 35.35
CA ILE B 141 -40.05 30.28 33.97
C ILE B 141 -40.37 29.15 32.99
N ILE B 142 -39.45 28.19 32.86
CA ILE B 142 -39.60 26.98 32.05
C ILE B 142 -40.23 27.29 30.69
N MET B 143 -39.63 28.22 29.97
CA MET B 143 -40.08 28.65 28.66
C MET B 143 -39.77 27.56 27.62
N HIS B 144 -40.24 27.74 26.39
CA HIS B 144 -39.82 26.88 25.28
C HIS B 144 -40.25 27.46 23.94
N LYS B 145 -39.80 26.82 22.85
CA LYS B 145 -39.92 27.36 21.50
C LYS B 145 -39.87 26.29 20.43
N ASP B 146 -39.73 26.73 19.16
CA ASP B 146 -39.40 25.88 18.02
C ASP B 146 -38.12 26.41 17.38
N VAL B 147 -37.10 25.56 17.30
CA VAL B 147 -35.73 26.01 17.03
C VAL B 147 -35.07 25.12 16.00
N GLU B 148 -34.23 25.73 15.15
CA GLU B 148 -33.38 25.00 14.22
C GLU B 148 -32.11 24.57 14.92
N ILE B 149 -31.82 23.26 14.92
CA ILE B 149 -30.51 22.81 15.35
C ILE B 149 -29.59 22.54 14.17
N GLY B 150 -30.08 22.65 12.94
CA GLY B 150 -29.27 22.37 11.78
C GLY B 150 -30.13 21.84 10.65
N ARG B 151 -29.46 21.29 9.64
CA ARG B 151 -30.15 20.91 8.41
C ARG B 151 -29.82 19.49 7.99
N MET B 152 -30.85 18.66 7.92
CA MET B 152 -30.75 17.29 7.45
C MET B 152 -30.78 17.28 5.93
N PRO B 153 -29.99 16.47 5.27
CA PRO B 153 -30.01 16.44 3.81
C PRO B 153 -31.03 15.48 3.24
N ILE B 154 -32.29 15.86 3.15
CA ILE B 154 -33.36 14.91 2.84
C ILE B 154 -33.15 14.34 1.45
N MET B 155 -33.73 13.17 1.21
CA MET B 155 -33.50 12.38 0.01
C MET B 155 -34.58 12.65 -1.02
N LEU B 156 -34.19 12.68 -2.28
CA LEU B 156 -35.13 12.93 -3.36
C LEU B 156 -36.28 11.93 -3.33
N ARG B 157 -37.48 12.45 -3.60
CA ARG B 157 -38.68 11.62 -3.71
C ARG B 157 -38.95 10.85 -2.43
N SER B 158 -38.59 11.46 -1.30
CA SER B 158 -38.93 10.95 0.02
C SER B 158 -40.32 11.42 0.38
N ASN B 159 -40.66 11.28 1.66
CA ASN B 159 -41.83 11.98 2.16
C ASN B 159 -41.66 13.49 2.07
N LYS B 160 -40.50 14.00 2.46
CA LYS B 160 -40.32 15.41 2.72
C LYS B 160 -39.79 16.20 1.53
N CYS B 161 -39.39 15.54 0.45
CA CYS B 161 -38.92 16.27 -0.71
C CYS B 161 -40.05 17.02 -1.39
N ILE B 162 -39.68 18.07 -2.11
CA ILE B 162 -40.69 18.83 -2.84
C ILE B 162 -41.32 17.97 -3.92
N LEU B 163 -40.55 17.02 -4.46
CA LEU B 163 -40.99 16.28 -5.63
C LEU B 163 -42.13 15.33 -5.32
N TYR B 164 -42.28 14.97 -4.04
CA TYR B 164 -43.18 13.90 -3.64
C TYR B 164 -44.59 14.19 -4.12
N ASP B 165 -45.15 13.25 -4.88
CA ASP B 165 -46.45 13.41 -5.51
C ASP B 165 -46.59 14.75 -6.22
N ALA B 166 -45.83 14.94 -7.29
CA ALA B 166 -46.00 16.07 -8.19
C ALA B 166 -46.26 15.53 -9.58
N ASP B 167 -47.15 16.20 -10.33
CA ASP B 167 -47.65 15.56 -11.54
C ASP B 167 -47.18 16.34 -12.77
N GLU B 168 -46.13 15.82 -13.41
CA GLU B 168 -45.87 15.98 -14.84
C GLU B 168 -45.80 17.42 -15.31
N SER B 169 -46.20 18.34 -14.43
CA SER B 169 -46.21 19.76 -14.75
C SER B 169 -45.44 20.51 -13.68
N LYS B 170 -45.89 20.40 -12.43
CA LYS B 170 -45.04 20.74 -11.32
C LYS B 170 -43.64 20.16 -11.51
N MET B 171 -43.54 18.94 -12.03
CA MET B 171 -42.27 18.42 -12.54
C MET B 171 -41.57 19.41 -13.46
N ALA B 172 -42.29 20.04 -14.37
CA ALA B 172 -41.63 20.98 -15.27
C ALA B 172 -41.21 22.25 -14.55
N LYS B 173 -42.10 22.81 -13.72
CA LYS B 173 -41.76 24.04 -13.01
C LYS B 173 -40.57 23.82 -12.09
N LEU B 174 -40.40 22.62 -11.55
CA LEU B 174 -39.20 22.29 -10.80
C LEU B 174 -38.06 21.82 -11.69
N ASN B 175 -38.27 21.77 -13.00
CA ASN B 175 -37.18 21.59 -13.96
C ASN B 175 -36.37 20.34 -13.64
N GLU B 176 -37.04 19.19 -13.73
CA GLU B 176 -36.46 17.94 -13.27
C GLU B 176 -37.20 16.79 -13.93
N CYS B 177 -36.57 15.62 -13.98
CA CYS B 177 -37.10 14.52 -14.76
C CYS B 177 -38.27 13.84 -14.08
N PRO B 178 -39.33 13.48 -14.81
CA PRO B 178 -40.37 12.64 -14.22
C PRO B 178 -39.89 11.23 -13.95
N LEU B 179 -39.01 10.69 -14.78
CA LEU B 179 -38.65 9.28 -14.71
C LEU B 179 -37.45 9.01 -13.81
N ASP B 180 -36.90 10.02 -13.18
CA ASP B 180 -35.76 9.82 -12.30
C ASP B 180 -36.14 8.85 -11.19
N PRO B 181 -35.42 7.75 -11.00
CA PRO B 181 -35.77 6.82 -9.92
C PRO B 181 -35.84 7.48 -8.57
N GLY B 182 -34.89 8.35 -8.25
CA GLY B 182 -34.95 8.94 -6.94
C GLY B 182 -34.44 7.98 -5.88
N GLY B 183 -34.40 8.48 -4.66
CA GLY B 183 -33.85 7.69 -3.58
C GLY B 183 -32.37 7.88 -3.39
N TYR B 184 -31.81 8.96 -3.91
CA TYR B 184 -30.40 9.27 -3.78
C TYR B 184 -30.24 10.68 -3.24
N PHE B 185 -29.36 10.84 -2.26
CA PHE B 185 -29.18 12.16 -1.69
C PHE B 185 -28.43 13.03 -2.68
N ILE B 186 -28.30 14.30 -2.36
CA ILE B 186 -27.49 15.22 -3.15
C ILE B 186 -26.80 16.23 -2.25
N VAL B 187 -25.48 16.30 -2.28
CA VAL B 187 -24.70 17.19 -1.42
C VAL B 187 -23.55 17.78 -2.21
N ASN B 188 -23.24 19.04 -1.91
CA ASN B 188 -22.16 19.78 -2.56
C ASN B 188 -22.28 19.74 -4.07
N GLY B 189 -23.50 19.59 -4.56
CA GLY B 189 -23.77 19.60 -5.97
C GLY B 189 -23.67 18.27 -6.66
N THR B 190 -22.95 17.31 -6.11
CA THR B 190 -23.02 15.95 -6.60
C THR B 190 -24.14 15.27 -5.84
N GLU B 191 -24.41 14.01 -6.18
CA GLU B 191 -25.53 13.35 -5.54
C GLU B 191 -25.10 12.15 -4.71
N LYS B 192 -24.43 11.21 -5.34
CA LYS B 192 -24.12 9.93 -4.73
C LYS B 192 -25.40 9.24 -4.29
N VAL B 193 -25.33 8.45 -3.22
CA VAL B 193 -26.30 7.43 -2.88
C VAL B 193 -25.86 6.81 -1.57
N ILE B 194 -26.79 6.21 -0.84
CA ILE B 194 -26.38 5.28 0.19
C ILE B 194 -26.55 3.89 -0.40
N LEU B 195 -25.43 3.25 -0.70
CA LEU B 195 -25.48 1.94 -1.31
C LEU B 195 -25.94 0.92 -0.29
N VAL B 196 -27.01 0.21 -0.60
CA VAL B 196 -27.59 -0.75 0.34
C VAL B 196 -26.52 -1.74 0.72
N GLN B 197 -26.26 -1.85 2.02
CA GLN B 197 -25.05 -2.51 2.48
C GLN B 197 -25.39 -3.79 3.24
N GLU B 198 -25.08 -4.92 2.63
CA GLU B 198 -25.33 -6.22 3.24
C GLU B 198 -24.46 -6.36 4.47
N GLN B 199 -24.97 -7.06 5.48
CA GLN B 199 -24.27 -7.25 6.73
C GLN B 199 -24.53 -8.65 7.25
N LEU B 200 -23.57 -9.18 8.00
CA LEU B 200 -23.74 -10.51 8.56
C LEU B 200 -24.89 -10.52 9.55
N SER B 201 -25.47 -11.70 9.76
CA SER B 201 -26.47 -11.87 10.79
C SER B 201 -25.91 -11.39 12.12
N LYS B 202 -26.67 -10.56 12.83
CA LYS B 202 -26.22 -10.08 14.11
C LYS B 202 -27.24 -10.44 15.18
N ASN B 203 -26.75 -10.92 16.32
CA ASN B 203 -27.57 -11.44 17.40
C ASN B 203 -28.35 -12.66 16.93
N ARG B 204 -27.63 -13.59 16.32
CA ARG B 204 -28.13 -14.94 16.09
C ARG B 204 -27.01 -15.92 16.32
N ILE B 205 -27.31 -17.20 16.15
CA ILE B 205 -26.32 -18.23 16.42
C ILE B 205 -25.68 -18.67 15.10
N ILE B 206 -24.37 -18.84 15.11
CA ILE B 206 -23.65 -19.40 13.98
C ILE B 206 -22.65 -20.41 14.49
N VAL B 207 -22.45 -21.48 13.73
CA VAL B 207 -21.57 -22.57 14.12
C VAL B 207 -20.66 -22.90 12.95
N GLU B 208 -19.36 -22.71 13.13
CA GLU B 208 -18.39 -23.08 12.12
C GLU B 208 -17.55 -24.26 12.58
N ALA B 209 -17.56 -25.30 11.75
CA ALA B 209 -16.64 -26.41 11.90
C ALA B 209 -15.34 -26.06 11.20
N ASP B 210 -14.42 -27.01 11.20
CA ASP B 210 -13.12 -26.82 10.56
C ASP B 210 -12.30 -28.08 10.77
N GLU B 211 -11.23 -28.19 9.99
CA GLU B 211 -10.14 -29.08 10.36
C GLU B 211 -9.46 -28.51 11.60
N LYS B 212 -8.71 -29.37 12.31
CA LYS B 212 -8.19 -29.08 13.64
C LYS B 212 -9.31 -28.47 14.48
N LYS B 213 -9.03 -27.41 15.24
CA LYS B 213 -10.08 -26.64 15.89
C LYS B 213 -10.94 -27.54 16.76
N GLY B 214 -12.14 -27.88 16.30
CA GLY B 214 -13.20 -28.23 17.22
C GLY B 214 -14.39 -27.28 17.19
N ILE B 215 -14.59 -26.64 16.04
CA ILE B 215 -15.89 -26.07 15.68
C ILE B 215 -16.26 -24.89 16.58
N VAL B 216 -15.68 -23.73 16.31
CA VAL B 216 -16.05 -22.48 16.96
C VAL B 216 -17.53 -22.23 16.76
N GLN B 217 -18.18 -21.70 17.79
CA GLN B 217 -19.50 -21.10 17.65
C GLN B 217 -19.40 -19.62 17.97
N ALA B 218 -20.32 -18.85 17.43
CA ALA B 218 -20.34 -17.42 17.69
C ALA B 218 -21.77 -16.92 17.69
N SER B 219 -22.03 -15.98 18.59
CA SER B 219 -23.19 -15.13 18.50
C SER B 219 -22.68 -13.71 18.75
N VAL B 220 -22.75 -12.87 17.72
CA VAL B 220 -22.36 -11.48 17.86
C VAL B 220 -23.63 -10.66 17.95
N THR B 221 -23.85 -10.07 19.11
CA THR B 221 -25.15 -9.53 19.47
C THR B 221 -25.02 -8.11 19.98
N SER B 222 -25.87 -7.24 19.45
CA SER B 222 -25.79 -5.82 19.74
C SER B 222 -27.21 -5.26 19.82
N SER B 223 -27.47 -4.52 20.89
CA SER B 223 -28.65 -3.66 20.93
C SER B 223 -28.20 -2.33 21.49
N THR B 224 -28.25 -1.28 20.68
CA THR B 224 -27.81 0.04 21.12
C THR B 224 -26.42 -0.09 21.71
N HIS B 225 -26.34 0.10 23.02
CA HIS B 225 -25.10 0.04 23.79
C HIS B 225 -24.28 -1.21 23.49
N GLU B 226 -22.99 -0.98 23.20
CA GLU B 226 -21.92 -1.98 23.21
C GLU B 226 -22.13 -3.18 22.28
N ARG B 227 -21.87 -3.02 20.99
CA ARG B 227 -21.69 -4.22 20.18
C ARG B 227 -20.64 -5.10 20.83
N LYS B 228 -20.95 -6.39 20.94
CA LYS B 228 -19.96 -7.27 21.54
C LYS B 228 -20.08 -8.66 20.93
N SER B 229 -18.93 -9.28 20.71
CA SER B 229 -18.83 -10.63 20.20
C SER B 229 -18.52 -11.58 21.34
N LYS B 230 -19.12 -12.77 21.29
CA LYS B 230 -18.73 -13.86 22.16
C LYS B 230 -18.44 -15.09 21.32
N THR B 231 -17.17 -15.48 21.26
CA THR B 231 -16.78 -16.69 20.60
C THR B 231 -16.64 -17.80 21.63
N TYR B 232 -17.08 -18.99 21.26
CA TYR B 232 -17.04 -20.12 22.18
C TYR B 232 -16.55 -21.38 21.48
N VAL B 233 -15.58 -22.07 22.05
CA VAL B 233 -14.92 -23.15 21.33
C VAL B 233 -14.29 -24.12 22.31
N ILE B 234 -14.06 -25.35 21.84
CA ILE B 234 -13.14 -26.27 22.50
C ILE B 234 -11.75 -25.66 22.55
N THR B 235 -11.00 -26.01 23.59
CA THR B 235 -9.57 -25.79 23.57
C THR B 235 -8.89 -27.09 23.14
N LYS B 236 -9.00 -28.12 23.97
CA LYS B 236 -8.36 -29.41 23.71
C LYS B 236 -9.30 -30.53 24.12
N ASN B 237 -9.58 -31.45 23.20
CA ASN B 237 -10.12 -32.76 23.57
C ASN B 237 -11.42 -32.69 24.37
N GLY B 238 -12.51 -32.29 23.73
CA GLY B 238 -13.81 -32.29 24.38
C GLY B 238 -13.95 -31.21 25.44
N LYS B 239 -12.86 -30.53 25.73
CA LYS B 239 -12.81 -29.55 26.80
C LYS B 239 -13.09 -28.19 26.19
N ILE B 240 -14.26 -27.63 26.51
CA ILE B 240 -14.86 -26.53 25.76
C ILE B 240 -15.02 -25.32 26.65
N TYR B 241 -14.61 -24.16 26.13
CA TYR B 241 -14.52 -22.93 26.91
C TYR B 241 -15.18 -21.77 26.17
N LEU B 242 -15.49 -20.72 26.93
CA LEU B 242 -15.88 -19.41 26.40
C LEU B 242 -14.62 -18.58 26.24
N LYS B 243 -14.26 -18.24 25.01
CA LYS B 243 -13.29 -17.18 24.85
C LYS B 243 -14.03 -15.87 24.65
N HIS B 244 -14.00 -15.00 25.64
CA HIS B 244 -14.75 -13.77 25.52
C HIS B 244 -13.88 -12.60 25.94
N ASN B 245 -13.55 -11.75 24.96
CA ASN B 245 -12.58 -10.69 25.22
C ASN B 245 -13.06 -9.70 26.27
N SER B 246 -14.38 -9.64 26.49
CA SER B 246 -14.89 -8.91 27.65
C SER B 246 -14.28 -9.45 28.93
N ILE B 247 -14.56 -10.72 29.23
CA ILE B 247 -13.95 -11.42 30.35
C ILE B 247 -12.50 -11.65 29.93
N ALA B 248 -11.71 -12.37 30.74
CA ALA B 248 -10.35 -12.57 30.28
C ALA B 248 -10.32 -13.69 29.27
N GLU B 249 -10.40 -14.94 29.74
CA GLU B 249 -10.27 -16.09 28.84
C GLU B 249 -10.92 -17.33 29.43
N GLU B 250 -11.31 -18.23 28.53
CA GLU B 250 -11.40 -19.67 28.74
C GLU B 250 -12.00 -20.12 30.07
N ILE B 251 -13.30 -19.98 30.24
CA ILE B 251 -14.01 -20.53 31.40
C ILE B 251 -14.59 -21.87 30.98
N PRO B 252 -14.40 -22.93 31.76
CA PRO B 252 -15.04 -24.21 31.46
C PRO B 252 -16.56 -24.06 31.44
N ILE B 253 -17.18 -24.64 30.41
CA ILE B 253 -18.60 -24.41 30.18
C ILE B 253 -19.46 -24.91 31.33
N ALA B 254 -19.02 -25.93 32.07
CA ALA B 254 -19.82 -26.38 33.20
C ALA B 254 -19.86 -25.34 34.29
N ILE B 255 -18.74 -24.65 34.53
CA ILE B 255 -18.72 -23.58 35.53
C ILE B 255 -19.74 -22.49 35.20
N VAL B 256 -19.55 -21.81 34.08
CA VAL B 256 -20.50 -20.79 33.66
C VAL B 256 -21.92 -21.33 33.66
N LEU B 257 -22.09 -22.55 33.17
CA LEU B 257 -23.42 -23.13 33.12
C LEU B 257 -24.02 -23.25 34.51
N LYS B 258 -23.21 -23.59 35.52
CA LYS B 258 -23.65 -23.48 36.91
C LYS B 258 -24.05 -22.06 37.24
N ALA B 259 -23.11 -21.12 37.15
CA ALA B 259 -23.33 -19.74 37.54
C ALA B 259 -24.53 -19.13 36.84
N CYS B 260 -24.99 -19.73 35.75
CA CYS B 260 -26.22 -19.35 35.09
C CYS B 260 -27.44 -20.01 35.73
N GLY B 261 -27.23 -20.75 36.81
CA GLY B 261 -28.36 -21.14 37.63
C GLY B 261 -28.78 -22.59 37.58
N ILE B 262 -28.29 -23.38 36.63
CA ILE B 262 -28.60 -24.80 36.67
C ILE B 262 -27.50 -25.52 37.44
N LEU B 263 -27.82 -25.89 38.68
CA LEU B 263 -26.82 -26.42 39.59
C LEU B 263 -26.83 -27.94 39.74
N SER B 264 -27.86 -28.65 39.30
CA SER B 264 -27.94 -30.07 39.56
C SER B 264 -26.84 -30.86 38.89
N ASP B 265 -26.35 -30.40 37.74
CA ASP B 265 -25.08 -30.84 37.17
C ASP B 265 -25.18 -32.25 36.60
N LEU B 266 -26.08 -33.08 37.12
CA LEU B 266 -26.27 -34.38 36.49
C LEU B 266 -27.55 -34.38 35.67
N GLU B 267 -28.31 -33.29 35.74
CA GLU B 267 -29.35 -33.04 34.75
C GLU B 267 -28.84 -32.19 33.61
N ILE B 268 -27.66 -31.57 33.77
CA ILE B 268 -27.02 -30.86 32.67
C ILE B 268 -26.86 -31.79 31.48
N MET B 269 -26.39 -33.01 31.73
CA MET B 269 -26.39 -34.00 30.67
C MET B 269 -27.76 -34.16 30.04
N GLN B 270 -28.83 -34.21 30.82
CA GLN B 270 -30.13 -34.25 30.19
C GLN B 270 -30.39 -33.02 29.35
N LEU B 271 -29.81 -31.88 29.70
CA LEU B 271 -30.09 -30.64 29.00
C LEU B 271 -29.16 -30.41 27.82
N VAL B 272 -27.89 -30.06 28.08
CA VAL B 272 -26.99 -29.73 26.98
C VAL B 272 -26.65 -30.92 26.10
N CYS B 273 -26.53 -32.10 26.68
CA CYS B 273 -26.23 -33.33 25.97
C CYS B 273 -27.46 -33.87 25.24
N GLY B 274 -28.46 -34.33 25.98
CA GLY B 274 -29.63 -34.90 25.36
C GLY B 274 -30.20 -36.01 26.21
N ASN B 275 -31.03 -36.87 25.62
CA ASN B 275 -31.53 -38.01 26.38
C ASN B 275 -30.47 -39.09 26.49
N ASP B 276 -30.19 -39.80 25.40
CA ASP B 276 -29.25 -40.91 25.45
C ASP B 276 -28.15 -40.69 24.42
N SER B 277 -28.47 -40.97 23.17
CA SER B 277 -27.65 -40.74 21.97
C SER B 277 -26.23 -41.28 22.18
N SER B 278 -25.26 -40.66 21.52
CA SER B 278 -23.84 -40.85 21.81
C SER B 278 -23.25 -39.69 22.58
N TYR B 279 -24.02 -38.63 22.80
CA TYR B 279 -23.49 -37.43 23.43
C TYR B 279 -23.10 -37.68 24.88
N GLN B 280 -23.43 -38.86 25.41
CA GLN B 280 -23.04 -39.20 26.77
C GLN B 280 -21.57 -38.90 27.03
N ASP B 281 -20.69 -39.70 26.45
CA ASP B 281 -19.25 -39.61 26.69
C ASP B 281 -18.64 -38.39 26.05
N ILE B 282 -19.05 -38.07 24.83
CA ILE B 282 -18.49 -36.95 24.06
C ILE B 282 -18.52 -35.66 24.88
N PHE B 283 -19.65 -35.36 25.52
CA PHE B 283 -19.73 -34.18 26.35
C PHE B 283 -19.15 -34.39 27.74
N ALA B 284 -19.10 -35.62 28.23
CA ALA B 284 -18.77 -35.95 29.61
C ALA B 284 -17.48 -35.34 30.09
N VAL B 285 -16.55 -34.94 29.23
CA VAL B 285 -15.23 -34.53 29.68
C VAL B 285 -15.28 -33.18 30.39
N ASN B 286 -16.05 -32.22 29.84
CA ASN B 286 -16.08 -30.92 30.48
C ASN B 286 -16.89 -30.98 31.78
N LEU B 287 -17.98 -31.73 31.77
CA LEU B 287 -18.67 -32.01 33.02
C LEU B 287 -17.73 -32.68 34.02
N GLU B 288 -16.77 -33.45 33.53
CA GLU B 288 -15.82 -34.14 34.41
C GLU B 288 -15.05 -33.16 35.28
N GLU B 289 -14.12 -32.41 34.69
CA GLU B 289 -13.17 -31.66 35.51
C GLU B 289 -13.73 -30.33 35.97
N SER B 290 -14.99 -30.04 35.70
CA SER B 290 -15.69 -29.10 36.56
C SER B 290 -15.63 -29.52 38.02
N SER B 291 -15.57 -30.83 38.29
CA SER B 291 -15.52 -31.35 39.63
C SER B 291 -14.23 -31.02 40.37
N LYS B 292 -13.08 -31.10 39.70
CA LYS B 292 -11.79 -30.92 40.35
C LYS B 292 -11.62 -29.53 40.92
N LEU B 293 -12.46 -28.58 40.54
CA LEU B 293 -12.24 -27.20 40.95
C LEU B 293 -13.23 -26.75 42.01
N ASP B 294 -14.51 -26.66 41.66
CA ASP B 294 -15.49 -26.03 42.52
C ASP B 294 -16.85 -26.69 42.37
N ILE B 295 -17.86 -26.03 42.93
CA ILE B 295 -19.22 -26.55 43.01
C ILE B 295 -20.08 -25.49 43.69
N TYR B 296 -21.39 -25.60 43.50
CA TYR B 296 -22.36 -24.75 44.22
C TYR B 296 -22.06 -23.28 43.99
N THR B 297 -22.39 -22.80 42.80
CA THR B 297 -21.94 -21.51 42.27
C THR B 297 -22.20 -20.34 43.21
N GLN B 298 -23.17 -20.45 44.12
CA GLN B 298 -23.58 -19.30 44.92
C GLN B 298 -22.39 -18.60 45.55
N GLN B 299 -21.34 -19.34 45.83
CA GLN B 299 -20.04 -18.73 46.07
C GLN B 299 -19.02 -18.98 44.96
N GLN B 300 -18.62 -20.21 44.69
CA GLN B 300 -17.40 -20.49 43.95
C GLN B 300 -17.49 -20.13 42.48
N ALA B 301 -18.35 -20.82 41.72
CA ALA B 301 -18.38 -20.59 40.29
C ALA B 301 -18.74 -19.14 39.99
N LEU B 302 -19.82 -18.64 40.58
CA LEU B 302 -20.08 -17.20 40.49
C LEU B 302 -18.85 -16.38 40.81
N GLU B 303 -18.09 -16.80 41.83
CA GLU B 303 -16.84 -16.09 42.10
C GLU B 303 -15.79 -16.39 41.05
N TYR B 304 -15.55 -17.67 40.74
CA TYR B 304 -14.47 -17.99 39.81
C TYR B 304 -14.59 -17.23 38.51
N ILE B 305 -15.82 -16.94 38.08
CA ILE B 305 -16.01 -15.97 37.02
C ILE B 305 -15.38 -14.63 37.40
N GLY B 306 -15.85 -13.99 38.47
CA GLY B 306 -15.40 -12.67 38.85
C GLY B 306 -13.95 -12.56 39.24
N ALA B 307 -13.28 -13.70 39.39
CA ALA B 307 -11.85 -13.66 39.65
C ALA B 307 -11.06 -13.35 38.39
N LYS B 308 -11.49 -13.86 37.24
CA LYS B 308 -10.75 -13.67 36.01
C LYS B 308 -11.27 -12.49 35.19
N VAL B 309 -12.22 -11.71 35.71
CA VAL B 309 -12.63 -10.50 35.01
C VAL B 309 -11.46 -9.53 34.90
N LYS B 310 -11.56 -8.62 33.94
CA LYS B 310 -10.67 -7.49 33.87
C LYS B 310 -10.95 -6.54 35.04
N THR B 311 -10.24 -5.42 35.06
CA THR B 311 -10.49 -4.41 36.07
C THR B 311 -11.88 -3.80 35.88
N MET B 312 -12.38 -3.18 36.95
CA MET B 312 -13.69 -2.54 36.95
C MET B 312 -13.65 -1.14 36.34
N ARG B 313 -12.50 -0.74 35.82
CA ARG B 313 -12.20 0.66 35.51
C ARG B 313 -12.50 1.53 36.73
N ARG B 314 -11.71 1.31 37.77
CA ARG B 314 -11.75 2.12 38.97
C ARG B 314 -13.18 2.21 39.53
N GLN B 315 -13.75 3.41 39.50
CA GLN B 315 -14.99 3.70 40.21
C GLN B 315 -16.09 2.70 39.86
N LYS B 316 -16.96 2.45 40.84
CA LYS B 316 -18.02 1.46 40.79
C LYS B 316 -17.43 0.05 40.73
N LEU B 317 -16.28 -0.08 41.40
CA LEU B 317 -15.70 -1.38 41.70
C LEU B 317 -16.27 -1.97 42.98
N THR B 318 -17.06 -1.18 43.71
CA THR B 318 -17.55 -1.55 45.03
C THR B 318 -18.25 -2.91 45.03
N ILE B 319 -18.70 -3.37 43.87
CA ILE B 319 -19.47 -4.60 43.77
C ILE B 319 -18.54 -5.79 43.60
N LEU B 320 -17.22 -5.56 43.75
CA LEU B 320 -16.34 -6.72 43.88
C LEU B 320 -16.92 -7.52 45.05
N GLN B 321 -17.33 -8.74 44.76
CA GLN B 321 -18.21 -9.50 45.63
C GLN B 321 -18.09 -10.99 45.32
N GLU B 322 -19.04 -11.79 45.82
CA GLU B 322 -19.31 -13.07 45.17
C GLU B 322 -20.20 -12.86 43.95
N GLY B 323 -21.11 -11.90 44.02
CA GLY B 323 -21.89 -11.48 42.87
C GLY B 323 -21.10 -10.48 42.06
N ILE B 324 -19.78 -10.51 42.29
CA ILE B 324 -18.86 -9.61 41.63
C ILE B 324 -19.13 -9.53 40.13
N GLU B 325 -19.19 -10.67 39.47
CA GLU B 325 -19.33 -10.71 38.03
C GLU B 325 -20.75 -11.00 37.59
N ALA B 326 -21.66 -11.23 38.54
CA ALA B 326 -23.04 -11.57 38.20
C ALA B 326 -23.64 -10.58 37.23
N ILE B 327 -23.18 -9.32 37.27
CA ILE B 327 -23.49 -8.39 36.20
C ILE B 327 -23.08 -8.96 34.86
N ALA B 328 -21.81 -9.35 34.72
CA ALA B 328 -21.34 -9.83 33.44
C ALA B 328 -22.06 -11.10 33.00
N THR B 329 -22.27 -12.05 33.91
CA THR B 329 -23.10 -13.19 33.57
C THR B 329 -24.45 -12.76 33.03
N THR B 330 -25.14 -11.87 33.75
CA THR B 330 -26.36 -11.28 33.21
C THR B 330 -26.11 -10.44 31.97
N VAL B 331 -25.18 -9.50 32.01
CA VAL B 331 -24.91 -8.70 30.82
C VAL B 331 -23.42 -8.65 30.48
N ILE B 332 -23.06 -9.29 29.38
CA ILE B 332 -21.78 -9.04 28.72
C ILE B 332 -22.06 -8.62 27.29
N ALA B 333 -22.30 -9.60 26.41
CA ALA B 333 -22.96 -9.36 25.13
C ALA B 333 -24.42 -9.75 25.11
N HIS B 334 -24.94 -10.35 26.17
CA HIS B 334 -26.15 -11.14 26.10
C HIS B 334 -27.39 -10.28 26.30
N LEU B 335 -27.20 -8.97 26.15
CA LEU B 335 -28.33 -8.07 26.02
C LEU B 335 -29.40 -8.59 25.06
N THR B 336 -29.05 -9.55 24.21
CA THR B 336 -30.05 -10.43 23.64
C THR B 336 -31.03 -10.89 24.72
N VAL B 337 -30.53 -11.63 25.71
CA VAL B 337 -31.39 -12.15 26.77
C VAL B 337 -31.28 -11.32 28.04
N GLU B 338 -30.11 -11.35 28.70
CA GLU B 338 -29.89 -10.56 29.91
C GLU B 338 -30.93 -10.93 30.99
N ALA B 339 -31.86 -10.03 31.27
CA ALA B 339 -32.90 -10.14 32.29
C ALA B 339 -32.38 -10.32 33.71
N LEU B 340 -33.08 -11.13 34.51
CA LEU B 340 -33.03 -11.00 35.96
C LEU B 340 -32.80 -12.30 36.71
N ASP B 341 -33.71 -13.27 36.64
CA ASP B 341 -33.36 -14.59 37.13
C ASP B 341 -32.43 -15.27 36.11
N PHE B 342 -31.91 -16.43 36.47
CA PHE B 342 -30.87 -17.02 35.66
C PHE B 342 -31.31 -18.12 34.70
N ARG B 343 -32.58 -18.54 34.72
CA ARG B 343 -32.91 -19.73 33.95
C ARG B 343 -32.90 -19.47 32.45
N GLU B 344 -33.51 -18.39 32.00
CA GLU B 344 -33.56 -18.10 30.57
C GLU B 344 -32.17 -18.18 29.94
N LYS B 345 -31.28 -17.27 30.32
CA LYS B 345 -29.92 -17.28 29.81
C LYS B 345 -29.26 -18.63 29.97
N ALA B 346 -29.45 -19.29 31.11
CA ALA B 346 -28.88 -20.60 31.32
C ALA B 346 -29.24 -21.54 30.18
N LEU B 347 -30.54 -21.81 30.01
CA LEU B 347 -30.96 -22.75 28.99
C LEU B 347 -30.60 -22.25 27.61
N TYR B 348 -30.50 -20.94 27.41
CA TYR B 348 -30.01 -20.42 26.15
C TYR B 348 -28.59 -20.93 25.87
N ILE B 349 -27.63 -20.51 26.69
CA ILE B 349 -26.25 -20.94 26.53
C ILE B 349 -26.17 -22.45 26.44
N ALA B 350 -27.04 -23.15 27.16
CA ALA B 350 -27.13 -24.60 27.01
C ALA B 350 -27.41 -24.98 25.57
N MET B 351 -28.59 -24.60 25.07
CA MET B 351 -28.98 -25.00 23.72
C MET B 351 -28.02 -24.50 22.67
N MET B 352 -27.17 -23.53 23.02
CA MET B 352 -26.08 -23.18 22.12
C MET B 352 -24.93 -24.16 22.26
N THR B 353 -24.72 -24.71 23.46
CA THR B 353 -23.68 -25.71 23.64
C THR B 353 -24.05 -27.03 22.98
N ARG B 354 -25.34 -27.35 22.92
CA ARG B 354 -25.75 -28.58 22.25
C ARG B 354 -25.27 -28.64 20.82
N ARG B 355 -25.41 -27.55 20.06
CA ARG B 355 -25.14 -27.64 18.63
C ARG B 355 -23.67 -27.85 18.31
N VAL B 356 -22.74 -27.27 19.09
CA VAL B 356 -21.33 -27.49 18.85
C VAL B 356 -20.90 -28.91 19.18
N VAL B 357 -21.42 -29.52 20.24
CA VAL B 357 -21.08 -30.91 20.48
C VAL B 357 -21.76 -31.80 19.45
N MET B 358 -22.93 -31.41 18.95
CA MET B 358 -23.51 -32.12 17.81
C MET B 358 -22.55 -32.10 16.62
N ALA B 359 -21.96 -30.93 16.34
CA ALA B 359 -20.95 -30.86 15.30
C ALA B 359 -19.73 -31.70 15.63
N MET B 360 -19.38 -31.79 16.90
CA MET B 360 -18.23 -32.61 17.29
C MET B 360 -18.55 -34.09 17.09
N TYR B 361 -19.83 -34.45 17.10
CA TYR B 361 -20.20 -35.82 16.81
C TYR B 361 -20.04 -36.12 15.33
N ASN B 362 -20.54 -35.25 14.46
CA ASN B 362 -20.33 -35.39 13.03
C ASN B 362 -20.21 -34.02 12.40
N PRO B 363 -19.38 -33.87 11.39
CA PRO B 363 -19.46 -32.68 10.55
C PRO B 363 -20.73 -32.70 9.70
N LYS B 364 -20.79 -31.80 8.72
CA LYS B 364 -22.06 -31.34 8.17
C LYS B 364 -22.84 -30.80 9.37
N MET B 365 -24.17 -30.95 9.39
CA MET B 365 -25.01 -30.60 10.53
C MET B 365 -24.56 -29.29 11.17
N ILE B 366 -24.15 -28.33 10.34
CA ILE B 366 -23.70 -27.02 10.79
C ILE B 366 -24.19 -25.97 9.82
N ASP B 367 -24.63 -24.85 10.38
CA ASP B 367 -25.05 -23.70 9.58
C ASP B 367 -23.84 -23.13 8.87
N ASP B 368 -23.94 -22.99 7.56
CA ASP B 368 -22.89 -22.34 6.78
C ASP B 368 -23.18 -20.85 6.66
N ARG B 369 -22.13 -20.06 6.86
CA ARG B 369 -22.26 -18.60 6.91
C ARG B 369 -22.70 -18.03 5.56
N ASP B 370 -22.82 -18.91 4.59
CA ASP B 370 -23.06 -18.50 3.22
C ASP B 370 -24.47 -17.99 2.98
N TYR B 371 -25.47 -18.88 2.98
CA TYR B 371 -26.66 -18.61 2.18
C TYR B 371 -27.51 -17.49 2.79
N VAL B 372 -28.34 -16.91 1.92
CA VAL B 372 -29.03 -15.66 2.20
C VAL B 372 -29.72 -15.68 3.55
N GLY B 373 -30.30 -16.82 3.93
CA GLY B 373 -31.06 -16.91 5.16
C GLY B 373 -30.34 -16.37 6.37
N ASN B 374 -29.02 -16.53 6.42
CA ASN B 374 -28.24 -16.05 7.54
C ASN B 374 -27.63 -14.68 7.26
N LYS B 375 -27.98 -14.06 6.15
CA LYS B 375 -27.51 -12.71 5.83
C LYS B 375 -28.70 -11.76 5.91
N ARG B 376 -28.51 -10.64 6.60
CA ARG B 376 -29.53 -9.59 6.72
C ARG B 376 -28.92 -8.31 6.19
N LEU B 377 -29.70 -7.57 5.39
CA LEU B 377 -29.19 -6.34 4.82
C LEU B 377 -29.88 -5.14 5.44
N GLU B 378 -29.20 -4.01 5.47
CA GLU B 378 -29.65 -2.86 6.24
C GLU B 378 -29.71 -1.64 5.33
N LEU B 379 -30.90 -1.08 5.17
CA LEU B 379 -31.14 -0.04 4.18
C LEU B 379 -30.59 1.30 4.65
N ALA B 380 -30.84 2.33 3.84
CA ALA B 380 -30.26 3.65 4.11
C ALA B 380 -30.82 4.27 5.37
N GLY B 381 -32.06 3.95 5.74
CA GLY B 381 -32.63 4.57 6.92
C GLY B 381 -31.80 4.34 8.16
N GLN B 382 -31.59 3.07 8.52
CA GLN B 382 -30.78 2.75 9.69
C GLN B 382 -29.36 3.26 9.56
N LEU B 383 -28.71 3.02 8.41
CA LEU B 383 -27.35 3.49 8.24
C LEU B 383 -27.24 4.99 8.48
N ILE B 384 -28.28 5.76 8.18
CA ILE B 384 -28.20 7.14 8.64
C ILE B 384 -28.32 7.19 10.15
N SER B 385 -29.38 6.61 10.73
CA SER B 385 -29.64 6.76 12.15
C SER B 385 -28.40 6.53 12.98
N LEU B 386 -27.70 5.41 12.74
CA LEU B 386 -26.50 5.15 13.51
C LEU B 386 -25.47 6.26 13.40
N LEU B 387 -25.47 7.02 12.31
CA LEU B 387 -24.63 8.19 12.22
C LEU B 387 -25.23 9.40 12.92
N PHE B 388 -26.53 9.63 12.72
CA PHE B 388 -27.18 10.77 13.33
C PHE B 388 -27.03 10.73 14.84
N GLU B 389 -27.61 9.71 15.49
CA GLU B 389 -27.60 9.71 16.95
C GLU B 389 -26.19 9.82 17.51
N ASP B 390 -25.17 9.39 16.77
CA ASP B 390 -23.82 9.76 17.14
C ASP B 390 -23.64 11.27 17.13
N LEU B 391 -23.71 11.89 15.94
CA LEU B 391 -23.45 13.33 15.87
C LEU B 391 -24.29 14.11 16.85
N PHE B 392 -25.51 13.66 17.12
CA PHE B 392 -26.35 14.30 18.12
C PHE B 392 -25.78 14.09 19.51
N LYS B 393 -25.41 12.85 19.85
CA LYS B 393 -24.83 12.59 21.17
C LYS B 393 -23.60 13.45 21.38
N LYS B 394 -22.80 13.65 20.34
CA LYS B 394 -21.73 14.63 20.39
C LYS B 394 -22.26 16.03 20.62
N PHE B 395 -23.30 16.42 19.87
CA PHE B 395 -23.88 17.75 20.02
C PHE B 395 -24.19 18.05 21.48
N ASN B 396 -24.85 17.14 22.17
CA ASN B 396 -25.00 17.31 23.60
C ASN B 396 -23.65 17.32 24.30
N ASN B 397 -22.86 16.26 24.13
CA ASN B 397 -21.64 16.09 24.92
C ASN B 397 -20.77 17.35 24.93
N ASP B 398 -20.73 18.06 23.81
CA ASP B 398 -20.10 19.37 23.82
C ASP B 398 -21.02 20.45 24.37
N PHE B 399 -22.33 20.27 24.27
CA PHE B 399 -23.22 21.34 24.70
C PHE B 399 -23.31 21.43 26.22
N LYS B 400 -23.14 20.31 26.91
CA LYS B 400 -22.91 20.36 28.35
C LYS B 400 -21.70 21.21 28.67
N LEU B 401 -20.71 21.22 27.78
CA LEU B 401 -19.55 22.07 28.01
C LEU B 401 -19.88 23.53 27.76
N SER B 402 -20.44 23.86 26.60
CA SER B 402 -20.70 25.27 26.31
C SER B 402 -21.80 25.84 27.18
N ILE B 403 -22.56 24.98 27.87
CA ILE B 403 -23.52 25.50 28.82
C ILE B 403 -22.82 25.92 30.10
N ASP B 404 -21.62 25.39 30.36
CA ASP B 404 -20.93 25.63 31.61
C ASP B 404 -20.16 26.94 31.62
N LYS B 405 -19.47 27.30 30.53
CA LYS B 405 -18.66 28.51 30.54
C LYS B 405 -19.51 29.74 30.80
N VAL B 406 -20.84 29.60 30.69
CA VAL B 406 -21.72 30.59 31.29
C VAL B 406 -21.68 30.44 32.81
N LEU B 407 -21.75 29.22 33.32
CA LEU B 407 -22.07 28.99 34.72
C LEU B 407 -20.85 28.93 35.64
N LYS B 408 -19.63 28.99 35.11
CA LYS B 408 -18.46 29.16 35.97
C LYS B 408 -18.60 30.43 36.79
N LYS B 409 -18.73 31.55 36.10
CA LYS B 409 -18.56 32.86 36.72
C LYS B 409 -19.91 33.44 37.09
N PRO B 410 -20.24 33.55 38.37
CA PRO B 410 -21.58 34.01 38.76
C PRO B 410 -21.80 35.47 38.41
N ASN B 411 -22.12 35.73 37.14
CA ASN B 411 -22.30 37.10 36.65
C ASN B 411 -23.75 37.47 36.90
N ARG B 412 -23.96 38.41 37.83
CA ARG B 412 -25.26 38.77 38.39
C ARG B 412 -26.06 37.50 38.68
N ALA B 413 -27.34 37.49 38.31
CA ALA B 413 -28.09 36.24 38.26
C ALA B 413 -28.02 35.71 36.84
N MET B 414 -27.51 34.49 36.67
CA MET B 414 -27.25 33.97 35.34
C MET B 414 -28.45 33.15 34.87
N GLU B 415 -29.21 33.69 33.92
CA GLU B 415 -30.13 32.80 33.21
C GLU B 415 -30.05 32.99 31.71
N TYR B 416 -30.69 34.05 31.19
CA TYR B 416 -30.52 34.58 29.84
C TYR B 416 -30.53 33.45 28.83
N ASP B 417 -31.30 32.42 29.19
CA ASP B 417 -31.74 31.23 28.50
C ASP B 417 -30.58 30.28 28.16
N ALA B 418 -29.38 30.82 27.99
CA ALA B 418 -28.23 30.03 27.57
C ALA B 418 -28.50 29.33 26.22
N LEU B 419 -29.76 29.33 25.77
CA LEU B 419 -30.19 28.70 24.54
C LEU B 419 -29.46 29.18 23.31
N LEU B 420 -29.57 30.45 22.97
CA LEU B 420 -29.19 30.96 21.67
C LEU B 420 -27.75 30.64 21.30
N SER B 421 -26.96 30.11 22.23
CA SER B 421 -25.67 29.53 21.87
C SER B 421 -25.79 28.26 21.03
N ILE B 422 -26.97 27.62 21.01
CA ILE B 422 -27.07 26.36 20.28
C ILE B 422 -26.81 26.58 18.78
N ASN B 423 -27.32 27.67 18.22
CA ASN B 423 -26.99 27.98 16.83
C ASN B 423 -25.49 28.17 16.71
N VAL B 424 -24.88 28.88 17.66
CA VAL B 424 -23.43 28.97 17.70
C VAL B 424 -22.81 27.58 17.64
N HIS B 425 -23.46 26.63 18.28
CA HIS B 425 -22.85 25.33 18.50
C HIS B 425 -23.28 24.28 17.50
N SER B 426 -24.08 24.68 16.51
CA SER B 426 -24.74 23.74 15.62
C SER B 426 -23.80 23.38 14.46
N ASN B 427 -24.35 22.69 13.46
CA ASN B 427 -23.74 22.23 12.22
C ASN B 427 -22.61 21.23 12.45
N ASN B 428 -22.20 21.03 13.70
CA ASN B 428 -21.61 19.74 14.01
C ASN B 428 -22.56 18.64 13.64
N ILE B 429 -23.86 18.89 13.75
CA ILE B 429 -24.88 17.98 13.28
C ILE B 429 -25.12 18.07 11.78
N THR B 430 -24.98 19.25 11.17
CA THR B 430 -25.23 19.38 9.74
C THR B 430 -23.96 19.13 8.94
N SER B 431 -22.99 20.05 9.03
CA SER B 431 -21.76 19.89 8.27
C SER B 431 -21.08 18.57 8.58
N GLY B 432 -21.06 18.15 9.83
CA GLY B 432 -20.54 16.83 10.16
C GLY B 432 -21.27 15.74 9.41
N LEU B 433 -22.57 15.94 9.15
CA LEU B 433 -23.35 14.94 8.44
C LEU B 433 -23.13 15.03 6.93
N ASN B 434 -23.10 16.24 6.39
CA ASN B 434 -22.77 16.41 4.98
C ASN B 434 -21.44 15.77 4.64
N ARG B 435 -20.37 16.26 5.26
CA ARG B 435 -19.04 15.70 5.02
C ARG B 435 -19.05 14.19 5.08
N ALA B 436 -19.75 13.63 6.06
CA ALA B 436 -19.91 12.18 6.12
C ALA B 436 -20.52 11.62 4.85
N ILE B 437 -21.77 11.99 4.54
CA ILE B 437 -22.47 11.35 3.44
C ILE B 437 -21.80 11.60 2.09
N SER B 438 -21.08 12.71 1.93
CA SER B 438 -20.34 12.95 0.70
C SER B 438 -19.07 12.10 0.63
N THR B 439 -18.24 12.14 1.67
CA THR B 439 -17.00 11.37 1.62
C THR B 439 -17.27 9.88 1.73
N GLY B 440 -18.11 9.49 2.67
CA GLY B 440 -18.42 8.09 2.87
C GLY B 440 -17.55 7.40 3.88
N ASN B 441 -16.85 8.14 4.73
CA ASN B 441 -16.14 7.52 5.85
C ASN B 441 -16.96 7.78 7.09
N TRP B 442 -17.60 6.75 7.62
CA TRP B 442 -18.45 6.89 8.79
C TRP B 442 -17.61 6.60 10.03
N SER B 443 -17.41 7.63 10.84
CA SER B 443 -16.69 7.47 12.09
C SER B 443 -17.72 7.22 13.17
N LEU B 444 -17.72 6.01 13.72
CA LEU B 444 -18.57 5.67 14.85
C LEU B 444 -17.65 5.25 15.99
N LYS B 445 -17.51 6.12 16.99
CA LYS B 445 -16.85 5.75 18.23
C LYS B 445 -17.78 5.05 19.20
N ARG B 446 -19.08 5.29 19.09
CA ARG B 446 -20.03 4.65 19.99
C ARG B 446 -19.98 3.14 19.89
N PHE B 447 -19.90 2.60 18.67
CA PHE B 447 -19.62 1.18 18.49
C PHE B 447 -18.14 0.91 18.29
N LYS B 448 -17.30 1.94 18.33
CA LYS B 448 -15.85 1.78 18.24
C LYS B 448 -15.45 1.11 16.92
N MET B 449 -16.29 1.26 15.90
CA MET B 449 -16.06 0.62 14.60
C MET B 449 -16.35 1.61 13.49
N GLU B 450 -15.37 1.79 12.61
CA GLU B 450 -15.41 2.81 11.57
C GLU B 450 -15.45 2.14 10.20
N ARG B 451 -16.60 2.20 9.54
CA ARG B 451 -16.72 1.73 8.17
C ARG B 451 -16.23 2.79 7.19
N ALA B 452 -15.84 2.32 6.00
CA ALA B 452 -15.38 3.20 4.95
C ALA B 452 -15.95 2.77 3.61
N GLY B 453 -16.04 3.73 2.69
CA GLY B 453 -16.49 3.45 1.35
C GLY B 453 -17.91 2.92 1.27
N VAL B 454 -18.86 3.66 1.85
CA VAL B 454 -20.27 3.32 1.78
C VAL B 454 -20.93 3.89 0.53
N THR B 455 -20.96 5.21 0.38
CA THR B 455 -21.61 5.87 -0.74
C THR B 455 -20.79 5.67 -2.02
N HIS B 456 -21.45 5.85 -3.16
CA HIS B 456 -20.79 5.96 -4.45
C HIS B 456 -21.54 6.97 -5.30
N VAL B 457 -20.80 7.72 -6.10
CA VAL B 457 -21.42 8.68 -7.00
C VAL B 457 -22.42 7.95 -7.88
N LEU B 458 -23.66 8.44 -7.87
CA LEU B 458 -24.67 7.84 -8.75
C LEU B 458 -24.22 8.08 -10.18
N SER B 459 -24.11 7.01 -10.95
CA SER B 459 -23.47 7.12 -12.25
C SER B 459 -24.50 7.16 -13.36
N ARG B 460 -24.65 8.32 -13.99
CA ARG B 460 -25.59 8.43 -15.09
C ARG B 460 -24.71 8.35 -16.32
N LEU B 461 -24.62 7.15 -16.88
CA LEU B 461 -24.18 6.95 -18.25
C LEU B 461 -25.35 6.60 -19.15
N SER B 462 -26.53 6.45 -18.57
CA SER B 462 -27.64 5.80 -19.23
C SER B 462 -28.79 5.76 -18.24
N TYR B 463 -29.95 5.33 -18.71
CA TYR B 463 -31.07 5.22 -17.80
C TYR B 463 -30.96 3.99 -16.92
N ILE B 464 -30.35 2.91 -17.41
CA ILE B 464 -30.32 1.70 -16.61
C ILE B 464 -29.41 1.89 -15.41
N SER B 465 -28.21 2.42 -15.63
CA SER B 465 -27.29 2.64 -14.52
C SER B 465 -27.88 3.51 -13.44
N ALA B 466 -28.76 4.45 -13.80
CA ALA B 466 -29.34 5.33 -12.79
C ALA B 466 -30.03 4.55 -11.69
N LEU B 467 -30.71 3.47 -12.04
CA LEU B 467 -31.17 2.51 -11.05
C LEU B 467 -30.20 1.36 -10.88
N GLY B 468 -29.04 1.40 -11.53
CA GLY B 468 -28.04 0.38 -11.32
C GLY B 468 -27.26 0.59 -10.04
N MET B 469 -26.98 1.84 -9.70
CA MET B 469 -26.43 2.09 -8.36
C MET B 469 -27.51 1.91 -7.31
N MET B 470 -28.77 2.07 -7.68
CA MET B 470 -29.79 1.53 -6.81
C MET B 470 -29.84 0.02 -7.01
N THR B 471 -30.62 -0.65 -6.18
CA THR B 471 -30.79 -2.09 -6.29
C THR B 471 -29.44 -2.79 -6.38
N ARG B 472 -28.41 -2.25 -5.75
CA ARG B 472 -27.11 -2.90 -5.73
C ARG B 472 -26.69 -3.11 -4.28
N ILE B 473 -26.38 -4.34 -3.95
CA ILE B 473 -26.08 -4.75 -2.59
C ILE B 473 -24.59 -4.91 -2.44
N SER B 474 -24.01 -4.16 -1.50
CA SER B 474 -22.58 -4.20 -1.26
C SER B 474 -22.30 -5.23 -0.17
N SER B 475 -21.63 -6.32 -0.54
CA SER B 475 -21.23 -7.34 0.42
C SER B 475 -19.99 -6.89 1.16
N GLN B 476 -19.82 -7.36 2.40
CA GLN B 476 -18.71 -6.91 3.21
C GLN B 476 -18.37 -7.92 4.31
N PHE B 477 -17.56 -7.51 5.28
CA PHE B 477 -17.02 -8.33 6.37
C PHE B 477 -16.25 -9.49 5.75
N GLU B 478 -16.33 -10.70 6.31
CA GLU B 478 -15.90 -11.93 5.66
C GLU B 478 -14.40 -11.92 5.31
N LYS B 479 -13.65 -11.07 6.00
CA LYS B 479 -12.18 -11.09 6.07
C LYS B 479 -11.58 -10.99 4.67
N SER B 480 -10.62 -11.84 4.31
CA SER B 480 -9.77 -11.59 3.14
C SER B 480 -10.50 -11.82 1.84
N ARG B 481 -9.80 -11.58 0.73
CA ARG B 481 -10.34 -11.65 -0.62
C ARG B 481 -10.46 -13.07 -1.16
N LYS B 482 -9.45 -13.92 -1.01
CA LYS B 482 -9.45 -15.26 -1.59
C LYS B 482 -10.32 -16.23 -0.81
N VAL B 483 -10.72 -15.88 0.41
CA VAL B 483 -11.36 -16.82 1.33
C VAL B 483 -12.51 -17.51 0.62
N SER B 484 -12.51 -18.84 0.65
CA SER B 484 -13.36 -19.62 -0.25
C SER B 484 -14.81 -19.69 0.21
N GLY B 485 -15.09 -19.46 1.49
CA GLY B 485 -16.42 -19.62 2.02
C GLY B 485 -17.43 -18.63 1.48
N PRO B 486 -17.18 -17.34 1.68
CA PRO B 486 -18.14 -16.33 1.20
C PRO B 486 -17.85 -15.74 -0.17
N ARG B 487 -17.95 -16.53 -1.23
CA ARG B 487 -17.69 -16.00 -2.57
C ARG B 487 -18.73 -16.43 -3.60
N ALA B 488 -18.88 -17.73 -3.83
CA ALA B 488 -19.64 -18.22 -4.97
C ALA B 488 -21.13 -17.95 -4.75
N LEU B 489 -21.93 -18.37 -5.73
CA LEU B 489 -23.36 -18.05 -5.76
C LEU B 489 -24.16 -19.32 -5.47
N GLN B 490 -24.89 -19.33 -4.38
CA GLN B 490 -25.61 -20.45 -3.82
C GLN B 490 -27.04 -20.54 -4.34
N PRO B 491 -27.56 -21.77 -4.45
CA PRO B 491 -28.90 -21.95 -5.05
C PRO B 491 -30.04 -21.41 -4.21
N SER B 492 -29.82 -21.16 -2.92
CA SER B 492 -30.86 -20.60 -2.07
C SER B 492 -31.24 -19.18 -2.46
N GLN B 493 -30.52 -18.62 -3.43
CA GLN B 493 -30.63 -17.23 -3.84
C GLN B 493 -31.74 -17.02 -4.87
N PHE B 494 -32.52 -18.05 -5.16
CA PHE B 494 -33.52 -17.97 -6.20
C PHE B 494 -34.49 -16.83 -5.95
N GLY B 495 -34.57 -15.91 -6.90
CA GLY B 495 -35.64 -14.96 -6.98
C GLY B 495 -35.57 -13.86 -5.94
N MET B 496 -34.78 -14.05 -4.90
CA MET B 496 -34.66 -13.02 -3.88
C MET B 496 -33.40 -12.20 -4.04
N LEU B 497 -32.53 -12.59 -4.97
CA LEU B 497 -31.38 -11.80 -5.40
C LEU B 497 -31.11 -12.20 -6.85
N CYS B 498 -30.68 -11.23 -7.65
CA CYS B 498 -30.54 -11.47 -9.09
C CYS B 498 -29.55 -12.60 -9.33
N THR B 499 -29.97 -13.58 -10.13
CA THR B 499 -29.12 -14.69 -10.52
C THR B 499 -28.36 -14.41 -11.81
N ALA B 500 -28.70 -13.34 -12.50
CA ALA B 500 -28.11 -13.04 -13.80
C ALA B 500 -26.86 -12.16 -13.73
N ASP B 501 -26.58 -11.53 -12.59
CA ASP B 501 -25.30 -10.84 -12.46
C ASP B 501 -24.79 -10.93 -11.04
N THR B 502 -23.49 -11.24 -10.92
CA THR B 502 -22.76 -11.02 -9.68
C THR B 502 -21.34 -10.66 -10.08
N PRO B 503 -21.11 -9.42 -10.51
CA PRO B 503 -19.95 -9.10 -11.34
C PRO B 503 -18.63 -9.08 -10.60
N GLU B 504 -17.63 -8.53 -11.28
CA GLU B 504 -16.22 -8.59 -10.95
C GLU B 504 -15.78 -7.55 -9.92
N GLY B 505 -16.72 -6.79 -9.36
CA GLY B 505 -16.39 -5.58 -8.63
C GLY B 505 -15.85 -5.78 -7.23
N GLU B 506 -15.25 -6.94 -6.99
CA GLU B 506 -14.94 -7.45 -5.66
C GLU B 506 -14.30 -6.44 -4.70
N ALA B 507 -13.06 -6.05 -4.95
CA ALA B 507 -12.27 -5.33 -3.95
C ALA B 507 -12.30 -6.12 -2.65
N CYS B 508 -12.91 -5.55 -1.60
CA CYS B 508 -13.02 -6.27 -0.33
C CYS B 508 -14.15 -7.29 -0.36
N GLY B 509 -15.25 -6.95 -1.03
CA GLY B 509 -16.38 -7.85 -1.03
C GLY B 509 -17.25 -7.80 -2.27
N LEU B 510 -17.98 -8.90 -2.50
CA LEU B 510 -18.69 -9.13 -3.74
C LEU B 510 -19.92 -8.23 -3.78
N VAL B 511 -20.38 -7.89 -4.98
CA VAL B 511 -21.53 -7.02 -5.19
C VAL B 511 -22.65 -7.82 -5.84
N LYS B 512 -23.88 -7.58 -5.38
CA LYS B 512 -25.03 -8.30 -5.85
C LYS B 512 -26.11 -7.30 -6.24
N ASN B 513 -27.26 -7.81 -6.65
CA ASN B 513 -28.41 -6.97 -6.99
C ASN B 513 -29.67 -7.62 -6.46
N LEU B 514 -30.63 -6.78 -6.06
CA LEU B 514 -31.92 -7.30 -5.65
C LEU B 514 -32.69 -7.75 -6.88
N ALA B 515 -33.85 -8.33 -6.65
CA ALA B 515 -34.70 -8.77 -7.73
C ALA B 515 -35.61 -7.62 -8.14
N LEU B 516 -36.51 -7.88 -9.09
CA LEU B 516 -37.57 -6.90 -9.30
C LEU B 516 -38.52 -6.88 -8.12
N MET B 517 -38.77 -8.02 -7.49
CA MET B 517 -39.63 -8.10 -6.32
C MET B 517 -38.79 -8.56 -5.14
N THR B 518 -38.48 -7.62 -4.25
CA THR B 518 -37.95 -7.91 -2.93
C THR B 518 -38.62 -6.90 -2.00
N HIS B 519 -39.32 -7.40 -0.99
CA HIS B 519 -39.76 -6.47 0.04
C HIS B 519 -38.87 -6.66 1.26
N ILE B 520 -38.00 -5.69 1.53
CA ILE B 520 -37.04 -5.86 2.60
C ILE B 520 -37.74 -5.66 3.94
N THR B 521 -37.66 -6.70 4.77
CA THR B 521 -38.33 -6.71 6.06
C THR B 521 -37.88 -5.56 6.94
N THR B 522 -38.82 -4.79 7.44
CA THR B 522 -38.52 -3.83 8.49
C THR B 522 -38.73 -4.50 9.84
N ASP B 523 -38.40 -3.78 10.90
CA ASP B 523 -38.67 -4.32 12.23
C ASP B 523 -40.17 -4.43 12.44
N ASP B 524 -40.60 -5.43 13.20
CA ASP B 524 -42.00 -5.46 13.56
C ASP B 524 -42.18 -5.07 15.03
N GLU B 525 -41.89 -6.02 15.92
CA GLU B 525 -42.11 -5.85 17.35
C GLU B 525 -41.75 -7.18 18.00
N GLU B 526 -41.72 -7.18 19.31
CA GLU B 526 -41.24 -8.37 20.00
C GLU B 526 -42.26 -8.94 20.99
N GLU B 527 -42.62 -8.18 22.01
CA GLU B 527 -43.47 -8.71 23.07
C GLU B 527 -44.81 -9.24 22.59
N PRO B 528 -45.56 -8.50 21.76
CA PRO B 528 -46.87 -9.01 21.35
C PRO B 528 -46.82 -10.39 20.70
N ILE B 529 -45.91 -10.60 19.76
CA ILE B 529 -45.81 -11.92 19.16
C ILE B 529 -45.41 -12.95 20.21
N LYS B 530 -44.62 -12.55 21.20
CA LYS B 530 -44.28 -13.45 22.30
C LYS B 530 -45.54 -13.91 23.03
N LYS B 531 -46.21 -12.99 23.72
CA LYS B 531 -47.34 -13.41 24.55
C LYS B 531 -48.45 -14.03 23.70
N LEU B 532 -48.54 -13.66 22.42
CA LEU B 532 -49.39 -14.43 21.53
C LEU B 532 -48.95 -15.88 21.43
N CYS B 533 -47.65 -16.10 21.23
CA CYS B 533 -47.14 -17.47 21.18
C CYS B 533 -47.52 -18.25 22.43
N TYR B 534 -47.54 -17.59 23.59
CA TYR B 534 -48.13 -18.19 24.78
C TYR B 534 -49.61 -18.47 24.60
N VAL B 535 -50.36 -17.52 24.04
CA VAL B 535 -51.80 -17.72 23.87
C VAL B 535 -52.09 -18.96 23.04
N LEU B 536 -51.24 -19.27 22.07
CA LEU B 536 -51.54 -20.38 21.20
C LEU B 536 -51.12 -21.70 21.82
N GLY B 537 -50.64 -21.67 23.07
CA GLY B 537 -50.44 -22.90 23.79
C GLY B 537 -49.04 -23.42 24.02
N VAL B 538 -48.02 -22.59 23.84
CA VAL B 538 -46.69 -22.96 24.27
C VAL B 538 -46.68 -22.95 25.79
N GLU B 539 -45.53 -23.27 26.36
CA GLU B 539 -45.38 -23.22 27.81
C GLU B 539 -44.03 -22.65 28.18
N ASP B 540 -44.04 -21.67 29.09
CA ASP B 540 -42.86 -20.89 29.39
C ASP B 540 -41.71 -21.79 29.81
N ILE B 541 -40.50 -21.34 29.47
CA ILE B 541 -39.29 -22.10 29.73
C ILE B 541 -39.16 -22.53 31.19
N THR B 542 -39.72 -21.76 32.11
CA THR B 542 -39.62 -22.11 33.53
C THR B 542 -40.35 -23.41 33.83
N LEU B 543 -41.62 -23.51 33.45
CA LEU B 543 -42.36 -24.73 33.72
C LEU B 543 -41.84 -25.93 32.95
N ILE B 544 -41.20 -25.72 31.80
CA ILE B 544 -40.58 -26.82 31.08
C ILE B 544 -39.53 -27.46 31.98
N ASP B 545 -39.63 -28.77 32.15
CA ASP B 545 -38.76 -29.49 33.07
C ASP B 545 -37.87 -30.50 32.33
N SER B 546 -36.58 -30.44 32.63
CA SER B 546 -35.67 -31.50 32.22
C SER B 546 -35.78 -31.74 30.73
N ALA B 547 -36.32 -32.89 30.35
CA ALA B 547 -36.44 -33.27 28.95
C ALA B 547 -37.14 -32.16 28.19
N SER B 548 -36.45 -31.65 27.19
CA SER B 548 -36.95 -30.69 26.22
C SER B 548 -36.72 -31.19 24.82
N LEU B 549 -35.47 -31.42 24.48
CA LEU B 549 -35.03 -32.02 23.24
C LEU B 549 -35.83 -33.27 22.89
N HIS B 550 -36.33 -33.99 23.89
CA HIS B 550 -37.29 -35.06 23.68
C HIS B 550 -38.49 -34.49 22.96
N LEU B 551 -39.28 -33.71 23.70
CA LEU B 551 -40.56 -33.15 23.26
C LEU B 551 -40.62 -32.29 21.99
N ASN B 552 -41.50 -32.71 21.08
CA ASN B 552 -41.75 -32.05 19.79
C ASN B 552 -40.45 -31.62 19.14
N TYR B 553 -40.29 -30.32 18.94
CA TYR B 553 -39.02 -29.84 18.43
C TYR B 553 -38.50 -28.82 19.42
N GLY B 554 -39.20 -27.71 19.50
CA GLY B 554 -38.86 -26.60 20.37
C GLY B 554 -39.36 -25.37 19.65
N VAL B 555 -39.27 -24.19 20.23
CA VAL B 555 -39.62 -22.98 19.49
C VAL B 555 -38.64 -21.88 19.83
N TYR B 556 -38.11 -21.22 18.81
CA TYR B 556 -37.14 -20.17 18.99
C TYR B 556 -37.69 -18.85 18.47
N LEU B 557 -37.47 -17.80 19.24
CA LEU B 557 -37.95 -16.47 18.92
C LEU B 557 -36.72 -15.58 18.74
N ASN B 558 -36.51 -15.12 17.52
CA ASN B 558 -35.32 -14.34 17.17
C ASN B 558 -34.05 -15.07 17.60
N GLY B 559 -34.06 -16.39 17.58
CA GLY B 559 -32.97 -17.15 18.12
C GLY B 559 -32.94 -17.23 19.63
N THR B 560 -34.09 -17.43 20.25
CA THR B 560 -34.16 -17.57 21.70
C THR B 560 -35.24 -18.57 22.03
N LEU B 561 -34.95 -19.50 22.95
CA LEU B 561 -35.92 -20.53 23.26
C LEU B 561 -36.99 -20.00 24.19
N ILE B 562 -38.25 -20.35 23.89
CA ILE B 562 -39.34 -19.97 24.78
C ILE B 562 -40.12 -21.20 25.24
N GLY B 563 -41.02 -21.69 24.38
CA GLY B 563 -42.01 -22.64 24.85
C GLY B 563 -41.91 -24.11 24.50
N SER B 564 -41.16 -24.47 23.47
CA SER B 564 -41.15 -25.84 22.96
C SER B 564 -42.55 -26.44 22.92
N ILE B 565 -43.42 -25.91 22.07
CA ILE B 565 -44.83 -26.30 22.13
C ILE B 565 -44.99 -27.74 21.67
N ARG B 566 -45.99 -28.41 22.24
CA ARG B 566 -46.48 -29.67 21.73
C ARG B 566 -47.10 -29.47 20.34
N PHE B 567 -47.12 -30.53 19.55
CA PHE B 567 -47.79 -30.54 18.25
C PHE B 567 -47.25 -29.48 17.32
N PRO B 568 -46.08 -29.67 16.75
CA PRO B 568 -45.47 -28.61 15.92
C PRO B 568 -46.40 -28.17 14.80
N THR B 569 -46.93 -29.15 14.07
CA THR B 569 -47.73 -28.84 12.90
C THR B 569 -48.90 -27.89 13.13
N LYS B 570 -49.87 -28.31 13.95
CA LYS B 570 -51.04 -27.49 14.19
C LYS B 570 -50.66 -26.10 14.70
N PHE B 571 -49.68 -26.03 15.60
CA PHE B 571 -49.14 -24.73 16.02
C PHE B 571 -48.82 -23.85 14.82
N VAL B 572 -47.89 -24.30 13.99
CA VAL B 572 -47.52 -23.55 12.80
C VAL B 572 -48.74 -23.18 11.99
N THR B 573 -49.44 -24.16 11.42
CA THR B 573 -50.54 -23.87 10.50
C THR B 573 -51.50 -22.83 11.08
N GLN B 574 -51.90 -23.02 12.34
CA GLN B 574 -52.62 -21.96 13.04
C GLN B 574 -51.91 -20.62 12.88
N PHE B 575 -50.68 -20.51 13.36
CA PHE B 575 -49.96 -19.25 13.35
C PHE B 575 -49.87 -18.62 11.98
N ARG B 576 -49.35 -19.35 10.99
CA ARG B 576 -49.31 -18.85 9.63
C ARG B 576 -50.68 -18.40 9.15
N HIS B 577 -51.74 -19.05 9.61
CA HIS B 577 -53.07 -18.58 9.26
C HIS B 577 -53.35 -17.21 9.87
N LEU B 578 -52.73 -16.90 11.00
CA LEU B 578 -52.88 -15.56 11.56
C LEU B 578 -52.04 -14.55 10.80
N ARG B 579 -50.81 -14.92 10.44
CA ARG B 579 -49.95 -13.98 9.72
C ARG B 579 -50.60 -13.52 8.43
N ARG B 580 -51.39 -14.39 7.81
CA ARG B 580 -52.04 -14.04 6.55
C ARG B 580 -53.38 -13.35 6.74
N THR B 581 -53.84 -13.18 7.98
CA THR B 581 -55.12 -12.51 8.12
C THR B 581 -55.13 -11.31 9.05
N GLY B 582 -55.21 -11.56 10.36
CA GLY B 582 -55.66 -10.52 11.26
C GLY B 582 -54.61 -9.89 12.16
N LYS B 583 -53.43 -10.49 12.22
CA LYS B 583 -52.42 -10.03 13.16
C LYS B 583 -51.07 -10.51 12.65
N VAL B 584 -50.01 -9.94 13.21
CA VAL B 584 -48.62 -10.32 12.96
C VAL B 584 -48.35 -10.41 11.47
N SER B 585 -48.34 -9.26 10.80
CA SER B 585 -48.37 -9.23 9.34
C SER B 585 -46.99 -9.07 8.73
N GLU B 586 -46.91 -9.08 7.40
CA GLU B 586 -45.67 -9.07 6.65
C GLU B 586 -44.75 -10.17 7.19
N PHE B 587 -43.63 -9.77 7.76
CA PHE B 587 -42.63 -10.67 8.30
C PHE B 587 -43.11 -11.14 9.67
N ILE B 588 -42.24 -11.66 10.54
CA ILE B 588 -42.60 -12.61 11.59
C ILE B 588 -43.05 -13.86 10.83
N SER B 589 -42.10 -14.49 10.16
CA SER B 589 -42.37 -15.73 9.48
C SER B 589 -41.98 -16.90 10.38
N ILE B 590 -42.27 -18.10 9.91
CA ILE B 590 -42.13 -19.28 10.76
C ILE B 590 -41.84 -20.47 9.86
N TYR B 591 -40.99 -21.38 10.33
CA TYR B 591 -40.65 -22.56 9.56
C TYR B 591 -40.18 -23.69 10.47
N SER B 592 -40.52 -24.92 10.09
CA SER B 592 -40.08 -26.09 10.81
C SER B 592 -38.66 -26.48 10.42
N ASN B 593 -37.99 -27.19 11.32
CA ASN B 593 -36.71 -27.81 11.05
C ASN B 593 -36.73 -29.23 11.59
N SER B 594 -36.34 -30.19 10.75
CA SER B 594 -36.37 -31.60 11.12
C SER B 594 -35.07 -32.04 11.80
N HIS B 595 -33.95 -32.00 11.07
CA HIS B 595 -32.66 -32.45 11.58
C HIS B 595 -32.42 -31.91 12.97
N GLN B 596 -32.23 -30.60 13.09
CA GLN B 596 -32.32 -29.95 14.38
C GLN B 596 -33.78 -29.91 14.80
N MET B 597 -34.06 -30.15 16.07
CA MET B 597 -35.44 -30.10 16.55
C MET B 597 -35.70 -28.71 17.13
N ALA B 598 -36.49 -27.94 16.40
CA ALA B 598 -36.93 -26.61 16.77
C ALA B 598 -37.83 -26.07 15.67
N VAL B 599 -38.60 -25.04 16.00
CA VAL B 599 -39.29 -24.23 15.01
C VAL B 599 -38.94 -22.77 15.29
N HIS B 600 -38.20 -22.16 14.38
CA HIS B 600 -37.77 -20.78 14.55
C HIS B 600 -38.94 -19.85 14.26
N ILE B 601 -39.00 -18.75 15.01
CA ILE B 601 -39.88 -17.64 14.70
C ILE B 601 -39.03 -16.38 14.79
N ALA B 602 -38.86 -15.69 13.68
CA ALA B 602 -37.99 -14.54 13.61
C ALA B 602 -38.77 -13.29 13.26
N THR B 603 -38.67 -12.28 14.13
CA THR B 603 -39.24 -10.98 13.78
C THR B 603 -38.19 -9.96 13.32
N ASP B 604 -36.91 -10.31 13.28
CA ASP B 604 -35.87 -9.32 13.00
C ASP B 604 -36.12 -8.59 11.69
N GLY B 605 -35.82 -7.30 11.69
CA GLY B 605 -35.96 -6.51 10.49
C GLY B 605 -34.74 -6.58 9.60
N GLY B 606 -34.82 -5.89 8.46
CA GLY B 606 -33.72 -5.87 7.52
C GLY B 606 -33.49 -7.25 6.93
N ARG B 607 -34.51 -7.82 6.32
CA ARG B 607 -34.43 -9.21 5.91
C ARG B 607 -35.17 -9.37 4.59
N ILE B 608 -34.74 -10.32 3.78
CA ILE B 608 -35.25 -10.39 2.41
C ILE B 608 -36.52 -11.21 2.35
N CYS B 609 -37.46 -10.75 1.54
CA CYS B 609 -38.75 -11.40 1.36
C CYS B 609 -39.08 -11.41 -0.13
N ARG B 610 -40.29 -11.86 -0.45
CA ARG B 610 -40.82 -11.85 -1.81
C ARG B 610 -42.27 -12.31 -1.80
N PRO B 611 -43.13 -11.69 -2.59
CA PRO B 611 -44.51 -12.15 -2.68
C PRO B 611 -44.61 -13.40 -3.53
N LEU B 612 -45.73 -14.08 -3.37
CA LEU B 612 -46.17 -15.16 -4.25
C LEU B 612 -47.50 -15.70 -3.74
N ILE B 613 -48.13 -16.54 -4.56
CA ILE B 613 -49.51 -16.96 -4.37
C ILE B 613 -49.56 -18.25 -3.58
N ILE B 614 -50.54 -18.37 -2.70
CA ILE B 614 -50.82 -19.58 -1.95
C ILE B 614 -51.64 -20.54 -2.79
N VAL B 615 -51.25 -21.82 -2.79
CA VAL B 615 -52.16 -22.89 -3.19
C VAL B 615 -52.51 -23.61 -1.90
N SER B 616 -53.79 -23.52 -1.52
CA SER B 616 -54.22 -24.10 -0.26
C SER B 616 -54.96 -25.39 -0.53
N ASP B 617 -54.63 -26.43 0.25
CA ASP B 617 -55.24 -27.74 0.08
C ASP B 617 -55.03 -28.20 -1.35
N GLY B 618 -56.11 -28.32 -2.12
CA GLY B 618 -56.02 -28.76 -3.48
C GLY B 618 -55.27 -27.84 -4.42
N GLN B 619 -55.67 -26.57 -4.51
CA GLN B 619 -55.19 -25.71 -5.58
C GLN B 619 -55.04 -24.26 -5.12
N SER B 620 -54.83 -23.37 -6.07
CA SER B 620 -54.47 -21.98 -5.83
C SER B 620 -55.60 -21.21 -5.16
N ARG B 621 -55.25 -20.10 -4.53
CA ARG B 621 -56.21 -19.25 -3.86
C ARG B 621 -56.73 -18.12 -4.75
N VAL B 622 -56.17 -17.96 -5.94
CA VAL B 622 -56.59 -16.85 -6.81
C VAL B 622 -58.02 -17.07 -7.31
N LYS B 623 -58.30 -18.24 -7.88
CA LYS B 623 -59.61 -18.58 -8.42
C LYS B 623 -60.03 -17.62 -9.54
N ASP B 624 -59.06 -16.92 -10.10
CA ASP B 624 -59.22 -16.19 -11.36
C ASP B 624 -60.21 -15.03 -11.28
N ILE B 625 -61.06 -15.01 -10.26
CA ILE B 625 -62.06 -13.96 -10.20
C ILE B 625 -61.47 -12.68 -9.63
N HIS B 626 -60.44 -12.81 -8.79
CA HIS B 626 -59.82 -11.62 -8.22
C HIS B 626 -59.06 -10.83 -9.27
N LEU B 627 -58.55 -11.49 -10.30
CA LEU B 627 -57.82 -10.76 -11.33
C LEU B 627 -58.72 -9.86 -12.15
N ARG B 628 -59.87 -10.35 -12.61
CA ARG B 628 -60.85 -9.44 -13.18
C ARG B 628 -61.30 -8.43 -12.14
N LYS B 629 -61.42 -8.86 -10.89
CA LYS B 629 -61.66 -7.97 -9.75
C LYS B 629 -60.48 -7.04 -9.51
N LEU B 630 -59.36 -7.24 -10.20
CA LEU B 630 -58.15 -6.44 -10.03
C LEU B 630 -57.95 -5.38 -11.11
N LEU B 631 -57.65 -5.79 -12.34
CA LEU B 631 -57.39 -4.81 -13.38
C LEU B 631 -58.62 -4.00 -13.76
N ASP B 632 -59.79 -4.38 -13.24
CA ASP B 632 -60.95 -3.50 -13.31
C ASP B 632 -60.69 -2.16 -12.62
N GLY B 633 -59.69 -2.11 -11.74
CA GLY B 633 -59.28 -0.89 -11.09
C GLY B 633 -59.60 -0.78 -9.62
N GLU B 634 -60.55 -1.56 -9.10
CA GLU B 634 -60.68 -1.57 -7.65
C GLU B 634 -60.32 -2.92 -7.07
N LEU B 635 -59.03 -3.11 -6.82
CA LEU B 635 -58.55 -4.14 -5.90
C LEU B 635 -57.23 -3.66 -5.33
N ASP B 636 -56.30 -3.46 -6.27
CA ASP B 636 -54.86 -3.18 -6.19
C ASP B 636 -54.08 -4.25 -5.44
N PHE B 637 -53.07 -3.84 -4.68
CA PHE B 637 -52.21 -4.74 -3.95
C PHE B 637 -52.09 -4.21 -2.52
N ASP B 638 -51.64 -5.08 -1.62
CA ASP B 638 -51.83 -4.99 -0.17
C ASP B 638 -53.28 -5.26 0.18
N ASP B 639 -54.18 -5.30 -0.80
CA ASP B 639 -55.53 -5.77 -0.58
C ASP B 639 -55.61 -7.29 -0.55
N PHE B 640 -54.82 -7.97 -1.40
CA PHE B 640 -54.72 -9.42 -1.28
C PHE B 640 -54.28 -9.84 0.11
N LEU B 641 -53.26 -9.19 0.65
CA LEU B 641 -52.72 -9.59 1.95
C LEU B 641 -53.81 -9.57 3.01
N LYS B 642 -54.64 -8.52 3.05
CA LYS B 642 -55.81 -8.56 3.92
C LYS B 642 -56.74 -9.69 3.56
N LEU B 643 -56.97 -9.93 2.27
CA LEU B 643 -57.81 -11.04 1.86
C LEU B 643 -57.17 -12.39 2.11
N GLY B 644 -55.89 -12.42 2.46
CA GLY B 644 -55.23 -13.68 2.75
C GLY B 644 -55.05 -14.53 1.51
N LEU B 645 -54.55 -13.90 0.44
CA LEU B 645 -54.26 -14.62 -0.80
C LEU B 645 -52.75 -14.80 -0.97
N VAL B 646 -52.00 -13.72 -1.12
CA VAL B 646 -50.57 -13.80 -1.31
C VAL B 646 -49.89 -13.20 -0.09
N GLU B 647 -48.70 -13.69 0.21
CA GLU B 647 -47.96 -13.13 1.34
C GLU B 647 -46.48 -13.29 1.08
N TYR B 648 -45.74 -12.29 1.56
CA TYR B 648 -44.29 -12.30 1.54
C TYR B 648 -43.81 -13.57 2.22
N LEU B 649 -42.77 -14.17 1.68
CA LEU B 649 -42.15 -15.30 2.35
C LEU B 649 -40.83 -14.88 2.98
N ASP B 650 -40.20 -15.85 3.63
CA ASP B 650 -38.86 -15.67 4.18
C ASP B 650 -38.03 -16.79 3.58
N VAL B 651 -36.73 -16.54 3.39
CA VAL B 651 -35.81 -17.53 2.85
C VAL B 651 -36.00 -18.88 3.54
N ASN B 652 -35.74 -18.93 4.84
CA ASN B 652 -36.01 -20.13 5.62
C ASN B 652 -37.42 -20.65 5.40
N GLU B 653 -38.40 -19.76 5.41
CA GLU B 653 -39.78 -20.22 5.35
C GLU B 653 -40.08 -20.90 4.03
N GLU B 654 -39.64 -20.30 2.92
CA GLU B 654 -39.88 -20.99 1.65
C GLU B 654 -39.14 -22.31 1.59
N ASN B 655 -37.97 -22.40 2.24
CA ASN B 655 -37.37 -23.72 2.45
C ASN B 655 -38.34 -24.67 3.10
N ASP B 656 -39.11 -24.18 4.07
CA ASP B 656 -40.06 -25.08 4.71
C ASP B 656 -41.34 -25.20 3.89
N SER B 657 -41.43 -24.51 2.77
CA SER B 657 -42.63 -24.62 1.96
C SER B 657 -42.38 -25.55 0.79
N TYR B 658 -43.42 -25.75 -0.02
CA TYR B 658 -43.28 -26.39 -1.33
C TYR B 658 -43.84 -25.39 -2.33
N ILE B 659 -43.11 -25.16 -3.41
CA ILE B 659 -43.45 -24.10 -4.33
C ILE B 659 -43.58 -24.63 -5.74
N ALA B 660 -44.63 -24.20 -6.44
CA ALA B 660 -44.82 -24.52 -7.84
C ALA B 660 -44.26 -23.42 -8.71
N LEU B 661 -44.36 -23.63 -10.02
CA LEU B 661 -43.88 -22.63 -10.95
C LEU B 661 -45.03 -22.12 -11.80
N TYR B 662 -45.43 -22.93 -12.75
CA TYR B 662 -46.55 -22.65 -13.61
C TYR B 662 -47.78 -23.30 -13.02
N GLU B 663 -48.93 -22.62 -13.12
CA GLU B 663 -50.18 -23.18 -12.61
C GLU B 663 -50.46 -24.54 -13.20
N LYS B 664 -49.94 -24.81 -14.41
CA LYS B 664 -50.04 -26.15 -15.00
C LYS B 664 -49.55 -27.22 -14.03
N ASP B 665 -48.57 -26.88 -13.19
CA ASP B 665 -48.17 -27.77 -12.10
C ASP B 665 -48.75 -27.25 -10.78
N ILE B 666 -49.76 -27.97 -10.31
CA ILE B 666 -50.19 -27.90 -8.92
C ILE B 666 -50.51 -29.32 -8.46
N VAL B 667 -49.97 -29.69 -7.31
CA VAL B 667 -50.23 -31.00 -6.72
C VAL B 667 -50.85 -30.70 -5.36
N PRO B 668 -51.83 -31.49 -4.91
CA PRO B 668 -52.47 -31.17 -3.62
C PRO B 668 -51.47 -31.08 -2.48
N SER B 669 -50.28 -31.64 -2.68
CA SER B 669 -49.21 -31.56 -1.70
C SER B 669 -48.55 -30.20 -1.67
N MET B 670 -48.90 -29.30 -2.59
CA MET B 670 -48.16 -28.06 -2.74
C MET B 670 -48.63 -27.00 -1.75
N THR B 671 -47.89 -25.89 -1.70
CA THR B 671 -48.17 -24.79 -0.79
C THR B 671 -48.29 -23.48 -1.56
N HIS B 672 -47.20 -23.07 -2.19
CA HIS B 672 -47.14 -21.78 -2.84
C HIS B 672 -46.87 -21.96 -4.32
N LEU B 673 -47.31 -20.98 -5.12
CA LEU B 673 -46.88 -20.88 -6.50
C LEU B 673 -46.35 -19.48 -6.72
N GLU B 674 -45.22 -19.38 -7.40
CA GLU B 674 -44.67 -18.09 -7.76
C GLU B 674 -45.63 -17.38 -8.69
N ILE B 675 -45.70 -16.05 -8.57
CA ILE B 675 -46.63 -15.31 -9.42
C ILE B 675 -46.12 -15.27 -10.84
N GLU B 676 -44.84 -14.98 -11.03
CA GLU B 676 -44.23 -15.01 -12.35
C GLU B 676 -42.84 -15.62 -12.20
N PRO B 677 -42.42 -16.46 -13.13
CA PRO B 677 -41.06 -17.00 -13.06
C PRO B 677 -40.00 -15.96 -13.36
N PHE B 678 -40.23 -15.07 -14.31
CA PHE B 678 -39.17 -14.22 -14.84
C PHE B 678 -38.78 -13.11 -13.87
N THR B 679 -39.47 -12.98 -12.75
CA THR B 679 -39.03 -12.06 -11.71
C THR B 679 -37.71 -12.49 -11.09
N ILE B 680 -37.21 -13.67 -11.45
CA ILE B 680 -35.92 -14.12 -10.94
C ILE B 680 -34.80 -13.19 -11.39
N LEU B 681 -34.87 -12.68 -12.61
CA LEU B 681 -33.81 -11.82 -13.10
C LEU B 681 -33.94 -10.42 -12.52
N GLY B 682 -32.78 -9.78 -12.30
CA GLY B 682 -32.74 -8.47 -11.70
C GLY B 682 -33.19 -7.36 -12.63
N ALA B 683 -33.07 -6.13 -12.13
CA ALA B 683 -33.45 -4.97 -12.92
C ALA B 683 -32.73 -4.92 -14.25
N VAL B 684 -31.40 -4.79 -14.23
CA VAL B 684 -30.63 -4.71 -15.46
C VAL B 684 -30.86 -5.94 -16.33
N ALA B 685 -30.89 -7.13 -15.72
CA ALA B 685 -31.06 -8.37 -16.46
C ALA B 685 -32.28 -8.36 -17.36
N GLY B 686 -33.30 -7.58 -17.03
CA GLY B 686 -34.48 -7.49 -17.86
C GLY B 686 -34.23 -7.13 -19.30
N LEU B 687 -33.17 -6.37 -19.58
CA LEU B 687 -32.90 -5.99 -20.96
C LEU B 687 -32.60 -7.17 -21.86
N ILE B 688 -32.08 -8.27 -21.32
CA ILE B 688 -31.75 -9.43 -22.14
C ILE B 688 -33.01 -10.10 -22.66
N PRO B 689 -33.26 -10.13 -23.96
CA PRO B 689 -34.37 -10.93 -24.48
C PRO B 689 -33.99 -12.40 -24.44
N TYR B 690 -34.94 -13.25 -24.07
CA TYR B 690 -34.73 -14.69 -24.07
C TYR B 690 -33.50 -15.13 -23.26
N PRO B 691 -33.33 -14.66 -22.01
CA PRO B 691 -32.14 -15.08 -21.24
C PRO B 691 -32.08 -16.57 -21.03
N HIS B 692 -33.18 -17.29 -21.19
CA HIS B 692 -33.22 -18.73 -20.96
C HIS B 692 -32.71 -19.53 -22.14
N HIS B 693 -32.35 -18.88 -23.24
CA HIS B 693 -31.71 -19.57 -24.34
C HIS B 693 -30.19 -19.44 -24.35
N ASN B 694 -29.61 -18.66 -23.45
CA ASN B 694 -28.16 -18.49 -23.38
C ASN B 694 -27.58 -19.41 -22.31
N GLN B 695 -26.27 -19.32 -22.14
CA GLN B 695 -25.65 -19.73 -20.89
C GLN B 695 -25.57 -18.51 -19.98
N SER B 696 -25.13 -18.72 -18.75
CA SER B 696 -25.11 -17.60 -17.81
C SER B 696 -24.06 -16.54 -18.11
N PRO B 697 -22.80 -16.90 -18.43
CA PRO B 697 -21.77 -15.86 -18.54
C PRO B 697 -22.11 -14.76 -19.52
N ARG B 698 -22.90 -15.06 -20.56
CA ARG B 698 -23.29 -14.00 -21.47
C ARG B 698 -24.26 -13.03 -20.81
N ASN B 699 -25.14 -13.54 -19.95
CA ASN B 699 -25.97 -12.62 -19.18
C ASN B 699 -25.16 -11.83 -18.17
N THR B 700 -24.22 -12.47 -17.47
CA THR B 700 -23.42 -11.73 -16.50
C THR B 700 -22.62 -10.62 -17.16
N TYR B 701 -21.93 -10.93 -18.26
CA TYR B 701 -21.25 -9.88 -19.00
C TYR B 701 -22.23 -8.83 -19.47
N GLN B 702 -23.41 -9.25 -19.93
CA GLN B 702 -24.42 -8.27 -20.29
C GLN B 702 -24.78 -7.39 -19.10
N CYS B 703 -25.36 -7.97 -18.06
CA CYS B 703 -25.79 -7.16 -16.92
C CYS B 703 -24.67 -6.28 -16.40
N ALA B 704 -23.41 -6.69 -16.64
CA ALA B 704 -22.29 -5.83 -16.28
C ALA B 704 -22.15 -4.65 -17.23
N MET B 705 -22.16 -4.88 -18.54
CA MET B 705 -21.91 -3.82 -19.51
C MET B 705 -23.10 -2.93 -19.83
N GLY B 706 -24.31 -3.48 -19.89
CA GLY B 706 -25.46 -2.73 -20.35
C GLY B 706 -25.59 -1.38 -19.69
N LYS B 707 -25.28 -1.30 -18.39
CA LYS B 707 -25.27 -0.02 -17.70
C LYS B 707 -24.14 0.89 -18.19
N GLN B 708 -23.24 0.40 -19.03
CA GLN B 708 -22.25 1.25 -19.66
C GLN B 708 -22.65 1.69 -21.05
N ALA B 709 -23.86 1.36 -21.50
CA ALA B 709 -24.29 1.83 -22.81
C ALA B 709 -24.57 3.32 -22.76
N ILE B 710 -24.96 3.88 -23.90
CA ILE B 710 -25.31 5.29 -23.96
C ILE B 710 -26.77 5.40 -24.37
N GLY B 711 -27.43 6.44 -23.87
CA GLY B 711 -28.88 6.50 -23.91
C GLY B 711 -29.43 7.89 -23.66
N ALA B 712 -30.71 7.97 -23.33
CA ALA B 712 -31.37 9.26 -23.20
C ALA B 712 -31.21 9.90 -21.84
N ILE B 713 -30.64 9.20 -20.86
CA ILE B 713 -30.58 9.72 -19.50
C ILE B 713 -31.99 10.04 -19.07
N ALA B 714 -32.30 11.30 -18.85
CA ALA B 714 -33.61 11.69 -18.34
C ALA B 714 -34.12 12.85 -19.16
N TYR B 715 -35.40 13.17 -19.01
CA TYR B 715 -36.00 14.22 -19.83
C TYR B 715 -35.40 15.59 -19.55
N ASN B 716 -34.69 15.76 -18.45
CA ASN B 716 -34.12 17.06 -18.13
C ASN B 716 -32.77 17.17 -18.79
N GLN B 717 -32.49 16.21 -19.67
CA GLN B 717 -31.16 15.92 -20.16
C GLN B 717 -30.37 17.18 -20.49
N PHE B 718 -30.95 18.08 -21.25
CA PHE B 718 -30.23 19.26 -21.69
C PHE B 718 -30.11 20.33 -20.62
N LYS B 719 -31.14 20.47 -19.77
CA LYS B 719 -31.09 21.47 -18.72
C LYS B 719 -30.07 21.19 -17.63
N ARG B 720 -29.49 20.00 -17.58
CA ARG B 720 -28.60 19.64 -16.49
C ARG B 720 -27.15 19.63 -16.96
N ILE B 721 -26.27 19.97 -16.02
CA ILE B 721 -24.84 20.04 -16.26
C ILE B 721 -24.18 19.04 -15.32
N ASP B 722 -23.68 17.94 -15.87
CA ASP B 722 -23.04 16.94 -15.04
C ASP B 722 -21.62 16.71 -15.55
N THR B 723 -20.78 16.11 -14.72
CA THR B 723 -19.35 16.18 -14.96
C THR B 723 -18.97 15.54 -16.29
N LEU B 724 -19.23 14.25 -16.48
CA LEU B 724 -19.02 13.64 -17.79
C LEU B 724 -20.29 12.87 -18.15
N LEU B 725 -21.01 13.36 -19.13
CA LEU B 725 -22.32 12.86 -19.49
C LEU B 725 -22.36 12.59 -20.98
N TYR B 726 -22.53 11.33 -21.35
CA TYR B 726 -22.76 10.95 -22.74
C TYR B 726 -24.24 11.04 -23.05
N LEU B 727 -24.57 10.80 -24.31
CA LEU B 727 -25.94 10.67 -24.74
C LEU B 727 -25.94 10.46 -26.25
N MET B 728 -27.04 9.91 -26.77
CA MET B 728 -27.08 9.45 -28.14
C MET B 728 -28.01 10.35 -28.94
N THR B 729 -27.74 10.43 -30.24
CA THR B 729 -28.50 11.31 -31.12
C THR B 729 -29.90 10.76 -31.38
N TYR B 730 -29.99 9.61 -32.03
CA TYR B 730 -31.25 9.05 -32.50
C TYR B 730 -31.53 7.71 -31.84
N PRO B 731 -31.88 7.68 -30.56
CA PRO B 731 -32.14 6.39 -29.92
C PRO B 731 -33.38 5.75 -30.51
N GLN B 732 -33.63 4.51 -30.11
CA GLN B 732 -34.74 3.72 -30.64
C GLN B 732 -35.16 2.66 -29.64
N GLN B 733 -36.44 2.35 -29.62
CA GLN B 733 -36.85 1.23 -28.79
C GLN B 733 -36.12 -0.03 -29.24
N PRO B 734 -35.76 -0.90 -28.31
CA PRO B 734 -35.33 -2.23 -28.71
C PRO B 734 -36.50 -2.94 -29.37
N MET B 735 -36.26 -3.53 -30.53
CA MET B 735 -37.35 -4.10 -31.30
C MET B 735 -38.10 -5.16 -30.52
N VAL B 736 -37.39 -6.11 -29.92
CA VAL B 736 -38.00 -7.08 -29.03
C VAL B 736 -37.92 -6.52 -27.63
N LYS B 737 -39.05 -6.50 -26.93
CA LYS B 737 -39.10 -6.01 -25.57
C LYS B 737 -39.27 -7.20 -24.65
N THR B 738 -38.48 -7.24 -23.59
CA THR B 738 -38.78 -8.11 -22.48
C THR B 738 -39.72 -7.38 -21.54
N LYS B 739 -40.79 -8.07 -21.13
CA LYS B 739 -41.87 -7.42 -20.39
C LYS B 739 -41.32 -6.61 -19.23
N THR B 740 -40.18 -7.02 -18.68
CA THR B 740 -39.52 -6.29 -17.62
C THR B 740 -38.99 -4.92 -18.06
N ILE B 741 -38.96 -4.62 -19.35
CA ILE B 741 -38.63 -3.25 -19.75
C ILE B 741 -39.77 -2.31 -19.40
N GLU B 742 -40.99 -2.65 -19.81
CA GLU B 742 -42.11 -1.73 -19.63
C GLU B 742 -42.28 -1.31 -18.19
N LEU B 743 -41.97 -2.20 -17.24
CA LEU B 743 -42.00 -1.83 -15.84
C LEU B 743 -41.01 -0.74 -15.50
N ILE B 744 -39.77 -0.85 -15.97
CA ILE B 744 -38.75 0.14 -15.67
C ILE B 744 -38.71 1.26 -16.70
N ASP B 745 -39.65 1.26 -17.65
CA ASP B 745 -39.83 2.38 -18.58
C ASP B 745 -38.62 2.58 -19.48
N TYR B 746 -37.82 1.53 -19.65
CA TYR B 746 -36.69 1.62 -20.56
C TYR B 746 -37.10 2.00 -21.97
N ASP B 747 -38.32 1.73 -22.37
CA ASP B 747 -38.67 2.03 -23.75
C ASP B 747 -38.96 3.52 -23.96
N LYS B 748 -39.21 4.27 -22.87
CA LYS B 748 -39.37 5.71 -23.05
C LYS B 748 -38.05 6.43 -22.97
N LEU B 749 -36.97 5.71 -22.65
CA LEU B 749 -35.61 6.25 -22.61
C LEU B 749 -34.66 5.22 -23.19
N PRO B 750 -34.85 4.85 -24.44
CA PRO B 750 -34.11 3.71 -24.98
C PRO B 750 -32.65 4.05 -25.15
N ALA B 751 -31.76 3.10 -24.83
CA ALA B 751 -30.34 3.32 -25.05
C ALA B 751 -29.89 2.34 -26.12
N GLY B 752 -29.66 2.85 -27.32
CA GLY B 752 -29.18 1.99 -28.37
C GLY B 752 -29.69 2.43 -29.70
N GLN B 753 -29.24 1.74 -30.74
CA GLN B 753 -29.75 1.91 -32.09
C GLN B 753 -30.39 0.60 -32.47
N ASN B 754 -31.31 0.64 -33.42
CA ASN B 754 -31.87 -0.64 -33.82
C ASN B 754 -31.43 -0.91 -35.24
N ALA B 755 -30.48 -1.82 -35.40
CA ALA B 755 -29.62 -1.82 -36.57
C ALA B 755 -29.79 -3.08 -37.40
N THR B 756 -29.94 -2.90 -38.71
CA THR B 756 -30.13 -4.06 -39.57
C THR B 756 -28.80 -4.74 -39.80
N VAL B 757 -28.68 -5.96 -39.30
CA VAL B 757 -27.39 -6.63 -39.18
C VAL B 757 -27.49 -7.90 -39.96
N ALA B 758 -26.36 -8.41 -40.41
CA ALA B 758 -26.29 -9.69 -41.08
C ALA B 758 -25.11 -10.46 -40.56
N VAL B 759 -25.31 -11.74 -40.30
CA VAL B 759 -24.27 -12.57 -39.75
C VAL B 759 -23.58 -13.19 -40.95
N MET B 760 -22.40 -12.69 -41.28
CA MET B 760 -21.63 -13.19 -42.40
C MET B 760 -20.17 -12.86 -42.12
N SER B 761 -19.26 -13.75 -42.46
CA SER B 761 -17.85 -13.41 -42.35
C SER B 761 -17.53 -12.55 -43.57
N TYR B 762 -16.92 -11.41 -43.32
CA TYR B 762 -16.73 -10.46 -44.41
C TYR B 762 -15.37 -9.80 -44.34
N SER B 763 -14.88 -9.42 -45.51
CA SER B 763 -13.53 -8.89 -45.68
C SER B 763 -12.60 -9.88 -45.00
N GLY B 764 -11.55 -9.39 -44.39
CA GLY B 764 -10.96 -10.09 -43.28
C GLY B 764 -11.15 -9.33 -41.99
N TYR B 765 -11.60 -8.10 -42.08
CA TYR B 765 -11.53 -7.24 -40.91
C TYR B 765 -12.47 -7.71 -39.82
N ASP B 766 -13.44 -8.52 -40.19
CA ASP B 766 -14.40 -9.05 -39.24
C ASP B 766 -13.74 -9.87 -38.14
N ILE B 767 -13.41 -11.12 -38.46
CA ILE B 767 -12.70 -12.08 -37.61
C ILE B 767 -13.17 -12.03 -36.17
N GLU B 768 -12.27 -11.76 -35.23
CA GLU B 768 -12.47 -12.19 -33.87
C GLU B 768 -13.19 -11.05 -33.15
N ASP B 769 -14.48 -11.26 -32.92
CA ASP B 769 -15.35 -10.33 -32.19
C ASP B 769 -15.48 -8.98 -32.86
N ALA B 770 -14.69 -8.70 -33.88
CA ALA B 770 -14.63 -7.35 -34.40
C ALA B 770 -15.72 -7.11 -35.43
N LEU B 771 -16.58 -6.15 -35.16
CA LEU B 771 -17.68 -5.81 -36.06
C LEU B 771 -17.10 -5.11 -37.28
N VAL B 772 -17.94 -4.87 -38.28
CA VAL B 772 -17.61 -4.00 -39.40
C VAL B 772 -18.84 -3.20 -39.76
N LEU B 773 -18.71 -1.88 -39.71
CA LEU B 773 -19.81 -0.95 -39.91
C LEU B 773 -19.98 -0.58 -41.37
N ASN B 774 -20.78 0.45 -41.64
CA ASN B 774 -21.14 0.81 -43.00
C ASN B 774 -21.11 2.33 -43.16
N LYS B 775 -20.28 2.83 -44.08
CA LYS B 775 -20.41 4.24 -44.44
C LYS B 775 -21.69 4.44 -45.23
N SER B 776 -21.95 5.69 -45.58
CA SER B 776 -23.22 6.09 -46.17
C SER B 776 -24.38 5.59 -45.35
N SER B 777 -24.07 5.19 -44.14
CA SER B 777 -25.00 4.65 -43.15
C SER B 777 -24.76 5.22 -41.78
N ILE B 778 -23.61 4.93 -41.17
CA ILE B 778 -23.09 5.73 -40.09
C ILE B 778 -23.19 7.21 -40.43
N ASP B 779 -22.95 7.57 -41.69
CA ASP B 779 -23.15 8.95 -42.12
C ASP B 779 -24.61 9.34 -42.14
N ARG B 780 -25.52 8.39 -42.13
CA ARG B 780 -26.94 8.66 -42.09
C ARG B 780 -27.46 8.81 -40.67
N GLY B 781 -26.55 8.99 -39.72
CA GLY B 781 -26.94 9.17 -38.34
C GLY B 781 -27.16 7.91 -37.55
N PHE B 782 -26.26 6.96 -37.70
CA PHE B 782 -26.22 5.77 -36.86
C PHE B 782 -25.32 6.12 -35.69
N GLY B 783 -25.78 5.83 -34.48
CA GLY B 783 -24.90 5.79 -33.33
C GLY B 783 -24.11 7.05 -33.07
N ARG B 784 -24.50 8.17 -33.66
CA ARG B 784 -23.75 9.40 -33.46
C ARG B 784 -23.87 9.83 -32.01
N CYS B 785 -22.74 10.06 -31.36
CA CYS B 785 -22.73 10.39 -29.95
C CYS B 785 -22.60 11.88 -29.75
N GLU B 786 -23.24 12.40 -28.72
CA GLU B 786 -22.92 13.72 -28.19
C GLU B 786 -22.28 13.48 -26.83
N THR B 787 -21.18 14.17 -26.56
CA THR B 787 -20.54 14.09 -25.27
C THR B 787 -20.69 15.44 -24.58
N ARG B 788 -20.71 15.45 -23.27
CA ARG B 788 -20.85 16.68 -22.50
C ARG B 788 -19.91 16.61 -21.31
N ARG B 789 -19.16 17.67 -21.11
CA ARG B 789 -18.30 17.84 -19.95
C ARG B 789 -18.54 19.21 -19.35
N LYS B 790 -17.82 19.52 -18.27
CA LYS B 790 -17.92 20.83 -17.68
C LYS B 790 -16.59 20.97 -16.97
N THR B 791 -16.18 22.22 -16.78
CA THR B 791 -15.09 22.52 -15.85
C THR B 791 -15.61 23.67 -15.00
N THR B 792 -15.70 23.43 -13.71
CA THR B 792 -16.20 24.44 -12.80
C THR B 792 -15.00 25.19 -12.27
N THR B 793 -15.11 26.50 -12.17
CA THR B 793 -14.08 27.33 -11.56
C THR B 793 -14.80 28.27 -10.61
N VAL B 794 -14.52 28.12 -9.32
CA VAL B 794 -15.13 29.01 -8.33
C VAL B 794 -14.20 30.19 -8.10
N LEU B 795 -14.66 31.38 -8.49
CA LEU B 795 -13.93 32.60 -8.19
C LEU B 795 -14.13 32.86 -6.71
N LYS B 796 -13.02 32.90 -5.97
CA LYS B 796 -13.18 33.09 -4.54
C LYS B 796 -12.28 34.21 -4.04
N ARG B 797 -12.89 35.09 -3.26
CA ARG B 797 -12.24 36.28 -2.73
C ARG B 797 -11.25 35.87 -1.66
N TYR B 798 -10.29 36.73 -1.38
CA TYR B 798 -9.23 36.42 -0.42
C TYR B 798 -9.30 37.34 0.79
N ALA B 799 -8.72 36.88 1.89
CA ALA B 799 -8.72 37.61 3.15
C ALA B 799 -8.12 39.01 3.02
N ASN B 800 -7.50 39.30 1.89
CA ASN B 800 -6.95 40.60 1.57
C ASN B 800 -8.02 41.56 1.06
N HIS B 801 -9.28 41.13 1.10
CA HIS B 801 -10.39 41.93 0.56
C HIS B 801 -10.21 42.08 -0.94
N THR B 802 -9.86 40.99 -1.60
CA THR B 802 -9.38 41.02 -2.97
C THR B 802 -10.09 39.94 -3.76
N GLN B 803 -10.55 40.31 -4.96
CA GLN B 803 -11.37 39.45 -5.79
C GLN B 803 -10.60 38.99 -7.01
N ASP B 804 -10.85 37.75 -7.42
CA ASP B 804 -10.27 37.19 -8.63
C ASP B 804 -11.21 37.46 -9.80
N ILE B 805 -10.67 37.95 -10.91
CA ILE B 805 -11.45 38.63 -11.93
C ILE B 805 -11.39 37.87 -13.25
N ILE B 806 -12.45 37.97 -14.03
CA ILE B 806 -12.66 37.25 -15.28
C ILE B 806 -12.31 38.05 -16.53
N GLY B 807 -11.73 39.24 -16.38
CA GLY B 807 -11.47 40.09 -17.53
C GLY B 807 -10.58 39.42 -18.57
N GLY B 808 -10.52 40.03 -19.75
CA GLY B 808 -9.83 39.41 -20.87
C GLY B 808 -10.03 40.10 -22.20
N MET B 809 -9.92 39.33 -23.30
CA MET B 809 -10.18 39.83 -24.64
C MET B 809 -9.19 40.93 -25.03
N ARG B 810 -7.95 40.53 -25.36
CA ARG B 810 -6.87 41.48 -25.64
C ARG B 810 -7.02 42.19 -26.99
N VAL B 811 -7.25 41.43 -28.07
CA VAL B 811 -7.58 42.00 -29.38
C VAL B 811 -6.47 42.91 -29.87
N ASP B 812 -5.37 42.34 -30.34
CA ASP B 812 -4.28 43.16 -30.86
C ASP B 812 -4.63 43.71 -32.24
N GLU B 813 -3.75 44.58 -32.73
CA GLU B 813 -3.67 45.03 -34.12
C GLU B 813 -5.02 45.34 -34.73
N ASN B 814 -5.83 46.18 -34.07
CA ASN B 814 -7.01 46.77 -34.68
C ASN B 814 -8.09 45.77 -35.09
N GLY B 815 -8.81 45.22 -34.11
CA GLY B 815 -10.12 44.65 -34.39
C GLY B 815 -10.31 43.15 -34.34
N ASP B 816 -9.29 42.39 -33.98
CA ASP B 816 -9.54 40.96 -33.79
C ASP B 816 -8.82 40.45 -32.56
N PRO B 817 -9.45 39.59 -31.78
CA PRO B 817 -8.76 38.98 -30.64
C PRO B 817 -7.74 37.95 -31.09
N ILE B 818 -6.61 37.94 -30.38
CA ILE B 818 -5.52 37.05 -30.75
C ILE B 818 -5.98 35.60 -30.71
N TRP B 819 -5.36 34.78 -31.56
CA TRP B 819 -5.86 33.43 -31.76
C TRP B 819 -5.80 32.60 -30.48
N GLN B 820 -4.66 32.58 -29.79
CA GLN B 820 -4.57 31.80 -28.56
C GLN B 820 -5.67 32.21 -27.59
N HIS B 821 -6.22 33.38 -27.77
CA HIS B 821 -7.39 33.77 -27.02
C HIS B 821 -8.62 33.67 -27.91
N GLN B 822 -8.83 34.71 -28.71
CA GLN B 822 -9.94 34.84 -29.65
C GLN B 822 -11.23 34.41 -28.99
N SER B 823 -12.18 33.90 -29.78
CA SER B 823 -13.20 32.93 -29.37
C SER B 823 -13.71 33.13 -27.95
N LEU B 824 -13.81 34.37 -27.48
CA LEU B 824 -14.25 34.49 -26.09
C LEU B 824 -15.48 35.38 -25.96
N GLY B 825 -15.29 36.69 -26.02
CA GLY B 825 -16.41 37.59 -26.01
C GLY B 825 -16.07 38.87 -25.30
N PRO B 826 -17.01 39.83 -25.29
CA PRO B 826 -16.79 41.06 -24.53
C PRO B 826 -16.82 40.84 -23.04
N ASP B 827 -17.50 39.81 -22.57
CA ASP B 827 -17.66 39.61 -21.14
C ASP B 827 -16.38 39.05 -20.52
N GLY B 828 -15.44 38.62 -21.33
CA GLY B 828 -14.23 38.03 -20.81
C GLY B 828 -14.46 36.62 -20.33
N LEU B 829 -15.64 36.08 -20.62
CA LEU B 829 -15.99 34.73 -20.26
C LEU B 829 -16.30 33.97 -21.55
N GLY B 830 -16.22 32.64 -21.48
CA GLY B 830 -16.60 31.86 -22.64
C GLY B 830 -17.99 32.20 -23.12
N GLU B 831 -18.19 32.10 -24.43
CA GLU B 831 -19.47 32.44 -25.01
C GLU B 831 -20.12 31.17 -25.56
N VAL B 832 -21.33 31.31 -26.10
CA VAL B 832 -22.14 30.17 -26.51
C VAL B 832 -21.82 29.82 -27.95
N GLY B 833 -21.78 28.53 -28.24
CA GLY B 833 -21.76 28.05 -29.61
C GLY B 833 -20.59 28.52 -30.43
N MET B 834 -19.36 28.26 -30.00
CA MET B 834 -18.26 28.57 -30.88
C MET B 834 -17.17 27.52 -30.75
N LYS B 835 -16.72 27.05 -31.91
CA LYS B 835 -15.71 26.01 -32.00
C LYS B 835 -14.47 26.39 -31.21
N VAL B 836 -14.04 25.51 -30.31
CA VAL B 836 -12.80 25.73 -29.55
C VAL B 836 -11.98 24.47 -29.63
N GLN B 837 -10.66 24.64 -29.75
CA GLN B 837 -9.78 23.48 -29.76
C GLN B 837 -8.41 23.88 -29.24
N SER B 838 -7.77 22.95 -28.54
CA SER B 838 -6.40 23.11 -28.07
C SER B 838 -6.22 24.44 -27.36
N GLY B 839 -5.38 25.30 -27.87
CA GLY B 839 -4.93 26.47 -27.16
C GLY B 839 -5.95 27.54 -26.88
N GLN B 840 -7.22 27.36 -27.24
CA GLN B 840 -8.19 28.44 -27.06
C GLN B 840 -8.46 28.63 -25.58
N ILE B 841 -9.25 29.64 -25.23
CA ILE B 841 -9.55 29.86 -23.81
C ILE B 841 -11.06 29.92 -23.65
N TYR B 842 -11.64 28.93 -22.98
CA TYR B 842 -13.09 28.97 -22.83
C TYR B 842 -13.55 29.50 -21.48
N ILE B 843 -12.66 29.73 -20.54
CA ILE B 843 -12.92 30.67 -19.45
C ILE B 843 -11.62 31.32 -19.01
N ASN B 844 -11.62 32.65 -18.93
CA ASN B 844 -10.43 33.42 -18.63
C ASN B 844 -10.50 33.84 -17.16
N LYS B 845 -9.65 33.24 -16.34
CA LYS B 845 -9.69 33.46 -14.89
C LYS B 845 -8.38 34.08 -14.44
N SER B 846 -8.46 35.31 -13.96
CA SER B 846 -7.30 36.01 -13.43
C SER B 846 -7.37 35.96 -11.90
N VAL B 847 -6.23 35.70 -11.27
CA VAL B 847 -6.19 35.68 -9.81
C VAL B 847 -5.30 36.81 -9.33
N PRO B 848 -5.56 37.36 -8.14
CA PRO B 848 -4.67 38.39 -7.61
C PRO B 848 -3.39 37.76 -7.08
N THR B 849 -2.29 38.49 -7.23
CA THR B 849 -1.00 37.97 -6.80
C THR B 849 -0.72 38.16 -5.33
N ASN B 850 -0.66 39.39 -4.83
CA ASN B 850 -0.35 39.66 -3.44
C ASN B 850 -1.50 39.35 -2.50
N SER B 851 -2.66 38.97 -3.02
CA SER B 851 -3.82 38.72 -2.17
C SER B 851 -3.55 37.68 -1.10
N ALA B 852 -3.01 36.52 -1.48
CA ALA B 852 -2.74 35.44 -0.54
C ALA B 852 -1.79 35.84 0.57
N ASP B 853 -1.10 36.96 0.44
CA ASP B 853 -0.18 37.45 1.46
C ASP B 853 -0.98 37.97 2.64
N ALA B 854 -0.31 38.55 3.64
CA ALA B 854 -0.99 39.04 4.83
C ALA B 854 -1.37 40.50 4.62
N PRO B 855 -2.66 40.82 4.46
CA PRO B 855 -3.06 42.22 4.36
C PRO B 855 -2.87 42.96 5.68
N ASN B 856 -2.77 44.28 5.55
CA ASN B 856 -2.54 45.22 6.63
C ASN B 856 -3.47 46.40 6.44
N PRO B 857 -3.64 47.25 7.45
CA PRO B 857 -4.42 48.48 7.23
C PRO B 857 -3.60 49.51 6.47
N ASN B 858 -2.93 49.08 5.40
CA ASN B 858 -2.26 50.00 4.50
C ASN B 858 -2.50 49.60 3.05
N ASN B 859 -3.28 50.40 2.34
CA ASN B 859 -3.26 50.39 0.88
C ASN B 859 -3.39 51.83 0.39
N VAL B 860 -2.36 52.32 -0.29
CA VAL B 860 -2.46 53.66 -0.85
C VAL B 860 -3.31 53.62 -2.11
N ASN B 861 -2.98 52.70 -3.02
CA ASN B 861 -3.77 52.53 -4.24
C ASN B 861 -4.05 51.08 -4.59
N VAL B 862 -3.01 50.30 -4.88
CA VAL B 862 -3.14 49.10 -5.69
C VAL B 862 -3.52 47.88 -4.85
N GLN B 863 -4.61 47.22 -5.25
CA GLN B 863 -4.80 45.80 -5.01
C GLN B 863 -4.42 45.07 -6.30
N THR B 864 -3.99 45.86 -7.28
CA THR B 864 -4.09 45.57 -8.70
C THR B 864 -3.49 44.25 -9.12
N GLN B 865 -2.17 44.11 -9.09
CA GLN B 865 -1.44 43.23 -9.99
C GLN B 865 -2.05 41.83 -10.01
N TYR B 866 -2.28 41.32 -11.21
CA TYR B 866 -2.93 40.03 -11.41
C TYR B 866 -2.01 39.05 -12.12
N ARG B 867 -2.08 37.80 -11.68
CA ARG B 867 -1.52 36.66 -12.38
C ARG B 867 -2.69 36.00 -13.08
N GLU B 868 -2.72 36.07 -14.41
CA GLU B 868 -3.83 35.46 -15.12
C GLU B 868 -3.47 34.00 -15.44
N ALA B 869 -4.28 33.09 -14.92
CA ALA B 869 -4.05 31.68 -15.11
C ALA B 869 -5.25 31.08 -15.82
N PRO B 870 -5.48 31.42 -17.08
CA PRO B 870 -6.63 30.87 -17.78
C PRO B 870 -6.51 29.37 -17.92
N VAL B 871 -7.65 28.71 -17.85
CA VAL B 871 -7.70 27.27 -18.11
C VAL B 871 -8.01 27.05 -19.58
N ILE B 872 -7.32 26.10 -20.17
CA ILE B 872 -7.31 25.92 -21.62
C ILE B 872 -8.00 24.60 -21.91
N TYR B 873 -8.52 24.45 -23.12
CA TYR B 873 -9.14 23.17 -23.47
C TYR B 873 -8.14 22.35 -24.25
N ARG B 874 -7.53 21.38 -23.59
CA ARG B 874 -6.56 20.50 -24.24
C ARG B 874 -7.33 19.24 -24.58
N GLY B 875 -7.52 19.04 -25.87
CA GLY B 875 -8.27 17.90 -26.32
C GLY B 875 -7.85 17.46 -27.70
N PRO B 876 -8.08 16.20 -28.00
CA PRO B 876 -7.71 15.69 -29.32
C PRO B 876 -8.58 16.22 -30.45
N GLU B 877 -9.72 16.82 -30.15
CA GLU B 877 -10.56 17.21 -31.26
C GLU B 877 -11.27 18.52 -30.95
N PRO B 878 -11.52 19.36 -31.96
CA PRO B 878 -12.35 20.55 -31.74
C PRO B 878 -13.69 20.18 -31.14
N SER B 879 -14.23 21.10 -30.36
CA SER B 879 -15.51 20.92 -29.70
C SER B 879 -16.26 22.24 -29.64
N HIS B 880 -17.38 22.26 -28.95
CA HIS B 880 -18.20 23.46 -28.90
C HIS B 880 -18.63 23.76 -27.47
N ILE B 881 -18.79 25.05 -27.20
CA ILE B 881 -19.33 25.54 -25.95
C ILE B 881 -20.79 25.88 -26.18
N ASP B 882 -21.67 25.29 -25.39
CA ASP B 882 -23.07 25.61 -25.57
C ASP B 882 -23.67 26.40 -24.42
N GLN B 883 -23.72 25.87 -23.21
CA GLN B 883 -24.47 26.48 -22.14
C GLN B 883 -23.51 26.82 -21.02
N VAL B 884 -23.41 28.10 -20.67
CA VAL B 884 -22.44 28.55 -19.68
C VAL B 884 -23.17 29.29 -18.55
N MET B 885 -22.97 28.78 -17.34
CA MET B 885 -23.74 29.19 -16.17
C MET B 885 -22.90 30.07 -15.26
N MET B 886 -23.50 31.14 -14.78
CA MET B 886 -22.93 31.98 -13.72
C MET B 886 -23.89 31.94 -12.54
N SER B 887 -23.38 31.60 -11.37
CA SER B 887 -24.20 31.53 -10.18
C SER B 887 -23.31 31.75 -8.96
N VAL B 888 -23.88 31.58 -7.78
CA VAL B 888 -23.13 31.79 -6.55
C VAL B 888 -23.62 30.81 -5.51
N SER B 889 -22.69 30.20 -4.78
CA SER B 889 -23.04 29.19 -3.80
C SER B 889 -23.57 29.84 -2.54
N ASP B 890 -23.80 29.03 -1.50
CA ASP B 890 -24.43 29.55 -0.28
C ASP B 890 -23.53 30.52 0.48
N ASN B 891 -22.21 30.36 0.38
CA ASN B 891 -21.27 31.19 1.11
C ASN B 891 -20.97 32.51 0.38
N ASP B 892 -21.68 32.78 -0.72
CA ASP B 892 -21.52 34.01 -1.48
C ASP B 892 -20.12 34.20 -2.04
N GLN B 893 -19.80 33.39 -3.05
CA GLN B 893 -18.58 33.53 -3.84
C GLN B 893 -18.91 33.16 -5.27
N ALA B 894 -18.37 33.94 -6.21
CA ALA B 894 -18.68 33.76 -7.62
C ALA B 894 -18.40 32.32 -8.04
N LEU B 895 -19.30 31.76 -8.83
CA LEU B 895 -19.22 30.37 -9.28
C LEU B 895 -19.56 30.31 -10.75
N ILE B 896 -18.64 29.80 -11.56
CA ILE B 896 -18.82 29.72 -13.00
C ILE B 896 -18.68 28.27 -13.41
N LYS B 897 -19.67 27.77 -14.15
CA LYS B 897 -19.70 26.40 -14.62
C LYS B 897 -20.08 26.41 -16.10
N VAL B 898 -19.17 25.98 -16.96
CA VAL B 898 -19.45 25.89 -18.39
C VAL B 898 -19.39 24.44 -18.80
N LEU B 899 -20.11 24.10 -19.87
CA LEU B 899 -20.18 22.72 -20.29
C LEU B 899 -19.88 22.65 -21.78
N LEU B 900 -19.04 21.70 -22.16
CA LEU B 900 -18.57 21.58 -23.52
C LEU B 900 -19.18 20.34 -24.15
N ARG B 901 -19.45 20.41 -25.45
CA ARG B 901 -19.97 19.25 -26.15
C ARG B 901 -19.18 19.05 -27.43
N GLN B 902 -18.94 17.78 -27.73
CA GLN B 902 -18.40 17.38 -29.02
C GLN B 902 -19.15 16.13 -29.44
N ASN B 903 -19.54 16.06 -30.71
CA ASN B 903 -20.34 14.93 -31.16
C ASN B 903 -19.44 13.95 -31.90
N ARG B 904 -19.18 12.82 -31.27
CA ARG B 904 -18.26 11.83 -31.80
C ARG B 904 -19.00 11.00 -32.83
N ARG B 905 -18.50 11.01 -34.05
CA ARG B 905 -18.92 10.06 -35.04
C ARG B 905 -18.35 8.69 -34.70
N PRO B 906 -19.14 7.62 -34.79
CA PRO B 906 -18.64 6.31 -34.38
C PRO B 906 -17.49 5.84 -35.24
N GLU B 907 -16.35 6.44 -34.96
CA GLU B 907 -15.06 6.26 -35.60
C GLU B 907 -14.55 4.85 -35.35
N LEU B 908 -13.59 4.44 -36.17
CA LEU B 908 -12.99 3.12 -36.04
C LEU B 908 -12.50 2.89 -34.62
N GLY B 909 -12.66 1.67 -34.12
CA GLY B 909 -12.24 1.34 -32.77
C GLY B 909 -13.18 1.72 -31.63
N ASP B 910 -14.48 1.48 -31.80
CA ASP B 910 -15.47 1.80 -30.78
C ASP B 910 -16.19 0.55 -30.31
N LYS B 911 -16.47 0.49 -29.02
CA LYS B 911 -17.12 -0.68 -28.46
C LYS B 911 -18.61 -0.67 -28.79
N PHE B 912 -19.08 -1.73 -29.45
CA PHE B 912 -20.50 -1.96 -29.64
C PHE B 912 -20.86 -3.27 -28.96
N SER B 913 -22.10 -3.34 -28.49
CA SER B 913 -22.56 -4.53 -27.80
C SER B 913 -23.96 -4.86 -28.28
N SER B 914 -24.24 -6.14 -28.33
CA SER B 914 -25.46 -6.68 -28.89
C SER B 914 -26.68 -6.94 -28.01
N ARG B 915 -26.69 -6.34 -26.81
CA ARG B 915 -27.77 -6.46 -25.83
C ARG B 915 -27.74 -7.90 -25.13
N HIS B 916 -27.27 -8.76 -26.00
CA HIS B 916 -27.20 -10.17 -25.66
C HIS B 916 -25.98 -10.85 -25.05
N GLY B 917 -24.93 -10.11 -24.72
CA GLY B 917 -23.69 -10.69 -24.25
C GLY B 917 -22.53 -10.56 -25.23
N GLN B 918 -22.78 -10.12 -26.45
CA GLN B 918 -21.69 -9.89 -27.37
C GLN B 918 -20.90 -8.67 -26.95
N LYS B 919 -19.82 -8.41 -27.69
CA LYS B 919 -18.95 -7.29 -27.39
C LYS B 919 -18.14 -7.10 -28.67
N GLY B 920 -17.55 -5.93 -28.88
CA GLY B 920 -16.73 -5.83 -30.06
C GLY B 920 -16.33 -4.42 -30.44
N VAL B 921 -15.62 -4.36 -31.56
CA VAL B 921 -15.09 -3.11 -32.11
C VAL B 921 -15.15 -3.17 -33.62
N CYS B 922 -15.60 -2.08 -34.22
CA CYS B 922 -15.69 -2.04 -35.67
C CYS B 922 -14.32 -2.29 -36.29
N GLY B 923 -14.33 -3.05 -37.37
CA GLY B 923 -13.17 -3.20 -38.21
C GLY B 923 -13.26 -2.20 -39.32
N ILE B 924 -12.80 -2.56 -40.51
CA ILE B 924 -12.84 -1.65 -41.66
C ILE B 924 -14.24 -1.10 -41.77
N ILE B 925 -14.35 0.16 -42.17
CA ILE B 925 -15.68 0.69 -42.40
C ILE B 925 -15.93 0.66 -43.90
N VAL B 926 -16.76 -0.28 -44.35
CA VAL B 926 -16.97 -0.45 -45.76
C VAL B 926 -17.82 0.68 -46.28
N LYS B 927 -17.78 0.91 -47.59
CA LYS B 927 -18.34 2.17 -48.02
C LYS B 927 -19.85 2.10 -48.06
N GLN B 928 -20.42 1.67 -49.18
CA GLN B 928 -21.85 1.41 -49.19
C GLN B 928 -22.12 0.23 -50.11
N GLU B 929 -21.78 0.47 -51.37
CA GLU B 929 -22.01 -0.47 -52.46
C GLU B 929 -21.50 -1.85 -52.14
N ASP B 930 -20.41 -1.94 -51.39
CA ASP B 930 -19.86 -3.23 -51.04
C ASP B 930 -20.79 -3.80 -49.99
N MET B 931 -20.38 -4.86 -49.30
CA MET B 931 -21.19 -5.41 -48.22
C MET B 931 -22.34 -6.12 -48.91
N PRO B 932 -22.96 -7.09 -48.21
CA PRO B 932 -24.09 -7.86 -48.75
C PRO B 932 -25.35 -7.03 -48.98
N PHE B 933 -26.10 -7.36 -50.02
CA PHE B 933 -27.34 -6.67 -50.36
C PHE B 933 -28.37 -7.74 -50.73
N ASN B 934 -29.49 -7.41 -51.38
CA ASN B 934 -30.43 -8.52 -51.69
C ASN B 934 -31.69 -8.25 -52.50
N ASP B 935 -32.74 -9.02 -52.25
CA ASP B 935 -34.01 -8.85 -52.98
C ASP B 935 -34.58 -7.45 -52.90
N GLN B 936 -34.72 -6.95 -51.68
CA GLN B 936 -35.23 -5.60 -51.45
C GLN B 936 -34.07 -4.60 -51.31
N GLY B 937 -32.92 -5.01 -51.83
CA GLY B 937 -31.74 -4.17 -51.76
C GLY B 937 -31.28 -3.50 -50.48
N ILE B 938 -31.85 -3.90 -49.35
CA ILE B 938 -31.44 -3.34 -48.05
C ILE B 938 -29.97 -3.71 -47.83
N VAL B 939 -29.17 -2.81 -47.28
CA VAL B 939 -27.76 -3.14 -47.15
C VAL B 939 -27.40 -3.29 -45.69
N PRO B 940 -27.27 -4.51 -45.17
CA PRO B 940 -27.22 -4.73 -43.73
C PRO B 940 -26.19 -3.81 -43.09
N ASP B 941 -26.61 -3.15 -42.01
CA ASP B 941 -25.89 -1.97 -41.55
C ASP B 941 -24.60 -2.34 -40.83
N ILE B 942 -24.71 -2.89 -39.63
CA ILE B 942 -23.64 -3.66 -39.03
C ILE B 942 -23.61 -5.00 -39.75
N ILE B 943 -22.43 -5.51 -40.05
CA ILE B 943 -22.28 -6.85 -40.60
C ILE B 943 -21.39 -7.62 -39.63
N MET B 944 -21.99 -8.55 -38.90
CA MET B 944 -21.42 -9.16 -37.71
C MET B 944 -20.58 -10.37 -38.14
N ASN B 945 -20.18 -11.23 -37.20
CA ASN B 945 -19.37 -12.39 -37.48
C ASN B 945 -20.04 -13.65 -36.96
N PRO B 946 -20.01 -14.75 -37.73
CA PRO B 946 -20.61 -15.98 -37.23
C PRO B 946 -19.89 -16.61 -36.06
N HIS B 947 -18.56 -16.64 -36.06
CA HIS B 947 -17.84 -17.52 -35.14
C HIS B 947 -18.10 -17.21 -33.67
N GLY B 948 -18.71 -16.07 -33.37
CA GLY B 948 -19.01 -15.79 -31.98
C GLY B 948 -19.97 -16.79 -31.39
N PHE B 949 -20.91 -17.27 -32.20
CA PHE B 949 -22.01 -18.05 -31.68
C PHE B 949 -21.60 -19.41 -31.11
N PRO B 950 -20.84 -20.25 -31.82
CA PRO B 950 -20.61 -21.61 -31.31
C PRO B 950 -19.94 -21.71 -29.95
N SER B 951 -18.84 -20.98 -29.73
CA SER B 951 -18.09 -21.16 -28.49
C SER B 951 -18.56 -20.23 -27.40
N ARG B 952 -19.32 -19.19 -27.76
CA ARG B 952 -20.11 -18.50 -26.76
C ARG B 952 -21.38 -19.27 -26.47
N MET B 953 -21.87 -20.01 -27.47
CA MET B 953 -23.07 -20.81 -27.37
C MET B 953 -24.19 -19.94 -26.84
N THR B 954 -24.52 -18.89 -27.59
CA THR B 954 -25.67 -18.07 -27.26
C THR B 954 -26.63 -18.07 -28.44
N VAL B 955 -27.74 -18.79 -28.31
CA VAL B 955 -28.75 -18.84 -29.35
C VAL B 955 -29.89 -17.88 -29.11
N GLY B 956 -29.95 -17.27 -27.93
CA GLY B 956 -31.04 -16.34 -27.66
C GLY B 956 -31.00 -15.16 -28.61
N LYS B 957 -29.81 -14.75 -28.99
CA LYS B 957 -29.68 -13.69 -29.98
C LYS B 957 -30.29 -14.12 -31.30
N MET B 958 -29.86 -15.28 -31.78
CA MET B 958 -30.28 -15.74 -33.09
C MET B 958 -31.78 -16.05 -33.10
N ILE B 959 -32.41 -16.08 -31.93
CA ILE B 959 -33.86 -15.99 -31.88
C ILE B 959 -34.31 -14.53 -31.95
N GLU B 960 -33.63 -13.64 -31.23
CA GLU B 960 -33.99 -12.23 -31.24
C GLU B 960 -34.05 -11.70 -32.66
N LEU B 961 -33.16 -12.18 -33.53
CA LEU B 961 -33.21 -11.79 -34.92
C LEU B 961 -34.55 -12.15 -35.54
N ILE B 962 -34.86 -13.45 -35.61
CA ILE B 962 -36.12 -13.87 -36.22
C ILE B 962 -37.30 -13.10 -35.64
N SER B 963 -37.35 -12.97 -34.32
CA SER B 963 -38.40 -12.15 -33.73
C SER B 963 -38.39 -10.75 -34.31
N GLY B 964 -37.21 -10.20 -34.57
CA GLY B 964 -37.13 -8.87 -35.14
C GLY B 964 -37.72 -8.81 -36.52
N LYS B 965 -37.18 -9.60 -37.45
CA LYS B 965 -37.75 -9.58 -38.80
C LYS B 965 -39.24 -9.88 -38.75
N ALA B 966 -39.65 -10.79 -37.88
CA ALA B 966 -41.07 -11.02 -37.67
C ALA B 966 -41.80 -9.75 -37.30
N GLY B 967 -41.49 -9.17 -36.15
CA GLY B 967 -42.23 -8.04 -35.65
C GLY B 967 -42.38 -6.92 -36.64
N VAL B 968 -41.27 -6.46 -37.20
CA VAL B 968 -41.30 -5.29 -38.07
C VAL B 968 -42.22 -5.49 -39.26
N LEU B 969 -42.35 -6.71 -39.76
CA LEU B 969 -43.24 -6.92 -40.88
C LEU B 969 -44.70 -6.83 -40.50
N ASN B 970 -45.10 -7.35 -39.32
CA ASN B 970 -46.47 -7.12 -38.85
C ASN B 970 -46.66 -5.70 -38.38
N GLY B 971 -45.69 -5.16 -37.63
CA GLY B 971 -45.77 -3.82 -37.07
C GLY B 971 -45.88 -3.79 -35.57
N THR B 972 -46.21 -4.90 -34.95
CA THR B 972 -46.23 -4.94 -33.50
C THR B 972 -44.85 -5.27 -32.97
N LEU B 973 -44.39 -4.48 -32.00
CA LEU B 973 -43.18 -4.89 -31.28
C LEU B 973 -43.47 -6.26 -30.71
N GLU B 974 -42.64 -7.23 -31.06
CA GLU B 974 -42.95 -8.61 -30.71
C GLU B 974 -42.22 -8.98 -29.43
N TYR B 975 -42.98 -9.22 -28.38
CA TYR B 975 -42.38 -9.49 -27.09
C TYR B 975 -41.61 -10.80 -27.09
N GLY B 976 -40.59 -10.83 -26.26
CA GLY B 976 -40.00 -12.07 -25.81
C GLY B 976 -39.44 -11.77 -24.44
N THR B 977 -39.40 -12.76 -23.57
CA THR B 977 -39.08 -12.48 -22.19
C THR B 977 -38.60 -13.74 -21.50
N CYS B 978 -37.93 -13.54 -20.37
CA CYS B 978 -37.30 -14.63 -19.66
C CYS B 978 -38.36 -15.68 -19.28
N PHE B 979 -38.08 -16.93 -19.67
CA PHE B 979 -39.01 -18.04 -19.45
C PHE B 979 -40.35 -17.82 -20.13
N GLY B 980 -40.35 -17.09 -21.24
CA GLY B 980 -41.61 -16.74 -21.86
C GLY B 980 -41.48 -15.94 -23.14
N GLY B 981 -42.54 -15.22 -23.49
CA GLY B 981 -42.48 -14.39 -24.67
C GLY B 981 -43.08 -15.09 -25.89
N SER B 982 -42.85 -14.50 -27.06
CA SER B 982 -43.42 -15.04 -28.28
C SER B 982 -42.69 -16.30 -28.70
N LYS B 983 -43.45 -17.37 -28.85
CA LYS B 983 -42.91 -18.65 -29.28
C LYS B 983 -42.28 -18.50 -30.65
N LEU B 984 -41.27 -19.31 -30.94
CA LEU B 984 -40.61 -19.23 -32.22
C LEU B 984 -41.39 -19.91 -33.33
N GLU B 985 -42.13 -20.97 -33.04
CA GLU B 985 -42.66 -21.79 -34.13
C GLU B 985 -43.82 -21.11 -34.83
N ASP B 986 -44.52 -20.20 -34.16
CA ASP B 986 -45.54 -19.45 -34.87
C ASP B 986 -45.01 -18.18 -35.51
N MET B 987 -43.77 -17.79 -35.20
CA MET B 987 -43.13 -16.72 -35.94
C MET B 987 -43.10 -17.00 -37.43
N SER B 988 -42.50 -18.11 -37.84
CA SER B 988 -42.29 -18.37 -39.25
C SER B 988 -43.55 -18.11 -40.06
N LYS B 989 -44.70 -18.56 -39.56
CA LYS B 989 -45.94 -18.36 -40.29
C LYS B 989 -46.25 -16.89 -40.50
N ILE B 990 -45.61 -16.00 -39.75
CA ILE B 990 -45.69 -14.58 -40.04
C ILE B 990 -44.77 -14.19 -41.18
N LEU B 991 -43.69 -14.95 -41.37
CA LEU B 991 -42.77 -14.65 -42.45
C LEU B 991 -43.16 -15.28 -43.77
N VAL B 992 -43.20 -16.62 -43.81
CA VAL B 992 -43.40 -17.36 -45.05
C VAL B 992 -44.51 -16.77 -45.89
N ASP B 993 -45.68 -16.50 -45.30
CA ASP B 993 -46.77 -15.87 -46.00
C ASP B 993 -46.39 -14.50 -46.56
N GLN B 994 -45.43 -13.82 -45.92
CA GLN B 994 -45.03 -12.49 -46.37
C GLN B 994 -43.82 -12.58 -47.27
N GLY B 995 -43.36 -13.80 -47.55
CA GLY B 995 -42.39 -14.00 -48.60
C GLY B 995 -40.95 -14.23 -48.21
N PHE B 996 -40.67 -14.50 -46.96
CA PHE B 996 -39.32 -14.76 -46.49
C PHE B 996 -39.19 -16.17 -45.98
N ASN B 997 -37.97 -16.67 -45.95
CA ASN B 997 -37.71 -18.02 -45.48
C ASN B 997 -38.16 -18.18 -44.03
N TYR B 998 -38.55 -19.40 -43.68
CA TYR B 998 -39.06 -19.62 -42.33
C TYR B 998 -37.97 -19.47 -41.29
N SER B 999 -36.73 -19.36 -41.70
CA SER B 999 -35.68 -18.81 -40.86
C SER B 999 -35.17 -17.53 -41.50
N GLY B 1000 -34.27 -16.86 -40.82
CA GLY B 1000 -33.80 -15.59 -41.32
C GLY B 1000 -32.98 -15.71 -42.59
N LYS B 1001 -32.40 -16.89 -42.80
CA LYS B 1001 -31.46 -17.12 -43.88
C LYS B 1001 -32.11 -16.74 -45.20
N ASP B 1002 -31.44 -15.85 -45.93
CA ASP B 1002 -32.01 -15.29 -47.13
C ASP B 1002 -30.86 -14.93 -48.07
N MET B 1003 -31.11 -15.07 -49.38
CA MET B 1003 -30.03 -14.86 -50.34
C MET B 1003 -29.53 -13.43 -50.25
N LEU B 1004 -28.26 -13.26 -50.55
CA LEU B 1004 -27.65 -11.94 -50.62
C LEU B 1004 -26.68 -11.90 -51.78
N TYR B 1005 -26.68 -10.79 -52.49
CA TYR B 1005 -25.78 -10.60 -53.62
C TYR B 1005 -24.57 -9.83 -53.17
N SER B 1006 -23.41 -10.48 -53.17
CA SER B 1006 -22.21 -9.81 -52.70
C SER B 1006 -21.95 -8.59 -53.58
N GLY B 1007 -21.89 -7.44 -52.93
CA GLY B 1007 -21.88 -6.19 -53.63
C GLY B 1007 -20.54 -5.90 -54.26
N ILE B 1008 -19.51 -6.56 -53.74
CA ILE B 1008 -18.18 -6.40 -54.27
C ILE B 1008 -17.96 -7.24 -55.52
N THR B 1009 -18.90 -8.14 -55.82
CA THR B 1009 -18.88 -8.93 -57.04
C THR B 1009 -20.18 -8.83 -57.81
N GLY B 1010 -21.30 -9.20 -57.22
CA GLY B 1010 -22.57 -9.18 -57.91
C GLY B 1010 -23.11 -10.54 -58.27
N GLU B 1011 -22.43 -11.60 -57.87
CA GLU B 1011 -22.94 -12.96 -58.00
C GLU B 1011 -23.74 -13.30 -56.74
N CYS B 1012 -24.31 -14.49 -56.74
CA CYS B 1012 -25.08 -14.93 -55.59
C CYS B 1012 -24.15 -15.51 -54.55
N LEU B 1013 -24.38 -15.21 -53.27
CA LEU B 1013 -23.53 -15.77 -52.25
C LEU B 1013 -23.77 -17.26 -52.11
N GLN B 1014 -22.69 -18.03 -52.29
CA GLN B 1014 -22.82 -19.46 -52.55
C GLN B 1014 -23.46 -20.19 -51.38
N ALA B 1015 -23.47 -19.59 -50.20
CA ALA B 1015 -24.30 -20.05 -49.10
C ALA B 1015 -25.17 -18.88 -48.66
N TYR B 1016 -26.27 -19.20 -47.98
CA TYR B 1016 -27.20 -18.14 -47.59
C TYR B 1016 -26.61 -17.31 -46.46
N ILE B 1017 -27.35 -16.27 -46.09
CA ILE B 1017 -26.97 -15.42 -44.97
C ILE B 1017 -28.22 -15.13 -44.17
N PHE B 1018 -28.04 -14.93 -42.88
CA PHE B 1018 -29.11 -14.90 -41.91
C PHE B 1018 -29.13 -13.52 -41.26
N PHE B 1019 -30.21 -12.77 -41.49
CA PHE B 1019 -30.24 -11.44 -40.92
C PHE B 1019 -31.64 -10.91 -40.66
N GLY B 1020 -31.72 -10.07 -39.63
CA GLY B 1020 -32.89 -9.32 -39.25
C GLY B 1020 -32.48 -8.37 -38.14
N PRO B 1021 -33.24 -7.29 -37.94
CA PRO B 1021 -32.77 -6.19 -37.11
C PRO B 1021 -32.51 -6.63 -35.68
N ILE B 1022 -31.30 -6.38 -35.20
CA ILE B 1022 -30.94 -6.57 -33.80
C ILE B 1022 -30.79 -5.19 -33.19
N TYR B 1023 -30.56 -5.13 -31.88
CA TYR B 1023 -30.49 -3.86 -31.19
C TYR B 1023 -29.09 -3.66 -30.62
N TYR B 1024 -28.32 -2.79 -31.26
CA TYR B 1024 -26.92 -2.55 -30.89
C TYR B 1024 -26.80 -1.23 -30.16
N GLN B 1025 -26.30 -1.29 -28.94
CA GLN B 1025 -26.21 -0.11 -28.12
C GLN B 1025 -24.76 0.32 -27.96
N LYS B 1026 -24.39 1.40 -28.63
CA LYS B 1026 -23.01 1.90 -28.61
C LYS B 1026 -22.62 2.22 -27.17
N LEU B 1027 -21.36 1.99 -26.83
CA LEU B 1027 -21.00 2.01 -25.42
C LEU B 1027 -20.08 3.19 -25.10
N LYS B 1028 -19.66 3.26 -23.84
CA LYS B 1028 -18.57 4.11 -23.40
C LYS B 1028 -17.31 3.50 -23.98
N HIS B 1029 -16.15 4.03 -23.63
CA HIS B 1029 -14.87 3.58 -24.19
C HIS B 1029 -14.79 3.91 -25.67
N MET B 1030 -15.27 5.08 -26.03
CA MET B 1030 -14.84 5.70 -27.27
C MET B 1030 -13.33 5.72 -27.33
N VAL B 1031 -12.78 5.44 -28.51
CA VAL B 1031 -11.33 5.38 -28.62
C VAL B 1031 -10.73 6.78 -28.51
N LEU B 1032 -11.35 7.78 -29.14
CA LEU B 1032 -10.79 9.11 -29.19
C LEU B 1032 -10.45 9.65 -27.80
N ASP B 1033 -11.13 9.17 -26.78
CA ASP B 1033 -10.65 9.34 -25.43
C ASP B 1033 -9.35 8.62 -25.18
N LYS B 1034 -9.32 7.32 -25.48
CA LYS B 1034 -8.34 6.41 -24.91
C LYS B 1034 -6.99 6.43 -25.61
N MET B 1035 -6.96 6.68 -26.92
CA MET B 1035 -5.71 6.69 -27.65
C MET B 1035 -4.76 7.69 -27.03
N HIS B 1036 -3.58 7.22 -26.65
CA HIS B 1036 -2.72 7.97 -25.76
C HIS B 1036 -1.26 7.70 -26.09
N ALA B 1037 -0.46 8.75 -26.13
CA ALA B 1037 0.91 8.61 -26.62
C ALA B 1037 1.76 9.73 -26.04
N ARG B 1038 3.07 9.51 -26.04
CA ARG B 1038 4.00 10.41 -25.36
C ARG B 1038 5.36 10.37 -26.04
N ALA B 1039 6.02 11.52 -26.11
CA ALA B 1039 7.39 11.54 -26.56
C ALA B 1039 8.30 11.62 -25.35
N ARG B 1040 8.39 12.80 -24.74
CA ARG B 1040 8.93 12.94 -23.39
C ARG B 1040 8.06 13.96 -22.65
N GLY B 1041 7.43 13.50 -21.58
CA GLY B 1041 6.47 14.32 -20.87
C GLY B 1041 6.97 14.71 -19.52
N PRO B 1042 6.05 14.99 -18.60
CA PRO B 1042 6.44 15.36 -17.24
C PRO B 1042 7.15 14.23 -16.53
N ARG B 1043 7.82 14.58 -15.45
CA ARG B 1043 8.41 13.63 -14.52
C ARG B 1043 7.95 13.95 -13.11
N ALA B 1044 7.69 12.90 -12.34
CA ALA B 1044 7.41 13.10 -10.93
C ALA B 1044 8.64 13.66 -10.23
N VAL B 1045 8.42 14.67 -9.39
CA VAL B 1045 9.51 15.29 -8.64
C VAL B 1045 10.18 14.17 -7.88
N LEU B 1046 9.38 13.31 -7.26
CA LEU B 1046 9.91 12.19 -6.48
C LEU B 1046 10.82 11.26 -7.29
N THR B 1047 10.21 10.27 -7.92
CA THR B 1047 10.98 9.26 -8.63
C THR B 1047 11.66 9.64 -9.92
N ARG B 1048 10.98 10.50 -10.68
CA ARG B 1048 11.35 10.99 -12.03
C ARG B 1048 10.93 10.07 -13.24
N GLN B 1049 10.54 8.84 -12.92
CA GLN B 1049 10.01 7.98 -13.98
C GLN B 1049 8.88 8.70 -14.72
N PRO B 1050 8.39 8.11 -15.83
CA PRO B 1050 7.30 8.75 -16.61
C PRO B 1050 6.10 8.81 -15.65
N THR B 1051 5.30 9.86 -15.73
CA THR B 1051 4.16 9.98 -14.84
C THR B 1051 2.98 9.14 -15.34
N GLU B 1052 2.18 8.70 -14.37
CA GLU B 1052 1.14 7.70 -14.60
C GLU B 1052 0.01 8.21 -15.48
N GLY B 1053 -0.54 7.31 -16.29
CA GLY B 1053 -1.79 7.45 -17.01
C GLY B 1053 -1.83 8.56 -18.06
N ARG B 1054 -3.03 8.72 -18.61
CA ARG B 1054 -3.38 9.84 -19.49
C ARG B 1054 -3.67 11.00 -18.55
N SER B 1055 -4.34 12.06 -19.02
CA SER B 1055 -4.53 13.22 -18.17
C SER B 1055 -3.15 13.75 -17.83
N ARG B 1056 -2.65 13.46 -16.64
CA ARG B 1056 -1.33 13.94 -16.27
C ARG B 1056 -0.57 14.19 -17.56
N ASP B 1057 -0.15 13.09 -18.18
CA ASP B 1057 0.59 13.06 -19.44
C ASP B 1057 0.51 11.64 -19.93
N GLY B 1058 1.64 11.14 -20.43
CA GLY B 1058 1.74 9.77 -20.87
C GLY B 1058 2.93 9.05 -20.27
N GLY B 1059 3.32 8.00 -20.98
CA GLY B 1059 4.36 7.13 -20.52
C GLY B 1059 3.76 5.86 -19.98
N LEU B 1060 4.43 4.74 -20.17
CA LEU B 1060 3.82 3.46 -19.90
C LEU B 1060 4.73 2.57 -19.07
N ARG B 1061 4.32 1.33 -18.88
CA ARG B 1061 4.75 0.55 -17.73
C ARG B 1061 5.35 -0.78 -18.13
N LEU B 1062 6.62 -1.00 -17.82
CA LEU B 1062 7.21 -2.33 -17.92
C LEU B 1062 7.28 -2.89 -16.51
N GLY B 1063 6.44 -3.87 -16.23
CA GLY B 1063 6.34 -4.39 -14.88
C GLY B 1063 7.41 -5.42 -14.61
N GLU B 1064 7.62 -5.69 -13.32
CA GLU B 1064 8.49 -6.78 -12.94
C GLU B 1064 8.11 -8.06 -13.67
N MET B 1065 6.81 -8.25 -13.88
CA MET B 1065 6.32 -9.43 -14.60
C MET B 1065 6.78 -9.41 -16.05
N GLU B 1066 6.65 -8.26 -16.71
CA GLU B 1066 6.89 -8.20 -18.15
C GLU B 1066 8.38 -8.16 -18.48
N ARG B 1067 9.15 -7.38 -17.73
CA ARG B 1067 10.57 -7.18 -18.04
C ARG B 1067 11.26 -8.50 -18.32
N ASP B 1068 10.92 -9.54 -17.58
CA ASP B 1068 11.49 -10.86 -17.81
C ASP B 1068 11.43 -11.25 -19.27
N CYS B 1069 10.36 -10.90 -19.97
CA CYS B 1069 10.21 -11.26 -21.37
C CYS B 1069 11.48 -10.94 -22.16
N VAL B 1070 11.85 -9.66 -22.24
CA VAL B 1070 13.04 -9.29 -22.99
C VAL B 1070 14.29 -9.96 -22.45
N ILE B 1071 14.31 -10.35 -21.18
CA ILE B 1071 15.44 -11.18 -20.74
C ILE B 1071 15.46 -12.49 -21.49
N ALA B 1072 14.31 -13.16 -21.58
CA ALA B 1072 14.28 -14.48 -22.22
C ALA B 1072 14.81 -14.41 -23.64
N TYR B 1073 14.48 -13.34 -24.37
CA TYR B 1073 15.08 -13.18 -25.69
C TYR B 1073 16.58 -13.03 -25.61
N GLY B 1074 17.07 -12.55 -24.48
CA GLY B 1074 18.46 -12.20 -24.41
C GLY B 1074 18.80 -10.91 -25.11
N ALA B 1075 17.96 -9.89 -25.00
CA ALA B 1075 18.26 -8.61 -25.63
C ALA B 1075 18.81 -7.69 -24.56
N SER B 1076 20.12 -7.42 -24.68
CA SER B 1076 20.76 -6.55 -23.72
C SER B 1076 20.57 -5.09 -24.10
N GLN B 1077 21.14 -4.68 -25.23
CA GLN B 1077 21.13 -3.28 -25.60
C GLN B 1077 19.71 -2.73 -25.72
N LEU B 1078 18.72 -3.57 -25.99
CA LEU B 1078 17.35 -3.10 -25.93
C LEU B 1078 16.93 -2.80 -24.50
N LEU B 1079 17.09 -3.78 -23.62
CA LEU B 1079 16.73 -3.56 -22.23
C LEU B 1079 17.43 -2.34 -21.66
N LEU B 1080 18.77 -2.29 -21.74
CA LEU B 1080 19.47 -1.10 -21.31
C LEU B 1080 19.02 0.14 -22.07
N GLU B 1081 18.53 -0.01 -23.29
CA GLU B 1081 17.99 1.12 -24.04
C GLU B 1081 16.61 1.51 -23.57
N ARG B 1082 16.01 0.72 -22.70
CA ARG B 1082 14.63 0.94 -22.28
C ARG B 1082 14.58 1.44 -20.85
N LEU B 1083 15.12 0.64 -19.93
CA LEU B 1083 15.00 0.89 -18.49
C LEU B 1083 16.08 1.88 -18.04
N MET B 1084 16.83 2.41 -19.00
CA MET B 1084 17.92 3.33 -18.69
C MET B 1084 17.91 4.63 -19.48
N ILE B 1085 18.20 4.56 -20.78
CA ILE B 1085 18.28 5.78 -21.59
C ILE B 1085 16.92 6.42 -21.78
N SER B 1086 15.92 5.60 -22.12
CA SER B 1086 14.64 6.16 -22.51
C SER B 1086 13.90 6.76 -21.32
N SER B 1087 14.15 6.25 -20.12
CA SER B 1087 13.32 6.65 -18.99
C SER B 1087 13.99 7.71 -18.14
N ASP B 1088 14.98 7.35 -17.34
CA ASP B 1088 15.76 8.37 -16.63
C ASP B 1088 17.23 8.18 -16.99
N ALA B 1089 17.76 9.10 -17.79
CA ALA B 1089 19.18 9.09 -18.13
C ALA B 1089 19.83 10.13 -17.24
N PHE B 1090 20.80 9.71 -16.44
CA PHE B 1090 21.26 10.58 -15.37
C PHE B 1090 22.76 10.39 -15.15
N GLU B 1091 23.45 11.51 -14.97
CA GLU B 1091 24.88 11.51 -14.69
C GLU B 1091 25.09 11.57 -13.19
N VAL B 1092 26.05 10.83 -12.69
CA VAL B 1092 26.46 10.88 -11.29
C VAL B 1092 27.97 10.96 -11.25
N ASP B 1093 28.49 11.71 -10.29
CA ASP B 1093 29.93 11.84 -10.11
C ASP B 1093 30.29 11.08 -8.84
N VAL B 1094 30.98 9.97 -9.00
CA VAL B 1094 31.34 9.13 -7.88
C VAL B 1094 32.84 9.24 -7.64
N CYS B 1095 33.24 9.18 -6.38
CA CYS B 1095 34.64 9.22 -6.01
C CYS B 1095 35.15 7.79 -5.91
N ASP B 1096 36.12 7.46 -6.76
CA ASP B 1096 36.71 6.13 -6.76
C ASP B 1096 37.10 5.70 -5.36
N LYS B 1097 38.03 6.43 -4.75
CA LYS B 1097 38.25 6.29 -3.32
C LYS B 1097 36.95 6.50 -2.57
N CYS B 1098 36.68 5.62 -1.60
CA CYS B 1098 35.48 5.68 -0.76
C CYS B 1098 34.24 6.00 -1.57
N GLY B 1099 33.80 5.04 -2.37
CA GLY B 1099 32.74 5.31 -3.33
C GLY B 1099 31.48 5.87 -2.71
N LEU B 1100 31.13 7.07 -3.15
CA LEU B 1100 29.94 7.78 -2.75
C LEU B 1100 29.62 8.78 -3.84
N MET B 1101 28.41 9.29 -3.82
CA MET B 1101 28.02 10.19 -4.88
C MET B 1101 28.37 11.63 -4.51
N GLY B 1102 28.77 12.39 -5.52
CA GLY B 1102 29.06 13.79 -5.32
C GLY B 1102 28.70 14.62 -6.55
N TYR B 1103 28.58 15.92 -6.38
CA TYR B 1103 28.07 16.80 -7.42
C TYR B 1103 29.23 17.50 -8.10
N SER B 1104 29.16 17.59 -9.43
CA SER B 1104 30.18 18.28 -10.21
C SER B 1104 31.56 17.83 -9.80
N GLY B 1105 32.36 18.73 -9.25
CA GLY B 1105 33.70 18.41 -8.84
C GLY B 1105 33.86 17.59 -7.58
N TRP B 1106 33.24 17.99 -6.47
CA TRP B 1106 33.65 17.53 -5.15
C TRP B 1106 33.09 16.16 -4.84
N CYS B 1107 33.81 15.43 -4.01
CA CYS B 1107 33.33 14.24 -3.33
C CYS B 1107 32.58 14.58 -2.05
N THR B 1108 33.08 15.58 -1.30
CA THR B 1108 32.44 16.19 -0.14
C THR B 1108 32.54 15.33 1.11
N THR B 1109 32.80 14.02 0.97
CA THR B 1109 33.27 13.30 2.14
C THR B 1109 34.77 13.44 2.30
N CYS B 1110 35.49 13.53 1.19
CA CYS B 1110 36.90 13.91 1.17
C CYS B 1110 37.04 14.98 0.11
N LYS B 1111 37.38 16.20 0.52
CA LYS B 1111 37.47 17.27 -0.45
C LYS B 1111 38.54 16.91 -1.47
N SER B 1112 38.14 16.77 -2.72
CA SER B 1112 39.08 16.31 -3.73
C SER B 1112 38.94 17.07 -5.03
N ALA B 1113 37.82 16.82 -5.71
CA ALA B 1113 37.63 17.22 -7.10
C ALA B 1113 38.72 16.61 -7.98
N GLU B 1114 39.25 15.47 -7.54
CA GLU B 1114 40.36 14.83 -8.23
C GLU B 1114 40.10 13.36 -8.58
N ASN B 1115 39.83 12.50 -7.61
CA ASN B 1115 39.75 11.07 -7.85
C ASN B 1115 38.39 10.65 -8.41
N ILE B 1116 37.51 11.61 -8.65
CA ILE B 1116 36.14 11.36 -9.05
C ILE B 1116 36.06 11.09 -10.54
N ILE B 1117 35.17 10.19 -10.95
CA ILE B 1117 34.97 9.83 -12.34
C ILE B 1117 33.50 9.96 -12.66
N LYS B 1118 33.18 10.63 -13.75
CA LYS B 1118 31.80 10.76 -14.19
C LYS B 1118 31.33 9.46 -14.82
N MET B 1119 30.02 9.26 -14.84
CA MET B 1119 29.39 8.11 -15.46
C MET B 1119 27.88 8.26 -15.33
N THR B 1120 27.16 7.34 -15.97
CA THR B 1120 25.71 7.43 -16.08
C THR B 1120 25.05 6.25 -15.38
N ILE B 1121 23.77 6.39 -15.08
CA ILE B 1121 23.12 5.51 -14.10
C ILE B 1121 21.64 5.83 -14.02
N PRO B 1122 20.76 4.83 -13.86
CA PRO B 1122 19.33 5.12 -13.73
C PRO B 1122 19.07 6.00 -12.52
N TYR B 1123 18.24 7.02 -12.72
CA TYR B 1123 18.02 7.97 -11.63
C TYR B 1123 17.33 7.31 -10.45
N ALA B 1124 16.46 6.34 -10.70
CA ALA B 1124 15.94 5.55 -9.59
C ALA B 1124 17.05 4.92 -8.78
N ALA B 1125 18.15 4.53 -9.44
CA ALA B 1125 19.22 3.86 -8.72
C ALA B 1125 19.92 4.84 -7.78
N LYS B 1126 20.23 6.04 -8.27
CA LYS B 1126 20.73 7.06 -7.36
C LYS B 1126 19.78 7.25 -6.20
N LEU B 1127 18.51 7.50 -6.53
CA LEU B 1127 17.51 7.76 -5.50
C LEU B 1127 17.50 6.65 -4.46
N LEU B 1128 17.89 5.45 -4.86
CA LEU B 1128 18.06 4.38 -3.88
C LEU B 1128 19.38 4.53 -3.13
N PHE B 1129 20.42 5.08 -3.77
CA PHE B 1129 21.66 5.25 -3.03
C PHE B 1129 21.52 6.31 -1.95
N GLN B 1130 20.65 7.29 -2.15
CA GLN B 1130 20.40 8.25 -1.08
C GLN B 1130 19.40 7.72 -0.07
N GLU B 1131 18.16 7.43 -0.49
CA GLU B 1131 17.20 6.87 0.45
C GLU B 1131 17.76 5.72 1.26
N LEU B 1132 18.61 4.88 0.67
CA LEU B 1132 19.50 4.10 1.50
C LEU B 1132 20.36 4.99 2.36
N LEU B 1133 21.33 5.67 1.76
CA LEU B 1133 22.43 6.24 2.53
C LEU B 1133 21.96 7.21 3.59
N SER B 1134 20.76 7.78 3.44
CA SER B 1134 20.12 8.48 4.54
C SER B 1134 19.93 7.58 5.76
N MET B 1135 19.10 6.56 5.63
CA MET B 1135 19.10 5.42 6.52
C MET B 1135 20.52 4.90 6.61
N ASN B 1136 20.90 4.40 7.77
CA ASN B 1136 22.34 4.28 7.91
C ASN B 1136 22.80 2.97 7.30
N ILE B 1137 23.46 3.08 6.16
CA ILE B 1137 23.92 1.99 5.33
C ILE B 1137 24.56 2.68 4.14
N ALA B 1138 25.55 2.04 3.53
CA ALA B 1138 26.24 2.62 2.39
C ALA B 1138 26.81 1.53 1.48
N PRO B 1139 26.23 1.37 0.30
CA PRO B 1139 26.69 0.37 -0.68
C PRO B 1139 28.00 0.77 -1.34
N ARG B 1140 28.67 1.79 -0.78
CA ARG B 1140 29.93 2.25 -1.33
C ARG B 1140 30.22 1.50 -2.63
N LEU B 1141 30.43 2.25 -3.70
CA LEU B 1141 30.71 1.68 -5.00
C LEU B 1141 32.21 1.50 -5.18
N ARG B 1142 32.63 0.28 -5.46
CA ARG B 1142 33.93 0.10 -6.09
C ARG B 1142 33.78 0.51 -7.54
N LEU B 1143 34.88 0.44 -8.29
CA LEU B 1143 34.87 0.69 -9.72
C LEU B 1143 36.02 -0.04 -10.38
N GLU B 1144 35.94 -0.18 -11.70
CA GLU B 1144 37.06 -0.62 -12.52
C GLU B 1144 36.86 -0.06 -13.92
N ASP B 1145 37.97 0.10 -14.63
CA ASP B 1145 37.86 0.55 -16.01
C ASP B 1145 37.33 -0.57 -16.87
N ILE B 1146 36.77 -0.23 -18.03
CA ILE B 1146 36.13 -1.24 -18.85
C ILE B 1146 37.18 -2.06 -19.59
N PHE B 1147 38.20 -1.41 -20.12
CA PHE B 1147 39.09 -2.01 -21.10
C PHE B 1147 40.27 -2.69 -20.41
N GLN B 1148 41.16 -3.24 -21.22
CA GLN B 1148 42.25 -4.09 -20.76
C GLN B 1148 41.70 -5.17 -19.82
N GLN B 1149 40.92 -6.06 -20.43
CA GLN B 1149 40.21 -7.12 -19.71
C GLN B 1149 39.43 -6.59 -18.52
N MET C 1 -22.99 -23.71 -65.49
CA MET C 1 -24.08 -24.54 -65.97
C MET C 1 -25.22 -23.70 -66.52
N SER C 2 -25.09 -23.30 -67.78
CA SER C 2 -26.22 -22.85 -68.59
C SER C 2 -27.07 -21.82 -67.86
N ASN C 3 -26.41 -20.75 -67.40
CA ASN C 3 -27.05 -19.55 -66.87
C ASN C 3 -28.21 -19.83 -65.91
N ILE C 4 -28.08 -20.84 -65.06
CA ILE C 4 -29.09 -21.17 -64.06
C ILE C 4 -28.39 -21.43 -62.74
N VAL C 5 -28.76 -20.68 -61.71
CA VAL C 5 -28.22 -20.96 -60.39
C VAL C 5 -29.13 -21.94 -59.66
N GLY C 6 -28.58 -23.10 -59.35
CA GLY C 6 -29.35 -24.11 -58.66
C GLY C 6 -29.66 -23.65 -57.26
N ILE C 7 -30.94 -23.69 -56.88
CA ILE C 7 -31.32 -23.47 -55.50
C ILE C 7 -31.44 -24.80 -54.80
N GLU C 8 -30.79 -24.93 -53.67
CA GLU C 8 -30.91 -26.11 -52.84
C GLU C 8 -31.33 -25.67 -51.44
N TYR C 9 -31.86 -26.60 -50.67
CA TYR C 9 -32.24 -26.24 -49.32
C TYR C 9 -31.07 -25.76 -48.49
N ASN C 10 -29.89 -26.36 -48.63
CA ASN C 10 -28.75 -25.95 -47.83
C ASN C 10 -27.74 -25.06 -48.54
N ARG C 11 -27.92 -24.72 -49.81
CA ARG C 11 -26.87 -24.02 -50.55
C ARG C 11 -27.46 -23.46 -51.83
N VAL C 12 -26.62 -22.79 -52.62
CA VAL C 12 -26.88 -22.47 -54.02
C VAL C 12 -25.71 -22.98 -54.83
N THR C 13 -25.90 -23.13 -56.14
CA THR C 13 -24.97 -23.82 -56.99
C THR C 13 -24.82 -23.11 -58.33
N ASN C 14 -23.67 -23.28 -58.96
CA ASN C 14 -23.39 -22.70 -60.27
C ASN C 14 -23.47 -21.19 -60.23
N THR C 15 -22.59 -20.58 -59.44
CA THR C 15 -22.57 -19.15 -59.24
C THR C 15 -21.81 -18.37 -60.30
N THR C 16 -20.75 -18.94 -60.85
CA THR C 16 -19.81 -18.21 -61.68
C THR C 16 -20.46 -17.75 -62.99
N SER C 17 -19.90 -16.69 -63.58
CA SER C 17 -20.32 -16.22 -64.89
C SER C 17 -20.10 -17.28 -65.98
N THR C 18 -18.90 -17.85 -66.06
CA THR C 18 -18.56 -18.99 -66.92
C THR C 18 -19.08 -18.93 -68.35
N ASP C 19 -19.04 -17.76 -68.99
CA ASP C 19 -19.42 -17.63 -70.40
C ASP C 19 -18.23 -17.61 -71.34
N PHE C 20 -17.03 -17.83 -70.84
CA PHE C 20 -15.90 -17.23 -71.53
C PHE C 20 -15.03 -18.27 -72.21
N PRO C 21 -14.38 -17.92 -73.31
CA PRO C 21 -13.47 -18.87 -73.96
C PRO C 21 -12.38 -19.28 -73.00
N GLY C 22 -12.03 -20.55 -73.04
CA GLY C 22 -10.92 -20.98 -72.23
C GLY C 22 -11.28 -21.82 -71.02
N PHE C 23 -12.56 -21.95 -70.69
CA PHE C 23 -12.88 -22.92 -69.66
C PHE C 23 -13.37 -24.23 -70.22
N SER C 24 -13.46 -24.35 -71.53
CA SER C 24 -13.90 -25.58 -72.16
C SER C 24 -12.86 -26.07 -73.15
N LYS C 25 -12.88 -27.38 -73.38
CA LYS C 25 -12.03 -27.95 -74.43
C LYS C 25 -12.17 -27.18 -75.73
N ASP C 26 -13.39 -26.84 -76.10
CA ASP C 26 -13.65 -26.06 -77.29
C ASP C 26 -13.92 -24.64 -76.84
N ALA C 27 -12.97 -23.74 -77.12
CA ALA C 27 -13.10 -22.36 -76.64
C ALA C 27 -14.28 -21.70 -77.35
N GLU C 28 -15.23 -21.20 -76.57
CA GLU C 28 -16.49 -20.75 -77.12
C GLU C 28 -16.98 -19.52 -76.41
N ASN C 29 -17.94 -18.86 -77.06
CA ASN C 29 -18.44 -17.55 -76.66
C ASN C 29 -17.28 -16.63 -76.28
N GLU C 30 -16.44 -16.37 -77.27
CA GLU C 30 -15.37 -15.42 -77.12
C GLU C 30 -15.85 -14.08 -77.65
N TRP C 31 -16.17 -13.19 -76.72
CA TRP C 31 -16.27 -11.75 -76.94
C TRP C 31 -16.88 -11.38 -78.29
N ASN C 32 -16.10 -10.69 -79.12
CA ASN C 32 -16.61 -9.91 -80.23
C ASN C 32 -17.69 -8.98 -79.71
N VAL C 33 -18.74 -8.79 -80.50
CA VAL C 33 -19.83 -7.84 -80.34
C VAL C 33 -20.73 -8.20 -81.50
N GLU C 34 -21.95 -7.69 -81.53
CA GLU C 34 -22.87 -8.07 -82.59
C GLU C 34 -23.42 -9.39 -82.08
N LYS C 35 -22.50 -10.27 -81.69
CA LYS C 35 -22.88 -11.54 -81.09
C LYS C 35 -23.57 -11.08 -79.83
N PHE C 36 -22.92 -10.12 -79.16
CA PHE C 36 -23.48 -9.50 -77.98
C PHE C 36 -24.63 -8.55 -78.30
N LYS C 37 -24.45 -7.66 -79.26
CA LYS C 37 -25.47 -6.68 -79.59
C LYS C 37 -26.78 -7.36 -79.96
N LYS C 38 -26.80 -8.04 -81.12
CA LYS C 38 -28.03 -8.68 -81.57
C LYS C 38 -28.58 -9.68 -80.56
N ASP C 39 -27.74 -10.22 -79.69
CA ASP C 39 -28.25 -11.03 -78.60
C ASP C 39 -28.83 -10.21 -77.47
N PHE C 40 -28.16 -9.15 -77.07
CA PHE C 40 -28.60 -8.36 -75.92
C PHE C 40 -30.00 -7.82 -76.15
N GLU C 41 -30.77 -7.72 -75.07
CA GLU C 41 -32.10 -7.15 -75.09
C GLU C 41 -32.29 -6.32 -73.83
N VAL C 42 -33.34 -5.51 -73.80
CA VAL C 42 -33.75 -4.87 -72.57
C VAL C 42 -35.26 -4.61 -72.65
N ASN C 43 -35.93 -4.79 -71.53
CA ASN C 43 -37.34 -4.49 -71.38
C ASN C 43 -37.49 -3.52 -70.22
N ILE C 44 -38.66 -2.90 -70.12
CA ILE C 44 -38.91 -1.96 -69.05
C ILE C 44 -40.25 -2.30 -68.41
N SER C 45 -40.62 -1.46 -67.44
CA SER C 45 -41.90 -1.56 -66.76
C SER C 45 -42.30 -0.13 -66.44
N SER C 46 -43.28 0.04 -65.57
CA SER C 46 -43.77 1.36 -65.22
C SER C 46 -42.61 2.26 -64.83
N LEU C 47 -42.54 3.44 -65.45
CA LEU C 47 -41.67 4.52 -65.00
C LEU C 47 -42.54 5.58 -64.36
N ASP C 48 -42.42 5.71 -63.05
CA ASP C 48 -43.09 6.79 -62.36
C ASP C 48 -42.19 8.03 -62.43
N ALA C 49 -42.63 9.14 -61.84
CA ALA C 49 -41.74 10.29 -61.72
C ALA C 49 -40.48 9.93 -60.95
N ARG C 50 -40.63 9.60 -59.67
CA ARG C 50 -39.50 9.40 -58.77
C ARG C 50 -39.11 7.93 -58.65
N GLU C 51 -39.71 7.05 -59.44
CA GLU C 51 -39.38 5.63 -59.36
C GLU C 51 -39.27 5.04 -60.75
N ALA C 52 -38.31 4.13 -60.94
CA ALA C 52 -38.28 3.38 -62.18
C ALA C 52 -37.92 1.93 -61.90
N ASN C 53 -38.56 1.03 -62.64
CA ASN C 53 -38.28 -0.40 -62.51
C ASN C 53 -38.21 -0.97 -63.93
N PHE C 54 -37.06 -1.53 -64.29
CA PHE C 54 -36.93 -2.11 -65.61
C PHE C 54 -36.10 -3.38 -65.57
N ASP C 55 -36.00 -4.03 -66.71
CA ASP C 55 -35.56 -5.42 -66.80
C ASP C 55 -34.44 -5.52 -67.82
N LEU C 56 -33.28 -5.99 -67.38
CA LEU C 56 -32.06 -5.95 -68.18
C LEU C 56 -31.52 -7.36 -68.36
N ILE C 57 -31.38 -7.80 -69.62
CA ILE C 57 -31.13 -9.21 -69.92
C ILE C 57 -29.85 -9.41 -70.72
N ASN C 58 -29.18 -10.54 -70.45
CA ASN C 58 -28.07 -11.09 -71.23
C ASN C 58 -26.81 -10.23 -71.15
N ILE C 59 -26.51 -9.70 -69.97
CA ILE C 59 -25.17 -9.28 -69.61
C ILE C 59 -24.82 -10.01 -68.32
N ASP C 60 -23.54 -10.13 -68.03
CA ASP C 60 -23.11 -11.05 -67.00
C ASP C 60 -23.48 -10.49 -65.63
N THR C 61 -23.02 -11.16 -64.57
CA THR C 61 -23.24 -10.65 -63.23
C THR C 61 -22.24 -9.58 -62.84
N SER C 62 -21.37 -9.17 -63.77
CA SER C 62 -20.37 -8.16 -63.43
C SER C 62 -20.85 -6.77 -63.78
N ILE C 63 -20.84 -6.43 -65.08
CA ILE C 63 -21.09 -5.05 -65.46
C ILE C 63 -22.46 -4.58 -64.97
N ALA C 64 -23.38 -5.50 -64.66
CA ALA C 64 -24.55 -5.12 -63.89
C ALA C 64 -24.15 -4.53 -62.56
N ASN C 65 -23.51 -5.35 -61.70
CA ASN C 65 -22.97 -4.87 -60.44
C ASN C 65 -22.22 -3.58 -60.59
N ALA C 66 -21.43 -3.44 -61.65
CA ALA C 66 -20.83 -2.16 -61.97
C ALA C 66 -21.89 -1.06 -62.03
N PHE C 67 -22.84 -1.18 -62.97
CA PHE C 67 -23.89 -0.18 -63.10
C PHE C 67 -24.50 0.20 -61.76
N ARG C 68 -24.85 -0.78 -60.95
CA ARG C 68 -25.36 -0.47 -59.62
C ARG C 68 -24.36 0.37 -58.83
N ARG C 69 -23.18 -0.19 -58.56
CA ARG C 69 -22.23 0.50 -57.70
C ARG C 69 -22.01 1.93 -58.14
N ILE C 70 -21.62 2.13 -59.41
CA ILE C 70 -21.44 3.49 -59.89
C ILE C 70 -22.73 4.29 -59.76
N MET C 71 -23.88 3.62 -59.73
CA MET C 71 -25.14 4.33 -59.63
C MET C 71 -25.46 4.80 -58.22
N ILE C 72 -24.96 4.11 -57.19
CA ILE C 72 -25.20 4.58 -55.83
C ILE C 72 -24.05 5.43 -55.30
N SER C 73 -23.01 5.69 -56.11
CA SER C 73 -22.04 6.69 -55.72
C SER C 73 -21.70 7.69 -56.81
N GLU C 74 -21.08 7.19 -57.88
CA GLU C 74 -20.33 8.08 -58.77
C GLU C 74 -21.22 9.00 -59.57
N VAL C 75 -22.52 8.75 -59.65
CA VAL C 75 -23.39 9.72 -60.30
C VAL C 75 -23.64 10.88 -59.35
N PRO C 76 -23.15 12.07 -59.65
CA PRO C 76 -23.13 13.13 -58.64
C PRO C 76 -24.49 13.76 -58.47
N SER C 77 -24.72 14.26 -57.26
CA SER C 77 -25.88 15.10 -57.01
C SER C 77 -25.55 16.09 -55.91
N VAL C 78 -26.53 16.79 -55.47
CA VAL C 78 -26.32 18.07 -54.83
C VAL C 78 -27.15 18.17 -53.55
N ALA C 79 -26.46 18.33 -52.44
CA ALA C 79 -27.12 18.45 -51.15
C ALA C 79 -26.29 19.40 -50.31
N ALA C 80 -26.97 20.14 -49.44
CA ALA C 80 -26.31 21.13 -48.62
C ALA C 80 -25.13 20.52 -47.86
N GLU C 81 -24.02 21.24 -47.82
CA GLU C 81 -22.88 20.72 -47.07
C GLU C 81 -22.49 21.66 -45.94
N TYR C 82 -22.07 22.87 -46.28
CA TYR C 82 -21.69 23.85 -45.27
C TYR C 82 -22.92 24.59 -44.77
N VAL C 83 -22.98 24.85 -43.47
CA VAL C 83 -24.14 25.45 -42.82
C VAL C 83 -23.67 26.60 -41.95
N TYR C 84 -24.26 27.77 -42.15
CA TYR C 84 -24.00 28.92 -41.30
C TYR C 84 -25.22 29.25 -40.46
N PHE C 85 -24.98 29.48 -39.17
CA PHE C 85 -26.03 29.79 -38.22
C PHE C 85 -26.06 31.27 -37.90
N PHE C 86 -27.26 31.83 -37.86
CA PHE C 86 -27.49 33.07 -37.15
C PHE C 86 -28.27 32.71 -35.89
N ASN C 87 -27.54 32.67 -34.78
CA ASN C 87 -28.11 32.35 -33.48
C ASN C 87 -29.21 31.28 -33.50
N ASN C 88 -28.93 30.15 -32.88
CA ASN C 88 -29.87 29.05 -32.79
C ASN C 88 -30.24 28.84 -31.32
N THR C 89 -31.50 29.07 -30.98
CA THR C 89 -31.93 28.93 -29.60
C THR C 89 -32.77 27.70 -29.36
N SER C 90 -33.00 26.88 -30.39
CA SER C 90 -33.93 25.77 -30.27
C SER C 90 -33.33 24.67 -29.42
N VAL C 91 -34.14 23.63 -29.16
CA VAL C 91 -33.65 22.54 -28.33
C VAL C 91 -32.78 21.58 -29.12
N ILE C 92 -33.14 21.30 -30.37
CA ILE C 92 -32.27 20.47 -31.19
C ILE C 92 -30.89 21.07 -31.20
N GLN C 93 -29.91 20.26 -30.83
CA GLN C 93 -28.54 20.75 -30.78
C GLN C 93 -28.17 21.32 -32.13
N ASP C 94 -27.70 22.57 -32.11
CA ASP C 94 -27.37 23.28 -33.34
C ASP C 94 -26.50 22.43 -34.25
N GLU C 95 -25.63 21.59 -33.70
CA GLU C 95 -24.93 20.63 -34.55
C GLU C 95 -25.90 19.72 -35.29
N VAL C 96 -26.65 18.88 -34.57
CA VAL C 96 -27.51 17.90 -35.22
C VAL C 96 -28.37 18.55 -36.29
N LEU C 97 -29.00 19.67 -35.97
CA LEU C 97 -29.78 20.36 -36.98
C LEU C 97 -28.92 20.74 -38.17
N ALA C 98 -27.75 21.32 -37.92
CA ALA C 98 -26.86 21.65 -39.02
C ALA C 98 -26.57 20.43 -39.88
N HIS C 99 -26.57 19.26 -39.27
CA HIS C 99 -26.49 18.01 -40.00
C HIS C 99 -27.72 17.77 -40.87
N ARG C 100 -28.91 17.97 -40.34
CA ARG C 100 -30.08 17.45 -41.02
C ARG C 100 -30.41 18.25 -42.28
N ILE C 101 -30.25 19.58 -42.25
CA ILE C 101 -30.40 20.33 -43.49
C ILE C 101 -29.50 19.79 -44.56
N GLY C 102 -28.32 19.31 -44.17
CA GLY C 102 -27.36 18.86 -45.15
C GLY C 102 -27.71 17.49 -45.69
N LEU C 103 -28.95 17.07 -45.49
CA LEU C 103 -29.30 15.70 -45.79
C LEU C 103 -30.53 15.71 -46.69
N VAL C 104 -31.56 16.43 -46.27
CA VAL C 104 -32.80 16.52 -47.04
C VAL C 104 -32.50 16.74 -48.51
N PRO C 105 -33.08 15.97 -49.42
CA PRO C 105 -32.71 16.08 -50.82
C PRO C 105 -33.20 17.39 -51.42
N LEU C 106 -32.32 18.04 -52.16
CA LEU C 106 -32.66 19.25 -52.88
C LEU C 106 -32.97 18.88 -54.31
N LYS C 107 -34.09 19.37 -54.82
CA LYS C 107 -34.39 19.12 -56.23
C LYS C 107 -33.81 20.25 -57.05
N VAL C 108 -32.69 19.97 -57.70
CA VAL C 108 -32.12 20.83 -58.71
C VAL C 108 -31.27 19.94 -59.60
N ASP C 109 -31.24 20.27 -60.84
CA ASP C 109 -30.53 19.38 -61.75
C ASP C 109 -29.04 19.64 -61.68
N PRO C 110 -28.23 18.68 -61.22
CA PRO C 110 -26.80 18.78 -61.47
C PRO C 110 -26.61 18.77 -62.97
N ASP C 111 -25.49 19.32 -63.46
CA ASP C 111 -25.27 19.81 -64.81
C ASP C 111 -25.70 21.26 -64.90
N MET C 112 -26.36 21.77 -63.86
CA MET C 112 -26.51 23.20 -63.74
C MET C 112 -25.37 23.82 -62.96
N LEU C 113 -24.42 23.01 -62.51
CA LEU C 113 -23.28 23.50 -61.75
C LEU C 113 -21.99 22.92 -62.32
N THR C 114 -20.88 23.25 -61.67
CA THR C 114 -19.62 22.58 -61.89
C THR C 114 -19.03 22.24 -60.53
N TRP C 115 -18.18 21.24 -60.51
CA TRP C 115 -17.53 20.83 -59.27
C TRP C 115 -16.79 21.98 -58.63
N VAL C 116 -16.95 22.10 -57.33
CA VAL C 116 -16.14 23.01 -56.54
C VAL C 116 -14.69 22.56 -56.62
N ASP C 117 -13.77 23.51 -56.56
CA ASP C 117 -12.36 23.20 -56.36
C ASP C 117 -12.04 23.37 -54.87
N SER C 118 -11.33 22.39 -54.32
CA SER C 118 -10.94 22.50 -52.91
C SER C 118 -9.73 23.38 -52.74
N ASN C 119 -9.14 23.83 -53.84
CA ASN C 119 -7.97 24.71 -53.81
C ASN C 119 -8.47 26.15 -53.76
N LEU C 120 -7.56 27.12 -53.91
CA LEU C 120 -7.98 28.51 -53.85
C LEU C 120 -8.79 28.63 -52.56
N PRO C 121 -8.22 29.32 -51.56
CA PRO C 121 -8.86 29.46 -50.25
C PRO C 121 -9.89 30.57 -50.05
N ASP C 122 -10.88 30.26 -49.21
CA ASP C 122 -11.95 31.15 -48.80
C ASP C 122 -13.00 31.31 -49.89
N ASP C 123 -13.43 32.55 -50.15
CA ASP C 123 -14.56 32.81 -51.02
C ASP C 123 -14.41 32.20 -52.41
N GLU C 124 -13.20 32.15 -52.95
CA GLU C 124 -13.02 31.66 -54.30
C GLU C 124 -13.47 30.21 -54.47
N LYS C 125 -13.53 29.43 -53.39
CA LYS C 125 -14.19 28.13 -53.47
C LYS C 125 -15.61 28.30 -53.99
N PHE C 126 -16.47 28.91 -53.20
CA PHE C 126 -17.91 28.90 -53.47
C PHE C 126 -18.23 30.13 -54.31
N THR C 127 -18.53 29.92 -55.58
CA THR C 127 -18.73 31.04 -56.49
C THR C 127 -19.93 30.78 -57.39
N ASP C 128 -20.97 31.60 -57.25
CA ASP C 128 -22.00 31.74 -58.28
C ASP C 128 -22.54 30.37 -58.71
N GLU C 129 -22.28 29.99 -59.95
CA GLU C 129 -22.77 28.75 -60.52
C GLU C 129 -22.20 27.54 -59.84
N ASN C 130 -21.29 27.70 -58.90
CA ASN C 130 -20.76 26.57 -58.15
C ASN C 130 -21.61 26.19 -56.95
N THR C 131 -22.58 27.01 -56.55
CA THR C 131 -23.25 26.78 -55.28
C THR C 131 -24.69 27.24 -55.34
N ILE C 132 -25.59 26.47 -54.74
CA ILE C 132 -26.96 26.90 -54.51
C ILE C 132 -27.12 27.20 -53.03
N VAL C 133 -27.33 28.46 -52.69
CA VAL C 133 -27.43 28.86 -51.30
C VAL C 133 -28.88 28.66 -50.84
N LEU C 134 -29.05 28.22 -49.60
CA LEU C 134 -30.36 27.98 -49.02
C LEU C 134 -30.51 28.85 -47.78
N SER C 135 -31.61 29.59 -47.69
CA SER C 135 -31.83 30.51 -46.60
C SER C 135 -33.12 30.18 -45.88
N LEU C 136 -33.03 30.04 -44.56
CA LEU C 136 -34.19 29.72 -43.75
C LEU C 136 -34.11 30.48 -42.42
N ASN C 137 -35.23 31.12 -42.05
CA ASN C 137 -35.36 31.65 -40.70
C ASN C 137 -36.81 31.47 -40.28
N VAL C 138 -37.02 30.96 -39.08
CA VAL C 138 -38.36 30.75 -38.54
C VAL C 138 -38.35 31.17 -37.07
N LYS C 139 -39.32 32.00 -36.70
CA LYS C 139 -39.50 32.44 -35.33
C LYS C 139 -40.87 31.98 -34.85
N CYS C 140 -40.96 31.56 -33.58
CA CYS C 140 -42.16 30.93 -33.06
C CYS C 140 -42.90 31.87 -32.13
N THR C 141 -44.09 32.28 -32.54
CA THR C 141 -44.98 33.08 -31.71
C THR C 141 -46.04 32.18 -31.09
N ARG C 142 -46.35 32.45 -29.82
CA ARG C 142 -47.50 31.80 -29.20
C ARG C 142 -48.75 32.25 -29.93
N ASN C 143 -49.53 31.31 -30.42
CA ASN C 143 -50.73 31.64 -31.17
C ASN C 143 -51.74 32.30 -30.25
N PRO C 144 -52.18 33.53 -30.53
CA PRO C 144 -53.25 34.12 -29.71
C PRO C 144 -54.51 33.29 -29.70
N ASP C 145 -54.84 32.62 -30.80
CA ASP C 145 -55.98 31.72 -30.81
C ASP C 145 -55.60 30.44 -30.07
N ALA C 146 -56.35 30.11 -29.03
CA ALA C 146 -56.11 28.92 -28.22
C ALA C 146 -57.46 28.29 -27.89
N PRO C 147 -57.99 27.43 -28.77
CA PRO C 147 -59.34 26.92 -28.57
C PRO C 147 -59.53 26.21 -27.23
N LYS C 148 -58.63 25.30 -26.91
CA LYS C 148 -58.64 24.60 -25.63
C LYS C 148 -57.20 24.46 -25.18
N GLY C 149 -57.00 23.89 -23.99
CA GLY C 149 -55.65 23.61 -23.52
C GLY C 149 -54.97 22.53 -24.34
N SER C 150 -53.81 22.86 -24.90
CA SER C 150 -52.96 21.94 -25.64
C SER C 150 -53.76 21.03 -26.56
N THR C 151 -54.38 21.59 -27.59
CA THR C 151 -55.10 20.77 -28.53
C THR C 151 -54.11 20.18 -29.54
N ASP C 152 -53.71 20.96 -30.42
CA ASP C 152 -52.63 20.67 -31.35
C ASP C 152 -51.45 21.58 -31.07
N PRO C 153 -50.26 21.01 -30.84
CA PRO C 153 -49.05 21.84 -30.79
C PRO C 153 -48.88 22.74 -32.00
N LYS C 154 -49.51 22.41 -33.13
CA LYS C 154 -49.57 23.30 -34.27
C LYS C 154 -50.79 24.22 -34.24
N GLU C 155 -51.60 24.16 -33.18
CA GLU C 155 -52.64 25.16 -32.97
C GLU C 155 -52.17 26.25 -32.00
N LEU C 156 -51.84 25.85 -30.76
CA LEU C 156 -51.42 26.81 -29.76
C LEU C 156 -50.19 27.60 -30.20
N TYR C 157 -49.47 27.12 -31.21
CA TYR C 157 -48.20 27.70 -31.60
C TYR C 157 -48.19 27.93 -33.10
N ASN C 158 -47.95 29.18 -33.49
CA ASN C 158 -47.77 29.46 -34.91
C ASN C 158 -46.45 28.85 -35.37
N ASN C 159 -46.51 28.18 -36.52
CA ASN C 159 -45.41 27.51 -37.22
C ASN C 159 -44.42 26.88 -36.24
N ALA C 160 -44.89 25.89 -35.49
CA ALA C 160 -44.04 25.20 -34.52
C ALA C 160 -43.41 23.95 -35.10
N HIS C 161 -43.62 23.68 -36.38
CA HIS C 161 -42.89 22.63 -37.09
C HIS C 161 -42.19 23.30 -38.26
N VAL C 162 -40.85 23.27 -38.25
CA VAL C 162 -40.09 23.84 -39.35
C VAL C 162 -39.86 22.75 -40.38
N TYR C 163 -40.49 22.89 -41.54
CA TYR C 163 -40.41 21.83 -42.52
C TYR C 163 -39.33 22.13 -43.54
N ALA C 164 -39.12 21.19 -44.45
CA ALA C 164 -38.31 21.49 -45.61
C ALA C 164 -38.95 22.57 -46.45
N ARG C 165 -40.28 22.68 -46.37
CA ARG C 165 -41.00 23.73 -47.07
C ARG C 165 -40.43 25.12 -46.78
N ASP C 166 -39.94 25.35 -45.57
CA ASP C 166 -39.52 26.70 -45.20
C ASP C 166 -38.14 27.06 -45.76
N LEU C 167 -37.38 26.10 -46.24
CA LEU C 167 -36.13 26.46 -46.90
C LEU C 167 -36.45 27.19 -48.20
N LYS C 168 -35.61 28.12 -48.59
CA LYS C 168 -35.87 28.87 -49.82
C LYS C 168 -34.60 29.09 -50.62
N PHE C 169 -34.71 29.87 -51.68
CA PHE C 169 -33.63 30.08 -52.62
C PHE C 169 -33.28 31.56 -52.66
N GLU C 170 -31.99 31.85 -52.64
CA GLU C 170 -31.52 33.22 -52.83
C GLU C 170 -30.69 33.29 -54.09
N PRO C 171 -31.12 34.03 -55.11
CA PRO C 171 -30.31 34.20 -56.30
C PRO C 171 -29.14 35.15 -56.09
N GLN C 172 -28.18 35.09 -57.01
CA GLN C 172 -27.02 35.97 -57.03
C GLN C 172 -26.65 36.32 -58.46
N GLY C 173 -25.48 36.94 -58.64
CA GLY C 173 -25.07 37.38 -59.96
C GLY C 173 -25.07 36.21 -60.94
N ARG C 174 -25.82 36.37 -62.03
CA ARG C 174 -26.02 35.36 -63.07
C ARG C 174 -26.81 34.18 -62.51
N GLN C 175 -26.89 34.09 -61.19
CA GLN C 175 -27.59 33.01 -60.52
C GLN C 175 -29.09 33.13 -60.69
N SER C 176 -29.58 34.33 -61.01
CA SER C 176 -31.01 34.58 -60.95
C SER C 176 -31.74 33.97 -62.13
N THR C 177 -31.58 34.56 -63.31
CA THR C 177 -32.40 34.21 -64.46
C THR C 177 -32.10 32.83 -65.02
N THR C 178 -30.98 32.22 -64.65
CA THR C 178 -30.62 30.91 -65.16
C THR C 178 -31.44 29.78 -64.56
N PHE C 179 -31.80 29.86 -63.28
CA PHE C 179 -32.73 28.91 -62.67
C PHE C 179 -34.16 29.41 -62.66
N ALA C 180 -34.42 30.56 -63.29
CA ALA C 180 -35.71 31.24 -63.11
C ALA C 180 -36.89 30.33 -63.38
N ASP C 181 -36.75 29.35 -64.28
CA ASP C 181 -37.90 28.51 -64.60
C ASP C 181 -37.90 27.21 -63.80
N CYS C 182 -36.89 27.00 -62.96
CA CYS C 182 -36.82 25.81 -62.12
C CYS C 182 -36.30 26.20 -60.75
N PRO C 183 -37.09 26.92 -59.96
CA PRO C 183 -36.64 27.28 -58.61
C PRO C 183 -36.48 26.03 -57.77
N VAL C 184 -35.48 26.05 -56.88
CA VAL C 184 -35.16 24.87 -56.09
C VAL C 184 -36.16 24.73 -54.95
N VAL C 185 -36.76 23.56 -54.85
CA VAL C 185 -37.53 23.21 -53.67
C VAL C 185 -37.06 21.83 -53.21
N PRO C 186 -36.92 21.61 -51.96
CA PRO C 186 -36.28 20.39 -51.46
C PRO C 186 -37.12 19.12 -51.63
N ALA C 187 -37.13 18.57 -52.85
CA ALA C 187 -37.68 17.25 -53.10
C ALA C 187 -39.05 17.09 -52.48
N ASP C 188 -39.19 16.15 -51.56
CA ASP C 188 -40.40 16.07 -50.76
C ASP C 188 -40.50 17.31 -49.91
N PRO C 189 -41.49 18.17 -50.13
CA PRO C 189 -41.56 19.42 -49.35
C PRO C 189 -41.82 19.17 -47.88
N ASP C 190 -42.65 18.21 -47.53
CA ASP C 190 -42.91 17.87 -46.13
C ASP C 190 -41.68 17.11 -45.66
N ILE C 191 -41.03 17.62 -44.62
CA ILE C 191 -40.07 16.89 -43.79
C ILE C 191 -40.03 17.59 -42.44
N LEU C 192 -39.85 16.83 -41.36
CA LEU C 192 -39.52 17.49 -40.10
C LEU C 192 -38.04 17.78 -40.05
N LEU C 193 -37.67 19.06 -39.97
CA LEU C 193 -36.30 19.39 -39.65
C LEU C 193 -36.13 19.49 -38.15
N ALA C 194 -36.86 20.41 -37.52
CA ALA C 194 -36.81 20.56 -36.08
C ALA C 194 -38.22 20.85 -35.57
N LYS C 195 -38.42 20.64 -34.28
CA LYS C 195 -39.59 21.11 -33.57
C LYS C 195 -39.14 22.18 -32.59
N LEU C 196 -40.03 23.13 -32.31
CA LEU C 196 -39.74 24.21 -31.37
C LEU C 196 -41.02 24.87 -30.91
N ARG C 197 -40.87 25.78 -29.96
CA ARG C 197 -41.96 26.36 -29.19
C ARG C 197 -41.63 27.82 -28.93
N PRO C 198 -42.55 28.61 -28.29
CA PRO C 198 -42.50 30.07 -28.48
C PRO C 198 -41.15 30.71 -28.28
N GLY C 199 -40.78 31.60 -29.19
CA GLY C 199 -39.54 32.35 -29.10
C GLY C 199 -38.30 31.54 -29.44
N GLN C 200 -38.38 30.23 -29.55
CA GLN C 200 -37.26 29.42 -30.00
C GLN C 200 -37.19 29.58 -31.51
N GLU C 201 -36.06 30.09 -31.99
CA GLU C 201 -35.97 30.65 -33.32
C GLU C 201 -34.65 30.27 -33.98
N ILE C 202 -34.74 29.61 -35.14
CA ILE C 202 -33.58 29.29 -35.94
C ILE C 202 -33.48 30.30 -37.08
N SER C 203 -32.28 30.82 -37.31
CA SER C 203 -31.98 31.52 -38.55
C SER C 203 -30.65 31.03 -39.08
N LEU C 204 -30.68 30.39 -40.24
CA LEU C 204 -29.47 29.82 -40.81
C LEU C 204 -29.56 29.92 -42.32
N LYS C 205 -28.41 29.95 -42.95
CA LYS C 205 -28.35 29.70 -44.38
C LYS C 205 -27.16 28.80 -44.64
N ALA C 206 -27.35 27.83 -45.51
CA ALA C 206 -26.34 26.82 -45.80
C ALA C 206 -25.99 26.88 -47.27
N HIS C 207 -24.70 26.85 -47.55
CA HIS C 207 -24.21 26.76 -48.92
C HIS C 207 -24.36 25.31 -49.36
N CYS C 208 -25.09 25.12 -50.45
CA CYS C 208 -25.25 23.78 -51.00
C CYS C 208 -24.30 23.58 -52.16
N ILE C 209 -23.51 22.51 -52.10
CA ILE C 209 -22.47 22.26 -53.09
C ILE C 209 -22.86 21.03 -53.90
N LEU C 210 -22.00 20.64 -54.84
CA LEU C 210 -22.27 19.49 -55.67
C LEU C 210 -21.33 18.34 -55.29
N GLY C 211 -21.88 17.32 -54.65
CA GLY C 211 -21.07 16.23 -54.15
C GLY C 211 -21.21 14.92 -54.90
N ILE C 212 -20.74 13.83 -54.30
CA ILE C 212 -20.69 12.53 -54.95
C ILE C 212 -20.95 11.44 -53.91
N GLY C 213 -21.72 10.44 -54.31
CA GLY C 213 -22.21 9.43 -53.37
C GLY C 213 -21.12 8.68 -52.64
N GLY C 214 -19.99 8.43 -53.30
CA GLY C 214 -18.91 7.72 -52.64
C GLY C 214 -18.39 8.41 -51.40
N ASP C 215 -18.69 9.69 -51.24
CA ASP C 215 -18.27 10.44 -50.07
C ASP C 215 -19.27 10.31 -48.93
N HIS C 216 -20.51 10.75 -49.13
CA HIS C 216 -21.56 10.54 -48.14
C HIS C 216 -22.89 10.27 -48.82
N ALA C 217 -23.71 9.47 -48.15
CA ALA C 217 -25.02 9.15 -48.68
C ALA C 217 -25.85 10.37 -48.98
N LYS C 218 -25.64 11.46 -48.24
CA LYS C 218 -26.37 12.69 -48.55
C LYS C 218 -26.16 13.11 -49.99
N PHE C 219 -25.07 12.71 -50.63
CA PHE C 219 -24.84 12.93 -52.03
C PHE C 219 -25.38 11.81 -52.90
N SER C 220 -25.82 10.70 -52.29
CA SER C 220 -26.38 9.60 -53.06
C SER C 220 -27.63 10.06 -53.77
N PRO C 221 -27.65 10.10 -55.08
CA PRO C 221 -28.84 10.57 -55.80
C PRO C 221 -29.97 9.56 -55.74
N VAL C 222 -29.64 8.32 -55.45
CA VAL C 222 -30.60 7.24 -55.52
C VAL C 222 -30.95 6.81 -54.12
N SER C 223 -32.25 6.67 -53.85
CA SER C 223 -32.67 6.07 -52.58
C SER C 223 -32.10 4.67 -52.41
N THR C 224 -32.68 3.71 -53.11
CA THR C 224 -32.21 2.33 -53.00
C THR C 224 -32.19 1.58 -54.33
N ALA C 225 -31.11 1.79 -55.09
CA ALA C 225 -30.97 1.14 -56.39
C ALA C 225 -30.33 -0.24 -56.23
N SER C 226 -30.95 -1.25 -56.84
CA SER C 226 -30.44 -2.61 -56.76
C SER C 226 -30.98 -3.49 -57.89
N TYR C 227 -30.92 -4.79 -57.69
CA TYR C 227 -31.38 -5.75 -58.68
C TYR C 227 -31.55 -7.12 -58.06
N ARG C 228 -32.65 -7.75 -58.41
CA ARG C 228 -32.95 -9.13 -58.10
C ARG C 228 -32.81 -9.94 -59.39
N LEU C 229 -32.31 -11.16 -59.27
CA LEU C 229 -32.29 -12.03 -60.44
C LEU C 229 -33.65 -12.68 -60.59
N LEU C 230 -34.20 -12.60 -61.80
CA LEU C 230 -35.53 -13.14 -62.04
C LEU C 230 -35.56 -14.61 -61.67
N PRO C 231 -36.38 -15.01 -60.70
CA PRO C 231 -36.43 -16.43 -60.33
C PRO C 231 -36.94 -17.25 -61.49
N GLN C 232 -36.55 -18.52 -61.52
CA GLN C 232 -37.15 -19.47 -62.45
C GLN C 232 -37.56 -20.69 -61.64
N ILE C 233 -38.88 -20.85 -61.51
CA ILE C 233 -39.49 -22.06 -60.98
C ILE C 233 -39.63 -23.00 -62.16
N ASN C 234 -39.51 -24.29 -61.93
CA ASN C 234 -39.87 -25.26 -62.93
C ASN C 234 -40.48 -26.47 -62.23
N ILE C 235 -41.58 -26.97 -62.76
CA ILE C 235 -42.32 -28.07 -62.16
C ILE C 235 -41.98 -29.37 -62.86
N LEU C 236 -41.85 -30.44 -62.08
CA LEU C 236 -41.65 -31.78 -62.59
C LEU C 236 -42.81 -32.65 -62.12
N GLN C 237 -43.37 -33.43 -63.06
CA GLN C 237 -44.61 -34.17 -62.87
C GLN C 237 -45.77 -33.19 -62.73
N PRO C 238 -47.00 -33.61 -63.00
CA PRO C 238 -48.13 -32.68 -62.86
C PRO C 238 -48.43 -32.29 -61.43
N ILE C 239 -48.04 -33.10 -60.44
CA ILE C 239 -48.27 -32.89 -59.01
C ILE C 239 -49.71 -32.44 -58.77
N LYS C 240 -50.64 -32.96 -59.57
CA LYS C 240 -52.00 -32.47 -59.60
C LYS C 240 -52.79 -33.00 -58.41
N GLY C 241 -54.08 -32.68 -58.39
CA GLY C 241 -54.96 -33.05 -57.31
C GLY C 241 -55.09 -31.96 -56.26
N GLU C 242 -55.46 -32.39 -55.06
CA GLU C 242 -55.70 -31.44 -53.98
C GLU C 242 -54.41 -30.77 -53.52
N SER C 243 -53.39 -31.56 -53.20
CA SER C 243 -52.13 -30.98 -52.74
C SER C 243 -51.56 -29.99 -53.73
N ALA C 244 -51.90 -30.11 -55.02
CA ALA C 244 -51.52 -29.09 -55.98
C ALA C 244 -52.00 -27.73 -55.52
N ARG C 245 -53.21 -27.65 -54.96
CA ARG C 245 -53.66 -26.39 -54.38
C ARG C 245 -52.73 -25.95 -53.26
N ARG C 246 -52.29 -26.88 -52.41
CA ARG C 246 -51.35 -26.55 -51.35
C ARG C 246 -50.04 -26.00 -51.90
N PHE C 247 -49.66 -26.45 -53.09
CA PHE C 247 -48.43 -25.96 -53.71
C PHE C 247 -48.40 -24.44 -53.77
N GLN C 248 -49.35 -23.82 -54.46
CA GLN C 248 -49.35 -22.36 -54.51
C GLN C 248 -49.52 -21.75 -53.12
N LYS C 249 -50.29 -22.39 -52.25
CA LYS C 249 -50.40 -21.93 -50.87
C LYS C 249 -49.04 -21.87 -50.21
N CYS C 250 -48.05 -22.57 -50.78
CA CYS C 250 -46.71 -22.50 -50.23
C CYS C 250 -45.97 -21.24 -50.67
N PHE C 251 -46.33 -20.66 -51.80
CA PHE C 251 -45.68 -19.47 -52.31
C PHE C 251 -46.50 -18.20 -52.07
N PRO C 252 -45.97 -17.02 -52.39
CA PRO C 252 -46.75 -15.79 -52.30
C PRO C 252 -47.82 -15.78 -53.39
N PRO C 253 -48.93 -15.09 -53.18
CA PRO C 253 -50.17 -15.47 -53.86
C PRO C 253 -50.11 -15.62 -55.38
N GLY C 254 -49.53 -14.66 -56.11
CA GLY C 254 -49.68 -14.61 -57.54
C GLY C 254 -48.98 -15.77 -58.20
N VAL C 255 -47.64 -15.79 -58.12
CA VAL C 255 -46.78 -16.96 -58.33
C VAL C 255 -47.28 -17.84 -59.47
N ILE C 256 -47.39 -19.14 -59.20
CA ILE C 256 -48.08 -20.11 -60.05
C ILE C 256 -49.57 -20.00 -59.74
N GLY C 257 -50.37 -20.78 -60.47
CA GLY C 257 -51.79 -20.84 -60.23
C GLY C 257 -52.36 -22.18 -60.64
N ILE C 258 -53.49 -22.52 -60.02
CA ILE C 258 -54.24 -23.73 -60.31
C ILE C 258 -55.25 -23.39 -61.39
N ASP C 259 -55.22 -24.13 -62.50
CA ASP C 259 -56.34 -24.07 -63.41
C ASP C 259 -57.43 -24.99 -62.90
N GLU C 260 -57.11 -26.28 -62.84
CA GLU C 260 -57.95 -27.30 -62.22
C GLU C 260 -57.07 -28.28 -61.46
N GLY C 261 -57.69 -29.04 -60.57
CA GLY C 261 -57.00 -30.21 -60.03
C GLY C 261 -56.55 -31.14 -61.12
N SER C 262 -57.47 -31.50 -62.02
CA SER C 262 -57.12 -32.22 -63.24
C SER C 262 -56.14 -31.45 -64.12
N ASP C 263 -56.26 -30.13 -64.18
CA ASP C 263 -55.35 -29.27 -64.94
C ASP C 263 -54.16 -28.85 -64.10
N GLU C 264 -54.02 -29.48 -62.94
CA GLU C 264 -52.87 -29.43 -62.05
C GLU C 264 -52.45 -28.04 -61.65
N ALA C 265 -51.13 -27.83 -61.51
CA ALA C 265 -50.58 -26.56 -61.05
C ALA C 265 -49.65 -26.05 -62.15
N TYR C 266 -50.06 -24.97 -62.80
CA TYR C 266 -49.21 -24.37 -63.81
C TYR C 266 -48.70 -23.02 -63.31
N VAL C 267 -47.48 -22.70 -63.70
CA VAL C 267 -46.89 -21.43 -63.35
C VAL C 267 -47.67 -20.32 -64.03
N LYS C 268 -48.19 -19.38 -63.25
CA LYS C 268 -48.74 -18.17 -63.83
C LYS C 268 -47.54 -17.38 -64.33
N ASP C 269 -46.70 -16.96 -63.40
CA ASP C 269 -45.43 -16.34 -63.72
C ASP C 269 -44.49 -16.47 -62.54
N ALA C 270 -43.20 -16.32 -62.82
CA ALA C 270 -42.23 -16.06 -61.77
C ALA C 270 -42.20 -14.57 -61.51
N ARG C 271 -41.17 -14.11 -60.79
CA ARG C 271 -40.77 -12.73 -60.59
C ARG C 271 -41.71 -12.02 -59.63
N LYS C 272 -42.91 -12.57 -59.43
CA LYS C 272 -43.71 -12.14 -58.29
C LYS C 272 -43.22 -12.81 -57.01
N ASP C 273 -42.65 -13.99 -57.13
CA ASP C 273 -42.10 -14.73 -56.01
C ASP C 273 -40.81 -14.09 -55.54
N THR C 274 -40.52 -14.24 -54.26
CA THR C 274 -39.32 -13.69 -53.64
C THR C 274 -38.18 -14.69 -53.59
N VAL C 275 -38.34 -15.87 -54.20
CA VAL C 275 -37.40 -16.98 -54.10
C VAL C 275 -37.24 -17.29 -52.63
N SER C 276 -38.32 -17.72 -52.01
CA SER C 276 -38.32 -17.88 -50.57
C SER C 276 -38.08 -19.30 -50.12
N ARG C 277 -37.91 -20.23 -51.06
CA ARG C 277 -37.60 -21.63 -50.80
C ARG C 277 -38.35 -22.20 -49.62
N GLU C 278 -39.66 -22.28 -49.73
CA GLU C 278 -40.46 -23.05 -48.79
C GLU C 278 -40.67 -24.48 -49.24
N VAL C 279 -41.21 -24.69 -50.44
CA VAL C 279 -41.55 -26.04 -50.89
C VAL C 279 -40.48 -27.05 -50.55
N LEU C 280 -39.23 -26.64 -50.48
CA LEU C 280 -38.16 -27.54 -50.11
C LEU C 280 -38.19 -27.94 -48.63
N ARG C 281 -38.96 -27.25 -47.79
CA ARG C 281 -39.01 -27.67 -46.39
C ARG C 281 -40.06 -28.72 -46.11
N TYR C 282 -41.01 -28.94 -47.03
CA TYR C 282 -42.04 -29.96 -46.84
C TYR C 282 -41.55 -31.36 -47.14
N GLU C 283 -40.60 -31.49 -48.07
CA GLU C 283 -39.95 -32.77 -48.37
C GLU C 283 -40.88 -33.69 -49.16
N GLU C 284 -42.18 -33.40 -49.13
CA GLU C 284 -43.11 -34.19 -49.93
C GLU C 284 -43.14 -33.72 -51.38
N PHE C 285 -43.09 -32.42 -51.61
CA PHE C 285 -42.97 -31.86 -52.96
C PHE C 285 -41.62 -32.15 -53.60
N ALA C 286 -40.57 -32.28 -52.80
CA ALA C 286 -39.21 -32.01 -53.20
C ALA C 286 -38.84 -32.57 -54.56
N ASP C 287 -38.79 -33.88 -54.72
CA ASP C 287 -38.32 -34.51 -55.94
C ASP C 287 -39.05 -34.03 -57.18
N LYS C 288 -40.26 -33.50 -57.03
CA LYS C 288 -41.05 -33.12 -58.18
C LYS C 288 -40.93 -31.63 -58.51
N VAL C 289 -40.14 -30.88 -57.75
CA VAL C 289 -40.00 -29.44 -57.94
C VAL C 289 -38.53 -29.07 -57.78
N LYS C 290 -37.99 -28.34 -58.74
CA LYS C 290 -36.70 -27.69 -58.58
C LYS C 290 -36.88 -26.19 -58.71
N LEU C 291 -35.97 -25.45 -58.09
CA LEU C 291 -36.01 -24.00 -58.11
C LEU C 291 -34.82 -23.48 -58.90
N GLY C 292 -34.69 -22.16 -58.91
CA GLY C 292 -33.51 -21.54 -59.48
C GLY C 292 -33.72 -20.12 -59.92
N ARG C 293 -32.63 -19.46 -60.29
CA ARG C 293 -32.67 -18.10 -60.82
C ARG C 293 -31.75 -18.05 -62.02
N VAL C 294 -32.04 -17.17 -62.97
CA VAL C 294 -31.25 -17.12 -64.19
C VAL C 294 -30.28 -15.94 -64.14
N ARG C 295 -28.98 -16.25 -64.17
CA ARG C 295 -27.95 -15.23 -64.02
C ARG C 295 -28.03 -14.11 -65.04
N ASN C 296 -28.37 -14.43 -66.28
CA ASN C 296 -28.36 -13.38 -67.28
C ASN C 296 -29.41 -12.31 -67.00
N HIS C 297 -30.50 -12.66 -66.32
CA HIS C 297 -31.69 -11.82 -66.34
C HIS C 297 -31.79 -11.04 -65.04
N PHE C 298 -31.56 -9.73 -65.13
CA PHE C 298 -31.56 -8.85 -63.97
C PHE C 298 -32.84 -8.03 -63.96
N ILE C 299 -33.76 -8.34 -63.05
CA ILE C 299 -34.83 -7.41 -62.72
C ILE C 299 -34.17 -6.34 -61.88
N PHE C 300 -34.27 -5.11 -62.34
CA PHE C 300 -33.39 -4.03 -61.90
C PHE C 300 -34.24 -2.81 -61.62
N ASN C 301 -34.33 -2.42 -60.35
CA ASN C 301 -35.17 -1.28 -60.03
C ASN C 301 -34.37 -0.24 -59.27
N VAL C 302 -34.79 1.01 -59.43
CA VAL C 302 -34.03 2.15 -58.94
C VAL C 302 -35.02 3.21 -58.45
N GLU C 303 -34.71 3.80 -57.30
CA GLU C 303 -35.56 4.76 -56.62
C GLU C 303 -34.82 6.10 -56.59
N SER C 304 -35.28 7.07 -57.37
CA SER C 304 -34.67 8.39 -57.27
C SER C 304 -35.00 9.02 -55.93
N ALA C 305 -34.02 9.69 -55.35
CA ALA C 305 -34.31 10.58 -54.25
C ALA C 305 -35.13 11.78 -54.68
N GLY C 306 -35.32 11.96 -55.98
CA GLY C 306 -36.03 13.10 -56.52
C GLY C 306 -35.15 14.12 -57.18
N ALA C 307 -33.82 14.01 -57.05
CA ALA C 307 -32.94 14.98 -57.68
C ALA C 307 -33.15 15.00 -59.19
N MET C 308 -33.36 13.84 -59.78
CA MET C 308 -33.63 13.78 -61.21
C MET C 308 -34.41 12.51 -61.49
N THR C 309 -34.81 12.35 -62.74
CA THR C 309 -35.63 11.20 -63.08
C THR C 309 -34.78 9.93 -63.11
N PRO C 310 -35.29 8.82 -62.57
CA PRO C 310 -34.45 7.64 -62.41
C PRO C 310 -33.94 7.06 -63.72
N GLU C 311 -34.68 7.21 -64.82
CA GLU C 311 -34.09 6.89 -66.10
C GLU C 311 -32.78 7.65 -66.32
N GLU C 312 -32.77 8.95 -66.05
CA GLU C 312 -31.56 9.75 -66.22
C GLU C 312 -30.44 9.27 -65.31
N ILE C 313 -30.76 8.84 -64.10
CA ILE C 313 -29.75 8.24 -63.23
C ILE C 313 -29.04 7.13 -63.95
N PHE C 314 -29.77 6.07 -64.31
CA PHE C 314 -29.15 4.95 -65.02
C PHE C 314 -28.39 5.43 -66.24
N PHE C 315 -29.08 6.04 -67.20
CA PHE C 315 -28.44 6.41 -68.47
C PHE C 315 -27.18 7.22 -68.25
N LYS C 316 -27.12 8.06 -67.22
CA LYS C 316 -25.84 8.67 -66.88
C LYS C 316 -24.85 7.66 -66.35
N SER C 317 -25.25 6.84 -65.39
CA SER C 317 -24.38 5.86 -64.76
C SER C 317 -23.62 5.02 -65.78
N VAL C 318 -24.27 4.61 -66.86
CA VAL C 318 -23.59 4.02 -67.99
C VAL C 318 -22.50 4.93 -68.52
N ARG C 319 -22.83 6.16 -68.86
CA ARG C 319 -21.84 7.03 -69.48
C ARG C 319 -20.68 7.33 -68.54
N ILE C 320 -20.89 7.24 -67.23
CA ILE C 320 -19.78 7.49 -66.33
C ILE C 320 -18.88 6.27 -66.26
N LEU C 321 -19.43 5.09 -66.50
CA LEU C 321 -18.56 3.92 -66.58
C LEU C 321 -17.78 3.91 -67.90
N LYS C 322 -18.48 4.16 -69.02
CA LYS C 322 -17.77 4.37 -70.28
C LYS C 322 -16.66 5.39 -70.12
N ASN C 323 -17.03 6.63 -69.79
CA ASN C 323 -16.07 7.70 -69.61
C ASN C 323 -14.95 7.29 -68.70
N LYS C 324 -15.26 6.60 -67.60
CA LYS C 324 -14.21 6.16 -66.68
C LYS C 324 -13.24 5.23 -67.39
N ALA C 325 -13.75 4.31 -68.21
CA ALA C 325 -12.86 3.50 -69.04
C ALA C 325 -12.02 4.38 -69.95
N GLU C 326 -12.65 5.09 -70.88
CA GLU C 326 -11.96 5.89 -71.87
C GLU C 326 -10.86 6.74 -71.26
N TYR C 327 -11.09 7.27 -70.06
CA TYR C 327 -10.08 8.08 -69.41
C TYR C 327 -8.77 7.34 -69.24
N LEU C 328 -8.80 6.01 -69.20
CA LEU C 328 -7.57 5.23 -69.21
C LEU C 328 -6.99 5.04 -70.61
N LYS C 329 -7.83 4.89 -71.63
CA LYS C 329 -7.31 4.72 -72.98
C LYS C 329 -6.35 5.83 -73.35
N ASN C 330 -6.71 7.08 -73.03
CA ASN C 330 -5.82 8.19 -73.31
C ASN C 330 -4.56 8.16 -72.48
N CYS C 331 -4.66 7.87 -71.19
CA CYS C 331 -3.55 8.05 -70.27
C CYS C 331 -2.36 7.19 -70.67
N PRO C 332 -1.20 7.78 -70.90
CA PRO C 332 0.00 6.98 -71.16
C PRO C 332 0.48 6.30 -69.89
N ILE C 333 1.33 5.29 -70.08
CA ILE C 333 1.75 4.41 -69.00
C ILE C 333 3.19 4.76 -68.62
N THR C 334 3.36 5.31 -67.42
CA THR C 334 4.70 5.53 -66.89
C THR C 334 5.29 4.20 -66.43
N GLN C 335 6.62 4.16 -66.35
CA GLN C 335 7.32 2.94 -65.97
C GLN C 335 8.30 3.18 -64.83
N MET D 1 47.38 9.67 -18.22
CA MET D 1 47.21 8.24 -18.01
C MET D 1 48.53 7.64 -17.51
N LYS D 2 48.53 6.36 -17.20
CA LYS D 2 49.67 5.69 -16.60
C LYS D 2 50.94 5.96 -17.39
N VAL D 3 52.02 6.26 -16.66
CA VAL D 3 53.31 6.63 -17.24
C VAL D 3 54.28 5.48 -17.02
N LEU D 4 54.63 4.79 -18.10
CA LEU D 4 55.52 3.65 -17.96
C LEU D 4 56.94 4.06 -17.60
N GLU D 5 57.56 4.93 -18.38
CA GLU D 5 58.91 5.36 -18.06
C GLU D 5 58.96 6.88 -18.05
N GLU D 6 59.21 7.43 -16.86
CA GLU D 6 59.22 8.87 -16.68
C GLU D 6 60.43 9.49 -17.34
N ARG D 7 61.61 9.19 -16.81
CA ARG D 7 62.88 9.61 -17.37
C ARG D 7 63.36 8.45 -18.24
N ASN D 8 63.35 8.63 -19.56
CA ASN D 8 63.60 7.50 -20.45
C ASN D 8 64.85 7.73 -21.30
N ALA D 9 64.72 8.54 -22.33
CA ALA D 9 65.82 8.80 -23.26
C ALA D 9 66.07 10.30 -23.31
N PHE D 10 67.23 10.71 -22.82
CA PHE D 10 67.60 12.11 -22.92
C PHE D 10 67.73 12.49 -24.39
N LEU D 11 66.94 13.46 -24.80
CA LEU D 11 66.88 13.83 -26.21
C LEU D 11 67.36 15.27 -26.33
N SER D 12 68.54 15.45 -26.91
CA SER D 12 68.98 16.79 -27.28
C SER D 12 68.32 17.13 -28.60
N ASP D 13 68.52 18.34 -29.08
CA ASP D 13 67.96 18.76 -30.37
C ASP D 13 69.12 19.06 -31.30
N TYR D 14 69.33 18.17 -32.26
CA TYR D 14 70.26 18.40 -33.35
C TYR D 14 69.53 18.11 -34.65
N GLU D 15 69.20 16.85 -34.87
CA GLU D 15 68.26 16.49 -35.93
C GLU D 15 66.83 16.36 -35.41
N VAL D 16 66.60 16.60 -34.12
CA VAL D 16 65.23 16.60 -33.61
C VAL D 16 64.46 17.77 -34.19
N LEU D 17 65.08 18.94 -34.23
CA LEU D 17 64.47 20.07 -34.93
C LEU D 17 64.18 19.69 -36.38
N LYS D 18 65.06 18.91 -36.99
CA LYS D 18 64.81 18.41 -38.34
C LYS D 18 63.67 17.42 -38.36
N PHE D 19 63.39 16.77 -37.23
CA PHE D 19 62.30 15.81 -37.17
C PHE D 19 60.96 16.55 -37.07
N LEU D 20 60.89 17.56 -36.21
CA LEU D 20 59.75 18.46 -36.23
C LEU D 20 59.60 19.11 -37.60
N THR D 21 60.72 19.38 -38.26
CA THR D 21 60.67 19.99 -39.59
C THR D 21 60.05 19.04 -40.60
N ASP D 22 60.47 17.77 -40.60
CA ASP D 22 59.86 16.78 -41.48
C ASP D 22 58.39 16.60 -41.16
N LEU D 23 58.04 16.62 -39.87
CA LEU D 23 56.64 16.57 -39.48
C LEU D 23 55.88 17.76 -40.05
N GLU D 24 56.54 18.91 -40.16
CA GLU D 24 55.87 20.09 -40.69
C GLU D 24 55.76 20.06 -42.20
N LYS D 25 56.76 19.54 -42.90
CA LYS D 25 56.62 19.27 -44.32
C LYS D 25 55.39 18.42 -44.62
N LYS D 26 55.11 17.45 -43.75
CA LYS D 26 53.86 16.69 -43.82
C LYS D 26 52.63 17.59 -43.77
N HIS D 27 52.43 18.36 -42.71
CA HIS D 27 51.22 19.15 -42.58
C HIS D 27 51.58 20.64 -42.58
N LEU D 28 51.09 21.35 -43.59
CA LEU D 28 50.93 22.81 -43.60
C LEU D 28 52.23 23.61 -43.81
N TRP D 29 53.38 22.98 -43.56
CA TRP D 29 54.70 23.58 -43.79
C TRP D 29 54.74 25.06 -43.39
N ASP D 30 54.67 25.29 -42.09
CA ASP D 30 55.01 26.61 -41.50
C ASP D 30 54.22 27.70 -42.24
N GLN D 31 54.89 28.61 -42.95
CA GLN D 31 54.28 29.78 -43.56
C GLN D 31 53.74 29.53 -44.97
N LYS D 32 54.60 29.29 -45.95
CA LYS D 32 54.20 29.40 -47.33
C LYS D 32 53.68 28.07 -47.89
N SER D 33 52.38 28.00 -48.14
CA SER D 33 51.75 26.80 -48.69
C SER D 33 50.97 27.18 -49.93
N LEU D 34 49.96 28.03 -49.76
CA LEU D 34 49.25 28.64 -50.87
C LEU D 34 50.19 29.28 -51.90
N ALA D 35 51.31 29.85 -51.44
CA ALA D 35 52.30 30.41 -52.35
C ALA D 35 53.53 29.51 -52.42
N PRO D 53 44.12 21.88 -37.17
CA PRO D 53 44.63 21.06 -36.07
C PRO D 53 45.10 21.89 -34.89
N GLU D 54 45.42 23.16 -35.13
CA GLU D 54 45.81 24.11 -34.09
C GLU D 54 47.18 23.78 -33.50
N LEU D 55 47.69 22.58 -33.79
CA LEU D 55 49.01 22.18 -33.32
C LEU D 55 50.11 23.15 -33.76
N GLN D 56 49.91 23.81 -34.90
CA GLN D 56 50.93 24.65 -35.51
C GLN D 56 51.50 25.70 -34.57
N GLY D 57 50.78 26.07 -33.51
CA GLY D 57 51.29 27.03 -32.55
C GLY D 57 52.66 26.70 -32.00
N ILE D 58 52.85 25.50 -31.45
CA ILE D 58 54.17 25.08 -31.00
C ILE D 58 55.17 24.96 -32.13
N THR D 59 54.75 24.50 -33.32
CA THR D 59 55.69 24.27 -34.39
C THR D 59 56.52 25.52 -34.67
N ARG D 60 55.88 26.59 -35.12
CA ARG D 60 56.55 27.87 -35.33
C ARG D 60 57.29 28.35 -34.11
N ASN D 61 56.86 27.97 -32.91
CA ASN D 61 57.51 28.39 -31.68
C ASN D 61 58.81 27.66 -31.41
N VAL D 62 58.76 26.35 -31.18
CA VAL D 62 59.97 25.61 -30.83
C VAL D 62 60.99 25.67 -31.95
N VAL D 63 60.54 25.68 -33.21
CA VAL D 63 61.47 25.78 -34.32
C VAL D 63 62.22 27.10 -34.31
N ASN D 64 61.66 28.12 -33.67
CA ASN D 64 62.24 29.46 -33.67
C ASN D 64 63.66 29.48 -33.13
N TYR D 65 63.81 29.36 -31.81
CA TYR D 65 65.13 29.57 -31.22
C TYR D 65 66.11 28.48 -31.60
N LEU D 66 65.64 27.24 -31.73
CA LEU D 66 66.51 26.18 -32.22
C LEU D 66 67.17 26.52 -33.55
N SER D 67 66.51 27.34 -34.39
CA SER D 67 67.09 27.80 -35.62
C SER D 67 68.01 29.01 -35.49
N ILE D 68 67.65 30.01 -34.69
CA ILE D 68 68.29 31.31 -34.80
C ILE D 68 69.67 31.37 -34.16
N ASN D 69 69.86 30.78 -32.98
CA ASN D 69 71.17 30.85 -32.34
C ASN D 69 72.22 30.13 -33.17
N LYS D 70 71.80 29.10 -33.91
CA LYS D 70 72.67 28.49 -34.91
C LYS D 70 73.11 29.51 -35.96
N ASN D 71 72.18 30.31 -36.49
CA ASN D 71 72.53 31.39 -37.39
C ASN D 71 73.15 32.58 -36.66
N PHE D 72 72.73 32.83 -35.44
CA PHE D 72 73.24 33.95 -34.66
C PHE D 72 73.35 33.60 -33.18
N MET D 98 72.28 24.97 -40.51
CA MET D 98 72.89 24.01 -39.60
C MET D 98 73.58 22.89 -40.35
N SER D 99 73.86 21.79 -39.66
CA SER D 99 74.54 20.66 -40.27
C SER D 99 73.75 19.39 -39.97
N ASP D 100 74.24 18.27 -40.50
CA ASP D 100 73.63 16.96 -40.30
C ASP D 100 74.67 15.94 -39.86
N GLU D 101 75.61 15.64 -40.76
CA GLU D 101 76.60 14.60 -40.49
C GLU D 101 77.57 15.03 -39.39
N SER D 102 77.62 16.32 -39.05
CA SER D 102 78.47 16.76 -37.96
C SER D 102 78.11 16.07 -36.64
N PHE D 103 76.85 15.63 -36.49
CA PHE D 103 76.49 14.78 -35.37
C PHE D 103 77.41 13.57 -35.25
N ALA D 104 77.63 12.85 -36.35
CA ALA D 104 78.63 11.80 -36.37
C ALA D 104 80.03 12.35 -36.11
N GLU D 105 80.34 13.53 -36.66
CA GLU D 105 81.57 14.22 -36.33
C GLU D 105 81.61 14.70 -34.89
N LEU D 106 80.45 14.77 -34.23
CA LEU D 106 80.35 15.31 -32.90
C LEU D 106 80.95 14.39 -31.85
N MET D 107 80.68 13.08 -31.94
CA MET D 107 81.13 12.10 -30.96
C MET D 107 82.64 11.97 -30.88
N THR D 108 83.36 12.26 -31.97
CA THR D 108 84.72 11.76 -32.15
C THR D 108 85.60 11.98 -30.93
N LYS D 109 85.98 13.23 -30.66
CA LYS D 109 86.73 13.55 -29.46
C LYS D 109 85.84 13.75 -28.24
N LEU D 110 84.54 13.95 -28.43
CA LEU D 110 83.62 14.09 -27.31
C LEU D 110 83.51 12.84 -26.45
N ASN D 111 83.92 11.69 -26.97
CA ASN D 111 83.88 10.46 -26.19
C ASN D 111 85.06 10.33 -25.24
N SER D 112 85.97 11.30 -25.25
CA SER D 112 87.22 11.24 -24.50
C SER D 112 87.15 11.97 -23.16
N PHE D 113 85.99 12.52 -22.80
CA PHE D 113 85.91 13.43 -21.67
C PHE D 113 85.13 12.82 -20.51
N LYS D 114 85.10 13.58 -19.41
CA LYS D 114 84.44 13.18 -18.17
C LYS D 114 83.04 13.78 -18.04
N LEU D 115 82.57 14.43 -19.10
CA LEU D 115 81.40 15.31 -19.05
C LEU D 115 80.10 14.63 -18.66
N PHE D 116 80.11 13.30 -18.50
CA PHE D 116 78.92 12.49 -18.22
C PHE D 116 77.92 12.69 -19.35
N LYS D 117 76.61 12.74 -19.08
CA LYS D 117 75.61 13.03 -20.10
C LYS D 117 75.11 14.46 -20.11
N ALA D 118 75.42 15.28 -19.12
CA ALA D 118 74.70 16.53 -18.94
C ALA D 118 75.23 17.64 -19.83
N GLU D 119 76.39 18.20 -19.48
CA GLU D 119 77.05 19.15 -20.36
C GLU D 119 77.40 18.51 -21.69
N LYS D 120 77.59 17.19 -21.70
CA LYS D 120 77.89 16.47 -22.93
C LYS D 120 76.82 16.71 -24.00
N LEU D 121 75.55 16.69 -23.60
CA LEU D 121 74.49 17.13 -24.49
C LEU D 121 74.37 18.65 -24.55
N GLN D 122 74.69 19.33 -23.46
CA GLN D 122 74.53 20.78 -23.38
C GLN D 122 75.47 21.54 -24.32
N ILE D 123 76.66 21.02 -24.57
CA ILE D 123 77.63 21.65 -25.46
C ILE D 123 77.08 21.71 -26.87
N VAL D 124 76.19 20.78 -27.20
CA VAL D 124 75.66 20.68 -28.56
C VAL D 124 74.90 21.94 -28.95
N ASN D 125 74.28 22.61 -27.99
CA ASN D 125 73.44 23.76 -28.30
C ASN D 125 73.88 25.04 -27.60
N GLN D 126 73.64 25.14 -26.29
CA GLN D 126 73.82 26.40 -25.59
C GLN D 126 75.29 26.67 -25.32
N LEU D 127 75.68 27.94 -25.38
CA LEU D 127 77.08 28.31 -25.16
C LEU D 127 77.86 27.35 -26.05
N PRO D 128 78.11 27.74 -27.30
CA PRO D 128 78.77 26.75 -28.15
C PRO D 128 80.24 26.54 -27.85
N ALA D 129 80.53 25.97 -26.67
CA ALA D 129 81.84 25.45 -26.31
C ALA D 129 82.93 26.52 -26.43
N ASN D 130 82.87 27.49 -25.52
CA ASN D 130 83.89 28.51 -25.43
C ASN D 130 84.15 28.90 -23.99
N MET D 131 85.43 29.18 -23.70
CA MET D 131 85.90 29.87 -22.50
C MET D 131 85.24 29.40 -21.21
N VAL D 132 84.83 30.35 -20.37
CA VAL D 132 84.22 30.09 -19.08
C VAL D 132 82.78 29.58 -19.22
N HIS D 133 82.14 29.80 -20.38
CA HIS D 133 80.83 29.22 -20.62
C HIS D 133 80.82 27.73 -20.30
N LEU D 134 81.53 26.94 -21.11
CA LEU D 134 81.70 25.51 -20.86
C LEU D 134 82.21 25.23 -19.46
N TYR D 135 83.03 26.12 -18.90
CA TYR D 135 83.52 25.96 -17.53
C TYR D 135 82.47 26.27 -16.48
N SER D 136 81.39 26.97 -16.87
CA SER D 136 80.38 27.42 -15.93
C SER D 136 79.41 26.31 -15.51
N ILE D 137 79.51 25.12 -16.09
CA ILE D 137 78.51 24.10 -15.82
C ILE D 137 79.10 22.87 -15.12
N VAL D 138 79.82 22.03 -15.87
CA VAL D 138 80.04 20.66 -15.46
C VAL D 138 81.03 20.59 -14.30
N GLU D 139 80.83 19.62 -13.41
CA GLU D 139 81.71 19.43 -12.28
C GLU D 139 83.15 19.22 -12.73
N GLU D 140 84.06 19.95 -12.09
CA GLU D 140 85.49 19.84 -12.35
C GLU D 140 85.80 20.13 -13.82
N CYS D 141 85.12 21.15 -14.37
CA CYS D 141 85.26 21.41 -15.80
C CYS D 141 86.67 21.79 -16.19
N ASP D 142 87.36 22.61 -15.39
CA ASP D 142 88.79 22.82 -15.61
C ASP D 142 89.51 21.94 -14.59
N ALA D 143 89.64 22.39 -13.34
CA ALA D 143 90.07 21.52 -12.25
C ALA D 143 91.24 20.63 -12.65
N ARG D 144 90.99 19.32 -12.63
CA ARG D 144 91.87 18.30 -13.16
C ARG D 144 92.32 18.58 -14.59
N PHE D 145 91.40 18.54 -15.55
CA PHE D 145 91.75 18.59 -16.96
C PHE D 145 91.54 19.99 -17.54
N ASP D 146 92.60 20.56 -18.12
CA ASP D 146 92.56 21.99 -18.42
C ASP D 146 92.75 22.35 -19.89
N GLU D 147 94.00 22.40 -20.35
CA GLU D 147 94.35 23.15 -21.55
C GLU D 147 93.64 22.65 -22.81
N LYS D 148 94.06 21.49 -23.30
CA LYS D 148 93.47 20.93 -24.51
C LYS D 148 92.04 20.48 -24.27
N THR D 149 91.65 20.28 -23.01
CA THR D 149 90.29 19.86 -22.73
C THR D 149 89.30 20.99 -22.96
N ILE D 150 89.57 22.17 -22.40
CA ILE D 150 88.68 23.30 -22.63
C ILE D 150 88.89 23.93 -24.01
N GLU D 151 90.12 23.92 -24.52
CA GLU D 151 90.38 24.48 -25.84
C GLU D 151 89.83 23.62 -26.96
N GLU D 152 90.11 22.32 -26.93
CA GLU D 152 89.60 21.43 -27.97
C GLU D 152 88.08 21.39 -27.97
N MET D 153 87.44 21.87 -26.90
CA MET D 153 86.02 22.15 -26.98
C MET D 153 85.73 23.30 -27.93
N LEU D 154 86.52 24.37 -27.87
CA LEU D 154 86.41 25.44 -28.86
C LEU D 154 86.77 24.97 -30.26
N GLU D 155 87.63 23.96 -30.37
CA GLU D 155 88.01 23.42 -31.67
C GLU D 155 86.92 22.55 -32.28
N ILE D 156 86.31 21.67 -31.48
CA ILE D 156 85.29 20.77 -32.00
C ILE D 156 84.04 21.54 -32.40
N ILE D 157 83.64 22.54 -31.60
CA ILE D 157 82.49 23.35 -31.98
C ILE D 157 82.78 24.12 -33.26
N SER D 158 84.05 24.43 -33.54
CA SER D 158 84.40 24.98 -34.84
C SER D 158 84.12 23.97 -35.95
N GLY D 159 84.12 22.68 -35.63
CA GLY D 159 83.67 21.68 -36.58
C GLY D 159 82.21 21.79 -36.95
N TYR D 160 81.35 22.15 -36.00
CA TYR D 160 79.94 22.43 -36.30
C TYR D 160 79.71 23.93 -36.47
N ALA D 161 79.80 24.70 -35.39
CA ALA D 161 79.58 26.14 -35.46
C ALA D 161 80.75 26.83 -36.14
N MET E 1 9.32 -64.95 21.99
CA MET E 1 8.69 -65.19 20.69
C MET E 1 9.73 -65.22 19.58
N ASP E 2 10.04 -66.42 19.10
CA ASP E 2 10.93 -66.57 17.95
C ASP E 2 10.39 -65.86 16.72
N GLN E 3 9.06 -65.73 16.59
CA GLN E 3 8.49 -65.05 15.44
C GLN E 3 8.93 -63.59 15.38
N GLU E 4 8.80 -62.85 16.49
CA GLU E 4 9.34 -61.49 16.50
C GLU E 4 10.86 -61.52 16.52
N ASN E 5 11.45 -62.60 17.00
CA ASN E 5 12.87 -62.80 16.79
C ASN E 5 13.19 -63.11 15.34
N GLU E 6 12.26 -63.69 14.60
CA GLU E 6 12.46 -63.82 13.16
C GLU E 6 12.58 -62.45 12.50
N ARG E 7 11.89 -61.45 13.03
CA ARG E 7 12.14 -60.09 12.57
C ARG E 7 13.57 -59.68 12.81
N ASN E 8 14.06 -59.80 14.04
CA ASN E 8 15.42 -59.35 14.35
C ASN E 8 16.44 -60.10 13.52
N ILE E 9 16.30 -61.41 13.37
CA ILE E 9 17.30 -62.17 12.64
C ILE E 9 17.21 -61.95 11.14
N SER E 10 16.00 -61.93 10.57
CA SER E 10 15.85 -61.69 9.15
C SER E 10 16.34 -60.30 8.78
N ARG E 11 16.02 -59.30 9.61
CA ARG E 11 16.59 -57.97 9.43
C ARG E 11 18.10 -58.01 9.48
N LEU E 12 18.67 -58.40 10.62
CA LEU E 12 20.13 -58.39 10.79
C LEU E 12 20.82 -59.08 9.62
N TRP E 13 20.24 -60.18 9.14
CA TRP E 13 20.70 -60.81 7.90
C TRP E 13 20.62 -59.83 6.73
N ARG E 14 19.43 -59.27 6.49
CA ARG E 14 19.23 -58.31 5.41
C ARG E 14 20.29 -57.22 5.42
N ALA E 15 20.32 -56.40 6.47
CA ALA E 15 21.34 -55.36 6.59
C ALA E 15 22.75 -55.92 6.47
N PHE E 16 22.99 -57.13 6.98
CA PHE E 16 24.34 -57.67 6.89
C PHE E 16 24.76 -57.82 5.44
N ARG E 17 23.84 -58.25 4.56
CA ARG E 17 24.18 -58.22 3.15
C ARG E 17 24.49 -56.80 2.69
N THR E 18 23.64 -55.83 3.06
CA THR E 18 23.84 -54.45 2.67
C THR E 18 25.26 -53.98 3.01
N VAL E 19 25.58 -53.91 4.30
CA VAL E 19 26.91 -53.46 4.69
C VAL E 19 27.99 -54.32 4.07
N LYS E 20 27.72 -55.62 3.87
CA LYS E 20 28.74 -56.48 3.29
C LYS E 20 29.12 -56.01 1.90
N GLU E 21 28.19 -56.08 0.93
CA GLU E 21 28.53 -55.61 -0.40
C GLU E 21 28.86 -54.13 -0.44
N MET E 22 28.43 -53.37 0.56
CA MET E 22 28.89 -52.00 0.71
C MET E 22 30.41 -51.93 0.70
N VAL E 23 31.07 -52.69 1.58
CA VAL E 23 32.52 -52.63 1.64
C VAL E 23 33.16 -53.28 0.44
N LYS E 24 32.42 -54.09 -0.32
CA LYS E 24 32.97 -54.67 -1.55
C LYS E 24 33.39 -53.57 -2.52
N ASP E 25 32.44 -52.83 -3.08
CA ASP E 25 32.72 -51.93 -4.18
C ASP E 25 33.70 -50.82 -3.81
N ARG E 26 33.91 -50.57 -2.53
CA ARG E 26 34.92 -49.59 -2.13
C ARG E 26 36.33 -50.05 -2.48
N GLY E 27 36.50 -51.30 -2.90
CA GLY E 27 37.80 -51.85 -3.19
C GLY E 27 38.34 -52.79 -2.13
N TYR E 28 37.52 -53.21 -1.18
CA TYR E 28 37.97 -54.12 -0.14
C TYR E 28 37.58 -55.56 -0.48
N PHE E 29 38.54 -56.47 -0.35
CA PHE E 29 38.42 -57.78 -0.97
C PHE E 29 37.36 -58.61 -0.27
N ILE E 30 36.34 -58.98 -1.02
CA ILE E 30 35.37 -60.01 -0.70
C ILE E 30 34.82 -60.51 -2.03
N THR E 31 34.13 -61.65 -1.98
CA THR E 31 33.46 -62.17 -3.15
C THR E 31 31.96 -62.07 -2.94
N GLN E 32 31.19 -62.43 -3.96
CA GLN E 32 29.75 -62.40 -3.78
C GLN E 32 29.28 -63.51 -2.85
N GLU E 33 29.99 -64.63 -2.84
CA GLU E 33 29.74 -65.66 -1.84
C GLU E 33 29.93 -65.15 -0.43
N GLU E 34 30.87 -64.23 -0.22
CA GLU E 34 30.96 -63.50 1.03
C GLU E 34 29.70 -62.66 1.30
N VAL E 35 29.08 -62.10 0.28
CA VAL E 35 27.86 -61.34 0.46
C VAL E 35 26.61 -62.15 0.16
N GLU E 36 26.74 -63.40 -0.29
CA GLU E 36 25.59 -64.26 -0.52
C GLU E 36 25.53 -65.22 0.66
N LEU E 37 24.60 -64.95 1.58
CA LEU E 37 24.40 -65.81 2.74
C LEU E 37 22.99 -66.34 2.76
N PRO E 38 22.79 -67.65 2.64
CA PRO E 38 21.51 -68.22 3.05
C PRO E 38 21.29 -67.97 4.54
N LEU E 39 20.07 -67.62 4.92
CA LEU E 39 19.79 -67.30 6.32
C LEU E 39 20.19 -68.43 7.25
N GLU E 40 20.12 -69.68 6.77
CA GLU E 40 20.51 -70.82 7.58
C GLU E 40 21.92 -70.67 8.16
N ASP E 41 22.94 -70.60 7.31
CA ASP E 41 24.30 -70.45 7.79
C ASP E 41 24.52 -69.15 8.53
N PHE E 42 23.81 -68.09 8.14
CA PHE E 42 23.84 -66.85 8.91
C PHE E 42 23.49 -67.12 10.37
N LYS E 43 22.44 -67.90 10.62
CA LYS E 43 22.17 -68.35 11.97
C LYS E 43 23.24 -69.31 12.48
N ALA E 44 23.63 -70.30 11.70
CA ALA E 44 24.73 -71.18 12.04
C ALA E 44 26.02 -70.41 12.30
N LYS E 45 26.12 -69.20 11.79
CA LYS E 45 27.26 -68.34 12.06
C LYS E 45 27.10 -67.55 13.35
N TYR E 46 26.19 -66.57 13.37
CA TYR E 46 26.10 -65.62 14.48
C TYR E 46 25.01 -65.95 15.49
N CYS E 47 24.21 -66.98 15.29
CA CYS E 47 23.14 -67.31 16.22
C CYS E 47 23.54 -68.45 17.14
N ASP E 48 23.11 -68.35 18.38
CA ASP E 48 23.40 -69.33 19.41
C ASP E 48 22.56 -70.58 19.20
N SER E 49 22.75 -71.58 20.05
CA SER E 49 21.86 -72.72 20.07
C SER E 49 20.49 -72.37 20.67
N MET E 50 20.42 -71.28 21.43
CA MET E 50 19.14 -70.78 21.90
C MET E 50 18.31 -70.22 20.75
N GLY E 51 18.98 -69.80 19.68
CA GLY E 51 18.31 -69.20 18.54
C GLY E 51 18.51 -67.71 18.46
N ARG E 52 19.21 -67.14 19.47
CA ARG E 52 19.45 -65.71 19.39
C ARG E 52 20.76 -65.42 18.67
N PRO E 53 20.82 -64.38 17.85
CA PRO E 53 22.07 -64.00 17.21
C PRO E 53 23.08 -63.50 18.24
N GLN E 54 24.27 -63.20 17.76
CA GLN E 54 25.30 -62.59 18.59
C GLN E 54 25.92 -61.41 17.87
N ARG E 55 25.71 -60.24 18.46
CA ARG E 55 26.19 -58.99 17.93
C ARG E 55 27.70 -58.96 17.75
N LYS E 56 28.47 -59.22 18.81
CA LYS E 56 29.92 -59.12 18.78
C LYS E 56 30.57 -60.02 17.74
N MET E 57 29.98 -61.17 17.42
CA MET E 57 30.61 -62.06 16.45
C MET E 57 30.53 -61.52 15.02
N MET E 58 29.54 -60.69 14.70
CA MET E 58 29.42 -60.14 13.36
C MET E 58 30.65 -59.33 12.96
N SER E 59 31.40 -58.83 13.94
CA SER E 59 32.61 -58.06 13.69
C SER E 59 33.57 -58.84 12.81
N PHE E 60 34.26 -58.13 11.93
CA PHE E 60 35.35 -58.72 11.16
C PHE E 60 36.22 -57.60 10.61
N GLN E 61 37.17 -57.96 9.76
CA GLN E 61 38.14 -57.03 9.22
C GLN E 61 38.06 -57.02 7.70
N ALA E 62 38.40 -55.88 7.11
CA ALA E 62 38.43 -55.74 5.66
C ALA E 62 39.70 -55.03 5.23
N ASN E 63 40.19 -55.38 4.05
CA ASN E 63 41.43 -54.87 3.50
C ASN E 63 41.26 -54.59 2.02
N PRO E 64 42.04 -53.65 1.48
CA PRO E 64 41.90 -53.30 0.07
C PRO E 64 42.28 -54.46 -0.82
N THR E 65 41.90 -54.36 -2.08
CA THR E 65 42.27 -55.39 -3.04
C THR E 65 42.71 -54.73 -4.33
N GLU E 66 43.79 -55.26 -4.90
CA GLU E 66 44.16 -55.07 -6.30
C GLU E 66 44.03 -53.62 -6.73
N GLU E 67 43.16 -53.37 -7.72
CA GLU E 67 42.97 -52.04 -8.30
C GLU E 67 42.84 -50.94 -7.26
N SER E 68 42.18 -51.20 -6.13
CA SER E 68 41.94 -50.16 -5.14
C SER E 68 43.25 -49.47 -4.74
N ILE E 69 44.26 -50.25 -4.36
CA ILE E 69 45.51 -49.63 -3.95
C ILE E 69 46.21 -48.97 -5.14
N SER E 70 46.00 -49.48 -6.35
CA SER E 70 46.56 -48.83 -7.53
C SER E 70 45.74 -47.61 -7.92
N LYS E 71 44.41 -47.75 -7.94
CA LYS E 71 43.56 -46.61 -8.26
C LYS E 71 43.67 -45.52 -7.21
N PHE E 72 43.41 -45.86 -5.95
CA PHE E 72 43.67 -44.93 -4.86
C PHE E 72 45.01 -45.30 -4.26
N PRO E 73 46.05 -44.48 -4.42
CA PRO E 73 47.38 -44.86 -3.92
C PRO E 73 47.43 -45.02 -2.41
N ASP E 74 46.75 -44.16 -1.66
CA ASP E 74 46.69 -44.31 -0.21
C ASP E 74 45.29 -44.74 0.18
N MET E 75 45.15 -46.03 0.50
CA MET E 75 44.02 -46.54 1.25
C MET E 75 44.50 -47.78 1.99
N GLY E 76 44.07 -47.93 3.22
CA GLY E 76 44.48 -49.10 3.99
C GLY E 76 43.33 -50.05 4.19
N SER E 77 43.59 -51.14 4.91
CA SER E 77 42.52 -52.00 5.36
C SER E 77 41.61 -51.23 6.30
N LEU E 78 40.39 -51.73 6.47
CA LEU E 78 39.48 -51.08 7.41
C LEU E 78 38.94 -52.08 8.43
N TRP E 79 38.13 -51.59 9.35
CA TRP E 79 37.51 -52.44 10.34
C TRP E 79 36.00 -52.31 10.24
N VAL E 80 35.29 -53.35 10.65
CA VAL E 80 33.84 -53.35 10.67
C VAL E 80 33.38 -54.20 11.84
N GLU E 81 32.33 -53.75 12.54
CA GLU E 81 31.84 -54.47 13.69
C GLU E 81 30.48 -53.93 14.06
N PHE E 82 29.98 -54.36 15.22
CA PHE E 82 28.79 -53.79 15.83
C PHE E 82 28.99 -53.73 17.33
N CYS E 83 28.14 -52.95 17.98
CA CYS E 83 28.09 -52.84 19.43
C CYS E 83 27.33 -54.04 19.98
N ASP E 84 26.86 -53.96 21.22
CA ASP E 84 25.86 -54.94 21.65
C ASP E 84 24.63 -54.21 22.17
N GLU E 85 24.81 -53.41 23.22
CA GLU E 85 23.76 -52.65 23.87
C GLU E 85 22.96 -51.87 22.85
N PRO E 86 21.62 -51.92 22.91
CA PRO E 86 20.82 -51.03 22.05
C PRO E 86 21.12 -49.57 22.29
N SER E 87 21.37 -49.18 23.54
CA SER E 87 21.89 -47.86 23.86
C SER E 87 23.38 -47.84 23.51
N VAL E 88 23.91 -46.64 23.35
CA VAL E 88 25.35 -46.46 23.24
C VAL E 88 25.78 -45.39 24.22
N GLY E 89 27.08 -45.12 24.29
CA GLY E 89 27.62 -44.18 25.24
C GLY E 89 29.13 -44.05 25.12
N VAL E 90 29.70 -43.08 25.80
CA VAL E 90 31.14 -42.86 25.76
C VAL E 90 31.91 -44.10 26.16
N LYS E 91 31.50 -44.75 27.26
CA LYS E 91 32.22 -45.94 27.71
C LYS E 91 32.19 -47.03 26.65
N THR E 92 31.02 -47.34 26.11
CA THR E 92 30.99 -48.37 25.07
C THR E 92 31.67 -47.90 23.78
N MET E 93 31.95 -46.60 23.65
CA MET E 93 32.91 -46.15 22.66
C MET E 93 34.35 -46.34 23.06
N LYS E 94 34.68 -46.15 24.34
CA LYS E 94 36.08 -46.28 24.76
C LYS E 94 36.69 -47.57 24.25
N THR E 95 36.01 -48.70 24.46
CA THR E 95 36.46 -49.97 23.93
C THR E 95 36.60 -49.97 22.41
N PHE E 96 35.84 -49.12 21.72
CA PHE E 96 36.00 -48.99 20.28
C PHE E 96 37.27 -48.23 19.91
N VAL E 97 37.48 -47.07 20.56
CA VAL E 97 38.72 -46.31 20.38
C VAL E 97 39.93 -47.20 20.65
N ILE E 98 39.84 -48.08 21.65
CA ILE E 98 40.92 -49.03 21.92
C ILE E 98 41.35 -49.70 20.63
N HIS E 99 40.46 -50.47 20.00
CA HIS E 99 40.77 -51.00 18.68
C HIS E 99 41.28 -49.93 17.73
N ILE E 100 40.60 -48.79 17.65
CA ILE E 100 40.99 -47.75 16.70
C ILE E 100 42.47 -47.40 16.81
N GLN E 101 43.08 -47.57 17.99
CA GLN E 101 44.50 -47.27 18.11
C GLN E 101 45.36 -48.33 17.41
N GLU E 102 45.40 -49.55 17.96
CA GLU E 102 46.29 -50.55 17.36
C GLU E 102 45.71 -51.09 16.06
N LYS E 103 44.39 -51.19 15.95
CA LYS E 103 43.82 -51.60 14.68
C LYS E 103 43.95 -50.53 13.61
N ASN E 104 44.26 -49.28 14.00
CA ASN E 104 44.76 -48.28 13.07
C ASN E 104 43.84 -48.07 11.87
N PHE E 105 44.37 -48.45 10.71
CA PHE E 105 43.77 -48.31 9.39
C PHE E 105 43.52 -46.85 9.03
N GLN E 106 42.53 -46.59 8.19
CA GLN E 106 41.90 -45.27 8.13
C GLN E 106 40.57 -45.20 8.84
N THR E 107 39.96 -46.34 9.18
CA THR E 107 38.60 -46.32 9.70
C THR E 107 38.10 -47.73 9.96
N GLY E 108 37.01 -47.80 10.71
CA GLY E 108 36.21 -48.99 10.90
C GLY E 108 34.81 -48.49 11.16
N ILE E 109 33.82 -49.33 10.95
CA ILE E 109 32.44 -48.93 11.11
C ILE E 109 31.77 -49.89 12.07
N PHE E 110 31.09 -49.33 13.07
CA PHE E 110 30.11 -50.11 13.80
C PHE E 110 28.77 -49.43 13.58
N VAL E 111 27.72 -50.04 14.10
CA VAL E 111 26.36 -49.61 13.82
C VAL E 111 25.67 -49.36 15.16
N TYR E 112 24.63 -48.54 15.14
CA TYR E 112 23.79 -48.46 16.32
C TYR E 112 22.82 -49.64 16.31
N GLN E 113 22.04 -49.78 17.36
CA GLN E 113 20.97 -50.77 17.38
C GLN E 113 19.65 -50.04 17.35
N ASN E 114 19.39 -49.27 18.40
CA ASN E 114 18.23 -48.38 18.42
C ASN E 114 18.66 -46.99 18.82
N ASN E 115 19.15 -46.85 20.04
CA ASN E 115 19.54 -45.55 20.58
C ASN E 115 20.78 -45.03 19.85
N ILE E 116 20.95 -43.72 19.84
CA ILE E 116 22.13 -43.11 19.24
C ILE E 116 22.42 -42.04 20.28
N THR E 117 23.57 -42.03 20.93
CA THR E 117 23.64 -40.99 21.96
C THR E 117 24.53 -39.85 21.52
N PRO E 118 24.04 -38.61 21.63
CA PRO E 118 24.93 -37.46 21.44
C PRO E 118 26.11 -37.46 22.39
N SER E 119 25.99 -38.14 23.53
CA SER E 119 27.15 -38.43 24.36
C SER E 119 28.29 -39.00 23.53
N ALA E 120 28.08 -40.16 22.91
CA ALA E 120 29.04 -40.70 21.96
C ALA E 120 29.47 -39.69 20.91
N MET E 121 28.53 -39.03 20.25
CA MET E 121 28.84 -38.07 19.21
C MET E 121 29.42 -36.78 19.75
N LYS E 122 29.31 -36.52 21.06
CA LYS E 122 29.87 -35.31 21.63
C LYS E 122 31.33 -35.13 21.22
N LEU E 123 32.22 -35.99 21.70
CA LEU E 123 33.47 -36.19 20.99
C LEU E 123 33.45 -37.64 20.48
N VAL E 124 32.96 -37.81 19.25
CA VAL E 124 33.22 -39.02 18.48
C VAL E 124 34.54 -38.95 17.73
N PRO E 125 34.84 -37.86 16.95
CA PRO E 125 35.88 -37.96 15.93
C PRO E 125 37.26 -37.63 16.47
N SER E 126 37.84 -38.55 17.26
CA SER E 126 39.05 -38.27 18.01
C SER E 126 40.32 -38.67 17.28
N ILE E 127 40.23 -39.16 16.06
CA ILE E 127 41.40 -39.75 15.42
C ILE E 127 41.68 -39.02 14.10
N PRO E 128 42.50 -37.97 14.12
CA PRO E 128 42.79 -37.22 12.88
C PRO E 128 43.41 -38.09 11.80
N PRO E 129 44.45 -38.89 12.09
CA PRO E 129 45.08 -39.66 11.01
C PRO E 129 44.15 -40.67 10.35
N ALA E 130 43.01 -40.95 10.96
CA ALA E 130 42.06 -41.95 10.49
C ALA E 130 40.67 -41.34 10.60
N THR E 131 39.64 -42.14 10.49
CA THR E 131 38.31 -41.63 10.80
C THR E 131 37.45 -42.76 11.35
N ILE E 132 36.23 -42.41 11.71
CA ILE E 132 35.20 -43.35 12.12
C ILE E 132 33.99 -43.11 11.23
N GLU E 133 33.18 -44.14 11.09
CA GLU E 133 32.02 -44.04 10.21
C GLU E 133 30.88 -44.78 10.90
N THR E 134 29.75 -44.10 11.08
CA THR E 134 28.70 -44.58 11.96
C THR E 134 27.38 -44.73 11.22
N PHE E 135 26.71 -45.85 11.47
CA PHE E 135 25.42 -46.13 10.87
C PHE E 135 24.41 -46.45 11.96
N ASN E 136 23.16 -46.12 11.69
CA ASN E 136 22.05 -46.57 12.52
C ASN E 136 21.41 -47.77 11.86
N GLU E 137 21.21 -48.84 12.64
CA GLU E 137 20.82 -50.11 12.07
C GLU E 137 19.54 -49.99 11.26
N ALA E 138 18.60 -49.18 11.73
CA ALA E 138 17.41 -48.89 10.94
C ALA E 138 17.75 -48.33 9.56
N ALA E 139 18.83 -47.57 9.45
CA ALA E 139 19.19 -46.95 8.18
C ALA E 139 19.77 -47.95 7.19
N LEU E 140 20.34 -49.06 7.68
CA LEU E 140 20.80 -50.12 6.79
C LEU E 140 19.76 -51.23 6.84
N VAL E 141 18.98 -51.32 5.78
CA VAL E 141 18.10 -52.46 5.55
C VAL E 141 18.27 -52.88 4.10
N VAL E 142 17.92 -52.00 3.17
CA VAL E 142 18.25 -52.19 1.76
C VAL E 142 19.25 -51.12 1.36
N ASN E 143 20.27 -51.52 0.62
CA ASN E 143 21.31 -50.59 0.22
C ASN E 143 20.78 -49.58 -0.79
N ILE E 144 20.95 -48.30 -0.46
CA ILE E 144 20.28 -47.26 -1.21
C ILE E 144 20.76 -47.23 -2.65
N THR E 145 22.08 -47.35 -2.87
CA THR E 145 22.60 -47.33 -4.24
C THR E 145 21.95 -48.37 -5.13
N HIS E 146 21.39 -49.42 -4.54
CA HIS E 146 20.82 -50.54 -5.25
C HIS E 146 19.32 -50.39 -5.45
N HIS E 147 18.77 -49.21 -5.15
CA HIS E 147 17.33 -49.12 -4.97
C HIS E 147 16.57 -49.13 -6.28
N GLU E 148 16.29 -47.97 -6.84
CA GLU E 148 15.77 -47.88 -8.21
C GLU E 148 16.26 -46.57 -8.79
N LEU E 149 15.75 -45.49 -8.21
CA LEU E 149 15.99 -44.12 -8.62
C LEU E 149 17.47 -43.74 -8.60
N VAL E 150 18.16 -43.98 -7.51
CA VAL E 150 19.51 -43.48 -7.30
C VAL E 150 20.39 -44.02 -8.43
N PRO E 151 20.91 -43.18 -9.29
CA PRO E 151 21.72 -43.64 -10.41
C PRO E 151 23.10 -44.06 -9.92
N LYS E 152 23.80 -44.81 -10.76
CA LYS E 152 25.08 -45.37 -10.36
C LYS E 152 26.08 -44.27 -10.09
N HIS E 153 26.74 -44.37 -8.94
CA HIS E 153 27.73 -43.41 -8.48
C HIS E 153 29.11 -44.03 -8.55
N ILE E 154 30.08 -43.21 -8.94
CA ILE E 154 31.46 -43.63 -9.05
C ILE E 154 32.34 -42.64 -8.31
N ARG E 155 33.28 -43.15 -7.53
CA ARG E 155 34.22 -42.31 -6.81
C ARG E 155 35.52 -42.28 -7.59
N LEU E 156 35.78 -41.16 -8.25
CA LEU E 156 37.01 -41.02 -9.02
C LEU E 156 38.16 -40.58 -8.12
N SER E 157 39.38 -40.89 -8.56
CA SER E 157 40.56 -40.76 -7.72
C SER E 157 40.94 -39.30 -7.52
N SER E 158 41.97 -39.08 -6.71
CA SER E 158 42.54 -37.75 -6.58
C SER E 158 43.02 -37.23 -7.93
N ASP E 159 44.00 -37.89 -8.53
CA ASP E 159 44.48 -37.46 -9.84
C ASP E 159 43.36 -37.50 -10.88
N GLU E 160 42.42 -38.41 -10.75
CA GLU E 160 41.31 -38.46 -11.68
C GLU E 160 40.48 -37.19 -11.63
N LYS E 161 40.44 -36.52 -10.47
CA LYS E 161 39.83 -35.21 -10.41
C LYS E 161 40.56 -34.21 -11.30
N ARG E 162 41.90 -34.16 -11.19
CA ARG E 162 42.66 -33.13 -11.88
C ARG E 162 42.39 -33.16 -13.38
N GLU E 163 42.31 -34.35 -13.97
CA GLU E 163 41.89 -34.45 -15.36
C GLU E 163 40.59 -33.70 -15.59
N LEU E 164 39.56 -34.00 -14.79
CA LEU E 164 38.28 -33.32 -14.92
C LEU E 164 38.45 -31.81 -14.83
N LEU E 165 38.93 -31.31 -13.70
CA LEU E 165 39.08 -29.88 -13.52
C LEU E 165 39.92 -29.22 -14.61
N LYS E 166 40.73 -29.99 -15.34
CA LYS E 166 41.33 -29.47 -16.56
C LYS E 166 40.39 -29.47 -17.76
N ARG E 167 39.53 -30.49 -17.90
CA ARG E 167 38.63 -30.53 -19.04
C ARG E 167 37.77 -29.28 -19.10
N TYR E 168 37.03 -29.01 -18.03
CA TYR E 168 36.18 -27.83 -17.98
C TYR E 168 36.89 -26.61 -17.42
N ARG E 169 38.18 -26.71 -17.13
CA ARG E 169 38.98 -25.58 -16.68
C ARG E 169 38.32 -24.91 -15.47
N LEU E 170 38.31 -25.63 -14.37
CA LEU E 170 37.56 -25.22 -13.20
C LEU E 170 38.41 -25.32 -11.95
N LYS E 171 38.25 -24.34 -11.08
CA LYS E 171 38.79 -24.39 -9.73
C LYS E 171 38.01 -25.43 -8.93
N GLU E 172 38.33 -25.60 -7.67
CA GLU E 172 37.41 -26.33 -6.83
C GLU E 172 36.24 -25.42 -6.51
N SER E 173 35.33 -25.91 -5.67
CA SER E 173 34.02 -25.32 -5.48
C SER E 173 33.37 -25.24 -6.87
N GLN E 174 32.54 -24.22 -7.13
CA GLN E 174 31.91 -23.97 -8.42
C GLN E 174 31.51 -25.28 -9.11
N LEU E 175 30.97 -26.22 -8.33
CA LEU E 175 30.44 -27.46 -8.87
C LEU E 175 29.16 -27.80 -8.14
N PRO E 176 28.31 -28.62 -8.70
CA PRO E 176 27.20 -29.16 -7.92
C PRO E 176 27.73 -29.90 -6.71
N ARG E 177 27.10 -29.72 -5.57
CA ARG E 177 27.65 -30.25 -4.33
C ARG E 177 26.76 -31.36 -3.78
N ILE E 178 27.42 -32.37 -3.22
CA ILE E 178 26.76 -33.33 -2.33
C ILE E 178 27.15 -32.98 -0.91
N GLN E 179 26.17 -32.63 -0.08
CA GLN E 179 26.44 -32.50 1.33
C GLN E 179 26.88 -33.83 1.92
N ARG E 180 28.03 -33.78 2.57
CA ARG E 180 28.50 -34.99 3.21
C ARG E 180 27.28 -35.67 3.80
N ALA E 181 27.54 -36.75 4.53
CA ALA E 181 26.47 -37.52 5.15
C ALA E 181 25.31 -37.89 4.23
N ASP E 182 24.98 -37.09 3.22
CA ASP E 182 23.89 -37.54 2.37
C ASP E 182 23.85 -39.06 2.52
N PRO E 183 22.65 -39.67 2.46
CA PRO E 183 22.45 -41.13 2.59
C PRO E 183 23.44 -41.90 1.72
N VAL E 184 23.57 -41.43 0.49
CA VAL E 184 24.51 -41.97 -0.50
C VAL E 184 25.95 -41.79 -0.02
N ALA E 185 26.31 -40.57 0.36
CA ALA E 185 27.68 -40.29 0.75
C ALA E 185 28.15 -41.21 1.85
N LEU E 186 27.37 -41.34 2.93
CA LEU E 186 27.76 -42.22 4.03
C LEU E 186 27.91 -43.66 3.54
N TYR E 187 26.97 -44.14 2.73
CA TYR E 187 27.11 -45.49 2.18
C TYR E 187 28.40 -45.61 1.38
N LEU E 188 28.72 -44.56 0.61
CA LEU E 188 29.92 -44.63 -0.20
C LEU E 188 31.12 -44.04 0.53
N GLY E 189 30.87 -43.48 1.72
CA GLY E 189 31.94 -43.06 2.60
C GLY E 189 32.88 -42.06 2.00
N LEU E 190 32.32 -41.00 1.42
CA LEU E 190 33.10 -39.94 0.82
C LEU E 190 33.84 -39.21 1.93
N LYS E 191 34.92 -38.56 1.58
CA LYS E 191 35.60 -37.69 2.53
C LYS E 191 35.45 -36.25 2.07
N ARG E 192 35.97 -35.32 2.86
CA ARG E 192 35.78 -33.91 2.56
C ARG E 192 36.48 -33.56 1.25
N GLY E 193 35.72 -32.95 0.34
CA GLY E 193 36.28 -32.50 -0.92
C GLY E 193 36.71 -33.61 -1.86
N GLU E 194 35.81 -34.54 -2.15
CA GLU E 194 36.06 -35.55 -3.17
C GLU E 194 35.06 -35.34 -4.29
N VAL E 195 35.20 -36.11 -5.36
CA VAL E 195 34.39 -35.93 -6.55
C VAL E 195 33.79 -37.26 -6.96
N VAL E 196 32.47 -37.33 -6.94
CA VAL E 196 31.72 -38.49 -7.40
C VAL E 196 31.12 -38.19 -8.77
N LYS E 197 31.60 -38.92 -9.75
CA LYS E 197 31.04 -38.91 -11.10
C LYS E 197 29.75 -39.72 -11.02
N ILE E 198 28.65 -39.07 -11.38
CA ILE E 198 27.34 -39.70 -11.34
C ILE E 198 26.90 -40.00 -12.76
N ILE E 199 26.65 -41.27 -13.04
CA ILE E 199 26.14 -41.68 -14.35
C ILE E 199 24.65 -41.87 -14.17
N ARG E 200 23.85 -40.97 -14.72
CA ARG E 200 22.43 -41.18 -14.60
C ARG E 200 21.87 -41.68 -15.92
N LYS E 201 20.62 -42.13 -15.88
CA LYS E 201 19.95 -42.57 -17.08
C LYS E 201 18.48 -42.19 -17.00
N SER E 202 18.03 -41.47 -18.01
CA SER E 202 16.62 -41.13 -18.15
C SER E 202 16.38 -41.05 -19.64
N GLU E 203 15.19 -41.45 -20.08
CA GLU E 203 14.95 -41.41 -21.51
C GLU E 203 14.41 -40.03 -21.85
N THR E 204 15.30 -39.23 -22.39
CA THR E 204 15.01 -37.94 -23.00
C THR E 204 15.65 -37.83 -24.37
N SER E 205 16.97 -37.63 -24.43
CA SER E 205 17.73 -38.09 -25.58
C SER E 205 18.56 -39.33 -25.26
N GLY E 206 18.64 -39.72 -23.98
CA GLY E 206 19.47 -40.86 -23.63
C GLY E 206 20.20 -40.79 -22.31
N ARG E 207 21.19 -41.66 -22.14
CA ARG E 207 22.05 -41.68 -20.96
C ARG E 207 23.07 -40.56 -21.01
N TYR E 208 23.53 -40.15 -19.83
CA TYR E 208 24.59 -39.16 -19.71
C TYR E 208 25.05 -39.11 -18.26
N ALA E 209 25.98 -38.20 -17.97
CA ALA E 209 26.59 -38.15 -16.67
C ALA E 209 26.83 -36.72 -16.24
N SER E 210 26.73 -36.49 -14.94
CA SER E 210 27.14 -35.23 -14.35
C SER E 210 27.98 -35.51 -13.11
N TYR E 211 28.66 -34.50 -12.61
CA TYR E 211 29.62 -34.68 -11.53
C TYR E 211 29.13 -33.94 -10.30
N ARG E 212 29.41 -34.47 -9.12
CA ARG E 212 29.14 -33.76 -7.88
C ARG E 212 30.33 -33.87 -6.95
N ILE E 213 30.45 -32.93 -6.04
CA ILE E 213 31.56 -32.84 -5.11
C ILE E 213 31.00 -32.93 -3.70
N CYS E 214 31.82 -33.43 -2.77
CA CYS E 214 31.37 -33.63 -1.41
C CYS E 214 31.84 -32.49 -0.53
N MET E 215 30.91 -31.68 -0.06
CA MET E 215 31.26 -30.51 0.73
C MET E 215 30.74 -30.61 2.15
N GLU F 71 45.04 -17.70 -19.19
CA GLU F 71 44.01 -16.66 -19.25
C GLU F 71 44.33 -15.67 -20.35
N LYS F 72 45.32 -16.01 -21.18
CA LYS F 72 45.73 -15.19 -22.30
C LYS F 72 44.82 -15.48 -23.50
N ALA F 73 45.17 -14.96 -24.66
CA ALA F 73 44.46 -15.28 -25.89
C ALA F 73 44.78 -16.70 -26.32
N ILE F 74 43.88 -17.27 -27.10
CA ILE F 74 44.04 -18.64 -27.60
C ILE F 74 44.42 -18.57 -29.07
N PRO F 75 45.49 -19.23 -29.50
CA PRO F 75 45.85 -19.20 -30.91
C PRO F 75 44.77 -19.81 -31.77
N LYS F 76 44.60 -19.21 -32.96
CA LYS F 76 43.51 -19.56 -33.85
C LYS F 76 43.55 -21.01 -34.30
N ASP F 77 44.72 -21.64 -34.27
CA ASP F 77 44.84 -23.00 -34.80
C ASP F 77 43.93 -23.97 -34.05
N GLN F 78 43.89 -23.90 -32.73
CA GLN F 78 43.03 -24.75 -31.92
C GLN F 78 41.82 -23.95 -31.45
N ARG F 79 40.62 -24.45 -31.74
CA ARG F 79 39.39 -23.76 -31.43
C ARG F 79 38.34 -24.75 -30.91
N ALA F 80 37.84 -24.49 -29.72
CA ALA F 80 36.66 -25.19 -29.25
C ALA F 80 35.52 -24.18 -29.11
N THR F 81 34.58 -24.21 -30.05
CA THR F 81 33.44 -23.30 -30.09
C THR F 81 32.66 -23.62 -31.36
N THR F 82 31.39 -23.22 -31.38
CA THR F 82 30.57 -23.47 -32.55
C THR F 82 30.95 -22.51 -33.66
N PRO F 83 31.49 -22.99 -34.78
CA PRO F 83 31.86 -22.08 -35.87
C PRO F 83 30.70 -21.37 -36.54
N TYR F 84 29.46 -21.79 -36.31
CA TYR F 84 28.33 -21.08 -36.89
C TYR F 84 28.10 -19.75 -36.17
N MET F 85 27.10 -19.01 -36.65
CA MET F 85 26.66 -17.81 -35.96
C MET F 85 25.81 -18.19 -34.76
N THR F 86 25.93 -17.46 -33.68
CA THR F 86 25.18 -17.81 -32.47
C THR F 86 23.84 -17.11 -32.42
N LYS F 87 23.47 -16.39 -33.46
CA LYS F 87 22.20 -15.69 -33.59
C LYS F 87 22.16 -14.46 -32.70
N TYR F 88 23.03 -14.41 -31.69
CA TYR F 88 23.35 -13.13 -31.09
C TYR F 88 24.46 -12.45 -31.86
N GLU F 89 25.31 -13.25 -32.50
CA GLU F 89 26.18 -12.74 -33.55
C GLU F 89 25.39 -11.81 -34.46
N ARG F 90 24.41 -12.34 -35.16
CA ARG F 90 23.56 -11.56 -36.03
C ARG F 90 22.93 -10.38 -35.30
N ALA F 91 22.74 -10.48 -33.98
CA ALA F 91 22.12 -9.38 -33.26
C ALA F 91 23.09 -8.22 -33.03
N ARG F 92 24.07 -8.40 -32.16
CA ARG F 92 24.97 -7.31 -31.84
C ARG F 92 25.80 -6.88 -33.02
N ILE F 93 26.20 -7.79 -33.90
CA ILE F 93 26.99 -7.36 -35.05
C ILE F 93 26.22 -6.37 -35.90
N LEU F 94 25.01 -6.71 -36.31
CA LEU F 94 24.23 -5.74 -37.04
C LEU F 94 23.96 -4.49 -36.22
N GLY F 95 23.78 -4.63 -34.92
CA GLY F 95 23.48 -3.45 -34.12
C GLY F 95 24.64 -2.48 -34.13
N THR F 96 25.79 -2.94 -33.66
CA THR F 96 26.95 -2.07 -33.59
C THR F 96 27.33 -1.54 -34.96
N ARG F 97 27.36 -2.40 -35.97
CA ARG F 97 27.69 -1.95 -37.31
C ARG F 97 26.76 -0.85 -37.76
N ALA F 98 25.45 -1.04 -37.55
CA ALA F 98 24.50 0.01 -37.87
C ALA F 98 24.86 1.30 -37.15
N LEU F 99 25.03 1.23 -35.84
CA LEU F 99 25.34 2.44 -35.09
C LEU F 99 26.55 3.15 -35.65
N GLN F 100 27.61 2.42 -35.99
CA GLN F 100 28.73 3.06 -36.63
C GLN F 100 28.33 3.75 -37.93
N ILE F 101 27.52 3.07 -38.75
CA ILE F 101 27.12 3.70 -40.00
C ILE F 101 26.37 4.99 -39.73
N SER F 102 25.70 5.08 -38.58
CA SER F 102 24.98 6.31 -38.28
C SER F 102 25.91 7.47 -37.96
N MET F 103 27.18 7.19 -37.66
CA MET F 103 28.14 8.23 -37.31
C MET F 103 28.94 8.70 -38.51
N ASN F 104 28.55 8.32 -39.72
CA ASN F 104 29.33 8.59 -40.92
C ASN F 104 30.65 7.84 -40.92
N ALA F 105 30.59 6.53 -41.09
CA ALA F 105 31.75 5.70 -41.28
C ALA F 105 31.65 5.15 -42.70
N PRO F 106 32.76 4.80 -43.33
CA PRO F 106 32.70 4.32 -44.71
C PRO F 106 31.97 3.00 -44.78
N VAL F 107 31.47 2.68 -45.97
CA VAL F 107 30.71 1.46 -46.20
C VAL F 107 31.40 0.63 -47.27
N PHE F 108 31.55 -0.65 -46.99
CA PHE F 108 32.37 -1.53 -47.82
C PHE F 108 31.55 -2.34 -48.82
N VAL F 109 30.24 -2.15 -48.87
CA VAL F 109 29.39 -2.77 -49.88
C VAL F 109 28.87 -1.68 -50.78
N ASP F 110 28.63 -2.03 -52.04
CA ASP F 110 27.96 -1.10 -52.94
C ASP F 110 26.64 -0.70 -52.32
N LEU F 111 26.42 0.59 -52.18
CA LEU F 111 25.17 1.09 -51.60
C LEU F 111 24.20 1.34 -52.75
N GLU F 112 23.15 0.53 -52.82
CA GLU F 112 22.13 0.72 -53.83
C GLU F 112 21.33 1.94 -53.41
N GLY F 113 20.37 2.36 -54.24
CA GLY F 113 19.59 3.50 -53.80
C GLY F 113 18.80 3.08 -52.58
N GLU F 114 19.10 3.70 -51.44
CA GLU F 114 18.49 3.41 -50.15
C GLU F 114 19.22 4.21 -49.10
N THR F 115 18.62 4.32 -47.93
CA THR F 115 19.11 5.21 -46.90
C THR F 115 18.92 4.49 -45.57
N ASP F 116 19.21 5.18 -44.48
CA ASP F 116 19.10 4.87 -43.05
C ASP F 116 20.13 3.81 -42.67
N PRO F 117 20.60 3.82 -41.42
CA PRO F 117 21.78 3.02 -41.10
C PRO F 117 21.57 1.52 -41.09
N LEU F 118 20.46 1.03 -40.53
CA LEU F 118 20.40 -0.39 -40.24
C LEU F 118 20.31 -1.21 -41.52
N ARG F 119 19.49 -0.75 -42.47
CA ARG F 119 19.20 -1.56 -43.63
C ARG F 119 20.43 -1.78 -44.48
N ILE F 120 21.32 -0.78 -44.55
CA ILE F 120 22.53 -0.98 -45.33
C ILE F 120 23.49 -1.88 -44.57
N ALA F 121 23.33 -2.00 -43.25
CA ALA F 121 24.17 -2.94 -42.52
C ALA F 121 23.79 -4.37 -42.86
N MET F 122 22.50 -4.70 -42.76
CA MET F 122 22.01 -5.97 -43.28
C MET F 122 22.51 -6.20 -44.70
N LYS F 123 22.29 -5.21 -45.56
CA LYS F 123 22.78 -5.24 -46.93
C LYS F 123 24.27 -5.55 -46.97
N GLU F 124 25.01 -5.19 -45.93
CA GLU F 124 26.44 -5.45 -45.93
C GLU F 124 26.73 -6.88 -45.50
N LEU F 125 26.36 -7.25 -44.26
CA LEU F 125 26.64 -8.58 -43.77
C LEU F 125 26.14 -9.67 -44.71
N ALA F 126 25.11 -9.40 -45.50
CA ALA F 126 24.76 -10.37 -46.54
C ALA F 126 25.95 -10.69 -47.43
N GLU F 127 26.90 -9.75 -47.54
CA GLU F 127 28.12 -9.96 -48.31
C GLU F 127 29.28 -10.42 -47.43
N LYS F 128 29.10 -10.49 -46.12
CA LYS F 128 30.15 -10.84 -45.17
C LYS F 128 31.38 -9.95 -45.37
N LYS F 129 31.12 -8.66 -45.60
CA LYS F 129 32.19 -7.69 -45.75
C LYS F 129 32.44 -6.89 -44.48
N ILE F 130 31.71 -7.19 -43.40
CA ILE F 130 31.80 -6.41 -42.17
C ILE F 130 33.18 -6.64 -41.56
N PRO F 131 33.89 -5.69 -41.34
CA PRO F 131 35.25 -5.86 -40.80
C PRO F 131 35.28 -5.72 -39.28
N LEU F 132 34.71 -6.69 -38.57
CA LEU F 132 34.84 -6.75 -37.13
C LEU F 132 35.40 -8.09 -36.71
N VAL F 133 35.62 -8.26 -35.40
CA VAL F 133 36.03 -9.54 -34.86
C VAL F 133 35.22 -9.79 -33.60
N ILE F 134 34.47 -10.89 -33.59
CA ILE F 134 33.72 -11.25 -32.39
C ILE F 134 34.67 -11.90 -31.40
N ARG F 135 34.56 -11.49 -30.15
CA ARG F 135 35.46 -11.93 -29.10
C ARG F 135 34.64 -12.65 -28.04
N ARG F 136 34.82 -13.95 -27.98
CA ARG F 136 34.06 -14.78 -27.07
C ARG F 136 34.87 -15.07 -25.81
N TYR F 137 34.23 -14.96 -24.66
CA TYR F 137 34.84 -15.35 -23.41
C TYR F 137 34.34 -16.73 -23.04
N LEU F 138 35.25 -17.67 -22.90
CA LEU F 138 34.88 -18.87 -22.18
C LEU F 138 34.61 -18.47 -20.72
N PRO F 139 34.17 -19.41 -19.88
CA PRO F 139 33.85 -19.02 -18.50
C PRO F 139 35.05 -18.52 -17.73
N ASP F 140 36.19 -19.17 -17.83
CA ASP F 140 37.33 -18.85 -16.99
C ASP F 140 38.07 -17.60 -17.44
N GLY F 141 37.73 -17.02 -18.57
CA GLY F 141 38.46 -15.88 -19.07
C GLY F 141 39.58 -16.26 -20.04
N SER F 142 39.44 -17.39 -20.72
CA SER F 142 40.45 -17.88 -21.64
C SER F 142 40.31 -17.25 -23.02
N PHE F 143 39.43 -16.26 -23.16
CA PHE F 143 39.30 -15.42 -24.33
C PHE F 143 38.92 -16.27 -25.55
N GLU F 144 39.21 -15.80 -26.77
CA GLU F 144 38.84 -16.47 -28.01
C GLU F 144 39.06 -15.47 -29.14
N ASP F 145 38.89 -15.91 -30.39
CA ASP F 145 38.70 -15.00 -31.51
C ASP F 145 37.93 -15.68 -32.62
N TRP F 146 37.14 -14.92 -33.36
CA TRP F 146 36.63 -15.34 -34.66
C TRP F 146 36.49 -14.12 -35.54
N SER F 147 36.86 -14.25 -36.80
CA SER F 147 36.53 -13.18 -37.73
C SER F 147 35.04 -13.19 -38.00
N VAL F 148 34.53 -12.03 -38.42
CA VAL F 148 33.15 -12.00 -38.90
C VAL F 148 33.08 -12.61 -40.29
N GLU F 149 34.13 -12.43 -41.08
CA GLU F 149 34.18 -13.05 -42.40
C GLU F 149 34.22 -14.57 -42.29
N GLU F 150 35.18 -15.10 -41.53
CA GLU F 150 35.27 -16.54 -41.31
C GLU F 150 33.98 -17.17 -40.85
N LEU F 151 33.34 -16.60 -39.85
CA LEU F 151 32.26 -17.25 -39.14
C LEU F 151 31.07 -17.31 -40.09
N ILE F 152 30.24 -18.33 -39.97
CA ILE F 152 29.33 -18.69 -41.06
C ILE F 152 27.88 -18.61 -40.61
N VAL F 153 27.03 -18.15 -41.52
CA VAL F 153 25.61 -17.99 -41.26
C VAL F 153 24.96 -19.31 -40.87
N PHE G 2 62.46 18.39 -23.67
CA PHE G 2 63.54 17.93 -24.52
C PHE G 2 63.58 16.42 -24.63
N ILE G 3 63.60 15.73 -23.48
CA ILE G 3 63.86 14.29 -23.47
C ILE G 3 62.63 13.53 -23.96
N LEU G 4 62.77 12.21 -24.01
CA LEU G 4 61.75 11.32 -24.56
C LEU G 4 61.23 10.43 -23.44
N SER G 5 59.97 10.02 -23.53
CA SER G 5 59.38 9.21 -22.47
C SER G 5 58.28 8.29 -23.00
N LYS G 6 58.09 7.18 -22.29
CA LYS G 6 57.14 6.15 -22.67
C LYS G 6 55.91 6.22 -21.77
N ILE G 7 54.77 6.56 -22.35
CA ILE G 7 53.51 6.68 -21.63
C ILE G 7 52.47 5.81 -22.30
N ALA G 8 51.56 5.28 -21.48
CA ALA G 8 50.43 4.50 -21.94
C ALA G 8 49.17 5.34 -21.84
N ASP G 9 48.27 5.15 -22.80
CA ASP G 9 47.07 5.96 -22.87
C ASP G 9 46.00 5.21 -23.64
N LEU G 10 44.77 5.68 -23.52
CA LEU G 10 43.61 5.07 -24.15
C LEU G 10 43.12 6.00 -25.25
N VAL G 11 43.35 5.61 -26.50
CA VAL G 11 42.96 6.42 -27.64
C VAL G 11 41.51 6.09 -28.01
N ARG G 12 40.71 7.12 -28.23
CA ARG G 12 39.34 6.96 -28.70
C ARG G 12 39.24 7.55 -30.10
N ILE G 13 39.08 6.69 -31.09
CA ILE G 13 38.88 7.12 -32.48
C ILE G 13 37.40 7.04 -32.80
N PRO G 14 36.75 8.15 -33.12
CA PRO G 14 35.39 8.09 -33.62
C PRO G 14 35.37 7.43 -34.98
N PRO G 15 34.20 6.98 -35.44
CA PRO G 15 34.14 6.26 -36.72
C PRO G 15 34.70 7.03 -37.89
N ASP G 16 34.66 8.37 -37.85
CA ASP G 16 34.97 9.18 -39.02
C ASP G 16 36.26 8.76 -39.71
N GLN G 17 37.34 8.62 -38.95
CA GLN G 17 38.66 8.45 -39.53
C GLN G 17 38.89 7.06 -40.10
N PHE G 18 37.92 6.15 -39.97
CA PHE G 18 38.15 4.77 -40.38
C PHE G 18 38.63 4.66 -41.82
N HIS G 19 38.33 5.65 -42.66
CA HIS G 19 38.93 5.68 -43.98
C HIS G 19 40.42 5.98 -43.90
N ARG G 20 40.80 6.98 -43.12
CA ARG G 20 42.20 7.33 -42.94
C ARG G 20 42.94 6.18 -42.30
N ASP G 21 44.21 6.04 -42.68
CA ASP G 21 45.00 4.93 -42.18
C ASP G 21 45.17 5.02 -40.66
N THR G 22 45.35 3.87 -40.05
CA THR G 22 45.28 3.75 -38.59
C THR G 22 46.23 4.72 -37.90
N ILE G 23 47.54 4.51 -38.07
CA ILE G 23 48.53 5.24 -37.28
C ILE G 23 48.34 6.74 -37.37
N SER G 24 47.91 7.26 -38.52
CA SER G 24 47.64 8.68 -38.62
C SER G 24 46.51 9.14 -37.71
N ALA G 25 45.38 8.42 -37.71
CA ALA G 25 44.30 8.75 -36.81
C ALA G 25 44.70 8.59 -35.35
N ILE G 26 45.43 7.52 -35.03
CA ILE G 26 45.97 7.38 -33.69
C ILE G 26 46.79 8.60 -33.31
N THR G 27 47.86 8.86 -34.05
CA THR G 27 48.68 10.05 -33.79
C THR G 27 47.82 11.30 -33.71
N HIS G 28 46.82 11.41 -34.57
CA HIS G 28 45.99 12.62 -34.57
C HIS G 28 45.26 12.79 -33.25
N GLN G 29 44.49 11.78 -32.82
CA GLN G 29 43.80 11.86 -31.55
C GLN G 29 44.78 12.05 -30.39
N LEU G 30 45.97 11.47 -30.49
CA LEU G 30 46.99 11.75 -29.49
C LEU G 30 47.32 13.22 -29.43
N ASN G 31 47.47 13.86 -30.59
CA ASN G 31 47.80 15.28 -30.62
C ASN G 31 46.66 16.12 -30.08
N ASN G 32 45.45 15.90 -30.57
CA ASN G 32 44.29 16.61 -30.04
C ASN G 32 44.14 16.41 -28.55
N LYS G 33 44.66 15.31 -28.01
CA LYS G 33 44.66 15.15 -26.56
C LYS G 33 45.79 15.89 -25.88
N PHE G 34 47.00 15.87 -26.44
CA PHE G 34 48.11 16.48 -25.73
C PHE G 34 48.56 17.81 -26.33
N ALA G 35 49.32 17.76 -27.43
CA ALA G 35 49.94 18.95 -27.99
C ALA G 35 50.63 19.77 -26.89
N ASN G 36 50.20 21.02 -26.71
CA ASN G 36 50.71 21.87 -25.64
C ASN G 36 50.48 21.28 -24.25
N LYS G 37 49.40 20.52 -24.07
CA LYS G 37 48.96 20.14 -22.74
C LYS G 37 50.08 19.46 -21.96
N ILE G 38 50.08 19.69 -20.65
CA ILE G 38 51.14 19.21 -19.77
C ILE G 38 50.62 18.08 -18.89
N ILE G 39 51.36 16.98 -18.88
CA ILE G 39 51.13 15.90 -17.93
C ILE G 39 51.93 16.21 -16.67
N PRO G 40 51.30 16.22 -15.49
CA PRO G 40 52.01 16.70 -14.30
C PRO G 40 53.10 15.76 -13.80
N ASN G 41 53.85 16.23 -12.81
CA ASN G 41 54.92 15.54 -12.09
C ASN G 41 55.87 14.84 -13.06
N VAL G 42 55.92 15.33 -14.30
CA VAL G 42 56.95 15.02 -15.27
C VAL G 42 57.32 16.33 -15.95
N GLY G 43 56.34 17.05 -16.47
CA GLY G 43 56.50 18.23 -17.28
C GLY G 43 55.97 18.03 -18.70
N LEU G 44 55.71 19.16 -19.36
CA LEU G 44 54.84 19.20 -20.52
C LEU G 44 55.43 18.43 -21.69
N CYS G 45 54.54 17.99 -22.56
CA CYS G 45 54.89 17.35 -23.82
C CYS G 45 54.78 18.35 -24.95
N ILE G 46 55.18 17.91 -26.14
CA ILE G 46 55.10 18.74 -27.33
C ILE G 46 54.29 17.99 -28.37
N THR G 47 54.88 16.95 -28.95
CA THR G 47 54.20 16.13 -29.93
C THR G 47 54.46 14.67 -29.62
N ILE G 48 53.84 13.80 -30.39
CA ILE G 48 54.01 12.37 -30.22
C ILE G 48 55.09 11.90 -31.18
N TYR G 49 56.22 11.50 -30.63
CA TYR G 49 57.36 11.22 -31.49
C TYR G 49 57.20 9.89 -32.20
N ASP G 50 57.26 8.79 -31.46
CA ASP G 50 57.24 7.46 -32.03
C ASP G 50 55.94 6.77 -31.66
N LEU G 51 55.81 5.51 -32.08
CA LEU G 51 54.61 4.75 -31.77
C LEU G 51 54.96 3.27 -31.73
N LEU G 52 54.28 2.52 -30.86
CA LEU G 52 54.52 1.09 -30.77
C LEU G 52 53.36 0.42 -30.02
N THR G 53 53.43 -0.92 -29.96
CA THR G 53 52.59 -1.83 -29.18
C THR G 53 51.09 -1.66 -29.39
N VAL G 54 50.68 -1.09 -30.51
CA VAL G 54 49.25 -0.91 -30.76
C VAL G 54 48.63 -2.27 -31.03
N GLU G 55 47.60 -2.61 -30.26
CA GLU G 55 46.97 -3.92 -30.40
C GLU G 55 45.51 -3.72 -30.79
N GLU G 56 44.81 -4.83 -30.95
CA GLU G 56 43.44 -4.82 -31.46
C GLU G 56 42.58 -3.95 -30.54
N GLY G 57 41.92 -2.96 -31.12
CA GLY G 57 41.18 -2.01 -30.32
C GLY G 57 39.76 -2.48 -30.04
N GLN G 58 39.29 -2.16 -28.84
CA GLN G 58 38.01 -2.67 -28.35
C GLN G 58 36.89 -1.71 -28.74
N LEU G 59 35.67 -2.07 -28.37
CA LEU G 59 34.50 -1.29 -28.76
C LEU G 59 33.51 -1.33 -27.59
N LYS G 60 33.09 -0.13 -27.09
CA LYS G 60 32.24 -0.36 -25.93
C LYS G 60 30.77 -0.40 -26.34
N PRO G 61 29.92 -1.10 -25.57
CA PRO G 61 28.53 -1.31 -26.00
C PRO G 61 27.73 -0.03 -26.20
N GLY G 62 27.77 0.90 -25.26
CA GLY G 62 26.84 2.01 -25.29
C GLY G 62 27.19 3.10 -26.29
N ASP G 63 28.42 3.12 -26.78
CA ASP G 63 28.85 4.23 -27.64
C ASP G 63 29.10 3.75 -29.07
N GLY G 64 30.07 2.87 -29.26
CA GLY G 64 30.34 2.40 -30.60
C GLY G 64 31.53 3.11 -31.21
N SER G 65 31.98 4.16 -30.54
CA SER G 65 33.28 4.72 -30.87
C SER G 65 34.33 3.64 -30.74
N SER G 66 35.28 3.62 -31.68
CA SER G 66 36.30 2.60 -31.61
C SER G 66 37.36 2.99 -30.59
N TYR G 67 37.55 2.14 -29.60
CA TYR G 67 38.52 2.39 -28.53
C TYR G 67 39.73 1.49 -28.71
N ILE G 68 40.91 2.08 -28.55
CA ILE G 68 42.17 1.34 -28.49
C ILE G 68 42.87 1.85 -27.25
N ASN G 69 43.87 1.13 -26.78
CA ASN G 69 44.81 1.66 -25.81
C ASN G 69 46.20 1.24 -26.25
N VAL G 70 47.14 2.19 -26.24
CA VAL G 70 48.50 1.96 -26.69
C VAL G 70 49.46 2.49 -25.64
N THR G 71 50.75 2.30 -25.89
CA THR G 71 51.79 3.03 -25.20
C THR G 71 52.88 3.36 -26.21
N PHE G 72 53.61 4.43 -25.94
CA PHE G 72 54.49 5.01 -26.95
C PHE G 72 55.49 5.91 -26.23
N ARG G 73 56.24 6.68 -27.01
CA ARG G 73 57.13 7.69 -26.46
C ARG G 73 56.83 9.01 -27.16
N ALA G 74 56.93 10.10 -26.43
CA ALA G 74 56.63 11.42 -26.98
C ALA G 74 57.67 12.43 -26.52
N VAL G 75 57.54 13.67 -27.02
CA VAL G 75 58.55 14.68 -26.77
C VAL G 75 58.09 15.61 -25.65
N VAL G 76 58.74 15.49 -24.49
CA VAL G 76 58.36 16.28 -23.33
C VAL G 76 59.37 17.41 -23.14
N PHE G 77 59.13 18.26 -22.15
CA PHE G 77 60.14 19.21 -21.70
C PHE G 77 60.28 19.13 -20.18
N LYS G 78 61.37 18.51 -19.73
CA LYS G 78 61.86 18.57 -18.36
C LYS G 78 63.38 18.45 -18.42
N PRO G 79 64.11 19.47 -18.85
CA PRO G 79 65.47 19.23 -19.33
C PRO G 79 66.44 18.66 -18.29
N PHE G 80 66.61 19.35 -17.17
CA PHE G 80 67.32 18.91 -15.96
C PHE G 80 67.43 20.11 -15.04
N LEU G 81 68.01 19.93 -13.85
CA LEU G 81 67.84 20.96 -12.82
C LEU G 81 68.77 22.14 -13.05
N GLY G 82 70.04 22.00 -12.69
CA GLY G 82 70.98 23.08 -12.95
C GLY G 82 71.27 23.21 -14.43
N GLU G 83 70.97 24.35 -15.04
CA GLU G 83 71.18 24.52 -16.48
C GLU G 83 71.20 26.00 -16.83
N ILE G 84 71.82 26.32 -17.96
CA ILE G 84 71.92 27.69 -18.46
C ILE G 84 71.38 27.71 -19.89
N VAL G 85 70.49 28.66 -20.18
CA VAL G 85 69.82 28.72 -21.46
C VAL G 85 69.30 30.14 -21.70
N THR G 86 68.97 30.41 -22.97
CA THR G 86 68.51 31.72 -23.41
C THR G 86 67.15 32.07 -22.82
N GLY G 87 66.92 33.37 -22.63
CA GLY G 87 65.71 33.88 -22.00
C GLY G 87 65.90 35.34 -21.64
N TRP G 88 64.92 35.91 -20.95
CA TRP G 88 64.93 37.34 -20.65
C TRP G 88 63.85 37.65 -19.63
N ILE G 89 63.77 38.93 -19.27
CA ILE G 89 62.72 39.46 -18.39
C ILE G 89 61.50 39.81 -19.21
N SER G 90 60.32 39.42 -18.73
CA SER G 90 59.08 39.80 -19.39
C SER G 90 58.14 40.38 -18.33
N LYS G 91 57.57 39.55 -17.46
CA LYS G 91 56.75 40.05 -16.35
C LYS G 91 57.42 39.68 -15.03
N CYS G 92 57.97 40.68 -14.34
CA CYS G 92 58.88 40.42 -13.23
C CYS G 92 58.78 41.53 -12.19
N THR G 93 59.32 41.26 -11.01
CA THR G 93 59.25 42.19 -9.88
C THR G 93 60.63 42.70 -9.51
N ALA G 94 60.70 43.48 -8.43
CA ALA G 94 62.01 43.88 -7.90
C ALA G 94 62.78 42.67 -7.42
N GLU G 95 62.09 41.56 -7.11
CA GLU G 95 62.75 40.30 -6.83
C GLU G 95 63.30 39.74 -8.15
N GLY G 96 63.91 38.57 -8.10
CA GLY G 96 64.45 37.94 -9.28
C GLY G 96 63.47 37.83 -10.43
N ILE G 97 63.99 37.88 -11.66
CA ILE G 97 63.13 37.98 -12.82
C ILE G 97 62.43 36.64 -13.09
N LYS G 98 61.37 36.71 -13.89
CA LYS G 98 60.69 35.54 -14.44
C LYS G 98 61.13 35.43 -15.90
N VAL G 99 61.97 34.43 -16.18
CA VAL G 99 62.57 34.34 -17.51
C VAL G 99 61.56 33.82 -18.53
N SER G 100 61.83 34.10 -19.79
CA SER G 100 60.89 33.83 -20.87
C SER G 100 61.64 33.33 -22.10
N LEU G 101 61.13 32.25 -22.68
CA LEU G 101 61.56 31.80 -24.00
C LEU G 101 60.40 31.95 -24.95
N LEU G 102 60.70 32.37 -26.17
CA LEU G 102 59.67 32.81 -27.12
C LEU G 102 58.75 31.65 -27.47
N GLY G 103 57.45 31.92 -27.44
CA GLY G 103 56.45 31.04 -28.02
C GLY G 103 56.16 29.76 -27.29
N ILE G 104 56.93 29.45 -26.24
CA ILE G 104 56.70 28.20 -25.53
C ILE G 104 55.91 28.51 -24.25
N PHE G 105 56.59 29.01 -23.22
CA PHE G 105 55.92 29.57 -22.07
C PHE G 105 56.92 30.42 -21.30
N ASP G 106 56.42 31.33 -20.47
CA ASP G 106 57.24 31.72 -19.33
C ASP G 106 56.54 31.31 -18.04
N ASP G 107 56.97 30.18 -17.48
CA ASP G 107 56.59 29.79 -16.13
C ASP G 107 57.74 29.95 -15.15
N ILE G 108 58.93 30.33 -15.63
CA ILE G 108 60.12 30.18 -14.81
C ILE G 108 60.45 31.49 -14.13
N PHE G 109 60.29 31.51 -12.80
CA PHE G 109 60.59 32.68 -11.98
C PHE G 109 61.86 32.38 -11.22
N ILE G 110 62.95 33.03 -11.59
CA ILE G 110 64.25 32.85 -10.94
C ILE G 110 64.43 33.95 -9.90
N PRO G 111 64.35 33.59 -8.61
CA PRO G 111 64.43 34.41 -7.39
C PRO G 111 65.75 35.17 -7.31
N GLN G 112 66.04 35.70 -6.13
CA GLN G 112 67.27 36.44 -5.88
C GLN G 112 68.11 35.74 -4.79
N ASN G 113 69.11 35.00 -5.25
CA ASN G 113 70.01 34.24 -4.39
C ASN G 113 71.44 34.02 -4.86
N MET G 114 71.64 33.11 -5.80
CA MET G 114 72.90 32.99 -6.52
C MET G 114 73.18 34.20 -7.41
N LEU G 115 72.12 34.89 -7.84
CA LEU G 115 72.28 36.13 -8.60
C LEU G 115 73.16 37.10 -7.81
N PHE G 116 73.98 37.86 -8.56
CA PHE G 116 75.08 38.61 -7.95
C PHE G 116 74.61 39.48 -6.79
N GLU G 117 75.41 39.49 -5.73
CA GLU G 117 75.04 40.22 -4.53
C GLU G 117 75.02 41.72 -4.78
N GLY G 118 76.04 42.25 -5.44
CA GLY G 118 76.03 43.66 -5.77
C GLY G 118 74.95 43.96 -6.78
N CYS G 119 73.99 44.81 -6.39
CA CYS G 119 72.87 45.15 -7.24
C CYS G 119 72.21 46.41 -6.71
N TYR G 120 71.47 47.09 -7.57
CA TYR G 120 70.53 48.12 -7.13
C TYR G 120 69.34 48.14 -8.07
N TYR G 121 68.15 48.21 -7.50
CA TYR G 121 66.92 48.17 -8.28
C TYR G 121 66.53 49.54 -8.79
N THR G 122 65.95 49.56 -10.00
CA THR G 122 65.26 50.72 -10.47
C THR G 122 63.85 50.31 -10.91
N PRO G 123 62.84 51.15 -10.67
CA PRO G 123 61.54 50.91 -11.31
C PRO G 123 61.58 51.04 -12.83
N GLU G 124 62.65 51.63 -13.35
CA GLU G 124 62.77 51.85 -14.78
C GLU G 124 63.60 50.81 -15.53
N GLU G 125 62.93 50.11 -16.44
CA GLU G 125 63.56 49.10 -17.30
C GLU G 125 64.36 47.98 -16.63
N SER G 126 65.35 48.32 -15.81
CA SER G 126 66.19 47.28 -15.21
C SER G 126 65.77 46.73 -13.85
N ALA G 127 65.99 45.43 -13.64
CA ALA G 127 65.68 44.80 -12.37
C ALA G 127 66.76 45.12 -11.34
N TRP G 128 67.96 44.59 -11.54
CA TRP G 128 69.07 44.89 -10.66
C TRP G 128 70.35 45.23 -11.42
N ILE G 129 70.83 46.45 -11.24
CA ILE G 129 72.03 46.92 -11.90
C ILE G 129 73.20 46.71 -10.95
N TRP G 130 74.30 46.25 -11.47
CA TRP G 130 75.33 45.59 -10.70
C TRP G 130 76.65 46.36 -10.79
N PRO G 131 77.62 46.11 -9.89
CA PRO G 131 78.91 46.81 -10.01
C PRO G 131 79.70 46.35 -11.23
N LYS G 137 77.08 42.94 -13.97
CA LYS G 137 77.83 44.18 -14.03
C LYS G 137 76.91 45.36 -14.34
N LEU G 138 75.74 45.06 -14.88
CA LEU G 138 74.73 46.07 -15.17
C LEU G 138 73.39 45.36 -15.42
N TYR G 139 72.41 46.10 -15.92
CA TYR G 139 71.07 45.57 -16.16
C TYR G 139 71.00 44.76 -17.45
N PHE G 140 69.79 44.47 -17.91
CA PHE G 140 69.60 43.62 -19.09
C PHE G 140 68.25 43.94 -19.72
N ASP G 141 68.08 43.48 -20.96
CA ASP G 141 66.99 43.88 -21.84
C ASP G 141 65.98 42.75 -22.01
N VAL G 142 64.73 43.16 -22.22
CA VAL G 142 63.69 42.19 -22.59
C VAL G 142 63.98 41.63 -23.97
N ASN G 143 63.58 40.38 -24.17
CA ASN G 143 63.65 39.67 -25.45
C ASN G 143 65.09 39.41 -25.88
N GLU G 144 66.05 40.06 -25.23
CA GLU G 144 67.45 39.83 -25.53
C GLU G 144 67.84 38.41 -25.12
N LYS G 145 68.71 37.78 -25.93
CA LYS G 145 69.23 36.48 -25.56
C LYS G 145 69.96 36.60 -24.24
N ILE G 146 69.54 35.81 -23.25
CA ILE G 146 70.03 35.93 -21.88
C ILE G 146 70.26 34.54 -21.31
N ARG G 147 71.50 34.23 -20.98
CA ARG G 147 71.83 32.94 -20.39
C ARG G 147 71.51 32.96 -18.90
N PHE G 148 70.63 32.05 -18.47
CA PHE G 148 70.25 31.95 -17.07
C PHE G 148 70.35 30.49 -16.63
N ARG G 149 70.54 30.30 -15.33
CA ARG G 149 70.59 28.97 -14.74
C ARG G 149 69.32 28.71 -13.92
N ILE G 150 68.88 27.46 -13.95
CA ILE G 150 67.68 27.01 -13.25
C ILE G 150 68.12 25.99 -12.21
N GLU G 151 67.31 25.78 -11.18
CA GLU G 151 67.54 24.69 -10.24
C GLU G 151 66.27 23.90 -9.98
N ARG G 152 65.28 24.48 -9.32
CA ARG G 152 64.13 23.73 -8.83
C ARG G 152 62.90 23.99 -9.69
N GLU G 153 62.12 22.93 -9.88
CA GLU G 153 60.83 22.99 -10.57
C GLU G 153 59.73 22.67 -9.55
N VAL G 154 58.54 23.22 -9.77
CA VAL G 154 57.42 22.96 -8.88
C VAL G 154 56.24 22.39 -9.68
N PHE G 155 55.78 21.21 -9.27
CA PHE G 155 54.56 20.61 -9.82
C PHE G 155 53.42 20.85 -8.84
N VAL G 156 52.48 21.70 -9.23
CA VAL G 156 51.22 21.80 -8.50
C VAL G 156 50.07 21.85 -9.51
N ASP G 157 49.18 20.86 -9.44
CA ASP G 157 47.95 20.94 -10.23
C ASP G 157 46.95 21.87 -9.54
N VAL G 158 46.52 21.49 -8.33
CA VAL G 158 45.69 22.33 -7.47
C VAL G 158 44.46 22.80 -8.25
N LYS G 159 43.52 21.88 -8.49
CA LYS G 159 42.27 22.19 -9.17
C LYS G 159 41.12 21.87 -8.24
N PRO G 160 40.95 22.69 -7.11
CA PRO G 160 39.83 22.45 -6.19
C PRO G 160 38.58 23.22 -6.64
N LYS G 161 38.12 22.92 -7.85
CA LYS G 161 36.99 23.64 -8.45
C LYS G 161 35.79 23.53 -7.50
N SER G 162 35.26 24.66 -7.09
CA SER G 162 34.24 24.65 -6.07
C SER G 162 33.08 25.55 -6.46
N PRO G 163 31.86 25.11 -6.17
CA PRO G 163 30.70 25.97 -6.44
C PRO G 163 30.63 27.19 -5.53
N LYS G 164 31.06 27.04 -4.27
CA LYS G 164 31.28 28.21 -3.43
C LYS G 164 32.32 29.13 -4.05
N GLU G 165 33.31 28.57 -4.73
CA GLU G 165 34.39 29.31 -5.35
C GLU G 165 33.98 29.93 -6.68
N ARG G 166 32.98 29.36 -7.36
CA ARG G 166 32.47 29.96 -8.58
C ARG G 166 31.64 31.22 -8.28
N GLU G 189 41.55 30.84 -9.35
CA GLU G 189 42.33 30.43 -10.51
C GLU G 189 43.68 29.87 -10.04
N LYS G 190 44.65 30.77 -9.82
CA LYS G 190 45.98 30.43 -9.36
C LYS G 190 46.60 29.37 -10.26
N PRO G 191 47.00 29.73 -11.49
CA PRO G 191 47.57 28.74 -12.40
C PRO G 191 49.09 28.80 -12.48
N PRO G 192 49.86 28.43 -11.42
CA PRO G 192 51.25 28.01 -11.62
C PRO G 192 51.39 26.50 -11.75
N ALA G 193 50.67 25.92 -12.71
CA ALA G 193 50.62 24.46 -12.82
C ALA G 193 51.99 23.85 -12.98
N TYR G 194 52.89 24.55 -13.67
CA TYR G 194 54.26 24.08 -13.86
C TYR G 194 55.12 25.33 -13.80
N ALA G 195 56.24 25.27 -13.07
CA ALA G 195 57.12 26.42 -12.96
C ALA G 195 58.51 25.97 -12.53
N LEU G 196 59.50 26.81 -12.83
CA LEU G 196 60.90 26.54 -12.50
C LEU G 196 61.50 27.77 -11.81
N LEU G 197 62.66 27.60 -11.20
CA LEU G 197 63.30 28.67 -10.46
C LEU G 197 64.81 28.49 -10.48
N GLY G 198 65.52 29.58 -10.23
CA GLY G 198 66.97 29.53 -10.16
C GLY G 198 67.56 30.88 -9.87
N SER G 199 68.85 31.00 -10.14
CA SER G 199 69.59 32.27 -10.03
C SER G 199 70.91 32.08 -10.77
N CYS G 200 71.73 33.13 -10.80
CA CYS G 200 72.96 33.09 -11.60
C CYS G 200 74.14 33.50 -10.72
N GLN G 201 75.00 32.52 -10.40
CA GLN G 201 76.17 32.78 -9.57
C GLN G 201 77.43 33.04 -10.38
N THR G 202 77.43 32.77 -11.68
CA THR G 202 78.62 33.02 -12.49
C THR G 202 78.39 34.26 -13.35
N ASP G 203 79.42 34.66 -14.10
CA ASP G 203 79.39 35.92 -14.80
C ASP G 203 78.74 35.76 -16.18
N GLY G 204 78.64 36.86 -16.92
CA GLY G 204 77.97 36.82 -18.20
C GLY G 204 76.52 36.38 -18.12
N MET G 205 75.94 36.38 -16.93
CA MET G 205 74.63 35.80 -16.70
C MET G 205 73.62 36.94 -16.52
N GLY G 206 72.52 36.85 -17.25
CA GLY G 206 71.57 37.93 -17.39
C GLY G 206 71.85 38.85 -18.56
N LEU G 207 73.11 38.98 -18.97
CA LEU G 207 73.44 39.64 -20.22
C LEU G 207 74.56 38.85 -20.87
N VAL G 208 74.30 38.32 -22.07
CA VAL G 208 75.25 37.42 -22.69
C VAL G 208 76.51 38.12 -23.19
N SER G 209 76.40 39.41 -23.55
CA SER G 209 77.57 40.12 -24.07
C SER G 209 78.60 40.44 -23.00
N TRP G 210 78.27 40.27 -21.72
CA TRP G 210 79.28 40.29 -20.69
C TRP G 210 80.33 39.22 -20.96
N TRP G 211 79.90 37.98 -21.11
CA TRP G 211 80.73 36.93 -21.70
C TRP G 211 80.67 37.03 -23.22
N GLU G 212 81.15 35.99 -23.90
CA GLU G 212 81.21 35.96 -25.36
C GLU G 212 82.12 37.05 -25.90
N MET H 1 -0.11 -42.55 -80.09
CA MET H 1 0.80 -43.70 -80.04
C MET H 1 0.29 -44.74 -79.04
N SER H 2 1.17 -45.67 -78.68
CA SER H 2 0.86 -46.76 -77.76
C SER H 2 0.58 -46.24 -76.35
N ASN H 3 0.72 -44.93 -76.16
CA ASN H 3 0.78 -44.28 -74.86
C ASN H 3 -0.43 -44.56 -73.98
N THR H 4 -1.48 -45.18 -74.48
CA THR H 4 -2.51 -45.70 -73.60
C THR H 4 -1.86 -46.74 -72.67
N LEU H 5 -1.98 -46.52 -71.37
CA LEU H 5 -1.29 -47.40 -70.44
C LEU H 5 -2.14 -48.60 -70.05
N PHE H 6 -3.24 -48.36 -69.35
CA PHE H 6 -4.04 -49.42 -68.76
C PHE H 6 -5.51 -49.20 -69.07
N ASP H 7 -6.09 -50.16 -69.82
CA ASP H 7 -7.47 -50.06 -70.22
C ASP H 7 -8.22 -51.31 -69.80
N ASP H 8 -9.39 -51.12 -69.21
CA ASP H 8 -10.23 -52.25 -68.84
C ASP H 8 -11.66 -51.75 -68.70
N ILE H 9 -12.61 -52.68 -68.79
CA ILE H 9 -14.03 -52.40 -68.61
C ILE H 9 -14.39 -52.73 -67.18
N PHE H 10 -15.11 -51.83 -66.53
CA PHE H 10 -15.54 -52.04 -65.15
C PHE H 10 -17.06 -52.05 -65.06
N GLN H 11 -17.55 -52.66 -63.99
CA GLN H 11 -18.96 -52.59 -63.63
C GLN H 11 -19.06 -51.90 -62.27
N VAL H 12 -20.05 -51.02 -62.13
CA VAL H 12 -20.22 -50.27 -60.89
C VAL H 12 -20.70 -51.21 -59.79
N SER H 13 -20.27 -50.95 -58.57
CA SER H 13 -20.79 -51.68 -57.43
C SER H 13 -21.80 -50.81 -56.68
N GLU H 14 -21.37 -49.70 -56.10
CA GLU H 14 -22.29 -48.76 -55.49
C GLU H 14 -21.73 -47.35 -55.51
N VAL H 15 -22.64 -46.40 -55.31
CA VAL H 15 -22.37 -44.97 -55.37
C VAL H 15 -23.00 -44.31 -54.15
N ASP H 16 -22.17 -43.76 -53.27
CA ASP H 16 -22.65 -43.25 -51.98
C ASP H 16 -22.08 -41.86 -51.68
N PRO H 17 -22.77 -40.81 -52.07
CA PRO H 17 -22.25 -39.46 -51.83
C PRO H 17 -22.25 -39.09 -50.35
N GLY H 18 -21.46 -39.81 -49.56
CA GLY H 18 -21.40 -39.53 -48.13
C GLY H 18 -20.87 -38.15 -47.86
N ARG H 19 -21.64 -37.33 -47.14
CA ARG H 19 -21.19 -36.05 -46.60
C ARG H 19 -20.88 -35.01 -47.66
N TYR H 20 -20.74 -35.43 -48.91
CA TYR H 20 -20.57 -34.50 -50.02
C TYR H 20 -21.88 -34.49 -50.79
N ASN H 21 -21.92 -33.70 -51.85
CA ASN H 21 -23.10 -33.75 -52.71
C ASN H 21 -22.73 -33.95 -54.17
N LYS H 22 -22.00 -33.00 -54.76
CA LYS H 22 -21.73 -33.07 -56.19
C LYS H 22 -20.54 -33.96 -56.51
N VAL H 23 -19.85 -34.50 -55.51
CA VAL H 23 -18.72 -35.40 -55.73
C VAL H 23 -18.96 -36.67 -54.93
N CYS H 24 -18.88 -37.80 -55.60
CA CYS H 24 -19.17 -39.07 -54.95
C CYS H 24 -18.06 -40.08 -55.16
N ARG H 25 -18.07 -41.10 -54.33
CA ARG H 25 -17.05 -42.15 -54.35
C ARG H 25 -17.67 -43.40 -54.96
N ILE H 26 -17.25 -43.71 -56.18
CA ILE H 26 -17.64 -44.95 -56.85
C ILE H 26 -16.57 -46.00 -56.55
N GLU H 27 -16.95 -47.00 -55.77
CA GLU H 27 -16.10 -48.16 -55.51
C GLU H 27 -16.69 -49.27 -56.37
N ALA H 28 -15.97 -49.65 -57.41
CA ALA H 28 -16.51 -50.57 -58.40
C ALA H 28 -15.48 -51.64 -58.74
N ALA H 29 -15.97 -52.72 -59.31
CA ALA H 29 -15.09 -53.83 -59.64
C ALA H 29 -14.95 -53.95 -61.16
N SER H 30 -14.18 -54.94 -61.60
CA SER H 30 -13.86 -55.04 -63.01
C SER H 30 -14.42 -56.35 -63.54
N THR H 31 -14.78 -56.33 -64.81
CA THR H 31 -15.07 -57.53 -65.56
C THR H 31 -13.75 -58.11 -66.06
N THR H 32 -13.85 -59.07 -66.99
CA THR H 32 -12.68 -59.74 -67.55
C THR H 32 -11.95 -60.44 -66.42
N GLN H 33 -10.68 -60.15 -66.19
CA GLN H 33 -9.97 -60.79 -65.10
C GLN H 33 -10.42 -60.18 -63.77
N ASP H 34 -10.58 -61.05 -62.77
CA ASP H 34 -11.27 -60.70 -61.55
C ASP H 34 -10.37 -60.04 -60.52
N GLN H 35 -9.06 -60.06 -60.73
CA GLN H 35 -8.11 -59.58 -59.74
C GLN H 35 -8.29 -58.10 -59.40
N CYS H 36 -8.54 -57.25 -60.40
CA CYS H 36 -8.39 -55.81 -60.22
C CYS H 36 -9.71 -55.17 -59.78
N LYS H 37 -9.71 -54.68 -58.54
CA LYS H 37 -10.82 -53.87 -58.05
C LYS H 37 -10.50 -52.41 -58.33
N LEU H 38 -11.42 -51.51 -58.01
CA LEU H 38 -11.12 -50.09 -58.12
C LEU H 38 -11.94 -49.32 -57.10
N THR H 39 -11.32 -48.33 -56.47
CA THR H 39 -12.01 -47.34 -55.67
C THR H 39 -11.71 -46.02 -56.38
N LEU H 40 -12.69 -45.13 -56.44
CA LEU H 40 -12.52 -43.88 -57.15
C LEU H 40 -13.39 -42.80 -56.54
N ASP H 41 -12.90 -41.57 -56.60
CA ASP H 41 -13.73 -40.40 -56.38
C ASP H 41 -13.93 -39.76 -57.74
N ILE H 42 -15.15 -39.29 -57.99
CA ILE H 42 -15.49 -38.73 -59.29
C ILE H 42 -16.56 -37.68 -59.09
N ASN H 43 -16.65 -36.75 -60.05
CA ASN H 43 -17.62 -35.69 -59.95
C ASN H 43 -18.90 -36.12 -60.64
N VAL H 44 -19.93 -36.38 -59.84
CA VAL H 44 -21.16 -36.92 -60.38
C VAL H 44 -22.02 -35.85 -61.02
N GLU H 45 -21.99 -34.61 -60.50
CA GLU H 45 -22.76 -33.53 -61.09
C GLU H 45 -22.43 -33.37 -62.57
N LEU H 46 -21.15 -33.51 -62.92
CA LEU H 46 -20.72 -33.50 -64.30
C LEU H 46 -20.93 -34.84 -64.98
N PHE H 47 -20.91 -35.92 -64.24
CA PHE H 47 -20.91 -37.24 -64.84
C PHE H 47 -21.80 -38.18 -64.03
N PRO H 48 -23.11 -38.17 -64.25
CA PRO H 48 -23.99 -38.99 -63.41
C PRO H 48 -23.71 -40.47 -63.58
N VAL H 49 -23.58 -41.16 -62.46
CA VAL H 49 -23.31 -42.59 -62.44
C VAL H 49 -24.19 -43.23 -61.39
N ALA H 50 -24.61 -44.47 -61.65
CA ALA H 50 -25.45 -45.20 -60.72
C ALA H 50 -24.94 -46.64 -60.62
N ALA H 51 -25.61 -47.42 -59.77
CA ALA H 51 -25.19 -48.78 -59.51
C ALA H 51 -25.33 -49.65 -60.75
N GLN H 52 -24.37 -50.56 -60.92
CA GLN H 52 -24.35 -51.52 -62.03
C GLN H 52 -24.45 -50.79 -63.38
N ASP H 53 -23.39 -50.05 -63.67
CA ASP H 53 -23.20 -49.42 -64.96
C ASP H 53 -21.86 -49.84 -65.53
N SER H 54 -21.80 -49.92 -66.85
CA SER H 54 -20.59 -50.35 -67.55
C SER H 54 -19.76 -49.10 -67.84
N LEU H 55 -18.55 -49.05 -67.29
CA LEU H 55 -17.65 -47.94 -67.49
C LEU H 55 -16.38 -48.42 -68.17
N THR H 56 -15.83 -47.59 -69.04
CA THR H 56 -14.53 -47.84 -69.66
C THR H 56 -13.54 -46.95 -68.94
N VAL H 57 -12.39 -47.51 -68.58
CA VAL H 57 -11.36 -46.77 -67.87
C VAL H 57 -10.05 -46.91 -68.63
N THR H 58 -9.39 -45.78 -68.86
CA THR H 58 -8.08 -45.77 -69.50
C THR H 58 -7.24 -44.70 -68.81
N ILE H 59 -6.04 -45.07 -68.43
CA ILE H 59 -5.10 -44.06 -67.95
C ILE H 59 -3.94 -43.97 -68.94
N ALA H 60 -3.74 -42.79 -69.48
CA ALA H 60 -2.77 -42.63 -70.54
C ALA H 60 -1.98 -41.36 -70.26
N SER H 61 -0.80 -41.25 -70.86
CA SER H 61 0.00 -40.05 -70.79
C SER H 61 -0.07 -39.36 -72.14
N SER H 62 -0.18 -38.03 -72.12
CA SER H 62 -0.14 -37.24 -73.34
C SER H 62 -1.23 -37.59 -74.34
N LEU H 63 -2.44 -37.09 -74.11
CA LEU H 63 -3.57 -37.21 -75.03
C LEU H 63 -3.19 -36.95 -76.48
N ASN H 64 -2.12 -36.20 -76.71
CA ASN H 64 -1.77 -35.61 -77.99
C ASN H 64 -1.71 -36.60 -79.14
N LEU H 65 -1.79 -37.90 -78.88
CA LEU H 65 -1.62 -38.92 -79.92
C LEU H 65 -0.22 -38.77 -80.49
N GLU H 66 -0.11 -38.43 -81.77
CA GLU H 66 1.19 -38.26 -82.41
C GLU H 66 1.40 -36.80 -82.77
N ASP H 67 2.59 -36.29 -82.45
CA ASP H 67 2.95 -34.89 -82.68
C ASP H 67 1.99 -33.92 -82.01
N SER H 74 3.73 -23.08 -77.64
CA SER H 74 3.92 -22.02 -76.67
C SER H 74 4.80 -22.47 -75.51
N ALA H 75 4.19 -23.17 -74.55
CA ALA H 75 4.88 -23.62 -73.34
C ALA H 75 5.55 -22.44 -72.62
N THR H 76 4.71 -21.57 -72.06
CA THR H 76 5.17 -20.40 -71.30
C THR H 76 5.28 -20.75 -69.82
N ARG H 77 5.15 -22.04 -69.53
CA ARG H 77 5.18 -22.66 -68.20
C ARG H 77 3.80 -22.61 -67.59
N SER H 78 2.88 -21.91 -68.24
CA SER H 78 1.49 -21.93 -67.82
C SER H 78 0.69 -22.80 -68.78
N TRP H 79 -0.10 -23.71 -68.21
CA TRP H 79 -0.80 -24.69 -69.02
C TRP H 79 -1.74 -24.04 -70.01
N ARG H 80 -1.86 -24.66 -71.17
CA ARG H 80 -2.63 -24.16 -72.29
C ARG H 80 -3.64 -25.22 -72.70
N PRO H 81 -4.87 -24.84 -73.08
CA PRO H 81 -5.74 -25.81 -73.72
C PRO H 81 -5.26 -26.13 -75.12
N PRO H 82 -5.20 -27.38 -75.48
CA PRO H 82 -4.79 -27.75 -76.84
C PRO H 82 -5.80 -27.34 -77.88
N GLN H 83 -5.86 -26.03 -78.17
CA GLN H 83 -6.72 -25.47 -79.19
C GLN H 83 -8.18 -25.84 -79.01
N ALA H 84 -8.86 -26.06 -80.14
CA ALA H 84 -10.28 -26.40 -80.19
C ALA H 84 -10.53 -27.60 -81.09
N GLY H 85 -10.21 -27.44 -82.37
CA GLY H 85 -10.14 -28.55 -83.31
C GLY H 85 -8.79 -29.20 -83.10
N ASP H 86 -8.14 -29.67 -84.16
CA ASP H 86 -6.84 -30.30 -83.98
C ASP H 86 -7.01 -31.51 -83.08
N ARG H 87 -7.58 -32.58 -83.64
CA ARG H 87 -8.20 -33.64 -82.86
C ARG H 87 -7.21 -34.26 -81.87
N SER H 88 -7.76 -34.81 -80.81
CA SER H 88 -6.97 -35.43 -79.75
C SER H 88 -7.65 -36.71 -79.32
N LEU H 89 -6.86 -37.64 -78.79
CA LEU H 89 -7.46 -38.71 -78.02
C LEU H 89 -8.15 -38.10 -76.81
N ALA H 90 -9.09 -38.85 -76.24
CA ALA H 90 -10.07 -38.35 -75.28
C ALA H 90 -11.02 -37.35 -75.92
N ASP H 91 -11.10 -37.38 -77.25
CA ASP H 91 -12.33 -37.00 -77.92
C ASP H 91 -13.32 -38.14 -77.95
N ASP H 92 -12.83 -39.36 -78.19
CA ASP H 92 -13.66 -40.54 -78.18
C ASP H 92 -14.29 -40.80 -76.82
N TYR H 93 -13.49 -40.83 -75.76
CA TYR H 93 -14.04 -41.05 -74.44
C TYR H 93 -14.74 -39.79 -73.94
N ASP H 94 -15.32 -39.85 -72.75
CA ASP H 94 -16.27 -38.84 -72.30
C ASP H 94 -15.67 -37.88 -71.28
N TYR H 95 -15.26 -38.42 -70.14
CA TYR H 95 -14.90 -37.60 -69.00
C TYR H 95 -13.49 -37.91 -68.54
N VAL H 96 -12.63 -36.90 -68.54
CA VAL H 96 -11.20 -37.09 -68.27
C VAL H 96 -10.90 -36.69 -66.83
N MET H 97 -9.62 -36.73 -66.50
CA MET H 97 -9.06 -36.19 -65.27
C MET H 97 -7.66 -35.70 -65.59
N TYR H 98 -6.92 -35.32 -64.55
CA TYR H 98 -5.48 -35.18 -64.67
C TYR H 98 -4.91 -35.39 -63.28
N GLY H 99 -3.67 -35.82 -63.22
CA GLY H 99 -3.08 -36.00 -61.92
C GLY H 99 -1.84 -36.87 -61.91
N THR H 100 -1.53 -37.43 -60.75
CA THR H 100 -0.24 -38.02 -60.51
C THR H 100 -0.37 -39.28 -59.68
N ALA H 101 0.48 -40.25 -60.02
CA ALA H 101 0.75 -41.37 -59.14
C ALA H 101 1.69 -40.89 -58.05
N TYR H 102 1.42 -41.28 -56.82
CA TYR H 102 2.31 -40.88 -55.76
C TYR H 102 2.76 -42.11 -54.99
N LYS H 103 1.81 -42.85 -54.43
CA LYS H 103 2.14 -43.97 -53.55
C LYS H 103 1.81 -45.27 -54.27
N PHE H 104 2.74 -46.21 -54.25
CA PHE H 104 2.51 -47.59 -54.67
C PHE H 104 2.69 -48.47 -53.44
N GLU H 105 2.17 -49.68 -53.51
CA GLU H 105 2.46 -50.72 -52.56
C GLU H 105 1.83 -52.01 -53.01
N GLU H 106 1.96 -53.06 -52.21
CA GLU H 106 1.46 -54.37 -52.59
C GLU H 106 0.46 -54.94 -51.60
N VAL H 107 -0.27 -55.96 -52.05
CA VAL H 107 -1.17 -56.72 -51.20
C VAL H 107 -0.79 -58.18 -51.37
N SER H 108 -0.45 -58.84 -50.26
CA SER H 108 -0.01 -60.23 -50.27
C SER H 108 1.08 -60.42 -51.31
N LYS H 109 0.96 -61.48 -52.10
CA LYS H 109 1.79 -61.62 -53.29
C LYS H 109 1.06 -60.91 -54.42
N ASP H 110 1.84 -60.23 -55.25
CA ASP H 110 1.44 -59.75 -56.58
C ASP H 110 0.03 -59.18 -56.65
N LEU H 111 -0.34 -58.37 -55.66
CA LEU H 111 -1.51 -57.48 -55.77
C LEU H 111 -1.02 -56.06 -55.46
N ILE H 112 -1.03 -55.20 -56.47
CA ILE H 112 -0.34 -53.92 -56.38
C ILE H 112 -1.34 -52.78 -56.36
N ALA H 113 -1.47 -52.13 -55.21
CA ALA H 113 -2.35 -50.98 -55.06
C ALA H 113 -1.62 -49.74 -55.59
N VAL H 114 -2.32 -48.96 -56.40
CA VAL H 114 -1.80 -47.77 -57.04
C VAL H 114 -2.75 -46.62 -56.74
N TYR H 115 -2.20 -45.51 -56.24
CA TYR H 115 -2.97 -44.37 -55.82
C TYR H 115 -2.66 -43.15 -56.67
N TYR H 116 -3.59 -42.77 -57.52
CA TYR H 116 -3.55 -41.47 -58.19
C TYR H 116 -4.27 -40.45 -57.32
N SER H 117 -3.77 -39.23 -57.31
CA SER H 117 -4.44 -38.12 -56.64
C SER H 117 -4.55 -36.98 -57.63
N PHE H 118 -5.78 -36.55 -57.90
CA PHE H 118 -6.09 -35.57 -58.94
C PHE H 118 -6.20 -34.16 -58.38
N GLY H 119 -5.70 -33.94 -57.18
CA GLY H 119 -6.01 -32.72 -56.49
C GLY H 119 -7.31 -32.82 -55.75
N GLY H 120 -7.42 -33.86 -54.94
CA GLY H 120 -8.53 -34.04 -54.04
C GLY H 120 -9.43 -35.20 -54.41
N LEU H 121 -9.22 -35.80 -55.56
CA LEU H 121 -9.99 -36.97 -55.95
C LEU H 121 -9.05 -38.18 -55.90
N LEU H 122 -9.25 -39.05 -54.93
CA LEU H 122 -8.40 -40.22 -54.84
C LEU H 122 -8.82 -41.25 -55.87
N MET H 123 -7.83 -42.01 -56.33
CA MET H 123 -8.08 -43.15 -57.21
C MET H 123 -7.21 -44.30 -56.74
N ARG H 124 -7.83 -45.39 -56.34
CA ARG H 124 -7.12 -46.63 -56.02
C ARG H 124 -7.45 -47.66 -57.08
N LEU H 125 -6.42 -48.32 -57.60
CA LEU H 125 -6.74 -49.56 -58.28
C LEU H 125 -5.61 -50.53 -58.01
N GLU H 126 -5.98 -51.79 -57.82
CA GLU H 126 -5.03 -52.83 -57.47
C GLU H 126 -5.13 -53.97 -58.46
N GLY H 127 -4.10 -54.78 -58.55
CA GLY H 127 -4.07 -55.88 -59.48
C GLY H 127 -2.72 -56.55 -59.44
N ASN H 128 -2.54 -57.55 -60.28
CA ASN H 128 -1.26 -58.25 -60.28
C ASN H 128 -0.23 -57.53 -61.14
N TYR H 129 -0.32 -57.63 -62.46
CA TYR H 129 0.56 -56.83 -63.30
C TYR H 129 -0.26 -55.91 -64.19
N ARG H 130 -0.35 -54.65 -63.76
CA ARG H 130 -0.67 -53.53 -64.61
C ARG H 130 0.57 -52.75 -64.98
N ASN H 131 1.72 -53.10 -64.40
CA ASN H 131 2.82 -52.18 -64.22
C ASN H 131 3.56 -51.88 -65.51
N LEU H 132 3.63 -52.85 -66.41
CA LEU H 132 4.54 -52.78 -67.54
C LEU H 132 4.42 -51.47 -68.32
N ASN H 133 3.27 -50.81 -68.24
CA ASN H 133 3.19 -49.45 -68.74
C ASN H 133 3.28 -48.37 -67.67
N ASN H 134 3.33 -48.70 -66.40
CA ASN H 134 3.09 -47.74 -65.33
C ASN H 134 4.37 -47.42 -64.58
N LEU H 135 4.58 -46.14 -64.28
CA LEU H 135 5.65 -45.70 -63.41
C LEU H 135 5.11 -44.63 -62.48
N LYS H 136 5.79 -44.42 -61.35
CA LYS H 136 5.43 -43.33 -60.44
C LYS H 136 5.76 -42.04 -61.18
N GLN H 137 4.73 -41.25 -61.44
CA GLN H 137 4.81 -40.19 -62.43
C GLN H 137 3.80 -39.10 -62.10
N GLU H 138 4.14 -37.86 -62.45
CA GLU H 138 3.22 -36.75 -62.24
C GLU H 138 2.26 -36.59 -63.40
N ASN H 139 2.38 -37.44 -64.42
CA ASN H 139 1.54 -37.34 -65.60
C ASN H 139 0.65 -38.57 -65.69
N ALA H 140 -0.65 -38.34 -65.74
CA ALA H 140 -1.61 -39.37 -66.06
C ALA H 140 -2.88 -38.68 -66.50
N TYR H 141 -3.72 -39.41 -67.23
CA TYR H 141 -5.06 -38.92 -67.49
C TYR H 141 -6.01 -40.06 -67.17
N LEU H 142 -6.78 -39.94 -66.10
CA LEU H 142 -7.85 -40.89 -65.89
C LEU H 142 -8.93 -40.54 -66.89
N LEU H 143 -9.30 -41.49 -67.74
CA LEU H 143 -10.05 -41.18 -68.94
C LEU H 143 -11.20 -42.17 -69.08
N ILE H 144 -12.42 -41.65 -69.00
CA ILE H 144 -13.59 -42.43 -68.65
C ILE H 144 -14.71 -42.15 -69.63
N ARG H 145 -15.57 -43.15 -69.86
CA ARG H 145 -16.83 -42.96 -70.56
C ARG H 145 -17.86 -43.95 -70.03
N ARG H 146 -19.14 -43.63 -70.19
CA ARG H 146 -20.18 -44.62 -69.97
C ARG H 146 -20.29 -45.51 -71.20
N MET I 1 -17.58 -43.86 36.41
CA MET I 1 -18.67 -44.68 35.89
C MET I 1 -19.77 -43.81 35.28
N LEU I 2 -19.75 -42.52 35.62
CA LEU I 2 -20.71 -41.56 35.07
C LEU I 2 -22.13 -42.03 35.39
N SER I 3 -22.54 -41.90 36.64
CA SER I 3 -23.82 -42.43 37.08
C SER I 3 -24.47 -41.44 38.05
N PHE I 4 -25.56 -41.88 38.67
CA PHE I 4 -26.46 -40.99 39.39
C PHE I 4 -25.99 -40.74 40.81
N CYS I 5 -26.03 -39.48 41.21
CA CYS I 5 -26.07 -39.10 42.63
C CYS I 5 -27.53 -39.13 43.04
N PRO I 6 -27.95 -40.04 43.90
CA PRO I 6 -29.28 -39.92 44.50
C PRO I 6 -29.30 -38.67 45.36
N SER I 7 -30.48 -38.34 45.89
CA SER I 7 -30.52 -37.23 46.84
C SER I 7 -29.84 -36.01 46.20
N CYS I 8 -28.60 -35.77 46.63
CA CYS I 8 -27.80 -34.64 46.19
C CYS I 8 -27.94 -34.38 44.69
N ASN I 9 -27.91 -35.46 43.88
CA ASN I 9 -28.12 -35.36 42.45
C ASN I 9 -27.19 -34.32 41.86
N ASN I 10 -25.89 -34.58 41.92
CA ASN I 10 -24.91 -33.65 41.41
C ASN I 10 -23.94 -34.30 40.44
N MET I 11 -23.04 -35.10 40.98
CA MET I 11 -22.00 -35.76 40.20
C MET I 11 -21.47 -36.94 41.01
N LEU I 12 -20.88 -37.90 40.35
CA LEU I 12 -20.20 -38.98 41.06
C LEU I 12 -18.72 -39.00 40.70
N LEU I 13 -17.94 -39.62 41.57
CA LEU I 13 -16.57 -39.96 41.28
C LEU I 13 -16.17 -41.11 42.17
N ILE I 14 -15.14 -41.84 41.76
CA ILE I 14 -14.56 -42.87 42.61
C ILE I 14 -13.67 -42.16 43.61
N THR I 15 -13.99 -42.28 44.89
CA THR I 15 -13.16 -41.71 45.93
C THR I 15 -12.41 -42.82 46.62
N SER I 16 -11.13 -42.59 46.90
CA SER I 16 -10.34 -43.58 47.63
C SER I 16 -10.85 -43.61 49.06
N GLY I 17 -11.30 -44.78 49.50
CA GLY I 17 -11.86 -44.91 50.82
C GLY I 17 -10.78 -45.14 51.86
N ASP I 18 -11.11 -44.77 53.09
CA ASP I 18 -10.25 -45.09 54.22
C ASP I 18 -10.23 -46.60 54.41
N SER I 19 -9.09 -47.09 54.92
CA SER I 19 -8.82 -48.53 54.97
C SER I 19 -8.90 -49.14 53.57
N GLY I 20 -8.48 -48.37 52.57
CA GLY I 20 -8.54 -48.81 51.19
C GLY I 20 -9.96 -48.93 50.67
N VAL I 21 -10.30 -50.10 50.13
CA VAL I 21 -11.67 -50.46 49.78
C VAL I 21 -12.15 -49.65 48.58
N TYR I 22 -11.40 -48.61 48.19
CA TYR I 22 -11.87 -47.72 47.14
C TYR I 22 -13.25 -47.19 47.47
N THR I 23 -14.25 -47.75 46.78
CA THR I 23 -15.66 -47.39 46.66
C THR I 23 -15.82 -45.97 46.15
N LEU I 24 -16.88 -45.30 46.55
CA LEU I 24 -17.15 -43.97 46.01
C LEU I 24 -18.11 -43.26 46.95
N ALA I 25 -18.11 -41.94 46.87
CA ALA I 25 -19.14 -41.15 47.51
C ALA I 25 -19.61 -40.12 46.51
N CYS I 26 -20.50 -39.25 46.91
CA CYS I 26 -20.90 -38.14 46.06
C CYS I 26 -20.09 -36.92 46.47
N ARG I 27 -19.29 -36.42 45.54
CA ARG I 27 -18.38 -35.32 45.84
C ARG I 27 -19.16 -34.10 46.29
N SER I 28 -18.81 -33.59 47.46
CA SER I 28 -19.32 -32.31 47.96
C SER I 28 -20.84 -32.32 48.12
N CYS I 29 -21.37 -33.45 48.53
CA CYS I 29 -22.73 -33.59 49.06
C CYS I 29 -22.94 -35.02 49.49
N PRO I 30 -23.50 -35.23 50.67
CA PRO I 30 -23.37 -36.54 51.33
C PRO I 30 -24.13 -37.67 50.68
N TYR I 31 -23.41 -38.77 50.50
CA TYR I 31 -23.93 -40.08 50.15
C TYR I 31 -22.71 -40.99 50.00
N GLU I 32 -22.88 -42.29 50.10
CA GLU I 32 -21.75 -43.19 50.08
C GLU I 32 -22.07 -44.37 49.18
N PHE I 33 -21.14 -45.33 49.12
CA PHE I 33 -21.38 -46.51 48.33
C PHE I 33 -20.91 -47.72 49.12
N PRO I 34 -21.69 -48.81 49.13
CA PRO I 34 -21.37 -49.98 49.94
C PRO I 34 -20.21 -50.82 49.44
N ILE I 35 -19.76 -50.61 48.21
CA ILE I 35 -19.04 -51.59 47.37
C ILE I 35 -19.76 -52.93 47.43
N GLU I 36 -18.99 -54.01 47.43
CA GLU I 36 -19.53 -55.36 47.27
C GLU I 36 -20.43 -55.44 46.03
N GLY I 37 -20.17 -54.56 45.07
CA GLY I 37 -21.06 -54.39 43.94
C GLY I 37 -20.50 -54.87 42.62
N ILE I 38 -21.16 -54.48 41.53
CA ILE I 38 -20.76 -54.83 40.18
C ILE I 38 -21.01 -53.65 39.26
N GLU I 39 -20.07 -53.42 38.35
CA GLU I 39 -20.26 -52.48 37.26
C GLU I 39 -20.12 -53.25 35.95
N ILE I 40 -21.17 -53.25 35.14
CA ILE I 40 -21.20 -53.95 33.87
C ILE I 40 -21.60 -52.97 32.77
N TYR I 41 -20.69 -52.76 31.82
CA TYR I 41 -20.96 -51.87 30.70
C TYR I 41 -20.05 -52.25 29.54
N ASP I 42 -20.42 -51.81 28.35
CA ASP I 42 -19.64 -52.13 27.16
C ASP I 42 -19.25 -50.85 26.40
N MET J 1 -34.30 11.43 -30.66
CA MET J 1 -34.97 12.69 -30.94
C MET J 1 -35.93 12.54 -32.10
N ILE J 2 -35.85 13.44 -33.05
CA ILE J 2 -36.81 13.53 -34.13
C ILE J 2 -36.56 12.38 -35.11
N VAL J 3 -37.61 11.97 -35.81
CA VAL J 3 -37.47 10.93 -36.83
C VAL J 3 -36.32 11.29 -37.77
N PRO J 4 -35.34 10.42 -37.96
CA PRO J 4 -34.28 10.71 -38.93
C PRO J 4 -34.86 10.85 -40.33
N VAL J 5 -34.10 11.51 -41.20
CA VAL J 5 -34.64 11.88 -42.50
C VAL J 5 -34.29 10.90 -43.61
N ARG J 6 -33.51 9.87 -43.33
CA ARG J 6 -33.37 8.71 -44.22
C ARG J 6 -33.29 7.45 -43.37
N CYS J 7 -33.15 6.30 -44.03
CA CYS J 7 -32.84 5.07 -43.32
C CYS J 7 -31.45 5.15 -42.75
N PHE J 8 -31.05 4.10 -42.06
CA PHE J 8 -29.63 3.88 -41.79
C PHE J 8 -29.00 2.98 -42.82
N SER J 9 -29.84 2.38 -43.66
CA SER J 9 -29.39 1.53 -44.75
C SER J 9 -29.94 1.88 -46.13
N CYS J 10 -31.21 1.54 -46.35
CA CYS J 10 -31.83 1.73 -47.66
C CYS J 10 -31.82 3.14 -48.27
N GLY J 11 -31.78 4.12 -47.38
CA GLY J 11 -31.73 5.50 -47.83
C GLY J 11 -32.98 6.03 -48.46
N LYS J 12 -34.12 5.81 -47.82
CA LYS J 12 -35.35 6.39 -48.33
C LYS J 12 -35.78 7.54 -47.44
N VAL J 13 -36.30 8.59 -48.06
CA VAL J 13 -36.75 9.74 -47.31
C VAL J 13 -37.84 9.31 -46.34
N VAL J 14 -37.72 9.75 -45.08
CA VAL J 14 -38.54 9.25 -44.00
C VAL J 14 -39.26 10.37 -43.26
N GLY J 15 -38.53 11.34 -42.73
CA GLY J 15 -39.08 12.30 -41.78
C GLY J 15 -40.45 12.83 -42.15
N ASP J 16 -40.71 13.08 -43.43
CA ASP J 16 -42.07 13.38 -43.81
C ASP J 16 -43.05 12.28 -43.43
N LYS J 17 -42.69 11.04 -43.69
CA LYS J 17 -43.61 9.92 -43.54
C LYS J 17 -43.92 9.62 -42.09
N TRP J 18 -43.29 10.34 -41.17
CA TRP J 18 -43.65 10.31 -39.75
C TRP J 18 -44.95 11.03 -39.44
N GLU J 19 -45.00 12.34 -39.67
CA GLU J 19 -46.19 13.11 -39.29
C GLU J 19 -47.43 12.53 -39.93
N SER J 20 -47.38 12.23 -41.23
CA SER J 20 -48.53 11.59 -41.87
C SER J 20 -48.84 10.24 -41.24
N TYR J 21 -47.81 9.51 -40.82
CA TYR J 21 -48.06 8.28 -40.06
C TYR J 21 -48.84 8.57 -38.80
N LEU J 22 -48.24 9.30 -37.85
CA LEU J 22 -48.86 9.46 -36.55
C LEU J 22 -50.25 10.07 -36.65
N ASN J 23 -50.42 11.06 -37.53
CA ASN J 23 -51.77 11.54 -37.84
C ASN J 23 -52.66 10.42 -38.33
N LEU J 24 -52.14 9.55 -39.19
CA LEU J 24 -52.95 8.47 -39.73
C LEU J 24 -53.32 7.46 -38.67
N LEU J 25 -52.53 7.32 -37.61
CA LEU J 25 -52.88 6.37 -36.56
C LEU J 25 -53.87 6.99 -35.57
N GLN J 26 -53.63 8.24 -35.15
CA GLN J 26 -54.48 8.88 -34.16
C GLN J 26 -55.93 8.88 -34.63
N GLU J 27 -56.22 9.68 -35.65
CA GLU J 27 -57.46 9.51 -36.39
C GLU J 27 -57.44 8.16 -37.08
N ASP J 28 -58.63 7.62 -37.38
CA ASP J 28 -58.73 6.35 -38.07
C ASP J 28 -58.04 5.25 -37.27
N GLU J 29 -58.65 4.83 -36.17
CA GLU J 29 -58.07 3.77 -35.36
C GLU J 29 -57.82 2.54 -36.23
N LEU J 30 -56.57 2.11 -36.24
CA LEU J 30 -56.10 1.15 -37.23
C LEU J 30 -54.85 0.48 -36.69
N ASP J 31 -54.46 -0.65 -37.29
CA ASP J 31 -53.33 -1.37 -36.75
C ASP J 31 -52.04 -0.61 -36.99
N GLU J 32 -50.95 -1.15 -36.44
CA GLU J 32 -49.62 -0.64 -36.74
C GLU J 32 -49.31 -0.79 -38.22
N GLY J 33 -49.14 -2.04 -38.66
CA GLY J 33 -48.53 -2.28 -39.96
C GLY J 33 -49.31 -1.73 -41.12
N THR J 34 -50.57 -2.14 -41.26
CA THR J 34 -51.36 -1.75 -42.43
C THR J 34 -51.38 -0.25 -42.64
N ALA J 35 -51.23 0.54 -41.57
CA ALA J 35 -50.90 1.95 -41.77
C ALA J 35 -49.64 2.13 -42.59
N LEU J 36 -48.51 1.67 -42.07
CA LEU J 36 -47.23 1.78 -42.73
C LEU J 36 -47.25 1.26 -44.17
N SER J 37 -47.57 -0.02 -44.37
CA SER J 37 -47.49 -0.62 -45.70
C SER J 37 -48.23 0.22 -46.73
N ARG J 38 -49.36 0.83 -46.36
CA ARG J 38 -50.03 1.69 -47.33
C ARG J 38 -49.53 3.11 -47.25
N LEU J 39 -48.59 3.39 -46.35
CA LEU J 39 -47.97 4.70 -46.34
C LEU J 39 -46.78 4.74 -47.29
N GLY J 40 -46.40 3.60 -47.86
CA GLY J 40 -45.37 3.57 -48.87
C GLY J 40 -44.03 2.98 -48.47
N LEU J 41 -43.94 2.37 -47.29
CA LEU J 41 -42.73 1.67 -46.89
C LEU J 41 -42.98 0.18 -47.04
N LYS J 42 -42.42 -0.41 -48.09
CA LYS J 42 -42.63 -1.84 -48.36
C LYS J 42 -41.40 -2.57 -47.88
N ARG J 43 -40.30 -1.86 -47.68
CA ARG J 43 -39.05 -2.47 -47.24
C ARG J 43 -39.16 -2.42 -45.72
N TYR J 44 -38.30 -3.16 -45.04
CA TYR J 44 -38.19 -3.11 -43.59
C TYR J 44 -37.06 -2.21 -42.97
N CYS J 45 -36.04 -2.02 -43.81
CA CYS J 45 -34.96 -1.11 -43.50
C CYS J 45 -35.72 0.18 -43.29
N CYS J 46 -36.49 0.59 -44.30
CA CYS J 46 -37.28 1.80 -44.22
C CYS J 46 -38.21 1.80 -43.02
N ARG J 47 -38.80 0.66 -42.70
CA ARG J 47 -39.98 0.63 -41.85
C ARG J 47 -39.67 0.76 -40.37
N ARG J 48 -38.60 0.11 -39.89
CA ARG J 48 -38.33 0.08 -38.46
C ARG J 48 -38.40 1.47 -37.85
N MET J 49 -37.81 2.47 -38.52
CA MET J 49 -37.72 3.79 -37.92
C MET J 49 -39.09 4.33 -37.54
N ILE J 50 -39.95 4.55 -38.52
CA ILE J 50 -41.31 4.94 -38.22
C ILE J 50 -41.93 4.02 -37.19
N LEU J 51 -41.59 2.73 -37.21
CA LEU J 51 -42.18 1.82 -36.23
C LEU J 51 -41.46 1.90 -34.89
N THR J 52 -40.14 1.96 -34.92
CA THR J 52 -39.32 2.14 -33.74
C THR J 52 -39.28 3.65 -33.49
N HIS J 53 -38.25 4.14 -32.80
CA HIS J 53 -38.08 5.57 -32.64
C HIS J 53 -39.17 6.23 -31.83
N VAL J 54 -39.08 6.05 -30.51
CA VAL J 54 -39.74 6.96 -29.60
C VAL J 54 -39.42 8.39 -30.01
N ASP J 55 -40.42 9.26 -29.91
CA ASP J 55 -40.21 10.66 -30.19
C ASP J 55 -40.07 11.35 -28.84
N LEU J 56 -38.83 11.69 -28.50
CA LEU J 56 -38.55 12.37 -27.25
C LEU J 56 -38.77 13.85 -27.32
N ILE J 57 -38.52 14.46 -28.49
CA ILE J 57 -38.28 15.90 -28.54
C ILE J 57 -39.38 16.66 -27.82
N GLU J 58 -40.59 16.12 -27.79
CA GLU J 58 -41.64 16.73 -26.99
C GLU J 58 -41.33 16.60 -25.50
N LYS J 59 -40.98 15.40 -25.03
CA LYS J 59 -40.65 15.25 -23.62
C LYS J 59 -39.44 16.07 -23.23
N PHE J 60 -38.63 16.51 -24.19
CA PHE J 60 -37.64 17.55 -23.89
C PHE J 60 -38.28 18.92 -23.80
N LEU J 61 -39.10 19.28 -24.79
CA LEU J 61 -39.61 20.64 -24.89
C LEU J 61 -40.41 21.06 -23.67
N ARG J 62 -40.77 20.14 -22.78
CA ARG J 62 -41.27 20.55 -21.48
C ARG J 62 -40.37 21.59 -20.85
N TYR J 63 -39.05 21.40 -20.92
CA TYR J 63 -38.14 22.25 -20.18
C TYR J 63 -37.50 23.26 -21.14
N ASN J 64 -37.87 24.44 -21.03
CA ASN J 64 -37.09 25.30 -21.92
C ASN J 64 -36.83 26.64 -21.24
N PRO J 65 -35.66 27.23 -21.49
CA PRO J 65 -35.34 28.51 -20.84
C PRO J 65 -36.37 29.58 -21.10
N LEU J 66 -36.90 29.67 -22.32
CA LEU J 66 -37.81 30.76 -22.64
C LEU J 66 -39.13 30.64 -21.89
N GLU J 67 -39.81 29.50 -22.00
CA GLU J 67 -41.09 29.27 -21.34
C GLU J 67 -42.15 30.27 -21.79
N PRO K 42 -2.03 15.57 -69.93
CA PRO K 42 -1.50 14.21 -69.90
C PRO K 42 -1.25 13.66 -68.50
N ASP K 43 -2.31 13.21 -67.84
CA ASP K 43 -2.17 12.62 -66.52
C ASP K 43 -1.19 11.46 -66.40
N ARG K 44 -0.16 11.64 -65.58
CA ARG K 44 0.93 10.66 -65.51
C ARG K 44 0.71 9.72 -64.35
N GLU K 45 -0.27 9.98 -63.47
CA GLU K 45 -0.62 8.90 -62.56
C GLU K 45 -2.03 8.41 -62.81
N LYS K 46 -2.14 7.32 -63.56
CA LYS K 46 -3.29 6.43 -63.56
C LYS K 46 -2.78 5.00 -63.62
N ILE K 47 -2.16 4.66 -64.74
CA ILE K 47 -1.61 3.34 -64.95
C ILE K 47 -0.10 3.42 -64.86
N LYS K 48 0.47 2.85 -63.81
CA LYS K 48 1.92 2.76 -63.68
C LYS K 48 2.33 1.31 -63.73
N LEU K 49 2.98 0.90 -64.81
CA LEU K 49 3.41 -0.48 -64.95
C LEU K 49 4.37 -0.80 -63.81
N LEU K 50 4.07 -1.84 -63.06
CA LEU K 50 4.96 -2.21 -61.97
C LEU K 50 6.19 -2.90 -62.52
N THR K 51 7.36 -2.33 -62.23
CA THR K 51 8.58 -2.90 -62.75
C THR K 51 8.97 -4.16 -61.98
N GLN K 52 8.35 -4.37 -60.82
CA GLN K 52 8.57 -5.60 -60.08
C GLN K 52 8.08 -6.80 -60.79
N ALA K 53 6.81 -6.82 -61.18
CA ALA K 53 6.19 -8.05 -61.64
C ALA K 53 6.26 -8.29 -63.14
N THR K 54 6.67 -7.33 -63.96
CA THR K 54 6.85 -7.64 -65.37
C THR K 54 8.00 -8.62 -65.53
N SER K 55 8.03 -9.31 -66.66
CA SER K 55 9.15 -10.20 -66.90
C SER K 55 9.89 -9.85 -68.17
N GLU K 56 9.38 -10.29 -69.31
CA GLU K 56 10.04 -10.09 -70.59
C GLU K 56 8.95 -9.94 -71.66
N ASP K 57 9.12 -8.96 -72.55
CA ASP K 57 8.30 -8.81 -73.74
C ASP K 57 6.82 -9.06 -73.44
N GLY K 58 6.19 -8.17 -72.71
CA GLY K 58 4.81 -8.42 -72.38
C GLY K 58 4.69 -9.64 -71.49
N THR K 59 3.97 -10.66 -71.96
CA THR K 59 3.71 -11.83 -71.16
C THR K 59 3.02 -11.34 -69.89
N SER K 60 3.65 -11.45 -68.74
CA SER K 60 3.03 -11.00 -67.50
C SER K 60 3.05 -9.48 -67.44
N ALA K 61 2.40 -8.94 -66.42
CA ALA K 61 2.46 -7.53 -66.05
C ALA K 61 1.51 -7.27 -64.90
N SER K 62 1.77 -6.22 -64.15
CA SER K 62 0.93 -5.79 -63.04
C SER K 62 0.76 -4.29 -63.10
N PHE K 63 -0.46 -3.84 -63.30
CA PHE K 63 -0.74 -2.43 -63.42
C PHE K 63 -1.44 -1.98 -62.15
N GLN K 64 -0.95 -0.91 -61.55
CA GLN K 64 -1.69 -0.33 -60.44
C GLN K 64 -2.43 0.90 -60.95
N ILE K 65 -3.72 0.91 -60.68
CA ILE K 65 -4.62 1.95 -61.16
C ILE K 65 -5.04 2.74 -59.93
N VAL K 66 -4.97 4.07 -60.02
CA VAL K 66 -5.15 4.91 -58.85
C VAL K 66 -6.45 5.69 -58.98
N GLU K 67 -7.04 6.04 -57.83
CA GLU K 67 -8.37 6.64 -57.76
C GLU K 67 -9.36 5.78 -58.55
N GLU K 68 -9.58 4.59 -58.01
CA GLU K 68 -10.36 3.58 -58.70
C GLU K 68 -10.81 2.58 -57.66
N ASP K 69 -11.59 1.59 -58.07
CA ASP K 69 -12.20 0.67 -57.12
C ASP K 69 -12.79 -0.51 -57.88
N HIS K 70 -13.45 -1.41 -57.17
CA HIS K 70 -14.12 -2.55 -57.77
C HIS K 70 -15.08 -2.16 -58.88
N THR K 71 -15.72 -1.00 -58.78
CA THR K 71 -16.72 -0.62 -59.78
C THR K 71 -16.18 -0.80 -61.18
N LEU K 72 -14.89 -0.55 -61.38
CA LEU K 72 -14.24 -0.87 -62.62
C LEU K 72 -13.75 -2.30 -62.68
N GLY K 73 -12.83 -2.68 -61.78
CA GLY K 73 -12.12 -3.93 -61.92
C GLY K 73 -13.01 -5.11 -62.20
N ASN K 74 -14.09 -5.28 -61.43
CA ASN K 74 -14.97 -6.43 -61.64
C ASN K 74 -15.65 -6.38 -62.98
N ALA K 75 -15.58 -5.25 -63.67
CA ALA K 75 -15.97 -5.21 -65.06
C ALA K 75 -14.81 -5.49 -65.97
N LEU K 76 -13.77 -4.68 -65.90
CA LEU K 76 -12.63 -4.81 -66.79
C LEU K 76 -12.13 -6.23 -66.86
N ARG K 77 -12.01 -6.92 -65.73
CA ARG K 77 -11.58 -8.31 -65.78
C ARG K 77 -12.53 -9.17 -66.58
N TYR K 78 -13.83 -8.89 -66.54
CA TYR K 78 -14.74 -9.71 -67.31
C TYR K 78 -14.53 -9.55 -68.80
N VAL K 79 -14.17 -8.35 -69.25
CA VAL K 79 -13.86 -8.21 -70.66
C VAL K 79 -12.54 -8.87 -70.97
N ILE K 80 -11.52 -8.58 -70.19
CA ILE K 80 -10.20 -9.16 -70.42
C ILE K 80 -10.24 -10.68 -70.51
N MET K 81 -10.94 -11.34 -69.59
CA MET K 81 -10.84 -12.79 -69.52
C MET K 81 -11.31 -13.44 -70.81
N LYS K 82 -12.20 -12.79 -71.55
CA LYS K 82 -12.64 -13.42 -72.79
C LYS K 82 -11.84 -12.97 -73.99
N ASN K 83 -10.86 -12.13 -73.81
CA ASN K 83 -9.92 -11.87 -74.88
C ASN K 83 -9.14 -13.16 -75.14
N PRO K 84 -9.23 -13.75 -76.35
CA PRO K 84 -8.86 -15.16 -76.53
C PRO K 84 -7.52 -15.53 -75.92
N ASP K 85 -6.52 -14.69 -76.08
CA ASP K 85 -5.17 -14.98 -75.60
C ASP K 85 -5.10 -14.95 -74.09
N VAL K 86 -5.72 -13.97 -73.46
CA VAL K 86 -5.47 -13.69 -72.06
C VAL K 86 -5.66 -14.93 -71.21
N GLU K 87 -4.81 -15.07 -70.21
CA GLU K 87 -4.83 -16.21 -69.29
C GLU K 87 -5.13 -15.82 -67.86
N PHE K 88 -4.24 -15.12 -67.19
CA PHE K 88 -4.41 -14.76 -65.79
C PHE K 88 -4.71 -13.27 -65.73
N CYS K 89 -5.94 -12.89 -65.47
CA CYS K 89 -6.29 -11.48 -65.36
C CYS K 89 -7.18 -11.30 -64.15
N GLY K 90 -6.69 -10.59 -63.15
CA GLY K 90 -7.44 -10.48 -61.92
C GLY K 90 -6.90 -9.37 -61.05
N TYR K 91 -7.73 -8.86 -60.14
CA TYR K 91 -7.38 -7.61 -59.49
C TYR K 91 -7.63 -7.73 -58.00
N SER K 92 -6.93 -6.90 -57.25
CA SER K 92 -7.16 -6.79 -55.82
C SER K 92 -6.86 -5.38 -55.35
N ILE K 93 -7.57 -4.93 -54.33
CA ILE K 93 -7.32 -3.63 -53.72
C ILE K 93 -6.37 -3.82 -52.55
N PRO K 94 -5.12 -3.35 -52.64
CA PRO K 94 -4.13 -3.77 -51.65
C PRO K 94 -4.51 -3.45 -50.23
N HIS K 95 -4.90 -2.22 -49.96
CA HIS K 95 -5.37 -1.97 -48.61
C HIS K 95 -6.58 -1.06 -48.73
N PRO K 96 -7.66 -1.33 -48.02
CA PRO K 96 -8.90 -0.60 -48.28
C PRO K 96 -8.80 0.89 -48.01
N SER K 97 -8.20 1.28 -46.88
CA SER K 97 -8.13 2.71 -46.58
C SER K 97 -7.25 3.44 -47.57
N GLU K 98 -6.19 2.81 -48.04
CA GLU K 98 -5.43 3.28 -49.17
C GLU K 98 -6.29 3.13 -50.43
N ASN K 99 -6.08 4.00 -51.41
CA ASN K 99 -6.86 3.90 -52.65
C ASN K 99 -5.95 3.56 -53.83
N LEU K 100 -6.01 2.30 -54.24
CA LEU K 100 -5.27 1.78 -55.37
C LEU K 100 -6.00 0.55 -55.90
N LEU K 101 -5.66 0.16 -57.11
CA LEU K 101 -6.19 -1.07 -57.68
C LEU K 101 -5.05 -1.78 -58.40
N ASN K 102 -4.76 -3.01 -58.01
CA ASN K 102 -3.74 -3.80 -58.70
C ASN K 102 -4.43 -4.81 -59.59
N ILE K 103 -4.34 -4.60 -60.89
CA ILE K 103 -4.85 -5.55 -61.86
C ILE K 103 -3.67 -6.26 -62.49
N ARG K 104 -3.84 -7.55 -62.75
CA ARG K 104 -2.75 -8.43 -63.10
C ARG K 104 -3.10 -9.14 -64.40
N ILE K 105 -2.20 -9.07 -65.39
CA ILE K 105 -2.40 -9.76 -66.64
C ILE K 105 -1.10 -10.45 -67.00
N GLN K 106 -1.13 -11.78 -67.00
CA GLN K 106 -0.04 -12.62 -67.41
C GLN K 106 -0.63 -13.55 -68.45
N THR K 107 -0.17 -13.42 -69.68
CA THR K 107 -0.88 -14.01 -70.81
C THR K 107 0.07 -15.02 -71.43
N TYR K 108 -0.33 -15.55 -72.59
CA TYR K 108 0.53 -16.38 -73.40
C TYR K 108 1.57 -15.53 -74.09
N GLY K 109 2.26 -16.11 -75.05
CA GLY K 109 3.08 -15.32 -75.93
C GLY K 109 2.17 -14.59 -76.89
N GLU K 110 2.67 -14.23 -78.07
CA GLU K 110 1.86 -13.50 -79.03
C GLU K 110 1.54 -12.13 -78.42
N THR K 111 0.28 -11.76 -78.20
CA THR K 111 -0.04 -10.41 -77.76
C THR K 111 0.73 -10.00 -76.50
N THR K 112 1.28 -8.80 -76.55
CA THR K 112 1.99 -8.20 -75.43
C THR K 112 1.02 -7.96 -74.28
N ALA K 113 1.56 -7.97 -73.06
CA ALA K 113 0.74 -7.75 -71.87
C ALA K 113 -0.13 -6.52 -72.00
N VAL K 114 0.47 -5.34 -72.08
CA VAL K 114 -0.29 -4.10 -72.16
C VAL K 114 -1.30 -4.13 -73.30
N ASP K 115 -0.99 -4.80 -74.42
CA ASP K 115 -1.91 -4.83 -75.54
C ASP K 115 -3.24 -5.46 -75.17
N ALA K 116 -3.24 -6.51 -74.35
CA ALA K 116 -4.49 -7.10 -73.91
C ALA K 116 -5.32 -6.09 -73.14
N LEU K 117 -4.69 -5.25 -72.34
CA LEU K 117 -5.45 -4.28 -71.57
C LEU K 117 -5.97 -3.15 -72.44
N GLN K 118 -5.13 -2.60 -73.32
CA GLN K 118 -5.63 -1.59 -74.26
C GLN K 118 -6.81 -2.13 -75.03
N LYS K 119 -6.66 -3.31 -75.66
CA LYS K 119 -7.77 -3.88 -76.41
C LYS K 119 -8.99 -4.09 -75.52
N GLY K 120 -8.89 -4.98 -74.54
CA GLY K 120 -10.05 -5.30 -73.72
C GLY K 120 -10.75 -4.07 -73.18
N LEU K 121 -9.97 -3.15 -72.61
CA LEU K 121 -10.57 -1.90 -72.14
C LEU K 121 -11.31 -1.19 -73.26
N LYS K 122 -10.71 -1.13 -74.45
CA LYS K 122 -11.39 -0.52 -75.58
C LYS K 122 -12.65 -1.29 -75.95
N ASP K 123 -12.76 -2.55 -75.52
CA ASP K 123 -14.01 -3.27 -75.66
C ASP K 123 -15.02 -2.83 -74.62
N LEU K 124 -14.58 -2.70 -73.36
CA LEU K 124 -15.49 -2.23 -72.33
C LEU K 124 -16.08 -0.87 -72.68
N MET K 125 -15.34 -0.06 -73.45
CA MET K 125 -15.97 1.04 -74.15
C MET K 125 -17.19 0.56 -74.94
N ASP K 126 -17.01 -0.49 -75.74
CA ASP K 126 -18.05 -0.90 -76.66
C ASP K 126 -19.28 -1.43 -75.94
N LEU K 127 -19.11 -2.18 -74.85
CA LEU K 127 -20.28 -2.57 -74.05
C LEU K 127 -21.14 -1.37 -73.71
N CYS K 128 -20.58 -0.42 -72.97
CA CYS K 128 -21.30 0.81 -72.65
C CYS K 128 -22.01 1.38 -73.86
N ASP K 129 -21.25 1.77 -74.89
CA ASP K 129 -21.87 2.37 -76.07
C ASP K 129 -23.08 1.56 -76.55
N VAL K 130 -22.97 0.23 -76.54
CA VAL K 130 -24.09 -0.58 -76.99
C VAL K 130 -25.25 -0.48 -76.01
N VAL K 131 -24.99 -0.38 -74.72
CA VAL K 131 -26.11 -0.34 -73.77
C VAL K 131 -26.82 1.01 -73.85
N GLU K 132 -26.08 2.10 -74.03
CA GLU K 132 -26.74 3.34 -74.39
C GLU K 132 -27.63 3.14 -75.61
N SER K 133 -27.09 2.51 -76.65
CA SER K 133 -27.90 2.26 -77.85
C SER K 133 -29.19 1.53 -77.53
N LYS K 134 -29.11 0.28 -77.09
CA LYS K 134 -30.33 -0.51 -76.91
C LYS K 134 -31.17 -0.03 -75.75
N PHE K 135 -30.67 0.90 -74.95
CA PHE K 135 -31.46 1.40 -73.84
C PHE K 135 -32.25 2.66 -74.22
N THR K 136 -31.55 3.74 -74.57
CA THR K 136 -32.26 4.94 -75.03
C THR K 136 -33.15 4.65 -76.21
N GLU K 137 -32.87 3.60 -76.98
CA GLU K 137 -33.82 3.10 -77.96
C GLU K 137 -35.17 2.78 -77.33
N LYS K 138 -35.22 1.82 -76.40
CA LYS K 138 -36.48 1.52 -75.73
C LYS K 138 -37.09 2.73 -75.07
N ILE K 139 -36.29 3.52 -74.34
CA ILE K 139 -36.91 4.57 -73.53
C ILE K 139 -37.52 5.67 -74.39
N LYS K 140 -36.96 5.94 -75.57
CA LYS K 140 -37.61 6.90 -76.45
C LYS K 140 -38.94 6.36 -76.96
N SER K 141 -38.98 5.07 -77.28
CA SER K 141 -40.23 4.43 -77.69
C SER K 141 -41.13 4.11 -76.50
N MET K 142 -40.54 3.82 -75.34
CA MET K 142 -41.28 3.45 -74.14
C MET K 142 -42.22 2.29 -74.38
N ALA L 25 -33.04 37.72 -24.68
CA ALA L 25 -32.98 37.37 -26.09
C ALA L 25 -31.91 38.20 -26.81
N THR L 26 -32.10 39.51 -26.85
CA THR L 26 -31.17 40.40 -27.53
C THR L 26 -29.86 40.62 -26.78
N LEU L 27 -29.92 40.98 -25.50
CA LEU L 27 -28.73 41.37 -24.75
C LEU L 27 -28.04 40.20 -24.08
N LYS L 28 -27.08 40.49 -23.19
CA LYS L 28 -26.10 39.50 -22.74
C LYS L 28 -26.72 38.17 -22.32
N TYR L 29 -27.55 38.11 -21.28
CA TYR L 29 -28.08 36.82 -20.88
C TYR L 29 -29.37 36.87 -20.07
N ILE L 30 -29.75 35.68 -19.60
CA ILE L 30 -31.10 35.32 -19.20
C ILE L 30 -31.04 34.67 -17.82
N CYS L 31 -32.15 34.74 -17.09
CA CYS L 31 -32.31 33.88 -15.92
C CYS L 31 -32.57 32.44 -16.34
N ALA L 32 -32.72 31.57 -15.35
CA ALA L 32 -33.22 30.24 -15.61
C ALA L 32 -34.73 30.28 -15.54
N GLU L 33 -35.28 30.58 -14.36
CA GLU L 33 -36.73 30.54 -14.19
C GLU L 33 -37.41 31.81 -14.73
N CYS L 34 -36.87 32.99 -14.40
CA CYS L 34 -37.57 34.21 -14.79
C CYS L 34 -37.70 34.30 -16.29
N SER L 35 -36.67 33.86 -17.02
CA SER L 35 -36.65 33.82 -18.47
C SER L 35 -36.71 35.22 -19.07
N SER L 36 -36.28 36.18 -18.26
CA SER L 36 -36.26 37.58 -18.67
C SER L 36 -34.84 38.00 -18.97
N LYS L 37 -34.65 38.58 -20.16
CA LYS L 37 -33.33 39.04 -20.55
C LYS L 37 -32.79 40.03 -19.53
N LEU L 38 -31.58 39.77 -19.05
CA LEU L 38 -30.92 40.63 -18.08
C LEU L 38 -29.53 40.98 -18.55
N SER L 39 -29.28 42.29 -18.71
CA SER L 39 -27.95 42.80 -18.97
C SER L 39 -27.37 43.21 -17.63
N LEU L 40 -26.18 42.71 -17.33
CA LEU L 40 -25.58 42.86 -16.02
C LEU L 40 -24.48 43.90 -16.06
N SER L 41 -24.33 44.63 -14.96
CA SER L 41 -23.23 45.55 -14.77
C SER L 41 -21.93 44.79 -14.53
N ARG L 42 -20.85 45.52 -14.37
CA ARG L 42 -19.58 44.93 -14.00
C ARG L 42 -19.47 44.90 -12.48
N THR L 43 -19.21 43.71 -11.94
CA THR L 43 -19.10 43.52 -10.49
C THR L 43 -20.29 44.12 -9.77
N ASP L 44 -21.47 43.53 -9.95
CA ASP L 44 -22.67 44.08 -9.35
C ASP L 44 -23.32 43.06 -8.42
N ALA L 45 -24.04 42.11 -9.00
CA ALA L 45 -24.71 41.09 -8.22
C ALA L 45 -25.03 39.92 -9.15
N VAL L 46 -25.26 38.75 -8.55
CA VAL L 46 -25.65 37.59 -9.32
C VAL L 46 -27.17 37.47 -9.37
N ARG L 47 -27.89 38.32 -8.64
CA ARG L 47 -29.34 38.38 -8.72
C ARG L 47 -29.78 38.62 -10.16
N CYS L 48 -30.96 38.14 -10.50
CA CYS L 48 -31.57 38.68 -11.69
C CYS L 48 -32.31 39.94 -11.29
N LYS L 49 -32.97 40.57 -12.25
CA LYS L 49 -33.78 41.74 -11.95
C LYS L 49 -35.20 41.39 -11.57
N ASP L 50 -35.96 40.79 -12.50
CA ASP L 50 -37.36 40.49 -12.24
C ASP L 50 -37.52 39.59 -11.02
N CYS L 51 -37.18 38.31 -11.15
CA CYS L 51 -37.53 37.38 -10.09
C CYS L 51 -36.49 37.39 -8.99
N GLY L 52 -36.67 36.58 -7.97
CA GLY L 52 -35.69 36.45 -6.93
C GLY L 52 -34.78 35.28 -7.19
N HIS L 53 -35.06 34.55 -8.25
CA HIS L 53 -34.24 33.41 -8.62
C HIS L 53 -32.84 33.88 -8.97
N ARG L 54 -31.87 33.01 -8.75
CA ARG L 54 -30.48 33.39 -8.70
C ARG L 54 -29.68 32.92 -9.91
N ILE L 55 -29.63 31.61 -10.16
CA ILE L 55 -28.80 31.10 -11.25
C ILE L 55 -29.23 31.70 -12.58
N LEU L 56 -28.28 31.76 -13.50
CA LEU L 56 -28.60 32.32 -14.81
C LEU L 56 -27.64 31.74 -15.85
N LEU L 57 -27.87 32.11 -17.10
CA LEU L 57 -27.11 31.56 -18.21
C LEU L 57 -26.29 32.65 -18.86
N LYS L 58 -25.63 32.33 -19.96
CA LYS L 58 -25.17 33.37 -20.85
C LYS L 58 -25.81 33.11 -22.19
N ALA L 59 -26.64 34.05 -22.65
CA ALA L 59 -27.45 33.80 -23.82
C ALA L 59 -26.57 33.68 -25.05
N ARG L 60 -27.12 33.08 -26.10
CA ARG L 60 -26.31 32.71 -27.24
C ARG L 60 -25.78 33.93 -27.99
N THR L 61 -24.56 33.80 -28.50
CA THR L 61 -23.92 34.87 -29.25
C THR L 61 -24.69 35.20 -30.51
N LYS L 62 -24.49 36.42 -30.99
CA LYS L 62 -24.99 36.85 -32.28
C LYS L 62 -23.98 36.61 -33.39
N ARG L 63 -22.79 36.10 -33.05
CA ARG L 63 -21.72 36.02 -34.02
C ARG L 63 -21.89 34.80 -34.89
N LEU L 64 -21.54 34.93 -36.16
CA LEU L 64 -21.69 33.84 -37.11
C LEU L 64 -20.85 32.64 -36.68
N VAL L 65 -21.32 31.46 -37.04
CA VAL L 65 -20.63 30.21 -36.71
C VAL L 65 -20.85 29.21 -37.83
N GLN L 66 -19.81 28.45 -38.15
CA GLN L 66 -19.80 27.57 -39.31
C GLN L 66 -19.82 26.12 -38.86
N PHE L 67 -20.83 25.39 -39.33
CA PHE L 67 -20.84 23.94 -39.20
C PHE L 67 -20.85 23.32 -40.58
N GLU L 68 -20.30 22.12 -40.66
CA GLU L 68 -20.38 21.30 -41.84
C GLU L 68 -21.32 20.14 -41.54
N ALA L 69 -22.10 19.74 -42.55
CA ALA L 69 -23.03 18.66 -42.33
C ALA L 69 -22.50 17.39 -42.97
N ARG L 70 -22.02 16.46 -42.14
CA ARG L 70 -21.42 15.19 -42.55
C ARG L 70 -20.64 14.59 -41.39
N ILE M 71 -71.18 -34.96 23.60
CA ILE M 71 -72.15 -33.89 23.41
C ILE M 71 -72.74 -33.53 24.78
N GLU M 72 -72.30 -34.26 25.81
CA GLU M 72 -72.72 -34.02 27.18
C GLU M 72 -71.97 -32.81 27.73
N GLU M 73 -72.01 -32.60 29.05
CA GLU M 73 -71.27 -31.51 29.67
C GLU M 73 -70.59 -31.97 30.94
N PHE M 74 -69.57 -31.23 31.36
CA PHE M 74 -68.90 -31.43 32.64
C PHE M 74 -68.68 -30.08 33.29
N PRO M 75 -69.66 -29.57 34.04
CA PRO M 75 -69.63 -28.17 34.47
C PRO M 75 -68.38 -27.80 35.25
N LEU M 76 -67.92 -26.57 35.04
CA LEU M 76 -66.79 -26.01 35.77
C LEU M 76 -66.88 -24.50 35.70
N LYS M 77 -66.23 -23.83 36.65
CA LYS M 77 -66.20 -22.38 36.70
C LYS M 77 -64.87 -21.90 37.26
N ILE M 78 -64.83 -20.61 37.56
CA ILE M 78 -63.64 -19.94 38.09
C ILE M 78 -63.49 -20.26 39.57
N SER M 79 -62.54 -19.61 40.21
CA SER M 79 -62.41 -19.58 41.66
C SER M 79 -61.83 -18.23 42.06
N GLY M 80 -62.07 -17.85 43.30
CA GLY M 80 -61.61 -16.57 43.82
C GLY M 80 -60.16 -16.64 44.25
N GLU M 81 -59.81 -15.77 45.20
CA GLU M 81 -58.44 -15.72 45.68
C GLU M 81 -58.14 -16.96 46.52
N GLU M 82 -58.80 -17.07 47.67
CA GLU M 82 -58.55 -18.12 48.65
C GLU M 82 -57.03 -18.27 48.88
N GLU M 83 -56.47 -17.19 49.42
CA GLU M 83 -55.06 -17.04 49.79
C GLU M 83 -54.14 -17.48 48.66
N SER M 84 -54.60 -17.36 47.42
CA SER M 84 -53.81 -17.75 46.26
C SER M 84 -53.08 -19.07 46.48
N LEU M 85 -52.22 -19.44 45.53
CA LEU M 85 -51.46 -20.67 45.62
C LEU M 85 -50.16 -20.68 44.83
N HIS M 86 -49.19 -21.44 45.31
CA HIS M 86 -47.89 -21.57 44.69
C HIS M 86 -47.68 -23.06 44.45
N VAL M 87 -47.03 -23.40 43.35
CA VAL M 87 -46.79 -24.80 43.01
C VAL M 87 -45.29 -25.00 42.80
N PHE M 88 -44.77 -26.10 43.33
CA PHE M 88 -43.38 -26.43 43.17
C PHE M 88 -43.25 -27.58 42.18
N GLN M 89 -42.38 -27.42 41.20
CA GLN M 89 -41.83 -28.59 40.54
C GLN M 89 -40.32 -28.55 40.75
N TYR M 90 -39.83 -29.47 41.57
CA TYR M 90 -38.44 -29.55 41.98
C TYR M 90 -37.80 -30.76 41.33
N ALA M 91 -36.54 -30.61 40.91
CA ALA M 91 -35.95 -31.76 40.27
C ALA M 91 -35.08 -32.50 41.27
N ASN M 92 -35.67 -33.54 41.85
CA ASN M 92 -35.01 -34.60 42.60
C ASN M 92 -35.59 -35.95 42.25
N ARG M 93 -36.88 -36.14 42.55
CA ARG M 93 -37.52 -37.44 42.63
C ARG M 93 -38.69 -37.49 41.64
N PRO M 94 -38.47 -37.97 40.44
CA PRO M 94 -39.56 -38.13 39.48
C PRO M 94 -40.58 -39.17 39.91
N ARG M 95 -41.51 -39.50 39.01
CA ARG M 95 -42.40 -40.62 39.24
C ARG M 95 -41.58 -41.86 39.58
N LEU M 96 -41.94 -42.53 40.67
CA LEU M 96 -41.17 -43.70 41.11
C LEU M 96 -41.35 -44.85 40.13
N VAL M 97 -40.24 -45.37 39.62
CA VAL M 97 -40.27 -46.52 38.72
C VAL M 97 -40.96 -47.71 39.34
N GLY M 98 -40.97 -47.82 40.67
CA GLY M 98 -41.55 -48.96 41.34
C GLY M 98 -43.06 -48.98 41.38
N ARG M 99 -43.61 -49.91 42.16
CA ARG M 99 -45.04 -50.14 42.28
C ARG M 99 -45.84 -48.93 42.71
N LYS M 100 -45.21 -47.97 43.40
CA LYS M 100 -45.88 -46.74 43.85
C LYS M 100 -45.19 -45.55 43.19
N PRO M 101 -45.58 -45.18 41.97
CA PRO M 101 -44.93 -44.04 41.32
C PRO M 101 -44.97 -42.77 42.16
N ALA M 102 -45.97 -42.63 43.02
CA ALA M 102 -46.05 -41.47 43.90
C ALA M 102 -45.20 -41.75 45.14
N GLU M 103 -44.88 -40.68 45.86
CA GLU M 103 -44.06 -40.75 47.06
C GLU M 103 -43.69 -39.33 47.48
N HIS M 104 -44.47 -38.74 48.38
CA HIS M 104 -44.22 -37.37 48.82
C HIS M 104 -42.80 -37.11 49.37
N PRO M 105 -42.50 -35.83 49.67
CA PRO M 105 -41.24 -35.33 50.24
C PRO M 105 -41.35 -35.32 51.76
N PHE M 106 -40.93 -34.26 52.46
CA PHE M 106 -41.11 -34.35 53.89
C PHE M 106 -40.47 -33.16 54.61
N ILE M 107 -40.97 -32.93 55.84
CA ILE M 107 -40.46 -32.06 56.89
C ILE M 107 -40.75 -30.59 56.61
N SER M 108 -41.04 -30.27 55.35
CA SER M 108 -41.30 -28.88 55.00
C SER M 108 -40.17 -27.98 55.48
N ALA M 109 -40.48 -27.11 56.44
CA ALA M 109 -39.55 -26.11 56.94
C ALA M 109 -39.13 -25.19 55.80
N ALA M 110 -40.06 -24.35 55.35
CA ALA M 110 -39.90 -23.56 54.15
C ALA M 110 -39.76 -22.08 54.51
N ARG M 111 -39.58 -21.26 53.48
CA ARG M 111 -39.37 -19.83 53.66
C ARG M 111 -39.98 -19.04 52.52
N TYR M 112 -40.16 -17.74 52.76
CA TYR M 112 -40.55 -16.76 51.77
C TYR M 112 -39.87 -15.44 52.14
N LYS M 113 -39.69 -14.58 51.15
CA LYS M 113 -39.41 -13.19 51.46
C LYS M 113 -40.03 -12.34 50.38
N PRO M 114 -40.44 -11.11 50.69
CA PRO M 114 -41.12 -10.28 49.69
C PRO M 114 -40.21 -9.92 48.53
N LYS M 115 -40.75 -9.23 47.54
CA LYS M 115 -40.05 -9.00 46.28
C LYS M 115 -39.64 -10.36 45.72
N SER M 116 -38.33 -10.59 45.59
CA SER M 116 -37.79 -11.89 45.27
C SER M 116 -38.15 -12.86 46.39
N HIS M 117 -38.76 -13.99 46.04
CA HIS M 117 -39.25 -14.89 47.09
C HIS M 117 -38.12 -15.77 47.62
N LEU M 118 -37.48 -16.55 46.75
CA LEU M 118 -36.32 -17.37 47.11
C LEU M 118 -36.66 -18.33 48.24
N TRP M 119 -37.42 -19.38 47.92
CA TRP M 119 -37.96 -20.22 48.97
C TRP M 119 -36.98 -21.34 49.34
N GLU M 120 -36.45 -21.26 50.55
CA GLU M 120 -35.54 -22.25 51.09
C GLU M 120 -36.38 -23.41 51.61
N ILE M 121 -36.15 -24.59 51.03
CA ILE M 121 -36.92 -25.78 51.36
C ILE M 121 -35.99 -26.78 52.00
N ASP M 122 -36.51 -27.55 52.96
CA ASP M 122 -35.70 -28.37 53.84
C ASP M 122 -36.13 -29.83 53.73
N ILE M 123 -35.14 -30.73 53.74
CA ILE M 123 -35.39 -32.17 53.71
C ILE M 123 -34.44 -32.87 54.68
N PRO M 124 -34.89 -33.86 55.46
CA PRO M 124 -33.98 -34.56 56.36
C PRO M 124 -33.01 -35.42 55.57
N LEU M 125 -31.95 -35.83 56.27
CA LEU M 125 -30.92 -36.68 55.68
C LEU M 125 -30.82 -37.97 56.46
N ASP M 126 -31.17 -39.08 55.82
CA ASP M 126 -31.15 -40.39 56.45
C ASP M 126 -29.72 -40.81 56.74
N GLU M 127 -29.47 -41.29 57.96
CA GLU M 127 -28.14 -41.77 58.28
C GLU M 127 -27.90 -43.18 57.75
N GLN M 128 -28.96 -43.97 57.63
CA GLN M 128 -28.87 -45.38 57.24
C GLN M 128 -28.78 -45.55 55.73
N ALA M 129 -28.73 -44.46 54.98
CA ALA M 129 -28.73 -44.44 53.52
C ALA M 129 -27.34 -44.58 52.93
N PHE M 130 -26.36 -44.94 53.77
CA PHE M 130 -24.93 -44.73 53.51
C PHE M 130 -24.63 -43.23 53.44
N TYR M 131 -24.84 -42.60 54.59
CA TYR M 131 -24.69 -41.16 54.74
C TYR M 131 -23.25 -40.71 54.98
N ASN M 132 -22.48 -41.45 55.78
CA ASN M 132 -21.19 -41.00 56.30
C ASN M 132 -21.31 -39.76 57.17
N LYS M 133 -21.80 -39.92 58.40
CA LYS M 133 -21.77 -38.81 59.35
C LYS M 133 -20.37 -38.26 59.58
N ASP M 134 -19.33 -39.02 59.22
CA ASP M 134 -17.98 -38.48 59.24
C ASP M 134 -17.78 -37.43 58.15
N LYS M 135 -18.57 -37.46 57.09
CA LYS M 135 -18.59 -36.32 56.18
C LYS M 135 -19.13 -35.09 56.88
N ALA M 136 -20.17 -35.24 57.70
CA ALA M 136 -20.56 -34.15 58.59
C ALA M 136 -19.41 -33.77 59.50
N GLU M 137 -18.70 -34.76 60.03
CA GLU M 137 -17.51 -34.51 60.83
C GLU M 137 -16.30 -34.09 60.00
N SER M 138 -16.33 -34.34 58.69
CA SER M 138 -15.22 -33.91 57.83
C SER M 138 -15.01 -32.40 57.92
N GLU M 139 -15.97 -31.62 57.42
CA GLU M 139 -15.89 -30.17 57.56
C GLU M 139 -17.20 -29.60 58.10
N TRP M 140 -18.24 -29.61 57.27
CA TRP M 140 -19.54 -29.07 57.62
C TRP M 140 -20.43 -30.18 58.13
N ASN M 141 -21.28 -29.86 59.11
CA ASN M 141 -22.17 -30.85 59.70
C ASN M 141 -23.44 -30.88 58.88
N GLY M 142 -23.63 -31.98 58.14
CA GLY M 142 -24.71 -32.07 57.19
C GLY M 142 -25.87 -32.93 57.60
N VAL M 143 -25.76 -33.69 58.70
CA VAL M 143 -26.85 -34.55 59.12
C VAL M 143 -28.11 -33.74 59.38
N ASN M 144 -27.97 -32.42 59.45
CA ASN M 144 -29.11 -31.53 59.51
C ASN M 144 -29.80 -31.52 58.15
N VAL M 145 -30.80 -30.64 58.04
CA VAL M 145 -31.78 -30.73 56.97
C VAL M 145 -31.15 -30.32 55.64
N GLN M 146 -31.78 -30.71 54.53
CA GLN M 146 -31.25 -30.45 53.20
C GLN M 146 -31.76 -29.12 52.65
N THR M 147 -30.84 -28.32 52.11
CA THR M 147 -31.14 -26.98 51.63
C THR M 147 -31.60 -27.03 50.19
N LEU M 148 -32.82 -26.56 49.93
CA LEU M 148 -33.36 -26.46 48.58
C LEU M 148 -33.93 -25.07 48.40
N LYS M 149 -33.52 -24.37 47.34
CA LYS M 149 -34.01 -23.03 47.08
C LYS M 149 -34.25 -22.85 45.59
N GLY M 150 -35.18 -21.96 45.25
CA GLY M 150 -35.43 -21.64 43.86
C GLY M 150 -36.01 -20.25 43.72
N VAL M 151 -35.79 -19.68 42.53
CA VAL M 151 -36.41 -18.44 42.10
C VAL M 151 -37.56 -18.82 41.19
N GLY M 152 -38.66 -18.06 41.26
CA GLY M 152 -39.86 -18.41 40.55
C GLY M 152 -40.72 -17.20 40.26
N VAL M 153 -41.61 -17.37 39.29
CA VAL M 153 -42.33 -16.25 38.71
C VAL M 153 -43.72 -16.70 38.31
N GLU M 154 -44.64 -15.76 38.29
CA GLU M 154 -45.94 -15.96 37.70
C GLU M 154 -45.84 -15.95 36.18
N ASN M 155 -46.70 -16.74 35.55
CA ASN M 155 -46.99 -16.58 34.14
C ASN M 155 -48.48 -16.79 33.96
N ASN M 156 -49.15 -15.78 33.43
CA ASN M 156 -50.59 -15.65 33.56
C ASN M 156 -51.30 -16.77 32.82
N GLY M 157 -52.53 -17.04 33.22
CA GLY M 157 -53.35 -18.02 32.54
C GLY M 157 -53.16 -19.42 33.05
N GLN M 158 -52.05 -19.69 33.73
CA GLN M 158 -51.83 -21.03 34.26
C GLN M 158 -52.66 -21.21 35.52
N TYR M 159 -53.44 -22.28 35.55
CA TYR M 159 -54.40 -22.52 36.60
C TYR M 159 -54.27 -23.95 37.10
N ALA M 160 -54.27 -24.13 38.42
CA ALA M 160 -54.44 -25.46 38.96
C ALA M 160 -55.92 -25.83 38.91
N ALA M 161 -56.21 -27.08 39.26
CA ALA M 161 -57.60 -27.51 39.27
C ALA M 161 -57.73 -28.75 40.15
N PHE M 162 -58.97 -29.01 40.59
CA PHE M 162 -59.36 -30.27 41.19
C PHE M 162 -60.76 -30.58 40.72
N VAL M 163 -61.23 -31.80 40.98
CA VAL M 163 -62.55 -32.23 40.54
C VAL M 163 -63.31 -32.81 41.72
N LYS M 164 -64.47 -32.22 42.02
CA LYS M 164 -65.43 -32.82 42.93
C LYS M 164 -66.46 -33.57 42.09
N ASP M 165 -66.60 -34.87 42.36
CA ASP M 165 -67.61 -35.67 41.67
C ASP M 165 -67.43 -35.56 40.16
N MET M 166 -68.50 -35.22 39.46
CA MET M 166 -68.46 -35.02 38.01
C MET M 166 -67.97 -33.65 37.58
N GLN M 167 -67.96 -32.67 38.48
CA GLN M 167 -67.70 -31.30 38.11
C GLN M 167 -66.32 -30.84 38.54
N VAL M 168 -65.75 -29.95 37.72
CA VAL M 168 -64.36 -29.50 37.83
C VAL M 168 -64.35 -28.10 38.42
N TYR M 169 -63.29 -27.80 39.17
CA TYR M 169 -63.10 -26.48 39.74
C TYR M 169 -61.66 -26.04 39.52
N LEU M 170 -61.49 -24.81 39.06
CA LEU M 170 -60.21 -24.29 38.60
C LEU M 170 -59.79 -23.10 39.44
N VAL M 171 -58.50 -23.04 39.76
CA VAL M 171 -57.96 -22.03 40.66
C VAL M 171 -56.76 -21.35 40.00
N PRO M 172 -56.60 -20.04 40.22
CA PRO M 172 -55.50 -19.26 39.65
C PRO M 172 -54.17 -19.57 40.33
N ILE M 173 -53.16 -19.91 39.55
CA ILE M 173 -51.84 -20.21 40.08
C ILE M 173 -50.99 -18.94 40.11
N GLU M 174 -50.33 -18.69 41.24
CA GLU M 174 -49.49 -17.50 41.39
C GLU M 174 -48.05 -17.77 40.97
N ARG M 175 -47.12 -17.08 41.62
CA ARG M 175 -45.69 -17.23 41.30
C ARG M 175 -45.28 -18.70 41.39
N VAL M 176 -44.67 -19.19 40.32
CA VAL M 176 -44.24 -20.59 40.28
C VAL M 176 -42.72 -20.66 40.26
N ALA M 177 -42.14 -21.56 41.04
CA ALA M 177 -40.70 -21.69 41.12
C ALA M 177 -40.27 -23.12 40.81
N GLN M 178 -39.07 -23.23 40.26
CA GLN M 178 -38.35 -24.48 40.31
C GLN M 178 -37.85 -24.65 41.74
N LEU M 179 -37.27 -25.79 42.07
CA LEU M 179 -36.59 -25.90 43.35
C LEU M 179 -35.30 -26.67 43.14
N LYS M 180 -34.17 -26.00 43.38
CA LYS M 180 -32.85 -26.58 43.17
C LYS M 180 -32.15 -26.72 44.51
N PRO M 181 -31.72 -27.93 44.88
CA PRO M 181 -30.97 -28.10 46.12
C PRO M 181 -29.55 -27.58 45.91
N PHE M 182 -28.90 -27.25 47.02
CA PHE M 182 -27.54 -26.79 47.10
C PHE M 182 -26.94 -27.08 48.45
N PHE M 183 -26.17 -26.15 49.01
CA PHE M 183 -25.58 -26.35 50.32
C PHE M 183 -25.15 -25.13 51.13
N LYS M 184 -25.97 -24.74 52.10
CA LYS M 184 -25.63 -23.61 52.96
C LYS M 184 -24.34 -24.03 53.64
N TYR M 185 -24.01 -25.30 53.42
CA TYR M 185 -22.81 -25.95 53.94
C TYR M 185 -21.54 -25.40 53.30
N ILE M 186 -21.40 -25.58 51.99
CA ILE M 186 -20.15 -25.20 51.33
C ILE M 186 -19.87 -23.71 51.52
N ASP M 187 -20.93 -22.91 51.67
CA ASP M 187 -20.71 -21.51 52.01
C ASP M 187 -20.19 -21.39 53.43
N ASP M 188 -20.63 -22.26 54.35
CA ASP M 188 -20.03 -22.30 55.67
C ASP M 188 -18.54 -22.65 55.57
N ALA M 189 -18.18 -23.60 54.71
CA ALA M 189 -16.77 -23.85 54.42
C ALA M 189 -16.08 -22.61 53.87
N ASN M 190 -16.81 -21.78 53.14
CA ASN M 190 -16.26 -20.50 52.67
C ASN M 190 -16.07 -19.52 53.82
N VAL M 191 -16.86 -19.65 54.89
CA VAL M 191 -16.78 -18.71 56.00
C VAL M 191 -15.41 -18.79 56.67
N THR M 192 -15.01 -19.99 57.09
CA THR M 192 -13.77 -20.17 57.81
C THR M 192 -12.52 -19.86 56.99
N ARG M 193 -12.57 -20.09 55.68
CA ARG M 193 -11.47 -19.77 54.78
C ARG M 193 -11.39 -18.32 54.37
N LYS M 194 -12.54 -17.67 54.14
CA LYS M 194 -12.56 -16.35 53.50
C LYS M 194 -11.87 -15.30 54.36
N GLN M 195 -12.15 -15.29 55.66
CA GLN M 195 -11.50 -14.33 56.54
C GLN M 195 -10.08 -14.77 56.81
N GLU M 196 -9.91 -15.84 57.58
CA GLU M 196 -8.59 -16.43 57.84
C GLU M 196 -8.69 -17.95 57.92
N ASN M 225 -24.86 4.16 43.78
CA ASN M 225 -24.91 4.05 42.34
C ASN M 225 -24.99 2.59 41.90
N ARG M 226 -25.08 2.38 40.58
CA ARG M 226 -25.09 1.05 39.97
C ARG M 226 -26.16 0.23 40.70
N LEU M 227 -25.86 -1.01 41.12
CA LEU M 227 -26.82 -1.90 41.76
C LEU M 227 -28.15 -1.89 40.99
N THR M 228 -28.08 -2.49 39.80
CA THR M 228 -29.16 -2.37 38.83
C THR M 228 -29.64 -3.76 38.44
N GLY M 229 -30.96 -3.90 38.30
CA GLY M 229 -31.54 -5.14 37.81
C GLY M 229 -31.27 -6.33 38.70
N SER M 230 -30.64 -7.34 38.11
CA SER M 230 -30.30 -8.56 38.84
C SER M 230 -29.65 -8.24 40.18
N LEU M 231 -28.49 -7.59 40.15
CA LEU M 231 -27.83 -7.28 41.41
C LEU M 231 -28.65 -6.36 42.29
N LEU M 232 -29.37 -5.41 41.71
CA LEU M 232 -30.34 -4.66 42.50
C LEU M 232 -31.28 -5.60 43.23
N ALA M 233 -31.79 -6.62 42.53
CA ALA M 233 -32.58 -7.65 43.17
C ALA M 233 -31.76 -8.50 44.13
N HIS M 234 -30.51 -8.82 43.79
CA HIS M 234 -29.69 -9.62 44.68
C HIS M 234 -29.48 -8.96 46.04
N LYS M 235 -28.73 -7.86 46.07
CA LYS M 235 -28.40 -7.22 47.35
C LYS M 235 -29.62 -6.97 48.20
N VAL M 236 -30.70 -6.48 47.59
CA VAL M 236 -31.96 -6.35 48.30
C VAL M 236 -32.41 -7.70 48.86
N ALA M 237 -32.33 -8.75 48.05
CA ALA M 237 -32.74 -10.07 48.52
C ALA M 237 -31.91 -10.52 49.72
N ASP M 238 -30.60 -10.38 49.65
CA ASP M 238 -29.74 -10.68 50.79
C ASP M 238 -30.15 -9.90 52.03
N GLU M 239 -30.38 -8.59 51.90
CA GLU M 239 -30.80 -7.78 53.02
C GLU M 239 -32.27 -7.91 53.36
N GLU M 240 -33.09 -8.43 52.44
CA GLU M 240 -34.48 -8.76 52.73
C GLU M 240 -34.65 -10.19 53.21
N ALA M 241 -33.58 -10.94 53.44
CA ALA M 241 -33.75 -12.38 53.60
C ALA M 241 -34.06 -12.64 55.07
N ASN M 242 -35.34 -12.91 55.33
CA ASN M 242 -35.83 -13.34 56.63
C ASN M 242 -37.17 -14.03 56.41
N ILE M 243 -37.45 -15.06 57.21
CA ILE M 243 -38.81 -15.48 57.53
C ILE M 243 -38.70 -16.76 58.35
N GLU M 244 -39.78 -17.11 59.04
CA GLU M 244 -40.00 -18.47 59.52
C GLU M 244 -41.47 -18.78 59.27
N LEU M 245 -41.74 -19.82 58.51
CA LEU M 245 -43.09 -20.16 58.09
C LEU M 245 -43.50 -21.50 58.69
N THR M 246 -44.73 -21.57 59.17
CA THR M 246 -45.27 -22.82 59.70
C THR M 246 -45.56 -23.76 58.54
N TRP M 247 -46.09 -24.94 58.83
CA TRP M 247 -46.52 -25.81 57.75
C TRP M 247 -47.70 -26.64 58.22
N ALA M 248 -48.64 -26.89 57.31
CA ALA M 248 -49.85 -27.64 57.63
C ALA M 248 -50.18 -28.56 56.47
N GLU M 249 -51.10 -29.49 56.74
CA GLU M 249 -51.62 -30.39 55.74
C GLU M 249 -53.06 -30.74 56.08
N GLY M 250 -53.90 -30.86 55.06
CA GLY M 250 -55.27 -31.26 55.28
C GLY M 250 -56.20 -30.64 54.26
N THR M 251 -57.49 -30.88 54.46
CA THR M 251 -58.53 -30.32 53.61
C THR M 251 -59.59 -29.70 54.51
N PHE M 252 -59.70 -28.37 54.47
CA PHE M 252 -60.74 -27.69 55.24
C PHE M 252 -61.64 -26.89 54.32
N GLU M 253 -61.17 -25.71 53.91
CA GLU M 253 -61.88 -24.88 52.94
C GLU M 253 -61.41 -25.12 51.52
N GLN M 254 -60.30 -25.86 51.35
CA GLN M 254 -59.74 -26.04 50.02
C GLN M 254 -60.71 -26.75 49.10
N PHE M 255 -61.53 -27.66 49.61
CA PHE M 255 -62.77 -28.03 48.95
C PHE M 255 -63.90 -27.07 49.24
N LYS M 256 -64.07 -26.63 50.48
CA LYS M 256 -65.29 -25.97 50.92
C LYS M 256 -65.37 -24.51 50.52
N ASP M 257 -64.27 -23.76 50.66
CA ASP M 257 -64.30 -22.36 50.23
C ASP M 257 -64.54 -22.25 48.74
N THR M 258 -63.95 -23.14 47.95
CA THR M 258 -64.18 -23.19 46.52
C THR M 258 -65.65 -23.33 46.16
N ILE M 259 -66.30 -24.42 46.56
CA ILE M 259 -67.64 -24.74 46.11
C ILE M 259 -68.65 -23.65 46.46
N VAL M 260 -68.56 -23.04 47.64
CA VAL M 260 -69.59 -22.13 48.12
C VAL M 260 -69.60 -20.84 47.32
N LYS M 261 -68.52 -20.58 46.57
CA LYS M 261 -68.36 -19.32 45.87
C LYS M 261 -69.17 -19.20 44.59
N GLU M 262 -69.54 -20.32 43.95
CA GLU M 262 -70.29 -20.24 42.71
C GLU M 262 -71.71 -19.73 42.95
N LYS N 274 -44.97 -39.00 6.39
CA LYS N 274 -46.12 -38.97 7.28
C LYS N 274 -45.84 -38.09 8.50
N GLU N 275 -46.76 -37.18 8.78
CA GLU N 275 -46.64 -36.34 9.96
C GLU N 275 -47.95 -36.31 10.73
N ALA N 276 -48.96 -35.67 10.15
CA ALA N 276 -50.24 -35.46 10.79
C ALA N 276 -50.94 -36.76 11.16
N ALA N 277 -50.86 -37.78 10.30
CA ALA N 277 -51.68 -38.99 10.46
C ALA N 277 -51.66 -39.51 11.88
N ALA N 278 -50.49 -39.96 12.34
CA ALA N 278 -50.32 -40.31 13.74
C ALA N 278 -50.48 -39.11 14.65
N GLU N 279 -49.89 -37.96 14.30
CA GLU N 279 -49.93 -36.79 15.17
C GLU N 279 -51.34 -36.39 15.52
N LEU N 280 -52.15 -36.01 14.52
CA LEU N 280 -53.52 -35.60 14.80
C LEU N 280 -54.28 -36.68 15.56
N GLU N 281 -53.85 -37.93 15.46
CA GLU N 281 -54.45 -38.97 16.29
C GLU N 281 -53.96 -38.89 17.74
N LEU N 282 -52.76 -38.39 17.96
CA LEU N 282 -52.31 -38.17 19.34
C LEU N 282 -53.25 -37.25 20.09
N LEU N 283 -53.98 -36.38 19.37
CA LEU N 283 -55.11 -35.69 19.99
C LEU N 283 -56.13 -36.69 20.52
N ASN N 284 -56.58 -37.61 19.66
CA ASN N 284 -57.58 -38.60 20.05
C ASN N 284 -57.11 -39.49 21.19
N ALA N 285 -56.09 -40.32 20.94
CA ALA N 285 -55.54 -41.17 21.99
C ALA N 285 -55.22 -40.35 23.22
N ASP N 286 -54.83 -39.09 23.03
CA ASP N 286 -54.70 -38.19 24.17
C ASP N 286 -56.03 -37.97 24.87
N HIS N 287 -57.13 -37.85 24.12
CA HIS N 287 -58.43 -37.72 24.74
C HIS N 287 -58.71 -38.92 25.62
N GLN N 288 -58.22 -40.09 25.20
CA GLN N 288 -58.27 -41.24 26.10
C GLN N 288 -57.41 -41.03 27.33
N HIS N 289 -56.13 -40.69 27.14
CA HIS N 289 -55.20 -40.57 28.26
C HIS N 289 -55.71 -39.59 29.31
N ILE N 290 -56.18 -38.42 28.89
CA ILE N 290 -56.77 -37.49 29.82
C ILE N 290 -58.12 -37.97 30.32
N LEU N 291 -58.85 -38.75 29.52
CA LEU N 291 -60.14 -39.20 30.00
C LEU N 291 -60.00 -40.10 31.22
N ARG N 292 -59.08 -41.08 31.17
CA ARG N 292 -58.91 -41.98 32.29
C ARG N 292 -58.54 -41.24 33.56
N LYS N 293 -57.32 -40.70 33.64
CA LYS N 293 -56.90 -40.01 34.85
C LYS N 293 -57.76 -38.79 35.16
N LEU N 294 -58.44 -38.25 34.17
CA LEU N 294 -59.48 -37.26 34.40
C LEU N 294 -60.57 -37.80 35.32
N LYS N 295 -61.31 -38.82 34.86
CA LYS N 295 -62.35 -39.39 35.70
C LYS N 295 -61.78 -40.06 36.94
N LYS N 296 -60.46 -40.25 37.01
CA LYS N 296 -59.86 -40.60 38.29
C LYS N 296 -59.93 -39.46 39.30
N MET N 297 -60.28 -38.27 38.84
CA MET N 297 -60.50 -37.12 39.73
C MET N 297 -61.94 -37.05 40.19
N ASN N 298 -62.75 -38.04 39.81
CA ASN N 298 -64.13 -38.11 40.29
C ASN N 298 -64.19 -38.02 41.81
N ASN N 299 -63.46 -38.88 42.51
CA ASN N 299 -63.37 -38.80 43.96
C ASN N 299 -62.54 -37.59 44.34
N LYS N 300 -62.36 -37.36 45.63
CA LYS N 300 -61.62 -36.19 46.12
C LYS N 300 -60.47 -36.60 47.03
N PRO N 301 -59.45 -37.26 46.48
CA PRO N 301 -58.17 -37.33 47.19
C PRO N 301 -57.45 -36.02 46.96
N GLU N 302 -56.17 -35.94 47.31
CA GLU N 302 -55.46 -34.74 46.87
C GLU N 302 -54.67 -35.07 45.62
N ARG N 303 -55.21 -34.64 44.48
CA ARG N 303 -54.60 -34.83 43.17
C ARG N 303 -54.93 -33.58 42.36
N PHE N 304 -53.92 -32.96 41.76
CA PHE N 304 -54.16 -31.76 40.98
C PHE N 304 -53.75 -31.96 39.53
N MET N 305 -54.53 -31.35 38.65
CA MET N 305 -54.20 -31.22 37.23
C MET N 305 -54.24 -29.73 36.94
N VAL N 306 -53.16 -29.21 36.36
CA VAL N 306 -53.06 -27.78 36.15
C VAL N 306 -53.27 -27.44 34.69
N PHE N 307 -53.91 -26.30 34.43
CA PHE N 307 -54.20 -25.85 33.08
C PHE N 307 -53.40 -24.60 32.76
N GLN N 308 -53.11 -24.43 31.47
CA GLN N 308 -52.88 -23.10 30.90
C GLN N 308 -54.16 -22.68 30.24
N LEU N 309 -54.64 -21.51 30.57
CA LEU N 309 -55.71 -21.00 29.76
C LEU N 309 -55.31 -19.67 29.15
N PRO N 310 -55.77 -19.39 27.93
CA PRO N 310 -55.42 -18.12 27.29
C PRO N 310 -55.89 -16.95 28.13
N THR N 311 -55.08 -15.90 28.10
CA THR N 311 -55.32 -14.73 28.94
C THR N 311 -56.48 -13.92 28.39
N ARG N 312 -56.66 -12.71 28.94
CA ARG N 312 -57.69 -11.75 28.56
C ARG N 312 -59.05 -12.14 29.10
N LEU N 313 -59.19 -13.40 29.53
CA LEU N 313 -60.46 -13.98 29.97
C LEU N 313 -61.52 -13.63 28.92
N PRO N 314 -61.43 -14.19 27.72
CA PRO N 314 -62.34 -13.77 26.64
C PRO N 314 -63.76 -14.28 26.84
N ALA N 315 -64.46 -13.73 27.83
CA ALA N 315 -65.81 -14.17 28.14
C ALA N 315 -66.83 -13.26 27.46
N PHE N 316 -68.11 -13.51 27.72
CA PHE N 316 -69.19 -12.72 27.14
C PHE N 316 -69.21 -11.32 27.73
N GLU N 317 -69.05 -11.22 29.04
CA GLU N 317 -69.09 -9.95 29.75
C GLU N 317 -68.18 -10.06 30.97
N ARG N 318 -68.27 -9.07 31.85
CA ARG N 318 -67.77 -9.16 33.22
C ARG N 318 -68.93 -8.80 34.15
N PRO N 319 -70.02 -9.59 34.12
CA PRO N 319 -71.24 -9.19 34.83
C PRO N 319 -71.10 -9.26 36.35
N ALA N 320 -70.24 -10.15 36.82
CA ALA N 320 -70.03 -10.33 38.26
C ALA N 320 -68.61 -9.94 38.64
N VAL N 360 -68.28 -19.92 34.37
CA VAL N 360 -67.88 -19.85 32.97
C VAL N 360 -68.28 -21.13 32.25
N GLY N 361 -67.64 -21.40 31.11
CA GLY N 361 -67.94 -22.56 30.30
C GLY N 361 -67.41 -23.85 30.88
N SER N 362 -67.47 -24.92 30.10
CA SER N 362 -67.10 -26.25 30.58
C SER N 362 -66.70 -27.12 29.40
N ILE N 363 -66.54 -28.41 29.67
CA ILE N 363 -65.79 -29.32 28.81
C ILE N 363 -66.68 -30.47 28.36
N ARG N 364 -66.41 -31.01 27.17
CA ARG N 364 -66.98 -32.28 26.74
C ARG N 364 -66.09 -32.89 25.66
N VAL N 365 -66.21 -34.20 25.48
CA VAL N 365 -65.64 -34.91 24.34
C VAL N 365 -66.79 -35.46 23.50
N HIS N 366 -67.00 -34.90 22.32
CA HIS N 366 -68.08 -35.34 21.45
C HIS N 366 -67.70 -36.69 20.85
N LYS N 367 -68.59 -37.26 20.05
CA LYS N 367 -68.42 -38.62 19.53
C LYS N 367 -67.09 -38.77 18.79
N SER N 368 -66.53 -39.97 18.88
CA SER N 368 -65.26 -40.32 18.24
C SER N 368 -64.11 -39.47 18.77
N GLY N 369 -64.03 -39.32 20.08
CA GLY N 369 -62.87 -38.70 20.70
C GLY N 369 -62.66 -37.24 20.31
N LYS N 370 -63.66 -36.41 20.53
CA LYS N 370 -63.55 -34.98 20.26
C LYS N 370 -63.07 -34.20 21.48
N LEU N 371 -63.14 -32.88 21.38
CA LEU N 371 -63.08 -32.02 22.57
C LEU N 371 -64.05 -30.89 22.37
N SER N 372 -64.95 -30.72 23.34
CA SER N 372 -65.84 -29.56 23.36
C SER N 372 -65.51 -28.80 24.65
N VAL N 373 -64.86 -27.64 24.50
CA VAL N 373 -64.58 -26.75 25.61
C VAL N 373 -65.04 -25.35 25.22
N LYS N 374 -66.03 -24.85 25.96
CA LYS N 374 -66.57 -23.52 25.70
C LYS N 374 -66.25 -22.66 26.91
N ILE N 375 -66.20 -21.35 26.67
CA ILE N 375 -65.89 -20.39 27.73
C ILE N 375 -67.00 -19.34 27.78
N GLY N 376 -67.10 -18.53 26.73
CA GLY N 376 -68.14 -17.53 26.65
C GLY N 376 -68.48 -17.27 25.20
N ASN N 377 -69.70 -16.78 24.99
CA ASN N 377 -70.28 -16.69 23.64
C ASN N 377 -70.22 -18.04 22.94
N VAL N 378 -70.32 -19.11 23.74
CA VAL N 378 -70.19 -20.51 23.33
C VAL N 378 -69.01 -20.66 22.38
N VAL N 379 -67.91 -19.96 22.69
CA VAL N 379 -66.72 -20.02 21.86
C VAL N 379 -66.17 -21.45 21.87
N MET N 380 -65.64 -21.87 20.73
CA MET N 380 -64.95 -23.15 20.66
C MET N 380 -63.47 -22.90 20.91
N ASP N 381 -62.99 -23.31 22.08
CA ASP N 381 -61.60 -23.19 22.47
C ASP N 381 -61.18 -24.58 22.94
N ILE N 382 -60.32 -25.24 22.16
CA ILE N 382 -60.05 -26.65 22.34
C ILE N 382 -58.55 -26.92 22.31
N GLY N 383 -58.04 -27.51 23.39
CA GLY N 383 -56.69 -27.99 23.38
C GLY N 383 -56.56 -29.15 24.33
N LYS N 384 -55.61 -30.04 24.04
CA LYS N 384 -55.48 -31.30 24.72
C LYS N 384 -54.02 -31.66 24.83
N GLY N 385 -53.73 -32.77 25.50
CA GLY N 385 -52.38 -33.15 25.78
C GLY N 385 -51.65 -32.07 26.56
N ALA N 386 -50.34 -32.21 26.62
CA ALA N 386 -49.49 -31.18 27.19
C ALA N 386 -48.05 -31.52 26.89
N GLU N 387 -47.15 -30.65 27.34
CA GLU N 387 -45.75 -31.00 27.43
C GLU N 387 -45.60 -32.16 28.39
N THR N 388 -44.89 -33.20 27.95
CA THR N 388 -44.59 -34.29 28.85
C THR N 388 -43.60 -33.78 29.88
N THR N 389 -43.97 -33.84 31.15
CA THR N 389 -43.00 -33.60 32.19
C THR N 389 -42.73 -34.90 32.93
N PHE N 390 -43.63 -35.30 33.85
CA PHE N 390 -43.64 -36.64 34.42
C PHE N 390 -42.36 -36.94 35.19
N LEU N 391 -41.36 -36.08 35.03
CA LEU N 391 -40.09 -36.24 35.71
C LEU N 391 -40.26 -36.19 37.22
N GLN N 392 -39.90 -35.06 37.83
CA GLN N 392 -40.01 -34.89 39.26
C GLN N 392 -41.43 -34.57 39.67
N ASP N 393 -41.75 -34.75 40.95
CA ASP N 393 -43.08 -34.47 41.46
C ASP N 393 -43.38 -32.97 41.41
N VAL N 394 -44.65 -32.64 41.14
CA VAL N 394 -45.07 -31.26 41.05
C VAL N 394 -46.06 -31.07 42.20
N ILE N 395 -45.70 -30.23 43.16
CA ILE N 395 -46.42 -30.11 44.41
C ILE N 395 -46.95 -28.69 44.56
N ALA N 396 -48.25 -28.59 44.82
CA ALA N 396 -48.94 -27.31 44.89
C ALA N 396 -49.19 -26.92 46.33
N LEU N 397 -48.85 -25.69 46.68
CA LEU N 397 -48.99 -25.16 48.02
C LEU N 397 -49.80 -23.87 48.03
N SER N 398 -50.01 -23.32 49.22
CA SER N 398 -50.55 -21.98 49.37
C SER N 398 -49.97 -21.21 50.53
N ILE N 399 -49.83 -19.90 50.34
CA ILE N 399 -49.40 -18.98 51.38
C ILE N 399 -50.64 -18.73 52.22
N ALA N 400 -50.50 -18.82 53.53
CA ALA N 400 -51.60 -18.51 54.45
C ALA N 400 -51.22 -17.25 55.24
N ASP N 401 -51.86 -16.14 54.88
CA ASP N 401 -51.77 -14.86 55.59
C ASP N 401 -50.33 -14.54 56.00
N ASP N 402 -49.47 -14.38 55.00
CA ASP N 402 -48.07 -14.04 55.24
C ASP N 402 -47.45 -15.07 56.18
N ALA N 403 -47.09 -14.66 57.40
CA ALA N 403 -46.58 -15.59 58.40
C ALA N 403 -47.65 -16.62 58.77
N SER N 404 -47.20 -17.76 59.31
CA SER N 404 -48.08 -18.87 59.66
C SER N 404 -48.76 -19.35 58.37
N SER N 405 -47.94 -19.94 57.50
CA SER N 405 -48.24 -20.19 56.12
C SER N 405 -48.03 -21.63 55.73
N ALA N 406 -48.03 -22.01 54.46
CA ALA N 406 -47.70 -23.34 53.96
C ALA N 406 -48.58 -24.50 54.46
N GLU N 407 -49.80 -24.51 53.96
CA GLU N 407 -50.61 -25.73 53.92
C GLU N 407 -50.41 -26.33 52.54
N LEU N 408 -49.82 -27.52 52.50
CA LEU N 408 -49.64 -28.27 51.27
C LEU N 408 -50.96 -28.92 50.87
N LEU N 409 -51.21 -29.07 49.58
CA LEU N 409 -52.51 -29.63 49.22
C LEU N 409 -52.47 -30.91 48.40
N GLY N 410 -52.39 -30.77 47.08
CA GLY N 410 -52.73 -31.87 46.19
C GLY N 410 -51.68 -32.47 45.27
N ARG N 411 -50.42 -32.05 45.39
CA ARG N 411 -49.37 -32.32 44.42
C ARG N 411 -49.89 -32.10 43.00
N VAL N 412 -49.48 -32.95 42.06
CA VAL N 412 -49.93 -32.87 40.67
C VAL N 412 -49.85 -34.25 40.05
N ASP N 413 -50.76 -34.56 39.13
CA ASP N 413 -50.64 -35.74 38.30
C ASP N 413 -50.23 -35.36 36.88
N GLY N 414 -51.18 -34.84 36.11
CA GLY N 414 -50.95 -34.53 34.71
C GLY N 414 -50.88 -33.04 34.42
N LYS N 415 -51.03 -32.73 33.14
CA LYS N 415 -50.98 -31.37 32.63
C LYS N 415 -51.79 -31.30 31.35
N ILE N 416 -52.42 -30.15 31.09
CA ILE N 416 -53.07 -29.89 29.80
C ILE N 416 -53.14 -28.39 29.59
N VAL N 417 -53.19 -28.00 28.32
CA VAL N 417 -53.45 -26.64 27.93
C VAL N 417 -54.65 -26.62 27.00
N VAL N 418 -55.23 -25.44 26.81
CA VAL N 418 -56.36 -25.28 25.90
C VAL N 418 -56.11 -24.04 25.05
N THR N 419 -56.28 -24.19 23.73
CA THR N 419 -55.99 -23.13 22.76
C THR N 419 -57.10 -23.06 21.72
N PRO N 420 -57.53 -21.87 21.32
CA PRO N 420 -58.60 -21.77 20.32
C PRO N 420 -58.10 -22.27 18.97
N GLN N 421 -58.99 -22.91 18.22
CA GLN N 421 -58.61 -23.41 16.92
C GLN N 421 -59.05 -22.43 15.83
N ILE N 422 -58.67 -22.75 14.59
CA ILE N 422 -58.97 -21.92 13.43
C ILE N 422 -59.38 -22.82 12.27
N VAL O 31 32.83 20.47 7.30
CA VAL O 31 32.63 21.78 7.91
C VAL O 31 33.88 22.20 8.68
N MET O 32 34.74 22.97 7.99
CA MET O 32 35.83 23.72 8.59
C MET O 32 37.03 22.86 8.98
N THR O 33 36.84 21.55 9.12
CA THR O 33 37.91 20.59 9.36
C THR O 33 38.60 20.80 10.70
N ILE O 34 38.37 21.96 11.32
CA ILE O 34 38.89 22.21 12.66
C ILE O 34 37.98 21.38 13.56
N SER O 35 36.92 20.83 13.01
CA SER O 35 36.03 19.95 13.78
C SER O 35 36.82 18.84 14.50
N SER O 36 37.67 18.14 13.73
CA SER O 36 38.59 17.15 14.26
C SER O 36 37.80 15.96 14.79
N LEU O 37 36.74 15.57 14.08
CA LEU O 37 35.98 14.36 14.41
C LEU O 37 36.60 13.08 13.87
N GLU O 38 36.97 13.03 12.60
CA GLU O 38 37.57 11.82 12.04
C GLU O 38 38.76 11.34 12.86
N GLN O 39 39.65 12.27 13.19
CA GLN O 39 40.86 12.03 13.96
C GLN O 39 40.53 11.67 15.39
N ARG O 40 39.25 11.73 15.76
CA ARG O 40 38.84 11.76 17.16
C ARG O 40 38.15 10.51 17.65
N THR O 41 36.88 10.38 17.27
CA THR O 41 35.95 9.53 17.99
C THR O 41 36.05 8.06 17.61
N LEU O 42 36.27 7.79 16.34
CA LEU O 42 36.01 6.44 15.83
C LEU O 42 37.20 5.50 16.04
N ASN O 43 38.24 5.94 16.73
CA ASN O 43 39.44 5.13 16.94
C ASN O 43 39.74 4.95 18.42
N PRO O 44 39.22 3.89 19.03
CA PRO O 44 39.64 3.52 20.38
C PRO O 44 40.78 2.52 20.39
N ASP O 45 41.18 2.16 21.62
CA ASP O 45 42.01 0.97 21.81
C ASP O 45 43.24 1.05 20.92
N LEU O 46 43.18 0.27 19.84
CA LEU O 46 44.24 0.23 18.83
C LEU O 46 44.84 1.59 18.53
N PHE O 47 44.00 2.63 18.43
CA PHE O 47 44.47 3.90 17.91
C PHE O 47 45.79 4.35 18.50
N LEU O 48 45.92 4.38 19.82
CA LEU O 48 47.13 4.87 20.45
C LEU O 48 48.37 4.29 19.81
N TYR O 49 48.39 2.97 19.67
CA TYR O 49 49.56 2.29 19.14
C TYR O 49 49.97 2.86 17.80
N LYS O 50 49.12 2.74 16.78
CA LYS O 50 49.63 3.07 15.46
C LYS O 50 49.89 4.55 15.25
N GLU O 51 49.55 5.41 16.20
CA GLU O 51 50.24 6.70 16.20
C GLU O 51 51.57 6.68 16.93
N LEU O 52 51.65 6.05 18.11
CA LEU O 52 52.92 5.98 18.81
C LEU O 52 54.03 5.53 17.87
N VAL O 53 53.96 4.28 17.40
CA VAL O 53 54.94 3.81 16.44
C VAL O 53 55.04 4.76 15.25
N LYS O 54 53.91 5.27 14.75
CA LYS O 54 53.99 6.25 13.67
C LYS O 54 54.75 7.49 14.11
N ALA O 55 54.40 8.03 15.28
CA ALA O 55 55.14 9.16 15.82
C ALA O 55 56.55 8.78 16.23
N HIS O 56 56.86 7.48 16.27
CA HIS O 56 58.15 7.05 16.76
C HIS O 56 58.97 6.37 15.68
N LEU O 57 58.60 5.15 15.31
CA LEU O 57 59.17 4.50 14.13
C LEU O 57 58.58 5.06 12.85
N GLY O 58 57.28 4.91 12.65
CA GLY O 58 56.62 5.58 11.55
C GLY O 58 56.56 4.74 10.29
N GLU O 59 56.43 5.42 9.16
CA GLU O 59 56.56 4.86 7.82
C GLU O 59 55.76 3.58 7.66
N ARG O 60 56.32 2.61 6.94
CA ARG O 60 55.79 1.27 6.88
C ARG O 60 55.86 0.56 8.22
N ALA O 61 56.90 0.84 9.01
CA ALA O 61 57.11 0.19 10.29
C ALA O 61 55.91 0.31 11.21
N ALA O 62 55.10 1.35 11.06
CA ALA O 62 53.94 1.56 11.90
C ALA O 62 52.72 0.79 11.44
N SER O 63 52.24 1.08 10.22
CA SER O 63 50.95 0.59 9.75
C SER O 63 50.81 -0.91 9.86
N VAL O 64 51.91 -1.66 9.91
CA VAL O 64 51.82 -3.08 10.15
C VAL O 64 51.16 -3.38 11.49
N ILE O 65 51.61 -2.72 12.56
CA ILE O 65 51.01 -2.99 13.87
C ILE O 65 49.55 -2.57 13.89
N GLY O 66 49.21 -1.44 13.25
CA GLY O 66 47.82 -1.05 13.17
C GLY O 66 46.94 -2.16 12.65
N MET O 67 47.40 -2.88 11.62
CA MET O 67 46.71 -4.08 11.19
C MET O 67 46.77 -5.18 12.23
N LEU O 68 47.92 -5.33 12.90
CA LEU O 68 48.14 -6.50 13.74
C LEU O 68 47.26 -6.47 14.98
N VAL O 69 47.19 -5.34 15.67
CA VAL O 69 46.29 -5.22 16.80
C VAL O 69 44.85 -5.44 16.34
N ALA O 70 44.40 -4.65 15.37
CA ALA O 70 42.99 -4.64 15.01
C ALA O 70 42.51 -6.02 14.60
N LEU O 71 43.28 -6.72 13.77
CA LEU O 71 42.74 -7.92 13.18
C LEU O 71 43.10 -9.16 14.00
N GLY O 72 43.81 -8.98 15.10
CA GLY O 72 44.10 -10.09 16.02
C GLY O 72 45.40 -10.78 15.65
N ARG O 73 45.56 -12.02 16.12
CA ARG O 73 46.72 -12.84 15.75
C ARG O 73 46.80 -12.94 14.24
N LEU O 74 48.01 -12.96 13.70
CA LEU O 74 48.18 -12.84 12.26
C LEU O 74 49.46 -13.54 11.83
N SER O 75 49.47 -14.03 10.59
CA SER O 75 50.59 -14.80 10.06
C SER O 75 51.33 -14.02 8.97
N VAL O 76 52.62 -14.31 8.85
CA VAL O 76 53.52 -13.50 8.01
C VAL O 76 52.92 -13.29 6.63
N ARG O 77 52.57 -14.38 5.94
CA ARG O 77 52.04 -14.26 4.59
C ARG O 77 50.73 -13.50 4.56
N GLU O 78 49.86 -13.74 5.55
CA GLU O 78 48.53 -13.14 5.54
C GLU O 78 48.55 -11.63 5.61
N LEU O 79 49.59 -11.03 6.21
CA LEU O 79 49.69 -9.58 6.21
C LEU O 79 49.57 -9.02 4.80
N VAL O 80 50.35 -9.57 3.87
CA VAL O 80 50.50 -8.98 2.55
C VAL O 80 49.19 -8.97 1.78
N GLU O 81 48.28 -9.90 2.09
CA GLU O 81 46.97 -9.86 1.48
C GLU O 81 46.19 -8.61 1.84
N LYS O 82 46.69 -7.79 2.75
CA LYS O 82 45.96 -6.64 3.24
C LYS O 82 46.71 -5.33 3.07
N ILE O 83 47.85 -5.20 3.76
CA ILE O 83 48.54 -3.91 3.80
C ILE O 83 49.04 -3.50 2.42
N ASP O 84 49.32 -4.47 1.55
CA ASP O 84 49.98 -4.23 0.26
C ASP O 84 51.37 -3.62 0.48
N GLY O 85 52.11 -4.25 1.37
CA GLY O 85 53.38 -3.75 1.85
C GLY O 85 54.59 -4.34 1.17
N MET O 86 54.45 -4.79 -0.08
CA MET O 86 55.56 -5.39 -0.81
C MET O 86 56.07 -6.64 -0.12
N ASP O 87 55.42 -7.76 -0.43
CA ASP O 87 55.49 -9.00 0.34
C ASP O 87 56.89 -9.37 0.78
N VAL O 88 56.98 -9.87 2.02
CA VAL O 88 58.13 -10.57 2.61
C VAL O 88 59.34 -9.65 2.53
N ASP O 89 59.08 -8.36 2.41
CA ASP O 89 60.13 -7.35 2.41
C ASP O 89 60.01 -6.44 3.61
N SER O 90 59.04 -5.54 3.60
CA SER O 90 58.65 -4.83 4.81
C SER O 90 58.29 -5.79 5.93
N VAL O 91 57.40 -6.75 5.67
CA VAL O 91 56.96 -7.69 6.68
C VAL O 91 58.14 -8.26 7.45
N LYS O 92 59.05 -8.94 6.76
CA LYS O 92 60.27 -9.41 7.40
C LYS O 92 61.07 -8.27 8.03
N THR O 93 61.55 -7.33 7.22
CA THR O 93 62.47 -6.31 7.70
C THR O 93 61.85 -5.50 8.83
N THR O 94 60.66 -4.95 8.61
CA THR O 94 60.01 -4.22 9.69
C THR O 94 59.65 -5.12 10.86
N LEU O 95 59.42 -6.40 10.62
CA LEU O 95 59.02 -7.30 11.69
C LEU O 95 60.15 -7.47 12.70
N VAL O 96 61.33 -7.88 12.22
CA VAL O 96 62.50 -7.92 13.09
C VAL O 96 62.87 -6.52 13.57
N SER O 97 62.61 -5.51 12.75
CA SER O 97 62.81 -4.13 13.18
C SER O 97 62.01 -3.84 14.42
N LEU O 98 60.85 -4.47 14.56
CA LEU O 98 60.09 -4.41 15.79
C LEU O 98 60.64 -5.33 16.87
N THR O 99 61.09 -6.52 16.48
CA THR O 99 61.34 -7.56 17.45
C THR O 99 62.49 -7.23 18.38
N GLN O 100 63.57 -6.65 17.85
CA GLN O 100 64.67 -6.23 18.71
C GLN O 100 64.21 -5.15 19.67
N LEU O 101 63.21 -4.37 19.27
CA LEU O 101 62.57 -3.43 20.17
C LEU O 101 61.38 -4.07 20.88
N ARG O 102 61.18 -5.37 20.65
CA ARG O 102 60.04 -6.14 21.15
C ARG O 102 58.74 -5.35 21.05
N CYS O 103 58.36 -5.08 19.81
CA CYS O 103 57.07 -4.48 19.51
C CYS O 103 56.04 -5.51 19.10
N VAL O 104 56.39 -6.80 19.09
CA VAL O 104 55.46 -7.86 18.71
C VAL O 104 55.56 -9.00 19.71
N LYS O 105 54.48 -9.75 19.85
CA LYS O 105 54.52 -11.04 20.51
C LYS O 105 54.71 -12.12 19.44
N TYR O 106 55.57 -13.08 19.73
CA TYR O 106 56.10 -13.95 18.69
C TYR O 106 55.90 -15.41 19.05
N LEU O 107 55.30 -16.17 18.13
CA LEU O 107 55.12 -17.60 18.32
C LEU O 107 55.32 -18.30 16.99
N GLN O 108 55.73 -19.56 17.04
CA GLN O 108 55.73 -20.40 15.85
C GLN O 108 55.42 -21.84 16.26
N GLU O 109 54.66 -22.51 15.41
CA GLU O 109 54.42 -23.95 15.55
C GLU O 109 53.85 -24.58 14.29
N THR O 110 53.65 -25.88 14.34
CA THR O 110 52.99 -26.63 13.29
C THR O 110 51.72 -27.36 13.60
N ALA O 111 50.85 -27.48 12.60
CA ALA O 111 49.62 -28.24 12.75
C ALA O 111 50.10 -29.68 12.56
N ILE O 112 49.17 -30.63 12.63
CA ILE O 112 49.54 -32.04 12.53
C ILE O 112 50.05 -32.41 11.13
N SER O 113 49.65 -31.67 10.09
CA SER O 113 50.05 -32.03 8.74
C SER O 113 51.57 -32.00 8.58
N GLY O 114 52.20 -30.92 8.99
CA GLY O 114 53.64 -30.83 8.92
C GLY O 114 54.09 -29.40 8.71
N LYS O 115 55.31 -29.28 8.19
CA LYS O 115 55.97 -28.00 7.91
C LYS O 115 56.02 -27.16 9.19
N LYS O 116 55.83 -25.85 9.07
CA LYS O 116 55.88 -24.94 10.20
C LYS O 116 55.21 -23.64 9.80
N THR O 117 54.81 -22.84 10.77
CA THR O 117 54.29 -21.50 10.52
C THR O 117 54.48 -20.63 11.75
N THR O 118 54.43 -19.32 11.54
CA THR O 118 54.67 -18.35 12.59
C THR O 118 53.44 -17.48 12.77
N TYR O 119 53.03 -17.29 14.02
CA TYR O 119 51.93 -16.41 14.36
C TYR O 119 52.42 -15.30 15.28
N TYR O 120 51.73 -14.16 15.25
CA TYR O 120 52.19 -12.96 15.92
C TYR O 120 51.09 -12.32 16.73
N TYR O 121 51.47 -11.26 17.44
CA TYR O 121 50.55 -10.45 18.22
C TYR O 121 51.25 -9.09 18.36
N TYR O 122 50.56 -8.12 18.97
CA TYR O 122 51.20 -6.87 19.35
C TYR O 122 51.77 -7.05 20.73
N ASN O 123 53.05 -6.72 20.89
CA ASN O 123 53.79 -7.12 22.08
C ASN O 123 53.16 -6.58 23.35
N GLU O 124 52.75 -7.48 24.25
CA GLU O 124 52.40 -7.17 25.64
C GLU O 124 51.67 -5.84 25.73
N GLU O 125 52.11 -5.00 26.66
CA GLU O 125 51.95 -3.58 26.50
C GLU O 125 52.96 -2.98 25.53
N GLY O 126 54.18 -3.52 25.45
CA GLY O 126 54.98 -3.30 24.26
C GLY O 126 55.39 -1.86 24.05
N ILE O 127 54.84 -1.26 23.00
CA ILE O 127 55.05 0.13 22.60
C ILE O 127 54.91 1.00 23.83
N HIS O 128 54.21 0.46 24.83
CA HIS O 128 54.18 0.99 26.17
C HIS O 128 55.57 1.42 26.63
N ILE O 129 56.56 0.54 26.46
CA ILE O 129 57.94 0.87 26.81
C ILE O 129 58.33 2.21 26.22
N LEU O 130 58.12 2.37 24.92
CA LEU O 130 58.24 3.67 24.30
C LEU O 130 57.37 4.71 24.98
N LEU O 131 56.11 4.35 25.30
CA LEU O 131 55.16 5.36 25.76
C LEU O 131 55.66 6.05 27.01
N TYR O 132 56.35 5.34 27.90
CA TYR O 132 56.92 6.11 28.99
C TYR O 132 58.25 6.70 28.57
N SER O 133 59.30 5.90 28.69
CA SER O 133 60.65 6.23 28.26
C SER O 133 61.16 7.50 28.91
N GLY O 134 60.26 8.40 29.29
CA GLY O 134 60.66 9.57 30.06
C GLY O 134 60.73 9.27 31.53
N LEU O 135 59.71 8.60 32.07
CA LEU O 135 59.76 8.25 33.47
C LEU O 135 60.75 7.11 33.68
N ILE O 136 61.03 6.36 32.62
CA ILE O 136 62.13 5.41 32.67
C ILE O 136 63.45 6.16 32.73
N ILE O 137 63.51 7.36 32.15
CA ILE O 137 64.65 8.23 32.43
C ILE O 137 64.66 8.65 33.88
N ASP O 138 63.49 9.00 34.43
CA ASP O 138 63.40 9.36 35.83
C ASP O 138 63.77 8.27 36.84
N GLU O 139 63.72 7.01 36.43
CA GLU O 139 64.12 5.91 37.30
C GLU O 139 65.58 6.00 37.79
N ILE O 140 66.34 6.90 37.18
CA ILE O 140 67.71 7.18 37.62
C ILE O 140 67.59 7.52 39.10
N ILE O 141 66.63 8.37 39.46
CA ILE O 141 66.60 8.98 40.79
C ILE O 141 66.71 7.95 41.89
N THR O 142 66.10 6.78 41.71
CA THR O 142 66.32 5.70 42.67
C THR O 142 67.79 5.36 42.80
N GLN O 143 68.39 4.82 41.74
CA GLN O 143 69.80 4.46 41.73
C GLN O 143 70.70 5.68 41.77
N MET O 144 70.15 6.86 41.55
CA MET O 144 70.93 8.10 41.57
C MET O 144 71.68 8.29 42.88
N ARG O 145 71.24 7.66 43.96
CA ARG O 145 71.94 7.83 45.23
C ARG O 145 73.37 7.26 45.13
N VAL O 146 74.21 7.75 46.05
CA VAL O 146 75.61 7.37 46.24
C VAL O 146 76.50 8.06 45.19
N ASN O 147 75.90 8.52 44.09
CA ASN O 147 76.59 9.43 43.17
C ASN O 147 75.58 10.48 42.71
N ASP O 148 75.81 11.74 43.09
CA ASP O 148 74.87 12.81 42.81
C ASP O 148 75.58 13.97 42.12
N GLU O 149 74.84 14.62 41.20
CA GLU O 149 75.32 15.79 40.47
C GLU O 149 76.66 15.48 39.78
N GLU O 150 76.59 14.55 38.85
CA GLU O 150 77.77 14.01 38.19
C GLU O 150 77.46 13.84 36.71
N GLU O 151 78.53 13.77 35.90
CA GLU O 151 78.39 13.14 34.61
C GLU O 151 78.03 11.67 34.75
N HIS O 152 78.41 11.05 35.88
CA HIS O 152 77.95 9.70 36.20
C HIS O 152 76.44 9.59 36.04
N LYS O 153 75.69 10.58 36.55
CA LYS O 153 74.29 10.73 36.16
C LYS O 153 74.15 10.71 34.65
N GLN O 154 74.72 11.72 33.98
CA GLN O 154 74.66 11.79 32.53
C GLN O 154 75.14 10.51 31.88
N LEU O 155 76.16 9.86 32.46
CA LEU O 155 76.61 8.59 31.93
C LEU O 155 75.49 7.56 31.93
N VAL O 156 75.01 7.17 33.12
CA VAL O 156 74.00 6.11 33.19
C VAL O 156 72.76 6.48 32.41
N ALA O 157 72.42 7.77 32.37
CA ALA O 157 71.34 8.23 31.50
C ALA O 157 71.62 7.87 30.04
N GLU O 158 72.80 8.25 29.54
CA GLU O 158 73.20 7.84 28.21
C GLU O 158 73.09 6.33 28.02
N ILE O 159 73.52 5.57 29.02
CA ILE O 159 73.35 4.13 29.00
C ILE O 159 71.90 3.77 28.68
N VAL O 160 70.98 4.05 29.61
CA VAL O 160 69.61 3.60 29.46
C VAL O 160 69.00 4.11 28.16
N GLN O 161 69.10 5.41 27.90
CA GLN O 161 68.51 5.96 26.68
C GLN O 161 69.09 5.34 25.43
N ASN O 162 70.29 4.76 25.52
CA ASN O 162 70.76 3.88 24.46
C ASN O 162 70.16 2.48 24.55
N VAL O 163 69.86 2.01 25.77
CA VAL O 163 69.43 0.63 25.94
C VAL O 163 68.03 0.43 25.37
N ILE O 164 67.08 1.27 25.80
CA ILE O 164 65.72 1.13 25.26
C ILE O 164 65.73 1.33 23.76
N SER O 165 66.39 2.39 23.31
CA SER O 165 66.42 2.71 21.88
C SER O 165 66.96 1.54 21.06
N LEU O 166 68.03 0.90 21.56
CA LEU O 166 68.64 -0.18 20.82
C LEU O 166 67.97 -1.51 21.14
N GLY O 167 66.97 -1.48 22.02
CA GLY O 167 66.32 -2.71 22.42
C GLY O 167 67.23 -3.59 23.25
N SER O 168 67.44 -4.83 22.82
CA SER O 168 68.30 -5.77 23.54
C SER O 168 69.75 -5.29 23.43
N LEU O 169 70.49 -5.42 24.53
CA LEU O 169 71.90 -5.06 24.58
C LEU O 169 72.73 -6.14 25.23
N THR O 170 74.04 -6.07 24.99
CA THR O 170 75.04 -6.86 25.69
C THR O 170 76.19 -5.96 26.09
N VAL O 171 76.56 -6.00 27.37
CA VAL O 171 77.63 -5.15 27.85
C VAL O 171 78.95 -5.51 27.18
N GLU O 172 79.04 -6.72 26.62
CA GLU O 172 80.23 -7.07 25.86
C GLU O 172 80.28 -6.32 24.53
N ASP O 173 79.17 -6.33 23.78
CA ASP O 173 79.14 -5.60 22.52
C ASP O 173 79.02 -4.11 22.74
N TYR O 174 78.21 -3.69 23.70
CA TYR O 174 78.09 -2.25 23.97
C TYR O 174 79.40 -1.70 24.52
N LEU O 175 79.89 -2.25 25.62
CA LEU O 175 81.17 -1.80 26.17
C LEU O 175 82.30 -1.97 25.16
N SER O 176 82.21 -2.99 24.30
CA SER O 176 83.18 -3.13 23.22
C SER O 176 83.11 -1.94 22.27
N SER O 177 81.91 -1.55 21.84
CA SER O 177 81.76 -0.34 21.03
C SER O 177 82.14 0.90 21.84
N VAL O 178 81.85 0.89 23.14
CA VAL O 178 82.33 1.95 24.02
C VAL O 178 83.85 1.93 23.99
N THR O 179 84.46 3.11 24.18
CA THR O 179 85.90 3.24 24.09
C THR O 179 86.62 2.31 25.05
N SER O 180 87.79 1.86 24.62
CA SER O 180 88.73 1.16 25.48
C SER O 180 89.52 2.19 26.27
N ASP O 181 90.64 1.77 26.87
CA ASP O 181 91.63 2.63 27.52
C ASP O 181 90.98 3.58 28.52
N SER O 182 89.89 3.13 29.12
CA SER O 182 89.22 3.85 30.19
C SER O 182 88.96 2.83 31.30
N MET O 183 88.25 3.26 32.34
CA MET O 183 88.11 2.40 33.51
C MET O 183 86.85 1.56 33.38
N LYS O 184 87.05 0.26 33.13
CA LYS O 184 85.95 -0.63 32.75
C LYS O 184 84.84 -0.62 33.79
N TYR O 185 85.14 -1.08 35.00
CA TYR O 185 84.17 -1.11 36.09
C TYR O 185 83.71 0.28 36.50
N THR O 186 84.31 1.30 35.91
CA THR O 186 83.95 2.68 36.18
C THR O 186 83.03 3.10 35.05
N ILE O 187 83.32 2.62 33.85
CA ILE O 187 82.49 2.90 32.69
C ILE O 187 81.09 2.37 32.97
N SER O 188 81.01 1.05 32.93
CA SER O 188 79.78 0.27 33.12
C SER O 188 78.71 0.86 34.01
N SER O 189 79.05 1.85 34.82
CA SER O 189 78.10 2.48 35.75
C SER O 189 77.31 1.40 36.50
N LEU O 190 76.28 0.89 35.85
CA LEU O 190 75.51 -0.19 36.44
C LEU O 190 76.55 -1.15 37.02
N PHE O 191 77.19 -1.92 36.13
CA PHE O 191 78.21 -2.91 36.47
C PHE O 191 77.67 -3.79 37.57
N VAL O 192 78.00 -3.42 38.81
CA VAL O 192 77.49 -4.13 39.96
C VAL O 192 76.04 -3.71 40.25
N GLN O 193 75.59 -2.66 39.54
CA GLN O 193 74.25 -2.14 39.68
C GLN O 193 73.29 -2.80 38.70
N LEU O 194 73.77 -3.15 37.50
CA LEU O 194 72.84 -3.78 36.56
C LEU O 194 71.75 -4.59 37.25
N CYS O 195 71.95 -4.99 38.51
CA CYS O 195 71.00 -5.90 39.13
C CYS O 195 69.79 -5.15 39.67
N GLU O 196 69.95 -4.51 40.82
CA GLU O 196 68.90 -3.71 41.45
C GLU O 196 67.57 -4.48 41.46
N MET O 197 66.48 -3.82 41.11
CA MET O 197 65.19 -4.42 40.82
C MET O 197 64.93 -4.26 39.33
N GLY O 198 64.97 -3.01 38.87
CA GLY O 198 64.80 -2.69 37.48
C GLY O 198 66.01 -2.84 36.58
N TYR O 199 66.09 -2.01 35.55
CA TYR O 199 66.98 -2.28 34.38
C TYR O 199 66.69 -3.62 33.76
N LEU O 200 67.66 -4.51 33.60
CA LEU O 200 67.54 -5.57 32.61
C LEU O 200 67.57 -7.01 33.07
N ILE O 201 67.02 -7.88 32.22
CA ILE O 201 67.08 -9.33 32.40
C ILE O 201 67.21 -9.93 31.01
N GLN O 202 67.84 -11.11 30.93
CA GLN O 202 67.79 -11.88 29.70
C GLN O 202 66.35 -12.11 29.28
N ILE O 203 66.11 -11.95 28.00
CA ILE O 203 64.83 -12.31 27.40
C ILE O 203 65.01 -13.63 26.67
N SER O 204 64.39 -14.68 27.21
CA SER O 204 64.78 -16.04 26.84
C SER O 204 63.65 -16.72 26.08
N LYS O 205 63.84 -16.89 24.78
CA LYS O 205 63.03 -17.81 23.98
C LYS O 205 61.55 -17.50 24.20
N LEU O 206 60.84 -18.45 24.81
CA LEU O 206 59.43 -18.38 25.09
C LEU O 206 59.08 -17.26 26.07
N HIS O 207 60.10 -16.54 26.56
CA HIS O 207 59.86 -15.41 27.45
C HIS O 207 58.77 -14.48 26.92
N TYR O 208 58.95 -13.95 25.72
CA TYR O 208 57.90 -13.10 25.15
C TYR O 208 56.99 -13.88 24.21
N THR O 209 57.15 -15.19 24.17
CA THR O 209 55.99 -15.92 23.69
C THR O 209 54.80 -15.58 24.56
N PRO O 210 53.64 -15.28 23.98
CA PRO O 210 52.51 -14.77 24.76
C PRO O 210 52.18 -15.64 25.95
N ILE O 211 51.97 -15.00 27.10
CA ILE O 211 51.71 -15.71 28.34
C ILE O 211 50.51 -16.62 28.19
N GLU O 212 49.41 -16.10 27.66
CA GLU O 212 48.19 -16.88 27.50
C GLU O 212 48.44 -18.17 26.76
N ASP O 213 49.25 -18.14 25.70
CA ASP O 213 49.45 -19.34 24.91
C ASP O 213 50.42 -20.29 25.59
N LEU O 214 51.44 -19.77 26.26
CA LEU O 214 52.34 -20.67 26.97
C LEU O 214 51.63 -21.34 28.13
N TRP O 215 50.51 -20.76 28.58
CA TRP O 215 49.63 -21.47 29.49
C TRP O 215 48.99 -22.67 28.80
N GLN O 216 48.82 -22.59 27.48
CA GLN O 216 48.27 -23.72 26.73
C GLN O 216 49.34 -24.78 26.48
N PHE O 217 50.52 -24.35 26.05
CA PHE O 217 51.63 -25.28 25.83
C PHE O 217 52.02 -25.96 27.13
N LEU O 218 51.97 -25.23 28.23
CA LEU O 218 52.25 -25.84 29.53
C LEU O 218 51.02 -26.56 30.07
N TYR O 219 49.84 -26.22 29.57
CA TYR O 219 48.63 -26.95 29.91
C TYR O 219 48.57 -28.26 29.15
N GLU O 220 49.48 -28.45 28.21
CA GLU O 220 49.87 -29.75 27.71
C GLU O 220 50.72 -30.43 28.78
N LYS O 221 51.31 -31.57 28.46
CA LYS O 221 52.15 -32.36 29.37
C LYS O 221 51.36 -32.93 30.54
N HIS O 222 50.09 -32.58 30.69
CA HIS O 222 49.32 -32.98 31.86
C HIS O 222 48.05 -33.73 31.52
N TYR O 223 47.11 -33.14 30.79
CA TYR O 223 46.20 -33.99 30.05
C TYR O 223 46.92 -34.76 28.95
N LYS O 224 47.92 -34.14 28.32
CA LYS O 224 48.78 -34.82 27.37
C LYS O 224 49.39 -36.08 27.96
N ASN O 225 50.06 -35.98 29.10
CA ASN O 225 50.54 -37.16 29.80
C ASN O 225 49.61 -37.42 30.97
N ILE O 226 48.70 -38.37 30.78
CA ILE O 226 48.00 -39.04 31.87
C ILE O 226 48.32 -40.52 31.75
N PRO O 227 49.12 -41.09 32.65
CA PRO O 227 49.56 -42.47 32.46
C PRO O 227 48.43 -43.46 32.69
N ARG O 228 47.29 -43.23 32.05
CA ARG O 228 46.06 -43.98 32.26
C ARG O 228 45.84 -44.24 33.75
N ASN O 229 45.59 -43.13 34.45
CA ASN O 229 45.52 -43.16 35.91
C ASN O 229 44.24 -43.86 36.32
N SER O 230 43.10 -43.19 36.12
CA SER O 230 41.82 -43.85 36.25
C SER O 230 40.89 -43.22 35.22
N PRO O 231 40.01 -44.01 34.60
CA PRO O 231 39.03 -43.43 33.68
C PRO O 231 37.98 -42.57 34.37
N LEU O 232 37.62 -42.88 35.61
CA LEU O 232 36.62 -42.13 36.34
C LEU O 232 37.21 -40.81 36.82
N SER O 233 36.30 -39.86 37.10
CA SER O 233 36.66 -38.58 37.70
C SER O 233 37.68 -37.79 36.88
N ASP O 234 37.25 -37.20 35.77
CA ASP O 234 38.09 -36.21 35.12
C ASP O 234 38.56 -35.13 36.08
N LEU O 235 37.82 -34.93 37.19
CA LEU O 235 38.27 -34.08 38.27
C LEU O 235 39.70 -34.41 38.71
N LYS O 236 40.00 -35.68 38.98
CA LYS O 236 41.38 -36.02 39.32
C LYS O 236 42.33 -35.69 38.17
N LYS O 237 41.86 -35.82 36.93
CA LYS O 237 42.59 -35.33 35.78
C LYS O 237 42.62 -33.80 35.72
N ARG O 238 41.53 -33.14 36.11
CA ARG O 238 41.41 -31.70 35.94
C ARG O 238 42.25 -30.94 36.97
N SER O 239 41.86 -31.02 38.25
CA SER O 239 42.53 -30.24 39.27
C SER O 239 44.02 -30.51 39.31
N GLN O 240 44.42 -31.78 39.27
CA GLN O 240 45.85 -32.10 39.20
C GLN O 240 46.50 -31.41 38.02
N ALA O 241 45.87 -31.45 36.85
CA ALA O 241 46.37 -30.69 35.71
C ALA O 241 46.61 -29.23 36.06
N LYS O 242 45.54 -28.51 36.44
CA LYS O 242 45.69 -27.11 36.82
C LYS O 242 46.75 -26.94 37.91
N MET O 243 46.72 -27.78 38.95
CA MET O 243 47.79 -27.74 39.95
C MET O 243 49.14 -27.92 39.28
N ASN O 244 49.33 -29.02 38.54
CA ASN O 244 50.53 -29.16 37.73
C ASN O 244 50.74 -27.95 36.84
N ALA O 245 49.66 -27.45 36.23
CA ALA O 245 49.78 -26.24 35.42
C ALA O 245 50.21 -25.04 36.25
N LYS O 246 49.69 -24.89 37.47
CA LYS O 246 50.11 -23.78 38.30
C LYS O 246 51.54 -23.92 38.75
N THR O 247 51.88 -25.02 39.42
CA THR O 247 53.19 -25.16 40.02
C THR O 247 54.30 -25.20 38.99
N ASP O 248 54.07 -25.84 37.84
CA ASP O 248 55.05 -25.79 36.78
C ASP O 248 55.20 -24.40 36.21
N PHE O 249 54.12 -23.61 36.20
CA PHE O 249 54.20 -22.25 35.70
C PHE O 249 54.98 -21.34 36.63
N ALA O 250 55.01 -21.67 37.93
CA ALA O 250 55.58 -20.77 38.93
C ALA O 250 56.99 -20.34 38.55
N LYS O 251 57.92 -21.29 38.49
CA LYS O 251 59.29 -20.96 38.17
C LYS O 251 59.44 -20.39 36.77
N ILE O 252 58.44 -20.57 35.90
CA ILE O 252 58.59 -20.13 34.51
C ILE O 252 58.81 -18.63 34.45
N ILE O 253 58.01 -17.85 35.18
CA ILE O 253 58.26 -16.42 35.23
C ILE O 253 59.37 -16.11 36.24
N ASN O 254 59.55 -16.97 37.24
CA ASN O 254 60.63 -16.79 38.20
C ASN O 254 61.99 -17.15 37.62
N LYS O 255 62.03 -17.98 36.58
CA LYS O 255 63.30 -18.27 35.92
C LYS O 255 63.98 -16.99 35.42
N PRO O 256 63.29 -16.09 34.68
CA PRO O 256 63.91 -14.80 34.36
C PRO O 256 64.02 -13.87 35.55
N ASN O 257 63.13 -13.97 36.53
CA ASN O 257 63.00 -12.99 37.61
C ASN O 257 64.37 -12.65 38.18
N GLU O 258 65.01 -13.62 38.83
CA GLU O 258 66.42 -13.50 39.13
C GLU O 258 67.04 -14.88 39.05
N LEU O 259 68.20 -14.97 38.43
CA LEU O 259 69.03 -16.16 38.52
C LEU O 259 70.48 -15.72 38.51
N SER O 260 71.29 -16.37 39.34
CA SER O 260 72.64 -15.91 39.66
C SER O 260 73.60 -15.98 38.47
N GLN O 261 73.22 -16.63 37.37
CA GLN O 261 74.05 -16.62 36.17
C GLN O 261 74.48 -15.22 35.76
N ILE O 262 73.61 -14.22 35.96
CA ILE O 262 73.99 -12.83 35.82
C ILE O 262 74.82 -12.44 37.03
N LEU O 263 74.17 -12.43 38.20
CA LEU O 263 74.70 -11.78 39.40
C LEU O 263 76.07 -12.29 39.83
N THR O 264 76.24 -13.60 40.01
CA THR O 264 77.35 -14.16 40.77
C THR O 264 78.73 -13.94 40.15
N VAL O 265 78.85 -13.99 38.81
CA VAL O 265 80.14 -14.20 38.16
C VAL O 265 81.16 -13.18 38.67
N ASP O 266 82.38 -13.65 38.94
CA ASP O 266 83.47 -12.82 39.42
C ASP O 266 84.73 -13.19 38.64
N PRO O 267 85.02 -12.50 37.55
CA PRO O 267 86.17 -12.88 36.72
C PRO O 267 87.50 -12.59 37.40
N LYS O 268 88.60 -12.94 36.74
CA LYS O 268 89.92 -12.74 37.28
C LYS O 268 90.30 -11.26 37.19
N THR O 269 91.14 -10.83 38.14
CA THR O 269 91.59 -9.43 38.23
C THR O 269 90.41 -8.48 38.36
N SER O 270 89.33 -8.95 38.98
CA SER O 270 88.11 -8.16 39.03
C SER O 270 87.24 -8.51 40.23
N LEU O 271 86.05 -7.90 40.28
CA LEU O 271 85.08 -8.14 41.33
C LEU O 271 83.84 -8.75 40.69
N ARG O 272 82.81 -8.98 41.50
CA ARG O 272 81.57 -9.60 41.05
C ARG O 272 81.00 -8.91 39.83
N ILE O 273 80.70 -9.67 38.80
CA ILE O 273 80.23 -9.15 37.53
C ILE O 273 78.90 -9.81 37.18
N VAL O 274 78.20 -9.18 36.25
CA VAL O 274 77.04 -9.78 35.59
C VAL O 274 77.57 -10.80 34.60
N LYS O 275 76.71 -11.28 33.71
CA LYS O 275 77.16 -12.17 32.63
C LYS O 275 76.97 -11.41 31.33
N PRO O 276 77.88 -10.49 31.00
CA PRO O 276 77.69 -9.65 29.80
C PRO O 276 77.59 -10.44 28.51
N THR O 277 77.99 -11.71 28.52
CA THR O 277 77.75 -12.64 27.42
C THR O 277 76.27 -12.68 27.06
N VAL O 278 75.40 -12.41 28.04
CA VAL O 278 73.96 -12.57 27.85
C VAL O 278 73.35 -11.28 27.33
N SER O 279 72.40 -11.40 26.42
CA SER O 279 71.61 -10.26 25.98
C SER O 279 70.52 -9.96 27.00
N LEU O 280 70.41 -8.70 27.38
CA LEU O 280 69.46 -8.25 28.38
C LEU O 280 68.57 -7.15 27.82
N THR O 281 67.44 -6.95 28.49
CA THR O 281 66.47 -5.94 28.11
C THR O 281 65.77 -5.45 29.37
N ILE O 282 65.36 -4.18 29.37
CA ILE O 282 64.76 -3.53 30.52
C ILE O 282 63.52 -4.28 30.97
N ASN O 283 63.43 -4.63 32.25
CA ASN O 283 62.22 -5.26 32.74
C ASN O 283 61.30 -4.20 33.31
N LEU O 284 60.15 -4.00 32.66
CA LEU O 284 59.29 -2.89 33.01
C LEU O 284 58.52 -3.13 34.30
N ASP O 285 58.51 -4.36 34.81
CA ASP O 285 57.78 -4.66 36.03
C ASP O 285 58.24 -3.79 37.19
N ARG O 286 59.55 -3.64 37.35
CA ARG O 286 60.04 -2.76 38.40
C ARG O 286 59.98 -1.31 37.98
N PHE O 287 59.69 -1.04 36.71
CA PHE O 287 59.22 0.29 36.38
C PHE O 287 57.75 0.46 36.69
N MET O 288 56.93 -0.55 36.43
CA MET O 288 55.57 -0.58 36.97
C MET O 288 55.59 -0.24 38.46
N LYS O 289 56.22 -1.09 39.25
CA LYS O 289 56.30 -0.88 40.69
C LYS O 289 56.81 0.50 41.04
N GLY O 290 57.89 0.95 40.39
CA GLY O 290 58.48 2.23 40.73
C GLY O 290 57.53 3.39 40.48
N ARG O 291 57.04 3.51 39.25
CA ARG O 291 56.11 4.58 38.94
C ARG O 291 54.88 4.53 39.83
N ARG O 292 54.46 3.32 40.22
CA ARG O 292 53.27 3.16 41.04
C ARG O 292 53.48 3.63 42.47
N SER O 293 54.57 3.19 43.11
CA SER O 293 54.87 3.59 44.48
C SER O 293 54.86 5.10 44.64
N LYS O 294 55.22 5.83 43.59
CA LYS O 294 55.10 7.28 43.64
C LYS O 294 53.63 7.64 43.80
N GLN O 295 52.72 6.94 43.10
CA GLN O 295 51.32 7.22 43.30
C GLN O 295 50.84 6.83 44.71
N LEU O 296 51.28 5.68 45.21
CA LEU O 296 51.02 5.40 46.61
C LEU O 296 51.48 6.46 47.59
N ILE O 297 52.65 7.05 47.34
CA ILE O 297 53.05 8.24 48.06
C ILE O 297 51.97 9.31 47.92
N ASN O 298 51.85 9.91 46.73
CA ASN O 298 51.02 11.10 46.57
C ASN O 298 49.60 10.90 47.11
N LEU O 299 49.16 9.65 47.24
CA LEU O 299 47.96 9.38 48.03
C LEU O 299 48.22 9.54 49.52
N ALA O 300 49.29 8.92 50.03
CA ALA O 300 49.63 9.05 51.44
C ALA O 300 50.07 10.46 51.83
N LYS O 301 50.84 11.13 50.97
CA LYS O 301 51.33 12.47 51.23
C LYS O 301 50.18 13.44 51.47
N THR O 302 48.96 13.01 51.13
CA THR O 302 47.76 13.68 51.61
C THR O 302 47.51 13.33 53.07
N ARG O 303 47.13 12.08 53.35
CA ARG O 303 46.33 11.81 54.53
C ARG O 303 47.17 11.69 55.80
N VAL O 304 48.47 11.90 55.69
CA VAL O 304 49.32 11.97 56.86
C VAL O 304 50.16 13.24 56.81
N GLY O 305 50.96 13.45 57.84
CA GLY O 305 51.85 14.60 57.87
C GLY O 305 53.07 14.39 57.02
N SER O 306 53.57 15.50 56.46
CA SER O 306 54.67 15.44 55.50
C SER O 306 55.86 14.68 56.06
N VAL O 307 56.19 14.89 57.33
CA VAL O 307 57.29 14.16 57.94
C VAL O 307 57.06 12.64 57.88
N THR O 308 56.05 12.14 58.59
CA THR O 308 55.79 10.70 58.58
C THR O 308 55.48 10.22 57.17
N ALA O 309 54.88 11.08 56.36
CA ALA O 309 54.80 10.81 54.93
C ALA O 309 56.14 10.37 54.36
N GLN O 310 57.16 11.23 54.44
CA GLN O 310 58.50 10.87 53.98
C GLN O 310 58.94 9.52 54.53
N VAL O 311 58.66 9.25 55.80
CA VAL O 311 58.97 7.94 56.35
C VAL O 311 58.33 6.85 55.51
N TYR O 312 57.06 7.03 55.15
CA TYR O 312 56.42 6.10 54.23
C TYR O 312 57.10 6.14 52.86
N LYS O 313 57.69 7.27 52.49
CA LYS O 313 58.28 7.43 51.17
C LYS O 313 59.51 6.54 51.00
N ILE O 314 60.40 6.54 52.00
CA ILE O 314 61.53 5.61 51.95
C ILE O 314 61.14 4.21 52.40
N ALA O 315 60.09 4.07 53.21
CA ALA O 315 59.69 2.76 53.70
C ALA O 315 59.39 1.81 52.56
N LEU O 316 58.90 2.34 51.44
CA LEU O 316 58.70 1.50 50.26
C LEU O 316 60.01 1.15 49.57
N ARG O 317 60.95 2.09 49.50
CA ARG O 317 62.20 1.86 48.78
C ARG O 317 62.86 0.55 49.15
N LEU O 318 62.85 0.16 50.43
CA LEU O 318 63.31 -1.16 50.81
C LEU O 318 62.40 -2.27 50.34
N THR O 319 61.08 -2.12 50.51
CA THR O 319 60.13 -3.18 50.18
C THR O 319 59.56 -3.06 48.77
N GLU O 320 59.91 -2.01 48.03
CA GLU O 320 59.42 -1.88 46.66
C GLU O 320 59.98 -2.95 45.73
N GLN O 321 60.88 -3.79 46.22
CA GLN O 321 61.48 -4.86 45.44
C GLN O 321 60.50 -5.99 45.15
N LYS O 322 60.07 -6.72 46.17
CA LYS O 322 59.45 -8.01 45.98
C LYS O 322 57.94 -7.96 45.82
N SER O 323 57.31 -6.82 46.04
CA SER O 323 55.86 -6.73 45.85
C SER O 323 55.51 -7.02 44.40
N PRO O 324 54.72 -8.06 44.11
CA PRO O 324 54.48 -8.42 42.71
C PRO O 324 53.80 -7.31 41.94
N LYS O 325 52.78 -6.72 42.54
CA LYS O 325 52.17 -5.47 42.08
C LYS O 325 51.55 -5.69 40.70
N ILE O 326 51.96 -4.89 39.71
CA ILE O 326 51.49 -5.08 38.35
C ILE O 326 51.91 -6.43 37.77
N ARG O 327 52.84 -7.14 38.40
CA ARG O 327 53.13 -8.51 38.03
C ARG O 327 52.12 -9.49 38.60
N ASP O 328 51.51 -9.20 39.75
CA ASP O 328 50.63 -10.19 40.36
C ASP O 328 49.42 -10.58 39.51
N PRO O 329 48.81 -9.71 38.64
CA PRO O 329 47.66 -10.22 37.88
C PRO O 329 48.06 -11.40 37.02
N LEU O 330 49.11 -11.24 36.20
CA LEU O 330 49.78 -12.36 35.56
C LEU O 330 48.78 -13.28 34.87
N THR O 331 48.64 -14.50 35.38
CA THR O 331 47.70 -15.51 34.90
C THR O 331 46.25 -15.18 35.20
N GLN O 332 45.96 -14.10 35.92
CA GLN O 332 44.59 -13.62 35.99
C GLN O 332 44.04 -13.40 34.58
N THR O 333 44.92 -13.21 33.62
CA THR O 333 44.58 -13.27 32.20
C THR O 333 44.78 -14.71 31.72
N GLY O 334 43.86 -15.19 30.90
CA GLY O 334 44.08 -16.42 30.17
C GLY O 334 43.37 -17.67 30.65
N LEU O 335 42.97 -17.74 31.91
CA LEU O 335 42.29 -18.92 32.41
C LEU O 335 40.88 -18.55 32.85
N LEU O 336 39.94 -19.44 32.52
CA LEU O 336 38.56 -19.26 32.96
C LEU O 336 38.51 -19.09 34.47
N GLN O 337 37.82 -18.04 34.91
CA GLN O 337 37.63 -17.82 36.32
C GLN O 337 36.62 -18.84 36.84
N ASP O 338 36.35 -18.82 38.13
CA ASP O 338 35.49 -19.82 38.73
C ASP O 338 34.63 -19.16 39.79
N LEU O 339 33.48 -19.78 40.08
CA LEU O 339 32.68 -19.41 41.21
C LEU O 339 33.33 -19.83 42.53
N GLU O 340 34.39 -20.64 42.47
CA GLU O 340 35.20 -20.96 43.64
C GLU O 340 36.68 -20.76 43.36
N GLU O 341 37.24 -21.55 42.43
CA GLU O 341 38.69 -21.56 42.23
C GLU O 341 39.25 -20.18 41.97
N ALA O 342 38.45 -19.27 41.39
CA ALA O 342 38.91 -17.89 41.28
C ALA O 342 39.17 -17.29 42.66
N LYS O 343 38.36 -17.63 43.65
CA LYS O 343 38.65 -17.18 45.01
C LYS O 343 39.91 -17.83 45.54
N SER O 344 40.06 -19.14 45.38
CA SER O 344 41.28 -19.81 45.85
C SER O 344 42.52 -19.25 45.16
N PHE O 345 42.33 -18.60 44.01
CA PHE O 345 43.41 -17.83 43.40
C PHE O 345 43.58 -16.46 44.05
N GLN O 346 42.48 -15.77 44.33
CA GLN O 346 42.52 -14.47 44.99
C GLN O 346 43.18 -14.56 46.37
N ASP O 347 42.52 -15.25 47.30
CA ASP O 347 43.01 -15.33 48.68
C ASP O 347 44.45 -15.82 48.75
N GLU O 348 44.87 -16.64 47.79
CA GLU O 348 46.28 -16.96 47.68
C GLU O 348 47.12 -15.70 47.52
N ALA O 349 46.77 -14.86 46.54
CA ALA O 349 47.47 -13.61 46.37
C ALA O 349 47.27 -12.66 47.55
N GLU O 350 46.19 -12.81 48.30
CA GLU O 350 45.98 -12.03 49.51
C GLU O 350 47.09 -12.21 50.53
N LEU O 351 47.29 -13.41 51.07
CA LEU O 351 48.26 -13.57 52.13
C LEU O 351 49.70 -13.77 51.67
N VAL O 352 49.95 -14.19 50.43
CA VAL O 352 51.22 -14.83 50.08
C VAL O 352 52.51 -14.12 50.50
N GLU O 353 52.91 -13.07 49.79
CA GLU O 353 54.18 -12.40 50.05
C GLU O 353 54.24 -11.50 51.33
N GLU O 354 53.06 -11.19 51.84
CA GLU O 354 52.88 -10.59 53.15
C GLU O 354 53.41 -11.64 54.11
N LYS O 355 53.52 -12.89 53.64
CA LYS O 355 54.01 -13.96 54.51
C LYS O 355 55.48 -14.25 54.26
N THR O 356 55.79 -14.94 53.15
CA THR O 356 57.17 -15.35 52.93
C THR O 356 58.07 -14.14 52.61
N PRO O 357 57.72 -13.30 51.63
CA PRO O 357 58.39 -11.99 51.54
C PRO O 357 58.02 -11.05 52.68
N GLY O 358 56.96 -11.35 53.44
CA GLY O 358 56.73 -10.63 54.68
C GLY O 358 57.93 -10.64 55.59
N LEU O 359 58.74 -11.70 55.54
CA LEU O 359 60.00 -11.71 56.28
C LEU O 359 61.03 -10.83 55.59
N THR O 360 60.86 -10.57 54.30
CA THR O 360 61.67 -9.58 53.61
C THR O 360 61.17 -8.16 53.90
N PHE O 361 59.95 -8.03 54.40
CA PHE O 361 59.31 -6.74 54.58
C PHE O 361 59.64 -6.16 55.96
N ASN O 362 59.01 -5.05 56.32
CA ASN O 362 59.62 -4.17 57.32
C ASN O 362 59.14 -4.48 58.73
N ALA O 363 60.04 -5.06 59.52
CA ALA O 363 59.81 -5.25 60.95
C ALA O 363 60.58 -4.18 61.70
N ILE O 364 61.90 -4.22 61.58
CA ILE O 364 62.75 -3.12 62.03
C ILE O 364 63.53 -2.59 60.85
N ASP O 365 63.20 -1.39 60.40
CA ASP O 365 63.98 -0.78 59.33
C ASP O 365 65.31 -0.28 59.86
N LEU O 366 66.24 -0.06 58.95
CA LEU O 366 67.53 0.50 59.32
C LEU O 366 67.41 1.96 59.72
N ALA O 367 66.21 2.54 59.56
CA ALA O 367 66.06 3.98 59.54
C ALA O 367 67.10 4.50 58.55
N ARG O 368 66.85 4.21 57.26
CA ARG O 368 67.91 4.17 56.25
C ARG O 368 68.80 5.41 56.30
N HIS O 369 68.28 6.56 55.87
CA HIS O 369 69.12 7.75 55.86
C HIS O 369 68.51 8.83 56.74
N LEU O 370 67.35 9.35 56.36
CA LEU O 370 66.56 10.27 57.16
C LEU O 370 67.28 11.61 57.26
N PRO O 371 66.61 12.69 57.70
CA PRO O 371 67.30 13.98 57.91
C PRO O 371 68.47 13.88 58.89
N SER O 449 63.04 14.09 64.01
CA SER O 449 63.73 13.19 63.09
C SER O 449 65.13 12.86 63.58
N ALA O 450 65.99 13.87 63.60
CA ALA O 450 67.38 13.72 64.01
C ALA O 450 67.46 13.62 65.53
N SER O 451 68.67 13.70 66.07
CA SER O 451 68.93 13.49 67.49
C SER O 451 68.43 12.11 67.89
N LEU O 452 67.46 12.04 68.79
CA LEU O 452 66.89 10.73 69.14
C LEU O 452 65.93 10.36 68.03
N ILE O 453 66.28 9.30 67.28
CA ILE O 453 65.57 8.99 66.05
C ILE O 453 64.60 7.83 66.20
N ASN O 454 64.58 7.14 67.34
CA ASN O 454 63.93 5.84 67.41
C ASN O 454 62.43 5.96 67.56
N SER O 455 61.94 6.77 68.51
CA SER O 455 60.50 6.90 68.66
C SER O 455 59.91 7.66 67.48
N HIS O 456 60.71 8.53 66.86
CA HIS O 456 60.35 9.10 65.56
C HIS O 456 59.99 8.01 64.57
N LEU O 457 60.61 6.84 64.69
CA LEU O 457 60.28 5.68 63.86
C LEU O 457 59.02 4.97 64.34
N LYS O 458 58.73 5.00 65.64
CA LYS O 458 57.57 4.30 66.19
C LYS O 458 56.26 4.86 65.67
N ILE O 459 56.36 5.97 64.92
CA ILE O 459 55.21 6.64 64.34
C ILE O 459 54.47 5.80 63.31
N LEU O 460 55.01 4.63 62.96
CA LEU O 460 54.38 3.78 61.95
C LEU O 460 52.89 3.60 62.20
N ALA O 461 52.48 3.44 63.47
CA ALA O 461 51.07 3.26 63.78
C ALA O 461 50.24 4.47 63.40
N SER O 462 50.86 5.65 63.25
CA SER O 462 50.10 6.84 62.85
C SER O 462 49.42 6.62 61.52
N SER O 463 49.93 5.70 60.71
CA SER O 463 49.21 5.23 59.55
C SER O 463 48.19 4.22 60.05
N ASN O 464 46.91 4.52 59.84
CA ASN O 464 45.85 3.64 60.29
C ASN O 464 44.85 3.36 59.17
N PHE O 465 44.16 4.41 58.71
CA PHE O 465 43.15 4.26 57.66
C PHE O 465 43.48 5.14 56.45
N PRO O 466 43.08 4.70 55.25
CA PRO O 466 42.57 3.35 54.97
C PRO O 466 43.60 2.39 54.38
N PHE O 467 44.70 2.10 55.07
CA PHE O 467 45.73 1.23 54.50
C PHE O 467 46.82 0.99 55.54
N LEU O 468 47.76 0.12 55.17
CA LEU O 468 48.84 -0.31 56.05
C LEU O 468 48.28 -0.89 57.35
N ASN O 469 48.92 -0.58 58.47
CA ASN O 469 48.32 -0.67 59.81
C ASN O 469 47.89 -2.10 60.14
N GLU O 470 48.71 -3.08 59.74
CA GLU O 470 48.52 -4.48 60.14
C GLU O 470 49.92 -5.09 60.27
N THR O 471 50.04 -6.13 61.09
CA THR O 471 51.34 -6.73 61.37
C THR O 471 51.18 -8.08 62.06
N LYS O 472 52.33 -8.71 62.27
CA LYS O 472 52.47 -9.68 63.34
C LYS O 472 52.29 -8.94 64.67
N PRO O 473 51.57 -9.52 65.64
CA PRO O 473 50.94 -8.69 66.68
C PRO O 473 51.88 -7.87 67.54
N GLY O 474 52.28 -6.71 67.03
CA GLY O 474 52.99 -5.74 67.82
C GLY O 474 54.42 -5.43 67.43
N VAL O 475 55.00 -6.19 66.51
CA VAL O 475 56.21 -5.77 65.80
C VAL O 475 55.76 -4.75 64.77
N TYR O 476 56.45 -3.61 64.70
CA TYR O 476 55.94 -2.56 63.84
C TYR O 476 56.18 -2.95 62.39
N TYR O 477 55.07 -3.12 61.67
CA TYR O 477 55.12 -3.79 60.37
C TYR O 477 53.83 -3.47 59.62
N VAL O 478 53.84 -3.73 58.32
CA VAL O 478 52.72 -3.39 57.45
C VAL O 478 52.28 -4.66 56.71
N PRO O 479 51.00 -4.85 56.43
CA PRO O 479 50.62 -5.93 55.52
C PRO O 479 51.06 -5.58 54.11
N TYR O 480 51.24 -6.59 53.28
CA TYR O 480 51.62 -6.24 51.91
C TYR O 480 50.84 -6.88 50.77
N SER O 481 51.00 -8.19 50.56
CA SER O 481 50.25 -8.84 49.49
C SER O 481 48.73 -8.71 49.60
N LYS O 482 48.23 -8.60 50.82
CA LYS O 482 46.84 -8.24 51.07
C LYS O 482 46.71 -6.72 51.07
N LEU O 483 47.75 -6.00 51.49
CA LEU O 483 47.72 -4.54 51.46
C LEU O 483 47.29 -4.03 50.10
N MET O 484 48.09 -4.31 49.06
CA MET O 484 47.76 -3.79 47.73
C MET O 484 46.32 -4.05 47.36
N PRO O 485 45.77 -5.27 47.51
CA PRO O 485 44.33 -5.44 47.23
C PRO O 485 43.42 -4.54 48.03
N VAL O 486 43.62 -4.39 49.34
CA VAL O 486 42.84 -3.45 50.12
C VAL O 486 43.38 -2.03 50.00
N LEU O 487 44.47 -1.85 49.25
CA LEU O 487 44.99 -0.55 48.88
C LEU O 487 44.54 -0.12 47.49
N LYS O 488 44.87 -0.90 46.46
CA LYS O 488 44.50 -0.57 45.08
C LYS O 488 43.05 -0.15 44.94
N SER O 489 42.11 -1.01 45.32
CA SER O 489 40.69 -0.71 45.23
C SER O 489 40.40 0.73 45.66
N SER O 490 41.19 1.24 46.60
CA SER O 490 41.01 2.59 47.10
C SER O 490 42.18 3.49 46.70
N VAL O 491 42.58 3.43 45.43
CA VAL O 491 43.68 4.23 44.93
C VAL O 491 42.97 5.20 43.99
N TYR O 492 41.77 4.89 43.51
CA TYR O 492 41.12 5.71 42.48
C TYR O 492 41.00 7.17 42.90
N GLU O 493 40.76 7.43 44.18
CA GLU O 493 40.57 8.77 44.72
C GLU O 493 39.57 9.61 43.93
N TYR O 494 39.91 10.87 43.71
CA TYR O 494 39.08 11.81 42.95
C TYR O 494 39.56 11.74 41.51
N VAL O 495 38.75 11.14 40.64
CA VAL O 495 39.08 11.05 39.23
C VAL O 495 38.25 12.04 38.42
N ILE O 496 37.24 12.61 39.07
CA ILE O 496 36.35 13.57 38.41
C ILE O 496 36.24 14.92 39.14
N ALA O 497 37.36 15.33 39.73
CA ALA O 497 37.48 16.58 40.45
C ALA O 497 38.12 17.56 39.47
N SER O 498 37.70 18.82 39.52
CA SER O 498 38.18 19.85 38.60
C SER O 498 38.02 19.35 37.16
N THR O 499 36.81 18.92 36.85
CA THR O 499 36.44 18.37 35.55
C THR O 499 34.93 18.41 35.50
N LEU O 500 34.28 17.75 36.46
CA LEU O 500 32.82 17.80 36.50
C LEU O 500 32.27 18.78 37.53
N GLY O 501 33.12 19.28 38.41
CA GLY O 501 32.67 20.15 39.48
C GLY O 501 32.63 19.41 40.81
N PRO O 502 32.87 20.14 41.91
CA PRO O 502 32.89 19.47 43.21
C PRO O 502 31.55 18.90 43.63
N SER O 503 30.45 19.57 43.30
CA SER O 503 29.13 19.07 43.60
C SER O 503 28.92 17.65 43.08
N ALA O 504 29.44 17.33 41.91
CA ALA O 504 29.41 15.98 41.40
C ALA O 504 29.98 14.97 42.37
N MET O 505 31.04 15.32 43.10
CA MET O 505 31.68 14.36 43.99
C MET O 505 30.63 13.90 44.98
N ARG O 506 30.06 14.84 45.73
CA ARG O 506 29.38 14.48 46.96
C ARG O 506 28.32 13.38 46.76
N LEU O 507 27.44 13.59 45.78
CA LEU O 507 26.53 12.51 45.45
C LEU O 507 27.08 11.29 44.75
N SER O 508 28.04 11.46 43.83
CA SER O 508 28.72 10.30 43.27
C SER O 508 29.42 9.53 44.36
N ARG O 509 30.03 10.23 45.31
CA ARG O 509 30.52 9.57 46.51
C ARG O 509 29.38 8.95 47.30
N CYS O 510 28.25 9.65 47.42
CA CYS O 510 27.12 9.10 48.14
C CYS O 510 26.58 7.85 47.48
N ILE O 511 26.42 7.89 46.14
CA ILE O 511 26.02 6.68 45.42
C ILE O 511 26.95 5.53 45.76
N ARG O 512 28.17 5.81 46.20
CA ARG O 512 29.08 4.74 46.56
C ARG O 512 28.61 4.02 47.81
N ASP O 513 28.26 4.76 48.87
CA ASP O 513 27.97 4.12 50.15
C ASP O 513 26.84 3.11 50.03
N ASN O 514 25.62 3.60 49.84
CA ASN O 514 24.51 2.72 49.56
C ASN O 514 24.60 2.29 48.09
N LYS O 515 23.62 1.53 47.62
CA LYS O 515 23.67 1.07 46.23
C LYS O 515 22.32 0.88 45.57
N LEU O 516 22.22 1.32 44.32
CA LEU O 516 20.94 1.33 43.62
C LEU O 516 19.98 2.10 44.55
N VAL O 517 20.16 3.43 44.61
CA VAL O 517 19.40 4.25 45.54
C VAL O 517 18.62 5.21 44.65
N SER O 518 17.43 5.60 45.11
CA SER O 518 16.56 6.46 44.32
C SER O 518 16.72 7.92 44.71
N GLU O 519 16.57 8.79 43.71
CA GLU O 519 16.87 10.21 43.88
C GLU O 519 16.02 10.88 44.95
N LYS O 520 14.82 10.38 45.23
CA LYS O 520 14.05 10.94 46.34
C LYS O 520 14.88 10.94 47.60
N ILE O 521 15.44 9.79 47.97
CA ILE O 521 16.22 9.71 49.19
C ILE O 521 17.66 10.14 49.00
N ILE O 522 18.13 10.22 47.75
CA ILE O 522 19.34 11.00 47.49
C ILE O 522 19.10 12.44 47.86
N ASN O 523 17.92 12.98 47.52
CA ASN O 523 17.56 14.33 47.93
C ASN O 523 17.49 14.43 49.44
N SER O 524 17.44 13.30 50.14
CA SER O 524 17.39 13.31 51.59
C SER O 524 18.78 13.23 52.20
N THR O 525 19.45 12.09 52.04
CA THR O 525 20.79 11.92 52.57
C THR O 525 21.73 13.00 52.07
N ALA O 526 21.98 13.05 50.77
CA ALA O 526 22.60 14.23 50.20
C ALA O 526 21.53 15.31 50.16
N LEU O 527 21.88 16.53 49.80
CA LEU O 527 20.89 17.59 49.86
C LEU O 527 21.25 18.70 48.86
N MET O 528 20.21 19.28 48.26
CA MET O 528 20.23 20.53 47.52
C MET O 528 18.88 20.66 46.85
N LYS O 529 18.53 21.83 46.35
CA LYS O 529 17.37 21.97 45.48
C LYS O 529 17.53 20.98 44.34
N GLU O 530 16.43 20.29 44.03
CA GLU O 530 16.46 19.32 42.94
C GLU O 530 16.98 19.94 41.65
N LYS O 531 16.75 21.25 41.46
CA LYS O 531 17.26 21.96 40.30
C LYS O 531 18.75 21.72 40.10
N ASP O 532 19.51 21.57 41.19
CA ASP O 532 20.92 21.20 41.10
C ASP O 532 21.15 19.73 40.83
N ILE O 533 20.48 18.84 41.56
CA ILE O 533 20.67 17.42 41.35
C ILE O 533 20.47 17.05 39.88
N ARG O 534 19.41 17.54 39.27
CA ARG O 534 19.11 17.22 37.89
C ARG O 534 20.14 17.78 36.93
N SER O 535 21.09 18.56 37.42
CA SER O 535 22.27 18.87 36.62
C SER O 535 23.40 17.96 37.03
N THR O 536 23.94 18.18 38.22
CA THR O 536 25.17 17.54 38.64
C THR O 536 25.04 16.02 38.69
N LEU O 537 23.83 15.49 38.60
CA LEU O 537 23.66 14.06 38.40
C LEU O 537 23.45 13.71 36.94
N ALA O 538 22.38 14.22 36.34
CA ALA O 538 22.14 13.97 34.92
C ALA O 538 23.33 14.33 34.05
N SER O 539 23.97 15.47 34.28
CA SER O 539 25.20 15.78 33.56
C SER O 539 26.27 14.73 33.77
N LEU O 540 26.26 14.04 34.90
CA LEU O 540 27.22 12.98 35.14
C LEU O 540 26.93 11.74 34.31
N ILE O 541 25.66 11.34 34.24
CA ILE O 541 25.34 10.04 33.65
C ILE O 541 25.77 9.95 32.20
N ARG O 542 25.86 11.09 31.50
CA ARG O 542 26.37 11.06 30.13
C ARG O 542 27.81 10.58 30.09
N TYR O 543 28.57 10.85 31.15
CA TYR O 543 29.96 10.42 31.28
C TYR O 543 30.03 9.04 31.92
N ASN O 544 28.89 8.36 31.89
CA ASN O 544 28.71 7.02 32.46
C ASN O 544 28.80 7.11 33.98
N SER O 545 29.67 6.30 34.60
CA SER O 545 29.56 6.10 36.05
C SER O 545 28.19 5.53 36.39
N VAL O 546 27.34 6.34 37.02
CA VAL O 546 26.14 5.89 37.72
C VAL O 546 25.27 4.89 36.97
N GLU O 547 25.24 4.92 35.63
CA GLU O 547 24.38 4.05 34.84
C GLU O 547 22.93 4.23 35.29
N ILE O 548 22.12 3.18 35.24
CA ILE O 548 20.72 3.21 35.68
C ILE O 548 20.30 1.80 36.07
N GLN O 549 19.52 1.69 37.14
CA GLN O 549 18.64 0.56 37.36
C GLN O 549 17.22 1.10 37.22
N GLU O 550 16.32 0.30 36.69
CA GLU O 550 14.92 0.74 36.70
C GLU O 550 14.04 -0.48 36.83
N VAL O 551 12.88 -0.27 37.43
CA VAL O 551 11.92 -1.34 37.64
C VAL O 551 10.53 -0.81 37.27
N PRO O 552 9.70 -1.60 36.61
CA PRO O 552 8.36 -1.13 36.27
C PRO O 552 7.38 -1.23 37.43
N ARG O 553 6.47 -0.26 37.50
CA ARG O 553 5.42 -0.24 38.50
C ARG O 553 4.12 0.08 37.79
N THR O 554 3.06 -0.63 38.19
CA THR O 554 1.69 -0.49 37.68
C THR O 554 1.65 -0.34 36.16
N ALA O 555 2.51 -1.08 35.48
CA ALA O 555 2.54 -1.11 34.02
C ALA O 555 3.25 -2.39 33.59
N ASP O 556 3.33 -2.60 32.28
CA ASP O 556 4.11 -3.71 31.77
C ASP O 556 5.56 -3.24 31.76
N ARG O 557 5.91 -2.42 30.78
CA ARG O 557 7.03 -1.48 30.86
C ARG O 557 6.61 -0.28 30.01
N SER O 558 6.88 0.91 30.51
CA SER O 558 6.29 2.10 29.88
C SER O 558 7.19 3.30 30.03
N ALA O 559 6.65 4.47 29.71
CA ALA O 559 7.41 5.72 29.81
C ALA O 559 7.33 6.31 31.21
N SER O 560 6.13 6.79 31.57
CA SER O 560 5.92 7.39 32.88
C SER O 560 5.16 6.43 33.80
N ARG O 561 5.57 5.17 33.80
CA ARG O 561 4.93 4.17 34.64
C ARG O 561 5.97 3.26 35.30
N ALA O 562 6.81 3.85 36.13
CA ALA O 562 7.86 3.11 36.82
C ALA O 562 8.67 4.05 37.68
N VAL O 563 9.67 3.50 38.36
CA VAL O 563 10.56 4.27 39.21
C VAL O 563 11.99 3.93 38.83
N PHE O 564 12.89 4.86 39.12
CA PHE O 564 14.28 4.74 38.73
C PHE O 564 15.17 4.67 39.95
N LEU O 565 16.27 3.93 39.82
CA LEU O 565 17.28 3.79 40.85
C LEU O 565 18.64 4.00 40.21
N PHE O 566 19.63 4.38 41.03
CA PHE O 566 20.97 4.71 40.56
C PHE O 566 21.97 3.80 41.24
N ARG O 567 22.90 3.24 40.47
CA ARG O 567 23.90 2.32 40.99
C ARG O 567 25.28 2.79 40.55
N CYS O 568 26.31 1.97 40.78
CA CYS O 568 27.68 2.32 40.40
C CYS O 568 28.23 1.46 39.27
N LYS O 569 28.41 0.16 39.51
CA LYS O 569 29.18 -0.70 38.63
C LYS O 569 30.56 -0.09 38.39
N GLU O 570 31.38 -0.09 39.44
CA GLU O 570 32.67 0.59 39.39
C GLU O 570 33.56 0.09 38.27
N THR O 571 33.33 -1.12 37.77
CA THR O 571 34.02 -1.54 36.56
C THR O 571 33.83 -0.53 35.44
N HIS O 572 32.60 -0.37 34.95
CA HIS O 572 32.31 0.69 33.99
C HIS O 572 32.79 2.04 34.47
N SER O 573 32.63 2.34 35.75
CA SER O 573 33.24 3.56 36.28
C SER O 573 34.74 3.55 36.05
N TYR O 574 35.47 2.69 36.76
CA TYR O 574 36.91 2.63 36.57
C TYR O 574 37.30 2.45 35.11
N ASN O 575 36.36 2.06 34.26
CA ASN O 575 36.60 1.96 32.84
C ASN O 575 36.21 3.22 32.06
N PHE O 576 35.53 4.20 32.66
CA PHE O 576 35.28 5.42 31.89
C PHE O 576 36.56 6.21 31.71
N MET O 577 37.61 5.90 32.46
CA MET O 577 38.87 6.60 32.29
C MET O 577 39.85 5.89 31.37
N ARG O 578 39.50 4.73 30.83
CA ARG O 578 40.37 4.26 29.77
C ARG O 578 40.16 5.02 28.48
N GLN O 579 39.05 5.76 28.35
CA GLN O 579 39.06 6.79 27.34
C GLN O 579 40.26 7.70 27.48
N ASN O 580 40.76 7.88 28.72
CA ASN O 580 41.93 8.69 28.95
C ASN O 580 43.07 8.24 28.05
N LEU O 581 43.16 6.93 27.81
CA LEU O 581 44.05 6.45 26.76
C LEU O 581 43.75 7.12 25.43
N GLU O 582 42.59 6.80 24.86
CA GLU O 582 42.14 7.38 23.60
C GLU O 582 41.91 8.86 23.70
N TRP O 583 42.12 9.46 24.86
CA TRP O 583 41.58 10.79 25.07
C TRP O 583 42.43 11.84 24.38
N ASN O 584 43.47 12.29 25.05
CA ASN O 584 44.44 13.10 24.34
C ASN O 584 45.75 12.38 24.10
N MET O 585 45.99 11.24 24.75
CA MET O 585 47.10 10.44 24.26
C MET O 585 46.90 10.11 22.80
N ALA O 586 45.65 10.09 22.35
CA ALA O 586 45.31 10.35 20.98
C ALA O 586 45.74 11.71 20.49
N ASN O 587 45.07 12.78 20.92
CA ASN O 587 45.27 14.11 20.36
C ASN O 587 46.64 14.68 20.71
N LEU O 588 47.05 14.56 21.96
CA LEU O 588 48.29 15.18 22.42
C LEU O 588 49.45 14.78 21.53
N LEU O 589 49.50 13.50 21.15
CA LEU O 589 50.62 13.01 20.36
C LEU O 589 50.54 13.51 18.92
N PHE O 590 49.32 13.65 18.37
CA PHE O 590 49.17 14.38 17.12
C PHE O 590 49.74 15.77 17.27
N LYS O 591 49.23 16.51 18.24
CA LYS O 591 49.72 17.86 18.50
C LYS O 591 51.23 17.88 18.30
N LYS O 592 51.89 16.88 18.89
CA LYS O 592 53.34 16.74 18.76
C LYS O 592 53.77 16.51 17.32
N GLU O 593 53.03 15.66 16.62
CA GLU O 593 53.33 15.36 15.22
C GLU O 593 52.82 16.41 14.25
N LYS O 594 51.50 16.62 14.17
CA LYS O 594 50.97 17.56 13.20
C LYS O 594 51.47 18.99 13.25
N LEU O 595 52.11 19.38 14.35
CA LEU O 595 52.86 20.63 14.39
C LEU O 595 54.28 20.50 13.82
N LYS O 596 54.80 19.27 13.74
CA LYS O 596 56.16 19.06 13.28
C LYS O 596 56.22 19.61 11.86
N GLN O 597 55.08 19.72 11.19
CA GLN O 597 55.08 20.21 9.81
C GLN O 597 55.26 21.71 9.71
N GLU O 598 54.96 22.46 10.77
CA GLU O 598 55.24 23.89 10.74
C GLU O 598 56.71 24.16 10.44
N ASN O 599 57.61 23.52 11.18
CA ASN O 599 59.04 23.62 10.96
C ASN O 599 59.58 22.47 10.13
N SER O 600 58.69 21.65 9.55
CA SER O 600 59.13 20.43 8.86
C SER O 600 60.32 20.68 7.94
N THR O 601 60.27 21.75 7.15
CA THR O 601 61.43 22.18 6.37
C THR O 601 62.46 22.89 7.22
N LEU O 602 62.04 23.53 8.32
CA LEU O 602 62.95 24.25 9.19
C LEU O 602 63.64 23.33 10.18
N LEU O 603 62.98 22.22 10.55
CA LEU O 603 63.56 21.31 11.53
C LEU O 603 64.87 20.71 11.03
N LYS O 604 64.81 20.00 9.89
CA LYS O 604 66.03 19.44 9.32
C LYS O 604 67.07 20.50 9.00
N LYS O 605 66.62 21.71 8.68
CA LYS O 605 67.56 22.83 8.53
C LYS O 605 68.28 23.11 9.83
N ALA O 606 67.56 23.15 10.95
CA ALA O 606 68.17 23.49 12.23
C ALA O 606 69.02 22.34 12.76
N ASN O 607 68.73 21.11 12.36
CA ASN O 607 69.52 19.98 12.83
C ASN O 607 70.88 19.92 12.16
N ARG O 608 70.92 20.11 10.83
CA ARG O 608 72.14 19.97 10.07
C ARG O 608 72.87 21.29 9.84
N ASP O 609 72.33 22.39 10.35
CA ASP O 609 73.02 23.68 10.31
C ASP O 609 74.10 23.78 11.37
N ASP O 610 73.81 23.38 12.60
CA ASP O 610 74.78 23.41 13.68
C ASP O 610 75.80 22.29 13.55
N LEU O 619 70.60 31.97 13.50
CA LEU O 619 70.58 32.44 12.11
C LEU O 619 69.13 32.68 11.66
N LEU O 620 68.95 33.76 10.87
CA LEU O 620 67.70 34.24 10.29
C LEU O 620 66.79 34.81 11.38
N PRO O 621 66.01 35.85 11.09
CA PRO O 621 65.10 36.37 12.13
C PRO O 621 63.91 35.47 12.43
N SER O 622 63.24 34.97 11.39
CA SER O 622 62.04 34.16 11.61
C SER O 622 62.38 32.77 12.12
N GLU O 623 63.58 32.29 11.81
CA GLU O 623 64.04 31.04 12.39
C GLU O 623 64.12 31.16 13.91
N LEU O 624 64.86 32.16 14.40
CA LEU O 624 64.88 32.45 15.83
C LEU O 624 63.50 32.76 16.39
N ASN O 625 62.60 33.29 15.57
CA ASN O 625 61.29 33.72 16.07
C ASN O 625 60.52 32.54 16.65
N GLN O 626 60.28 31.49 15.86
CA GLN O 626 59.41 30.40 16.27
C GLN O 626 60.15 29.21 16.85
N LEU O 627 61.47 29.30 17.03
CA LEU O 627 62.18 28.27 17.78
C LEU O 627 61.58 28.13 19.18
N LYS O 628 61.72 29.18 20.00
CA LYS O 628 61.15 29.15 21.33
C LYS O 628 59.65 28.91 21.31
N MET O 629 58.95 29.43 20.29
CA MET O 629 57.53 29.12 20.16
C MET O 629 57.26 27.63 20.10
N VAL O 630 57.66 26.96 19.01
CA VAL O 630 57.43 25.53 18.87
C VAL O 630 58.07 24.72 19.99
N ASN O 631 59.13 25.23 20.62
CA ASN O 631 59.83 24.45 21.63
C ASN O 631 59.07 24.48 22.97
N GLU O 632 58.89 25.66 23.54
CA GLU O 632 58.04 25.78 24.73
C GLU O 632 56.69 25.12 24.50
N ARG O 633 56.15 25.28 23.29
CA ARG O 633 55.01 24.50 22.82
C ARG O 633 55.19 23.01 23.11
N GLU O 634 56.23 22.39 22.52
CA GLU O 634 56.58 21.01 22.83
C GLU O 634 56.63 20.73 24.33
N LEU O 635 57.53 21.40 25.04
CA LEU O 635 57.69 21.18 26.46
C LEU O 635 56.36 21.21 27.21
N ASN O 636 55.41 22.02 26.75
CA ASN O 636 54.04 21.91 27.21
C ASN O 636 53.39 20.58 26.81
N VAL O 637 53.48 20.19 25.55
CA VAL O 637 52.76 18.99 25.14
C VAL O 637 53.28 17.76 25.88
N PHE O 638 54.57 17.69 26.14
CA PHE O 638 55.10 16.56 26.90
C PHE O 638 54.89 16.73 28.40
N ALA O 639 54.77 17.96 28.88
CA ALA O 639 54.32 18.14 30.25
C ALA O 639 52.96 17.51 30.44
N ARG O 640 52.02 17.82 29.54
CA ARG O 640 50.74 17.15 29.52
C ARG O 640 50.94 15.64 29.50
N LEU O 641 51.74 15.14 28.56
CA LEU O 641 51.91 13.70 28.43
C LEU O 641 52.36 13.06 29.74
N SER O 642 53.25 13.75 30.46
CA SER O 642 53.68 13.26 31.75
C SER O 642 52.52 13.23 32.73
N ARG O 643 51.76 14.31 32.80
CA ARG O 643 50.62 14.38 33.72
C ARG O 643 49.59 13.28 33.42
N LEU O 644 48.97 13.34 32.24
CA LEU O 644 48.03 12.30 31.84
C LEU O 644 48.59 10.92 32.06
N LEU O 645 49.83 10.69 31.64
CA LEU O 645 50.47 9.42 31.91
C LEU O 645 50.39 9.06 33.39
N SER O 646 50.77 10.00 34.26
CA SER O 646 50.73 9.74 35.69
C SER O 646 49.35 9.34 36.14
N LEU O 647 48.31 9.97 35.61
CA LEU O 647 46.96 9.52 35.95
C LEU O 647 46.66 8.14 35.39
N TRP O 648 46.89 7.92 34.10
CA TRP O 648 46.70 6.66 33.42
C TRP O 648 47.45 5.51 34.06
N GLU O 649 48.48 5.79 34.86
CA GLU O 649 49.24 4.72 35.51
C GLU O 649 48.37 3.80 36.33
N VAL O 650 47.13 4.17 36.68
CA VAL O 650 46.32 3.38 37.59
C VAL O 650 45.45 2.37 36.86
N PHE O 651 44.52 2.82 36.01
CA PHE O 651 43.41 1.98 35.63
C PHE O 651 43.80 0.77 34.80
N GLN O 652 44.91 0.79 34.07
CA GLN O 652 45.20 -0.32 33.19
C GLN O 652 45.52 -1.59 33.97
N MET O 653 46.29 -1.48 35.06
CA MET O 653 46.45 -2.58 36.00
C MET O 653 46.61 -2.00 37.40
N ALA O 654 46.15 -2.77 38.39
CA ALA O 654 45.94 -2.27 39.74
C ALA O 654 44.84 -1.23 39.70
N GLN P 10 -35.97 10.34 74.69
CA GLN P 10 -36.49 11.69 74.46
C GLN P 10 -35.48 12.53 73.69
N LEU P 11 -35.96 13.35 72.75
CA LEU P 11 -35.07 14.13 71.90
C LEU P 11 -34.14 14.99 72.73
N SER P 12 -34.68 15.81 73.62
CA SER P 12 -33.84 16.68 74.44
C SER P 12 -33.16 15.92 75.57
N ASP P 13 -33.87 14.98 76.21
CA ASP P 13 -33.27 14.25 77.32
C ASP P 13 -32.14 13.33 76.83
N ASN P 14 -32.44 12.43 75.91
CA ASN P 14 -31.40 11.55 75.38
C ASN P 14 -30.42 12.35 74.54
N ALA P 15 -30.83 13.52 74.04
CA ALA P 15 -29.89 14.45 73.44
C ALA P 15 -28.82 14.89 74.42
N LYS P 16 -29.22 15.34 75.60
CA LYS P 16 -28.28 15.89 76.58
C LYS P 16 -27.52 14.83 77.36
N THR P 17 -28.16 13.69 77.65
CA THR P 17 -27.45 12.62 78.35
C THR P 17 -26.60 11.78 77.39
N LEU P 18 -27.00 11.65 76.13
CA LEU P 18 -26.12 11.04 75.14
C LEU P 18 -25.01 11.99 74.75
N HIS P 19 -25.23 13.30 74.87
CA HIS P 19 -24.14 14.26 74.82
C HIS P 19 -23.33 14.26 76.10
N SER P 20 -23.88 13.69 77.18
CA SER P 20 -23.14 13.64 78.44
C SER P 20 -22.10 12.53 78.44
N GLN P 21 -22.45 11.37 77.89
CA GLN P 21 -21.46 10.33 77.70
C GLN P 21 -20.38 10.74 76.71
N MET P 22 -20.71 11.64 75.77
CA MET P 22 -19.73 12.16 74.85
C MET P 22 -18.81 13.17 75.54
N MET P 23 -19.40 14.15 76.24
CA MET P 23 -18.60 15.19 76.87
C MET P 23 -17.78 14.65 78.04
N SER P 24 -18.23 13.58 78.68
CA SER P 24 -17.44 12.95 79.74
C SER P 24 -16.27 12.18 79.14
N LYS P 25 -16.56 11.13 78.38
CA LYS P 25 -15.54 10.40 77.65
C LYS P 25 -15.87 10.37 76.17
N GLY P 26 -17.01 9.79 75.80
CA GLY P 26 -17.32 9.56 74.42
C GLY P 26 -16.62 8.38 73.81
N ILE P 27 -15.97 7.56 74.64
CA ILE P 27 -15.18 6.40 74.20
C ILE P 27 -14.17 6.88 73.15
N GLY P 28 -13.67 8.09 73.34
CA GLY P 28 -12.67 8.70 72.48
C GLY P 28 -13.13 8.76 71.02
N ALA P 29 -12.14 8.71 70.14
CA ALA P 29 -12.39 8.61 68.71
C ALA P 29 -12.75 7.20 68.27
N LEU P 30 -12.23 6.18 68.96
CA LEU P 30 -12.50 4.78 68.65
C LEU P 30 -13.98 4.42 68.84
N PHE P 31 -14.76 5.31 69.45
CA PHE P 31 -16.18 5.06 69.66
C PHE P 31 -16.88 4.71 68.35
N THR P 32 -17.52 3.56 68.31
CA THR P 32 -18.39 3.20 67.21
C THR P 32 -19.81 3.10 67.74
N GLN P 33 -20.76 2.71 66.87
CA GLN P 33 -22.12 2.55 67.35
C GLN P 33 -22.25 1.34 68.27
N GLN P 34 -21.32 0.38 68.20
CA GLN P 34 -21.35 -0.75 69.11
C GLN P 34 -21.19 -0.29 70.56
N GLU P 35 -20.39 0.75 70.79
CA GLU P 35 -20.20 1.24 72.16
C GLU P 35 -21.45 1.92 72.70
N LEU P 36 -22.40 2.28 71.84
CA LEU P 36 -23.70 2.74 72.34
C LEU P 36 -24.37 1.67 73.18
N GLN P 37 -24.59 0.49 72.59
CA GLN P 37 -25.12 -0.63 73.37
C GLN P 37 -24.22 -1.01 74.52
N LYS P 38 -22.92 -0.71 74.44
CA LYS P 38 -22.02 -0.97 75.55
C LYS P 38 -22.40 -0.16 76.77
N GLN P 39 -22.79 1.10 76.59
CA GLN P 39 -23.22 1.96 77.69
C GLN P 39 -24.73 1.97 77.86
N MET P 40 -25.47 2.59 76.94
CA MET P 40 -26.93 2.56 76.97
C MET P 40 -27.41 1.81 75.73
N GLY P 41 -27.86 0.58 75.94
CA GLY P 41 -28.49 -0.20 74.89
C GLY P 41 -29.98 -0.32 75.14
N ILE P 42 -30.43 0.28 76.23
CA ILE P 42 -31.80 0.16 76.72
C ILE P 42 -32.78 0.67 75.68
N GLY P 43 -32.40 1.69 74.92
CA GLY P 43 -33.26 2.22 73.89
C GLY P 43 -33.49 1.22 72.77
N SER P 44 -34.70 1.26 72.22
CA SER P 44 -34.99 0.44 71.05
C SER P 44 -34.15 0.90 69.87
N LEU P 45 -33.93 -0.01 68.92
CA LEU P 45 -32.96 0.24 67.86
C LEU P 45 -33.32 1.47 67.05
N THR P 46 -34.51 1.49 66.46
CA THR P 46 -34.92 2.59 65.59
C THR P 46 -35.10 3.91 66.34
N ASP P 47 -35.35 3.86 67.65
CA ASP P 47 -35.47 5.08 68.45
C ASP P 47 -34.13 5.73 68.72
N LEU P 48 -33.23 5.01 69.41
CA LEU P 48 -31.88 5.52 69.60
C LEU P 48 -31.23 5.92 68.28
N MET P 49 -31.56 5.24 67.18
CA MET P 49 -31.07 5.66 65.88
C MET P 49 -31.85 6.82 65.28
N SER P 50 -33.14 6.94 65.61
CA SER P 50 -33.86 8.15 65.22
C SER P 50 -33.26 9.39 65.87
N ILE P 51 -32.87 9.30 67.13
CA ILE P 51 -32.28 10.45 67.80
C ILE P 51 -30.79 10.60 67.46
N VAL P 52 -30.10 9.51 67.14
CA VAL P 52 -28.74 9.66 66.59
C VAL P 52 -28.81 10.43 65.28
N GLN P 53 -29.71 10.00 64.38
CA GLN P 53 -29.86 10.68 63.11
C GLN P 53 -30.22 12.14 63.29
N GLU P 54 -31.12 12.45 64.22
CA GLU P 54 -31.54 13.83 64.38
C GLU P 54 -30.48 14.67 65.07
N LEU P 55 -29.80 14.11 66.08
CA LEU P 55 -28.73 14.85 66.75
C LEU P 55 -27.58 15.14 65.79
N LEU P 56 -27.33 14.23 64.85
CA LEU P 56 -26.41 14.57 63.78
C LEU P 56 -26.99 15.63 62.87
N ASP P 57 -28.31 15.57 62.62
CA ASP P 57 -28.99 16.65 61.92
C ASP P 57 -29.06 17.91 62.79
N LYS P 58 -29.31 17.73 64.09
CA LYS P 58 -29.30 18.82 65.05
C LYS P 58 -27.90 19.16 65.54
N ASN P 59 -26.88 18.52 64.94
CA ASN P 59 -25.47 18.84 65.12
C ASN P 59 -25.06 18.80 66.59
N LEU P 60 -25.74 17.95 67.35
CA LEU P 60 -25.32 17.62 68.71
C LEU P 60 -24.46 16.37 68.80
N ILE P 61 -24.34 15.60 67.71
CA ILE P 61 -23.39 14.51 67.60
C ILE P 61 -22.81 14.53 66.19
N LYS P 62 -21.75 13.76 66.00
CA LYS P 62 -21.10 13.62 64.71
C LYS P 62 -20.92 12.15 64.35
N LEU P 63 -20.36 11.92 63.16
CA LEU P 63 -20.02 10.58 62.67
C LEU P 63 -18.69 10.67 61.93
N VAL P 64 -17.78 9.76 62.25
CA VAL P 64 -16.47 9.67 61.62
C VAL P 64 -16.43 8.37 60.83
N LYS P 65 -15.77 8.40 59.67
CA LYS P 65 -15.70 7.22 58.80
C LYS P 65 -14.34 6.57 58.97
N GLN P 66 -14.32 5.45 59.71
CA GLN P 66 -13.14 4.62 59.87
C GLN P 66 -13.54 3.19 60.20
N ASN P 67 -12.75 2.23 59.73
CA ASN P 67 -12.76 0.83 60.16
C ASN P 67 -14.19 0.27 60.12
N ASP P 68 -14.54 -0.53 61.12
CA ASP P 68 -15.84 -1.19 61.16
C ASP P 68 -16.93 -0.25 61.66
N GLU P 69 -18.17 -0.52 61.23
CA GLU P 69 -19.33 0.29 61.54
C GLU P 69 -19.03 1.75 61.16
N LEU P 70 -19.48 2.70 61.97
CA LEU P 70 -19.19 4.12 61.78
C LEU P 70 -19.10 4.77 63.15
N LYS P 71 -18.13 5.66 63.29
CA LYS P 71 -17.82 6.28 64.57
C LYS P 71 -18.76 7.45 64.85
N PHE P 72 -18.93 7.75 66.13
CA PHE P 72 -19.67 8.93 66.58
C PHE P 72 -18.84 9.67 67.61
N GLN P 73 -19.19 10.93 67.81
CA GLN P 73 -18.47 11.77 68.78
C GLN P 73 -19.39 12.90 69.20
N GLY P 74 -19.04 13.53 70.32
CA GLY P 74 -19.73 14.71 70.80
C GLY P 74 -19.24 15.95 70.07
N VAL P 75 -20.15 16.90 69.86
CA VAL P 75 -19.85 18.12 69.10
C VAL P 75 -20.60 19.28 69.76
N LEU P 76 -19.90 20.40 69.94
CA LEU P 76 -20.52 21.58 70.52
C LEU P 76 -20.93 22.54 69.40
N GLU P 77 -21.60 23.63 69.79
CA GLU P 77 -22.18 24.55 68.81
C GLU P 77 -21.13 25.31 68.01
N SER P 78 -19.89 25.39 68.49
CA SER P 78 -18.86 26.11 67.74
C SER P 78 -18.73 25.56 66.33
N GLU P 79 -18.23 24.33 66.20
CA GLU P 79 -18.16 23.65 64.92
C GLU P 79 -19.52 23.21 64.41
N ALA P 80 -20.52 23.10 65.29
CA ALA P 80 -21.86 22.72 64.85
C ALA P 80 -22.54 23.86 64.11
N GLN P 81 -22.64 25.04 64.74
CA GLN P 81 -23.11 26.21 64.02
C GLN P 81 -22.16 26.60 62.91
N LYS P 82 -20.90 26.20 63.01
CA LYS P 82 -19.96 26.38 61.91
C LYS P 82 -20.44 25.64 60.66
N LYS P 83 -20.62 24.32 60.77
CA LYS P 83 -20.98 23.50 59.63
C LYS P 83 -22.42 23.71 59.18
N ALA P 84 -23.34 23.95 60.11
CA ALA P 84 -24.69 24.33 59.72
C ALA P 84 -24.68 25.69 59.03
N THR P 85 -23.76 26.56 59.42
CA THR P 85 -23.59 27.83 58.72
C THR P 85 -22.92 27.60 57.36
N MET P 86 -22.13 26.54 57.23
CA MET P 86 -21.53 26.22 55.94
C MET P 86 -22.63 25.84 54.95
N SER P 87 -22.29 25.94 53.66
CA SER P 87 -23.27 25.72 52.61
C SER P 87 -23.59 24.23 52.50
N ALA P 88 -24.52 23.90 51.61
CA ALA P 88 -24.78 22.48 51.32
C ALA P 88 -23.63 21.88 50.54
N GLU P 89 -23.01 22.67 49.65
CA GLU P 89 -21.75 22.29 49.03
C GLU P 89 -20.69 21.93 50.06
N GLU P 90 -20.25 22.91 50.86
CA GLU P 90 -19.29 22.69 51.93
C GLU P 90 -19.72 21.64 52.95
N ALA P 91 -21.02 21.38 53.09
CA ALA P 91 -21.53 20.55 54.18
C ALA P 91 -20.74 19.26 54.34
N LEU P 92 -20.88 18.34 53.38
CA LEU P 92 -20.05 17.14 53.39
C LEU P 92 -18.59 17.45 53.08
N VAL P 93 -18.34 18.44 52.22
CA VAL P 93 -16.96 18.81 51.88
C VAL P 93 -16.17 19.16 53.13
N TYR P 94 -16.59 20.22 53.83
CA TYR P 94 -15.84 20.71 54.99
C TYR P 94 -15.51 19.60 55.97
N SER P 95 -16.54 18.99 56.59
CA SER P 95 -16.29 17.93 57.57
C SER P 95 -15.44 16.80 57.01
N TYR P 96 -15.54 16.51 55.72
CA TYR P 96 -14.65 15.54 55.10
C TYR P 96 -13.21 16.03 55.04
N ILE P 97 -12.99 17.34 54.96
CA ILE P 97 -11.65 17.87 54.89
C ILE P 97 -10.93 17.69 56.22
N GLU P 98 -11.59 18.04 57.33
CA GLU P 98 -10.95 17.94 58.63
C GLU P 98 -10.66 16.51 59.02
N ALA P 99 -11.18 15.53 58.28
CA ALA P 99 -10.85 14.13 58.53
C ALA P 99 -9.35 13.89 58.52
N SER P 100 -8.61 14.54 57.63
CA SER P 100 -7.16 14.47 57.68
C SER P 100 -6.63 15.05 58.98
N GLY P 101 -6.87 16.34 59.20
CA GLY P 101 -6.63 16.98 60.48
C GLY P 101 -5.16 17.22 60.76
N ARG P 102 -4.29 16.54 60.01
CA ARG P 102 -2.86 16.65 60.22
C ARG P 102 -2.16 16.85 58.89
N GLU P 103 -2.17 15.81 58.06
CA GLU P 103 -1.53 15.82 56.76
C GLU P 103 -2.30 16.61 55.72
N GLY P 104 -3.54 16.98 56.00
CA GLY P 104 -4.30 17.69 55.01
C GLY P 104 -4.74 16.77 53.87
N ILE P 105 -5.43 17.37 52.91
CA ILE P 105 -5.92 16.64 51.74
C ILE P 105 -5.76 17.56 50.55
N TRP P 106 -5.89 17.01 49.34
CA TRP P 106 -5.49 17.75 48.17
C TRP P 106 -6.64 17.91 47.18
N SER P 107 -6.42 18.81 46.20
CA SER P 107 -7.49 19.26 45.32
C SER P 107 -8.16 18.11 44.59
N LYS P 108 -7.50 17.49 43.62
CA LYS P 108 -8.24 16.54 42.79
C LYS P 108 -8.71 15.34 43.60
N THR P 109 -8.00 14.99 44.67
CA THR P 109 -8.47 13.87 45.49
C THR P 109 -9.70 14.23 46.31
N ILE P 110 -10.05 15.51 46.42
CA ILE P 110 -11.37 15.85 46.93
C ILE P 110 -12.41 15.79 45.83
N LYS P 111 -12.03 16.06 44.58
CA LYS P 111 -12.99 16.08 43.48
C LYS P 111 -13.66 14.73 43.30
N ALA P 112 -12.87 13.65 43.23
CA ALA P 112 -13.45 12.32 43.09
C ALA P 112 -14.30 11.93 44.29
N ARG P 113 -13.87 12.27 45.50
CA ARG P 113 -14.60 11.87 46.69
C ARG P 113 -15.94 12.60 46.80
N THR P 114 -15.97 13.88 46.45
CA THR P 114 -17.22 14.64 46.46
C THR P 114 -18.06 14.42 45.20
N ASN P 115 -17.44 13.93 44.12
CA ASN P 115 -18.10 13.79 42.82
C ASN P 115 -18.66 15.14 42.37
N LEU P 116 -17.79 16.14 42.36
CA LEU P 116 -18.09 17.45 41.82
C LEU P 116 -17.04 17.77 40.75
N HIS P 117 -17.16 18.94 40.16
CA HIS P 117 -16.15 19.45 39.26
C HIS P 117 -15.01 20.05 40.05
N GLN P 118 -14.00 20.53 39.34
CA GLN P 118 -13.12 21.54 39.91
C GLN P 118 -13.75 22.92 39.81
N HIS P 119 -14.78 23.06 38.97
CA HIS P 119 -15.51 24.30 38.86
C HIS P 119 -16.05 24.75 40.21
N VAL P 120 -16.87 23.92 40.85
CA VAL P 120 -17.55 24.29 42.08
C VAL P 120 -16.67 24.14 43.32
N VAL P 121 -15.86 23.08 43.42
CA VAL P 121 -15.10 22.87 44.65
C VAL P 121 -14.17 24.03 44.95
N LEU P 122 -13.72 24.76 43.94
CA LEU P 122 -12.96 25.98 44.18
C LEU P 122 -13.73 26.98 45.02
N LYS P 123 -14.87 27.48 44.51
CA LYS P 123 -15.57 28.56 45.20
C LYS P 123 -15.90 28.23 46.65
N CYS P 124 -16.22 26.98 46.96
CA CYS P 124 -16.48 26.65 48.36
C CYS P 124 -15.18 26.63 49.15
N LEU P 125 -14.07 26.24 48.53
CA LEU P 125 -12.79 26.35 49.20
C LEU P 125 -12.45 27.80 49.52
N LYS P 126 -12.48 28.68 48.51
CA LYS P 126 -12.24 30.11 48.76
C LYS P 126 -13.19 30.65 49.81
N SER P 127 -14.44 30.22 49.78
CA SER P 127 -15.37 30.57 50.86
C SER P 127 -14.81 30.15 52.21
N LEU P 128 -14.27 28.93 52.29
CA LEU P 128 -13.62 28.49 53.52
C LEU P 128 -12.33 29.25 53.81
N GLU P 129 -11.77 29.92 52.81
CA GLU P 129 -10.59 30.75 53.04
C GLU P 129 -10.97 32.04 53.72
N SER P 130 -12.02 32.70 53.25
CA SER P 130 -12.58 33.81 54.01
C SER P 130 -13.02 33.34 55.39
N GLN P 131 -13.66 32.17 55.45
CA GLN P 131 -14.00 31.55 56.72
C GLN P 131 -12.79 31.28 57.60
N ARG P 132 -11.64 30.99 56.99
CA ARG P 132 -10.41 30.69 57.71
C ARG P 132 -10.58 29.51 58.66
N TYR P 133 -11.36 28.52 58.22
CA TYR P 133 -11.36 27.23 58.89
C TYR P 133 -10.50 26.20 58.16
N VAL P 134 -9.86 26.59 57.06
CA VAL P 134 -8.92 25.75 56.33
C VAL P 134 -7.82 26.67 55.82
N LYS P 135 -6.59 26.17 55.75
CA LYS P 135 -5.48 27.00 55.31
C LYS P 135 -4.70 26.31 54.20
N SER P 136 -4.21 27.13 53.27
CA SER P 136 -3.42 26.67 52.15
C SER P 136 -2.06 26.21 52.67
N VAL P 137 -1.71 24.97 52.38
CA VAL P 137 -0.45 24.38 52.85
C VAL P 137 0.30 23.84 51.65
N LYS P 138 1.54 24.26 51.50
CA LYS P 138 2.41 23.79 50.42
C LYS P 138 3.53 22.98 51.04
N SER P 139 3.47 21.66 50.88
CA SER P 139 4.21 20.73 51.73
C SER P 139 5.51 20.28 51.06
N VAL P 140 6.16 19.29 51.68
CA VAL P 140 7.40 18.72 51.18
C VAL P 140 7.31 18.34 49.73
N LYS P 141 6.27 17.61 49.32
CA LYS P 141 6.19 17.13 47.96
C LYS P 141 5.92 18.35 47.07
N PHE P 142 5.88 18.13 45.76
CA PHE P 142 6.10 19.25 44.85
C PHE P 142 5.04 20.33 45.04
N PRO P 143 5.42 21.61 44.93
CA PRO P 143 4.44 22.69 45.08
C PRO P 143 3.49 22.84 43.91
N THR P 144 2.88 21.75 43.46
CA THR P 144 1.76 21.84 42.53
C THR P 144 0.47 21.67 43.34
N ARG P 145 0.62 21.50 44.65
CA ARG P 145 -0.41 20.86 45.45
C ARG P 145 -1.36 21.85 46.13
N LYS P 146 -0.85 22.63 47.08
CA LYS P 146 -1.69 23.38 48.01
C LYS P 146 -2.69 22.45 48.68
N ILE P 147 -2.16 21.47 49.42
CA ILE P 147 -3.02 20.62 50.21
C ILE P 147 -3.65 21.47 51.30
N TYR P 148 -4.84 21.06 51.75
CA TYR P 148 -5.63 21.87 52.65
C TYR P 148 -5.88 21.08 53.94
N MET P 149 -5.38 21.61 55.05
CA MET P 149 -5.74 21.13 56.37
C MET P 149 -6.45 22.24 57.13
N LEU P 150 -6.91 21.89 58.33
CA LEU P 150 -7.62 22.86 59.16
C LEU P 150 -6.75 24.09 59.42
N TYR P 151 -7.37 25.26 59.26
CA TYR P 151 -6.66 26.50 59.48
C TYR P 151 -6.06 26.57 60.89
N SER P 152 -6.61 25.81 61.82
CA SER P 152 -6.10 25.83 63.19
C SER P 152 -4.85 24.99 63.38
N LEU P 153 -4.78 23.81 62.77
CA LEU P 153 -3.77 22.82 63.12
C LEU P 153 -2.79 22.64 61.99
N GLN P 154 -1.50 22.60 62.33
CA GLN P 154 -0.52 22.25 61.30
C GLN P 154 0.53 21.24 61.75
N PRO P 155 0.15 20.06 62.25
CA PRO P 155 1.13 18.97 62.33
C PRO P 155 1.43 18.43 60.94
N SER P 156 2.70 18.26 60.61
CA SER P 156 3.05 17.88 59.25
C SER P 156 4.44 17.25 59.25
N VAL P 157 4.78 16.63 58.13
CA VAL P 157 6.15 16.25 57.88
C VAL P 157 6.79 17.44 57.16
N ASP P 158 7.69 18.13 57.86
CA ASP P 158 8.27 19.39 57.38
C ASP P 158 7.22 20.30 56.73
N GLU P 169 15.53 19.49 58.72
CA GLU P 169 15.58 20.95 58.69
C GLU P 169 14.36 21.48 57.97
N LEU P 170 14.61 22.50 57.15
CA LEU P 170 13.71 22.91 56.10
C LEU P 170 14.33 22.40 54.81
N ASP P 171 13.64 22.56 53.67
CA ASP P 171 14.11 21.92 52.45
C ASP P 171 14.96 22.86 51.59
N ILE P 172 15.24 24.06 52.06
CA ILE P 172 15.87 25.08 51.22
C ILE P 172 17.15 25.53 51.92
N GLU P 173 17.76 26.61 51.43
CA GLU P 173 19.17 26.92 51.66
C GLU P 173 19.50 27.34 53.09
N PHE P 174 20.73 27.83 53.27
CA PHE P 174 21.31 28.08 54.59
C PHE P 174 21.57 26.77 55.33
N ILE P 175 21.81 25.72 54.56
CA ILE P 175 22.36 24.47 55.08
C ILE P 175 23.84 24.62 55.40
N ASN P 176 24.66 24.83 54.36
CA ASN P 176 26.10 25.04 54.51
C ASN P 176 26.42 26.20 55.43
N SER P 177 25.48 27.12 55.64
CA SER P 177 25.70 28.20 56.59
C SER P 177 26.22 27.67 57.92
N LEU P 178 25.55 26.67 58.49
CA LEU P 178 26.05 26.02 59.69
C LEU P 178 27.11 24.95 59.41
N LEU P 179 27.09 24.34 58.23
CA LEU P 179 28.09 23.34 57.90
C LEU P 179 29.50 23.91 57.98
N THR P 180 29.75 25.04 57.33
CA THR P 180 31.07 25.64 57.38
C THR P 180 31.49 25.95 58.81
N ILE P 181 30.55 26.19 59.72
CA ILE P 181 30.89 26.43 61.11
C ILE P 181 31.26 25.13 61.81
N VAL P 182 30.42 24.10 61.69
CA VAL P 182 30.69 22.86 62.39
C VAL P 182 31.97 22.22 61.90
N TRP P 183 32.26 22.35 60.60
CA TRP P 183 33.54 21.87 60.08
C TRP P 183 34.71 22.51 60.80
N ARG P 184 34.65 23.81 61.05
CA ARG P 184 35.74 24.50 61.72
C ARG P 184 36.01 23.93 63.10
N PHE P 185 34.96 23.59 63.84
CA PHE P 185 35.17 22.97 65.14
C PHE P 185 35.71 21.55 65.00
N ILE P 186 35.09 20.75 64.15
CA ILE P 186 35.53 19.37 63.95
C ILE P 186 37.01 19.33 63.60
N SER P 187 37.47 20.32 62.83
CA SER P 187 38.89 20.45 62.54
C SER P 187 39.71 20.54 63.82
N GLU P 188 39.37 21.49 64.69
CA GLU P 188 40.02 21.61 65.99
C GLU P 188 39.95 20.32 66.78
N ASN P 189 38.92 19.51 66.57
CA ASN P 189 38.81 18.27 67.34
C ASN P 189 39.87 17.26 66.93
N THR P 190 40.43 17.39 65.73
CA THR P 190 41.29 16.33 65.21
C THR P 190 42.69 16.39 65.78
N PHE P 191 43.48 17.31 65.26
CA PHE P 191 44.74 17.68 65.88
C PHE P 191 44.52 19.04 66.53
N PRO P 192 45.56 19.68 67.12
CA PRO P 192 45.34 21.04 67.65
C PRO P 192 44.91 22.03 66.56
N ASN P 193 44.72 23.29 66.92
CA ASN P 193 44.03 24.19 66.01
C ASN P 193 44.88 24.46 64.77
N GLY P 194 44.40 25.34 63.89
CA GLY P 194 44.81 25.34 62.50
C GLY P 194 46.29 25.21 62.23
N PHE P 195 47.10 26.07 62.85
CA PHE P 195 48.56 25.97 62.77
C PHE P 195 49.08 25.96 61.33
N LYS P 196 48.63 26.87 60.48
CA LYS P 196 49.25 27.04 59.17
C LYS P 196 49.93 28.42 59.09
N ASN P 197 51.25 28.37 59.17
CA ASN P 197 52.10 29.54 59.04
C ASN P 197 53.28 29.30 58.12
N PHE P 198 54.19 28.41 58.53
CA PHE P 198 55.36 27.99 57.76
C PHE P 198 55.17 26.53 57.37
N GLU P 199 56.23 25.94 56.82
CA GLU P 199 56.16 24.62 56.19
C GLU P 199 55.38 23.59 57.01
N ASN P 200 55.92 23.15 58.13
CA ASN P 200 55.13 22.29 59.00
C ASN P 200 54.84 22.94 60.34
N GLY P 201 53.61 23.40 60.52
CA GLY P 201 53.07 23.72 61.81
C GLY P 201 52.14 22.69 62.45
N PRO P 202 51.56 21.76 61.69
CA PRO P 202 50.49 20.94 62.28
C PRO P 202 51.04 19.93 63.29
N LYS P 203 50.30 19.84 64.39
CA LYS P 203 50.14 18.67 65.26
C LYS P 203 51.41 18.24 65.97
N LYS P 204 52.58 18.65 65.46
CA LYS P 204 53.87 18.28 66.06
C LYS P 204 53.88 16.80 66.45
N ASN P 205 53.49 15.96 65.49
CA ASN P 205 53.23 14.53 65.71
C ASN P 205 52.01 14.30 66.60
N VAL P 206 50.97 15.13 66.41
CA VAL P 206 49.71 15.04 67.14
C VAL P 206 49.99 14.90 68.63
N PHE P 207 50.44 16.00 69.26
CA PHE P 207 50.77 15.97 70.68
C PHE P 207 51.82 14.89 70.89
N TYR P 208 51.48 13.83 71.62
CA TYR P 208 52.35 12.70 71.84
C TYR P 208 51.57 11.43 71.49
N ALA P 209 52.19 10.56 70.68
CA ALA P 209 51.58 9.30 70.29
C ALA P 209 50.19 9.51 69.67
N PRO P 210 50.10 9.98 68.43
CA PRO P 210 48.78 10.22 67.82
C PRO P 210 47.79 9.08 68.04
N ASN P 211 48.27 7.84 68.14
CA ASN P 211 47.42 6.71 68.50
C ASN P 211 46.77 6.86 69.86
N VAL P 212 47.45 7.45 70.84
CA VAL P 212 46.87 7.51 72.18
C VAL P 212 45.70 8.48 72.23
N LYS P 213 45.54 9.34 71.23
CA LYS P 213 44.35 10.19 71.17
C LYS P 213 43.32 9.44 70.36
N ASN P 214 42.30 8.95 71.04
CA ASN P 214 41.17 8.29 70.39
C ASN P 214 39.91 9.12 70.63
N TYR P 215 39.45 9.78 69.57
CA TYR P 215 38.54 10.88 69.79
C TYR P 215 37.52 11.00 68.67
N SER P 216 36.30 11.30 69.06
CA SER P 216 35.21 11.59 68.14
C SER P 216 34.80 13.03 68.30
N THR P 217 33.73 13.40 67.62
CA THR P 217 33.08 14.68 67.88
C THR P 217 31.63 14.39 68.25
N THR P 218 30.87 13.83 67.31
CA THR P 218 29.57 13.19 67.53
C THR P 218 28.62 13.95 68.45
N GLN P 219 28.20 13.28 69.54
CA GLN P 219 27.28 13.86 70.51
C GLN P 219 27.67 15.28 70.90
N GLU P 220 28.96 15.53 71.15
CA GLU P 220 29.43 16.85 71.54
C GLU P 220 28.92 17.96 70.63
N ILE P 221 28.73 17.68 69.35
CA ILE P 221 28.21 18.66 68.41
C ILE P 221 26.99 19.37 68.99
N LEU P 222 26.04 18.60 69.52
CA LEU P 222 24.83 19.22 70.05
C LEU P 222 25.14 20.24 71.14
N GLU P 223 26.05 19.89 72.05
CA GLU P 223 26.49 20.87 73.04
C GLU P 223 27.16 22.07 72.41
N PHE P 224 27.93 21.87 71.35
CA PHE P 224 28.52 23.00 70.64
C PHE P 224 27.46 23.78 69.88
N ILE P 225 26.44 23.10 69.34
CA ILE P 225 25.36 23.78 68.63
C ILE P 225 24.58 24.72 69.55
N THR P 226 24.61 24.48 70.86
CA THR P 226 23.97 25.37 71.81
C THR P 226 24.39 26.83 71.63
N ALA P 227 25.59 27.07 71.09
CA ALA P 227 26.11 28.42 70.87
C ALA P 227 25.15 29.31 70.11
N ALA P 228 24.35 28.72 69.21
CA ALA P 228 23.33 29.45 68.44
C ALA P 228 24.02 30.57 67.65
N GLN P 229 23.73 31.84 67.94
CA GLN P 229 24.18 32.99 67.15
C GLN P 229 23.54 32.96 65.76
N VAL P 230 22.36 32.34 65.67
CA VAL P 230 21.68 32.15 64.40
C VAL P 230 20.22 31.93 64.71
N ALA P 231 19.36 32.20 63.72
CA ALA P 231 17.92 32.05 63.87
C ALA P 231 17.52 30.65 63.43
N ASN P 232 17.13 29.84 64.40
CA ASN P 232 16.73 28.45 64.17
C ASN P 232 16.12 27.91 65.46
N VAL P 233 15.77 26.62 65.43
CA VAL P 233 15.49 25.86 66.64
C VAL P 233 16.69 24.94 66.89
N GLU P 234 16.59 24.09 67.91
CA GLU P 234 17.61 23.08 68.13
C GLU P 234 17.47 21.98 67.08
N LEU P 235 18.29 20.93 67.20
CA LEU P 235 18.27 19.87 66.21
C LEU P 235 18.67 18.55 66.84
N THR P 236 18.16 17.47 66.27
CA THR P 236 18.26 16.15 66.88
C THR P 236 19.64 15.54 66.64
N PRO P 237 20.05 14.57 67.47
CA PRO P 237 21.24 13.79 67.12
C PRO P 237 21.16 13.16 65.74
N SER P 238 19.98 12.67 65.34
CA SER P 238 19.84 12.01 64.05
C SER P 238 20.27 12.91 62.90
N ASN P 239 19.58 14.03 62.70
CA ASN P 239 19.88 14.93 61.59
C ASN P 239 21.32 15.42 61.59
N ILE P 240 21.90 15.67 62.77
CA ILE P 240 23.34 15.92 62.85
C ILE P 240 24.12 14.87 62.09
N ARG P 241 23.79 13.59 62.31
CA ARG P 241 24.50 12.53 61.64
C ARG P 241 24.50 12.72 60.13
N SER P 242 23.37 13.13 59.56
CA SER P 242 23.33 13.41 58.13
C SER P 242 24.20 14.61 57.78
N LEU P 243 24.10 15.69 58.59
CA LEU P 243 24.97 16.84 58.41
C LEU P 243 26.42 16.41 58.28
N CYS P 244 26.84 15.43 59.07
CA CYS P 244 28.17 14.89 58.96
C CYS P 244 28.34 13.98 57.75
N GLU P 245 27.26 13.30 57.33
CA GLU P 245 27.34 12.45 56.16
C GLU P 245 27.70 13.26 54.93
N VAL P 246 27.16 14.47 54.82
CA VAL P 246 27.47 15.32 53.67
C VAL P 246 28.97 15.57 53.60
N LEU P 247 29.57 15.95 54.73
CA LEU P 247 31.00 16.21 54.73
C LEU P 247 31.81 14.92 54.66
N VAL P 248 31.15 13.77 54.84
CA VAL P 248 31.80 12.52 54.44
C VAL P 248 31.79 12.39 52.93
N TYR P 249 30.71 12.83 52.28
CA TYR P 249 30.61 12.72 50.84
C TYR P 249 31.51 13.74 50.15
N ASP P 250 31.46 14.99 50.59
CA ASP P 250 32.43 15.98 50.13
C ASP P 250 33.85 15.62 50.51
N ASP P 251 34.05 14.62 51.38
CA ASP P 251 35.38 14.22 51.84
C ASP P 251 36.12 15.39 52.49
N LYS P 252 35.38 16.35 53.04
CA LYS P 252 36.00 17.29 53.96
C LYS P 252 36.49 16.58 55.22
N LEU P 253 35.75 15.58 55.68
CA LEU P 253 36.06 14.88 56.91
C LEU P 253 35.75 13.40 56.71
N GLU P 254 35.92 12.60 57.77
CA GLU P 254 36.01 11.16 57.64
C GLU P 254 35.14 10.47 58.68
N LYS P 255 34.51 9.36 58.27
CA LYS P 255 33.71 8.53 59.15
C LYS P 255 34.47 7.31 59.63
N VAL P 256 34.71 7.23 60.93
CA VAL P 256 35.44 6.13 61.54
C VAL P 256 34.65 5.61 62.74
N THR P 257 34.56 4.28 62.85
CA THR P 257 34.01 3.63 64.05
C THR P 257 32.72 4.28 64.54
N HIS P 258 31.65 4.11 63.78
CA HIS P 258 30.33 4.63 64.12
C HIS P 258 30.36 6.15 64.22
N ASP P 259 30.02 6.70 65.38
CA ASP P 259 29.83 8.14 65.51
C ASP P 259 31.15 8.88 65.56
N CYS P 260 32.26 8.16 65.57
CA CYS P 260 33.54 8.84 65.57
C CYS P 260 33.81 9.46 64.20
N TYR P 261 34.38 10.66 64.21
CA TYR P 261 34.68 11.32 62.94
C TYR P 261 36.00 12.06 63.03
N ARG P 262 36.73 12.08 61.92
CA ARG P 262 37.99 12.78 61.79
C ARG P 262 37.84 13.83 60.71
N VAL P 263 38.92 14.52 60.38
CA VAL P 263 38.92 15.39 59.21
C VAL P 263 39.98 14.90 58.23
N THR P 264 39.75 15.13 56.94
CA THR P 264 40.59 14.63 55.87
C THR P 264 41.84 15.47 55.65
N LEU P 265 42.05 16.46 56.52
CA LEU P 265 43.20 17.35 56.38
C LEU P 265 43.05 18.24 55.14
N GLU P 266 41.88 18.21 54.52
CA GLU P 266 41.64 19.01 53.34
C GLU P 266 41.28 20.44 53.69
N SER P 267 41.41 20.79 54.97
CA SER P 267 41.62 22.17 55.33
C SER P 267 42.75 22.80 54.53
N ILE P 268 43.76 22.01 54.15
CA ILE P 268 44.79 22.51 53.26
C ILE P 268 44.20 22.90 51.92
N LEU P 269 43.15 22.20 51.48
CA LEU P 269 42.40 22.60 50.30
C LEU P 269 41.87 24.03 50.45
N GLN P 270 41.61 24.46 51.67
CA GLN P 270 41.31 25.87 51.91
C GLN P 270 42.47 26.76 51.49
N MET P 271 43.66 26.49 52.03
CA MET P 271 44.85 27.28 51.77
C MET P 271 44.64 28.76 52.11
N SER P 292 53.73 13.98 38.68
CA SER P 292 53.79 15.42 38.88
C SER P 292 52.97 15.83 40.09
N ILE P 293 51.67 15.98 39.86
CA ILE P 293 50.75 16.52 40.85
C ILE P 293 49.42 15.78 40.78
N PHE P 294 48.72 15.72 41.91
CA PHE P 294 47.26 15.65 41.90
C PHE P 294 46.66 16.54 42.97
N ASN P 295 45.99 17.60 42.52
CA ASN P 295 45.34 18.59 43.35
C ASN P 295 44.77 19.67 42.44
N TYR P 296 43.52 19.48 42.00
CA TYR P 296 42.83 20.40 41.10
C TYR P 296 42.97 21.86 41.50
N PHE P 297 43.11 22.12 42.80
CA PHE P 297 43.31 23.48 43.28
C PHE P 297 44.75 23.90 43.00
N LYS P 298 45.12 25.11 43.42
CA LYS P 298 46.48 25.64 43.21
C LYS P 298 46.95 25.49 41.77
N MET P 299 46.01 25.15 40.90
CA MET P 299 46.27 24.95 39.48
C MET P 299 45.29 25.80 38.67
N PHE P 300 45.73 26.26 37.51
CA PHE P 300 44.90 27.09 36.64
C PHE P 300 45.19 26.77 35.18
N PRO P 301 44.18 26.80 34.32
CA PRO P 301 44.38 26.52 32.90
C PRO P 301 45.01 27.70 32.17
N ALA P 302 45.52 27.41 30.98
CA ALA P 302 45.96 28.44 30.03
C ALA P 302 44.79 29.06 29.30
N SER P 303 44.09 28.27 28.48
CA SER P 303 42.76 28.60 27.97
C SER P 303 42.75 29.82 27.07
N LYS P 304 43.79 29.96 26.25
CA LYS P 304 43.75 30.94 25.17
C LYS P 304 44.72 30.49 24.09
N HIS P 305 44.44 30.90 22.85
CA HIS P 305 45.31 30.55 21.74
C HIS P 305 45.45 29.03 21.63
N ASP P 306 46.61 28.51 22.03
CA ASP P 306 47.04 27.17 21.66
C ASP P 306 45.92 26.14 21.82
N LYS P 307 45.76 25.34 20.77
CA LYS P 307 44.66 24.39 20.67
C LYS P 307 44.86 23.03 21.34
N GLU P 308 45.99 22.82 21.99
CA GLU P 308 46.30 21.51 22.55
C GLU P 308 46.09 21.67 24.06
N VAL P 309 45.07 20.96 24.53
CA VAL P 309 44.54 21.10 25.87
C VAL P 309 43.96 19.73 26.11
N VAL P 310 43.68 19.45 27.37
CA VAL P 310 42.98 18.23 27.74
C VAL P 310 41.65 18.63 28.36
N TYR P 311 40.58 18.39 27.62
CA TYR P 311 39.25 18.61 28.16
C TYR P 311 38.80 17.33 28.84
N PHE P 312 37.63 17.38 29.48
CA PHE P 312 36.96 16.15 29.85
C PHE P 312 35.84 15.80 28.88
N ASP P 313 35.67 16.57 27.81
CA ASP P 313 34.73 16.27 26.75
C ASP P 313 35.48 16.28 25.42
N GLU P 314 34.80 16.21 24.28
CA GLU P 314 35.29 16.01 22.91
C GLU P 314 35.85 14.60 22.72
N TRP P 315 35.38 13.66 23.52
CA TRP P 315 35.42 12.28 23.09
C TRP P 315 34.03 11.74 23.34
N THR P 316 33.63 11.72 24.61
CA THR P 316 32.23 11.55 25.00
C THR P 316 31.60 10.30 24.40
N PHE Q 36 34.17 23.88 20.31
CA PHE Q 36 32.86 23.37 20.67
C PHE Q 36 32.85 22.55 21.99
N PRO Q 37 33.91 21.80 22.29
CA PRO Q 37 34.03 21.18 23.60
C PRO Q 37 34.27 22.22 24.68
N SER Q 38 34.49 21.72 25.89
CA SER Q 38 34.63 22.59 27.06
C SER Q 38 35.38 22.00 28.23
N ILE Q 39 35.40 22.73 29.34
CA ILE Q 39 36.08 22.29 30.55
C ILE Q 39 37.16 21.24 30.28
N PRO Q 40 38.41 21.55 30.67
CA PRO Q 40 39.56 20.67 30.54
C PRO Q 40 39.97 20.13 31.90
N LEU Q 41 40.94 19.22 31.94
CA LEU Q 41 41.41 18.63 33.19
C LEU Q 41 42.30 19.59 33.94
N PRO Q 42 42.63 19.25 35.20
CA PRO Q 42 43.48 20.09 36.04
C PRO Q 42 44.97 19.88 35.75
N ILE Q 43 45.28 19.42 34.55
CA ILE Q 43 46.67 19.19 34.18
C ILE Q 43 47.20 20.26 33.23
N ASN Q 44 46.35 21.16 32.77
CA ASN Q 44 46.70 22.04 31.67
C ASN Q 44 47.70 23.10 32.06
N GLY Q 45 48.05 23.18 33.33
CA GLY Q 45 48.92 24.21 33.84
C GLY Q 45 50.30 24.17 33.23
N PRO Q 46 51.04 25.27 33.36
CA PRO Q 46 52.39 25.33 32.77
C PRO Q 46 53.34 24.35 33.43
N ILE Q 47 54.44 24.11 32.73
CA ILE Q 47 55.43 23.12 33.14
C ILE Q 47 56.26 23.67 34.29
N THR Q 48 56.88 22.78 35.06
CA THR Q 48 57.87 23.18 36.05
C THR Q 48 59.28 22.84 35.55
N ASN Q 49 60.28 23.14 36.38
CA ASN Q 49 61.65 22.92 35.94
C ASN Q 49 61.99 21.44 35.85
N LYS Q 50 61.72 20.69 36.93
CA LYS Q 50 61.97 19.25 36.92
C LYS Q 50 61.24 18.56 35.78
N GLU Q 51 60.01 18.98 35.51
CA GLU Q 51 59.25 18.42 34.41
C GLU Q 51 59.89 18.73 33.06
N ARG Q 52 60.55 19.89 32.95
CA ARG Q 52 61.36 20.15 31.76
C ARG Q 52 62.54 19.19 31.68
N SER Q 53 63.34 19.11 32.75
CA SER Q 53 64.47 18.20 32.79
C SER Q 53 64.09 16.82 32.31
N LEU Q 54 62.89 16.35 32.66
CA LEU Q 54 62.29 15.23 31.97
C LEU Q 54 62.16 15.50 30.47
N ALA Q 55 61.35 16.50 30.10
CA ALA Q 55 60.97 16.78 28.73
C ALA Q 55 62.14 16.81 27.74
N VAL Q 56 63.08 17.75 27.90
CA VAL Q 56 64.20 17.83 26.98
C VAL Q 56 64.93 16.50 26.92
N LYS Q 57 65.27 15.94 28.08
CA LYS Q 57 65.94 14.65 28.13
C LYS Q 57 65.04 13.54 27.61
N TYR Q 58 63.72 13.77 27.59
CA TYR Q 58 62.81 12.82 26.96
C TYR Q 58 62.92 12.86 25.44
N ILE Q 59 63.16 14.04 24.87
CA ILE Q 59 63.14 14.18 23.42
C ILE Q 59 64.28 13.41 22.76
N ASN Q 60 65.49 13.53 23.29
CA ASN Q 60 66.65 12.94 22.64
C ASN Q 60 66.50 11.43 22.47
N PHE Q 61 65.71 10.79 23.32
CA PHE Q 61 65.43 9.38 23.12
C PHE Q 61 64.67 9.16 21.82
N GLY Q 62 63.55 9.87 21.64
CA GLY Q 62 62.79 9.72 20.41
C GLY Q 62 63.56 10.12 19.18
N LYS Q 63 64.20 11.30 19.23
CA LYS Q 63 65.03 11.75 18.11
C LYS Q 63 66.11 10.73 17.78
N THR Q 64 66.64 10.04 18.80
CA THR Q 64 67.61 8.97 18.57
C THR Q 64 67.03 7.91 17.64
N VAL Q 65 65.98 7.23 18.09
CA VAL Q 65 65.42 6.11 17.31
C VAL Q 65 64.95 6.59 15.94
N LYS Q 66 64.34 7.78 15.87
CA LYS Q 66 63.92 8.31 14.58
C LYS Q 66 65.08 8.35 13.61
N ASP Q 67 66.28 8.67 14.09
CA ASP Q 67 67.50 8.53 13.31
C ASP Q 67 68.22 7.22 13.58
N GLY Q 68 67.68 6.37 14.45
CA GLY Q 68 68.26 5.08 14.72
C GLY Q 68 68.19 4.17 13.51
N PRO Q 69 68.72 2.96 13.64
CA PRO Q 69 68.74 2.06 12.49
C PRO Q 69 67.39 1.41 12.21
N PHE Q 70 66.33 2.21 12.17
CA PHE Q 70 64.97 1.69 11.96
C PHE Q 70 64.08 2.75 11.34
N UNK Q 71 73.99 -5.27 13.08
CA UNK Q 71 74.79 -4.65 14.12
C UNK Q 71 74.77 -5.49 15.39
N UNK Q 72 73.85 -6.46 15.41
CA UNK Q 72 73.73 -7.36 16.55
C UNK Q 72 72.88 -8.56 16.15
N UNK Q 73 71.57 -8.39 16.24
CA UNK Q 73 70.61 -9.45 15.95
C UNK Q 73 70.95 -10.72 16.72
N UNK Q 74 70.85 -10.65 18.04
CA UNK Q 74 71.10 -11.79 18.91
C UNK Q 74 70.21 -12.96 18.50
N UNK Q 75 70.64 -13.69 17.47
CA UNK Q 75 69.84 -14.72 16.84
C UNK Q 75 69.26 -15.72 17.84
N UNK Q 76 69.92 -15.86 18.98
CA UNK Q 76 69.35 -16.59 20.10
C UNK Q 76 68.06 -15.89 20.47
N UNK Q 77 66.95 -16.39 19.93
CA UNK Q 77 65.63 -15.80 20.15
C UNK Q 77 65.52 -14.37 19.66
N UNK Q 78 65.29 -14.22 18.36
CA UNK Q 78 65.05 -12.93 17.73
C UNK Q 78 64.34 -13.24 16.44
N UNK Q 79 63.09 -13.68 16.57
CA UNK Q 79 62.34 -14.33 15.50
C UNK Q 79 63.00 -15.66 15.17
N UNK Q 80 62.44 -16.39 14.21
CA UNK Q 80 63.00 -17.69 13.86
C UNK Q 80 64.18 -17.55 12.92
N UNK Q 81 64.89 -18.66 12.73
CA UNK Q 81 65.83 -18.77 11.64
C UNK Q 81 64.99 -18.66 10.38
N UNK Q 82 63.75 -19.15 10.47
CA UNK Q 82 62.78 -19.05 9.39
C UNK Q 82 62.33 -17.60 9.21
N UNK Q 83 62.79 -16.73 10.09
CA UNK Q 83 62.54 -15.31 9.96
C UNK Q 83 63.87 -14.58 9.95
N UNK Q 84 64.95 -15.35 10.10
CA UNK Q 84 66.29 -14.78 10.05
C UNK Q 84 66.80 -14.76 8.62
N UNK Q 85 65.93 -15.12 7.68
CA UNK Q 85 66.30 -15.17 6.27
C UNK Q 85 66.80 -13.83 5.79
N UNK Q 86 65.90 -12.87 5.63
CA UNK Q 86 66.28 -11.53 5.22
C UNK Q 86 66.95 -10.84 6.39
N UNK Q 87 66.80 -11.42 7.57
CA UNK Q 87 67.37 -10.84 8.78
C UNK Q 87 68.79 -11.33 8.99
N UNK Q 88 69.26 -12.21 8.10
CA UNK Q 88 70.63 -12.69 8.17
C UNK Q 88 71.58 -11.52 7.97
N UNK Q 89 71.10 -10.52 7.24
CA UNK Q 89 71.82 -9.27 7.07
C UNK Q 89 70.92 -8.13 7.53
N MET R 1 11.45 34.65 -16.99
CA MET R 1 12.43 35.22 -16.08
C MET R 1 13.88 34.92 -16.50
N PRO R 2 14.17 33.69 -16.95
CA PRO R 2 15.45 33.46 -17.62
C PRO R 2 15.42 34.02 -19.03
N VAL R 3 16.51 33.77 -19.75
CA VAL R 3 16.70 34.32 -21.09
C VAL R 3 17.15 33.18 -21.99
N CYS R 4 16.77 33.24 -23.27
CA CYS R 4 17.33 32.30 -24.23
C CYS R 4 18.85 32.42 -24.28
N LYS R 5 19.51 31.28 -24.09
CA LYS R 5 20.96 31.20 -24.17
C LYS R 5 21.48 31.44 -25.59
N ASN R 6 20.59 31.56 -26.58
CA ASN R 6 21.04 31.93 -27.91
C ASN R 6 20.46 33.25 -28.39
N CYS R 7 19.17 33.31 -28.70
CA CYS R 7 18.59 34.53 -29.24
C CYS R 7 18.50 35.66 -28.23
N HIS R 8 18.78 35.39 -26.96
CA HIS R 8 18.57 36.36 -25.88
C HIS R 8 17.12 36.83 -25.83
N GLY R 9 16.19 35.90 -26.05
CA GLY R 9 14.79 36.22 -26.09
C GLY R 9 14.20 36.49 -24.72
N THR R 10 13.27 37.43 -24.68
CA THR R 10 12.68 37.84 -23.42
C THR R 10 11.31 37.23 -23.12
N GLU R 11 10.75 36.41 -24.00
CA GLU R 11 9.39 35.92 -23.82
C GLU R 11 9.33 34.44 -24.21
N PHE R 12 8.60 33.65 -23.44
CA PHE R 12 8.53 32.21 -23.64
C PHE R 12 7.09 31.77 -23.84
N GLU R 13 6.91 30.76 -24.70
CA GLU R 13 5.67 29.99 -24.77
C GLU R 13 5.97 28.57 -24.32
N ARG R 14 5.14 28.06 -23.42
CA ARG R 14 5.07 26.63 -23.13
C ARG R 14 4.26 26.04 -24.27
N ASP R 15 4.58 24.81 -24.66
CA ASP R 15 3.85 24.17 -25.73
C ASP R 15 3.18 22.90 -25.21
N LEU R 16 1.85 22.96 -25.06
CA LEU R 16 1.07 21.88 -24.46
C LEU R 16 0.44 20.96 -25.49
N SER R 17 0.63 21.22 -26.78
CA SER R 17 -0.01 20.44 -27.83
C SER R 17 0.34 18.95 -27.79
N ASN R 18 1.59 18.60 -28.08
CA ASN R 18 1.98 17.23 -28.39
C ASN R 18 2.37 16.44 -27.15
N ALA R 19 2.11 16.99 -25.96
CA ALA R 19 2.37 16.33 -24.69
C ALA R 19 3.88 16.19 -24.44
N ASN R 20 4.66 17.05 -25.06
CA ASN R 20 6.03 17.28 -24.59
C ASN R 20 6.03 18.27 -23.45
N ASN R 21 5.17 19.28 -23.55
CA ASN R 21 5.16 20.42 -22.63
C ASN R 21 6.47 21.17 -22.80
N ASP R 22 6.85 21.50 -24.02
CA ASP R 22 8.05 22.32 -24.20
C ASP R 22 8.00 23.69 -23.59
N LEU R 23 9.13 24.38 -23.53
CA LEU R 23 9.17 25.77 -23.09
C LEU R 23 10.21 26.42 -23.99
N VAL R 24 9.77 27.27 -24.92
CA VAL R 24 10.66 27.79 -25.95
C VAL R 24 10.16 29.16 -26.37
N CYS R 25 11.08 30.00 -26.86
CA CYS R 25 10.75 31.37 -27.23
C CYS R 25 10.60 31.49 -28.75
N LYS R 26 9.71 32.37 -29.17
CA LYS R 26 9.38 32.57 -30.57
C LYS R 26 10.59 32.91 -31.43
N ALA R 27 11.56 33.64 -30.88
CA ALA R 27 12.67 34.11 -31.70
C ALA R 27 13.90 33.23 -31.63
N CYS R 28 13.87 32.19 -30.82
CA CYS R 28 15.04 31.34 -30.69
C CYS R 28 14.82 29.97 -31.30
N GLY R 29 13.82 29.24 -30.83
CA GLY R 29 13.67 27.83 -31.14
C GLY R 29 14.36 26.94 -30.16
N VAL R 30 15.33 27.46 -29.42
CA VAL R 30 16.00 26.66 -28.41
C VAL R 30 15.07 26.48 -27.22
N VAL R 31 15.00 25.25 -26.71
CA VAL R 31 14.19 25.05 -25.53
C VAL R 31 14.89 25.67 -24.32
N SER R 32 14.22 25.59 -23.18
CA SER R 32 14.84 25.93 -21.92
C SER R 32 14.62 24.87 -20.86
N GLU R 33 13.38 24.68 -20.44
CA GLU R 33 13.06 23.47 -19.70
C GLU R 33 12.38 22.51 -20.66
N ASP R 34 13.06 21.40 -20.92
CA ASP R 34 12.39 20.19 -21.34
C ASP R 34 11.86 19.52 -20.09
N ASN R 35 11.19 18.41 -20.26
CA ASN R 35 11.01 17.49 -19.15
C ASN R 35 10.43 18.22 -17.94
N PRO R 36 9.23 18.75 -18.03
CA PRO R 36 8.77 19.70 -17.01
C PRO R 36 8.46 19.01 -15.71
N ILE R 37 9.46 18.84 -14.86
CA ILE R 37 9.24 18.17 -13.59
C ILE R 37 8.11 18.86 -12.84
N VAL R 38 7.06 18.11 -12.53
CA VAL R 38 5.88 18.67 -11.88
C VAL R 38 5.37 17.70 -10.82
N SER R 39 5.12 18.24 -9.64
CA SER R 39 4.81 17.43 -8.48
C SER R 39 3.39 16.87 -8.58
N GLU R 40 3.00 16.13 -7.55
CA GLU R 40 1.69 15.50 -7.48
C GLU R 40 1.24 15.47 -6.03
N VAL R 41 0.20 14.69 -5.75
CA VAL R 41 -0.39 14.52 -4.41
C VAL R 41 -0.43 15.82 -3.61
N ALA R 72 3.64 23.47 17.70
CA ALA R 72 3.15 22.43 18.60
C ALA R 72 2.66 23.03 19.91
N LEU R 73 3.57 23.14 20.87
CA LEU R 73 3.26 23.72 22.18
C LEU R 73 3.97 25.06 22.28
N GLU R 74 3.20 26.13 22.22
CA GLU R 74 3.68 27.50 22.39
C GLU R 74 2.57 28.33 23.01
N SER R 75 2.96 29.26 23.87
CA SER R 75 1.97 30.10 24.54
C SER R 75 1.17 30.93 23.54
N ARG R 76 1.87 31.57 22.60
CA ARG R 76 1.18 32.43 21.64
C ARG R 76 0.40 31.60 20.62
N GLU R 77 1.03 30.59 20.04
CA GLU R 77 0.36 29.79 19.01
C GLU R 77 -0.89 29.11 19.55
N ALA R 78 -0.82 28.59 20.78
CA ALA R 78 -2.01 27.99 21.38
C ALA R 78 -3.14 29.00 21.49
N THR R 79 -2.84 30.20 22.02
CA THR R 79 -3.86 31.23 22.08
C THR R 79 -4.40 31.57 20.70
N LEU R 80 -3.57 31.49 19.67
CA LEU R 80 -4.07 31.70 18.32
C LEU R 80 -5.06 30.61 17.94
N ASN R 81 -4.78 29.36 18.30
CA ASN R 81 -5.73 28.29 18.03
C ASN R 81 -7.04 28.52 18.76
N ASN R 82 -6.97 28.89 20.04
CA ASN R 82 -8.19 29.21 20.77
C ASN R 82 -8.96 30.33 20.08
N ALA R 83 -8.27 31.38 19.66
CA ALA R 83 -8.93 32.44 18.91
C ALA R 83 -9.60 31.90 17.66
N ARG R 84 -8.97 30.93 16.99
CA ARG R 84 -9.65 30.26 15.89
C ARG R 84 -10.94 29.61 16.35
N ARG R 85 -10.92 28.97 17.51
CA ARG R 85 -12.10 28.22 17.93
C ARG R 85 -13.24 29.16 18.29
N LYS R 86 -13.00 30.11 19.19
CA LYS R 86 -14.02 31.11 19.48
C LYS R 86 -14.37 31.86 18.21
N LEU R 87 -13.47 31.90 17.24
CA LEU R 87 -13.76 32.59 15.99
C LEU R 87 -14.77 31.81 15.15
N ARG R 88 -14.40 30.61 14.69
CA ARG R 88 -15.36 29.73 14.01
C ARG R 88 -16.70 29.65 14.70
N ALA R 89 -16.69 29.49 16.02
CA ALA R 89 -17.93 29.36 16.77
C ALA R 89 -18.90 30.47 16.41
N VAL R 90 -18.55 31.72 16.75
CA VAL R 90 -19.42 32.84 16.46
C VAL R 90 -19.55 33.08 14.96
N SER R 91 -18.79 32.38 14.14
CA SER R 91 -18.72 32.72 12.73
C SER R 91 -20.00 32.36 11.99
N TYR R 92 -20.22 31.07 11.76
CA TYR R 92 -21.42 30.67 11.04
C TYR R 92 -22.70 30.99 11.78
N ALA R 93 -22.62 31.17 13.11
CA ALA R 93 -23.82 31.49 13.87
C ALA R 93 -24.56 32.67 13.29
N LEU R 94 -23.83 33.67 12.79
CA LEU R 94 -24.44 34.81 12.13
C LEU R 94 -24.60 34.59 10.64
N HIS R 95 -24.25 33.39 10.16
CA HIS R 95 -24.20 33.10 8.73
C HIS R 95 -23.33 34.12 8.01
N ILE R 96 -22.04 34.06 8.30
CA ILE R 96 -21.06 34.94 7.67
C ILE R 96 -20.18 34.06 6.80
N PRO R 97 -19.55 34.59 5.76
CA PRO R 97 -18.66 33.76 4.94
C PRO R 97 -17.51 33.09 5.66
N GLU R 98 -17.34 31.79 5.39
CA GLU R 98 -16.09 31.13 5.76
C GLU R 98 -14.84 32.00 5.44
N TYR R 99 -14.90 32.58 4.25
CA TYR R 99 -14.06 33.72 3.90
C TYR R 99 -13.76 34.80 4.94
N ILE R 100 -14.77 35.59 5.29
CA ILE R 100 -14.56 36.72 6.20
C ILE R 100 -13.99 36.38 7.56
N THR R 101 -14.25 35.17 8.07
CA THR R 101 -13.66 34.78 9.34
C THR R 101 -12.14 34.75 9.31
N ASP R 102 -11.58 33.90 8.44
CA ASP R 102 -10.14 33.89 8.28
C ASP R 102 -9.68 35.26 7.82
N ALA R 103 -10.58 36.06 7.25
CA ALA R 103 -10.21 37.45 7.04
C ALA R 103 -9.96 38.16 8.37
N ALA R 104 -10.88 38.02 9.32
CA ALA R 104 -10.79 38.72 10.59
C ALA R 104 -9.82 38.10 11.56
N PHE R 105 -9.63 36.78 11.50
CA PHE R 105 -8.64 36.13 12.35
C PHE R 105 -7.30 36.85 12.27
N GLN R 106 -6.90 37.22 11.05
CA GLN R 106 -5.71 38.03 10.89
C GLN R 106 -5.80 39.34 11.67
N TRP R 107 -6.95 40.01 11.63
CA TRP R 107 -7.10 41.23 12.41
C TRP R 107 -6.85 40.98 13.89
N TYR R 108 -7.36 39.86 14.42
CA TYR R 108 -7.03 39.51 15.80
C TYR R 108 -5.53 39.37 15.98
N LYS R 109 -4.86 38.64 15.08
CA LYS R 109 -3.41 38.52 15.18
C LYS R 109 -2.73 39.88 15.19
N LEU R 110 -3.27 40.83 14.43
CA LEU R 110 -2.69 42.17 14.41
C LEU R 110 -2.91 42.88 15.73
N ALA R 111 -4.16 42.93 16.21
CA ALA R 111 -4.45 43.61 17.47
C ALA R 111 -3.73 42.97 18.65
N LEU R 112 -3.27 41.72 18.50
CA LEU R 112 -2.45 41.14 19.55
C LEU R 112 -1.11 41.85 19.66
N ALA R 113 -0.56 42.32 18.54
CA ALA R 113 0.76 42.94 18.54
C ALA R 113 0.83 44.17 19.42
N ASN R 114 -0.19 45.02 19.39
CA ASN R 114 -0.21 46.20 20.23
C ASN R 114 -0.68 45.89 21.65
N ASN R 115 -0.99 44.62 21.92
CA ASN R 115 -1.38 44.17 23.26
C ASN R 115 -2.64 44.86 23.74
N PHE R 116 -3.47 45.31 22.79
CA PHE R 116 -4.81 45.78 23.09
C PHE R 116 -5.72 44.69 23.60
N VAL R 117 -5.41 43.43 23.28
CA VAL R 117 -6.35 42.33 23.46
C VAL R 117 -6.08 41.59 24.77
N GLN R 118 -5.11 42.06 25.54
CA GLN R 118 -4.66 41.27 26.68
C GLN R 118 -5.70 41.17 27.78
N GLY R 119 -6.16 42.29 28.31
CA GLY R 119 -6.92 42.26 29.56
C GLY R 119 -8.40 42.53 29.48
N ARG R 120 -8.96 42.59 28.28
CA ARG R 120 -10.36 42.94 28.12
C ARG R 120 -11.16 41.69 27.77
N ARG R 121 -12.43 41.68 28.17
CA ARG R 121 -13.25 40.49 28.06
C ARG R 121 -13.20 39.94 26.64
N SER R 122 -12.86 38.65 26.53
CA SER R 122 -12.45 38.10 25.24
C SER R 122 -13.53 38.27 24.18
N GLN R 123 -14.79 38.09 24.57
CA GLN R 123 -15.89 38.29 23.63
C GLN R 123 -15.82 39.65 22.97
N ASN R 124 -15.75 40.72 23.76
CA ASN R 124 -15.68 42.06 23.21
C ASN R 124 -14.52 42.26 22.24
N VAL R 125 -13.46 41.46 22.36
CA VAL R 125 -12.34 41.55 21.43
C VAL R 125 -12.62 40.78 20.15
N ILE R 126 -12.80 39.46 20.27
CA ILE R 126 -13.19 38.66 19.12
C ILE R 126 -14.42 39.25 18.44
N ALA R 127 -15.29 39.91 19.20
CA ALA R 127 -16.46 40.55 18.62
C ALA R 127 -16.07 41.55 17.55
N SER R 128 -15.51 42.69 17.94
CA SER R 128 -15.17 43.72 16.98
C SER R 128 -14.18 43.24 15.95
N CYS R 129 -13.19 42.44 16.38
CA CYS R 129 -12.24 41.88 15.43
C CYS R 129 -12.95 41.12 14.32
N LEU R 130 -13.99 40.38 14.66
CA LEU R 130 -14.82 39.78 13.62
C LEU R 130 -15.67 40.81 12.91
N TYR R 131 -15.96 41.93 13.57
CA TYR R 131 -16.95 42.87 13.05
C TYR R 131 -16.39 43.71 11.91
N VAL R 132 -15.33 44.48 12.17
CA VAL R 132 -14.76 45.36 11.15
C VAL R 132 -14.54 44.68 9.82
N ALA R 133 -14.20 43.40 9.83
CA ALA R 133 -14.04 42.65 8.59
C ALA R 133 -15.31 42.69 7.74
N CYS R 134 -16.39 42.07 8.23
CA CYS R 134 -17.63 42.09 7.46
C CYS R 134 -18.16 43.50 7.27
N ARG R 135 -17.68 44.46 8.06
CA ARG R 135 -17.93 45.86 7.72
C ARG R 135 -17.23 46.27 6.45
N LYS R 136 -15.93 45.96 6.32
CA LYS R 136 -15.19 46.42 5.15
C LYS R 136 -15.72 45.77 3.88
N GLU R 137 -16.09 44.51 3.94
CA GLU R 137 -16.68 43.81 2.80
C GLU R 137 -18.04 44.38 2.40
N LYS R 138 -18.62 45.27 3.21
CA LYS R 138 -19.92 45.85 2.93
C LYS R 138 -20.98 44.77 2.79
N THR R 139 -21.26 44.07 3.87
CA THR R 139 -22.28 43.04 3.91
C THR R 139 -23.36 43.47 4.89
N HIS R 140 -24.34 42.60 5.13
CA HIS R 140 -25.32 42.88 6.16
C HIS R 140 -25.02 42.08 7.42
N HIS R 141 -24.47 42.80 8.39
CA HIS R 141 -24.31 42.34 9.76
C HIS R 141 -24.26 43.60 10.61
N MET R 142 -24.67 43.51 11.85
CA MET R 142 -24.95 44.72 12.60
C MET R 142 -24.56 44.51 14.05
N LEU R 143 -24.00 45.57 14.64
CA LEU R 143 -23.46 45.47 15.99
C LEU R 143 -24.56 45.14 17.00
N ILE R 144 -25.68 45.88 16.95
CA ILE R 144 -26.83 45.53 17.77
C ILE R 144 -27.22 44.07 17.57
N ASP R 145 -27.28 43.64 16.31
CA ASP R 145 -27.48 42.24 16.00
C ASP R 145 -26.34 41.38 16.54
N PHE R 146 -25.15 41.95 16.68
CA PHE R 146 -23.97 41.15 16.91
C PHE R 146 -23.84 40.75 18.37
N SER R 147 -24.47 41.49 19.28
CA SER R 147 -24.32 41.27 20.71
C SER R 147 -25.19 40.13 21.22
N SER R 148 -26.42 40.06 20.73
CA SER R 148 -27.47 39.22 21.31
C SER R 148 -27.06 37.76 21.38
N ARG R 149 -25.98 37.39 20.70
CA ARG R 149 -25.26 36.17 21.07
C ARG R 149 -24.86 36.15 22.52
N LEU R 150 -24.84 37.30 23.19
CA LEU R 150 -24.52 37.38 24.60
C LEU R 150 -25.62 38.15 25.31
N GLN R 151 -25.62 38.09 26.63
CA GLN R 151 -26.48 38.89 27.48
C GLN R 151 -26.07 40.36 27.50
N VAL R 152 -24.96 40.70 26.83
CA VAL R 152 -24.29 41.97 27.06
C VAL R 152 -25.01 43.09 26.31
N SER R 153 -24.49 44.31 26.43
CA SER R 153 -25.29 45.54 26.34
C SER R 153 -25.31 46.34 25.04
N VAL R 154 -24.53 45.94 24.02
CA VAL R 154 -24.36 46.72 22.80
C VAL R 154 -23.81 48.09 23.20
N TYR R 155 -23.13 48.12 24.34
CA TYR R 155 -22.32 49.29 24.69
C TYR R 155 -20.91 48.80 24.97
N SER R 156 -20.78 47.90 25.96
CA SER R 156 -19.48 47.29 26.24
C SER R 156 -18.81 46.84 24.96
N ILE R 157 -19.54 46.09 24.12
CA ILE R 157 -19.00 45.72 22.83
C ILE R 157 -18.68 46.95 22.01
N GLY R 158 -19.62 47.90 21.95
CA GLY R 158 -19.35 49.12 21.21
C GLY R 158 -18.16 49.88 21.76
N ALA R 159 -18.06 49.95 23.10
CA ALA R 159 -16.89 50.59 23.70
C ALA R 159 -15.60 49.96 23.22
N THR R 160 -15.42 48.67 23.52
CA THR R 160 -14.20 47.97 23.10
C THR R 160 -13.93 48.19 21.61
N PHE R 161 -14.94 47.99 20.78
CA PHE R 161 -14.83 48.29 19.36
C PHE R 161 -14.19 49.65 19.10
N LEU R 162 -14.85 50.71 19.52
CA LEU R 162 -14.35 52.05 19.24
C LEU R 162 -12.95 52.27 19.83
N LYS R 163 -12.58 51.52 20.87
CA LYS R 163 -11.22 51.63 21.40
C LYS R 163 -10.20 51.01 20.47
N MET R 164 -10.46 49.80 19.96
CA MET R 164 -9.50 49.22 19.02
C MET R 164 -9.46 50.00 17.72
N VAL R 165 -10.37 50.95 17.52
CA VAL R 165 -10.21 51.90 16.44
C VAL R 165 -9.10 52.88 16.77
N LYS R 166 -8.96 53.28 18.04
CA LYS R 166 -7.82 54.11 18.42
C LYS R 166 -6.51 53.35 18.36
N LYS R 167 -6.44 52.19 19.02
CA LYS R 167 -5.14 51.55 19.18
C LYS R 167 -4.63 50.97 17.87
N LEU R 168 -5.52 50.80 16.89
CA LEU R 168 -5.09 50.62 15.52
C LEU R 168 -5.37 51.90 14.74
N HIS R 169 -5.11 51.86 13.43
CA HIS R 169 -5.41 52.97 12.55
C HIS R 169 -6.13 52.41 11.33
N ILE R 170 -7.37 52.83 11.12
CA ILE R 170 -8.32 52.12 10.26
C ILE R 170 -8.88 53.10 9.25
N THR R 171 -9.21 52.60 8.06
CA THR R 171 -9.75 53.41 6.98
C THR R 171 -11.18 53.84 7.21
N GLU R 172 -11.72 54.63 6.29
CA GLU R 172 -13.07 55.16 6.35
C GLU R 172 -14.12 54.18 5.84
N LEU R 173 -13.72 53.24 4.98
CA LEU R 173 -14.68 52.54 4.11
C LEU R 173 -15.92 52.04 4.84
N PRO R 174 -15.85 51.37 5.99
CA PRO R 174 -17.06 50.76 6.54
C PRO R 174 -18.15 51.75 6.94
N LEU R 175 -18.78 52.38 5.95
CA LEU R 175 -19.99 53.19 6.17
C LEU R 175 -21.15 52.41 5.57
N ALA R 176 -21.99 51.84 6.42
CA ALA R 176 -23.14 51.09 5.97
C ALA R 176 -24.30 52.02 5.64
N ASP R 177 -25.19 51.54 4.78
CA ASP R 177 -26.44 52.22 4.50
C ASP R 177 -27.59 51.23 4.70
N PRO R 178 -28.81 51.73 4.84
CA PRO R 178 -29.96 50.81 4.83
C PRO R 178 -30.09 50.04 3.53
N SER R 179 -29.61 50.59 2.41
CA SER R 179 -29.76 49.92 1.12
C SER R 179 -29.20 48.52 1.14
N LEU R 180 -28.22 48.24 1.98
CA LEU R 180 -27.76 46.88 2.21
C LEU R 180 -28.68 46.09 3.14
N PHE R 181 -29.07 46.68 4.27
CA PHE R 181 -29.79 45.90 5.28
C PHE R 181 -31.19 45.52 4.82
N ILE R 182 -31.82 46.35 4.00
CA ILE R 182 -33.16 46.06 3.53
C ILE R 182 -33.24 44.73 2.80
N GLN R 183 -32.12 44.28 2.23
CA GLN R 183 -32.08 42.95 1.65
C GLN R 183 -32.41 41.89 2.70
N HIS R 184 -31.52 41.71 3.67
CA HIS R 184 -31.71 40.66 4.67
C HIS R 184 -32.95 40.86 5.53
N PHE R 185 -33.25 42.10 5.91
CA PHE R 185 -34.52 42.35 6.61
C PHE R 185 -35.70 41.86 5.78
N ALA R 186 -35.64 42.02 4.46
CA ALA R 186 -36.72 41.52 3.63
C ALA R 186 -36.83 40.01 3.63
N GLU R 187 -35.78 39.31 4.02
CA GLU R 187 -35.79 37.85 3.91
C GLU R 187 -36.79 37.23 4.87
N LYS R 188 -36.78 37.67 6.13
CA LYS R 188 -37.63 37.07 7.15
C LYS R 188 -39.03 37.67 7.18
N LEU R 189 -39.35 38.57 6.26
CA LEU R 189 -40.67 39.20 6.20
C LEU R 189 -41.77 38.26 5.74
N ASP R 190 -41.43 37.02 5.37
CA ASP R 190 -42.39 36.05 4.87
C ASP R 190 -42.99 36.56 3.56
N LEU R 191 -44.30 36.76 3.51
CA LEU R 191 -44.99 37.37 2.35
C LEU R 191 -44.72 36.53 1.10
N ALA R 192 -44.45 37.15 -0.06
CA ALA R 192 -44.28 36.45 -1.33
C ALA R 192 -43.37 37.24 -2.24
N ASP R 193 -43.33 36.88 -3.53
CA ASP R 193 -42.49 37.56 -4.51
C ASP R 193 -42.65 39.07 -4.51
N LYS R 194 -43.86 39.57 -4.19
CA LYS R 194 -44.12 41.01 -4.21
C LYS R 194 -43.06 41.82 -3.47
N LYS R 195 -42.48 41.26 -2.41
CA LYS R 195 -41.50 42.00 -1.61
C LYS R 195 -40.35 42.49 -2.48
N ILE R 196 -39.91 41.69 -3.44
CA ILE R 196 -38.85 42.13 -4.34
C ILE R 196 -39.26 43.43 -5.02
N LYS R 197 -40.47 43.44 -5.58
CA LYS R 197 -41.08 44.69 -6.02
C LYS R 197 -41.02 45.73 -4.90
N VAL R 198 -41.55 45.38 -3.73
CA VAL R 198 -41.40 46.20 -2.53
C VAL R 198 -39.96 46.62 -2.33
N VAL R 199 -39.01 45.70 -2.51
CA VAL R 199 -37.60 46.04 -2.43
C VAL R 199 -37.31 47.29 -3.25
N LYS R 200 -37.53 47.22 -4.57
CA LYS R 200 -37.28 48.40 -5.38
C LYS R 200 -38.16 49.56 -4.95
N ASP R 201 -39.40 49.25 -4.52
CA ASP R 201 -40.25 50.27 -3.92
C ASP R 201 -39.61 50.90 -2.70
N ALA R 202 -39.01 50.08 -1.83
CA ALA R 202 -38.33 50.59 -0.65
C ALA R 202 -37.02 51.29 -1.01
N VAL R 203 -36.19 50.64 -1.83
CA VAL R 203 -34.87 51.16 -2.14
C VAL R 203 -34.92 52.63 -2.54
N LYS R 204 -35.53 52.91 -3.70
CA LYS R 204 -35.58 54.29 -4.18
C LYS R 204 -36.22 55.21 -3.15
N LEU R 205 -37.12 54.67 -2.33
CA LEU R 205 -37.60 55.42 -1.18
C LEU R 205 -36.46 55.84 -0.27
N ALA R 206 -35.81 54.86 0.37
CA ALA R 206 -34.72 55.16 1.29
C ALA R 206 -33.69 56.07 0.65
N GLN R 207 -33.33 55.78 -0.60
CA GLN R 207 -32.39 56.64 -1.32
C GLN R 207 -32.82 58.10 -1.27
N ARG R 208 -34.06 58.39 -1.69
CA ARG R 208 -34.52 59.77 -1.61
C ARG R 208 -34.48 60.26 -0.17
N MET R 209 -34.86 59.40 0.78
CA MET R 209 -34.78 59.75 2.19
C MET R 209 -33.36 60.16 2.58
N SER R 210 -32.36 59.46 2.07
CA SER R 210 -30.99 59.92 2.28
C SER R 210 -30.78 61.27 1.61
N LYS R 211 -31.21 61.41 0.36
CA LYS R 211 -31.21 62.71 -0.29
C LYS R 211 -31.99 63.88 0.30
N ASP R 212 -33.18 63.59 0.82
CA ASP R 212 -34.06 64.59 1.43
C ASP R 212 -33.50 65.17 2.74
N TRP R 213 -32.35 64.65 3.16
CA TRP R 213 -31.61 65.09 4.35
C TRP R 213 -32.20 64.93 5.77
N MET R 214 -32.67 63.74 6.13
CA MET R 214 -33.13 63.48 7.47
C MET R 214 -32.79 61.97 7.80
N PHE R 215 -31.65 61.59 7.21
CA PHE R 215 -31.13 60.24 7.32
C PHE R 215 -29.97 60.35 8.31
N GLU R 216 -29.24 61.45 8.30
CA GLU R 216 -27.94 61.50 8.97
C GLU R 216 -28.08 61.38 10.48
N GLY R 217 -27.02 60.86 11.11
CA GLY R 217 -26.92 60.81 12.55
C GLY R 217 -27.92 59.92 13.24
N ARG R 218 -28.42 58.90 12.57
CA ARG R 218 -29.43 58.03 13.16
C ARG R 218 -28.98 56.58 13.03
N ARG R 219 -29.50 55.74 13.93
CA ARG R 219 -29.16 54.33 13.91
C ARG R 219 -29.74 53.71 12.64
N PRO R 220 -28.90 53.20 11.74
CA PRO R 220 -29.39 52.83 10.40
C PRO R 220 -30.50 51.80 10.41
N ALA R 221 -30.37 50.75 11.22
CA ALA R 221 -31.35 49.67 11.20
C ALA R 221 -32.76 50.18 11.40
N GLY R 222 -32.94 51.23 12.19
CA GLY R 222 -34.26 51.78 12.40
C GLY R 222 -34.85 52.38 11.16
N ILE R 223 -34.15 53.33 10.55
CA ILE R 223 -34.67 53.96 9.35
C ILE R 223 -34.86 52.94 8.24
N ALA R 224 -34.02 51.90 8.19
CA ALA R 224 -34.27 50.80 7.27
C ALA R 224 -35.64 50.19 7.50
N GLY R 225 -35.91 49.75 8.73
CA GLY R 225 -37.21 49.19 9.05
C GLY R 225 -38.35 50.13 8.73
N ALA R 226 -38.15 51.43 8.95
CA ALA R 226 -39.16 52.41 8.58
C ALA R 226 -39.43 52.36 7.09
N CYS R 227 -38.39 52.38 6.28
CA CYS R 227 -38.55 52.25 4.84
C CYS R 227 -39.35 50.99 4.49
N ILE R 228 -39.03 49.88 5.15
CA ILE R 228 -39.74 48.64 4.86
C ILE R 228 -41.21 48.77 5.20
N LEU R 229 -41.54 49.31 6.37
CA LEU R 229 -42.95 49.53 6.71
C LEU R 229 -43.64 50.38 5.65
N LEU R 230 -42.98 51.45 5.20
CA LEU R 230 -43.56 52.28 4.15
C LEU R 230 -43.85 51.49 2.89
N ALA R 231 -42.81 50.97 2.22
CA ALA R 231 -43.00 50.27 0.96
C ALA R 231 -43.97 49.11 1.11
N CYS R 232 -43.94 48.42 2.25
CA CYS R 232 -44.92 47.38 2.50
C CYS R 232 -46.33 47.93 2.49
N ARG R 233 -46.60 48.96 3.28
CA ARG R 233 -47.88 49.65 3.17
C ARG R 233 -48.10 50.21 1.78
N MET R 234 -47.05 50.70 1.14
CA MET R 234 -47.17 51.15 -0.25
C MET R 234 -47.66 50.03 -1.15
N ASN R 235 -47.24 48.79 -0.86
CA ASN R 235 -47.70 47.62 -1.59
C ASN R 235 -48.98 47.03 -1.00
N ASN R 236 -49.60 47.74 -0.06
CA ASN R 236 -50.87 47.40 0.59
C ASN R 236 -50.89 45.98 1.15
N LEU R 237 -50.15 45.79 2.23
CA LEU R 237 -50.19 44.59 3.06
C LEU R 237 -50.37 45.01 4.51
N ARG R 238 -50.68 44.05 5.37
CA ARG R 238 -50.78 44.32 6.80
C ARG R 238 -49.69 43.55 7.55
N ARG R 239 -48.70 44.31 8.01
CA ARG R 239 -47.64 43.77 8.85
C ARG R 239 -47.38 44.72 10.02
N THR R 240 -47.56 44.18 11.22
CA THR R 240 -47.54 44.97 12.44
C THR R 240 -46.13 45.47 12.74
N HIS R 241 -46.07 46.52 13.57
CA HIS R 241 -44.80 47.10 13.97
C HIS R 241 -43.93 46.10 14.71
N THR R 242 -44.50 45.35 15.66
CA THR R 242 -43.76 44.28 16.32
C THR R 242 -43.10 43.36 15.31
N GLU R 243 -43.87 42.89 14.34
CA GLU R 243 -43.38 42.00 13.31
C GLU R 243 -42.22 42.62 12.55
N ILE R 244 -42.17 43.94 12.48
CA ILE R 244 -41.07 44.61 11.81
C ILE R 244 -39.84 44.68 12.70
N VAL R 245 -40.01 45.13 13.94
CA VAL R 245 -38.88 45.32 14.83
C VAL R 245 -38.26 44.02 15.28
N ALA R 246 -38.99 42.90 15.14
CA ALA R 246 -38.39 41.60 15.44
C ALA R 246 -37.09 41.40 14.69
N VAL R 247 -37.10 41.59 13.37
CA VAL R 247 -35.87 41.62 12.60
C VAL R 247 -35.15 42.97 12.69
N SER R 248 -35.88 44.08 12.74
CA SER R 248 -35.25 45.38 12.73
C SER R 248 -34.48 45.69 14.00
N HIS R 249 -34.88 45.12 15.13
CA HIS R 249 -34.17 45.28 16.40
C HIS R 249 -34.11 46.74 16.81
N VAL R 250 -35.25 47.43 16.71
CA VAL R 250 -35.36 48.81 17.15
C VAL R 250 -36.63 48.94 17.97
N ALA R 251 -36.92 50.15 18.45
CA ALA R 251 -38.12 50.38 19.21
C ALA R 251 -39.28 50.76 18.30
N GLU R 252 -40.46 50.23 18.63
CA GLU R 252 -41.70 50.70 18.03
C GLU R 252 -41.78 52.21 18.04
N GLU R 253 -41.74 52.79 19.25
CA GLU R 253 -41.75 54.24 19.38
C GLU R 253 -40.75 54.90 18.46
N THR R 254 -39.50 54.44 18.46
CA THR R 254 -38.51 54.95 17.52
C THR R 254 -39.02 54.86 16.09
N LEU R 255 -39.48 53.66 15.71
CA LEU R 255 -39.98 53.43 14.37
C LEU R 255 -40.98 54.49 13.95
N GLN R 256 -42.13 54.56 14.63
CA GLN R 256 -43.14 55.55 14.26
C GLN R 256 -42.67 56.99 14.49
N GLN R 257 -41.63 57.20 15.29
CA GLN R 257 -41.12 58.56 15.47
C GLN R 257 -40.37 58.89 14.18
N ARG R 258 -39.49 58.01 13.74
CA ARG R 258 -38.89 58.29 12.43
C ARG R 258 -39.87 58.32 11.23
N LEU R 259 -40.88 57.45 11.30
CA LEU R 259 -42.04 57.59 10.43
C LEU R 259 -42.74 58.94 10.35
N ASN R 260 -43.32 59.37 11.47
CA ASN R 260 -44.00 60.66 11.49
C ASN R 260 -43.04 61.80 11.14
N GLU R 261 -41.75 61.61 11.41
CA GLU R 261 -40.74 62.51 10.87
C GLU R 261 -40.75 62.50 9.34
N PHE R 262 -41.08 61.35 8.73
CA PHE R 262 -41.20 61.29 7.29
C PHE R 262 -42.53 61.84 6.77
N LYS R 263 -43.60 61.78 7.56
CA LYS R 263 -44.90 62.20 7.07
C LYS R 263 -44.94 63.66 6.66
N ASN R 264 -44.21 64.52 7.35
CA ASN R 264 -44.29 65.96 7.09
C ASN R 264 -43.22 66.43 6.11
N THR R 265 -42.46 65.50 5.53
CA THR R 265 -41.31 65.85 4.73
C THR R 265 -41.74 66.50 3.41
N LYS R 266 -40.77 66.87 2.58
CA LYS R 266 -41.03 67.62 1.36
C LYS R 266 -41.71 66.73 0.33
N ALA R 267 -42.83 67.22 -0.21
CA ALA R 267 -43.61 66.51 -1.22
C ALA R 267 -44.06 65.14 -0.71
N ALA R 268 -44.12 65.02 0.61
CA ALA R 268 -44.66 63.82 1.22
C ALA R 268 -46.15 63.67 0.97
N LYS R 269 -46.94 64.68 1.33
CA LYS R 269 -48.37 64.70 1.03
C LYS R 269 -48.68 64.57 -0.44
N LEU R 270 -48.23 65.52 -1.26
CA LEU R 270 -48.59 65.60 -2.67
C LEU R 270 -48.25 64.36 -3.47
N SER R 271 -47.14 63.68 -3.20
CA SER R 271 -46.66 62.59 -4.03
C SER R 271 -47.00 61.22 -3.44
N VAL R 272 -47.62 61.17 -2.25
CA VAL R 272 -47.77 59.92 -1.51
C VAL R 272 -48.69 58.92 -2.24
N GLN R 273 -49.35 59.33 -3.31
CA GLN R 273 -50.20 58.46 -4.12
C GLN R 273 -49.34 57.62 -5.06
N LYS R 274 -49.93 57.15 -6.15
CA LYS R 274 -49.32 56.21 -7.09
C LYS R 274 -48.12 56.82 -7.80
N PHE R 275 -47.73 56.22 -8.93
CA PHE R 275 -46.56 56.56 -9.74
C PHE R 275 -45.28 56.27 -8.98
N ARG R 276 -45.42 55.74 -7.76
CA ARG R 276 -44.29 55.53 -6.87
C ARG R 276 -43.69 56.90 -6.60
N GLU R 277 -42.40 57.06 -6.86
CA GLU R 277 -41.85 58.39 -6.96
C GLU R 277 -41.04 58.55 -8.24
N ASN R 278 -41.55 59.36 -9.16
CA ASN R 278 -40.73 59.89 -10.23
C ASN R 278 -40.17 61.26 -9.87
N ASP R 279 -40.41 61.70 -8.64
CA ASP R 279 -40.01 63.01 -8.17
C ASP R 279 -38.75 62.82 -7.35
N VAL R 280 -37.61 63.23 -7.91
CA VAL R 280 -36.33 63.13 -7.22
C VAL R 280 -36.02 64.46 -6.57
N GLU R 281 -36.90 65.43 -6.78
CA GLU R 281 -36.76 66.77 -6.28
C GLU R 281 -36.68 66.78 -4.76
N ASP R 282 -35.62 67.40 -4.25
CA ASP R 282 -35.35 67.47 -2.82
C ASP R 282 -36.18 68.51 -2.09
N GLY R 283 -36.59 69.57 -2.76
CA GLY R 283 -37.25 70.67 -2.09
C GLY R 283 -36.30 71.35 -1.13
N GLU R 284 -36.68 71.44 0.13
CA GLU R 284 -35.81 71.95 1.18
C GLU R 284 -35.25 70.79 2.00
N ALA R 285 -34.36 71.11 2.92
CA ALA R 285 -33.76 70.10 3.80
C ALA R 285 -33.75 70.66 5.21
N ARG R 286 -34.51 70.03 6.11
CA ARG R 286 -34.66 70.49 7.49
C ARG R 286 -34.76 69.30 8.43
N PRO R 287 -33.63 68.67 8.76
CA PRO R 287 -33.62 67.64 9.79
C PRO R 287 -33.89 68.25 11.15
N PRO R 288 -34.51 67.49 12.06
CA PRO R 288 -34.95 68.06 13.35
C PRO R 288 -33.82 68.67 14.17
N SER R 289 -32.58 68.33 13.80
CA SER R 289 -31.41 68.81 14.53
C SER R 289 -31.50 70.31 14.79
N PHE R 290 -31.47 71.13 13.74
CA PHE R 290 -31.56 72.56 13.90
C PHE R 290 -32.99 73.07 13.90
N VAL R 291 -33.97 72.20 13.59
CA VAL R 291 -35.36 72.59 13.74
C VAL R 291 -35.66 72.89 15.20
N LYS R 292 -35.08 72.11 16.12
CA LYS R 292 -35.23 72.41 17.54
C LYS R 292 -34.48 73.67 17.93
N ASN R 293 -33.42 74.01 17.20
CA ASN R 293 -32.78 75.31 17.38
C ASN R 293 -33.76 76.43 17.04
N ARG R 294 -34.67 76.18 16.10
CA ARG R 294 -35.74 77.12 15.82
C ARG R 294 -36.87 77.01 16.84
N LYS R 295 -37.02 75.86 17.50
CA LYS R 295 -38.11 75.70 18.45
C LYS R 295 -37.99 76.66 19.63
N LYS R 296 -36.80 76.74 20.24
CA LYS R 296 -36.59 77.69 21.32
C LYS R 296 -36.38 79.12 20.82
N GLU R 297 -36.22 79.30 19.51
CA GLU R 297 -36.05 80.63 18.95
C GLU R 297 -37.38 81.38 18.98
N SER R 387 -15.82 81.53 13.17
CA SER R 387 -15.56 82.84 12.61
C SER R 387 -16.15 83.96 13.47
N GLY R 388 -17.26 84.54 13.00
CA GLY R 388 -17.90 85.60 13.77
C GLY R 388 -18.53 85.09 15.05
N ILE R 389 -18.73 83.78 15.15
CA ILE R 389 -19.22 83.16 16.37
C ILE R 389 -18.05 82.50 17.10
N VAL R 390 -17.90 82.81 18.38
CA VAL R 390 -16.77 82.35 19.18
C VAL R 390 -17.12 81.05 19.88
N PRO R 391 -16.23 80.07 19.89
CA PRO R 391 -16.41 78.88 20.74
C PRO R 391 -16.51 79.29 22.21
N THR R 392 -17.17 78.45 22.99
CA THR R 392 -17.45 78.80 24.38
C THR R 392 -16.77 77.84 25.35
N LEU R 393 -16.50 78.35 26.54
CA LEU R 393 -15.90 77.57 27.62
C LEU R 393 -17.00 76.99 28.52
N GLN R 394 -17.16 75.67 28.48
CA GLN R 394 -18.08 74.99 29.37
C GLN R 394 -17.43 74.73 30.73
N ASN R 395 -16.38 73.91 30.75
CA ASN R 395 -15.68 73.62 32.00
C ASN R 395 -14.20 73.51 31.71
N ILE R 396 -13.39 73.68 32.76
CA ILE R 396 -11.95 73.51 32.68
C ILE R 396 -11.53 72.62 33.84
N VAL R 397 -10.75 71.59 33.53
CA VAL R 397 -10.27 70.62 34.51
C VAL R 397 -8.81 70.89 34.77
N ALA R 398 -8.42 70.87 36.05
CA ALA R 398 -7.04 71.14 36.43
C ALA R 398 -6.64 70.20 37.55
N THR R 399 -5.49 70.47 38.17
CA THR R 399 -5.07 69.71 39.34
C THR R 399 -4.29 70.63 40.28
N VAL R 400 -4.33 70.29 41.57
CA VAL R 400 -3.53 70.99 42.59
C VAL R 400 -3.06 69.96 43.62
N THR R 401 -1.79 70.04 44.00
CA THR R 401 -1.24 69.18 45.03
C THR R 401 -1.12 69.96 46.34
N LEU R 402 -1.57 69.37 47.44
CA LEU R 402 -1.48 70.04 48.74
C LEU R 402 -0.16 69.71 49.43
N GLY R 403 0.56 68.72 48.91
CA GLY R 403 1.83 68.31 49.49
C GLY R 403 1.74 67.60 50.82
N CYS R 404 0.55 67.31 51.32
CA CYS R 404 0.41 66.60 52.59
C CYS R 404 -0.78 65.67 52.50
N ARG R 405 -0.68 64.53 53.16
CA ARG R 405 -1.78 63.57 53.18
C ARG R 405 -2.61 63.77 54.44
N LEU R 406 -3.93 63.65 54.31
CA LEU R 406 -4.86 63.87 55.40
C LEU R 406 -5.76 62.66 55.59
N ASP R 407 -6.69 62.78 56.53
CA ASP R 407 -7.71 61.76 56.74
C ASP R 407 -9.02 62.22 56.11
N LEU R 408 -9.43 61.56 55.03
CA LEU R 408 -10.70 61.89 54.41
C LEU R 408 -11.87 61.73 55.37
N LYS R 409 -11.78 60.77 56.28
CA LYS R 409 -12.76 60.68 57.37
C LYS R 409 -12.78 61.96 58.20
N THR R 410 -11.61 62.41 58.64
CA THR R 410 -11.53 63.59 59.50
C THR R 410 -12.03 64.83 58.78
N VAL R 411 -11.67 65.00 57.51
CA VAL R 411 -12.11 66.16 56.76
C VAL R 411 -13.62 66.07 56.49
N ALA R 412 -14.12 64.86 56.25
CA ALA R 412 -15.54 64.64 56.01
C ALA R 412 -16.42 65.07 57.17
N LEU R 413 -15.81 65.34 58.33
CA LEU R 413 -16.55 65.71 59.52
C LEU R 413 -17.14 67.11 59.44
N HIS R 414 -16.33 68.11 59.10
CA HIS R 414 -16.81 69.49 58.97
C HIS R 414 -16.68 69.91 57.51
N ALA R 415 -17.82 69.95 56.81
CA ALA R 415 -17.91 70.63 55.53
C ALA R 415 -19.37 70.87 55.21
N ARG R 416 -19.66 71.86 54.37
CA ARG R 416 -21.02 71.95 53.81
C ARG R 416 -21.18 71.05 52.60
N ASN R 417 -20.19 71.02 51.71
CA ASN R 417 -20.21 70.12 50.56
C ASN R 417 -19.24 68.98 50.86
N ALA R 418 -19.79 67.82 51.21
CA ALA R 418 -19.00 66.63 51.41
C ALA R 418 -19.86 65.38 51.24
N GLU R 419 -19.26 64.35 50.66
CA GLU R 419 -19.77 62.99 50.82
C GLU R 419 -18.57 62.06 50.68
N TYR R 420 -18.50 61.04 51.53
CA TYR R 420 -17.37 60.12 51.53
C TYR R 420 -17.87 58.69 51.76
N ASN R 421 -17.69 57.85 50.75
CA ASN R 421 -18.05 56.44 50.86
C ASN R 421 -17.05 55.58 50.08
N PRO R 422 -15.90 55.23 50.67
CA PRO R 422 -14.96 54.35 49.98
C PRO R 422 -15.61 53.08 49.45
N LYS R 423 -16.64 52.57 50.13
CA LYS R 423 -17.45 51.50 49.56
C LYS R 423 -17.94 51.85 48.17
N ARG R 424 -18.26 53.13 47.94
CA ARG R 424 -18.62 53.63 46.63
C ARG R 424 -17.42 54.24 45.90
N PHE R 425 -16.86 55.32 46.45
CA PHE R 425 -15.69 55.95 45.84
C PHE R 425 -14.74 56.34 46.97
N ALA R 426 -13.45 56.16 46.75
CA ALA R 426 -12.47 56.23 47.83
C ALA R 426 -12.19 57.64 48.33
N ALA R 427 -12.72 58.66 47.65
CA ALA R 427 -12.39 60.03 48.03
C ALA R 427 -13.64 60.76 48.49
N VAL R 428 -13.48 62.05 48.78
CA VAL R 428 -14.56 62.89 49.30
C VAL R 428 -15.06 63.81 48.20
N ILE R 429 -16.36 64.07 48.21
CA ILE R 429 -16.97 65.08 47.36
C ILE R 429 -16.72 66.45 47.99
N MET R 430 -16.28 67.40 47.17
CA MET R 430 -16.22 68.81 47.54
C MET R 430 -16.85 69.63 46.43
N ARG R 431 -17.65 70.61 46.82
CA ARG R 431 -18.38 71.45 45.88
C ARG R 431 -18.53 72.85 46.49
N ILE R 432 -19.16 73.74 45.74
CA ILE R 432 -19.50 75.07 46.25
C ILE R 432 -20.69 75.57 45.44
N ARG R 433 -21.44 76.50 46.04
CA ARG R 433 -22.57 77.12 45.35
C ARG R 433 -22.10 78.17 44.35
N GLU R 434 -21.17 79.02 44.76
CA GLU R 434 -20.51 79.94 43.83
C GLU R 434 -19.00 79.86 44.03
N PRO R 435 -18.23 79.93 42.93
CA PRO R 435 -18.70 80.07 41.54
C PRO R 435 -19.12 78.75 40.89
N LYS R 436 -20.00 78.00 41.56
CA LYS R 436 -20.57 76.74 41.06
C LYS R 436 -19.47 75.83 40.50
N THR R 437 -18.64 75.37 41.43
CA THR R 437 -17.52 74.50 41.09
C THR R 437 -17.53 73.30 42.00
N THR R 438 -17.11 72.16 41.46
CA THR R 438 -16.89 70.95 42.22
C THR R 438 -15.41 70.76 42.53
N ALA R 439 -14.57 70.67 41.50
CA ALA R 439 -13.19 70.22 41.63
C ALA R 439 -13.19 68.80 42.17
N LEU R 440 -12.32 68.50 43.13
CA LEU R 440 -12.19 67.15 43.66
C LEU R 440 -11.16 67.19 44.79
N ILE R 441 -11.05 66.08 45.52
CA ILE R 441 -10.02 65.91 46.53
C ILE R 441 -9.60 64.46 46.53
N PHE R 442 -8.35 64.21 46.89
CA PHE R 442 -7.82 62.86 47.04
C PHE R 442 -7.46 62.59 48.48
N ALA R 443 -7.03 61.36 48.76
CA ALA R 443 -6.43 61.01 50.04
C ALA R 443 -4.98 61.45 50.13
N SER R 444 -4.21 61.29 49.05
CA SER R 444 -2.80 61.64 49.04
C SER R 444 -2.57 63.14 49.20
N GLY R 445 -3.62 63.95 49.10
CA GLY R 445 -3.44 65.38 49.19
C GLY R 445 -3.30 66.06 47.84
N LYS R 446 -3.81 65.43 46.79
CA LYS R 446 -3.88 66.07 45.48
C LYS R 446 -5.35 66.28 45.15
N MET R 447 -5.62 66.93 44.02
CA MET R 447 -6.99 67.25 43.68
C MET R 447 -7.10 67.54 42.19
N VAL R 448 -8.32 67.41 41.69
CA VAL R 448 -8.69 67.74 40.33
C VAL R 448 -9.63 68.94 40.40
N VAL R 449 -9.67 69.74 39.34
CA VAL R 449 -10.47 70.95 39.30
C VAL R 449 -11.51 70.83 38.20
N THR R 450 -12.78 70.95 38.58
CA THR R 450 -13.92 70.86 37.69
C THR R 450 -14.90 71.97 38.02
N GLY R 451 -15.88 72.14 37.14
CA GLY R 451 -16.89 73.16 37.37
C GLY R 451 -16.43 74.56 37.12
N ALA R 452 -15.21 74.75 36.63
CA ALA R 452 -14.65 76.07 36.38
C ALA R 452 -14.95 76.47 34.94
N LYS R 453 -15.75 77.52 34.78
CA LYS R 453 -16.05 78.02 33.44
C LYS R 453 -14.91 78.87 32.89
N SER R 454 -14.09 79.45 33.79
CA SER R 454 -12.93 80.22 33.37
C SER R 454 -11.82 80.03 34.40
N GLU R 455 -10.67 80.65 34.12
CA GLU R 455 -9.54 80.55 35.03
C GLU R 455 -9.69 81.48 36.22
N ASP R 456 -10.36 82.61 36.04
CA ASP R 456 -10.61 83.51 37.15
C ASP R 456 -11.39 82.81 38.26
N ASP R 457 -12.24 81.87 37.90
CA ASP R 457 -12.99 81.07 38.86
C ASP R 457 -12.18 79.90 39.41
N SER R 458 -11.26 79.33 38.62
CA SER R 458 -10.62 78.07 38.94
C SER R 458 -9.60 78.22 40.07
N LYS R 459 -8.46 78.87 39.81
CA LYS R 459 -7.47 79.07 40.86
C LYS R 459 -8.09 79.79 42.05
N LEU R 460 -9.04 80.69 41.79
CA LEU R 460 -9.88 81.24 42.85
C LEU R 460 -10.50 80.14 43.68
N ALA R 461 -11.37 79.32 43.07
CA ALA R 461 -11.98 78.22 43.80
C ALA R 461 -10.95 77.21 44.28
N SER R 462 -9.97 76.88 43.44
CA SER R 462 -8.92 75.94 43.82
C SER R 462 -8.30 76.31 45.15
N ARG R 463 -7.97 77.59 45.33
CA ARG R 463 -7.50 78.05 46.63
C ARG R 463 -8.57 77.96 47.70
N LYS R 464 -9.80 78.32 47.38
CA LYS R 464 -10.88 78.36 48.37
C LYS R 464 -11.13 77.00 49.00
N TYR R 465 -11.20 75.92 48.20
CA TYR R 465 -11.39 74.61 48.79
C TYR R 465 -10.31 74.23 49.80
N ALA R 466 -9.13 74.84 49.70
CA ALA R 466 -8.10 74.63 50.71
C ALA R 466 -8.33 75.44 51.98
N ARG R 467 -9.34 76.32 51.99
CA ARG R 467 -9.58 77.13 53.19
C ARG R 467 -10.29 76.33 54.28
N ILE R 468 -11.12 75.36 53.90
CA ILE R 468 -11.63 74.44 54.90
C ILE R 468 -10.47 73.73 55.57
N ILE R 469 -9.60 73.11 54.80
CA ILE R 469 -8.46 72.38 55.34
C ILE R 469 -7.57 73.28 56.19
N GLN R 470 -6.91 74.26 55.57
CA GLN R 470 -6.01 75.12 56.34
C GLN R 470 -6.73 75.81 57.49
N LYS R 471 -8.05 75.91 57.41
CA LYS R 471 -8.88 76.31 58.54
C LYS R 471 -9.13 75.17 59.50
N ILE R 472 -9.32 73.94 58.99
CA ILE R 472 -9.62 72.77 59.81
C ILE R 472 -8.50 71.73 59.73
N GLY R 473 -8.21 71.23 58.54
CA GLY R 473 -7.19 70.22 58.33
C GLY R 473 -5.78 70.77 58.28
N PHE R 474 -4.89 70.08 57.57
CA PHE R 474 -3.45 70.24 57.63
C PHE R 474 -3.02 71.50 56.86
N ALA R 475 -1.70 71.68 56.71
CA ALA R 475 -1.12 72.88 56.10
C ALA R 475 -1.54 73.05 54.65
N ALA R 476 -1.38 71.99 53.85
CA ALA R 476 -2.00 71.88 52.53
C ALA R 476 -1.85 73.12 51.67
N LYS R 477 -0.64 73.40 51.19
CA LYS R 477 -0.40 74.57 50.36
C LYS R 477 -0.99 74.35 48.97
N PHE R 478 -0.88 75.37 48.12
CA PHE R 478 -1.42 75.36 46.75
C PHE R 478 -0.24 75.14 45.82
N THR R 479 -0.15 73.94 45.25
CA THR R 479 1.00 73.57 44.42
C THR R 479 0.54 72.78 43.21
N ASP R 480 1.35 72.87 42.15
CA ASP R 480 1.12 72.14 40.91
C ASP R 480 -0.26 72.41 40.35
N PHE R 481 -0.53 73.66 39.96
CA PHE R 481 -1.79 74.04 39.35
C PHE R 481 -1.59 74.02 37.84
N LYS R 482 -2.22 73.08 37.17
CA LYS R 482 -2.18 72.97 35.72
C LYS R 482 -3.52 72.48 35.20
N ILE R 483 -3.95 73.03 34.08
CA ILE R 483 -5.20 72.60 33.46
C ILE R 483 -5.03 71.19 32.92
N GLN R 484 -5.86 70.27 33.39
CA GLN R 484 -5.85 68.92 32.83
C GLN R 484 -6.67 68.84 31.55
N ASN R 485 -7.77 69.58 31.49
CA ASN R 485 -8.52 69.71 30.25
C ASN R 485 -9.38 70.97 30.28
N ILE R 486 -9.81 71.41 29.10
CA ILE R 486 -10.71 72.54 28.93
C ILE R 486 -11.86 72.07 28.06
N VAL R 487 -13.09 72.41 28.45
CA VAL R 487 -14.26 72.03 27.66
C VAL R 487 -14.79 73.26 26.95
N GLY R 488 -15.26 73.07 25.71
CA GLY R 488 -15.84 74.16 24.94
C GLY R 488 -16.82 73.63 23.92
N SER R 489 -17.74 74.52 23.51
CA SER R 489 -18.76 74.13 22.55
C SER R 489 -19.26 75.37 21.83
N CYS R 490 -19.80 75.16 20.63
CA CYS R 490 -20.31 76.25 19.81
C CYS R 490 -21.20 75.65 18.71
N ASP R 491 -21.74 76.52 17.86
CA ASP R 491 -22.62 76.10 16.79
C ASP R 491 -22.39 76.98 15.56
N VAL R 492 -22.41 76.36 14.38
CA VAL R 492 -22.23 77.10 13.14
C VAL R 492 -23.54 77.57 12.54
N LYS R 493 -24.67 77.14 13.09
CA LYS R 493 -26.00 77.58 12.66
C LYS R 493 -26.32 77.18 11.22
N PHE R 494 -25.68 76.14 10.70
CA PHE R 494 -26.08 75.57 9.43
C PHE R 494 -25.83 74.07 9.46
N PRO R 495 -26.56 73.28 8.66
CA PRO R 495 -26.39 71.83 8.70
C PRO R 495 -25.01 71.41 8.20
N ILE R 496 -24.65 70.16 8.50
CA ILE R 496 -23.37 69.60 8.13
C ILE R 496 -23.60 68.17 7.64
N ARG R 497 -23.01 67.83 6.50
CA ARG R 497 -23.07 66.45 6.02
C ARG R 497 -21.84 65.68 6.47
N LEU R 498 -22.06 64.77 7.42
CA LEU R 498 -20.99 63.96 7.98
C LEU R 498 -20.65 62.74 7.14
N GLU R 499 -21.63 62.15 6.47
CA GLU R 499 -21.42 60.92 5.71
C GLU R 499 -20.30 61.04 4.69
N GLY R 500 -20.11 62.22 4.10
CA GLY R 500 -18.99 62.43 3.22
C GLY R 500 -17.82 63.10 3.92
N LEU R 501 -18.12 63.72 5.06
CA LEU R 501 -17.07 64.39 5.84
C LEU R 501 -15.99 63.40 6.25
N ALA R 502 -16.33 62.44 7.11
CA ALA R 502 -15.41 61.37 7.45
C ALA R 502 -14.95 60.60 6.22
N PHE R 503 -15.87 60.28 5.30
CA PHE R 503 -15.51 59.63 4.04
C PHE R 503 -14.38 60.37 3.33
N SER R 504 -14.25 61.67 3.59
CA SER R 504 -13.08 62.44 3.20
C SER R 504 -12.03 62.45 4.30
N HIS R 505 -12.37 63.01 5.46
CA HIS R 505 -11.42 63.33 6.52
C HIS R 505 -11.30 62.24 7.57
N GLY R 506 -11.92 61.07 7.36
CA GLY R 506 -11.85 60.01 8.36
C GLY R 506 -10.45 59.56 8.70
N THR R 507 -9.45 59.93 7.90
CA THR R 507 -8.09 59.88 8.39
C THR R 507 -7.98 60.61 9.72
N PHE R 508 -8.54 61.81 9.80
CA PHE R 508 -8.62 62.60 11.01
C PHE R 508 -9.98 62.48 11.71
N SER R 509 -10.90 61.68 11.18
CA SER R 509 -12.27 61.66 11.66
C SER R 509 -12.74 60.23 11.89
N SER R 510 -13.89 60.09 12.55
CA SER R 510 -14.59 58.82 12.61
C SER R 510 -16.09 59.08 12.76
N TYR R 511 -16.91 58.26 12.09
CA TYR R 511 -18.35 58.41 12.18
C TYR R 511 -19.01 57.05 12.36
N GLU R 512 -19.63 56.86 13.48
CA GLU R 512 -20.38 55.65 13.80
C GLU R 512 -21.84 55.99 14.04
N PRO R 513 -22.72 55.63 13.13
CA PRO R 513 -24.13 55.93 13.30
C PRO R 513 -24.72 55.28 14.55
N GLU R 514 -24.40 54.00 14.76
CA GLU R 514 -24.94 53.27 15.90
C GLU R 514 -24.64 53.96 17.21
N LEU R 515 -23.39 53.98 17.64
CA LEU R 515 -23.00 54.59 18.90
C LEU R 515 -22.89 56.09 18.66
N PHE R 516 -23.74 56.85 19.36
CA PHE R 516 -23.73 58.31 19.36
C PHE R 516 -24.17 58.84 18.00
N PRO R 517 -24.91 59.95 17.97
CA PRO R 517 -25.39 60.47 16.67
C PRO R 517 -24.32 61.12 15.82
N GLY R 518 -23.39 61.85 16.41
CA GLY R 518 -22.54 62.72 15.62
C GLY R 518 -21.24 62.07 15.19
N LEU R 519 -20.30 62.92 14.76
CA LEU R 519 -19.03 62.45 14.21
C LEU R 519 -17.89 62.77 15.15
N ILE R 520 -16.93 61.86 15.23
CA ILE R 520 -15.73 62.02 16.04
C ILE R 520 -14.60 62.45 15.11
N TYR R 521 -13.93 63.55 15.46
CA TYR R 521 -12.82 64.09 14.69
C TYR R 521 -11.57 64.08 15.53
N ARG R 522 -10.46 63.66 14.93
CA ARG R 522 -9.16 63.60 15.61
C ARG R 522 -8.21 64.58 14.95
N MET R 523 -7.86 65.64 15.67
CA MET R 523 -6.86 66.59 15.23
C MET R 523 -5.63 66.49 16.11
N VAL R 524 -4.47 66.22 15.49
CA VAL R 524 -3.20 66.19 16.19
C VAL R 524 -2.54 67.56 16.25
N LYS R 525 -3.00 68.52 15.45
CA LYS R 525 -2.30 69.79 15.32
C LYS R 525 -3.24 70.98 15.38
N PRO R 526 -3.51 71.50 16.60
CA PRO R 526 -3.05 70.95 17.88
C PRO R 526 -3.84 69.71 18.24
N LYS R 527 -3.57 69.08 19.38
CA LYS R 527 -4.20 67.78 19.67
C LYS R 527 -5.49 68.03 20.42
N ILE R 528 -6.61 67.85 19.72
CA ILE R 528 -7.95 68.06 20.24
C ILE R 528 -8.89 67.13 19.48
N VAL R 529 -9.87 66.57 20.18
CA VAL R 529 -10.93 65.79 19.56
C VAL R 529 -12.13 66.70 19.36
N LEU R 530 -12.72 66.65 18.17
CA LEU R 530 -13.82 67.53 17.80
C LEU R 530 -15.09 66.71 17.62
N LEU R 531 -16.09 67.00 18.44
CA LEU R 531 -17.35 66.26 18.46
C LEU R 531 -18.34 67.03 17.59
N ILE R 532 -18.99 66.30 16.68
CA ILE R 532 -19.72 66.93 15.57
C ILE R 532 -21.14 66.41 15.55
N PHE R 533 -22.05 67.23 15.02
CA PHE R 533 -23.45 66.82 14.90
C PHE R 533 -24.05 67.27 13.57
N VAL R 534 -25.32 66.97 13.35
CA VAL R 534 -25.99 67.33 12.11
C VAL R 534 -26.33 68.81 12.07
N SER R 535 -26.85 69.35 13.18
CA SER R 535 -27.27 70.75 13.20
C SER R 535 -26.10 71.70 13.00
N GLY R 536 -24.88 71.25 13.30
CA GLY R 536 -23.72 72.12 13.27
C GLY R 536 -23.27 72.57 14.63
N LYS R 537 -23.96 72.20 15.70
CA LYS R 537 -23.51 72.47 17.06
C LYS R 537 -22.28 71.61 17.30
N ILE R 538 -21.18 72.23 17.70
CA ILE R 538 -19.92 71.53 17.82
C ILE R 538 -19.37 71.69 19.24
N VAL R 539 -19.12 70.56 19.90
CA VAL R 539 -18.54 70.53 21.22
C VAL R 539 -17.07 70.19 21.05
N LEU R 540 -16.19 70.94 21.73
CA LEU R 540 -14.75 70.79 21.55
C LEU R 540 -14.08 70.74 22.93
N THR R 541 -13.29 69.69 23.12
CA THR R 541 -12.48 69.54 24.31
C THR R 541 -11.31 68.59 24.04
N GLY R 542 -10.62 68.21 25.10
CA GLY R 542 -9.34 67.54 24.95
C GLY R 542 -8.25 68.54 24.69
N ALA R 543 -8.37 69.70 25.33
CA ALA R 543 -7.42 70.80 25.18
C ALA R 543 -7.06 71.32 26.56
N LYS R 544 -5.77 71.57 26.78
CA LYS R 544 -5.30 72.21 27.99
C LYS R 544 -5.18 73.72 27.84
N GLN R 545 -5.44 74.26 26.65
CA GLN R 545 -5.13 75.66 26.39
C GLN R 545 -6.30 76.30 25.65
N ARG R 546 -6.69 77.49 26.12
CA ARG R 546 -7.80 78.21 25.50
C ARG R 546 -7.51 78.58 24.06
N GLU R 547 -6.27 78.98 23.77
CA GLU R 547 -5.90 79.34 22.40
C GLU R 547 -6.03 78.16 21.45
N GLU R 548 -5.64 76.97 21.90
CA GLU R 548 -5.76 75.77 21.05
C GLU R 548 -7.18 75.58 20.55
N ILE R 549 -8.18 75.95 21.37
CA ILE R 549 -9.57 75.89 20.94
C ILE R 549 -9.76 76.68 19.65
N TYR R 550 -9.51 77.99 19.70
CA TYR R 550 -9.72 78.83 18.54
C TYR R 550 -8.79 78.46 17.40
N GLN R 551 -7.62 77.90 17.72
CA GLN R 551 -6.77 77.33 16.69
C GLN R 551 -7.49 76.26 15.90
N ALA R 552 -7.87 75.17 16.57
CA ALA R 552 -8.54 74.07 15.88
C ALA R 552 -9.84 74.50 15.23
N PHE R 553 -10.76 75.10 16.00
CA PHE R 553 -12.00 75.61 15.44
C PHE R 553 -11.76 76.47 14.22
N GLU R 554 -10.82 77.41 14.31
CA GLU R 554 -10.45 78.22 13.16
C GLU R 554 -10.04 77.37 11.97
N ALA R 555 -8.98 76.57 12.10
CA ALA R 555 -8.44 75.82 10.96
C ALA R 555 -9.46 74.88 10.34
N ILE R 556 -10.31 74.25 11.14
CA ILE R 556 -11.30 73.31 10.62
C ILE R 556 -12.53 74.00 10.06
N TYR R 557 -12.82 75.23 10.49
CA TYR R 557 -13.99 75.91 9.94
C TYR R 557 -13.99 75.98 8.42
N PRO R 558 -12.85 76.15 7.73
CA PRO R 558 -12.89 76.02 6.27
C PRO R 558 -13.35 74.67 5.78
N VAL R 559 -13.15 73.61 6.56
CA VAL R 559 -13.74 72.32 6.21
C VAL R 559 -15.24 72.39 6.38
N LEU R 560 -15.70 73.13 7.39
CA LEU R 560 -17.14 73.32 7.58
C LEU R 560 -17.75 74.06 6.41
N SER R 561 -17.16 75.20 6.01
CA SER R 561 -17.60 75.89 4.82
C SER R 561 -17.46 75.04 3.58
N GLU R 562 -16.49 74.11 3.56
CA GLU R 562 -16.34 73.20 2.45
C GLU R 562 -17.56 72.30 2.29
N PHE R 563 -18.05 71.73 3.39
CA PHE R 563 -19.20 70.85 3.35
C PHE R 563 -20.41 71.63 3.86
N ARG R 564 -21.26 72.04 2.92
CA ARG R 564 -22.49 72.77 3.18
C ARG R 564 -23.46 72.47 2.05
N LYS R 565 -24.73 72.71 2.31
CA LYS R 565 -25.78 72.43 1.33
C LYS R 565 -26.63 73.67 1.11
N MET R 566 -27.00 73.88 -0.15
CA MET R 566 -27.86 74.99 -0.55
C MET R 566 -28.88 74.54 -1.59
N SER R 576 -19.47 82.91 11.96
CA SER R 576 -20.01 83.57 10.78
C SER R 576 -19.14 83.28 9.56
N GLY R 577 -19.03 84.25 8.67
CA GLY R 577 -18.16 84.11 7.52
C GLY R 577 -16.75 84.58 7.78
N SER R 578 -16.59 85.53 8.72
CA SER R 578 -15.29 86.18 8.89
C SER R 578 -14.66 85.78 10.23
N PRO R 579 -13.48 85.18 10.22
CA PRO R 579 -12.79 84.88 11.48
C PRO R 579 -12.32 86.11 12.24
N ARG R 580 -12.32 87.29 11.60
CA ARG R 580 -11.79 88.51 12.19
C ARG R 580 -10.34 88.26 12.59
N ASN R 581 -10.02 88.34 13.88
CA ASN R 581 -8.69 88.02 14.35
C ASN R 581 -8.68 86.62 14.96
N LEU R 582 -7.58 85.91 14.77
CA LEU R 582 -7.47 84.56 15.31
C LEU R 582 -7.51 84.56 16.82
N HIS R 583 -6.82 85.51 17.46
CA HIS R 583 -6.83 85.64 18.91
C HIS R 583 -7.33 87.03 19.27
N LEU R 584 -8.42 87.08 20.02
CA LEU R 584 -8.99 88.35 20.48
C LEU R 584 -8.84 88.55 21.97
N LEU R 585 -9.47 87.69 22.79
CA LEU R 585 -9.46 87.87 24.22
C LEU R 585 -8.04 87.66 24.79
N PRO R 586 -7.80 88.10 26.01
CA PRO R 586 -6.50 87.85 26.64
C PRO R 586 -6.20 86.37 26.78
N THR R 587 -4.93 86.05 27.01
CA THR R 587 -4.51 84.67 27.09
C THR R 587 -4.99 84.02 28.38
N THR R 588 -4.68 82.74 28.53
CA THR R 588 -5.09 82.01 29.72
C THR R 588 -4.28 82.43 30.94
N ASP R 589 -2.96 82.59 30.77
CA ASP R 589 -2.11 82.95 31.90
C ASP R 589 -2.44 84.34 32.45
N THR R 590 -3.09 85.17 31.65
CA THR R 590 -3.59 86.44 32.17
C THR R 590 -4.66 86.21 33.24
N TYR R 591 -5.63 85.34 32.94
CA TYR R 591 -6.68 85.06 33.91
C TYR R 591 -6.18 84.18 35.04
N LEU R 592 -5.12 83.40 34.80
CA LEU R 592 -4.46 82.71 35.90
C LEU R 592 -3.76 83.70 36.82
N SER R 593 -3.20 84.77 36.26
CA SER R 593 -2.58 85.82 37.05
C SER R 593 -3.60 86.70 37.75
N LYS R 594 -4.82 86.79 37.21
CA LYS R 594 -5.86 87.57 37.88
C LYS R 594 -6.23 86.98 39.23
N VAL R 595 -5.81 85.75 39.50
CA VAL R 595 -5.93 85.14 40.81
C VAL R 595 -4.54 84.96 41.39
N SER R 596 -4.41 85.14 42.70
CA SER R 596 -3.11 85.03 43.36
C SER R 596 -2.51 83.64 43.17
N ASP R 597 -1.28 83.59 42.66
CA ASP R 597 -0.59 82.33 42.45
C ASP R 597 0.14 81.84 43.70
N ASP R 598 0.34 82.72 44.68
CA ASP R 598 1.05 82.35 45.91
C ASP R 598 0.24 81.34 46.69
N PRO R 599 0.77 80.15 46.99
CA PRO R 599 0.00 79.16 47.77
C PRO R 599 -0.44 79.66 49.14
N ASP R 600 0.17 80.72 49.67
CA ASP R 600 -0.17 81.15 51.03
C ASP R 600 -1.18 82.29 51.03
N ASN R 601 -1.67 82.74 49.88
CA ASN R 601 -2.73 83.74 49.88
C ASN R 601 -4.07 83.03 49.81
N LEU R 602 -4.78 83.02 50.94
CA LEU R 602 -6.06 82.35 51.05
C LEU R 602 -7.08 83.21 51.78
N GLU R 603 -6.80 83.52 53.05
CA GLU R 603 -7.67 84.36 53.85
C GLU R 603 -8.04 85.66 53.14
N ASP R 604 -7.13 86.22 52.34
CA ASP R 604 -7.45 87.35 51.49
C ASP R 604 -8.51 87.02 50.45
N VAL R 605 -8.38 85.88 49.76
CA VAL R 605 -9.38 85.46 48.79
C VAL R 605 -10.47 84.61 49.41
N ASP R 606 -10.43 84.39 50.72
CA ASP R 606 -11.52 83.70 51.40
C ASP R 606 -12.82 84.48 51.22
N ASP R 607 -13.84 83.78 50.71
CA ASP R 607 -15.13 84.39 50.43
C ASP R 607 -15.86 84.86 51.68
N GLU R 608 -15.39 84.45 52.86
CA GLU R 608 -16.01 84.72 54.16
C GLU R 608 -17.26 83.85 54.30
N GLU R 609 -17.73 83.32 53.18
CA GLU R 609 -18.81 82.34 53.24
C GLU R 609 -18.29 80.96 53.64
N LEU R 610 -17.02 80.68 53.33
CA LEU R 610 -16.42 79.44 53.79
C LEU R 610 -16.22 79.46 55.29
N ASN R 611 -15.98 80.65 55.86
CA ASN R 611 -16.08 80.81 57.31
C ASN R 611 -17.43 80.34 57.82
N ALA R 612 -18.47 80.48 57.02
CA ALA R 612 -19.78 79.92 57.31
C ALA R 612 -19.98 78.53 56.75
N HIS R 613 -19.06 78.04 55.90
CA HIS R 613 -19.16 76.67 55.40
C HIS R 613 -18.61 75.64 56.37
N LEU R 614 -18.12 76.05 57.53
CA LEU R 614 -17.78 75.13 58.60
C LEU R 614 -19.03 74.86 59.43
N LEU R 615 -19.41 73.59 59.52
CA LEU R 615 -20.48 73.18 60.41
C LEU R 615 -19.95 73.11 61.84
N ASN R 616 -20.86 73.21 62.80
CA ASN R 616 -20.46 73.24 64.19
C ASN R 616 -19.96 71.88 64.63
N GLU R 617 -19.49 71.79 65.88
CA GLU R 617 -18.96 70.53 66.36
C GLU R 617 -20.05 69.47 66.52
N GLU R 618 -21.24 69.88 66.97
CA GLU R 618 -22.32 68.91 67.18
C GLU R 618 -22.80 68.34 65.85
N ALA R 619 -22.92 69.18 64.82
CA ALA R 619 -23.29 68.68 63.50
C ALA R 619 -22.32 67.61 63.03
N SER R 620 -21.05 67.72 63.39
CA SER R 620 -20.10 66.66 63.12
C SER R 620 -20.28 65.47 64.06
N LYS R 621 -20.74 65.71 65.28
CA LYS R 621 -20.97 64.62 66.22
C LYS R 621 -22.11 63.70 65.77
N LEU R 622 -23.29 64.26 65.56
CA LEU R 622 -24.43 63.46 65.11
C LEU R 622 -24.36 63.14 63.63
N LYS R 623 -23.76 64.01 62.82
CA LYS R 623 -23.61 63.71 61.40
C LYS R 623 -22.61 62.58 61.20
N GLU R 624 -21.47 62.65 61.87
CA GLU R 624 -20.58 61.49 61.89
C GLU R 624 -21.26 60.29 62.51
N ARG R 625 -22.11 60.50 63.51
CA ARG R 625 -22.87 59.40 64.08
C ARG R 625 -23.71 58.71 63.02
N ILE R 626 -24.24 59.48 62.07
CA ILE R 626 -24.96 58.89 60.95
C ILE R 626 -24.00 58.19 60.00
N TRP R 627 -22.91 58.87 59.65
CA TRP R 627 -21.95 58.31 58.70
C TRP R 627 -21.48 56.94 59.16
N ILE R 628 -20.81 56.88 60.33
CA ILE R 628 -20.40 55.60 60.90
C ILE R 628 -21.62 54.71 61.13
N GLY R 629 -22.76 55.32 61.47
CA GLY R 629 -23.98 54.54 61.62
C GLY R 629 -24.27 53.64 60.44
N LEU R 630 -24.12 54.16 59.22
CA LEU R 630 -24.29 53.36 58.02
C LEU R 630 -23.02 52.66 57.56
N ASN R 631 -21.85 53.12 58.00
CA ASN R 631 -20.58 52.64 57.50
C ASN R 631 -19.94 51.59 58.40
N ALA R 632 -20.59 51.23 59.51
CA ALA R 632 -20.00 50.27 60.43
C ALA R 632 -19.88 48.89 59.79
N ASP R 633 -20.61 48.63 58.72
CA ASP R 633 -20.44 47.38 57.98
C ASP R 633 -19.23 47.45 57.05
N PHE R 634 -19.01 48.61 56.42
CA PHE R 634 -17.84 48.76 55.57
C PHE R 634 -16.56 48.76 56.39
N LEU R 635 -16.46 49.66 57.37
CA LEU R 635 -15.34 49.63 58.30
C LEU R 635 -15.32 48.35 59.11
N LEU R 636 -16.46 47.68 59.25
CA LEU R 636 -16.50 46.37 59.88
C LEU R 636 -15.56 45.40 59.18
N GLU R 637 -15.81 45.11 57.90
CA GLU R 637 -14.94 44.20 57.19
C GLU R 637 -13.55 44.81 56.97
N GLN R 638 -13.48 46.14 56.88
CA GLN R 638 -12.18 46.80 56.80
C GLN R 638 -11.28 46.41 57.96
N GLU R 639 -11.66 46.78 59.18
CA GLU R 639 -10.89 46.42 60.36
C GLU R 639 -10.85 44.92 60.60
N SER R 640 -11.85 44.19 60.10
CA SER R 640 -11.84 42.74 60.24
C SER R 640 -10.69 42.13 59.46
N LYS R 641 -10.53 42.53 58.19
CA LYS R 641 -9.35 42.14 57.44
C LYS R 641 -8.08 42.69 58.07
N ARG R 642 -8.17 43.89 58.67
CA ARG R 642 -7.03 44.38 59.43
C ARG R 642 -6.65 43.42 60.55
N LEU R 643 -7.63 42.67 61.06
CA LEU R 643 -7.32 41.58 61.98
C LEU R 643 -6.77 40.37 61.25
N LYS R 644 -7.32 40.06 60.07
CA LYS R 644 -6.75 38.99 59.26
C LYS R 644 -5.28 39.21 58.98
N GLN R 645 -4.82 40.46 59.03
CA GLN R 645 -3.38 40.74 58.96
C GLN R 645 -2.63 40.00 60.05
N GLU R 646 -3.15 40.00 61.29
CA GLU R 646 -2.59 39.13 62.32
C GLU R 646 -2.71 37.67 61.93
N ALA R 647 -3.86 37.26 61.41
CA ALA R 647 -4.09 35.89 60.98
C ALA R 647 -3.11 35.43 59.92
N ASP R 648 -2.41 36.36 59.26
CA ASP R 648 -1.45 36.01 58.23
C ASP R 648 -0.31 35.14 58.78
N ILE R 649 0.34 35.60 59.85
CA ILE R 649 1.45 34.85 60.41
C ILE R 649 0.97 33.54 61.02
N ALA R 650 -0.26 33.54 61.53
CA ALA R 650 -0.87 32.32 62.05
C ALA R 650 -1.10 31.33 60.92
N UNK S 317 -53.54 57.40 -6.05
CA UNK S 317 -54.96 57.17 -5.80
C UNK S 317 -55.16 56.33 -4.55
N UNK S 318 -56.41 55.91 -4.33
CA UNK S 318 -56.79 55.06 -3.20
C UNK S 318 -56.51 55.66 -1.82
N UNK S 319 -55.24 55.89 -1.50
CA UNK S 319 -54.88 56.35 -0.16
C UNK S 319 -53.71 57.32 -0.12
N UNK S 320 -53.27 57.65 1.10
CA UNK S 320 -52.19 58.60 1.31
C UNK S 320 -51.18 58.06 2.33
N UNK S 321 -50.49 58.97 3.01
CA UNK S 321 -49.54 58.59 4.05
C UNK S 321 -50.32 58.24 5.31
N UNK S 322 -49.65 57.65 6.29
CA UNK S 322 -50.33 57.27 7.52
C UNK S 322 -49.39 56.98 8.68
N UNK S 323 -50.00 56.66 9.82
CA UNK S 323 -49.28 56.30 11.03
C UNK S 323 -50.19 55.38 11.84
N UNK S 324 -49.69 54.18 12.12
CA UNK S 324 -50.49 53.16 12.80
C UNK S 324 -51.77 52.87 12.03
N UNK S 325 -51.65 52.77 10.71
CA UNK S 325 -52.81 52.52 9.85
C UNK S 325 -53.21 51.05 9.91
N UNK S 326 -53.93 50.60 8.88
CA UNK S 326 -54.38 49.21 8.83
C UNK S 326 -54.80 48.82 7.43
N UNK S 327 -55.25 47.58 7.28
CA UNK S 327 -55.80 47.10 6.02
C UNK S 327 -54.85 46.16 5.27
N UNK S 328 -55.46 45.21 4.55
CA UNK S 328 -54.79 44.39 3.54
C UNK S 328 -54.01 43.15 4.00
N UNK S 329 -54.74 42.04 4.15
CA UNK S 329 -54.19 40.68 4.24
C UNK S 329 -52.97 40.47 5.14
N UNK S 330 -52.12 39.54 4.70
CA UNK S 330 -50.87 39.18 5.36
C UNK S 330 -51.06 38.47 6.71
N UNK S 331 -50.41 37.31 6.85
CA UNK S 331 -50.59 36.43 8.01
C UNK S 331 -49.66 36.77 9.17
N UNK S 332 -49.40 35.77 10.02
CA UNK S 332 -48.46 35.89 11.14
C UNK S 332 -48.86 36.92 12.21
N UNK S 333 -49.57 37.96 11.80
CA UNK S 333 -49.90 39.08 12.69
C UNK S 333 -50.71 38.69 13.91
N UNK S 334 -51.30 37.50 13.89
CA UNK S 334 -52.12 37.03 15.00
C UNK S 334 -51.30 36.92 16.29
N UNK S 335 -50.08 36.43 16.16
CA UNK S 335 -49.18 36.30 17.30
C UNK S 335 -48.72 37.69 17.74
N UNK S 336 -48.61 38.58 16.77
CA UNK S 336 -48.04 39.91 16.99
C UNK S 336 -48.79 40.73 18.03
N UNK S 337 -50.00 41.17 17.69
CA UNK S 337 -50.79 42.01 18.57
C UNK S 337 -50.95 41.35 19.93
N UNK S 338 -51.00 40.02 19.93
CA UNK S 338 -51.06 39.26 21.16
C UNK S 338 -49.81 39.54 21.97
N UNK S 339 -48.67 39.58 21.29
CA UNK S 339 -47.41 39.86 21.96
C UNK S 339 -47.42 41.27 22.51
N UNK S 340 -48.01 42.20 21.76
CA UNK S 340 -48.11 43.57 22.21
C UNK S 340 -48.90 43.60 23.52
N UNK S 341 -49.96 42.82 23.54
CA UNK S 341 -50.80 42.71 24.73
C UNK S 341 -49.98 42.17 25.89
N UNK S 342 -49.15 41.17 25.60
CA UNK S 342 -48.31 40.55 26.61
C UNK S 342 -47.36 41.58 27.20
N UNK S 343 -46.81 42.42 26.32
CA UNK S 343 -45.89 43.46 26.72
C UNK S 343 -46.60 44.44 27.63
N UNK S 344 -47.82 44.80 27.24
CA UNK S 344 -48.64 45.71 28.02
C UNK S 344 -48.87 45.12 29.40
N UNK S 345 -48.98 43.79 29.44
CA UNK S 345 -49.20 43.08 30.69
C UNK S 345 -47.98 43.18 31.58
N UNK S 346 -46.85 42.70 31.08
CA UNK S 346 -45.62 42.67 31.86
C UNK S 346 -45.23 44.06 32.33
N UNK S 347 -45.53 45.07 31.52
CA UNK S 347 -45.19 46.44 31.87
C UNK S 347 -46.19 47.00 32.86
N UNK S 348 -47.44 46.57 32.76
CA UNK S 348 -48.49 47.05 33.66
C UNK S 348 -48.27 46.48 35.06
N UNK S 349 -48.35 45.16 35.16
CA UNK S 349 -48.11 44.46 36.42
C UNK S 349 -46.67 44.66 36.87
N UNK S 350 -45.81 45.11 35.96
CA UNK S 350 -44.46 45.50 36.32
C UNK S 350 -44.56 46.81 37.08
N UNK S 351 -45.37 47.71 36.54
CA UNK S 351 -45.56 49.03 37.13
C UNK S 351 -46.30 48.91 38.46
N UNK S 352 -46.93 47.77 38.67
CA UNK S 352 -47.60 47.50 39.94
C UNK S 352 -46.66 46.77 40.89
N UNK S 353 -45.73 46.01 40.31
CA UNK S 353 -44.82 45.16 41.08
C UNK S 353 -43.92 46.01 41.98
N UNK S 354 -43.50 47.17 41.46
CA UNK S 354 -42.68 48.08 42.23
C UNK S 354 -43.54 49.03 43.04
N UNK S 355 -44.76 49.25 42.56
CA UNK S 355 -45.69 50.17 43.21
C UNK S 355 -46.13 49.63 44.57
N UNK S 356 -46.06 48.31 44.72
CA UNK S 356 -46.43 47.68 45.98
C UNK S 356 -45.38 47.97 47.05
N UNK S 357 -44.14 48.15 46.61
CA UNK S 357 -43.03 48.39 47.52
C UNK S 357 -43.05 49.81 48.06
N UNK S 358 -43.97 50.63 47.55
CA UNK S 358 -44.07 52.03 47.97
C UNK S 358 -44.43 52.15 49.45
N UNK S 359 -44.97 51.09 50.02
CA UNK S 359 -45.31 51.07 51.43
C UNK S 359 -44.05 51.07 52.29
N THR S 360 -31.72 15.56 55.58
CA THR S 360 -30.93 15.43 54.35
C THR S 360 -29.62 14.71 54.63
N ALA S 361 -29.36 14.43 55.91
CA ALA S 361 -28.12 13.77 56.30
C ALA S 361 -28.16 12.29 55.91
N ILE S 362 -27.09 11.57 56.18
CA ILE S 362 -26.97 10.16 55.84
C ILE S 362 -27.89 9.40 56.77
N GLN S 363 -28.81 8.63 56.20
CA GLN S 363 -29.67 7.75 56.99
C GLN S 363 -29.00 6.39 57.16
N LEU S 364 -29.66 5.51 57.89
CA LEU S 364 -29.35 4.09 57.89
C LEU S 364 -30.58 3.36 58.42
N LYS S 365 -30.64 2.06 58.14
CA LYS S 365 -31.77 1.24 58.55
C LYS S 365 -31.33 0.24 59.61
N LEU S 366 -32.28 -0.55 60.08
CA LEU S 366 -31.99 -1.67 60.96
C LEU S 366 -31.79 -2.92 60.13
N ASN S 367 -31.66 -4.05 60.82
CA ASN S 367 -31.59 -5.37 60.22
C ASN S 367 -31.52 -6.40 61.35
N PRO S 368 -32.27 -7.49 61.26
CA PRO S 368 -32.11 -8.56 62.26
C PRO S 368 -30.73 -9.19 62.23
N ASP S 369 -30.05 -9.17 61.09
CA ASP S 369 -28.71 -9.73 61.01
C ASP S 369 -27.69 -8.69 61.46
N GLY S 370 -27.41 -7.71 60.60
CA GLY S 370 -26.56 -6.61 60.98
C GLY S 370 -27.27 -5.67 61.94
N THR S 371 -26.68 -5.40 63.09
CA THR S 371 -27.30 -4.49 64.04
C THR S 371 -26.97 -3.05 63.66
N MET S 372 -28.01 -2.27 63.37
CA MET S 372 -27.88 -0.83 63.11
C MET S 372 -27.01 -0.57 61.89
N ALA S 373 -27.24 -1.36 60.84
CA ALA S 373 -26.40 -1.33 59.65
C ALA S 373 -26.60 -0.06 58.85
N ILE S 374 -25.53 0.39 58.21
CA ILE S 374 -25.56 1.56 57.34
C ILE S 374 -26.13 1.17 55.99
N ASP S 375 -27.04 2.01 55.48
CA ASP S 375 -27.62 1.76 54.17
C ASP S 375 -26.84 2.51 53.08
N GLU S 376 -27.39 2.55 51.87
CA GLU S 376 -26.67 3.08 50.72
C GLU S 376 -27.23 4.40 50.21
N GLU S 377 -28.52 4.41 49.82
CA GLU S 377 -29.08 5.51 49.03
C GLU S 377 -28.81 6.87 49.66
N THR S 378 -28.83 6.96 50.99
CA THR S 378 -28.63 8.23 51.66
C THR S 378 -27.15 8.57 51.89
N MET S 379 -26.23 7.72 51.42
CA MET S 379 -24.82 8.04 51.56
C MET S 379 -24.46 9.29 50.78
N VAL S 380 -24.80 9.33 49.50
CA VAL S 380 -24.56 10.49 48.64
C VAL S 380 -25.90 10.99 48.14
N VAL S 381 -25.93 12.24 47.68
CA VAL S 381 -27.17 12.88 47.30
C VAL S 381 -27.18 13.12 45.80
N ASP S 382 -28.31 12.80 45.17
CA ASP S 382 -28.54 13.17 43.78
C ASP S 382 -28.53 14.68 43.62
N ARG S 383 -29.02 15.41 44.62
CA ARG S 383 -28.98 16.87 44.70
C ARG S 383 -30.00 17.48 43.73
N HIS S 384 -30.47 16.68 42.77
CA HIS S 384 -31.50 17.16 41.86
C HIS S 384 -32.88 16.66 42.24
N LYS S 385 -32.99 15.86 43.30
CA LYS S 385 -34.30 15.60 43.88
C LYS S 385 -34.86 16.88 44.49
N ASN S 386 -34.01 17.66 45.16
CA ASN S 386 -34.41 18.97 45.64
C ASN S 386 -34.94 19.84 44.52
N ALA S 387 -34.16 20.05 43.47
CA ALA S 387 -34.58 20.88 42.35
C ALA S 387 -35.81 20.34 41.65
N SER S 388 -35.78 19.09 41.20
CA SER S 388 -36.92 18.50 40.51
C SER S 388 -38.19 18.62 41.34
N ILE S 389 -38.12 18.29 42.63
CA ILE S 389 -39.27 18.48 43.50
C ILE S 389 -39.59 19.97 43.64
N GLU S 390 -38.57 20.82 43.59
CA GLU S 390 -38.81 22.25 43.64
C GLU S 390 -39.26 22.80 42.29
N ASN S 391 -38.69 22.32 41.20
CA ASN S 391 -38.98 22.84 39.87
C ASN S 391 -40.45 22.71 39.49
N GLU S 392 -41.16 21.73 40.04
CA GLU S 392 -42.49 21.39 39.56
C GLU S 392 -43.53 22.48 39.86
N TYR S 393 -43.27 23.36 40.82
CA TYR S 393 -44.19 24.46 41.07
C TYR S 393 -43.79 25.74 40.36
N LYS S 394 -42.73 25.71 39.54
CA LYS S 394 -42.36 26.87 38.76
C LYS S 394 -43.44 27.21 37.72
N GLU S 395 -43.49 28.47 37.34
CA GLU S 395 -44.53 28.96 36.43
C GLU S 395 -44.18 28.59 35.00
N LYS S 396 -45.17 28.06 34.27
CA LYS S 396 -44.97 27.65 32.88
C LYS S 396 -45.52 28.70 31.93
N VAL S 397 -44.74 29.01 30.90
CA VAL S 397 -45.20 29.84 29.80
C VAL S 397 -44.48 29.38 28.54
N ASP S 398 -45.20 29.35 27.43
CA ASP S 398 -44.61 29.06 26.13
C ASP S 398 -44.33 30.35 25.39
N GLU S 399 -43.21 30.38 24.68
CA GLU S 399 -42.66 31.61 24.14
C GLU S 399 -43.19 31.85 22.73
N ASN S 400 -43.95 32.91 22.58
CA ASN S 400 -44.19 33.43 21.25
C ASN S 400 -42.90 34.06 20.72
N PRO S 401 -42.73 34.14 19.40
CA PRO S 401 -41.48 34.69 18.86
C PRO S 401 -41.18 36.11 19.30
N PHE S 402 -42.19 36.89 19.67
CA PHE S 402 -42.02 38.33 19.80
C PHE S 402 -41.80 38.81 21.24
N ALA S 403 -41.84 37.93 22.23
CA ALA S 403 -41.60 38.42 23.60
C ALA S 403 -40.11 38.56 23.89
N ASN S 404 -39.25 37.93 23.10
CA ASN S 404 -37.80 38.08 23.22
C ASN S 404 -37.33 39.43 22.74
N LEU S 405 -38.24 40.24 22.22
CA LEU S 405 -37.92 41.43 21.44
C LEU S 405 -36.89 42.30 22.17
N TYR S 406 -35.86 42.72 21.46
CA TYR S 406 -34.71 43.38 22.05
C TYR S 406 -34.09 44.35 21.06
N ASN S 407 -33.47 45.39 21.60
CA ASN S 407 -32.88 46.43 20.77
C ASN S 407 -31.80 47.14 21.58
N TYR S 408 -31.31 48.27 21.07
CA TYR S 408 -30.23 48.99 21.75
C TYR S 408 -30.54 49.24 23.22
N GLY S 409 -31.81 49.34 23.58
CA GLY S 409 -32.17 49.52 24.97
C GLY S 409 -32.10 48.24 25.77
N SER S 410 -32.28 47.11 25.11
CA SER S 410 -32.20 45.83 25.81
C SER S 410 -30.83 45.67 26.45
N TYR S 411 -30.81 45.02 27.61
CA TYR S 411 -29.56 44.75 28.32
C TYR S 411 -28.78 46.03 28.55
N GLY S 412 -29.18 46.86 29.49
CA GLY S 412 -28.48 48.11 29.68
C GLY S 412 -28.48 48.52 31.14
N ARG S 413 -27.50 49.36 31.47
CA ARG S 413 -27.34 49.84 32.83
C ARG S 413 -28.25 51.04 33.09
N GLY S 414 -28.75 51.12 34.32
CA GLY S 414 -29.73 52.13 34.67
C GLY S 414 -31.14 51.68 34.37
N SER S 415 -32.09 52.26 35.12
CA SER S 415 -33.46 51.81 35.08
C SER S 415 -34.39 53.02 35.08
N TYR S 416 -35.68 52.74 35.18
CA TYR S 416 -36.67 53.81 35.24
C TYR S 416 -36.96 54.19 36.67
N THR S 417 -37.12 55.49 36.90
CA THR S 417 -37.40 56.03 38.23
C THR S 417 -38.86 56.43 38.32
N ASP S 418 -39.57 55.85 39.28
CA ASP S 418 -40.94 56.25 39.55
C ASP S 418 -40.98 57.75 39.81
N PRO S 419 -41.77 58.52 39.05
CA PRO S 419 -41.72 59.98 39.18
C PRO S 419 -41.94 60.46 40.61
N TRP S 420 -41.25 61.56 40.94
CA TRP S 420 -41.29 62.14 42.27
C TRP S 420 -42.53 63.02 42.44
N THR S 421 -43.07 63.04 43.65
CA THR S 421 -44.11 63.98 44.00
C THR S 421 -43.53 65.08 44.89
N VAL S 422 -44.34 66.06 45.25
CA VAL S 422 -43.85 67.18 46.05
C VAL S 422 -43.74 66.79 47.51
N GLU S 423 -44.74 66.07 48.04
CA GLU S 423 -44.62 65.51 49.37
C GLU S 423 -43.34 64.71 49.52
N GLU S 424 -43.00 63.92 48.51
CA GLU S 424 -41.71 63.24 48.48
C GLU S 424 -40.56 64.22 48.24
N MET S 425 -40.83 65.34 47.58
CA MET S 425 -39.81 66.36 47.38
C MET S 425 -39.60 67.30 48.56
N ILE S 426 -40.63 67.53 49.38
CA ILE S 426 -40.47 68.49 50.47
C ILE S 426 -39.57 67.92 51.56
N LYS S 427 -39.71 66.63 51.87
CA LYS S 427 -38.70 65.98 52.70
C LYS S 427 -37.34 65.98 52.02
N PHE S 428 -37.32 65.98 50.68
CA PHE S 428 -36.08 66.20 49.96
C PHE S 428 -35.56 67.62 50.16
N TYR S 429 -36.45 68.61 50.21
CA TYR S 429 -36.01 69.96 50.52
C TYR S 429 -35.47 70.09 51.93
N LYS S 430 -35.83 69.17 52.83
CA LYS S 430 -35.32 69.23 54.20
C LYS S 430 -33.79 69.24 54.21
N ALA S 431 -33.19 68.10 53.86
CA ALA S 431 -31.73 67.95 53.94
C ALA S 431 -30.99 69.05 53.19
N LEU S 432 -31.61 69.62 52.16
CA LEU S 432 -31.02 70.77 51.48
C LEU S 432 -30.69 71.91 52.44
N SER S 433 -31.63 72.27 53.32
CA SER S 433 -31.38 73.27 54.34
C SER S 433 -30.87 72.69 55.64
N MET S 434 -30.85 71.37 55.80
CA MET S 434 -30.47 70.76 57.06
C MET S 434 -28.97 70.46 57.10
N TRP S 435 -28.54 69.42 56.37
CA TRP S 435 -27.16 68.97 56.43
C TRP S 435 -26.29 69.68 55.40
N GLY S 436 -26.49 69.37 54.12
CA GLY S 436 -25.62 69.85 53.07
C GLY S 436 -25.93 69.15 51.75
N THR S 437 -24.95 69.09 50.85
CA THR S 437 -25.13 68.47 49.56
C THR S 437 -24.94 66.95 49.60
N ASP S 438 -24.66 66.38 50.77
CA ASP S 438 -24.45 64.95 50.87
C ASP S 438 -25.67 64.19 50.35
N PHE S 439 -25.45 63.36 49.34
CA PHE S 439 -26.55 62.64 48.72
C PHE S 439 -26.88 61.36 49.47
N ASN S 440 -25.91 60.78 50.18
CA ASN S 440 -26.16 59.54 50.92
C ASN S 440 -27.31 59.71 51.91
N LEU S 441 -27.16 60.62 52.88
CA LEU S 441 -28.21 60.86 53.85
C LEU S 441 -29.55 61.11 53.19
N ILE S 442 -29.57 61.82 52.06
CA ILE S 442 -30.83 62.07 51.38
C ILE S 442 -31.42 60.77 50.87
N SER S 443 -30.58 59.89 50.31
CA SER S 443 -31.07 58.58 49.89
C SER S 443 -31.57 57.77 51.08
N GLN S 444 -30.99 57.99 52.26
CA GLN S 444 -31.45 57.30 53.45
C GLN S 444 -32.84 57.75 53.87
N LEU S 445 -33.23 58.97 53.50
CA LEU S 445 -34.61 59.38 53.72
C LEU S 445 -35.64 58.57 52.94
N TYR S 446 -35.24 57.97 51.83
CA TYR S 446 -36.13 57.21 50.97
C TYR S 446 -35.40 55.94 50.53
N PRO S 447 -35.27 54.94 51.40
CA PRO S 447 -34.66 53.67 50.97
C PRO S 447 -35.46 53.01 49.86
N TYR S 448 -36.76 53.34 49.75
CA TYR S 448 -37.54 52.91 48.61
C TYR S 448 -37.00 53.50 47.31
N ARG S 449 -36.61 54.77 47.33
CA ARG S 449 -35.96 55.39 46.20
C ARG S 449 -34.51 54.91 46.09
N SER S 450 -33.96 55.07 44.90
CA SER S 450 -32.53 54.83 44.69
C SER S 450 -31.77 56.09 45.12
N ARG S 451 -30.44 56.06 45.04
CA ARG S 451 -29.63 57.18 45.50
C ARG S 451 -29.32 58.20 44.41
N LYS S 452 -28.64 57.82 43.32
CA LYS S 452 -28.32 58.76 42.27
C LYS S 452 -29.54 59.45 41.71
N GLN S 453 -30.74 58.91 41.94
CA GLN S 453 -31.97 59.67 41.72
C GLN S 453 -31.88 61.04 42.36
N VAL S 454 -31.38 61.11 43.59
CA VAL S 454 -31.16 62.39 44.24
C VAL S 454 -30.12 63.21 43.50
N LYS S 455 -29.03 62.57 43.06
CA LYS S 455 -28.00 63.30 42.34
C LYS S 455 -28.55 63.97 41.09
N ALA S 456 -28.93 63.17 40.10
CA ALA S 456 -29.33 63.72 38.82
C ALA S 456 -30.64 64.49 38.90
N LYS S 457 -31.56 64.06 39.77
CA LYS S 457 -32.76 64.84 40.01
C LYS S 457 -32.41 66.23 40.52
N PHE S 458 -31.61 66.28 41.59
CA PHE S 458 -31.10 67.54 42.10
C PHE S 458 -30.42 68.36 41.03
N VAL S 459 -29.79 67.69 40.05
CA VAL S 459 -29.18 68.43 38.95
C VAL S 459 -30.26 69.04 38.05
N ASN S 460 -31.24 68.25 37.63
CA ASN S 460 -32.25 68.74 36.70
C ASN S 460 -33.07 69.87 37.31
N GLU S 461 -33.73 69.60 38.44
CA GLU S 461 -34.50 70.66 39.08
C GLU S 461 -33.59 71.77 39.59
N GLU S 462 -32.34 71.43 39.89
CA GLU S 462 -31.32 72.45 40.09
C GLU S 462 -31.12 73.28 38.83
N LYS S 463 -31.01 72.63 37.67
CA LYS S 463 -30.78 73.35 36.43
C LYS S 463 -32.00 74.19 36.06
N LYS S 464 -33.19 73.60 36.11
CA LYS S 464 -34.39 74.31 35.68
C LYS S 464 -34.82 75.36 36.69
N ARG S 465 -34.73 75.06 37.99
CA ARG S 465 -35.10 75.99 39.05
C ARG S 465 -33.93 76.15 40.01
N PRO S 466 -32.92 76.93 39.62
CA PRO S 466 -31.77 77.13 40.51
C PRO S 466 -32.10 77.92 41.76
N ILE S 467 -33.13 78.77 41.70
CA ILE S 467 -33.41 79.66 42.83
C ILE S 467 -33.95 78.88 44.02
N LEU S 468 -34.68 77.79 43.78
CA LEU S 468 -35.12 76.95 44.88
C LEU S 468 -33.93 76.37 45.63
N ILE S 469 -32.86 76.05 44.91
CA ILE S 469 -31.64 75.57 45.57
C ILE S 469 -30.83 76.74 46.13
N GLU S 470 -31.08 77.96 45.63
CA GLU S 470 -30.49 79.13 46.27
C GLU S 470 -31.10 79.35 47.65
N LEU S 471 -32.41 79.20 47.77
CA LEU S 471 -33.08 79.30 49.06
C LEU S 471 -32.61 78.22 50.03
N ALA S 472 -32.75 76.95 49.65
CA ALA S 472 -32.45 75.85 50.55
C ALA S 472 -30.96 75.66 50.80
N LEU S 473 -30.14 75.80 49.75
CA LEU S 473 -28.70 75.64 49.91
C LEU S 473 -28.07 76.88 50.54
N ARG S 474 -28.42 78.08 50.03
CA ARG S 474 -27.82 79.29 50.55
C ARG S 474 -28.28 79.56 51.98
N SER S 475 -29.59 79.61 52.21
CA SER S 475 -30.13 79.82 53.54
C SER S 475 -30.16 78.49 54.27
N LYS S 476 -29.51 78.42 55.43
CA LYS S 476 -29.37 77.18 56.19
C LYS S 476 -29.92 77.40 57.59
N LEU S 477 -31.00 76.65 57.93
CA LEU S 477 -31.44 76.67 59.31
C LEU S 477 -30.78 75.56 60.11
N PRO S 478 -30.38 75.83 61.36
CA PRO S 478 -29.68 74.83 62.16
C PRO S 478 -30.55 73.61 62.41
N PRO S 479 -30.04 72.41 62.14
CA PRO S 479 -30.82 71.19 62.39
C PRO S 479 -31.02 70.94 63.88
N ASN S 480 -32.28 70.72 64.26
CA ASN S 480 -32.55 70.21 65.60
C ASN S 480 -33.57 69.06 65.63
N PHE S 481 -34.85 69.39 65.43
CA PHE S 481 -35.94 68.42 65.55
C PHE S 481 -36.11 67.58 64.29
N ASP S 482 -36.14 68.23 63.12
CA ASP S 482 -36.16 67.51 61.87
C ASP S 482 -34.92 66.64 61.71
N GLU S 483 -33.79 67.11 62.26
CA GLU S 483 -32.57 66.32 62.28
C GLU S 483 -32.78 64.97 62.95
N TYR S 484 -33.47 64.96 64.09
CA TYR S 484 -33.72 63.70 64.80
C TYR S 484 -34.81 62.89 64.13
N CYS S 485 -35.92 63.53 63.73
CA CYS S 485 -37.05 62.79 63.18
C CYS S 485 -36.72 62.15 61.85
N CYS S 486 -36.23 62.93 60.89
CA CYS S 486 -35.77 62.33 59.64
C CYS S 486 -34.42 61.63 59.80
N GLU S 487 -33.71 61.89 60.89
CA GLU S 487 -32.55 61.06 61.24
C GLU S 487 -32.97 59.62 61.48
N ILE S 488 -33.94 59.42 62.36
CA ILE S 488 -34.40 58.07 62.71
C ILE S 488 -35.72 57.57 62.10
N LYS S 489 -35.62 56.93 60.94
CA LYS S 489 -36.76 56.30 60.28
C LYS S 489 -36.46 54.86 60.61
N LYS S 490 -35.22 54.50 60.31
CA LYS S 490 -34.59 53.21 60.63
C LYS S 490 -33.62 53.71 61.70
N ASN S 491 -33.57 53.09 62.87
CA ASN S 491 -32.76 53.73 63.90
C ASN S 491 -31.33 53.19 63.87
N ILE S 492 -30.37 54.07 64.14
CA ILE S 492 -29.00 53.64 64.39
C ILE S 492 -28.72 53.74 65.88
N GLY S 493 -28.67 52.60 66.56
CA GLY S 493 -28.43 52.62 67.99
C GLY S 493 -26.94 52.55 68.30
N THR S 494 -26.53 53.24 69.36
CA THR S 494 -25.19 53.19 69.93
C THR S 494 -24.10 53.15 68.86
N VAL S 495 -24.03 54.19 68.03
CA VAL S 495 -23.08 54.18 66.92
C VAL S 495 -21.65 54.06 67.42
N ALA S 496 -21.16 55.10 68.11
CA ALA S 496 -19.81 55.05 68.66
C ALA S 496 -19.64 53.90 69.64
N ASP S 497 -20.73 53.51 70.31
CA ASP S 497 -20.67 52.38 71.25
C ASP S 497 -20.61 51.04 70.52
N PHE S 498 -21.48 50.82 69.54
CA PHE S 498 -21.41 49.57 68.77
C PHE S 498 -20.11 49.47 67.99
N ASN S 499 -19.45 50.60 67.73
CA ASN S 499 -18.10 50.57 67.17
C ASN S 499 -17.14 49.85 68.11
N GLU S 500 -17.08 50.29 69.37
CA GLU S 500 -16.12 49.73 70.32
C GLU S 500 -16.55 48.34 70.80
N LYS S 501 -17.85 48.09 70.88
CA LYS S 501 -18.33 46.75 71.17
C LYS S 501 -17.98 45.79 70.04
N LEU S 502 -18.10 46.26 68.81
CA LEU S 502 -17.75 45.45 67.65
C LEU S 502 -16.26 45.16 67.62
N ILE S 503 -15.43 46.20 67.75
CA ILE S 503 -13.99 46.03 67.82
C ILE S 503 -13.62 45.13 68.98
N GLU S 504 -14.36 45.21 70.08
CA GLU S 504 -14.09 44.38 71.25
C GLU S 504 -14.40 42.92 70.97
N LEU S 505 -15.47 42.66 70.22
CA LEU S 505 -15.74 41.30 69.77
C LEU S 505 -14.62 40.81 68.85
N GLN S 506 -14.16 41.68 67.95
CA GLN S 506 -13.00 41.35 67.13
C GLN S 506 -11.77 41.08 68.00
N ASN S 507 -11.75 41.64 69.21
CA ASN S 507 -10.67 41.34 70.14
C ASN S 507 -10.93 40.05 70.91
N GLU S 508 -12.19 39.63 70.98
CA GLU S 508 -12.50 38.36 71.63
C GLU S 508 -12.17 37.18 70.73
N HIS S 509 -12.55 37.26 69.45
CA HIS S 509 -12.11 36.24 68.51
C HIS S 509 -10.65 36.46 68.11
N LYS S 510 -10.16 37.69 68.24
CA LYS S 510 -8.74 37.95 68.03
C LYS S 510 -7.89 37.25 69.07
N HIS S 511 -8.11 37.55 70.35
CA HIS S 511 -7.44 36.85 71.43
C HIS S 511 -7.74 35.37 71.40
N HIS S 512 -8.95 35.00 70.98
CA HIS S 512 -9.31 33.60 70.83
C HIS S 512 -8.42 32.92 69.78
N MET S 513 -8.13 33.60 68.68
CA MET S 513 -7.29 33.03 67.65
C MET S 513 -5.83 33.00 68.07
N LYS S 514 -5.42 33.95 68.90
CA LYS S 514 -4.11 33.83 69.54
C LYS S 514 -4.04 32.56 70.39
N GLU S 515 -5.09 32.30 71.17
CA GLU S 515 -5.18 31.05 71.92
C GLU S 515 -5.17 29.84 70.98
N ILE S 516 -5.78 29.99 69.80
CA ILE S 516 -5.73 28.93 68.80
C ILE S 516 -4.30 28.70 68.35
N GLU S 517 -3.52 29.77 68.23
CA GLU S 517 -2.10 29.62 67.94
C GLU S 517 -1.38 28.96 69.12
N GLU S 518 -1.91 29.12 70.34
CA GLU S 518 -1.29 28.46 71.48
C GLU S 518 -1.49 26.95 71.42
N ALA S 519 -2.75 26.51 71.29
CA ALA S 519 -3.00 25.08 71.12
C ALA S 519 -2.26 24.54 69.90
N LYS S 520 -2.19 25.35 68.84
CA LYS S 520 -1.32 25.07 67.71
C LYS S 520 0.12 24.81 68.15
N ASN S 521 0.64 25.61 69.07
CA ASN S 521 2.00 25.47 69.57
C ASN S 521 2.17 24.26 70.47
N THR S 522 1.10 23.76 71.07
CA THR S 522 1.23 22.54 71.88
C THR S 522 1.70 21.37 71.04
N ALA S 523 0.94 21.02 69.99
CA ALA S 523 1.35 19.96 69.10
C ALA S 523 2.63 20.29 68.36
N LYS S 524 2.96 21.59 68.23
CA LYS S 524 4.21 21.99 67.62
C LYS S 524 5.40 21.33 68.33
N GLU S 525 5.47 21.46 69.65
CA GLU S 525 6.54 20.78 70.39
C GLU S 525 6.24 19.30 70.57
N GLU S 526 4.97 18.93 70.68
CA GLU S 526 4.64 17.51 70.85
C GLU S 526 5.16 16.68 69.68
N ASP S 527 5.22 17.28 68.49
CA ASP S 527 5.76 16.58 67.33
C ASP S 527 7.22 16.21 67.54
N GLN S 528 8.06 17.18 67.90
CA GLN S 528 9.45 16.87 68.21
C GLN S 528 9.56 15.92 69.40
N THR S 529 8.59 15.97 70.32
CA THR S 529 8.56 14.98 71.39
C THR S 529 8.35 13.58 70.83
N ALA S 530 7.60 13.47 69.73
CA ALA S 530 7.37 12.17 69.11
C ALA S 530 8.45 11.80 68.09
N GLN S 531 9.33 12.74 67.73
CA GLN S 531 10.34 12.46 66.72
C GLN S 531 11.47 11.58 67.23
N ARG S 532 11.69 11.54 68.55
CA ARG S 532 12.84 10.85 69.12
C ARG S 532 12.72 9.34 69.06
N LEU S 533 11.57 8.82 68.64
CA LEU S 533 11.39 7.37 68.52
C LEU S 533 12.03 6.85 67.25
#